data_9HPZ
#
_entry.id   9HPZ
#
_entity_poly.entity_id   1
_entity_poly.type   'polypeptide(L)'
_entity_poly.pdbx_seq_one_letter_code
;MVVQHNLTAMNANRQLGITTGAQAKSSEKLSSGYKINRAADDAAGLTISEKMRSQVRGLNKASDNAQDGVSLIQVAEGAL
SETHSILQRMNELATQAANDTNTTSDRTAVQQEINQLASEITRIASTTQFNTMNLIDGNFTSKKLQVGSLCGQAITIDIS
DMSATGLGVSGLVVSSFSAAGKAMSAAQDAISYVSSMRSKLGALQNRLEHTISNLDNISENTSSAESRIRDTDMAEEMVE
YSKNNILAQAGQSMLAQANQSTQGVLSLLQ
;
_entity_poly.pdbx_strand_id   A,B,C,D,E,F,G,H,I,J,K,L,M,N,O,P,Q,R,S,T,U,V
#
# COMPACT_ATOMS: atom_id res chain seq x y z
N MET A 1 -58.50 -20.36 -12.58
CA MET A 1 -57.99 -19.06 -12.09
C MET A 1 -59.00 -17.95 -12.38
N VAL A 2 -59.24 -17.06 -11.41
CA VAL A 2 -59.89 -15.79 -11.72
C VAL A 2 -58.92 -14.87 -12.43
N VAL A 3 -59.40 -14.23 -13.49
CA VAL A 3 -58.68 -13.21 -14.23
C VAL A 3 -58.80 -11.85 -13.57
N GLN A 4 -59.91 -11.61 -12.86
CA GLN A 4 -60.33 -10.30 -12.38
C GLN A 4 -59.68 -9.87 -11.06
N HIS A 5 -58.90 -10.72 -10.38
CA HIS A 5 -58.07 -10.39 -9.22
C HIS A 5 -56.97 -11.42 -9.01
N ASN A 6 -55.75 -11.05 -9.34
CA ASN A 6 -54.59 -11.91 -9.17
C ASN A 6 -54.13 -11.93 -7.70
N LEU A 7 -54.69 -12.80 -6.87
CA LEU A 7 -54.43 -12.78 -5.42
C LEU A 7 -53.02 -13.22 -5.05
N THR A 8 -52.34 -14.00 -5.88
CA THR A 8 -50.95 -14.33 -5.65
C THR A 8 -50.08 -13.08 -5.81
N ALA A 9 -50.40 -12.21 -6.75
CA ALA A 9 -49.69 -10.96 -6.93
C ALA A 9 -50.00 -9.93 -5.86
N MET A 10 -51.25 -9.80 -5.42
CA MET A 10 -51.60 -9.00 -4.23
C MET A 10 -50.91 -9.49 -2.97
N ASN A 11 -50.72 -10.79 -2.77
CA ASN A 11 -49.92 -11.33 -1.69
C ASN A 11 -48.44 -10.97 -1.81
N ALA A 12 -47.85 -11.15 -2.98
CA ALA A 12 -46.43 -10.91 -3.19
C ALA A 12 -46.14 -9.42 -3.09
N ASN A 13 -47.00 -8.56 -3.63
CA ASN A 13 -47.01 -7.14 -3.36
C ASN A 13 -47.07 -6.83 -1.86
N ARG A 14 -48.04 -7.36 -1.12
CA ARG A 14 -48.18 -7.04 0.30
C ARG A 14 -46.99 -7.53 1.14
N GLN A 15 -46.36 -8.64 0.77
CA GLN A 15 -45.09 -9.10 1.36
C GLN A 15 -43.86 -8.31 0.93
N LEU A 16 -43.82 -7.81 -0.30
CA LEU A 16 -42.76 -6.94 -0.76
C LEU A 16 -42.76 -5.63 0.00
N GLY A 17 -43.91 -5.02 0.24
CA GLY A 17 -44.06 -3.91 1.18
C GLY A 17 -43.47 -4.19 2.57
N ILE A 18 -43.84 -5.29 3.23
CA ILE A 18 -43.30 -5.60 4.57
C ILE A 18 -41.78 -5.77 4.57
N THR A 19 -41.22 -6.28 3.48
CA THR A 19 -39.79 -6.51 3.30
C THR A 19 -39.04 -5.22 3.10
N THR A 20 -39.51 -4.28 2.28
CA THR A 20 -38.82 -3.00 2.08
C THR A 20 -39.20 -1.93 3.11
N GLY A 21 -40.16 -2.19 3.97
CA GLY A 21 -40.21 -1.53 5.27
C GLY A 21 -39.01 -1.93 6.11
N ALA A 22 -38.82 -3.22 6.37
CA ALA A 22 -37.67 -3.69 7.13
C ALA A 22 -36.34 -3.23 6.52
N GLN A 23 -36.18 -3.25 5.19
CA GLN A 23 -34.97 -2.77 4.55
C GLN A 23 -34.69 -1.28 4.80
N ALA A 24 -35.66 -0.38 4.61
CA ALA A 24 -35.46 1.05 4.85
C ALA A 24 -35.23 1.40 6.33
N LYS A 25 -35.77 0.62 7.26
CA LYS A 25 -35.51 0.82 8.70
C LYS A 25 -34.13 0.33 9.09
N SER A 26 -33.56 -0.68 8.42
CA SER A 26 -32.15 -1.06 8.55
C SER A 26 -31.21 -0.05 7.93
N SER A 27 -31.49 0.40 6.71
CA SER A 27 -30.66 1.35 5.96
C SER A 27 -30.46 2.68 6.68
N GLU A 28 -31.49 3.18 7.37
CA GLU A 28 -31.43 4.42 8.14
C GLU A 28 -30.38 4.34 9.25
N LYS A 29 -30.30 3.20 9.95
CA LYS A 29 -29.35 2.95 11.04
C LYS A 29 -27.92 2.85 10.56
N LEU A 30 -27.70 2.34 9.36
CA LEU A 30 -26.36 2.20 8.80
C LEU A 30 -25.84 3.52 8.29
N SER A 31 -26.68 4.28 7.60
CA SER A 31 -26.29 5.59 7.12
C SER A 31 -26.10 6.58 8.27
N SER A 32 -26.97 6.57 9.29
CA SER A 32 -26.87 7.47 10.45
C SER A 32 -25.84 7.07 11.48
N GLY A 33 -25.62 5.77 11.68
CA GLY A 33 -24.75 5.24 12.71
C GLY A 33 -25.45 5.04 14.04
N TYR A 34 -26.73 5.36 14.18
CA TYR A 34 -27.51 5.16 15.40
C TYR A 34 -28.57 4.08 15.26
N LYS A 35 -28.61 3.18 16.22
CA LYS A 35 -29.57 2.08 16.39
C LYS A 35 -30.97 2.60 16.67
N ILE A 36 -31.09 3.51 17.62
CA ILE A 36 -32.29 4.31 17.88
C ILE A 36 -32.17 5.66 17.14
N ASN A 37 -32.82 5.80 15.99
CA ASN A 37 -32.92 7.08 15.28
C ASN A 37 -34.15 7.88 15.74
N ARG A 38 -35.19 7.18 16.14
CA ARG A 38 -36.48 7.75 16.48
C ARG A 38 -37.17 6.89 17.52
N ALA A 39 -38.01 7.45 18.37
CA ALA A 39 -38.48 6.78 19.58
C ALA A 39 -39.33 5.53 19.34
N ALA A 40 -39.85 5.33 18.12
CA ALA A 40 -40.42 4.06 17.69
C ALA A 40 -39.44 2.88 17.75
N ASP A 41 -38.12 3.11 17.72
CA ASP A 41 -37.11 2.04 17.70
C ASP A 41 -37.02 1.30 19.04
N ASP A 42 -36.84 2.04 20.16
CA ASP A 42 -37.29 1.64 21.50
C ASP A 42 -37.27 2.84 22.44
N ALA A 43 -38.40 3.11 23.09
CA ALA A 43 -38.60 4.37 23.79
C ALA A 43 -37.88 4.43 25.14
N ALA A 44 -37.65 3.28 25.78
CA ALA A 44 -36.83 3.23 26.99
C ALA A 44 -35.38 3.61 26.70
N GLY A 45 -34.82 3.16 25.58
CA GLY A 45 -33.44 3.43 25.19
C GLY A 45 -33.25 4.79 24.58
N LEU A 46 -34.25 5.38 23.93
CA LEU A 46 -34.22 6.81 23.62
C LEU A 46 -34.17 7.64 24.90
N THR A 47 -35.10 7.41 25.82
CA THR A 47 -35.15 8.08 27.11
C THR A 47 -33.86 7.93 27.90
N ILE A 48 -33.32 6.72 28.05
CA ILE A 48 -32.07 6.50 28.78
C ILE A 48 -30.90 7.11 28.02
N SER A 49 -30.82 7.03 26.70
CA SER A 49 -29.76 7.67 25.94
C SER A 49 -29.76 9.18 26.06
N GLU A 50 -30.91 9.85 26.15
CA GLU A 50 -30.92 11.28 26.43
C GLU A 50 -30.45 11.60 27.85
N LYS A 51 -30.79 10.81 28.87
CA LYS A 51 -30.22 10.97 30.21
C LYS A 51 -28.72 10.67 30.25
N MET A 52 -28.21 9.79 29.41
CA MET A 52 -26.77 9.54 29.35
C MET A 52 -26.01 10.56 28.49
N ARG A 53 -26.58 11.07 27.38
CA ARG A 53 -26.04 12.22 26.65
C ARG A 53 -25.98 13.43 27.56
N SER A 54 -27.05 13.67 28.32
CA SER A 54 -27.17 14.73 29.33
C SER A 54 -26.11 14.59 30.42
N GLN A 55 -25.91 13.39 30.95
CA GLN A 55 -24.87 13.13 31.93
C GLN A 55 -23.49 13.32 31.34
N VAL A 56 -23.19 12.77 30.17
CA VAL A 56 -21.85 12.88 29.58
C VAL A 56 -21.53 14.32 29.29
N ARG A 57 -22.37 15.05 28.56
CA ARG A 57 -22.16 16.46 28.22
C ARG A 57 -22.04 17.36 29.44
N GLY A 58 -22.73 17.06 30.54
CA GLY A 58 -22.52 17.72 31.81
C GLY A 58 -21.24 17.30 32.54
N LEU A 59 -20.90 16.02 32.60
CA LEU A 59 -19.61 15.56 33.16
C LEU A 59 -18.42 16.11 32.38
N ASN A 60 -18.51 16.26 31.07
CA ASN A 60 -17.48 16.88 30.26
C ASN A 60 -17.33 18.35 30.63
N LYS A 61 -18.42 19.12 30.72
CA LYS A 61 -18.32 20.50 31.22
C LYS A 61 -17.84 20.58 32.67
N ALA A 62 -18.23 19.67 33.54
CA ALA A 62 -17.70 19.59 34.88
C ALA A 62 -16.20 19.34 34.89
N SER A 63 -15.70 18.39 34.10
CA SER A 63 -14.26 18.10 34.00
C SER A 63 -13.53 19.32 33.51
N ASP A 64 -14.11 20.01 32.54
CA ASP A 64 -13.65 21.24 31.94
C ASP A 64 -13.87 22.48 32.83
N ASN A 65 -14.52 22.34 33.98
CA ASN A 65 -14.69 23.38 35.00
C ASN A 65 -13.85 23.13 36.26
N ALA A 66 -13.60 21.87 36.58
CA ALA A 66 -12.59 21.47 37.54
C ALA A 66 -11.19 21.75 37.03
N GLN A 67 -10.89 21.53 35.74
CA GLN A 67 -9.64 21.93 35.13
C GLN A 67 -9.52 23.44 35.23
N ASP A 68 -10.54 24.16 34.82
CA ASP A 68 -10.53 25.61 34.84
C ASP A 68 -10.44 26.20 36.26
N GLY A 69 -10.93 25.50 37.28
CA GLY A 69 -10.66 25.79 38.68
C GLY A 69 -9.25 25.43 39.13
N VAL A 70 -8.64 24.32 38.69
CA VAL A 70 -7.21 24.07 38.89
C VAL A 70 -6.38 25.19 38.29
N SER A 71 -6.72 25.69 37.11
CA SER A 71 -5.98 26.80 36.51
C SER A 71 -6.13 28.09 37.31
N LEU A 72 -7.27 28.37 37.92
CA LEU A 72 -7.38 29.50 38.86
C LEU A 72 -6.48 29.31 40.06
N ILE A 73 -6.52 28.13 40.67
CA ILE A 73 -5.77 27.85 41.89
C ILE A 73 -4.29 27.95 41.65
N GLN A 74 -3.78 27.51 40.51
CA GLN A 74 -2.37 27.66 40.17
C GLN A 74 -1.93 29.11 40.09
N VAL A 75 -2.73 30.02 39.52
CA VAL A 75 -2.43 31.44 39.57
C VAL A 75 -2.34 31.95 41.01
N ALA A 76 -3.26 31.59 41.92
CA ALA A 76 -3.20 32.06 43.29
C ALA A 76 -2.08 31.40 44.11
N GLU A 77 -1.83 30.09 43.95
CA GLU A 77 -0.67 29.42 44.54
C GLU A 77 0.62 30.12 44.13
N GLY A 78 0.76 30.37 42.82
CA GLY A 78 1.92 31.00 42.22
C GLY A 78 2.11 32.45 42.59
N ALA A 79 1.08 33.14 43.08
CA ALA A 79 1.19 34.50 43.59
C ALA A 79 1.72 34.50 45.01
N LEU A 80 1.27 33.55 45.80
CA LEU A 80 1.68 33.44 47.20
C LEU A 80 3.04 32.82 47.35
N SER A 81 3.52 32.19 46.28
CA SER A 81 4.89 31.75 46.09
C SER A 81 5.86 32.91 46.03
N GLU A 82 5.46 34.11 45.61
CA GLU A 82 6.30 35.30 45.66
C GLU A 82 5.98 36.21 46.83
N THR A 83 4.80 36.15 47.44
CA THR A 83 4.64 36.62 48.81
C THR A 83 5.56 35.88 49.77
N HIS A 84 5.78 34.57 49.65
CA HIS A 84 6.82 33.92 50.46
C HIS A 84 8.20 34.47 50.20
N SER A 85 8.63 34.69 48.96
CA SER A 85 9.93 35.28 48.68
C SER A 85 10.08 36.68 49.26
N ILE A 86 9.04 37.51 49.19
CA ILE A 86 9.07 38.82 49.83
C ILE A 86 9.07 38.71 51.36
N LEU A 87 8.29 37.81 51.97
CA LEU A 87 8.28 37.68 53.41
C LEU A 87 9.52 37.02 53.99
N GLN A 88 10.15 36.10 53.28
CA GLN A 88 11.43 35.54 53.70
C GLN A 88 12.51 36.62 53.66
N ARG A 89 12.49 37.49 52.66
CA ARG A 89 13.32 38.70 52.59
C ARG A 89 12.97 39.75 53.64
N MET A 90 11.72 39.95 54.04
CA MET A 90 11.38 40.85 55.16
C MET A 90 11.78 40.28 56.51
N ASN A 91 11.66 38.99 56.76
CA ASN A 91 12.16 38.37 58.00
C ASN A 91 13.67 38.59 58.14
N GLU A 92 14.42 38.38 57.07
CA GLU A 92 15.85 38.53 57.00
C GLU A 92 16.31 39.98 57.15
N LEU A 93 15.66 40.91 56.46
CA LEU A 93 15.90 42.34 56.64
C LEU A 93 15.57 42.80 58.05
N ALA A 94 14.48 42.33 58.65
CA ALA A 94 14.22 42.63 60.06
C ALA A 94 15.30 42.05 60.98
N THR A 95 15.73 40.80 60.79
CA THR A 95 16.78 40.17 61.63
C THR A 95 18.10 40.91 61.56
N GLN A 96 18.38 41.57 60.43
CA GLN A 96 19.52 42.46 60.28
C GLN A 96 19.31 43.79 60.99
N ALA A 97 18.17 44.45 60.82
CA ALA A 97 17.90 45.72 61.51
C ALA A 97 17.71 45.60 63.04
N ALA A 98 17.39 44.41 63.54
CA ALA A 98 17.30 44.11 64.95
C ALA A 98 18.66 44.08 65.65
N ASN A 99 19.76 43.90 64.95
CA ASN A 99 21.09 44.01 65.55
C ASN A 99 21.39 45.47 65.92
N ASP A 100 22.01 45.74 67.05
CA ASP A 100 22.22 47.11 67.55
C ASP A 100 23.63 47.67 67.28
N THR A 101 24.41 47.06 66.40
CA THR A 101 25.56 47.76 65.78
C THR A 101 25.13 48.71 64.67
N ASN A 102 23.92 48.55 64.12
CA ASN A 102 23.34 49.45 63.13
C ASN A 102 23.17 50.86 63.71
N THR A 103 23.73 51.86 63.05
CA THR A 103 23.35 53.26 63.27
C THR A 103 21.95 53.51 62.74
N THR A 104 21.44 54.73 62.83
CA THR A 104 20.10 55.05 62.32
C THR A 104 20.09 55.15 60.80
N SER A 105 21.09 55.75 60.17
CA SER A 105 21.25 55.81 58.69
C SER A 105 21.11 54.44 58.03
N ASP A 106 21.73 53.43 58.64
CA ASP A 106 21.76 52.04 58.22
C ASP A 106 20.51 51.27 58.63
N ARG A 107 19.66 51.83 59.50
CA ARG A 107 18.32 51.31 59.83
C ARG A 107 17.18 51.95 59.06
N THR A 108 17.30 53.19 58.62
CA THR A 108 16.40 53.74 57.60
C THR A 108 16.71 53.14 56.24
N ALA A 109 17.97 52.83 55.91
CA ALA A 109 18.29 52.09 54.69
C ALA A 109 17.64 50.71 54.63
N VAL A 110 17.48 50.00 55.77
CA VAL A 110 16.65 48.78 55.78
C VAL A 110 15.18 49.15 55.60
N GLN A 111 14.70 50.14 56.33
CA GLN A 111 13.33 50.60 56.20
C GLN A 111 12.93 50.95 54.77
N GLN A 112 13.80 51.54 53.93
CA GLN A 112 13.52 51.73 52.49
C GLN A 112 13.08 50.43 51.81
N GLU A 113 13.80 49.33 51.99
CA GLU A 113 13.43 48.05 51.41
C GLU A 113 12.25 47.41 52.10
N ILE A 114 12.12 47.51 53.43
CA ILE A 114 10.94 47.00 54.15
C ILE A 114 9.66 47.78 53.85
N ASN A 115 9.70 49.02 53.41
CA ASN A 115 8.53 49.70 52.87
C ASN A 115 8.29 49.32 51.42
N GLN A 116 9.30 49.31 50.55
CA GLN A 116 9.12 48.93 49.15
C GLN A 116 8.60 47.49 48.99
N LEU A 117 9.07 46.53 49.80
CA LEU A 117 8.60 45.16 49.76
C LEU A 117 7.19 44.99 50.30
N ALA A 118 6.81 45.74 51.33
CA ALA A 118 5.43 45.69 51.81
C ALA A 118 4.45 46.29 50.79
N SER A 119 4.83 47.34 50.07
CA SER A 119 4.08 47.79 48.90
C SER A 119 4.01 46.71 47.82
N GLU A 120 5.02 45.87 47.65
CA GLU A 120 5.00 44.81 46.65
C GLU A 120 4.05 43.70 47.00
N ILE A 121 3.96 43.31 48.27
CA ILE A 121 2.93 42.38 48.76
C ILE A 121 1.51 42.88 48.44
N THR A 122 1.19 44.14 48.70
CA THR A 122 -0.13 44.65 48.34
C THR A 122 -0.31 44.84 46.84
N ARG A 123 0.75 45.13 46.07
CA ARG A 123 0.68 45.04 44.62
C ARG A 123 0.40 43.62 44.15
N ILE A 124 0.96 42.57 44.71
CA ILE A 124 0.58 41.22 44.35
C ILE A 124 -0.89 40.98 44.70
N ALA A 125 -1.35 41.41 45.87
CA ALA A 125 -2.71 41.18 46.32
C ALA A 125 -3.78 41.84 45.45
N SER A 126 -3.68 43.12 45.11
CA SER A 126 -4.66 43.75 44.22
C SER A 126 -4.44 43.43 42.75
N THR A 127 -3.23 43.05 42.31
CA THR A 127 -2.98 42.83 40.89
C THR A 127 -3.27 41.43 40.38
N THR A 128 -3.03 40.35 41.13
CA THR A 128 -3.23 39.01 40.58
C THR A 128 -4.69 38.71 40.36
N GLN A 129 -5.01 38.24 39.16
CA GLN A 129 -6.36 38.02 38.70
C GLN A 129 -6.48 36.71 37.93
N PHE A 130 -7.67 36.19 37.79
CA PHE A 130 -8.01 35.16 36.83
C PHE A 130 -9.24 35.65 36.11
N ASN A 131 -9.21 35.71 34.77
CA ASN A 131 -10.40 36.10 34.01
C ASN A 131 -10.89 37.50 34.43
N THR A 132 -9.97 38.35 34.87
CA THR A 132 -10.17 39.70 35.48
C THR A 132 -10.74 39.79 36.90
N MET A 133 -11.06 38.71 37.60
CA MET A 133 -11.43 38.79 39.02
C MET A 133 -10.18 38.78 39.88
N ASN A 134 -10.04 39.61 40.91
CA ASN A 134 -8.97 39.51 41.90
C ASN A 134 -9.09 38.20 42.68
N LEU A 135 -7.98 37.49 42.86
CA LEU A 135 -7.96 36.24 43.62
C LEU A 135 -7.67 36.43 45.11
N ILE A 136 -6.57 37.07 45.45
CA ILE A 136 -6.01 37.06 46.81
C ILE A 136 -6.14 38.43 47.51
N ASP A 137 -7.05 39.29 47.11
CA ASP A 137 -7.38 40.49 47.89
C ASP A 137 -8.32 40.21 49.07
N GLY A 138 -8.92 39.02 49.13
CA GLY A 138 -9.89 38.64 50.14
C GLY A 138 -11.35 38.72 49.69
N ASN A 139 -11.63 39.19 48.48
CA ASN A 139 -12.96 39.20 47.88
C ASN A 139 -13.30 37.91 47.11
N PHE A 140 -12.39 36.95 47.04
CA PHE A 140 -12.64 35.64 46.46
C PHE A 140 -13.12 34.67 47.55
N THR A 141 -14.31 34.94 48.09
CA THR A 141 -14.97 34.11 49.09
C THR A 141 -16.27 33.56 48.53
N SER A 142 -16.60 32.32 48.90
CA SER A 142 -17.83 31.63 48.54
C SER A 142 -18.05 31.44 47.05
N LYS A 143 -16.96 31.42 46.27
CA LYS A 143 -17.00 31.33 44.81
C LYS A 143 -17.06 29.85 44.44
N LYS A 144 -18.24 29.29 44.15
CA LYS A 144 -18.43 27.86 43.88
C LYS A 144 -17.96 27.43 42.49
N LEU A 145 -17.10 26.41 42.38
CA LEU A 145 -16.96 25.62 41.15
C LEU A 145 -18.13 24.68 41.04
N GLN A 146 -18.65 24.40 39.84
CA GLN A 146 -19.66 23.38 39.56
C GLN A 146 -19.01 22.11 39.03
N VAL A 147 -18.80 21.08 39.86
CA VAL A 147 -18.01 19.91 39.50
C VAL A 147 -18.84 18.64 39.31
N GLY A 148 -20.02 18.76 38.73
CA GLY A 148 -20.76 17.61 38.25
C GLY A 148 -21.97 17.99 37.42
N SER A 149 -22.75 17.01 37.00
CA SER A 149 -23.85 17.17 36.05
C SER A 149 -25.15 17.76 36.60
N LEU A 150 -25.36 17.92 37.92
CA LEU A 150 -26.66 18.30 38.48
C LEU A 150 -26.63 19.66 39.17
N CYS A 151 -27.81 20.27 39.39
CA CYS A 151 -27.96 21.49 40.18
C CYS A 151 -27.20 21.38 41.51
N GLY A 152 -26.14 22.17 41.69
CA GLY A 152 -25.54 22.38 43.00
C GLY A 152 -24.56 21.30 43.48
N GLN A 153 -23.71 20.78 42.60
CA GLN A 153 -22.61 19.86 42.93
C GLN A 153 -21.27 20.59 43.09
N ALA A 154 -21.24 21.50 44.05
CA ALA A 154 -20.19 22.50 44.18
C ALA A 154 -18.86 22.02 44.75
N ILE A 155 -17.85 22.86 44.62
CA ILE A 155 -16.72 22.95 45.54
C ILE A 155 -16.50 24.44 45.78
N THR A 156 -16.29 24.89 47.00
CA THR A 156 -16.20 26.31 47.27
C THR A 156 -14.74 26.74 47.31
N ILE A 157 -14.41 27.81 46.60
CA ILE A 157 -13.08 28.40 46.61
C ILE A 157 -13.14 29.66 47.48
N ASP A 158 -12.36 29.66 48.56
CA ASP A 158 -12.29 30.73 49.53
C ASP A 158 -10.83 31.10 49.78
N ILE A 159 -10.50 32.38 49.72
CA ILE A 159 -9.13 32.86 49.94
C ILE A 159 -9.16 34.08 50.86
N SER A 160 -8.39 34.08 51.95
CA SER A 160 -8.32 35.23 52.86
C SER A 160 -7.58 36.39 52.20
N ASP A 161 -7.74 37.61 52.68
CA ASP A 161 -6.94 38.76 52.21
C ASP A 161 -5.43 38.50 52.37
N MET A 162 -4.64 38.65 51.30
CA MET A 162 -3.18 38.50 51.27
C MET A 162 -2.44 39.82 51.06
N SER A 163 -3.12 40.95 51.17
CA SER A 163 -2.53 42.29 51.20
C SER A 163 -1.60 42.44 52.41
N ALA A 164 -0.71 43.43 52.43
CA ALA A 164 0.13 43.64 53.61
C ALA A 164 -0.69 43.92 54.88
N THR A 165 -1.86 44.53 54.73
CA THR A 165 -2.84 44.76 55.80
C THR A 165 -3.62 43.50 56.16
N GLY A 166 -3.66 42.49 55.29
CA GLY A 166 -4.26 41.18 55.55
C GLY A 166 -3.36 40.23 56.35
N LEU A 167 -2.04 40.48 56.30
CA LEU A 167 -1.02 39.65 56.94
C LEU A 167 -0.34 40.30 58.15
N GLY A 168 -0.55 41.61 58.36
CA GLY A 168 0.05 42.38 59.43
C GLY A 168 1.44 42.95 59.10
N VAL A 169 1.84 42.93 57.84
CA VAL A 169 3.11 43.47 57.34
C VAL A 169 3.00 44.85 56.69
N SER A 170 1.85 45.50 56.77
CA SER A 170 1.79 46.97 56.74
C SER A 170 2.56 47.51 57.92
N GLY A 171 3.36 48.55 57.74
CA GLY A 171 4.02 49.23 58.86
C GLY A 171 4.91 48.32 59.70
N LEU A 172 5.80 47.55 59.08
CA LEU A 172 6.89 46.93 59.81
C LEU A 172 7.94 48.00 60.12
N VAL A 173 8.06 48.40 61.37
CA VAL A 173 8.98 49.47 61.80
C VAL A 173 10.25 48.80 62.30
N VAL A 174 11.42 49.11 61.73
CA VAL A 174 12.69 48.46 62.15
C VAL A 174 13.73 49.42 62.68
N SER A 175 13.34 50.63 63.05
CA SER A 175 14.22 51.70 63.51
C SER A 175 14.83 51.50 64.91
N SER A 176 14.61 50.35 65.54
CA SER A 176 15.16 49.97 66.84
C SER A 176 15.16 48.45 67.03
N PHE A 177 15.86 47.91 68.03
CA PHE A 177 15.74 46.50 68.41
C PHE A 177 14.33 46.14 68.84
N SER A 178 13.69 46.96 69.69
CA SER A 178 12.30 46.81 70.14
C SER A 178 11.35 46.57 68.97
N ALA A 179 11.40 47.40 67.92
CA ALA A 179 10.48 47.33 66.80
C ALA A 179 10.91 46.30 65.75
N ALA A 180 12.20 46.13 65.50
CA ALA A 180 12.69 45.10 64.60
C ALA A 180 12.47 43.67 65.10
N GLY A 181 12.41 43.42 66.40
CA GLY A 181 11.83 42.17 66.93
C GLY A 181 10.34 42.00 66.61
N LYS A 182 9.55 43.07 66.58
CA LYS A 182 8.15 43.01 66.14
C LYS A 182 8.03 42.79 64.63
N ALA A 183 8.91 43.36 63.83
CA ALA A 183 8.99 43.07 62.40
C ALA A 183 9.45 41.63 62.11
N MET A 184 10.39 41.06 62.86
CA MET A 184 10.72 39.63 62.76
C MET A 184 9.49 38.78 63.06
N SER A 185 8.82 39.03 64.19
CA SER A 185 7.67 38.26 64.65
C SER A 185 6.49 38.36 63.68
N ALA A 186 6.14 39.56 63.24
CA ALA A 186 5.13 39.76 62.22
C ALA A 186 5.46 39.07 60.91
N ALA A 187 6.67 39.17 60.37
CA ALA A 187 7.03 38.53 59.10
C ALA A 187 7.02 37.01 59.20
N GLN A 188 7.41 36.42 60.33
CA GLN A 188 7.29 34.99 60.57
C GLN A 188 5.84 34.52 60.71
N ASP A 189 4.98 35.27 61.39
CA ASP A 189 3.53 35.03 61.35
C ASP A 189 2.96 35.14 59.94
N ALA A 190 3.27 36.19 59.20
CA ALA A 190 2.89 36.29 57.79
C ALA A 190 3.39 35.13 56.94
N ILE A 191 4.58 34.58 57.15
CA ILE A 191 5.00 33.33 56.48
C ILE A 191 4.13 32.18 56.93
N SER A 192 3.72 32.10 58.20
CA SER A 192 2.80 31.10 58.72
C SER A 192 1.38 31.24 58.14
N TYR A 193 0.88 32.45 57.90
CA TYR A 193 -0.41 32.67 57.27
C TYR A 193 -0.38 32.31 55.81
N VAL A 194 0.67 32.69 55.09
CA VAL A 194 0.80 32.35 53.68
C VAL A 194 1.05 30.86 53.51
N SER A 195 1.74 30.19 54.43
CA SER A 195 1.81 28.73 54.46
C SER A 195 0.45 28.06 54.66
N SER A 196 -0.43 28.55 55.54
CA SER A 196 -1.76 27.95 55.71
C SER A 196 -2.67 28.25 54.53
N MET A 197 -2.58 29.43 53.93
CA MET A 197 -3.35 29.73 52.74
C MET A 197 -2.90 28.97 51.49
N ARG A 198 -1.59 28.81 51.29
CA ARG A 198 -1.07 27.95 50.22
C ARG A 198 -1.29 26.48 50.49
N SER A 199 -1.48 26.08 51.74
CA SER A 199 -1.90 24.72 52.08
C SER A 199 -3.35 24.48 51.72
N LYS A 200 -4.30 25.38 52.00
CA LYS A 200 -5.69 25.23 51.58
C LYS A 200 -5.80 25.17 50.07
N LEU A 201 -5.13 26.06 49.34
CA LEU A 201 -5.09 26.01 47.88
C LEU A 201 -4.42 24.75 47.32
N GLY A 202 -3.40 24.20 47.96
CA GLY A 202 -2.80 22.94 47.53
C GLY A 202 -3.69 21.73 47.80
N ALA A 203 -4.35 21.69 48.95
CA ALA A 203 -5.33 20.67 49.26
C ALA A 203 -6.49 20.63 48.27
N LEU A 204 -7.03 21.79 47.93
CA LEU A 204 -8.08 21.99 46.95
C LEU A 204 -7.65 21.53 45.55
N GLN A 205 -6.43 21.84 45.11
CA GLN A 205 -5.96 21.32 43.82
C GLN A 205 -5.75 19.80 43.87
N ASN A 206 -5.38 19.25 45.01
CA ASN A 206 -5.40 17.80 45.20
C ASN A 206 -6.81 17.22 45.31
N ARG A 207 -7.88 17.95 45.63
CA ARG A 207 -9.24 17.47 45.35
C ARG A 207 -9.54 17.47 43.88
N LEU A 208 -9.27 18.56 43.19
CA LEU A 208 -9.67 18.67 41.81
C LEU A 208 -8.88 17.71 40.92
N GLU A 209 -7.65 17.35 41.25
CA GLU A 209 -7.00 16.29 40.50
C GLU A 209 -7.80 14.99 40.63
N HIS A 210 -8.22 14.59 41.84
CA HIS A 210 -9.10 13.44 42.03
C HIS A 210 -10.47 13.62 41.36
N THR A 211 -11.09 14.78 41.43
CA THR A 211 -12.37 15.03 40.75
C THR A 211 -12.24 14.94 39.23
N ILE A 212 -11.21 15.50 38.61
CA ILE A 212 -10.98 15.34 37.17
C ILE A 212 -10.68 13.85 36.86
N SER A 213 -9.90 13.17 37.69
CA SER A 213 -9.62 11.76 37.51
C SER A 213 -10.93 10.94 37.50
N ASN A 214 -11.83 11.26 38.42
CA ASN A 214 -13.14 10.66 38.59
C ASN A 214 -14.12 11.00 37.46
N LEU A 215 -14.30 12.27 37.09
CA LEU A 215 -15.26 12.67 36.04
C LEU A 215 -14.84 12.14 34.68
N ASP A 216 -13.55 12.08 34.37
CA ASP A 216 -13.07 11.53 33.11
C ASP A 216 -13.39 10.03 32.99
N ASN A 217 -13.20 9.28 34.08
CA ASN A 217 -13.63 7.91 34.24
C ASN A 217 -15.16 7.79 34.13
N ILE A 218 -15.96 8.56 34.86
CA ILE A 218 -17.43 8.45 34.79
C ILE A 218 -17.94 8.84 33.42
N SER A 219 -17.42 9.88 32.78
CA SER A 219 -17.72 10.24 31.40
C SER A 219 -17.41 9.13 30.42
N GLU A 220 -16.23 8.50 30.49
CA GLU A 220 -15.84 7.35 29.67
C GLU A 220 -16.79 6.17 29.86
N ASN A 221 -17.12 5.82 31.09
CA ASN A 221 -18.03 4.73 31.34
C ASN A 221 -19.48 5.04 30.96
N THR A 222 -20.02 6.22 31.23
CA THR A 222 -21.35 6.58 30.72
C THR A 222 -21.39 6.87 29.23
N SER A 223 -20.27 7.20 28.58
CA SER A 223 -20.15 7.18 27.12
C SER A 223 -20.29 5.78 26.61
N SER A 224 -19.56 4.83 27.20
CA SER A 224 -19.64 3.41 26.91
C SER A 224 -21.06 2.87 27.12
N ALA A 225 -21.75 3.32 28.16
CA ALA A 225 -23.13 2.96 28.42
C ALA A 225 -24.09 3.49 27.36
N GLU A 226 -24.01 4.77 27.01
CA GLU A 226 -24.89 5.37 26.03
C GLU A 226 -24.61 4.81 24.65
N SER A 227 -23.35 4.64 24.28
CA SER A 227 -22.92 4.00 23.06
C SER A 227 -23.47 2.60 22.93
N ARG A 228 -23.42 1.79 24.01
CA ARG A 228 -23.97 0.43 24.02
C ARG A 228 -25.45 0.42 23.69
N ILE A 229 -26.20 1.39 24.22
CA ILE A 229 -27.63 1.51 23.96
C ILE A 229 -27.85 2.03 22.56
N ARG A 230 -27.22 3.13 22.14
CA ARG A 230 -27.68 3.91 20.97
C ARG A 230 -26.91 3.77 19.67
N ASP A 231 -25.61 3.50 19.64
CA ASP A 231 -24.89 3.37 18.36
C ASP A 231 -25.24 2.09 17.60
N THR A 232 -25.40 2.17 16.28
CA THR A 232 -25.52 1.00 15.43
C THR A 232 -24.29 0.14 15.61
N ASP A 233 -24.46 -1.15 15.89
CA ASP A 233 -23.37 -2.09 15.69
C ASP A 233 -23.27 -2.37 14.19
N MET A 234 -22.27 -1.81 13.51
CA MET A 234 -22.25 -1.81 12.05
C MET A 234 -22.11 -3.22 11.49
N ALA A 235 -21.57 -4.16 12.25
CA ALA A 235 -21.50 -5.57 11.90
C ALA A 235 -22.86 -6.25 12.06
N GLU A 236 -23.48 -6.18 13.24
CA GLU A 236 -24.81 -6.78 13.50
C GLU A 236 -25.91 -6.26 12.57
N GLU A 237 -25.95 -4.97 12.28
CA GLU A 237 -26.94 -4.37 11.40
C GLU A 237 -26.68 -4.65 9.91
N MET A 238 -25.46 -5.01 9.51
CA MET A 238 -25.17 -5.39 8.12
C MET A 238 -25.58 -6.81 7.79
N VAL A 239 -25.65 -7.68 8.81
CA VAL A 239 -26.40 -8.94 8.75
C VAL A 239 -27.86 -8.69 8.44
N GLU A 240 -28.50 -7.78 9.17
CA GLU A 240 -29.93 -7.51 9.00
C GLU A 240 -30.24 -6.75 7.72
N TYR A 241 -29.37 -5.84 7.30
CA TYR A 241 -29.47 -5.17 6.02
C TYR A 241 -29.44 -6.14 4.87
N SER A 242 -28.49 -7.07 4.87
CA SER A 242 -28.32 -7.97 3.76
C SER A 242 -29.42 -9.03 3.66
N LYS A 243 -29.97 -9.54 4.78
CA LYS A 243 -31.18 -10.39 4.76
C LYS A 243 -32.27 -9.71 3.98
N ASN A 244 -32.60 -8.47 4.36
CA ASN A 244 -33.70 -7.70 3.81
C ASN A 244 -33.44 -7.30 2.36
N ASN A 245 -32.20 -7.03 1.99
CA ASN A 245 -31.81 -6.78 0.62
C ASN A 245 -32.07 -8.00 -0.27
N ILE A 246 -31.63 -9.20 0.14
CA ILE A 246 -31.87 -10.44 -0.60
C ILE A 246 -33.35 -10.83 -0.60
N LEU A 247 -34.06 -10.71 0.53
CA LEU A 247 -35.50 -10.87 0.54
C LEU A 247 -36.20 -9.96 -0.45
N ALA A 248 -35.81 -8.69 -0.57
CA ALA A 248 -36.42 -7.76 -1.49
C ALA A 248 -36.26 -8.19 -2.92
N GLN A 249 -35.07 -8.62 -3.32
CA GLN A 249 -34.82 -9.19 -4.64
C GLN A 249 -35.62 -10.48 -4.87
N ALA A 250 -35.62 -11.42 -3.94
CA ALA A 250 -36.40 -12.65 -4.04
C ALA A 250 -37.93 -12.39 -4.08
N GLY A 251 -38.43 -11.44 -3.29
CA GLY A 251 -39.82 -11.00 -3.30
C GLY A 251 -40.24 -10.20 -4.54
N GLN A 252 -39.36 -9.36 -5.11
CA GLN A 252 -39.54 -8.74 -6.42
C GLN A 252 -39.60 -9.79 -7.51
N SER A 253 -38.77 -10.83 -7.44
CA SER A 253 -38.78 -11.94 -8.38
C SER A 253 -40.07 -12.73 -8.32
N MET A 254 -40.60 -12.88 -7.10
CA MET A 254 -41.84 -13.60 -6.87
C MET A 254 -43.08 -12.80 -7.23
N LEU A 255 -43.01 -11.48 -7.19
CA LEU A 255 -44.01 -10.62 -7.79
C LEU A 255 -43.90 -10.59 -9.32
N ALA A 256 -42.70 -10.48 -9.89
CA ALA A 256 -42.49 -10.54 -11.33
C ALA A 256 -43.06 -11.81 -11.95
N GLN A 257 -42.87 -12.97 -11.31
CA GLN A 257 -43.54 -14.23 -11.68
C GLN A 257 -45.02 -14.22 -11.41
N ALA A 258 -45.47 -13.77 -10.25
CA ALA A 258 -46.91 -13.67 -9.94
C ALA A 258 -47.70 -12.86 -10.96
N ASN A 259 -47.15 -11.81 -11.56
CA ASN A 259 -47.89 -11.06 -12.59
C ASN A 259 -47.98 -11.78 -13.93
N GLN A 260 -47.08 -12.73 -14.20
CA GLN A 260 -47.13 -13.61 -15.37
C GLN A 260 -48.10 -14.79 -15.14
N SER A 261 -48.30 -15.18 -13.87
CA SER A 261 -49.14 -16.27 -13.39
C SER A 261 -50.38 -16.53 -14.22
N THR A 262 -51.23 -15.51 -14.35
CA THR A 262 -52.56 -15.71 -14.93
C THR A 262 -52.57 -15.57 -16.45
N GLN A 263 -51.43 -15.42 -17.12
CA GLN A 263 -51.34 -15.56 -18.59
C GLN A 263 -51.78 -16.94 -19.04
N GLY A 264 -51.76 -17.93 -18.13
CA GLY A 264 -52.31 -19.24 -18.37
C GLY A 264 -53.80 -19.26 -18.72
N VAL A 265 -54.55 -18.22 -18.38
CA VAL A 265 -55.98 -18.15 -18.71
C VAL A 265 -56.20 -17.98 -20.20
N LEU A 266 -55.25 -17.41 -20.92
CA LEU A 266 -55.46 -16.96 -22.29
C LEU A 266 -55.52 -18.11 -23.29
N SER A 267 -54.80 -19.20 -23.07
CA SER A 267 -54.86 -20.41 -23.89
C SER A 267 -56.18 -21.17 -23.77
N LEU A 268 -57.04 -20.77 -22.84
CA LEU A 268 -58.14 -21.57 -22.37
C LEU A 268 -59.37 -21.43 -23.28
N LEU A 269 -59.27 -22.02 -24.47
CA LEU A 269 -60.28 -22.11 -25.53
C LEU A 269 -60.67 -20.75 -26.16
N GLN A 270 -60.02 -19.67 -25.71
CA GLN A 270 -60.16 -18.31 -26.23
C GLN A 270 -59.31 -18.09 -27.50
N MET B 1 -41.26 -0.76 -4.89
CA MET B 1 -41.35 0.56 -4.24
C MET B 1 -41.75 1.66 -5.22
N VAL B 2 -41.77 2.91 -4.78
CA VAL B 2 -41.87 4.06 -5.68
C VAL B 2 -40.60 4.23 -6.49
N VAL B 3 -40.77 4.44 -7.78
CA VAL B 3 -39.69 4.80 -8.70
C VAL B 3 -39.32 6.29 -8.61
N GLN B 4 -40.24 7.14 -8.18
CA GLN B 4 -40.11 8.59 -8.24
C GLN B 4 -39.39 9.24 -7.03
N HIS B 5 -39.28 8.59 -5.88
CA HIS B 5 -38.65 9.16 -4.69
C HIS B 5 -37.92 8.07 -3.92
N ASN B 6 -36.62 7.96 -4.15
CA ASN B 6 -35.77 7.04 -3.43
C ASN B 6 -35.47 7.65 -2.07
N LEU B 7 -36.40 7.52 -1.14
CA LEU B 7 -36.27 8.10 0.19
C LEU B 7 -35.22 7.38 1.04
N THR B 8 -34.93 6.12 0.75
CA THR B 8 -33.76 5.42 1.27
C THR B 8 -32.50 6.20 0.92
N ALA B 9 -32.36 6.66 -0.32
CA ALA B 9 -31.26 7.50 -0.75
C ALA B 9 -31.33 8.91 -0.21
N MET B 10 -32.48 9.57 -0.20
CA MET B 10 -32.60 10.96 0.29
C MET B 10 -32.28 11.11 1.76
N ASN B 11 -32.71 10.18 2.61
CA ASN B 11 -32.29 10.12 4.00
C ASN B 11 -30.80 9.83 4.12
N ALA B 12 -30.24 8.97 3.26
CA ALA B 12 -28.82 8.66 3.29
C ALA B 12 -27.98 9.84 2.88
N ASN B 13 -28.39 10.60 1.87
CA ASN B 13 -27.87 11.91 1.52
C ASN B 13 -27.97 12.91 2.66
N ARG B 14 -29.13 13.09 3.31
CA ARG B 14 -29.25 13.96 4.48
C ARG B 14 -28.27 13.61 5.58
N GLN B 15 -28.10 12.34 5.91
CA GLN B 15 -27.15 11.87 6.93
C GLN B 15 -25.68 11.97 6.49
N LEU B 16 -25.37 11.76 5.22
CA LEU B 16 -24.04 11.98 4.71
C LEU B 16 -23.62 13.44 4.90
N GLY B 17 -24.48 14.41 4.57
CA GLY B 17 -24.23 15.82 4.85
C GLY B 17 -23.94 16.12 6.32
N ILE B 18 -24.76 15.64 7.25
CA ILE B 18 -24.54 15.83 8.71
C ILE B 18 -23.15 15.36 9.16
N THR B 19 -22.64 14.32 8.50
CA THR B 19 -21.36 13.68 8.75
C THR B 19 -20.21 14.42 8.10
N THR B 20 -20.33 14.88 6.85
CA THR B 20 -19.30 15.74 6.22
C THR B 20 -19.25 17.12 6.86
N GLY B 21 -20.34 17.60 7.44
CA GLY B 21 -20.35 18.77 8.30
C GLY B 21 -19.45 18.59 9.51
N ALA B 22 -19.73 17.58 10.34
CA ALA B 22 -18.89 17.24 11.49
C ALA B 22 -17.43 17.00 11.11
N GLN B 23 -17.16 16.42 9.93
CA GLN B 23 -15.81 16.28 9.42
C GLN B 23 -15.14 17.61 9.10
N ALA B 24 -15.75 18.51 8.33
CA ALA B 24 -15.17 19.81 8.03
C ALA B 24 -15.00 20.72 9.26
N LYS B 25 -15.87 20.61 10.27
CA LYS B 25 -15.73 21.31 11.56
C LYS B 25 -14.74 20.69 12.52
N SER B 26 -14.34 19.43 12.33
CA SER B 26 -13.21 18.80 13.03
C SER B 26 -11.89 19.11 12.35
N SER B 27 -11.79 18.94 11.04
CA SER B 27 -10.58 19.20 10.23
C SER B 27 -10.04 20.63 10.40
N GLU B 28 -10.94 21.58 10.64
CA GLU B 28 -10.65 22.96 10.99
C GLU B 28 -9.82 23.09 12.27
N LYS B 29 -10.08 22.26 13.29
CA LYS B 29 -9.37 22.29 14.57
C LYS B 29 -7.96 21.71 14.48
N LEU B 30 -7.72 20.82 13.53
CA LEU B 30 -6.42 20.17 13.33
C LEU B 30 -5.51 20.98 12.40
N SER B 31 -6.04 21.51 11.29
CA SER B 31 -5.27 22.40 10.43
C SER B 31 -4.85 23.69 11.14
N SER B 32 -5.69 24.24 12.02
CA SER B 32 -5.40 25.46 12.78
C SER B 32 -4.71 25.25 14.12
N GLY B 33 -4.95 24.13 14.78
CA GLY B 33 -4.45 23.85 16.12
C GLY B 33 -5.27 24.47 17.24
N TYR B 34 -6.42 25.08 16.95
CA TYR B 34 -7.34 25.67 17.95
C TYR B 34 -8.72 25.00 18.00
N LYS B 35 -9.24 24.89 19.21
CA LYS B 35 -10.54 24.29 19.56
C LYS B 35 -11.71 25.25 19.38
N ILE B 36 -11.51 26.55 19.57
CA ILE B 36 -12.44 27.63 19.24
C ILE B 36 -11.82 28.46 18.12
N ASN B 37 -12.21 28.20 16.87
CA ASN B 37 -11.77 29.03 15.72
C ASN B 37 -12.74 30.20 15.50
N ARG B 38 -13.99 29.92 15.77
CA ARG B 38 -15.15 30.76 15.54
C ARG B 38 -15.97 30.77 16.82
N ALA B 39 -16.58 31.87 17.18
CA ALA B 39 -17.32 32.06 18.41
C ALA B 39 -18.57 31.17 18.49
N ALA B 40 -19.02 30.65 17.34
CA ALA B 40 -19.99 29.58 17.23
C ALA B 40 -19.55 28.28 17.92
N ASP B 41 -18.26 28.04 18.11
CA ASP B 41 -17.74 26.87 18.83
C ASP B 41 -17.98 26.95 20.35
N ASP B 42 -17.74 28.11 20.99
CA ASP B 42 -17.96 28.31 22.42
C ASP B 42 -17.93 29.80 22.79
N ALA B 43 -19.10 30.43 22.98
CA ALA B 43 -19.17 31.87 23.20
C ALA B 43 -18.47 32.35 24.47
N ALA B 44 -18.47 31.55 25.54
CA ALA B 44 -17.69 31.84 26.73
C ALA B 44 -16.21 31.54 26.51
N GLY B 45 -15.87 30.46 25.81
CA GLY B 45 -14.49 30.05 25.55
C GLY B 45 -13.75 31.06 24.71
N LEU B 46 -14.43 31.64 23.73
CA LEU B 46 -13.98 32.83 23.03
C LEU B 46 -13.79 34.02 23.97
N THR B 47 -14.86 34.48 24.60
CA THR B 47 -14.83 35.71 25.42
C THR B 47 -13.79 35.64 26.53
N ILE B 48 -13.66 34.51 27.22
CA ILE B 48 -12.66 34.27 28.25
C ILE B 48 -11.28 34.20 27.64
N SER B 49 -11.08 33.47 26.54
CA SER B 49 -9.77 33.36 25.93
C SER B 49 -9.26 34.69 25.46
N GLU B 50 -10.07 35.57 24.88
CA GLU B 50 -9.62 36.91 24.51
C GLU B 50 -9.19 37.72 25.72
N LYS B 51 -9.77 37.53 26.91
CA LYS B 51 -9.27 38.16 28.14
C LYS B 51 -7.98 37.55 28.63
N MET B 52 -7.81 36.25 28.52
CA MET B 52 -6.55 35.64 28.87
C MET B 52 -5.46 35.95 27.85
N ARG B 53 -5.75 36.10 26.56
CA ARG B 53 -4.82 36.58 25.54
C ARG B 53 -4.39 38.00 25.83
N SER B 54 -5.36 38.85 26.13
CA SER B 54 -5.17 40.23 26.59
C SER B 54 -4.29 40.29 27.83
N GLN B 55 -4.54 39.44 28.81
CA GLN B 55 -3.74 39.34 30.01
C GLN B 55 -2.35 38.79 29.75
N VAL B 56 -2.18 37.75 28.93
CA VAL B 56 -0.86 37.17 28.71
C VAL B 56 0.03 38.13 27.96
N ARG B 57 -0.44 38.70 26.84
CA ARG B 57 0.27 39.75 26.10
C ARG B 57 0.55 40.94 26.99
N GLY B 58 -0.42 41.43 27.74
CA GLY B 58 -0.25 42.56 28.64
C GLY B 58 0.68 42.29 29.81
N LEU B 59 0.64 41.13 30.44
CA LEU B 59 1.62 40.72 31.45
C LEU B 59 3.02 40.58 30.87
N ASN B 60 3.17 40.04 29.66
CA ASN B 60 4.47 39.97 29.00
C ASN B 60 5.07 41.36 28.72
N LYS B 61 4.27 42.36 28.34
CA LYS B 61 4.77 43.75 28.30
C LYS B 61 4.96 44.37 29.67
N ALA B 62 4.21 43.99 30.69
CA ALA B 62 4.53 44.40 32.02
C ALA B 62 5.87 43.83 32.50
N SER B 63 6.23 42.60 32.13
CA SER B 63 7.55 42.04 32.39
C SER B 63 8.64 42.76 31.61
N ASP B 64 8.39 43.15 30.37
CA ASP B 64 9.28 43.97 29.56
C ASP B 64 9.52 45.35 30.19
N ASN B 65 8.49 45.95 30.77
CA ASN B 65 8.58 47.26 31.40
C ASN B 65 9.17 47.21 32.81
N ALA B 66 8.95 46.15 33.56
CA ALA B 66 9.68 45.92 34.80
C ALA B 66 11.14 45.62 34.53
N GLN B 67 11.43 44.89 33.46
CA GLN B 67 12.79 44.63 33.02
C GLN B 67 13.47 45.89 32.50
N ASP B 68 12.81 46.75 31.72
CA ASP B 68 13.26 48.11 31.46
C ASP B 68 13.43 48.96 32.70
N GLY B 69 12.55 48.82 33.69
CA GLY B 69 12.71 49.49 34.97
C GLY B 69 14.01 49.10 35.64
N VAL B 70 14.27 47.81 35.82
CA VAL B 70 15.55 47.29 36.29
C VAL B 70 16.72 47.73 35.42
N SER B 71 16.60 47.69 34.10
CA SER B 71 17.65 48.10 33.18
C SER B 71 18.01 49.58 33.33
N LEU B 72 17.04 50.48 33.42
CA LEU B 72 17.25 51.88 33.80
C LEU B 72 17.84 52.02 35.20
N ILE B 73 17.26 51.41 36.23
CA ILE B 73 17.71 51.58 37.62
C ILE B 73 19.18 51.28 37.77
N GLN B 74 19.68 50.20 37.15
CA GLN B 74 21.08 49.87 37.22
C GLN B 74 21.97 50.97 36.68
N VAL B 75 21.56 51.72 35.68
CA VAL B 75 22.34 52.86 35.19
C VAL B 75 22.41 53.95 36.24
N ALA B 76 21.31 54.25 36.95
CA ALA B 76 21.32 55.26 38.00
C ALA B 76 22.11 54.81 39.22
N GLU B 77 21.92 53.60 39.73
CA GLU B 77 22.69 53.13 40.88
C GLU B 77 24.12 52.70 40.54
N GLY B 78 24.41 52.48 39.26
CA GLY B 78 25.75 52.29 38.72
C GLY B 78 26.48 53.59 38.38
N ALA B 79 25.78 54.70 38.16
CA ALA B 79 26.38 56.03 38.05
C ALA B 79 26.73 56.59 39.42
N LEU B 80 25.88 56.31 40.41
CA LEU B 80 26.07 56.79 41.78
C LEU B 80 27.18 56.05 42.52
N SER B 81 27.60 54.90 42.02
CA SER B 81 28.82 54.21 42.45
C SER B 81 30.08 55.04 42.19
N GLU B 82 30.11 55.82 41.12
CA GLU B 82 31.24 56.70 40.85
C GLU B 82 31.07 58.03 41.58
N THR B 83 29.85 58.49 41.85
CA THR B 83 29.68 59.56 42.83
C THR B 83 30.21 59.13 44.19
N HIS B 84 29.93 57.92 44.69
CA HIS B 84 30.56 57.45 45.90
C HIS B 84 32.08 57.38 45.82
N SER B 85 32.62 56.85 44.74
CA SER B 85 34.05 56.65 44.63
C SER B 85 34.82 57.95 44.47
N ILE B 86 34.19 58.99 43.93
CA ILE B 86 34.64 60.37 44.05
C ILE B 86 34.50 60.85 45.49
N LEU B 87 33.36 60.72 46.15
CA LEU B 87 33.20 61.27 47.51
C LEU B 87 34.11 60.63 48.56
N GLN B 88 34.47 59.36 48.43
CA GLN B 88 35.50 58.76 49.28
C GLN B 88 36.83 59.48 49.10
N ARG B 89 37.19 59.80 47.85
CA ARG B 89 38.39 60.56 47.48
C ARG B 89 38.29 62.02 47.92
N MET B 90 37.12 62.65 47.86
CA MET B 90 36.95 64.02 48.35
C MET B 90 37.10 64.10 49.85
N ASN B 91 36.52 63.20 50.62
CA ASN B 91 36.71 63.17 52.07
C ASN B 91 38.17 62.95 52.46
N GLU B 92 38.87 62.07 51.76
CA GLU B 92 40.26 61.73 51.95
C GLU B 92 41.17 62.91 51.63
N LEU B 93 40.89 63.67 50.56
CA LEU B 93 41.56 64.92 50.25
C LEU B 93 41.23 66.01 51.27
N ALA B 94 39.97 66.18 51.63
CA ALA B 94 39.55 67.17 52.60
C ALA B 94 40.22 66.95 53.96
N THR B 95 40.50 65.71 54.33
CA THR B 95 41.18 65.38 55.59
C THR B 95 42.69 65.66 55.51
N GLN B 96 43.27 65.65 54.32
CA GLN B 96 44.67 65.98 54.12
C GLN B 96 44.90 67.48 54.31
N ALA B 97 44.05 68.30 53.69
CA ALA B 97 44.09 69.74 53.83
C ALA B 97 43.63 70.25 55.20
N ALA B 98 42.94 69.42 55.98
CA ALA B 98 42.58 69.74 57.35
C ALA B 98 43.80 69.78 58.27
N ASN B 99 44.87 69.09 57.95
CA ASN B 99 46.06 69.13 58.79
C ASN B 99 46.76 70.48 58.63
N ASP B 100 47.22 71.08 59.72
CA ASP B 100 47.93 72.36 59.70
C ASP B 100 49.46 72.27 59.57
N THR B 101 50.03 71.11 59.23
CA THR B 101 51.41 71.07 58.70
C THR B 101 51.49 71.58 57.25
N ASN B 102 50.36 71.75 56.54
CA ASN B 102 50.32 72.23 55.18
C ASN B 102 50.40 73.76 55.08
N THR B 103 51.18 74.28 54.14
CA THR B 103 51.08 75.68 53.73
C THR B 103 50.06 75.87 52.62
N THR B 104 49.73 77.10 52.25
CA THR B 104 48.72 77.43 51.22
C THR B 104 49.10 76.91 49.84
N SER B 105 50.38 76.82 49.51
CA SER B 105 50.90 76.16 48.30
C SER B 105 50.52 74.69 48.23
N ASP B 106 50.39 74.05 49.40
CA ASP B 106 50.13 72.61 49.55
C ASP B 106 48.66 72.31 49.79
N ARG B 107 47.83 73.31 50.14
CA ARG B 107 46.36 73.21 50.13
C ARG B 107 45.73 73.57 48.80
N THR B 108 46.36 74.39 47.95
CA THR B 108 45.89 74.52 46.57
C THR B 108 46.14 73.26 45.75
N ALA B 109 47.21 72.51 46.03
CA ALA B 109 47.38 71.20 45.44
C ALA B 109 46.24 70.22 45.77
N VAL B 110 45.60 70.37 46.94
CA VAL B 110 44.38 69.65 47.26
C VAL B 110 43.18 70.31 46.59
N GLN B 111 43.07 71.63 46.65
CA GLN B 111 41.95 72.37 46.08
C GLN B 111 41.78 72.13 44.58
N GLN B 112 42.85 72.05 43.80
CA GLN B 112 42.80 71.70 42.38
C GLN B 112 42.16 70.34 42.11
N GLU B 113 42.33 69.36 42.99
CA GLU B 113 41.65 68.06 42.85
C GLU B 113 40.21 68.16 43.32
N ILE B 114 39.92 68.88 44.41
CA ILE B 114 38.55 69.05 44.91
C ILE B 114 37.67 69.85 43.94
N ASN B 115 38.17 70.90 43.31
CA ASN B 115 37.44 71.61 42.26
C ASN B 115 37.19 70.72 41.04
N GLN B 116 38.14 69.88 40.61
CA GLN B 116 37.93 68.96 39.50
C GLN B 116 36.96 67.83 39.86
N LEU B 117 37.02 67.26 41.06
CA LEU B 117 36.14 66.17 41.49
C LEU B 117 34.71 66.64 41.71
N ALA B 118 34.49 67.85 42.21
CA ALA B 118 33.16 68.43 42.28
C ALA B 118 32.53 68.61 40.89
N SER B 119 33.28 69.10 39.91
CA SER B 119 32.86 69.10 38.51
C SER B 119 32.63 67.69 37.93
N GLU B 120 33.29 66.64 38.41
CA GLU B 120 32.94 65.28 37.99
C GLU B 120 31.62 64.82 38.58
N ILE B 121 31.33 65.08 39.85
CA ILE B 121 30.02 64.75 40.43
C ILE B 121 28.87 65.37 39.65
N THR B 122 29.04 66.60 39.15
CA THR B 122 28.08 67.21 38.25
C THR B 122 28.14 66.68 36.81
N ARG B 123 29.30 66.42 36.21
CA ARG B 123 29.34 65.77 34.89
C ARG B 123 28.67 64.39 34.92
N ILE B 124 28.96 63.55 35.89
CA ILE B 124 28.23 62.29 36.12
C ILE B 124 26.74 62.52 36.25
N ALA B 125 26.28 63.58 36.91
CA ALA B 125 24.85 63.84 37.10
C ALA B 125 24.12 64.42 35.88
N SER B 126 24.68 65.40 35.16
CA SER B 126 24.07 65.93 33.95
C SER B 126 24.27 65.06 32.72
N THR B 127 25.22 64.11 32.74
CA THR B 127 25.58 63.32 31.54
C THR B 127 25.06 61.91 31.55
N THR B 128 24.83 61.27 32.70
CA THR B 128 24.23 59.94 32.74
C THR B 128 22.78 59.97 32.28
N GLN B 129 22.52 59.34 31.14
CA GLN B 129 21.21 59.22 30.54
C GLN B 129 20.89 57.75 30.27
N PHE B 130 19.60 57.43 30.21
CA PHE B 130 19.14 56.17 29.64
C PHE B 130 18.03 56.47 28.67
N ASN B 131 18.11 55.95 27.44
CA ASN B 131 17.17 56.26 26.37
C ASN B 131 16.95 57.77 26.21
N THR B 132 18.01 58.56 26.16
CA THR B 132 17.99 60.05 26.04
C THR B 132 17.43 60.85 27.23
N MET B 133 17.16 60.26 28.39
CA MET B 133 16.63 60.98 29.56
C MET B 133 17.66 61.09 30.69
N ASN B 134 17.95 62.26 31.25
CA ASN B 134 18.84 62.38 32.40
C ASN B 134 18.26 61.65 33.60
N LEU B 135 19.05 60.82 34.27
CA LEU B 135 18.54 60.02 35.38
C LEU B 135 18.79 60.61 36.77
N ILE B 136 19.89 61.33 37.01
CA ILE B 136 20.28 61.75 38.35
C ILE B 136 20.60 63.25 38.46
N ASP B 137 20.05 64.06 37.57
CA ASP B 137 20.01 65.51 37.71
C ASP B 137 18.87 65.98 38.64
N GLY B 138 18.00 65.07 39.07
CA GLY B 138 16.87 65.37 39.94
C GLY B 138 15.55 65.60 39.22
N ASN B 139 15.53 65.51 37.90
CA ASN B 139 14.33 65.68 37.08
C ASN B 139 13.76 64.34 36.57
N PHE B 140 14.25 63.22 37.11
CA PHE B 140 13.62 61.92 36.97
C PHE B 140 12.69 61.66 38.16
N THR B 141 11.59 62.41 38.24
CA THR B 141 10.59 62.33 39.32
C THR B 141 9.21 62.04 38.77
N SER B 142 8.39 61.33 39.53
CA SER B 142 7.05 60.89 39.17
C SER B 142 7.01 59.97 37.93
N LYS B 143 8.11 59.31 37.58
CA LYS B 143 8.25 58.55 36.33
C LYS B 143 7.73 57.14 36.57
N LYS B 144 6.46 56.87 36.25
CA LYS B 144 5.80 55.59 36.48
C LYS B 144 6.25 54.48 35.53
N LEU B 145 6.71 53.36 36.04
CA LEU B 145 6.70 52.09 35.32
C LEU B 145 5.26 51.59 35.23
N GLN B 146 4.85 51.02 34.10
CA GLN B 146 3.58 50.32 33.98
C GLN B 146 3.81 48.82 34.18
N VAL B 147 3.28 48.26 35.26
CA VAL B 147 3.75 47.01 35.87
C VAL B 147 2.66 45.92 35.89
N GLY B 148 1.65 46.03 35.05
CA GLY B 148 0.68 44.96 34.85
C GLY B 148 -0.21 45.21 33.65
N SER B 149 -1.20 44.36 33.44
CA SER B 149 -2.08 44.41 32.29
C SER B 149 -3.13 45.53 32.29
N LEU B 150 -3.35 46.29 33.36
CA LEU B 150 -4.46 47.24 33.48
C LEU B 150 -4.02 48.70 33.60
N CYS B 151 -4.88 49.63 33.19
CA CYS B 151 -4.71 51.07 33.36
C CYS B 151 -4.24 51.39 34.79
N GLY B 152 -3.05 51.95 34.95
CA GLY B 152 -2.61 52.46 36.24
C GLY B 152 -2.12 51.44 37.27
N GLN B 153 -1.66 50.25 36.87
CA GLN B 153 -0.84 49.38 37.72
C GLN B 153 0.62 49.85 37.80
N ALA B 154 0.88 51.02 38.35
CA ALA B 154 2.21 51.60 38.39
C ALA B 154 3.18 50.95 39.39
N ILE B 155 4.44 51.32 39.24
CA ILE B 155 5.54 51.41 40.22
C ILE B 155 6.20 52.74 39.88
N THR B 156 6.90 53.44 40.78
CA THR B 156 7.38 54.80 40.46
C THR B 156 8.87 54.98 40.70
N ILE B 157 9.57 55.55 39.73
CA ILE B 157 10.95 55.99 39.86
C ILE B 157 10.99 57.48 40.20
N ASP B 158 11.51 57.82 41.37
CA ASP B 158 11.88 59.18 41.77
C ASP B 158 13.33 59.21 42.22
N ILE B 159 14.14 60.06 41.61
CA ILE B 159 15.53 60.24 41.99
C ILE B 159 15.74 61.71 42.36
N SER B 160 16.24 61.99 43.56
CA SER B 160 16.61 63.35 43.98
C SER B 160 17.79 63.85 43.14
N ASP B 161 18.08 65.15 43.10
CA ASP B 161 19.28 65.67 42.44
C ASP B 161 20.56 65.06 43.04
N MET B 162 21.43 64.50 42.22
CA MET B 162 22.71 63.93 42.65
C MET B 162 23.92 64.71 42.11
N SER B 163 23.73 65.93 41.61
CA SER B 163 24.80 66.83 41.20
C SER B 163 25.56 67.39 42.40
N ALA B 164 26.65 68.15 42.19
CA ALA B 164 27.36 68.75 43.33
C ALA B 164 26.50 69.74 44.13
N THR B 165 25.48 70.36 43.56
CA THR B 165 24.56 71.21 44.34
C THR B 165 23.50 70.38 45.06
N GLY B 166 23.12 69.22 44.53
CA GLY B 166 22.16 68.33 45.18
C GLY B 166 22.74 67.69 46.44
N LEU B 167 24.05 67.45 46.43
CA LEU B 167 24.78 66.83 47.52
C LEU B 167 25.44 67.85 48.46
N GLY B 168 25.48 69.12 48.09
CA GLY B 168 26.15 70.16 48.88
C GLY B 168 27.67 70.14 48.77
N VAL B 169 28.22 69.49 47.76
CA VAL B 169 29.68 69.41 47.53
C VAL B 169 30.22 70.42 46.52
N SER B 170 29.39 71.40 46.13
CA SER B 170 29.85 72.59 45.44
C SER B 170 30.61 73.47 46.42
N GLY B 171 31.75 74.05 46.03
CA GLY B 171 32.42 75.04 46.86
C GLY B 171 33.08 74.50 48.12
N LEU B 172 33.64 73.29 48.07
CA LEU B 172 34.43 72.72 49.17
C LEU B 172 35.75 73.49 49.35
N VAL B 173 35.74 74.55 50.13
CA VAL B 173 36.93 75.34 50.49
C VAL B 173 37.78 74.55 51.47
N VAL B 174 39.03 74.22 51.11
CA VAL B 174 39.99 73.53 51.98
C VAL B 174 41.25 74.34 52.27
N SER B 175 41.21 75.64 52.02
CA SER B 175 42.35 76.56 52.18
C SER B 175 42.80 76.76 53.64
N SER B 176 42.02 76.30 54.63
CA SER B 176 42.31 76.36 56.06
C SER B 176 41.71 75.16 56.78
N PHE B 177 42.15 74.86 58.00
CA PHE B 177 41.58 73.80 58.82
C PHE B 177 40.12 74.03 59.19
N SER B 178 39.73 75.26 59.54
CA SER B 178 38.34 75.62 59.81
C SER B 178 37.40 75.21 58.67
N ALA B 179 37.78 75.48 57.43
CA ALA B 179 36.98 75.15 56.27
C ALA B 179 37.15 73.70 55.81
N ALA B 180 38.35 73.14 55.87
CA ALA B 180 38.58 71.73 55.54
C ALA B 180 37.81 70.76 56.44
N GLY B 181 37.58 71.07 57.71
CA GLY B 181 36.59 70.36 58.53
C GLY B 181 35.16 70.49 58.00
N LYS B 182 34.73 71.66 57.54
CA LYS B 182 33.42 71.82 56.88
C LYS B 182 33.33 71.08 55.54
N ALA B 183 34.44 70.92 54.82
CA ALA B 183 34.52 70.04 53.65
C ALA B 183 34.44 68.54 54.02
N MET B 184 35.09 68.08 55.10
CA MET B 184 34.91 66.71 55.61
C MET B 184 33.46 66.45 55.98
N SER B 185 32.82 67.37 56.72
CA SER B 185 31.39 67.29 57.05
C SER B 185 30.52 67.21 55.80
N ALA B 186 30.72 68.11 54.83
CA ALA B 186 29.94 68.14 53.60
C ALA B 186 30.09 66.87 52.79
N ALA B 187 31.31 66.38 52.57
CA ALA B 187 31.57 65.16 51.80
C ALA B 187 31.04 63.91 52.50
N GLN B 188 31.06 63.84 53.83
CA GLN B 188 30.48 62.72 54.57
C GLN B 188 28.97 62.74 54.61
N ASP B 189 28.32 63.89 54.72
CA ASP B 189 26.88 64.01 54.49
C ASP B 189 26.54 63.64 53.06
N ALA B 190 27.32 64.06 52.07
CA ALA B 190 27.12 63.64 50.70
C ALA B 190 27.27 62.12 50.51
N ILE B 191 28.21 61.44 51.18
CA ILE B 191 28.23 59.97 51.21
C ILE B 191 26.94 59.43 51.82
N SER B 192 26.40 60.08 52.85
CA SER B 192 25.13 59.70 53.45
C SER B 192 23.95 59.91 52.47
N TYR B 193 23.93 61.01 51.69
CA TYR B 193 22.91 61.22 50.65
C TYR B 193 23.02 60.21 49.53
N VAL B 194 24.22 59.89 49.05
CA VAL B 194 24.36 58.90 47.99
C VAL B 194 24.05 57.50 48.51
N SER B 195 24.38 57.18 49.76
CA SER B 195 23.93 55.95 50.42
C SER B 195 22.41 55.84 50.48
N SER B 196 21.68 56.91 50.82
CA SER B 196 20.22 56.86 50.88
C SER B 196 19.60 56.76 49.49
N MET B 197 20.17 57.38 48.47
CA MET B 197 19.64 57.26 47.12
C MET B 197 19.89 55.91 46.47
N ARG B 198 21.06 55.31 46.67
CA ARG B 198 21.32 53.91 46.31
C ARG B 198 20.57 52.92 47.19
N SER B 199 20.13 53.31 48.38
CA SER B 199 19.20 52.51 49.18
C SER B 199 17.73 52.61 48.74
N LYS B 200 17.29 53.66 48.03
CA LYS B 200 16.01 53.66 47.33
C LYS B 200 16.08 52.92 46.01
N LEU B 201 17.09 53.15 45.18
CA LEU B 201 17.24 52.44 43.89
C LEU B 201 17.48 50.93 44.06
N GLY B 202 18.13 50.48 45.13
CA GLY B 202 18.30 49.06 45.39
C GLY B 202 17.02 48.41 45.89
N ALA B 203 16.34 49.04 46.85
CA ALA B 203 15.04 48.58 47.34
C ALA B 203 14.00 48.46 46.24
N LEU B 204 14.00 49.40 45.30
CA LEU B 204 13.15 49.41 44.12
C LEU B 204 13.48 48.27 43.15
N GLN B 205 14.75 48.01 42.89
CA GLN B 205 15.14 46.88 42.07
C GLN B 205 14.85 45.54 42.74
N ASN B 206 14.89 45.50 44.07
CA ASN B 206 14.41 44.35 44.81
C ASN B 206 12.88 44.23 44.78
N ARG B 207 12.08 45.27 44.49
CA ARG B 207 10.68 45.05 44.09
C ARG B 207 10.59 44.41 42.74
N LEU B 208 11.31 44.93 41.77
CA LEU B 208 11.12 44.52 40.40
C LEU B 208 11.61 43.11 40.15
N GLU B 209 12.59 42.60 40.90
CA GLU B 209 12.91 41.19 40.78
C GLU B 209 11.73 40.33 41.23
N HIS B 210 10.99 40.74 42.26
CA HIS B 210 9.77 40.06 42.68
C HIS B 210 8.64 40.27 41.68
N THR B 211 8.39 41.46 41.21
CA THR B 211 7.48 41.72 40.09
C THR B 211 7.79 40.85 38.87
N ILE B 212 8.99 40.81 38.33
CA ILE B 212 9.28 40.01 37.13
C ILE B 212 9.10 38.51 37.44
N SER B 213 9.48 38.05 38.62
CA SER B 213 9.17 36.69 39.05
C SER B 213 7.68 36.43 39.04
N ASN B 214 6.89 37.36 39.56
CA ASN B 214 5.45 37.26 39.71
C ASN B 214 4.73 37.32 38.36
N LEU B 215 5.02 38.30 37.49
CA LEU B 215 4.38 38.43 36.19
C LEU B 215 4.73 37.28 35.27
N ASP B 216 5.98 36.83 35.22
CA ASP B 216 6.35 35.74 34.32
C ASP B 216 5.75 34.40 34.76
N ASN B 217 5.48 34.23 36.06
CA ASN B 217 4.75 33.12 36.64
C ASN B 217 3.22 33.25 36.42
N ILE B 218 2.60 34.40 36.66
CA ILE B 218 1.18 34.61 36.32
C ILE B 218 0.97 34.46 34.82
N SER B 219 1.89 34.91 33.99
CA SER B 219 1.83 34.69 32.55
C SER B 219 1.87 33.20 32.22
N GLU B 220 2.76 32.39 32.79
CA GLU B 220 2.82 30.94 32.55
C GLU B 220 1.55 30.23 32.99
N ASN B 221 0.99 30.60 34.14
CA ASN B 221 -0.30 30.09 34.58
C ASN B 221 -1.46 30.54 33.70
N THR B 222 -1.64 31.83 33.42
CA THR B 222 -2.74 32.25 32.55
C THR B 222 -2.53 31.87 31.10
N SER B 223 -1.31 31.58 30.65
CA SER B 223 -1.07 30.96 29.34
C SER B 223 -1.58 29.54 29.34
N SER B 224 -1.22 28.77 30.37
CA SER B 224 -1.70 27.41 30.60
C SER B 224 -3.22 27.38 30.72
N ALA B 225 -3.83 28.33 31.43
CA ALA B 225 -5.27 28.50 31.48
C ALA B 225 -5.89 28.73 30.09
N GLU B 226 -5.41 29.70 29.30
CA GLU B 226 -5.96 29.92 27.96
C GLU B 226 -5.76 28.72 27.05
N SER B 227 -4.58 28.09 27.09
CA SER B 227 -4.29 26.89 26.31
C SER B 227 -5.22 25.73 26.66
N ARG B 228 -5.64 25.60 27.93
CA ARG B 228 -6.70 24.68 28.35
C ARG B 228 -8.03 25.02 27.69
N ILE B 229 -8.40 26.29 27.61
CA ILE B 229 -9.66 26.71 26.99
C ILE B 229 -9.60 26.49 25.49
N ARG B 230 -8.53 26.90 24.81
CA ARG B 230 -8.58 27.14 23.36
C ARG B 230 -7.66 26.35 22.45
N ASP B 231 -6.49 25.87 22.83
CA ASP B 231 -5.70 25.04 21.91
C ASP B 231 -6.37 23.68 21.68
N THR B 232 -6.37 23.16 20.47
CA THR B 232 -6.85 21.82 20.19
C THR B 232 -6.03 20.83 20.98
N ASP B 233 -6.68 19.90 21.67
CA ASP B 233 -6.00 18.67 22.08
C ASP B 233 -5.92 17.75 20.86
N MET B 234 -4.78 17.70 20.18
CA MET B 234 -4.68 16.99 18.89
C MET B 234 -4.90 15.49 19.02
N ALA B 235 -4.64 14.95 20.21
CA ALA B 235 -4.87 13.56 20.55
C ALA B 235 -6.35 13.21 20.46
N GLU B 236 -7.15 13.91 21.24
CA GLU B 236 -8.62 13.84 21.30
C GLU B 236 -9.26 14.17 19.95
N GLU B 237 -8.90 15.28 19.33
CA GLU B 237 -9.55 15.69 18.10
C GLU B 237 -9.29 14.76 16.92
N MET B 238 -8.20 14.00 16.93
CA MET B 238 -7.92 12.97 15.93
C MET B 238 -8.68 11.66 16.16
N VAL B 239 -9.20 11.43 17.37
CA VAL B 239 -10.29 10.46 17.61
C VAL B 239 -11.53 10.90 16.86
N GLU B 240 -11.99 12.12 17.14
CA GLU B 240 -13.24 12.63 16.63
C GLU B 240 -13.20 12.90 15.13
N TYR B 241 -12.02 13.18 14.56
CA TYR B 241 -11.78 13.24 13.14
C TYR B 241 -11.95 11.88 12.50
N SER B 242 -11.32 10.87 13.07
CA SER B 242 -11.32 9.55 12.46
C SER B 242 -12.64 8.80 12.60
N LYS B 243 -13.47 9.10 13.62
CA LYS B 243 -14.89 8.68 13.64
C LYS B 243 -15.62 9.13 12.40
N ASN B 244 -15.50 10.40 12.08
CA ASN B 244 -16.22 11.07 11.00
C ASN B 244 -15.68 10.68 9.64
N ASN B 245 -14.39 10.44 9.54
CA ASN B 245 -13.80 9.88 8.34
C ASN B 245 -14.36 8.49 8.03
N ILE B 246 -14.50 7.58 9.02
CA ILE B 246 -15.18 6.30 8.79
C ILE B 246 -16.67 6.51 8.53
N LEU B 247 -17.39 7.30 9.32
CA LEU B 247 -18.81 7.51 9.07
C LEU B 247 -19.07 8.10 7.69
N ALA B 248 -18.22 8.96 7.17
CA ALA B 248 -18.38 9.51 5.85
C ALA B 248 -18.18 8.42 4.81
N GLN B 249 -17.13 7.60 4.94
CA GLN B 249 -16.92 6.43 4.07
C GLN B 249 -18.07 5.42 4.11
N ALA B 250 -18.62 5.14 5.29
CA ALA B 250 -19.81 4.30 5.44
C ALA B 250 -21.08 4.99 4.90
N GLY B 251 -21.30 6.27 5.14
CA GLY B 251 -22.40 7.02 4.56
C GLY B 251 -22.36 7.10 3.03
N GLN B 252 -21.18 7.32 2.42
CA GLN B 252 -21.01 7.26 0.96
C GLN B 252 -21.28 5.86 0.42
N SER B 253 -20.95 4.82 1.19
CA SER B 253 -21.26 3.42 0.86
C SER B 253 -22.75 3.18 0.87
N MET B 254 -23.44 3.66 1.89
CA MET B 254 -24.88 3.50 2.03
C MET B 254 -25.65 4.32 1.03
N LEU B 255 -25.21 5.54 0.73
CA LEU B 255 -25.80 6.33 -0.34
C LEU B 255 -25.57 5.68 -1.70
N ALA B 256 -24.36 5.19 -1.99
CA ALA B 256 -24.08 4.47 -3.23
C ALA B 256 -24.89 3.17 -3.35
N GLN B 257 -25.10 2.42 -2.27
CA GLN B 257 -25.99 1.26 -2.27
C GLN B 257 -27.45 1.65 -2.44
N ALA B 258 -27.88 2.73 -1.79
CA ALA B 258 -29.26 3.22 -1.84
C ALA B 258 -29.67 3.68 -3.23
N ASN B 259 -28.80 4.34 -3.97
CA ASN B 259 -29.09 4.73 -5.35
C ASN B 259 -29.31 3.55 -6.28
N GLN B 260 -28.60 2.45 -6.05
CA GLN B 260 -28.80 1.23 -6.82
C GLN B 260 -29.97 0.40 -6.29
N SER B 261 -30.44 0.64 -5.07
CA SER B 261 -31.42 -0.22 -4.41
C SER B 261 -32.77 -0.26 -5.12
N THR B 262 -33.18 0.80 -5.81
CA THR B 262 -34.43 0.76 -6.60
C THR B 262 -34.26 0.28 -8.05
N GLN B 263 -33.13 -0.30 -8.41
CA GLN B 263 -32.99 -1.08 -9.65
C GLN B 263 -33.93 -2.30 -9.69
N GLY B 264 -34.54 -2.62 -8.55
CA GLY B 264 -35.49 -3.72 -8.40
C GLY B 264 -36.81 -3.52 -9.14
N VAL B 265 -37.15 -2.30 -9.54
CA VAL B 265 -38.42 -2.03 -10.23
C VAL B 265 -38.48 -2.65 -11.61
N LEU B 266 -37.35 -2.88 -12.24
CA LEU B 266 -37.26 -3.00 -13.69
C LEU B 266 -37.52 -4.41 -14.24
N SER B 267 -37.32 -5.45 -13.45
CA SER B 267 -37.76 -6.82 -13.76
C SER B 267 -39.28 -7.01 -13.77
N LEU B 268 -40.01 -6.07 -13.19
CA LEU B 268 -41.34 -6.24 -12.64
C LEU B 268 -42.41 -6.15 -13.72
N LEU B 269 -42.52 -7.20 -14.54
CA LEU B 269 -43.36 -7.36 -15.75
C LEU B 269 -43.06 -6.35 -16.89
N GLN B 270 -42.10 -5.47 -16.64
CA GLN B 270 -41.51 -4.54 -17.59
C GLN B 270 -40.44 -5.20 -18.49
N MET C 1 -82.81 -17.06 -33.07
CA MET C 1 -81.95 -15.92 -32.68
C MET C 1 -82.19 -14.72 -33.57
N VAL C 2 -82.00 -13.51 -33.04
CA VAL C 2 -81.99 -12.28 -33.85
C VAL C 2 -80.71 -12.18 -34.65
N VAL C 3 -80.83 -11.97 -35.96
CA VAL C 3 -79.70 -11.60 -36.81
C VAL C 3 -79.44 -10.09 -36.76
N GLN C 4 -80.47 -9.28 -36.47
CA GLN C 4 -80.44 -7.83 -36.65
C GLN C 4 -79.70 -7.07 -35.54
N HIS C 5 -79.51 -7.62 -34.35
CA HIS C 5 -78.67 -7.02 -33.30
C HIS C 5 -77.95 -8.10 -32.53
N ASN C 6 -76.64 -8.18 -32.67
CA ASN C 6 -75.83 -9.12 -31.93
C ASN C 6 -75.61 -8.58 -30.53
N LEU C 7 -76.57 -8.82 -29.65
CA LEU C 7 -76.57 -8.27 -28.31
C LEU C 7 -75.53 -8.91 -27.40
N THR C 8 -75.13 -10.14 -27.68
CA THR C 8 -73.98 -10.75 -27.01
C THR C 8 -72.74 -9.91 -27.29
N ALA C 9 -72.45 -9.65 -28.56
CA ALA C 9 -71.30 -8.88 -28.98
C ALA C 9 -71.33 -7.45 -28.49
N MET C 10 -72.49 -6.78 -28.46
CA MET C 10 -72.64 -5.44 -27.87
C MET C 10 -72.31 -5.39 -26.39
N ASN C 11 -72.71 -6.37 -25.59
CA ASN C 11 -72.31 -6.43 -24.17
C ASN C 11 -70.83 -6.80 -24.00
N ALA C 12 -70.30 -7.68 -24.85
CA ALA C 12 -68.88 -7.95 -24.89
C ALA C 12 -68.08 -6.70 -25.25
N ASN C 13 -68.51 -5.92 -26.24
CA ASN C 13 -67.95 -4.64 -26.65
C ASN C 13 -67.99 -3.63 -25.52
N ARG C 14 -69.15 -3.37 -24.92
CA ARG C 14 -69.22 -2.42 -23.82
C ARG C 14 -68.36 -2.84 -22.64
N GLN C 15 -68.27 -4.12 -22.30
CA GLN C 15 -67.34 -4.59 -21.26
C GLN C 15 -65.87 -4.44 -21.65
N LEU C 16 -65.53 -4.58 -22.92
CA LEU C 16 -64.20 -4.33 -23.40
C LEU C 16 -63.82 -2.84 -23.27
N GLY C 17 -64.73 -1.92 -23.49
CA GLY C 17 -64.52 -0.51 -23.19
C GLY C 17 -64.19 -0.21 -21.73
N ILE C 18 -64.94 -0.73 -20.76
CA ILE C 18 -64.63 -0.59 -19.32
C ILE C 18 -63.21 -1.08 -19.00
N THR C 19 -62.76 -2.10 -19.71
CA THR C 19 -61.50 -2.79 -19.48
C THR C 19 -60.30 -2.10 -20.09
N THR C 20 -60.40 -1.61 -21.34
CA THR C 20 -59.36 -0.77 -21.96
C THR C 20 -59.31 0.63 -21.38
N GLY C 21 -60.39 1.11 -20.77
CA GLY C 21 -60.36 2.31 -19.96
C GLY C 21 -59.49 2.16 -18.73
N ALA C 22 -59.75 1.15 -17.90
CA ALA C 22 -58.92 0.88 -16.72
C ALA C 22 -57.44 0.63 -17.07
N GLN C 23 -57.15 0.06 -18.25
CA GLN C 23 -55.79 -0.08 -18.77
C GLN C 23 -55.13 1.25 -19.14
N ALA C 24 -55.83 2.15 -19.83
CA ALA C 24 -55.32 3.46 -20.22
C ALA C 24 -55.01 4.37 -19.03
N LYS C 25 -55.72 4.21 -17.91
CA LYS C 25 -55.47 4.92 -16.64
C LYS C 25 -54.38 4.31 -15.79
N SER C 26 -54.22 2.98 -15.77
CA SER C 26 -53.06 2.33 -15.15
C SER C 26 -51.77 2.65 -15.87
N SER C 27 -51.77 2.59 -17.20
CA SER C 27 -50.61 2.89 -18.03
C SER C 27 -50.03 4.27 -17.75
N GLU C 28 -50.88 5.27 -17.52
CA GLU C 28 -50.47 6.62 -17.18
C GLU C 28 -49.71 6.69 -15.87
N LYS C 29 -50.15 5.96 -14.84
CA LYS C 29 -49.50 5.92 -13.54
C LYS C 29 -48.15 5.24 -13.60
N LEU C 30 -48.00 4.20 -14.41
CA LEU C 30 -46.71 3.55 -14.63
C LEU C 30 -45.75 4.42 -15.44
N SER C 31 -46.22 5.07 -16.51
CA SER C 31 -45.35 5.87 -17.36
C SER C 31 -44.93 7.20 -16.77
N SER C 32 -45.83 7.88 -16.03
CA SER C 32 -45.52 9.14 -15.35
C SER C 32 -44.79 8.94 -14.05
N GLY C 33 -45.07 7.85 -13.33
CA GLY C 33 -44.52 7.56 -12.02
C GLY C 33 -45.33 8.18 -10.89
N TYR C 34 -46.46 8.84 -11.19
CA TYR C 34 -47.40 9.40 -10.22
C TYR C 34 -48.75 8.70 -10.24
N LYS C 35 -49.27 8.44 -9.05
CA LYS C 35 -50.57 7.84 -8.75
C LYS C 35 -51.73 8.78 -9.04
N ILE C 36 -51.50 10.08 -8.96
CA ILE C 36 -52.50 11.15 -9.05
C ILE C 36 -52.06 12.15 -10.11
N ASN C 37 -52.47 11.92 -11.35
CA ASN C 37 -52.06 12.76 -12.50
C ASN C 37 -53.04 13.90 -12.75
N ARG C 38 -54.25 13.75 -12.25
CA ARG C 38 -55.41 14.60 -12.44
C ARG C 38 -56.19 14.62 -11.16
N ALA C 39 -56.89 15.70 -10.85
CA ALA C 39 -57.64 15.82 -9.60
C ALA C 39 -58.68 14.70 -9.45
N ALA C 40 -59.17 14.15 -10.56
CA ALA C 40 -60.15 13.07 -10.61
C ALA C 40 -59.63 11.73 -10.06
N ASP C 41 -58.32 11.53 -9.95
CA ASP C 41 -57.72 10.34 -9.31
C ASP C 41 -57.88 10.35 -7.78
N ASP C 42 -57.72 11.52 -7.13
CA ASP C 42 -57.87 11.71 -5.68
C ASP C 42 -58.02 13.19 -5.35
N ALA C 43 -59.24 13.72 -5.36
CA ALA C 43 -59.45 15.16 -5.29
C ALA C 43 -59.02 15.80 -3.96
N ALA C 44 -58.95 15.03 -2.87
CA ALA C 44 -58.28 15.45 -1.64
C ALA C 44 -56.77 15.20 -1.69
N GLY C 45 -56.30 14.14 -2.32
CA GLY C 45 -54.89 13.77 -2.39
C GLY C 45 -54.07 14.64 -3.32
N LEU C 46 -54.64 15.15 -4.42
CA LEU C 46 -54.02 16.18 -5.25
C LEU C 46 -53.88 17.49 -4.46
N THR C 47 -54.96 17.93 -3.83
CA THR C 47 -55.00 19.07 -2.90
C THR C 47 -53.96 18.98 -1.80
N ILE C 48 -53.86 17.86 -1.07
CA ILE C 48 -52.89 17.71 0.02
C ILE C 48 -51.49 17.66 -0.54
N SER C 49 -51.27 16.94 -1.62
CA SER C 49 -49.96 16.81 -2.23
C SER C 49 -49.43 18.13 -2.71
N GLU C 50 -50.24 19.01 -3.31
CA GLU C 50 -49.79 20.37 -3.60
C GLU C 50 -49.39 21.15 -2.35
N LYS C 51 -50.12 21.04 -1.24
CA LYS C 51 -49.68 21.66 0.02
C LYS C 51 -48.37 21.07 0.54
N MET C 52 -48.12 19.80 0.34
CA MET C 52 -46.86 19.18 0.77
C MET C 52 -45.71 19.45 -0.19
N ARG C 53 -45.91 19.44 -1.50
CA ARG C 53 -44.94 19.94 -2.48
C ARG C 53 -44.56 21.37 -2.18
N SER C 54 -45.54 22.22 -2.00
CA SER C 54 -45.38 23.64 -1.67
C SER C 54 -44.58 23.86 -0.39
N GLN C 55 -44.78 23.02 0.62
CA GLN C 55 -43.95 22.97 1.80
C GLN C 55 -42.55 22.43 1.53
N VAL C 56 -42.36 21.33 0.80
CA VAL C 56 -41.04 20.76 0.55
C VAL C 56 -40.18 21.74 -0.21
N ARG C 57 -40.67 22.30 -1.32
CA ARG C 57 -39.95 23.31 -2.09
C ARG C 57 -39.60 24.52 -1.23
N GLY C 58 -40.56 25.06 -0.49
CA GLY C 58 -40.33 26.17 0.42
C GLY C 58 -39.35 25.85 1.54
N LEU C 59 -39.44 24.72 2.23
CA LEU C 59 -38.47 24.29 3.24
C LEU C 59 -37.06 24.16 2.68
N ASN C 60 -36.90 23.71 1.44
CA ASN C 60 -35.59 23.64 0.81
C ASN C 60 -35.01 25.04 0.52
N LYS C 61 -35.82 26.02 0.12
CA LYS C 61 -35.38 27.42 0.12
C LYS C 61 -35.12 27.95 1.53
N ALA C 62 -35.91 27.59 2.53
CA ALA C 62 -35.63 27.97 3.91
C ALA C 62 -34.31 27.40 4.44
N SER C 63 -33.94 26.18 4.07
CA SER C 63 -32.66 25.57 4.38
C SER C 63 -31.55 26.29 3.63
N ASP C 64 -31.73 26.57 2.33
CA ASP C 64 -30.81 27.35 1.52
C ASP C 64 -30.61 28.77 2.04
N ASN C 65 -31.64 29.41 2.57
CA ASN C 65 -31.58 30.74 3.16
C ASN C 65 -30.97 30.73 4.55
N ALA C 66 -31.17 29.68 5.34
CA ALA C 66 -30.51 29.52 6.63
C ALA C 66 -29.02 29.24 6.46
N GLN C 67 -28.61 28.54 5.41
CA GLN C 67 -27.22 28.39 5.02
C GLN C 67 -26.64 29.66 4.39
N ASP C 68 -27.39 30.37 3.55
CA ASP C 68 -27.03 31.71 3.13
C ASP C 68 -26.91 32.69 4.32
N GLY C 69 -27.56 32.43 5.43
CA GLY C 69 -27.43 33.15 6.68
C GLY C 69 -26.18 32.76 7.45
N VAL C 70 -25.94 31.47 7.70
CA VAL C 70 -24.68 30.98 8.29
C VAL C 70 -23.50 31.51 7.50
N SER C 71 -23.54 31.41 6.19
CA SER C 71 -22.47 31.83 5.32
C SER C 71 -22.17 33.32 5.40
N LEU C 72 -23.19 34.17 5.45
CA LEU C 72 -23.01 35.59 5.75
C LEU C 72 -22.39 35.79 7.11
N ILE C 73 -22.93 35.18 8.16
CA ILE C 73 -22.45 35.32 9.53
C ILE C 73 -20.98 35.01 9.61
N GLN C 74 -20.50 33.95 8.99
CA GLN C 74 -19.09 33.61 9.00
C GLN C 74 -18.20 34.70 8.42
N VAL C 75 -18.62 35.43 7.39
CA VAL C 75 -17.86 36.56 6.87
C VAL C 75 -17.72 37.66 7.92
N ALA C 76 -18.78 38.01 8.65
CA ALA C 76 -18.72 39.01 9.71
C ALA C 76 -17.86 38.53 10.87
N GLU C 77 -18.12 37.34 11.35
CA GLU C 77 -17.44 36.73 12.48
C GLU C 77 -15.95 36.60 12.25
N GLY C 78 -15.56 36.15 11.06
CA GLY C 78 -14.18 36.02 10.62
C GLY C 78 -13.48 37.34 10.32
N ALA C 79 -14.21 38.46 10.19
CA ALA C 79 -13.62 39.77 10.08
C ALA C 79 -13.30 40.35 11.45
N LEU C 80 -14.20 40.16 12.39
CA LEU C 80 -14.00 40.55 13.78
C LEU C 80 -12.92 39.74 14.49
N SER C 81 -12.52 38.62 13.90
CA SER C 81 -11.37 37.86 14.34
C SER C 81 -10.05 38.57 14.08
N GLU C 82 -9.98 39.40 13.04
CA GLU C 82 -8.84 40.28 12.84
C GLU C 82 -9.06 41.60 13.55
N THR C 83 -10.28 42.07 13.78
CA THR C 83 -10.45 43.16 14.75
C THR C 83 -9.92 42.77 16.10
N HIS C 84 -10.21 41.58 16.63
CA HIS C 84 -9.55 41.14 17.85
C HIS C 84 -8.05 41.16 17.75
N SER C 85 -7.49 40.61 16.68
CA SER C 85 -6.05 40.50 16.56
C SER C 85 -5.37 41.85 16.39
N ILE C 86 -6.04 42.84 15.81
CA ILE C 86 -5.59 44.23 15.84
C ILE C 86 -5.71 44.81 17.24
N LEU C 87 -6.78 44.55 17.99
CA LEU C 87 -6.94 45.10 19.33
C LEU C 87 -6.05 44.47 20.39
N GLN C 88 -5.73 43.19 20.25
CA GLN C 88 -4.74 42.51 21.07
C GLN C 88 -3.38 43.17 20.90
N ARG C 89 -3.04 43.58 19.67
CA ARG C 89 -1.85 44.37 19.34
C ARG C 89 -1.93 45.80 19.84
N MET C 90 -3.06 46.52 19.72
CA MET C 90 -3.19 47.88 20.27
C MET C 90 -3.09 47.89 21.79
N ASN C 91 -3.64 46.92 22.49
CA ASN C 91 -3.51 46.81 23.95
C ASN C 91 -2.05 46.55 24.39
N GLU C 92 -1.33 45.70 23.68
CA GLU C 92 0.07 45.40 23.94
C GLU C 92 0.96 46.59 23.62
N LEU C 93 0.69 47.30 22.53
CA LEU C 93 1.37 48.55 22.21
C LEU C 93 1.09 49.62 23.24
N ALA C 94 -0.15 49.81 23.66
CA ALA C 94 -0.47 50.79 24.69
C ALA C 94 0.18 50.44 26.03
N THR C 95 0.17 49.18 26.46
CA THR C 95 0.87 48.76 27.69
C THR C 95 2.34 49.09 27.63
N GLN C 96 3.02 48.85 26.51
CA GLN C 96 4.42 49.21 26.34
C GLN C 96 4.65 50.71 26.36
N ALA C 97 3.86 51.52 25.66
CA ALA C 97 4.03 52.96 25.65
C ALA C 97 3.66 53.64 26.98
N ALA C 98 2.92 52.98 27.86
CA ALA C 98 2.55 53.56 29.13
C ALA C 98 3.74 53.76 30.04
N ASN C 99 4.70 52.87 30.04
CA ASN C 99 5.88 52.95 30.88
C ASN C 99 6.70 54.24 30.65
N ASP C 100 6.87 55.09 31.66
CA ASP C 100 7.68 56.31 31.58
C ASP C 100 9.20 56.08 31.53
N THR C 101 9.71 54.86 31.36
CA THR C 101 11.07 54.74 30.78
C THR C 101 11.10 55.09 29.29
N ASN C 102 9.98 55.08 28.55
CA ASN C 102 9.96 55.55 27.15
C ASN C 102 10.22 57.06 27.07
N THR C 103 11.12 57.48 26.19
CA THR C 103 11.24 58.90 25.82
C THR C 103 10.15 59.30 24.83
N THR C 104 10.07 60.56 24.43
CA THR C 104 9.01 61.07 23.55
C THR C 104 9.07 60.40 22.18
N SER C 105 10.22 60.35 21.51
CA SER C 105 10.36 59.77 20.16
C SER C 105 9.89 58.34 20.07
N ASP C 106 10.03 57.60 21.16
CA ASP C 106 9.77 56.19 21.27
C ASP C 106 8.33 55.90 21.71
N ARG C 107 7.54 56.92 22.08
CA ARG C 107 6.07 56.86 22.12
C ARG C 107 5.40 57.32 20.87
N THR C 108 5.95 58.29 20.14
CA THR C 108 5.46 58.59 18.78
C THR C 108 5.79 57.44 17.84
N ALA C 109 6.89 56.71 18.03
CA ALA C 109 7.12 55.44 17.33
C ALA C 109 6.05 54.38 17.60
N VAL C 110 5.50 54.29 18.81
CA VAL C 110 4.34 53.44 19.09
C VAL C 110 3.09 54.02 18.44
N GLN C 111 2.86 55.31 18.58
CA GLN C 111 1.71 55.99 18.04
C GLN C 111 1.57 55.75 16.52
N GLN C 112 2.65 55.73 15.74
CA GLN C 112 2.58 55.39 14.31
C GLN C 112 1.93 54.04 14.05
N GLU C 113 2.15 53.02 14.89
CA GLU C 113 1.49 51.73 14.73
C GLU C 113 0.07 51.76 15.25
N ILE C 114 -0.24 52.52 16.29
CA ILE C 114 -1.61 52.64 16.80
C ILE C 114 -2.51 53.43 15.85
N ASN C 115 -2.06 54.54 15.27
CA ASN C 115 -2.79 55.23 14.22
C ASN C 115 -3.01 54.36 12.98
N GLN C 116 -2.00 53.61 12.52
CA GLN C 116 -2.16 52.69 11.40
C GLN C 116 -3.11 51.52 11.71
N LEU C 117 -3.08 50.94 12.91
CA LEU C 117 -3.96 49.85 13.29
C LEU C 117 -5.38 50.30 13.52
N ALA C 118 -5.60 51.51 14.04
CA ALA C 118 -6.94 52.07 14.12
C ALA C 118 -7.55 52.29 12.74
N SER C 119 -6.79 52.82 11.77
CA SER C 119 -7.23 52.85 10.38
C SER C 119 -7.56 51.45 9.88
N GLU C 120 -6.76 50.43 10.20
CA GLU C 120 -7.06 49.07 9.78
C GLU C 120 -8.34 48.53 10.39
N ILE C 121 -8.69 48.80 11.64
CA ILE C 121 -10.04 48.47 12.17
C ILE C 121 -11.15 49.14 11.37
N THR C 122 -11.05 50.42 11.02
CA THR C 122 -12.01 51.07 10.13
C THR C 122 -12.01 50.51 8.70
N ARG C 123 -10.87 50.06 8.18
CA ARG C 123 -10.82 49.38 6.89
C ARG C 123 -11.45 47.99 6.95
N ILE C 124 -11.27 47.21 8.01
CA ILE C 124 -12.02 45.95 8.19
C ILE C 124 -13.51 46.26 8.17
N ALA C 125 -13.96 47.29 8.87
CA ALA C 125 -15.36 47.66 9.01
C ALA C 125 -16.02 48.14 7.72
N SER C 126 -15.50 49.16 7.05
CA SER C 126 -16.13 49.67 5.84
C SER C 126 -15.96 48.74 4.64
N THR C 127 -14.94 47.89 4.61
CA THR C 127 -14.66 47.02 3.45
C THR C 127 -15.28 45.63 3.53
N THR C 128 -15.39 44.95 4.68
CA THR C 128 -15.99 43.62 4.67
C THR C 128 -17.45 43.64 4.23
N GLN C 129 -17.73 42.87 3.19
CA GLN C 129 -19.02 42.76 2.54
C GLN C 129 -19.39 41.31 2.29
N PHE C 130 -20.68 41.03 2.16
CA PHE C 130 -21.17 39.78 1.63
C PHE C 130 -22.21 40.14 0.59
N ASN C 131 -22.04 39.65 -0.65
CA ASN C 131 -22.94 39.98 -1.74
C ASN C 131 -23.13 41.51 -1.89
N THR C 132 -22.05 42.27 -1.80
CA THR C 132 -21.98 43.75 -1.81
C THR C 132 -22.59 44.52 -0.65
N MET C 133 -23.22 43.90 0.35
CA MET C 133 -23.70 44.58 1.55
C MET C 133 -22.59 44.69 2.60
N ASN C 134 -22.31 45.85 3.20
CA ASN C 134 -21.35 45.97 4.31
C ASN C 134 -21.90 45.25 5.55
N LEU C 135 -21.08 44.50 6.27
CA LEU C 135 -21.59 43.64 7.36
C LEU C 135 -21.35 44.16 8.77
N ILE C 136 -20.28 44.90 9.00
CA ILE C 136 -19.90 45.42 10.32
C ILE C 136 -19.57 46.91 10.27
N ASP C 137 -20.24 47.67 9.42
CA ASP C 137 -20.19 49.13 9.41
C ASP C 137 -21.24 49.78 10.32
N GLY C 138 -22.11 49.00 10.93
CA GLY C 138 -23.21 49.44 11.79
C GLY C 138 -24.58 49.37 11.14
N ASN C 139 -24.65 49.13 9.83
CA ASN C 139 -25.87 49.26 9.03
C ASN C 139 -26.49 47.92 8.63
N PHE C 140 -25.86 46.79 8.94
CA PHE C 140 -26.49 45.47 8.88
C PHE C 140 -27.38 45.30 10.11
N THR C 141 -28.53 45.96 10.13
CA THR C 141 -29.52 45.93 11.21
C THR C 141 -30.90 45.71 10.62
N SER C 142 -31.82 45.12 11.36
CA SER C 142 -33.18 44.79 10.94
C SER C 142 -33.23 43.80 9.76
N LYS C 143 -32.10 43.22 9.36
CA LYS C 143 -31.99 42.30 8.21
C LYS C 143 -32.52 40.95 8.64
N LYS C 144 -33.24 40.25 7.77
CA LYS C 144 -34.01 39.06 8.10
C LYS C 144 -33.63 37.88 7.22
N LEU C 145 -33.70 36.68 7.77
CA LEU C 145 -33.64 35.43 7.05
C LEU C 145 -35.05 34.86 6.96
N GLN C 146 -35.54 34.47 5.80
CA GLN C 146 -36.77 33.71 5.67
C GLN C 146 -36.51 32.24 5.98
N VAL C 147 -36.74 31.84 7.23
CA VAL C 147 -36.35 30.56 7.82
C VAL C 147 -37.52 29.60 7.94
N GLY C 148 -38.37 29.56 6.92
CA GLY C 148 -39.48 28.62 6.84
C GLY C 148 -40.28 28.77 5.56
N SER C 149 -41.34 28.00 5.42
CA SER C 149 -42.14 27.93 4.20
C SER C 149 -43.17 29.06 4.06
N LEU C 150 -43.52 29.75 5.15
CA LEU C 150 -44.63 30.69 5.19
C LEU C 150 -44.16 32.12 5.24
N CYS C 151 -45.06 33.06 4.95
CA CYS C 151 -44.88 34.48 5.16
C CYS C 151 -44.16 34.75 6.49
N GLY C 152 -43.05 35.49 6.47
CA GLY C 152 -42.47 36.12 7.65
C GLY C 152 -42.05 35.18 8.78
N GLN C 153 -41.52 34.00 8.50
CA GLN C 153 -40.93 33.09 9.49
C GLN C 153 -39.45 33.42 9.75
N ALA C 154 -39.22 34.62 10.24
CA ALA C 154 -37.90 35.23 10.32
C ALA C 154 -36.92 34.62 11.33
N ILE C 155 -35.66 34.99 11.14
CA ILE C 155 -34.60 35.11 12.14
C ILE C 155 -33.96 36.47 11.83
N THR C 156 -33.54 37.24 12.81
CA THR C 156 -33.06 38.60 12.58
C THR C 156 -31.55 38.66 12.74
N ILE C 157 -30.84 39.36 11.86
CA ILE C 157 -29.42 39.60 11.94
C ILE C 157 -29.16 41.10 12.17
N ASP C 158 -28.57 41.42 13.30
CA ASP C 158 -28.18 42.76 13.67
C ASP C 158 -26.73 42.75 14.12
N ILE C 159 -25.95 43.73 13.68
CA ILE C 159 -24.51 43.73 13.88
C ILE C 159 -24.08 45.16 14.20
N SER C 160 -23.90 45.49 15.49
CA SER C 160 -23.46 46.82 15.95
C SER C 160 -22.21 47.27 15.22
N ASP C 161 -21.98 48.57 15.13
CA ASP C 161 -20.85 49.14 14.39
C ASP C 161 -19.50 48.68 14.96
N MET C 162 -18.58 48.24 14.11
CA MET C 162 -17.26 47.74 14.49
C MET C 162 -16.12 48.58 13.88
N SER C 163 -16.41 49.80 13.45
CA SER C 163 -15.44 50.85 13.11
C SER C 163 -14.56 51.23 14.30
N ALA C 164 -13.41 51.85 14.06
CA ALA C 164 -12.61 52.38 15.17
C ALA C 164 -13.39 53.42 16.00
N THR C 165 -14.34 54.15 15.40
CA THR C 165 -15.26 55.02 16.14
C THR C 165 -16.28 54.22 16.98
N GLY C 166 -16.91 53.20 16.40
CA GLY C 166 -17.91 52.36 17.07
C GLY C 166 -17.37 51.57 18.25
N LEU C 167 -16.05 51.37 18.35
CA LEU C 167 -15.38 50.70 19.47
C LEU C 167 -14.61 51.67 20.35
N GLY C 168 -14.58 52.96 20.04
CA GLY C 168 -13.91 54.00 20.81
C GLY C 168 -12.39 53.99 20.74
N VAL C 169 -11.81 53.28 19.76
CA VAL C 169 -10.36 53.22 19.52
C VAL C 169 -9.89 54.19 18.42
N SER C 170 -10.79 55.04 17.89
CA SER C 170 -10.39 56.21 17.11
C SER C 170 -9.65 57.14 18.05
N GLY C 171 -8.42 57.49 17.72
CA GLY C 171 -7.66 58.42 18.54
C GLY C 171 -7.26 57.86 19.90
N LEU C 172 -6.66 56.66 19.95
CA LEU C 172 -5.92 56.22 21.13
C LEU C 172 -4.63 57.03 21.24
N VAL C 173 -4.44 57.81 22.30
CA VAL C 173 -3.30 58.73 22.46
C VAL C 173 -2.34 58.14 23.47
N VAL C 174 -1.09 57.88 23.12
CA VAL C 174 -0.15 57.10 23.96
C VAL C 174 1.15 57.80 24.29
N SER C 175 1.12 59.13 24.28
CA SER C 175 2.26 60.01 24.55
C SER C 175 2.58 60.22 26.04
N SER C 176 1.87 59.60 26.98
CA SER C 176 2.16 59.66 28.42
C SER C 176 1.60 58.47 29.19
N PHE C 177 2.01 58.23 30.43
CA PHE C 177 1.41 57.17 31.25
C PHE C 177 -0.10 57.31 31.40
N SER C 178 -0.58 58.52 31.71
CA SER C 178 -1.99 58.85 31.83
C SER C 178 -2.79 58.51 30.56
N ALA C 179 -2.39 59.00 29.39
CA ALA C 179 -3.08 58.74 28.15
C ALA C 179 -2.87 57.31 27.61
N ALA C 180 -1.68 56.74 27.76
CA ALA C 180 -1.43 55.38 27.34
C ALA C 180 -2.14 54.33 28.19
N GLY C 181 -2.37 54.56 29.49
CA GLY C 181 -3.34 53.80 30.26
C GLY C 181 -4.78 54.02 29.81
N LYS C 182 -5.19 55.25 29.50
CA LYS C 182 -6.51 55.53 28.89
C LYS C 182 -6.72 54.72 27.62
N ALA C 183 -5.69 54.56 26.79
CA ALA C 183 -5.66 53.72 25.61
C ALA C 183 -5.63 52.21 25.87
N MET C 184 -5.01 51.71 26.94
CA MET C 184 -5.21 50.35 27.43
C MET C 184 -6.66 50.11 27.78
N SER C 185 -7.27 50.99 28.58
CA SER C 185 -8.67 50.88 28.98
C SER C 185 -9.58 50.82 27.76
N ALA C 186 -9.43 51.75 26.81
CA ALA C 186 -10.21 51.76 25.58
C ALA C 186 -10.09 50.47 24.75
N ALA C 187 -8.88 49.96 24.52
CA ALA C 187 -8.65 48.75 23.73
C ALA C 187 -9.10 47.47 24.44
N GLN C 188 -9.07 47.39 25.77
CA GLN C 188 -9.65 46.28 26.54
C GLN C 188 -11.18 46.32 26.57
N ASP C 189 -11.79 47.49 26.63
CA ASP C 189 -13.23 47.64 26.35
C ASP C 189 -13.55 47.21 24.92
N ALA C 190 -12.80 47.64 23.91
CA ALA C 190 -13.01 47.21 22.53
C ALA C 190 -12.82 45.70 22.34
N ILE C 191 -11.86 45.04 23.00
CA ILE C 191 -11.82 43.58 23.02
C ILE C 191 -13.09 43.02 23.66
N SER C 192 -13.60 43.62 24.73
CA SER C 192 -14.84 43.22 25.38
C SER C 192 -16.07 43.42 24.47
N TYR C 193 -16.12 44.47 23.66
CA TYR C 193 -17.18 44.71 22.69
C TYR C 193 -17.11 43.74 21.53
N VAL C 194 -15.94 43.47 20.99
CA VAL C 194 -15.80 42.53 19.87
C VAL C 194 -16.01 41.11 20.35
N SER C 195 -15.66 40.78 21.59
CA SER C 195 -16.08 39.55 22.25
C SER C 195 -17.60 39.45 22.32
N SER C 196 -18.31 40.49 22.77
CA SER C 196 -19.77 40.45 22.91
C SER C 196 -20.48 40.38 21.58
N MET C 197 -20.01 41.07 20.54
CA MET C 197 -20.56 40.95 19.20
C MET C 197 -20.29 39.60 18.55
N ARG C 198 -19.06 39.08 18.62
CA ARG C 198 -18.79 37.72 18.17
C ARG C 198 -19.53 36.68 18.99
N SER C 199 -19.85 36.95 20.25
CA SER C 199 -20.72 36.07 21.05
C SER C 199 -22.15 36.03 20.54
N LYS C 200 -22.67 37.11 19.95
CA LYS C 200 -23.98 37.12 19.30
C LYS C 200 -23.92 36.41 17.96
N LEU C 201 -23.02 36.79 17.07
CA LEU C 201 -22.85 36.13 15.78
C LEU C 201 -22.54 34.62 15.89
N GLY C 202 -21.90 34.18 16.97
CA GLY C 202 -21.69 32.76 17.24
C GLY C 202 -22.95 32.05 17.73
N ALA C 203 -23.62 32.58 18.75
CA ALA C 203 -24.90 32.03 19.22
C ALA C 203 -25.97 31.93 18.14
N LEU C 204 -25.93 32.83 17.16
CA LEU C 204 -26.81 32.92 16.00
C LEU C 204 -26.47 31.86 14.98
N GLN C 205 -25.21 31.56 14.74
CA GLN C 205 -24.82 30.43 13.90
C GLN C 205 -25.25 29.11 14.52
N ASN C 206 -25.33 29.02 15.84
CA ASN C 206 -25.86 27.86 16.52
C ASN C 206 -27.37 27.72 16.39
N ARG C 207 -28.16 28.79 16.34
CA ARG C 207 -29.57 28.67 15.90
C ARG C 207 -29.70 28.13 14.52
N LEU C 208 -28.90 28.62 13.59
CA LEU C 208 -29.05 28.23 12.21
C LEU C 208 -28.52 26.84 11.96
N GLU C 209 -27.51 26.34 12.67
CA GLU C 209 -27.13 24.95 12.48
C GLU C 209 -28.25 24.03 12.97
N HIS C 210 -28.94 24.38 14.04
CA HIS C 210 -30.14 23.68 14.51
C HIS C 210 -31.33 23.84 13.57
N THR C 211 -31.56 25.02 13.02
CA THR C 211 -32.54 25.25 11.97
C THR C 211 -32.27 24.38 10.76
N ILE C 212 -31.05 24.30 10.24
CA ILE C 212 -30.80 23.51 9.04
C ILE C 212 -30.97 22.03 9.35
N SER C 213 -30.49 21.56 10.50
CA SER C 213 -30.75 20.21 10.99
C SER C 213 -32.23 19.90 11.11
N ASN C 214 -33.05 20.91 11.42
CA ASN C 214 -34.50 20.80 11.54
C ASN C 214 -35.23 20.87 10.19
N LEU C 215 -34.96 21.84 9.32
CA LEU C 215 -35.65 22.00 8.05
C LEU C 215 -35.31 20.88 7.09
N ASP C 216 -34.11 20.33 7.15
CA ASP C 216 -33.71 19.19 6.31
C ASP C 216 -34.40 17.90 6.75
N ASN C 217 -34.59 17.73 8.04
CA ASN C 217 -35.40 16.69 8.64
C ASN C 217 -36.88 16.87 8.28
N ILE C 218 -37.51 18.02 8.46
CA ILE C 218 -38.91 18.24 8.07
C ILE C 218 -39.10 18.11 6.56
N SER C 219 -38.17 18.58 5.72
CA SER C 219 -38.29 18.45 4.28
C SER C 219 -38.23 17.00 3.84
N GLU C 220 -37.42 16.16 4.48
CA GLU C 220 -37.40 14.72 4.26
C GLU C 220 -38.70 14.06 4.71
N ASN C 221 -39.20 14.39 5.89
CA ASN C 221 -40.41 13.79 6.39
C ASN C 221 -41.65 14.21 5.64
N THR C 222 -41.73 15.45 5.14
CA THR C 222 -42.81 15.88 4.28
C THR C 222 -42.59 15.56 2.81
N SER C 223 -41.37 15.22 2.38
CA SER C 223 -41.19 14.53 1.09
C SER C 223 -41.71 13.12 1.18
N SER C 224 -41.42 12.42 2.29
CA SER C 224 -41.88 11.07 2.51
C SER C 224 -43.39 11.04 2.59
N ALA C 225 -43.99 11.99 3.33
CA ALA C 225 -45.41 12.21 3.33
C ALA C 225 -45.98 12.36 1.94
N GLU C 226 -45.54 13.30 1.12
CA GLU C 226 -46.21 13.50 -0.16
C GLU C 226 -45.91 12.41 -1.18
N SER C 227 -44.71 11.86 -1.19
CA SER C 227 -44.40 10.63 -1.92
C SER C 227 -45.34 9.49 -1.56
N ARG C 228 -45.74 9.35 -0.29
CA ARG C 228 -46.77 8.38 0.14
C ARG C 228 -48.09 8.61 -0.56
N ILE C 229 -48.51 9.86 -0.69
CA ILE C 229 -49.81 10.20 -1.27
C ILE C 229 -49.75 10.02 -2.76
N ARG C 230 -48.69 10.53 -3.40
CA ARG C 230 -48.72 10.82 -4.84
C ARG C 230 -47.89 9.92 -5.75
N ASP C 231 -46.80 9.33 -5.31
CA ASP C 231 -45.99 8.52 -6.22
C ASP C 231 -46.65 7.18 -6.53
N THR C 232 -46.50 6.68 -7.75
CA THR C 232 -46.93 5.32 -8.07
C THR C 232 -46.02 4.33 -7.36
N ASP C 233 -46.58 3.47 -6.51
CA ASP C 233 -45.86 2.29 -6.06
C ASP C 233 -45.82 1.25 -7.18
N MET C 234 -44.69 1.11 -7.87
CA MET C 234 -44.68 0.47 -9.19
C MET C 234 -45.02 -0.99 -9.15
N ALA C 235 -44.66 -1.64 -8.04
CA ALA C 235 -45.05 -3.00 -7.72
C ALA C 235 -46.57 -3.14 -7.71
N GLU C 236 -47.28 -2.36 -6.90
CA GLU C 236 -48.75 -2.41 -6.76
C GLU C 236 -49.49 -1.99 -8.03
N GLU C 237 -48.98 -1.04 -8.81
CA GLU C 237 -49.61 -0.64 -10.07
C GLU C 237 -49.37 -1.62 -11.21
N MET C 238 -48.26 -2.35 -11.23
CA MET C 238 -48.02 -3.39 -12.23
C MET C 238 -48.79 -4.69 -11.93
N VAL C 239 -49.23 -4.89 -10.68
CA VAL C 239 -50.35 -5.81 -10.36
C VAL C 239 -51.63 -5.40 -11.08
N GLU C 240 -52.06 -4.14 -11.00
CA GLU C 240 -53.32 -3.71 -11.62
C GLU C 240 -53.23 -3.57 -13.14
N TYR C 241 -52.05 -3.30 -13.70
CA TYR C 241 -51.86 -3.22 -15.14
C TYR C 241 -51.95 -4.58 -15.79
N SER C 242 -51.32 -5.61 -15.22
CA SER C 242 -51.41 -6.97 -15.70
C SER C 242 -52.82 -7.55 -15.67
N LYS C 243 -53.62 -7.27 -14.62
CA LYS C 243 -55.04 -7.68 -14.57
C LYS C 243 -55.75 -7.21 -15.82
N ASN C 244 -55.64 -5.92 -16.11
CA ASN C 244 -56.39 -5.30 -17.20
C ASN C 244 -55.82 -5.67 -18.56
N ASN C 245 -54.52 -5.77 -18.70
CA ASN C 245 -53.88 -6.28 -19.90
C ASN C 245 -54.44 -7.66 -20.26
N ILE C 246 -54.54 -8.58 -19.30
CA ILE C 246 -55.11 -9.92 -19.50
C ILE C 246 -56.61 -9.86 -19.72
N LEU C 247 -57.35 -9.04 -18.99
CA LEU C 247 -58.77 -8.85 -19.23
C LEU C 247 -59.08 -8.27 -20.61
N ALA C 248 -58.28 -7.37 -21.14
CA ALA C 248 -58.49 -6.84 -22.47
C ALA C 248 -58.29 -7.95 -23.48
N GLN C 249 -57.25 -8.77 -23.38
CA GLN C 249 -57.04 -9.92 -24.26
C GLN C 249 -58.18 -10.95 -24.17
N ALA C 250 -58.60 -11.30 -22.96
CA ALA C 250 -59.76 -12.13 -22.71
C ALA C 250 -61.04 -11.56 -23.31
N GLY C 251 -61.37 -10.29 -23.02
CA GLY C 251 -62.49 -9.57 -23.62
C GLY C 251 -62.45 -9.41 -25.14
N GLN C 252 -61.29 -9.19 -25.76
CA GLN C 252 -61.14 -9.18 -27.22
C GLN C 252 -61.48 -10.53 -27.81
N SER C 253 -60.98 -11.60 -27.19
CA SER C 253 -61.26 -12.98 -27.57
C SER C 253 -62.71 -13.33 -27.40
N MET C 254 -63.35 -12.79 -26.38
CA MET C 254 -64.78 -12.95 -26.13
C MET C 254 -65.65 -12.17 -27.07
N LEU C 255 -65.21 -11.00 -27.49
CA LEU C 255 -65.84 -10.24 -28.55
C LEU C 255 -65.67 -10.91 -29.91
N ALA C 256 -64.48 -11.36 -30.30
CA ALA C 256 -64.28 -12.13 -31.52
C ALA C 256 -65.20 -13.35 -31.60
N GLN C 257 -65.32 -14.13 -30.51
CA GLN C 257 -66.21 -15.27 -30.47
C GLN C 257 -67.68 -14.86 -30.51
N ALA C 258 -68.09 -13.84 -29.77
CA ALA C 258 -69.46 -13.32 -29.81
C ALA C 258 -69.84 -12.72 -31.17
N ASN C 259 -68.90 -12.18 -31.94
CA ASN C 259 -69.15 -11.81 -33.33
C ASN C 259 -69.40 -13.00 -34.25
N GLN C 260 -68.84 -14.18 -33.97
CA GLN C 260 -69.21 -15.42 -34.65
C GLN C 260 -70.52 -16.07 -34.12
N SER C 261 -71.22 -15.46 -33.15
CA SER C 261 -72.44 -15.97 -32.53
C SER C 261 -73.55 -16.28 -33.53
N THR C 262 -73.92 -15.31 -34.35
CA THR C 262 -75.10 -15.43 -35.22
C THR C 262 -74.80 -16.08 -36.57
N GLN C 263 -73.61 -16.65 -36.74
CA GLN C 263 -73.26 -17.53 -37.86
C GLN C 263 -74.15 -18.77 -37.93
N GLY C 264 -74.78 -19.13 -36.81
CA GLY C 264 -75.78 -20.18 -36.73
C GLY C 264 -77.03 -19.93 -37.56
N VAL C 265 -77.29 -18.68 -37.97
CA VAL C 265 -78.44 -18.34 -38.80
C VAL C 265 -78.30 -18.95 -40.19
N LEU C 266 -77.09 -19.12 -40.70
CA LEU C 266 -76.93 -19.43 -42.12
C LEU C 266 -77.37 -20.84 -42.50
N SER C 267 -77.38 -21.80 -41.58
CA SER C 267 -77.88 -23.16 -41.84
C SER C 267 -79.39 -23.29 -41.71
N LEU C 268 -80.05 -22.31 -41.07
CA LEU C 268 -81.39 -22.37 -40.52
C LEU C 268 -82.49 -22.12 -41.56
N LEU C 269 -82.85 -23.14 -42.35
CA LEU C 269 -83.87 -23.07 -43.41
C LEU C 269 -83.58 -21.92 -44.42
N GLN C 270 -82.31 -21.74 -44.77
CA GLN C 270 -81.82 -20.72 -45.71
C GLN C 270 -81.00 -21.39 -46.82
N MET D 1 -61.29 -0.20 -28.72
CA MET D 1 -60.03 0.55 -28.98
C MET D 1 -59.97 1.04 -30.42
N VAL D 2 -59.53 2.28 -30.61
CA VAL D 2 -59.22 2.80 -31.94
C VAL D 2 -57.85 2.31 -32.41
N VAL D 3 -57.78 1.91 -33.67
CA VAL D 3 -56.55 1.52 -34.36
C VAL D 3 -55.75 2.73 -34.81
N GLN D 4 -56.42 3.83 -35.14
CA GLN D 4 -55.87 4.98 -35.85
C GLN D 4 -55.05 5.95 -34.98
N HIS D 5 -55.24 6.00 -33.67
CA HIS D 5 -54.45 6.83 -32.74
C HIS D 5 -54.26 6.12 -31.42
N ASN D 6 -53.06 5.60 -31.19
CA ASN D 6 -52.72 4.91 -29.96
C ASN D 6 -52.45 5.92 -28.83
N LEU D 7 -53.49 6.41 -28.18
CA LEU D 7 -53.38 7.48 -27.17
C LEU D 7 -52.59 7.05 -25.93
N THR D 8 -52.61 5.76 -25.60
CA THR D 8 -51.80 5.24 -24.50
C THR D 8 -50.32 5.38 -24.81
N ALA D 9 -49.93 5.21 -26.06
CA ALA D 9 -48.56 5.35 -26.50
C ALA D 9 -48.15 6.80 -26.61
N MET D 10 -49.02 7.70 -27.08
CA MET D 10 -48.76 9.15 -27.08
C MET D 10 -48.60 9.73 -25.67
N ASN D 11 -49.35 9.28 -24.67
CA ASN D 11 -49.08 9.66 -23.27
C ASN D 11 -47.74 9.14 -22.78
N ALA D 12 -47.41 7.87 -23.08
CA ALA D 12 -46.17 7.26 -22.68
C ALA D 12 -44.98 7.94 -23.32
N ASN D 13 -45.05 8.25 -24.60
CA ASN D 13 -44.13 9.13 -25.29
C ASN D 13 -44.01 10.50 -24.63
N ARG D 14 -45.10 11.21 -24.39
CA ARG D 14 -45.05 12.56 -23.83
C ARG D 14 -44.53 12.58 -22.40
N GLN D 15 -44.73 11.53 -21.63
CA GLN D 15 -44.08 11.32 -20.33
C GLN D 15 -42.63 10.83 -20.42
N LEU D 16 -42.25 10.11 -21.46
CA LEU D 16 -40.87 9.76 -21.69
C LEU D 16 -40.04 11.00 -21.99
N GLY D 17 -40.52 11.88 -22.84
CA GLY D 17 -39.91 13.19 -23.07
C GLY D 17 -39.66 13.99 -21.79
N ILE D 18 -40.66 14.17 -20.93
CA ILE D 18 -40.51 14.93 -19.67
C ILE D 18 -39.45 14.33 -18.74
N THR D 19 -39.28 13.01 -18.79
CA THR D 19 -38.35 12.23 -18.01
C THR D 19 -36.93 12.38 -18.50
N THR D 20 -36.69 12.29 -19.81
CA THR D 20 -35.34 12.46 -20.37
C THR D 20 -34.96 13.93 -20.57
N GLY D 21 -35.90 14.85 -20.49
CA GLY D 21 -35.59 16.25 -20.22
C GLY D 21 -35.01 16.43 -18.84
N ALA D 22 -35.67 15.97 -17.78
CA ALA D 22 -35.10 16.01 -16.44
C ALA D 22 -33.76 15.28 -16.36
N GLN D 23 -33.61 14.12 -17.01
CA GLN D 23 -32.37 13.36 -17.01
C GLN D 23 -31.19 14.13 -17.62
N ALA D 24 -31.37 14.88 -18.70
CA ALA D 24 -30.33 15.73 -19.28
C ALA D 24 -29.98 16.93 -18.39
N LYS D 25 -30.94 17.50 -17.67
CA LYS D 25 -30.69 18.57 -16.69
C LYS D 25 -29.88 18.09 -15.51
N SER D 26 -30.00 16.82 -15.11
CA SER D 26 -29.11 16.19 -14.12
C SER D 26 -27.73 15.90 -14.67
N SER D 27 -27.65 15.19 -15.80
CA SER D 27 -26.38 14.73 -16.38
C SER D 27 -25.41 15.89 -16.65
N GLU D 28 -25.96 17.05 -17.01
CA GLU D 28 -25.27 18.31 -17.21
C GLU D 28 -24.58 18.80 -15.95
N LYS D 29 -25.22 18.70 -14.78
CA LYS D 29 -24.73 19.17 -13.48
C LYS D 29 -23.66 18.27 -12.91
N LEU D 30 -23.76 16.97 -13.17
CA LEU D 30 -22.77 16.00 -12.73
C LEU D 30 -21.51 16.13 -13.55
N SER D 31 -21.64 16.13 -14.88
CA SER D 31 -20.53 16.24 -15.79
C SER D 31 -19.76 17.56 -15.66
N SER D 32 -20.44 18.69 -15.46
CA SER D 32 -19.79 19.99 -15.28
C SER D 32 -19.32 20.28 -13.86
N GLY D 33 -20.00 19.73 -12.86
CA GLY D 33 -19.74 19.99 -11.45
C GLY D 33 -20.40 21.26 -10.94
N TYR D 34 -21.15 22.01 -11.75
CA TYR D 34 -21.95 23.16 -11.30
C TYR D 34 -23.44 22.89 -11.33
N LYS D 35 -24.13 23.28 -10.25
CA LYS D 35 -25.57 23.16 -10.05
C LYS D 35 -26.32 24.08 -10.99
N ILE D 36 -25.94 25.35 -11.01
CA ILE D 36 -26.39 26.40 -11.90
C ILE D 36 -25.44 26.48 -13.09
N ASN D 37 -25.75 25.77 -14.16
CA ASN D 37 -24.98 25.85 -15.41
C ASN D 37 -25.45 27.01 -16.28
N ARG D 38 -26.70 27.44 -16.09
CA ARG D 38 -27.37 28.42 -16.92
C ARG D 38 -28.41 29.18 -16.12
N ALA D 39 -28.77 30.39 -16.52
CA ALA D 39 -29.62 31.27 -15.74
C ALA D 39 -31.03 30.72 -15.45
N ALA D 40 -31.52 29.78 -16.27
CA ALA D 40 -32.75 29.03 -16.05
C ALA D 40 -32.74 28.14 -14.78
N ASP D 41 -31.62 27.99 -14.08
CA ASP D 41 -31.51 27.17 -12.88
C ASP D 41 -31.74 27.94 -11.56
N ASP D 42 -31.32 29.20 -11.52
CA ASP D 42 -31.53 30.16 -10.44
C ASP D 42 -31.06 31.51 -10.93
N ALA D 43 -31.95 32.43 -11.29
CA ALA D 43 -31.51 33.76 -11.70
C ALA D 43 -30.86 34.51 -10.53
N ALA D 44 -31.47 34.44 -9.34
CA ALA D 44 -30.87 34.98 -8.12
C ALA D 44 -29.52 34.34 -7.80
N GLY D 45 -29.40 33.04 -7.98
CA GLY D 45 -28.18 32.27 -7.70
C GLY D 45 -27.08 32.45 -8.73
N LEU D 46 -27.40 32.63 -10.01
CA LEU D 46 -26.43 33.06 -11.00
C LEU D 46 -25.92 34.46 -10.69
N THR D 47 -26.82 35.41 -10.49
CA THR D 47 -26.48 36.78 -10.12
C THR D 47 -25.63 36.84 -8.87
N ILE D 48 -26.02 36.21 -7.76
CA ILE D 48 -25.23 36.24 -6.53
C ILE D 48 -23.89 35.54 -6.76
N SER D 49 -23.84 34.39 -7.43
CA SER D 49 -22.58 33.70 -7.70
C SER D 49 -21.62 34.51 -8.54
N GLU D 50 -22.07 35.32 -9.51
CA GLU D 50 -21.15 36.19 -10.23
C GLU D 50 -20.61 37.29 -9.33
N LYS D 51 -21.43 37.89 -8.45
CA LYS D 51 -20.91 38.87 -7.48
C LYS D 51 -19.95 38.24 -6.48
N MET D 52 -20.14 36.99 -6.12
CA MET D 52 -19.19 36.28 -5.28
C MET D 52 -17.95 35.82 -6.03
N ARG D 53 -18.02 35.30 -7.25
CA ARG D 53 -16.85 35.05 -8.09
C ARG D 53 -16.05 36.33 -8.26
N SER D 54 -16.69 37.44 -8.54
CA SER D 54 -16.08 38.76 -8.65
C SER D 54 -15.41 39.18 -7.34
N GLN D 55 -16.05 38.97 -6.19
CA GLN D 55 -15.44 39.22 -4.89
C GLN D 55 -14.28 38.28 -4.60
N VAL D 56 -14.37 36.98 -4.84
CA VAL D 56 -13.26 36.05 -4.59
C VAL D 56 -12.07 36.38 -5.48
N ARG D 57 -12.26 36.46 -6.80
CA ARG D 57 -11.19 36.83 -7.73
C ARG D 57 -10.59 38.19 -7.41
N GLY D 58 -11.39 39.18 -7.03
CA GLY D 58 -10.91 40.49 -6.60
C GLY D 58 -10.16 40.44 -5.28
N LEU D 59 -10.66 39.77 -4.26
CA LEU D 59 -9.96 39.56 -2.99
C LEU D 59 -8.67 38.77 -3.14
N ASN D 60 -8.58 37.82 -4.05
CA ASN D 60 -7.32 37.14 -4.34
C ASN D 60 -6.30 38.09 -4.94
N LYS D 61 -6.65 38.91 -5.92
CA LYS D 61 -5.72 39.96 -6.40
C LYS D 61 -5.40 40.99 -5.33
N ALA D 62 -6.35 41.44 -4.54
CA ALA D 62 -6.09 42.31 -3.40
C ALA D 62 -5.12 41.70 -2.40
N SER D 63 -5.26 40.42 -2.10
CA SER D 63 -4.36 39.70 -1.20
C SER D 63 -2.98 39.63 -1.78
N ASP D 64 -2.90 39.33 -3.07
CA ASP D 64 -1.66 39.21 -3.81
C ASP D 64 -1.01 40.58 -3.99
N ASN D 65 -1.78 41.68 -4.00
CA ASN D 65 -1.29 43.07 -4.01
C ASN D 65 -0.85 43.58 -2.65
N ALA D 66 -1.49 43.17 -1.57
CA ALA D 66 -1.07 43.45 -0.22
C ALA D 66 0.23 42.70 0.12
N GLN D 67 0.41 41.46 -0.33
CA GLN D 67 1.66 40.75 -0.23
C GLN D 67 2.72 41.46 -1.06
N ASP D 68 2.45 41.73 -2.31
CA ASP D 68 3.32 42.50 -3.19
C ASP D 68 3.61 43.94 -2.72
N GLY D 69 2.80 44.49 -1.81
CA GLY D 69 3.11 45.69 -1.04
C GLY D 69 3.99 45.43 0.18
N VAL D 70 3.84 44.32 0.90
CA VAL D 70 4.78 43.91 1.95
C VAL D 70 6.16 43.67 1.36
N SER D 71 6.24 43.03 0.21
CA SER D 71 7.51 42.79 -0.44
C SER D 71 8.21 44.07 -0.85
N LEU D 72 7.48 45.13 -1.20
CA LEU D 72 8.08 46.44 -1.36
C LEU D 72 8.63 46.97 -0.05
N ILE D 73 7.81 47.02 0.98
CA ILE D 73 8.15 47.61 2.27
C ILE D 73 9.36 46.96 2.87
N GLN D 74 9.53 45.64 2.74
CA GLN D 74 10.74 44.95 3.15
C GLN D 74 11.98 45.39 2.39
N VAL D 75 11.93 45.62 1.08
CA VAL D 75 13.07 46.18 0.35
C VAL D 75 13.40 47.59 0.86
N ALA D 76 12.42 48.46 1.03
CA ALA D 76 12.66 49.81 1.51
C ALA D 76 13.24 49.81 2.92
N GLU D 77 12.54 49.24 3.90
CA GLU D 77 12.99 49.33 5.29
C GLU D 77 14.23 48.49 5.55
N GLY D 78 14.41 47.38 4.83
CA GLY D 78 15.66 46.64 4.78
C GLY D 78 16.83 47.41 4.18
N ALA D 79 16.63 48.43 3.33
CA ALA D 79 17.67 49.35 2.88
C ALA D 79 18.04 50.39 3.93
N LEU D 80 17.09 50.79 4.75
CA LEU D 80 17.31 51.74 5.85
C LEU D 80 18.06 51.15 7.01
N SER D 81 18.23 49.83 7.03
CA SER D 81 19.07 49.12 7.98
C SER D 81 20.55 49.39 7.72
N GLU D 82 20.99 49.42 6.47
CA GLU D 82 22.31 49.93 6.15
C GLU D 82 22.40 51.44 6.32
N THR D 83 21.35 52.24 6.12
CA THR D 83 21.42 53.64 6.57
C THR D 83 21.58 53.75 8.09
N HIS D 84 20.91 52.99 8.94
CA HIS D 84 21.29 52.99 10.36
C HIS D 84 22.73 52.57 10.59
N SER D 85 23.20 51.50 9.99
CA SER D 85 24.55 51.00 10.25
C SER D 85 25.64 51.92 9.69
N ILE D 86 25.37 52.70 8.64
CA ILE D 86 26.24 53.80 8.23
C ILE D 86 26.13 54.99 9.20
N LEU D 87 24.95 55.34 9.69
CA LEU D 87 24.79 56.45 10.62
C LEU D 87 25.34 56.19 12.01
N GLN D 88 25.31 54.95 12.47
CA GLN D 88 25.93 54.57 13.72
C GLN D 88 27.46 54.69 13.62
N ARG D 89 28.03 54.33 12.47
CA ARG D 89 29.44 54.55 12.13
C ARG D 89 29.78 56.03 11.99
N MET D 90 28.91 56.87 11.42
CA MET D 90 29.16 58.31 11.35
C MET D 90 29.06 58.99 12.72
N ASN D 91 28.16 58.59 13.60
CA ASN D 91 28.09 59.10 14.97
C ASN D 91 29.35 58.72 15.77
N GLU D 92 29.82 57.48 15.64
CA GLU D 92 31.01 56.96 16.29
C GLU D 92 32.27 57.67 15.80
N LEU D 93 32.43 57.81 14.49
CA LEU D 93 33.53 58.57 13.88
C LEU D 93 33.49 60.04 14.24
N ALA D 94 32.33 60.68 14.29
CA ALA D 94 32.25 62.06 14.73
C ALA D 94 32.61 62.19 16.21
N THR D 95 32.12 61.32 17.08
CA THR D 95 32.44 61.29 18.52
C THR D 95 33.93 61.09 18.77
N GLN D 96 34.62 60.38 17.88
CA GLN D 96 36.06 60.22 17.91
C GLN D 96 36.77 61.49 17.43
N ALA D 97 36.37 62.06 16.30
CA ALA D 97 37.02 63.23 15.72
C ALA D 97 36.84 64.53 16.54
N ALA D 98 35.85 64.56 17.42
CA ALA D 98 35.61 65.66 18.32
C ALA D 98 36.67 65.81 19.42
N ASN D 99 37.60 64.89 19.63
CA ASN D 99 38.37 64.89 20.87
C ASN D 99 39.36 66.05 21.06
N ASP D 100 39.91 66.67 20.02
CA ASP D 100 40.96 67.70 20.14
C ASP D 100 42.26 67.22 20.84
N THR D 101 42.51 65.92 20.89
CA THR D 101 43.89 65.38 20.95
C THR D 101 44.41 65.02 19.56
N ASN D 102 43.51 64.73 18.62
CA ASN D 102 43.81 64.00 17.39
C ASN D 102 44.15 64.91 16.21
N THR D 103 45.14 65.76 16.44
CA THR D 103 45.93 66.48 15.44
C THR D 103 45.08 67.12 14.31
N THR D 104 45.53 67.08 13.05
CA THR D 104 44.71 67.44 11.87
C THR D 104 44.80 66.36 10.80
N SER D 105 45.97 65.82 10.51
CA SER D 105 46.13 64.65 9.63
C SER D 105 45.28 63.47 10.12
N ASP D 106 45.21 63.25 11.44
CA ASP D 106 44.37 62.26 12.09
C ASP D 106 42.87 62.66 12.14
N ARG D 107 42.50 63.76 11.47
CA ARG D 107 41.14 64.30 11.40
C ARG D 107 40.59 64.46 10.00
N THR D 108 41.43 64.81 9.02
CA THR D 108 41.11 64.54 7.61
C THR D 108 41.02 63.04 7.38
N ALA D 109 41.78 62.21 8.08
CA ALA D 109 41.64 60.76 7.96
C ALA D 109 40.29 60.25 8.47
N VAL D 110 39.66 60.89 9.45
CA VAL D 110 38.25 60.63 9.75
C VAL D 110 37.37 61.17 8.64
N GLN D 111 37.60 62.40 8.19
CA GLN D 111 36.83 62.99 7.13
C GLN D 111 36.83 62.14 5.84
N GLN D 112 37.91 61.43 5.48
CA GLN D 112 37.90 60.48 4.36
C GLN D 112 36.77 59.45 4.50
N GLU D 113 36.53 58.89 5.68
CA GLU D 113 35.43 57.96 5.90
C GLU D 113 34.11 58.67 6.07
N ILE D 114 34.02 59.83 6.72
CA ILE D 114 32.75 60.55 6.83
C ILE D 114 32.25 61.09 5.50
N ASN D 115 33.12 61.36 4.52
CA ASN D 115 32.68 61.63 3.16
C ASN D 115 32.33 60.34 2.42
N GLN D 116 33.16 59.29 2.44
CA GLN D 116 32.83 58.05 1.74
C GLN D 116 31.51 57.45 2.25
N LEU D 117 31.18 57.56 3.55
CA LEU D 117 29.90 57.14 4.11
C LEU D 117 28.74 58.06 3.78
N ALA D 118 28.92 59.37 3.69
CA ALA D 118 27.87 60.26 3.22
C ALA D 118 27.55 60.04 1.73
N SER D 119 28.55 59.87 0.87
CA SER D 119 28.32 59.38 -0.49
C SER D 119 27.58 58.04 -0.49
N GLU D 120 27.82 57.16 0.48
CA GLU D 120 27.21 55.83 0.52
C GLU D 120 25.75 55.86 0.89
N ILE D 121 25.34 56.69 1.86
CA ILE D 121 23.93 56.92 2.19
C ILE D 121 23.13 57.45 0.98
N THR D 122 23.70 58.33 0.18
CA THR D 122 23.07 58.73 -1.09
C THR D 122 23.13 57.64 -2.16
N ARG D 123 24.15 56.78 -2.21
CA ARG D 123 24.11 55.61 -3.07
C ARG D 123 22.97 54.68 -2.69
N ILE D 124 22.71 54.39 -1.42
CA ILE D 124 21.52 53.62 -1.03
C ILE D 124 20.28 54.31 -1.52
N ALA D 125 20.19 55.63 -1.37
CA ALA D 125 18.97 56.36 -1.64
C ALA D 125 18.57 56.36 -3.11
N SER D 126 19.48 56.63 -4.04
CA SER D 126 19.16 56.50 -5.47
C SER D 126 19.18 55.05 -5.96
N THR D 127 19.98 54.16 -5.39
CA THR D 127 20.14 52.81 -5.96
C THR D 127 19.06 51.80 -5.57
N THR D 128 18.47 51.87 -4.37
CA THR D 128 17.43 50.91 -4.00
C THR D 128 16.18 51.08 -4.85
N GLN D 129 15.65 49.99 -5.38
CA GLN D 129 14.47 49.98 -6.23
C GLN D 129 13.60 48.77 -5.94
N PHE D 130 12.34 48.83 -6.30
CA PHE D 130 11.46 47.67 -6.42
C PHE D 130 10.83 47.74 -7.79
N ASN D 131 10.92 46.70 -8.61
CA ASN D 131 10.26 46.68 -9.92
C ASN D 131 10.75 47.86 -10.82
N THR D 132 11.95 48.39 -10.57
CA THR D 132 12.56 49.59 -11.19
C THR D 132 11.98 50.97 -10.86
N MET D 133 11.34 51.14 -9.70
CA MET D 133 11.03 52.45 -9.11
C MET D 133 11.94 52.70 -7.90
N ASN D 134 12.55 53.86 -7.73
CA ASN D 134 13.25 54.23 -6.50
C ASN D 134 12.28 54.24 -5.31
N LEU D 135 12.71 53.71 -4.18
CA LEU D 135 11.89 53.66 -2.97
C LEU D 135 12.17 54.78 -1.96
N ILE D 136 13.41 55.22 -1.80
CA ILE D 136 13.80 56.07 -0.66
C ILE D 136 14.50 57.38 -1.08
N ASP D 137 14.38 57.82 -2.32
CA ASP D 137 14.77 59.17 -2.72
C ASP D 137 13.71 60.23 -2.35
N GLY D 138 12.54 59.80 -1.90
CA GLY D 138 11.42 60.68 -1.59
C GLY D 138 10.42 60.85 -2.72
N ASN D 139 10.64 60.26 -3.90
CA ASN D 139 9.64 60.24 -4.97
C ASN D 139 8.57 59.15 -4.80
N PHE D 140 8.68 58.30 -3.80
CA PHE D 140 7.68 57.30 -3.43
C PHE D 140 6.65 57.91 -2.45
N THR D 141 5.91 58.93 -2.89
CA THR D 141 4.81 59.53 -2.14
C THR D 141 3.51 59.35 -2.89
N SER D 142 2.40 59.28 -2.17
CA SER D 142 1.04 59.08 -2.69
C SER D 142 0.85 57.78 -3.46
N LYS D 143 1.73 56.78 -3.29
CA LYS D 143 1.72 55.54 -4.07
C LYS D 143 0.74 54.57 -3.42
N LYS D 144 -0.51 54.56 -3.85
CA LYS D 144 -1.56 53.70 -3.29
C LYS D 144 -1.34 52.21 -3.61
N LEU D 145 -1.40 51.34 -2.62
CA LEU D 145 -1.80 49.95 -2.82
C LEU D 145 -3.31 49.87 -3.03
N GLN D 146 -3.82 48.87 -3.73
CA GLN D 146 -5.25 48.54 -3.82
C GLN D 146 -5.51 47.24 -3.07
N VAL D 147 -6.16 47.31 -1.91
CA VAL D 147 -6.26 46.19 -0.97
C VAL D 147 -7.68 45.73 -0.73
N GLY D 148 -8.49 45.69 -1.78
CA GLY D 148 -9.78 45.01 -1.73
C GLY D 148 -10.45 44.94 -3.08
N SER D 149 -11.69 44.48 -3.13
CA SER D 149 -12.41 44.13 -4.35
C SER D 149 -13.04 45.28 -5.14
N LEU D 150 -13.05 46.52 -4.65
CA LEU D 150 -13.86 47.62 -5.21
C LEU D 150 -13.02 48.84 -5.61
N CYS D 151 -13.53 49.67 -6.52
CA CYS D 151 -12.91 50.93 -6.93
C CYS D 151 -12.37 51.72 -5.72
N GLY D 152 -11.05 51.84 -5.62
CA GLY D 152 -10.40 52.64 -4.59
C GLY D 152 -10.61 52.17 -3.16
N GLN D 153 -9.97 51.06 -2.76
CA GLN D 153 -9.80 50.64 -1.36
C GLN D 153 -8.32 50.65 -0.97
N ALA D 154 -7.77 51.84 -0.82
CA ALA D 154 -6.34 52.05 -0.77
C ALA D 154 -5.68 51.79 0.58
N ILE D 155 -4.36 51.63 0.53
CA ILE D 155 -3.44 51.97 1.62
C ILE D 155 -2.36 52.82 0.98
N THR D 156 -1.91 53.90 1.59
CA THR D 156 -0.98 54.79 0.90
C THR D 156 0.43 54.56 1.40
N ILE D 157 1.37 54.29 0.49
CA ILE D 157 2.78 54.10 0.81
C ILE D 157 3.51 55.42 0.55
N ASP D 158 4.03 56.00 1.61
CA ASP D 158 4.75 57.28 1.59
C ASP D 158 6.08 57.12 2.30
N ILE D 159 7.17 57.50 1.66
CA ILE D 159 8.52 57.47 2.25
C ILE D 159 9.16 58.84 2.03
N SER D 160 9.77 59.44 3.05
CA SER D 160 10.53 60.67 2.88
C SER D 160 11.87 60.39 2.20
N ASP D 161 12.51 61.40 1.63
CA ASP D 161 13.87 61.31 1.12
C ASP D 161 14.84 60.81 2.21
N MET D 162 15.60 59.76 1.93
CA MET D 162 16.63 59.17 2.81
C MET D 162 18.06 59.37 2.28
N SER D 163 18.26 60.25 1.30
CA SER D 163 19.58 60.68 0.83
C SER D 163 20.37 61.38 1.94
N ALA D 164 21.68 61.54 1.80
CA ALA D 164 22.44 62.30 2.78
C ALA D 164 21.95 63.75 2.95
N THR D 165 21.34 64.35 1.93
CA THR D 165 20.67 65.65 2.01
C THR D 165 19.29 65.59 2.65
N GLY D 166 18.56 64.48 2.52
CA GLY D 166 17.26 64.29 3.17
C GLY D 166 17.37 64.14 4.69
N LEU D 167 18.54 63.74 5.18
CA LEU D 167 18.83 63.50 6.59
C LEU D 167 19.75 64.55 7.23
N GLY D 168 20.38 65.42 6.43
CA GLY D 168 21.31 66.44 6.91
C GLY D 168 22.75 65.96 7.10
N VAL D 169 23.05 64.71 6.76
CA VAL D 169 24.40 64.12 6.80
C VAL D 169 25.21 64.33 5.53
N SER D 170 24.77 65.19 4.60
CA SER D 170 25.65 65.80 3.61
C SER D 170 26.58 66.77 4.31
N GLY D 171 27.88 66.74 4.03
CA GLY D 171 28.79 67.73 4.58
C GLY D 171 28.84 67.77 6.10
N LEU D 172 28.93 66.62 6.75
CA LEU D 172 29.35 66.53 8.14
C LEU D 172 30.83 66.89 8.23
N VAL D 173 31.18 68.04 8.78
CA VAL D 173 32.58 68.52 8.86
C VAL D 173 33.10 68.18 10.24
N VAL D 174 34.23 67.47 10.37
CA VAL D 174 34.74 67.04 11.68
C VAL D 174 36.12 67.58 12.03
N SER D 175 36.52 68.70 11.45
CA SER D 175 37.86 69.27 11.56
C SER D 175 38.17 69.98 12.88
N SER D 176 37.22 70.07 13.81
CA SER D 176 37.36 70.68 15.14
C SER D 176 36.32 70.14 16.12
N PHE D 177 36.43 70.43 17.42
CA PHE D 177 35.41 70.05 18.39
C PHE D 177 34.04 70.66 18.06
N SER D 178 33.99 71.97 17.77
CA SER D 178 32.80 72.69 17.30
C SER D 178 32.09 71.94 16.15
N ALA D 179 32.80 71.62 15.08
CA ALA D 179 32.18 71.01 13.90
C ALA D 179 31.90 69.50 14.09
N ALA D 180 32.74 68.77 14.81
CA ALA D 180 32.50 67.37 15.11
C ALA D 180 31.40 67.14 16.14
N GLY D 181 31.17 68.05 17.07
CA GLY D 181 29.93 68.09 17.86
C GLY D 181 28.69 68.40 17.00
N LYS D 182 28.83 69.25 15.99
CA LYS D 182 27.75 69.46 15.02
C LYS D 182 27.50 68.21 14.17
N ALA D 183 28.52 67.44 13.82
CA ALA D 183 28.37 66.16 13.15
C ALA D 183 27.76 65.06 14.03
N MET D 184 28.11 64.97 15.32
CA MET D 184 27.44 64.09 16.27
C MET D 184 25.96 64.42 16.35
N SER D 185 25.60 65.69 16.52
CA SER D 185 24.21 66.14 16.61
C SER D 185 23.42 65.87 15.34
N ALA D 186 24.01 66.18 14.17
CA ALA D 186 23.41 65.84 12.89
C ALA D 186 23.20 64.34 12.70
N ALA D 187 24.20 63.49 12.97
CA ALA D 187 24.08 62.05 12.77
C ALA D 187 23.13 61.38 13.74
N GLN D 188 23.03 61.83 14.99
CA GLN D 188 21.99 61.37 15.91
C GLN D 188 20.58 61.80 15.50
N ASP D 189 20.38 63.01 15.00
CA ASP D 189 19.11 63.39 14.35
C ASP D 189 18.82 62.49 13.15
N ALA D 190 19.77 62.22 12.27
CA ALA D 190 19.60 61.28 11.17
C ALA D 190 19.25 59.86 11.63
N ILE D 191 19.80 59.37 12.75
CA ILE D 191 19.38 58.09 13.33
C ILE D 191 17.92 58.21 13.77
N SER D 192 17.49 59.34 14.31
CA SER D 192 16.11 59.61 14.69
C SER D 192 15.17 59.74 13.46
N TYR D 193 15.59 60.32 12.34
CA TYR D 193 14.79 60.34 11.11
C TYR D 193 14.69 58.98 10.46
N VAL D 194 15.75 58.19 10.48
CA VAL D 194 15.69 56.84 9.96
C VAL D 194 14.88 55.96 10.91
N SER D 195 14.92 56.18 12.22
CA SER D 195 14.05 55.50 13.17
C SER D 195 12.58 55.85 12.98
N SER D 196 12.21 57.11 12.73
CA SER D 196 10.81 57.46 12.52
C SER D 196 10.33 56.97 11.16
N MET D 197 11.15 56.99 10.13
CA MET D 197 10.77 56.40 8.84
C MET D 197 10.68 54.88 8.85
N ARG D 198 11.65 54.17 9.44
CA ARG D 198 11.53 52.73 9.69
C ARG D 198 10.40 52.39 10.65
N SER D 199 9.98 53.30 11.53
CA SER D 199 8.80 53.06 12.35
C SER D 199 7.51 53.18 11.56
N LYS D 200 7.39 54.08 10.58
CA LYS D 200 6.22 54.13 9.71
C LYS D 200 6.15 52.93 8.78
N LEU D 201 7.25 52.56 8.14
CA LEU D 201 7.29 51.35 7.32
C LEU D 201 7.10 50.06 8.12
N GLY D 202 7.50 50.02 9.39
CA GLY D 202 7.22 48.89 10.26
C GLY D 202 5.74 48.78 10.62
N ALA D 203 5.15 49.88 11.06
CA ALA D 203 3.72 50.01 11.33
C ALA D 203 2.84 49.59 10.16
N LEU D 204 3.17 50.05 8.96
CA LEU D 204 2.49 49.73 7.71
C LEU D 204 2.54 48.24 7.39
N GLN D 205 3.63 47.55 7.63
CA GLN D 205 3.69 46.10 7.42
C GLN D 205 2.88 45.35 8.47
N ASN D 206 2.82 45.87 9.69
CA ASN D 206 1.88 45.38 10.68
C ASN D 206 0.42 45.66 10.30
N ARG D 207 0.07 46.57 9.38
CA ARG D 207 -1.28 46.57 8.78
C ARG D 207 -1.43 45.48 7.77
N LEU D 208 -0.50 45.35 6.85
CA LEU D 208 -0.68 44.42 5.75
C LEU D 208 -0.66 42.97 6.23
N GLU D 209 0.04 42.61 7.30
CA GLU D 209 -0.14 41.27 7.85
C GLU D 209 -1.59 41.05 8.26
N HIS D 210 -2.24 42.01 8.90
CA HIS D 210 -3.67 41.91 9.24
C HIS D 210 -4.56 41.98 8.01
N THR D 211 -4.30 42.85 7.03
CA THR D 211 -5.05 42.87 5.78
C THR D 211 -4.95 41.57 5.01
N ILE D 212 -3.77 40.99 4.84
CA ILE D 212 -3.63 39.69 4.19
C ILE D 212 -4.35 38.62 5.01
N SER D 213 -4.26 38.67 6.34
CA SER D 213 -4.97 37.73 7.21
C SER D 213 -6.47 37.84 7.00
N ASN D 214 -7.00 39.05 6.90
CA ASN D 214 -8.39 39.38 6.65
C ASN D 214 -8.85 38.95 5.26
N LEU D 215 -8.21 39.39 4.17
CA LEU D 215 -8.65 39.05 2.81
C LEU D 215 -8.62 37.55 2.56
N ASP D 216 -7.63 36.83 3.06
CA ASP D 216 -7.56 35.38 2.91
C ASP D 216 -8.57 34.62 3.76
N ASN D 217 -9.14 35.26 4.79
CA ASN D 217 -10.33 34.85 5.51
C ASN D 217 -11.61 35.17 4.76
N ILE D 218 -11.82 36.41 4.28
CA ILE D 218 -13.02 36.77 3.52
C ILE D 218 -13.09 35.99 2.22
N SER D 219 -11.97 35.81 1.52
CA SER D 219 -11.89 35.00 0.31
C SER D 219 -12.33 33.57 0.56
N GLU D 220 -11.90 32.95 1.66
CA GLU D 220 -12.26 31.59 2.07
C GLU D 220 -13.75 31.49 2.39
N ASN D 221 -14.28 32.40 3.19
CA ASN D 221 -15.69 32.41 3.50
C ASN D 221 -16.59 32.74 2.30
N THR D 222 -16.20 33.63 1.40
CA THR D 222 -16.97 33.87 0.18
C THR D 222 -16.74 32.85 -0.93
N SER D 223 -15.67 32.04 -0.90
CA SER D 223 -15.57 30.83 -1.71
C SER D 223 -16.55 29.78 -1.20
N SER D 224 -16.62 29.60 0.11
CA SER D 224 -17.58 28.74 0.78
C SER D 224 -19.02 29.18 0.50
N ALA D 225 -19.30 30.48 0.52
CA ALA D 225 -20.58 31.06 0.13
C ALA D 225 -20.97 30.78 -1.32
N GLU D 226 -20.04 30.93 -2.25
CA GLU D 226 -20.36 30.73 -3.65
C GLU D 226 -20.45 29.26 -4.01
N SER D 227 -19.64 28.41 -3.40
CA SER D 227 -19.78 26.95 -3.46
C SER D 227 -21.13 26.48 -2.93
N ARG D 228 -21.60 26.99 -1.82
CA ARG D 228 -22.88 26.57 -1.28
C ARG D 228 -24.01 26.92 -2.25
N ILE D 229 -23.89 27.97 -3.04
CA ILE D 229 -24.83 28.27 -4.13
C ILE D 229 -24.57 27.38 -5.33
N ARG D 230 -23.40 27.49 -5.95
CA ARG D 230 -23.21 27.05 -7.33
C ARG D 230 -22.63 25.67 -7.58
N ASP D 231 -21.81 25.09 -6.72
CA ASP D 231 -21.26 23.74 -6.97
C ASP D 231 -22.30 22.63 -6.86
N THR D 232 -22.24 21.65 -7.76
CA THR D 232 -23.05 20.44 -7.69
C THR D 232 -22.67 19.67 -6.46
N ASP D 233 -23.64 19.40 -5.59
CA ASP D 233 -23.50 18.39 -4.56
C ASP D 233 -23.56 17.03 -5.22
N MET D 234 -22.41 16.38 -5.43
CA MET D 234 -22.33 15.19 -6.28
C MET D 234 -23.10 14.02 -5.69
N ALA D 235 -23.28 13.99 -4.37
CA ALA D 235 -24.18 13.07 -3.68
C ALA D 235 -25.64 13.40 -3.98
N GLU D 236 -26.13 14.58 -3.61
CA GLU D 236 -27.55 14.93 -3.77
C GLU D 236 -28.03 14.91 -5.21
N GLU D 237 -27.18 15.29 -6.17
CA GLU D 237 -27.51 15.23 -7.59
C GLU D 237 -27.47 13.81 -8.15
N MET D 238 -26.67 12.89 -7.61
CA MET D 238 -26.67 11.50 -8.06
C MET D 238 -27.90 10.72 -7.59
N VAL D 239 -28.50 11.16 -6.49
CA VAL D 239 -29.87 10.76 -6.10
C VAL D 239 -30.87 11.12 -7.17
N GLU D 240 -30.88 12.37 -7.63
CA GLU D 240 -31.87 12.83 -8.62
C GLU D 240 -31.58 12.29 -10.02
N TYR D 241 -30.31 12.15 -10.38
CA TYR D 241 -29.88 11.54 -11.64
C TYR D 241 -30.41 10.13 -11.74
N SER D 242 -30.27 9.37 -10.66
CA SER D 242 -30.61 7.97 -10.68
C SER D 242 -32.10 7.69 -10.58
N LYS D 243 -32.93 8.61 -10.06
CA LYS D 243 -34.39 8.53 -10.21
C LYS D 243 -34.75 8.56 -11.67
N ASN D 244 -34.27 9.59 -12.38
CA ASN D 244 -34.58 9.83 -13.78
C ASN D 244 -34.05 8.71 -14.67
N ASN D 245 -32.90 8.14 -14.35
CA ASN D 245 -32.33 7.02 -15.07
C ASN D 245 -33.27 5.81 -15.03
N ILE D 246 -33.79 5.42 -13.86
CA ILE D 246 -34.77 4.34 -13.73
C ILE D 246 -36.12 4.72 -14.33
N LEU D 247 -36.63 5.93 -14.13
CA LEU D 247 -37.84 6.37 -14.82
C LEU D 247 -37.75 6.31 -16.35
N ALA D 248 -36.60 6.60 -16.97
CA ALA D 248 -36.48 6.51 -18.41
C ALA D 248 -36.66 5.09 -18.86
N GLN D 249 -36.02 4.14 -18.19
CA GLN D 249 -36.16 2.71 -18.48
C GLN D 249 -37.58 2.22 -18.22
N ALA D 250 -38.20 2.56 -17.09
CA ALA D 250 -39.61 2.29 -16.82
C ALA D 250 -40.56 2.93 -17.85
N GLY D 251 -40.35 4.17 -18.27
CA GLY D 251 -41.12 4.82 -19.34
C GLY D 251 -40.89 4.24 -20.74
N GLN D 252 -39.67 3.83 -21.10
CA GLN D 252 -39.38 3.10 -22.33
C GLN D 252 -40.01 1.72 -22.31
N SER D 253 -40.10 1.08 -21.16
CA SER D 253 -40.80 -0.21 -20.98
C SER D 253 -42.29 -0.05 -21.17
N MET D 254 -42.86 1.01 -20.60
CA MET D 254 -44.26 1.33 -20.71
C MET D 254 -44.67 1.80 -22.09
N LEU D 255 -43.78 2.49 -22.80
CA LEU D 255 -43.95 2.80 -24.21
C LEU D 255 -43.76 1.57 -25.12
N ALA D 256 -42.75 0.75 -24.91
CA ALA D 256 -42.60 -0.51 -25.64
C ALA D 256 -43.84 -1.40 -25.52
N GLN D 257 -44.49 -1.45 -24.35
CA GLN D 257 -45.75 -2.18 -24.16
C GLN D 257 -46.97 -1.44 -24.71
N ALA D 258 -46.98 -0.12 -24.68
CA ALA D 258 -48.04 0.67 -25.31
C ALA D 258 -48.11 0.45 -26.83
N ASN D 259 -46.99 0.32 -27.52
CA ASN D 259 -47.05 0.05 -28.96
C ASN D 259 -47.51 -1.38 -29.27
N GLN D 260 -47.32 -2.32 -28.35
CA GLN D 260 -47.91 -3.66 -28.43
C GLN D 260 -49.41 -3.68 -28.08
N SER D 261 -49.94 -2.69 -27.36
CA SER D 261 -51.28 -2.75 -26.76
C SER D 261 -52.39 -2.98 -27.78
N THR D 262 -52.37 -2.25 -28.89
CA THR D 262 -53.44 -2.32 -29.89
C THR D 262 -53.27 -3.45 -30.91
N GLN D 263 -52.32 -4.35 -30.71
CA GLN D 263 -52.24 -5.62 -31.45
C GLN D 263 -53.49 -6.46 -31.22
N GLY D 264 -54.18 -6.22 -30.10
CA GLY D 264 -55.45 -6.83 -29.78
C GLY D 264 -56.56 -6.53 -30.77
N VAL D 265 -56.41 -5.52 -31.62
CA VAL D 265 -57.37 -5.23 -32.72
C VAL D 265 -57.36 -6.34 -33.73
N LEU D 266 -56.26 -7.05 -33.91
CA LEU D 266 -56.07 -7.85 -35.12
C LEU D 266 -56.81 -9.18 -35.10
N SER D 267 -57.05 -9.76 -33.91
CA SER D 267 -57.86 -10.98 -33.74
C SER D 267 -59.37 -10.75 -33.89
N LEU D 268 -59.77 -9.49 -34.00
CA LEU D 268 -61.14 -9.03 -33.87
C LEU D 268 -61.87 -9.18 -35.19
N LEU D 269 -62.27 -10.42 -35.47
CA LEU D 269 -63.08 -10.90 -36.60
C LEU D 269 -62.48 -10.69 -38.00
N GLN D 270 -61.26 -10.15 -38.03
CA GLN D 270 -60.44 -9.95 -39.22
C GLN D 270 -59.64 -11.22 -39.55
N MET E 1 -35.81 8.90 -27.42
CA MET E 1 -34.65 9.77 -27.67
C MET E 1 -34.40 9.92 -29.16
N VAL E 2 -33.71 10.98 -29.54
CA VAL E 2 -32.91 10.97 -30.77
C VAL E 2 -31.78 9.95 -30.68
N VAL E 3 -31.80 8.98 -31.58
CA VAL E 3 -30.72 8.01 -31.72
C VAL E 3 -29.50 8.59 -32.44
N GLN E 4 -29.69 9.59 -33.30
CA GLN E 4 -28.63 10.17 -34.14
C GLN E 4 -27.68 11.13 -33.39
N HIS E 5 -28.05 11.67 -32.25
CA HIS E 5 -27.35 12.77 -31.59
C HIS E 5 -27.45 12.64 -30.09
N ASN E 6 -26.44 12.04 -29.50
CA ASN E 6 -26.35 11.86 -28.08
C ASN E 6 -25.82 13.16 -27.48
N LEU E 7 -26.68 14.13 -27.25
CA LEU E 7 -26.26 15.41 -26.69
C LEU E 7 -25.95 15.33 -25.20
N THR E 8 -26.52 14.37 -24.50
CA THR E 8 -26.13 14.02 -23.13
C THR E 8 -24.65 13.69 -23.09
N ALA E 9 -24.14 12.95 -24.07
CA ALA E 9 -22.73 12.64 -24.26
C ALA E 9 -21.93 13.77 -24.88
N MET E 10 -22.43 14.51 -25.86
CA MET E 10 -21.64 15.60 -26.48
C MET E 10 -21.32 16.71 -25.52
N ASN E 11 -22.27 17.12 -24.68
CA ASN E 11 -22.02 18.06 -23.61
C ASN E 11 -21.02 17.49 -22.59
N ALA E 12 -21.06 16.18 -22.35
CA ALA E 12 -20.17 15.54 -21.39
C ALA E 12 -18.75 15.41 -21.92
N ASN E 13 -18.55 15.06 -23.19
CA ASN E 13 -17.30 15.22 -23.91
C ASN E 13 -16.80 16.66 -23.80
N ARG E 14 -17.64 17.66 -24.07
CA ARG E 14 -17.21 19.06 -24.00
C ARG E 14 -16.79 19.50 -22.60
N GLN E 15 -17.55 19.19 -21.56
CA GLN E 15 -17.18 19.49 -20.17
C GLN E 15 -16.00 18.67 -19.65
N LEU E 16 -15.78 17.48 -20.18
CA LEU E 16 -14.57 16.72 -19.90
C LEU E 16 -13.35 17.40 -20.48
N GLY E 17 -13.43 17.94 -21.70
CA GLY E 17 -12.36 18.75 -22.26
C GLY E 17 -11.97 19.93 -21.38
N ILE E 18 -12.92 20.72 -20.89
CA ILE E 18 -12.63 21.85 -19.98
C ILE E 18 -11.89 21.38 -18.73
N THR E 19 -12.29 20.24 -18.19
CA THR E 19 -11.70 19.62 -17.02
C THR E 19 -10.28 19.10 -17.28
N THR E 20 -10.05 18.29 -18.32
CA THR E 20 -8.71 17.72 -18.61
C THR E 20 -7.75 18.74 -19.21
N GLY E 21 -8.26 19.80 -19.81
CA GLY E 21 -7.48 20.98 -20.12
C GLY E 21 -7.00 21.67 -18.86
N ALA E 22 -7.91 22.09 -17.96
CA ALA E 22 -7.54 22.72 -16.69
C ALA E 22 -6.55 21.88 -15.89
N GLN E 23 -6.72 20.56 -15.88
CA GLN E 23 -5.78 19.62 -15.28
C GLN E 23 -4.36 19.69 -15.87
N ALA E 24 -4.17 19.66 -17.19
CA ALA E 24 -2.87 19.88 -17.81
C ALA E 24 -2.27 21.28 -17.55
N LYS E 25 -3.06 22.34 -17.38
CA LYS E 25 -2.58 23.69 -17.02
C LYS E 25 -2.17 23.79 -15.55
N SER E 26 -2.74 22.96 -14.69
CA SER E 26 -2.27 22.74 -13.31
C SER E 26 -1.03 21.88 -13.23
N SER E 27 -1.03 20.72 -13.86
CA SER E 27 0.07 19.73 -13.84
C SER E 27 1.41 20.31 -14.32
N GLU E 28 1.37 21.25 -15.24
CA GLU E 28 2.50 22.03 -15.70
C GLU E 28 3.21 22.75 -14.55
N LYS E 29 2.47 23.31 -13.59
CA LYS E 29 3.02 24.09 -12.48
C LYS E 29 3.66 23.24 -11.42
N LEU E 30 3.14 22.05 -11.18
CA LEU E 30 3.73 21.08 -10.26
C LEU E 30 4.98 20.42 -10.86
N SER E 31 4.93 20.01 -12.12
CA SER E 31 6.10 19.49 -12.81
C SER E 31 7.21 20.55 -12.95
N SER E 32 6.90 21.80 -13.30
CA SER E 32 7.89 22.88 -13.45
C SER E 32 8.32 23.58 -12.18
N GLY E 33 7.46 23.62 -11.16
CA GLY E 33 7.68 24.37 -9.93
C GLY E 33 7.38 25.86 -10.05
N TYR E 34 6.88 26.35 -11.18
CA TYR E 34 6.54 27.76 -11.42
C TYR E 34 5.05 27.99 -11.74
N LYS E 35 4.52 29.10 -11.25
CA LYS E 35 3.12 29.53 -11.38
C LYS E 35 2.83 30.13 -12.76
N ILE E 36 3.66 31.08 -13.21
CA ILE E 36 3.69 31.64 -14.57
C ILE E 36 4.76 30.91 -15.38
N ASN E 37 4.40 29.91 -16.18
CA ASN E 37 5.32 29.27 -17.12
C ASN E 37 5.30 29.97 -18.48
N ARG E 38 4.13 30.50 -18.81
CA ARG E 38 3.79 31.09 -20.08
C ARG E 38 3.15 32.44 -19.81
N ALA E 39 3.42 33.43 -20.64
CA ALA E 39 2.95 34.79 -20.43
C ALA E 39 1.42 34.91 -20.46
N ALA E 40 0.76 33.92 -21.06
CA ALA E 40 -0.68 33.73 -21.01
C ALA E 40 -1.22 33.57 -19.57
N ASP E 41 -0.41 33.11 -18.63
CA ASP E 41 -0.82 32.90 -17.22
C ASP E 41 -1.00 34.22 -16.48
N ASP E 42 -0.09 35.17 -16.68
CA ASP E 42 -0.14 36.50 -16.08
C ASP E 42 0.82 37.45 -16.81
N ALA E 43 0.31 38.32 -17.67
CA ALA E 43 1.17 39.24 -18.42
C ALA E 43 1.98 40.17 -17.53
N ALA E 44 1.39 40.66 -16.44
CA ALA E 44 2.12 41.45 -15.46
C ALA E 44 2.96 40.57 -14.53
N GLY E 45 2.54 39.34 -14.24
CA GLY E 45 3.31 38.39 -13.45
C GLY E 45 4.63 38.05 -14.11
N LEU E 46 4.58 37.73 -15.40
CA LEU E 46 5.74 37.59 -16.26
C LEU E 46 6.57 38.86 -16.35
N THR E 47 5.97 39.98 -16.76
CA THR E 47 6.73 41.21 -16.98
C THR E 47 7.41 41.71 -15.73
N ILE E 48 6.71 41.81 -14.59
CA ILE E 48 7.31 42.19 -13.32
C ILE E 48 8.42 41.24 -12.98
N SER E 49 8.16 39.93 -13.01
CA SER E 49 9.11 38.92 -12.59
C SER E 49 10.41 38.96 -13.34
N GLU E 50 10.43 39.18 -14.66
CA GLU E 50 11.67 39.27 -15.42
C GLU E 50 12.51 40.47 -15.01
N LYS E 51 11.92 41.56 -14.52
CA LYS E 51 12.69 42.66 -13.93
C LYS E 51 13.24 42.32 -12.56
N MET E 52 12.54 41.53 -11.78
CA MET E 52 13.06 41.03 -10.53
C MET E 52 14.12 39.97 -10.75
N ARG E 53 13.99 39.08 -11.73
CA ARG E 53 15.02 38.12 -12.12
C ARG E 53 16.27 38.83 -12.58
N SER E 54 16.11 39.87 -13.39
CA SER E 54 17.17 40.74 -13.88
C SER E 54 17.88 41.48 -12.76
N GLN E 55 17.14 41.95 -11.76
CA GLN E 55 17.66 42.54 -10.55
C GLN E 55 18.32 41.55 -9.60
N VAL E 56 17.82 40.34 -9.39
CA VAL E 56 18.47 39.38 -8.50
C VAL E 56 19.82 38.99 -9.08
N ARG E 57 19.90 38.63 -10.37
CA ARG E 57 21.18 38.38 -11.05
C ARG E 57 22.08 39.59 -10.99
N GLY E 58 21.61 40.76 -11.39
CA GLY E 58 22.42 41.98 -11.38
C GLY E 58 22.87 42.45 -10.00
N LEU E 59 22.13 42.20 -8.93
CA LEU E 59 22.59 42.45 -7.57
C LEU E 59 23.55 41.39 -7.09
N ASN E 60 23.44 40.14 -7.54
CA ASN E 60 24.42 39.11 -7.24
C ASN E 60 25.76 39.35 -7.96
N LYS E 61 25.78 39.82 -9.21
CA LYS E 61 27.05 40.24 -9.82
C LYS E 61 27.55 41.58 -9.29
N ALA E 62 26.69 42.52 -8.94
CA ALA E 62 27.12 43.71 -8.23
C ALA E 62 27.71 43.38 -6.85
N SER E 63 27.16 42.39 -6.16
CA SER E 63 27.67 41.93 -4.87
C SER E 63 29.01 41.22 -5.02
N ASP E 64 29.19 40.41 -6.07
CA ASP E 64 30.50 39.88 -6.45
C ASP E 64 31.49 40.94 -6.89
N ASN E 65 31.07 41.99 -7.58
CA ASN E 65 31.94 43.09 -7.95
C ASN E 65 32.30 44.01 -6.78
N ALA E 66 31.42 44.20 -5.81
CA ALA E 66 31.79 44.87 -4.57
C ALA E 66 32.75 44.01 -3.76
N GLN E 67 32.56 42.69 -3.78
CA GLN E 67 33.47 41.76 -3.13
C GLN E 67 34.81 41.70 -3.82
N ASP E 68 34.85 41.60 -5.13
CA ASP E 68 36.07 41.67 -5.93
C ASP E 68 36.76 43.03 -5.85
N GLY E 69 36.02 44.12 -5.61
CA GLY E 69 36.57 45.41 -5.18
C GLY E 69 37.23 45.38 -3.81
N VAL E 70 36.58 44.88 -2.77
CA VAL E 70 37.23 44.65 -1.46
C VAL E 70 38.43 43.71 -1.55
N SER E 71 38.35 42.66 -2.36
CA SER E 71 39.44 41.75 -2.62
C SER E 71 40.65 42.47 -3.21
N LEU E 72 40.47 43.30 -4.26
CA LEU E 72 41.53 44.17 -4.77
C LEU E 72 42.04 45.12 -3.72
N ILE E 73 41.18 45.92 -3.09
CA ILE E 73 41.59 46.97 -2.13
C ILE E 73 42.58 46.43 -1.11
N GLN E 74 42.30 45.28 -0.52
CA GLN E 74 43.18 44.68 0.47
C GLN E 74 44.57 44.36 -0.03
N VAL E 75 44.77 44.09 -1.32
CA VAL E 75 46.11 43.86 -1.87
C VAL E 75 46.89 45.17 -1.89
N ALA E 76 46.22 46.29 -2.14
CA ALA E 76 46.82 47.61 -2.05
C ALA E 76 47.05 48.07 -0.62
N GLU E 77 46.17 47.77 0.34
CA GLU E 77 46.44 47.97 1.76
C GLU E 77 47.62 47.14 2.29
N GLY E 78 47.69 45.87 1.90
CA GLY E 78 48.74 44.96 2.31
C GLY E 78 50.12 45.35 1.78
N ALA E 79 50.19 45.91 0.57
CA ALA E 79 51.41 46.49 0.05
C ALA E 79 51.82 47.72 0.85
N LEU E 80 50.88 48.61 1.16
CA LEU E 80 51.19 49.86 1.84
C LEU E 80 51.49 49.69 3.33
N SER E 81 51.13 48.57 3.93
CA SER E 81 51.68 48.16 5.22
C SER E 81 53.19 47.90 5.16
N GLU E 82 53.70 47.33 4.08
CA GLU E 82 55.13 47.15 3.89
C GLU E 82 55.79 48.46 3.46
N THR E 83 55.13 49.32 2.69
CA THR E 83 55.63 50.69 2.53
C THR E 83 55.73 51.38 3.87
N HIS E 84 54.75 51.26 4.78
CA HIS E 84 54.88 51.82 6.12
C HIS E 84 56.00 51.20 6.93
N SER E 85 56.15 49.88 6.92
CA SER E 85 57.18 49.22 7.72
C SER E 85 58.55 49.62 7.26
N ILE E 86 58.74 49.83 5.95
CA ILE E 86 59.95 50.44 5.43
C ILE E 86 60.05 51.90 5.88
N LEU E 87 59.05 52.75 5.74
CA LEU E 87 59.16 54.14 6.14
C LEU E 87 59.41 54.36 7.64
N GLN E 88 58.91 53.50 8.52
CA GLN E 88 59.30 53.53 9.93
C GLN E 88 60.80 53.25 10.08
N ARG E 89 61.33 52.24 9.38
CA ARG E 89 62.74 51.88 9.35
C ARG E 89 63.62 52.93 8.69
N MET E 90 63.16 53.62 7.65
CA MET E 90 63.89 54.72 7.02
C MET E 90 63.96 55.93 7.91
N ASN E 91 62.92 56.25 8.65
CA ASN E 91 62.94 57.35 9.62
C ASN E 91 63.90 57.06 10.78
N GLU E 92 63.92 55.83 11.27
CA GLU E 92 64.80 55.34 12.32
C GLU E 92 66.24 55.37 11.86
N LEU E 93 66.54 54.88 10.66
CA LEU E 93 67.87 54.98 10.06
C LEU E 93 68.27 56.43 9.84
N ALA E 94 67.42 57.27 9.27
CA ALA E 94 67.75 58.68 9.07
C ALA E 94 68.06 59.37 10.40
N THR E 95 67.32 59.09 11.47
CA THR E 95 67.56 59.67 12.81
C THR E 95 68.85 59.17 13.45
N GLN E 96 69.33 57.99 13.08
CA GLN E 96 70.61 57.49 13.52
C GLN E 96 71.74 58.25 12.82
N ALA E 97 71.69 58.38 11.50
CA ALA E 97 72.70 59.10 10.74
C ALA E 97 72.62 60.62 10.90
N ALA E 98 71.55 61.13 11.50
CA ALA E 98 71.43 62.53 11.87
C ALA E 98 72.45 62.92 12.90
N ASN E 99 72.79 62.05 13.84
CA ASN E 99 73.71 62.39 14.90
C ASN E 99 75.11 62.67 14.32
N ASP E 100 75.69 63.84 14.56
CA ASP E 100 77.04 64.21 14.09
C ASP E 100 78.18 63.68 14.97
N THR E 101 77.95 62.68 15.83
CA THR E 101 79.04 61.80 16.32
C THR E 101 79.27 60.57 15.42
N ASN E 102 78.75 60.55 14.19
CA ASN E 102 78.96 59.48 13.21
C ASN E 102 79.97 59.87 12.12
N THR E 103 81.00 59.05 11.94
CA THR E 103 81.98 59.24 10.87
C THR E 103 81.41 58.86 9.51
N THR E 104 82.05 59.28 8.42
CA THR E 104 81.54 59.06 7.05
C THR E 104 81.32 57.59 6.72
N SER E 105 82.22 56.68 7.12
CA SER E 105 82.06 55.21 6.95
C SER E 105 80.80 54.67 7.62
N ASP E 106 80.38 55.31 8.71
CA ASP E 106 79.24 54.88 9.52
C ASP E 106 77.95 55.58 9.14
N ARG E 107 78.00 56.61 8.29
CA ARG E 107 76.83 57.10 7.55
C ARG E 107 76.65 56.44 6.22
N THR E 108 77.71 56.01 5.52
CA THR E 108 77.50 55.16 4.35
C THR E 108 76.94 53.79 4.75
N ALA E 109 77.30 53.24 5.91
CA ALA E 109 76.62 52.07 6.45
C ALA E 109 75.10 52.27 6.59
N VAL E 110 74.64 53.47 6.94
CA VAL E 110 73.21 53.79 7.02
C VAL E 110 72.64 54.04 5.64
N GLN E 111 73.37 54.77 4.80
CA GLN E 111 73.02 55.06 3.43
C GLN E 111 72.76 53.80 2.61
N GLN E 112 73.61 52.77 2.71
CA GLN E 112 73.42 51.51 1.99
C GLN E 112 72.08 50.85 2.28
N GLU E 113 71.53 51.01 3.47
CA GLU E 113 70.19 50.53 3.79
C GLU E 113 69.14 51.51 3.28
N ILE E 114 69.33 52.82 3.39
CA ILE E 114 68.37 53.80 2.86
C ILE E 114 68.22 53.71 1.35
N ASN E 115 69.29 53.47 0.58
CA ASN E 115 69.17 53.25 -0.87
C ASN E 115 68.46 51.92 -1.18
N GLN E 116 68.77 50.83 -0.48
CA GLN E 116 68.08 49.56 -0.65
C GLN E 116 66.58 49.66 -0.31
N LEU E 117 66.23 50.26 0.83
CA LEU E 117 64.86 50.43 1.27
C LEU E 117 64.07 51.36 0.37
N ALA E 118 64.68 52.40 -0.21
CA ALA E 118 64.04 53.20 -1.23
C ALA E 118 63.76 52.40 -2.51
N SER E 119 64.72 51.61 -3.01
CA SER E 119 64.45 50.69 -4.11
C SER E 119 63.32 49.73 -3.75
N GLU E 120 63.22 49.27 -2.52
CA GLU E 120 62.14 48.38 -2.10
C GLU E 120 60.78 49.05 -2.08
N ILE E 121 60.67 50.29 -1.63
CA ILE E 121 59.42 51.08 -1.76
C ILE E 121 58.97 51.21 -3.22
N THR E 122 59.87 51.31 -4.19
CA THR E 122 59.50 51.21 -5.60
C THR E 122 59.23 49.78 -6.05
N ARG E 123 59.98 48.76 -5.66
CA ARG E 123 59.66 47.37 -5.99
C ARG E 123 58.27 46.96 -5.49
N ILE E 124 57.89 47.29 -4.27
CA ILE E 124 56.52 47.14 -3.77
C ILE E 124 55.52 47.90 -4.64
N ALA E 125 55.79 49.14 -5.02
CA ALA E 125 54.88 49.96 -5.82
C ALA E 125 54.69 49.50 -7.26
N SER E 126 55.75 49.17 -7.98
CA SER E 126 55.66 48.75 -9.38
C SER E 126 55.36 47.26 -9.56
N THR E 127 55.44 46.44 -8.50
CA THR E 127 55.27 44.98 -8.65
C THR E 127 54.02 44.41 -7.99
N THR E 128 53.39 45.08 -7.03
CA THR E 128 52.07 44.64 -6.55
C THR E 128 51.02 44.82 -7.63
N GLN E 129 50.28 43.75 -7.92
CA GLN E 129 49.26 43.70 -8.96
C GLN E 129 48.05 42.91 -8.47
N PHE E 130 46.87 43.21 -8.99
CA PHE E 130 45.69 42.36 -8.83
C PHE E 130 45.10 42.11 -10.19
N ASN E 131 44.88 40.83 -10.55
CA ASN E 131 44.46 40.41 -11.88
C ASN E 131 45.33 41.07 -12.98
N THR E 132 46.65 41.03 -12.83
CA THR E 132 47.63 41.62 -13.77
C THR E 132 47.62 43.15 -13.92
N MET E 133 47.02 43.92 -13.03
CA MET E 133 47.05 45.40 -13.07
C MET E 133 47.85 45.98 -11.91
N ASN E 134 48.80 46.89 -12.14
CA ASN E 134 49.51 47.59 -11.06
C ASN E 134 48.52 48.41 -10.23
N LEU E 135 48.68 48.41 -8.90
CA LEU E 135 47.72 49.05 -8.01
C LEU E 135 48.22 50.32 -7.34
N ILE E 136 49.53 50.48 -7.17
CA ILE E 136 50.13 51.61 -6.47
C ILE E 136 51.36 52.21 -7.18
N ASP E 137 51.47 52.03 -8.49
CA ASP E 137 52.33 52.87 -9.32
C ASP E 137 51.64 54.22 -9.64
N GLY E 138 50.35 54.35 -9.33
CA GLY E 138 49.57 55.55 -9.54
C GLY E 138 48.82 55.59 -10.86
N ASN E 139 48.91 54.58 -11.70
CA ASN E 139 48.14 54.47 -12.95
C ASN E 139 46.79 53.78 -12.77
N PHE E 140 46.43 53.39 -11.54
CA PHE E 140 45.09 52.97 -11.15
C PHE E 140 44.16 54.19 -10.90
N THR E 141 44.16 55.19 -11.78
CA THR E 141 43.30 56.38 -11.67
C THR E 141 41.88 56.07 -12.13
N SER E 142 40.86 56.63 -11.48
CA SER E 142 39.48 56.67 -11.98
C SER E 142 38.94 55.33 -12.48
N LYS E 143 39.13 54.26 -11.72
CA LYS E 143 38.68 52.90 -12.09
C LYS E 143 37.32 52.67 -11.41
N LYS E 144 36.26 52.37 -12.14
CA LYS E 144 34.91 52.22 -11.59
C LYS E 144 34.56 50.77 -11.26
N LEU E 145 34.17 50.51 -10.02
CA LEU E 145 33.42 49.32 -9.62
C LEU E 145 31.97 49.48 -10.04
N GLN E 146 31.37 48.51 -10.72
CA GLN E 146 29.94 48.52 -11.02
C GLN E 146 29.15 47.86 -9.90
N VAL E 147 28.43 48.66 -9.13
CA VAL E 147 27.95 48.36 -7.78
C VAL E 147 26.42 48.35 -7.69
N GLY E 148 25.76 47.93 -8.76
CA GLY E 148 24.33 47.63 -8.73
C GLY E 148 23.82 47.18 -10.07
N SER E 149 22.51 46.97 -10.18
CA SER E 149 21.89 46.36 -11.34
C SER E 149 21.80 47.22 -12.61
N LEU E 150 22.13 48.51 -12.58
CA LEU E 150 21.86 49.45 -13.67
C LEU E 150 23.12 50.10 -14.22
N CYS E 151 23.10 50.48 -15.50
CA CYS E 151 24.16 51.21 -16.19
C CYS E 151 24.73 52.34 -15.32
N GLY E 152 26.00 52.30 -14.96
CA GLY E 152 26.64 53.44 -14.31
C GLY E 152 26.36 53.65 -12.82
N GLN E 153 25.93 52.64 -12.06
CA GLN E 153 25.93 52.66 -10.58
C GLN E 153 27.34 52.46 -10.01
N ALA E 154 28.26 53.36 -10.31
CA ALA E 154 29.67 53.25 -9.96
C ALA E 154 29.99 53.37 -8.46
N ILE E 155 31.20 52.96 -8.12
CA ILE E 155 32.05 53.41 -7.00
C ILE E 155 33.44 53.56 -7.62
N THR E 156 34.31 54.45 -7.18
CA THR E 156 35.60 54.67 -7.86
C THR E 156 36.79 54.32 -6.97
N ILE E 157 37.68 53.47 -7.47
CA ILE E 157 39.02 53.23 -6.91
C ILE E 157 40.00 54.17 -7.64
N ASP E 158 40.82 54.90 -6.90
CA ASP E 158 41.62 55.99 -7.46
C ASP E 158 42.88 56.23 -6.62
N ILE E 159 43.97 55.54 -6.92
CA ILE E 159 45.11 55.44 -6.01
C ILE E 159 46.27 56.31 -6.52
N SER E 160 46.82 57.19 -5.69
CA SER E 160 48.02 57.99 -6.05
C SER E 160 49.26 57.09 -6.14
N ASP E 161 50.33 57.55 -6.79
CA ASP E 161 51.61 56.82 -6.86
C ASP E 161 52.23 56.62 -5.47
N MET E 162 52.64 55.41 -5.13
CA MET E 162 53.27 55.10 -3.83
C MET E 162 54.71 54.58 -3.97
N SER E 163 55.36 54.83 -5.11
CA SER E 163 56.77 54.57 -5.34
C SER E 163 57.66 55.53 -4.54
N ALA E 164 58.98 55.33 -4.55
CA ALA E 164 59.87 56.26 -3.87
C ALA E 164 59.82 57.70 -4.44
N THR E 165 59.55 57.89 -5.74
CA THR E 165 59.34 59.23 -6.31
C THR E 165 57.95 59.78 -6.04
N GLY E 166 56.94 58.91 -5.85
CA GLY E 166 55.59 59.32 -5.48
C GLY E 166 55.45 59.77 -4.04
N LEU E 167 56.41 59.38 -3.19
CA LEU E 167 56.45 59.71 -1.77
C LEU E 167 57.56 60.71 -1.42
N GLY E 168 58.53 60.91 -2.31
CA GLY E 168 59.68 61.76 -2.05
C GLY E 168 60.78 61.12 -1.20
N VAL E 169 60.71 59.81 -0.99
CA VAL E 169 61.78 59.02 -0.38
C VAL E 169 62.77 58.45 -1.40
N SER E 170 62.64 58.80 -2.69
CA SER E 170 63.77 58.75 -3.61
C SER E 170 64.75 59.82 -3.20
N GLY E 171 66.05 59.57 -3.30
CA GLY E 171 67.04 60.60 -3.04
C GLY E 171 67.02 61.12 -1.60
N LEU E 172 66.74 60.26 -0.61
CA LEU E 172 67.10 60.57 0.77
C LEU E 172 68.61 60.55 0.91
N VAL E 173 69.22 61.57 1.53
CA VAL E 173 70.67 61.68 1.70
C VAL E 173 70.99 61.85 3.19
N VAL E 174 71.90 61.06 3.76
CA VAL E 174 72.17 61.06 5.21
C VAL E 174 73.64 61.27 5.58
N SER E 175 74.44 61.86 4.69
CA SER E 175 75.89 61.99 4.90
C SER E 175 76.28 63.09 5.90
N SER E 176 75.33 63.86 6.40
CA SER E 176 75.52 64.98 7.34
C SER E 176 74.22 65.29 8.09
N PHE E 177 74.26 66.06 9.18
CA PHE E 177 73.07 66.39 9.97
C PHE E 177 72.01 67.08 9.14
N SER E 178 72.39 68.06 8.31
CA SER E 178 71.44 68.83 7.49
C SER E 178 70.66 67.93 6.54
N ALA E 179 71.33 67.00 5.89
CA ALA E 179 70.71 66.06 4.97
C ALA E 179 69.89 64.99 5.70
N ALA E 180 70.43 64.41 6.78
CA ALA E 180 69.71 63.44 7.57
C ALA E 180 68.45 64.03 8.23
N GLY E 181 68.46 65.28 8.68
CA GLY E 181 67.24 65.97 9.09
C GLY E 181 66.23 66.10 7.95
N LYS E 182 66.68 66.33 6.71
CA LYS E 182 65.81 66.28 5.54
C LYS E 182 65.27 64.87 5.27
N ALA E 183 66.06 63.83 5.47
CA ALA E 183 65.61 62.45 5.36
C ALA E 183 64.61 62.07 6.46
N MET E 184 64.72 62.61 7.67
CA MET E 184 63.67 62.52 8.69
C MET E 184 62.40 63.19 8.18
N SER E 185 62.47 64.45 7.76
CA SER E 185 61.32 65.21 7.22
C SER E 185 60.64 64.50 6.05
N ALA E 186 61.38 64.07 5.04
CA ALA E 186 60.82 63.38 3.89
C ALA E 186 60.24 62.01 4.24
N ALA E 187 60.88 61.21 5.11
CA ALA E 187 60.29 59.93 5.54
C ALA E 187 59.06 60.10 6.40
N GLN E 188 58.99 61.11 7.26
CA GLN E 188 57.80 61.42 8.05
C GLN E 188 56.66 62.04 7.24
N ASP E 189 56.94 62.87 6.23
CA ASP E 189 55.94 63.25 5.24
C ASP E 189 55.44 62.04 4.50
N ALA E 190 56.32 61.14 4.06
CA ALA E 190 55.93 59.91 3.39
C ALA E 190 55.10 58.99 4.26
N ILE E 191 55.37 58.88 5.57
CA ILE E 191 54.45 58.19 6.50
C ILE E 191 53.10 58.88 6.48
N SER E 192 53.05 60.20 6.43
CA SER E 192 51.80 60.95 6.29
C SER E 192 51.11 60.70 4.93
N TYR E 193 51.82 60.57 3.81
CA TYR E 193 51.22 60.19 2.52
C TYR E 193 50.71 58.77 2.47
N VAL E 194 51.43 57.81 3.05
CA VAL E 194 50.91 56.44 3.12
C VAL E 194 49.75 56.38 4.10
N SER E 195 49.76 57.11 5.20
CA SER E 195 48.61 57.21 6.11
C SER E 195 47.37 57.78 5.44
N SER E 196 47.47 58.83 4.61
CA SER E 196 46.31 59.37 3.88
C SER E 196 45.85 58.41 2.79
N MET E 197 46.73 57.70 2.11
CA MET E 197 46.30 56.73 1.10
C MET E 197 45.70 55.44 1.67
N ARG E 198 46.22 54.92 2.78
CA ARG E 198 45.58 53.83 3.52
C ARG E 198 44.31 54.26 4.25
N SER E 199 44.14 55.55 4.52
CA SER E 199 42.85 56.06 4.98
C SER E 199 41.83 56.14 3.85
N LYS E 200 42.18 56.51 2.61
CA LYS E 200 41.25 56.42 1.48
C LYS E 200 40.86 54.98 1.17
N LEU E 201 41.79 54.04 1.17
CA LEU E 201 41.47 52.64 0.94
C LEU E 201 40.68 51.96 2.07
N GLY E 202 40.87 52.35 3.32
CA GLY E 202 40.07 51.82 4.42
C GLY E 202 38.65 52.37 4.40
N ALA E 203 38.52 53.68 4.25
CA ALA E 203 37.23 54.35 4.13
C ALA E 203 36.38 53.83 2.98
N LEU E 204 37.01 53.53 1.84
CA LEU E 204 36.40 52.93 0.67
C LEU E 204 35.95 51.51 0.92
N GLN E 205 36.79 50.68 1.56
CA GLN E 205 36.37 49.34 1.96
C GLN E 205 35.18 49.39 2.90
N ASN E 206 35.10 50.36 3.77
CA ASN E 206 33.93 50.50 4.62
C ASN E 206 32.68 50.92 3.82
N ARG E 207 32.74 51.65 2.70
CA ARG E 207 31.57 51.70 1.79
C ARG E 207 31.18 50.34 1.26
N LEU E 208 32.15 49.51 0.94
CA LEU E 208 31.87 48.26 0.28
C LEU E 208 31.36 47.20 1.26
N GLU E 209 31.76 47.20 2.52
CA GLU E 209 31.14 46.27 3.45
C GLU E 209 29.67 46.62 3.66
N HIS E 210 29.32 47.91 3.71
CA HIS E 210 27.93 48.37 3.70
C HIS E 210 27.22 48.04 2.39
N THR E 211 27.82 48.28 1.25
CA THR E 211 27.29 47.88 -0.05
C THR E 211 27.01 46.40 -0.14
N ILE E 212 27.93 45.52 0.22
CA ILE E 212 27.71 44.07 0.12
C ILE E 212 26.56 43.67 1.04
N SER E 213 26.53 44.18 2.26
CA SER E 213 25.39 44.04 3.16
C SER E 213 24.09 44.49 2.51
N ASN E 214 24.07 45.65 1.85
CA ASN E 214 22.89 46.25 1.25
C ASN E 214 22.42 45.50 0.00
N LEU E 215 23.30 45.14 -0.94
CA LEU E 215 22.93 44.37 -2.13
C LEU E 215 22.49 42.96 -1.78
N ASP E 216 23.17 42.26 -0.88
CA ASP E 216 22.80 40.87 -0.53
C ASP E 216 21.45 40.79 0.17
N ASN E 217 21.06 41.88 0.84
CA ASN E 217 19.78 42.10 1.47
C ASN E 217 18.70 42.52 0.46
N ILE E 218 18.92 43.51 -0.40
CA ILE E 218 17.99 43.83 -1.51
C ILE E 218 17.80 42.62 -2.42
N SER E 219 18.82 41.81 -2.65
CA SER E 219 18.72 40.57 -3.39
C SER E 219 17.83 39.55 -2.69
N GLU E 220 17.94 39.34 -1.39
CA GLU E 220 17.08 38.43 -0.61
C GLU E 220 15.62 38.90 -0.55
N ASN E 221 15.40 40.20 -0.43
CA ASN E 221 14.05 40.76 -0.47
C ASN E 221 13.45 40.74 -1.88
N THR E 222 14.20 41.06 -2.94
CA THR E 222 13.68 40.95 -4.32
C THR E 222 13.65 39.52 -4.87
N SER E 223 14.37 38.57 -4.27
CA SER E 223 14.12 37.13 -4.47
C SER E 223 12.83 36.72 -3.81
N SER E 224 12.60 37.16 -2.57
CA SER E 224 11.37 36.90 -1.85
C SER E 224 10.17 37.50 -2.57
N ALA E 225 10.29 38.70 -3.14
CA ALA E 225 9.30 39.29 -4.02
C ALA E 225 9.06 38.46 -5.28
N GLU E 226 10.07 38.05 -6.04
CA GLU E 226 9.81 37.25 -7.24
C GLU E 226 9.29 35.85 -6.94
N SER E 227 9.76 35.19 -5.90
CA SER E 227 9.20 33.92 -5.46
C SER E 227 7.74 34.05 -5.01
N ARG E 228 7.31 35.22 -4.52
CA ARG E 228 5.89 35.54 -4.28
C ARG E 228 5.13 35.48 -5.59
N ILE E 229 5.67 36.09 -6.64
CA ILE E 229 4.99 36.27 -7.91
C ILE E 229 4.99 34.97 -8.70
N ARG E 230 6.10 34.26 -8.77
CA ARG E 230 6.32 33.29 -9.84
C ARG E 230 6.58 31.84 -9.47
N ASP E 231 7.12 31.50 -8.31
CA ASP E 231 7.22 30.09 -7.91
C ASP E 231 5.86 29.51 -7.55
N THR E 232 5.58 28.26 -7.90
CA THR E 232 4.33 27.60 -7.52
C THR E 232 4.27 27.52 -6.01
N ASP E 233 3.10 27.76 -5.42
CA ASP E 233 2.83 27.24 -4.08
C ASP E 233 2.38 25.79 -4.20
N MET E 234 3.23 24.82 -3.89
CA MET E 234 2.91 23.41 -4.12
C MET E 234 1.77 22.91 -3.25
N ALA E 235 1.53 23.59 -2.13
CA ALA E 235 0.46 23.32 -1.21
C ALA E 235 -0.87 23.62 -1.86
N GLU E 236 -1.07 24.88 -2.28
CA GLU E 236 -2.26 25.36 -2.98
C GLU E 236 -2.50 24.64 -4.30
N GLU E 237 -1.46 24.47 -5.10
CA GLU E 237 -1.61 23.88 -6.41
C GLU E 237 -1.99 22.40 -6.36
N MET E 238 -1.65 21.67 -5.29
CA MET E 238 -2.08 20.29 -5.14
C MET E 238 -3.54 20.17 -4.66
N VAL E 239 -4.12 21.24 -4.13
CA VAL E 239 -5.58 21.37 -3.99
C VAL E 239 -6.21 21.43 -5.37
N GLU E 240 -5.77 22.38 -6.20
CA GLU E 240 -6.35 22.64 -7.51
C GLU E 240 -6.12 21.51 -8.49
N TYR E 241 -5.02 20.77 -8.34
CA TYR E 241 -4.75 19.56 -9.09
C TYR E 241 -5.70 18.46 -8.72
N SER E 242 -5.93 18.25 -7.43
CA SER E 242 -6.73 17.13 -6.99
C SER E 242 -8.23 17.32 -7.18
N LYS E 243 -8.75 18.56 -7.16
CA LYS E 243 -10.09 18.88 -7.66
C LYS E 243 -10.31 18.34 -9.05
N ASN E 244 -9.33 18.56 -9.92
CA ASN E 244 -9.35 18.25 -11.33
C ASN E 244 -9.13 16.78 -11.63
N ASN E 245 -8.27 16.09 -10.89
CA ASN E 245 -8.17 14.65 -10.98
C ASN E 245 -9.51 13.99 -10.63
N ILE E 246 -10.20 14.44 -9.58
CA ILE E 246 -11.57 13.97 -9.28
C ILE E 246 -12.57 14.38 -10.36
N LEU E 247 -12.65 15.65 -10.77
CA LEU E 247 -13.58 16.02 -11.84
C LEU E 247 -13.34 15.29 -13.15
N ALA E 248 -12.11 14.90 -13.47
CA ALA E 248 -11.85 14.13 -14.67
C ALA E 248 -12.34 12.71 -14.52
N GLN E 249 -12.12 12.08 -13.36
CA GLN E 249 -12.68 10.77 -13.05
C GLN E 249 -14.21 10.79 -13.08
N ALA E 250 -14.84 11.82 -12.51
CA ALA E 250 -16.29 12.03 -12.57
C ALA E 250 -16.80 12.39 -13.97
N GLY E 251 -16.07 13.18 -14.75
CA GLY E 251 -16.44 13.46 -16.14
C GLY E 251 -16.35 12.23 -17.03
N GLN E 252 -15.29 11.43 -16.92
CA GLN E 252 -15.17 10.15 -17.61
C GLN E 252 -16.27 9.19 -17.18
N SER E 253 -16.72 9.27 -15.93
CA SER E 253 -17.83 8.47 -15.41
C SER E 253 -19.15 8.85 -16.07
N MET E 254 -19.42 10.15 -16.17
CA MET E 254 -20.63 10.64 -16.82
C MET E 254 -20.61 10.42 -18.30
N LEU E 255 -19.48 10.62 -18.96
CA LEU E 255 -19.34 10.31 -20.37
C LEU E 255 -19.49 8.81 -20.64
N ALA E 256 -18.89 7.94 -19.82
CA ALA E 256 -19.09 6.50 -19.92
C ALA E 256 -20.58 6.11 -19.78
N GLN E 257 -21.31 6.69 -18.82
CA GLN E 257 -22.76 6.48 -18.67
C GLN E 257 -23.55 7.06 -19.82
N ALA E 258 -23.12 8.19 -20.38
CA ALA E 258 -23.83 8.91 -21.43
C ALA E 258 -23.79 8.19 -22.78
N ASN E 259 -22.69 7.55 -23.13
CA ASN E 259 -22.62 6.71 -24.33
C ASN E 259 -23.59 5.54 -24.25
N GLN E 260 -23.81 5.01 -23.05
CA GLN E 260 -24.79 3.93 -22.82
C GLN E 260 -26.21 4.43 -22.55
N SER E 261 -26.47 5.74 -22.65
CA SER E 261 -27.76 6.35 -22.35
C SER E 261 -28.82 5.98 -23.37
N THR E 262 -28.48 6.02 -24.66
CA THR E 262 -29.44 5.73 -25.73
C THR E 262 -29.58 4.26 -26.07
N GLN E 263 -29.01 3.37 -25.25
CA GLN E 263 -29.28 1.92 -25.30
C GLN E 263 -30.77 1.62 -25.04
N GLY E 264 -31.49 2.59 -24.48
CA GLY E 264 -32.92 2.52 -24.23
C GLY E 264 -33.80 2.54 -25.48
N VAL E 265 -33.28 2.89 -26.65
CA VAL E 265 -34.07 2.91 -27.89
C VAL E 265 -34.42 1.52 -28.38
N LEU E 266 -33.66 0.48 -28.04
CA LEU E 266 -33.61 -0.73 -28.85
C LEU E 266 -34.71 -1.74 -28.51
N SER E 267 -35.18 -1.74 -27.27
CA SER E 267 -36.32 -2.54 -26.82
C SER E 267 -37.65 -2.13 -27.46
N LEU E 268 -37.67 -0.96 -28.09
CA LEU E 268 -38.82 -0.15 -28.42
C LEU E 268 -39.57 -0.65 -29.66
N LEU E 269 -40.15 -1.86 -29.58
CA LEU E 269 -40.94 -2.56 -30.60
C LEU E 269 -40.12 -3.05 -31.82
N GLN E 270 -38.83 -2.72 -31.83
CA GLN E 270 -37.91 -2.91 -32.94
C GLN E 270 -37.50 -4.39 -33.10
N MET F 1 -48.68 -4.55 -51.01
CA MET F 1 -48.59 -3.67 -52.20
C MET F 1 -47.90 -4.44 -53.32
N VAL F 2 -46.79 -3.99 -53.92
CA VAL F 2 -46.05 -4.83 -54.87
C VAL F 2 -45.25 -5.89 -54.12
N VAL F 3 -45.35 -7.13 -54.57
CA VAL F 3 -44.62 -8.29 -54.05
C VAL F 3 -43.22 -8.39 -54.67
N GLN F 4 -43.07 -7.86 -55.88
CA GLN F 4 -41.94 -8.09 -56.76
C GLN F 4 -40.73 -7.17 -56.50
N HIS F 5 -40.84 -6.11 -55.70
CA HIS F 5 -39.72 -5.29 -55.23
C HIS F 5 -40.08 -4.65 -53.90
N ASN F 6 -39.54 -5.19 -52.82
CA ASN F 6 -39.70 -4.65 -51.49
C ASN F 6 -38.88 -3.37 -51.29
N LEU F 7 -39.43 -2.21 -51.65
CA LEU F 7 -38.67 -0.96 -51.66
C LEU F 7 -38.47 -0.34 -50.29
N THR F 8 -39.37 -0.60 -49.37
CA THR F 8 -39.21 -0.25 -47.96
C THR F 8 -37.99 -0.94 -47.37
N ALA F 9 -37.73 -2.18 -47.78
CA ALA F 9 -36.56 -2.95 -47.40
C ALA F 9 -35.30 -2.55 -48.15
N MET F 10 -35.34 -2.25 -49.45
CA MET F 10 -34.20 -1.67 -50.19
C MET F 10 -33.74 -0.31 -49.64
N ASN F 11 -34.64 0.54 -49.14
CA ASN F 11 -34.21 1.73 -48.40
C ASN F 11 -33.52 1.39 -47.10
N ALA F 12 -34.09 0.47 -46.32
CA ALA F 12 -33.53 0.09 -45.03
C ALA F 12 -32.17 -0.55 -45.20
N ASN F 13 -31.99 -1.39 -46.23
CA ASN F 13 -30.70 -1.86 -46.69
C ASN F 13 -29.72 -0.74 -47.05
N ARG F 14 -30.08 0.20 -47.92
CA ARG F 14 -29.19 1.28 -48.33
C ARG F 14 -28.80 2.18 -47.17
N GLN F 15 -29.70 2.43 -46.23
CA GLN F 15 -29.43 3.15 -44.99
C GLN F 15 -28.63 2.34 -43.96
N LEU F 16 -28.78 1.03 -43.90
CA LEU F 16 -27.94 0.19 -43.07
C LEU F 16 -26.50 0.27 -43.55
N GLY F 17 -26.22 0.15 -44.83
CA GLY F 17 -24.89 0.43 -45.39
C GLY F 17 -24.31 1.79 -45.01
N ILE F 18 -25.03 2.89 -45.17
CA ILE F 18 -24.52 4.24 -44.82
C ILE F 18 -24.20 4.38 -43.33
N THR F 19 -24.79 3.54 -42.48
CA THR F 19 -24.52 3.45 -41.04
C THR F 19 -23.31 2.60 -40.76
N THR F 20 -23.20 1.41 -41.35
CA THR F 20 -22.05 0.53 -41.14
C THR F 20 -20.78 1.05 -41.82
N GLY F 21 -20.89 1.90 -42.82
CA GLY F 21 -19.75 2.61 -43.38
C GLY F 21 -19.17 3.60 -42.38
N ALA F 22 -20.00 4.47 -41.80
CA ALA F 22 -19.55 5.35 -40.74
C ALA F 22 -18.98 4.55 -39.55
N GLN F 23 -19.64 3.48 -39.13
CA GLN F 23 -19.17 2.63 -38.03
C GLN F 23 -17.76 2.05 -38.24
N ALA F 24 -17.38 1.58 -39.43
CA ALA F 24 -16.00 1.17 -39.70
C ALA F 24 -15.00 2.33 -39.68
N LYS F 25 -15.32 3.51 -40.21
CA LYS F 25 -14.43 4.67 -40.16
C LYS F 25 -14.29 5.25 -38.77
N SER F 26 -15.27 5.07 -37.87
CA SER F 26 -15.10 5.29 -36.43
C SER F 26 -14.19 4.26 -35.81
N SER F 27 -14.50 2.98 -35.95
CA SER F 27 -13.78 1.87 -35.32
C SER F 27 -12.28 1.86 -35.68
N GLU F 28 -11.93 2.23 -36.90
CA GLU F 28 -10.58 2.45 -37.41
C GLU F 28 -9.79 3.42 -36.53
N LYS F 29 -10.39 4.55 -36.15
CA LYS F 29 -9.78 5.63 -35.37
C LYS F 29 -9.58 5.26 -33.92
N LEU F 30 -10.46 4.42 -33.38
CA LEU F 30 -10.37 3.95 -32.00
C LEU F 30 -9.28 2.92 -31.87
N SER F 31 -9.27 1.93 -32.76
CA SER F 31 -8.28 0.87 -32.71
C SER F 31 -6.85 1.35 -33.00
N SER F 32 -6.65 2.26 -33.97
CA SER F 32 -5.33 2.83 -34.30
C SER F 32 -4.88 3.95 -33.37
N GLY F 33 -5.82 4.67 -32.76
CA GLY F 33 -5.56 5.82 -31.91
C GLY F 33 -5.25 7.07 -32.71
N TYR F 34 -5.31 7.02 -34.05
CA TYR F 34 -5.10 8.15 -34.95
C TYR F 34 -6.39 8.52 -35.68
N LYS F 35 -6.71 9.80 -35.69
CA LYS F 35 -7.92 10.42 -36.24
C LYS F 35 -7.89 10.43 -37.76
N ILE F 36 -6.80 10.91 -38.32
CA ILE F 36 -6.43 10.82 -39.74
C ILE F 36 -5.58 9.57 -39.94
N ASN F 37 -6.21 8.49 -40.38
CA ASN F 37 -5.53 7.25 -40.74
C ASN F 37 -5.13 7.26 -42.22
N ARG F 38 -5.86 8.00 -43.03
CA ARG F 38 -5.74 8.01 -44.47
C ARG F 38 -6.07 9.39 -45.03
N ALA F 39 -5.59 9.75 -46.18
CA ALA F 39 -5.57 11.13 -46.66
C ALA F 39 -6.96 11.71 -46.97
N ALA F 40 -7.96 10.84 -47.12
CA ALA F 40 -9.37 11.20 -47.22
C ALA F 40 -9.90 11.95 -45.98
N ASP F 41 -9.30 11.72 -44.81
CA ASP F 41 -9.83 12.25 -43.54
C ASP F 41 -9.61 13.74 -43.34
N ASP F 42 -8.46 14.27 -43.77
CA ASP F 42 -8.10 15.70 -43.82
C ASP F 42 -6.84 15.83 -44.67
N ALA F 43 -6.91 16.37 -45.89
CA ALA F 43 -5.70 16.51 -46.70
C ALA F 43 -4.76 17.58 -46.09
N ALA F 44 -5.30 18.68 -45.59
CA ALA F 44 -4.53 19.66 -44.83
C ALA F 44 -3.92 19.04 -43.59
N GLY F 45 -4.69 18.21 -42.88
CA GLY F 45 -4.30 17.60 -41.61
C GLY F 45 -3.28 16.48 -41.78
N LEU F 46 -3.36 15.66 -42.82
CA LEU F 46 -2.29 14.74 -43.15
C LEU F 46 -1.01 15.49 -43.53
N THR F 47 -1.09 16.44 -44.45
CA THR F 47 0.06 17.22 -44.90
C THR F 47 0.74 17.95 -43.76
N ILE F 48 -0.02 18.61 -42.89
CA ILE F 48 0.54 19.32 -41.74
C ILE F 48 1.11 18.33 -40.75
N SER F 49 0.41 17.25 -40.43
CA SER F 49 0.91 16.27 -39.49
C SER F 49 2.19 15.63 -39.94
N GLU F 50 2.38 15.37 -41.23
CA GLU F 50 3.67 14.88 -41.74
C GLU F 50 4.78 15.92 -41.66
N LYS F 51 4.50 17.21 -41.93
CA LYS F 51 5.50 18.26 -41.72
C LYS F 51 5.85 18.41 -40.26
N MET F 52 4.89 18.33 -39.36
CA MET F 52 5.14 18.37 -37.93
C MET F 52 5.82 17.11 -37.40
N ARG F 53 5.52 15.91 -37.90
CA ARG F 53 6.26 14.68 -37.59
C ARG F 53 7.70 14.78 -38.05
N SER F 54 7.92 15.33 -39.23
CA SER F 54 9.24 15.65 -39.76
C SER F 54 9.97 16.66 -38.87
N GLN F 55 9.30 17.72 -38.42
CA GLN F 55 9.86 18.68 -37.48
C GLN F 55 10.13 18.07 -36.11
N VAL F 56 9.23 17.30 -35.51
CA VAL F 56 9.46 16.71 -34.20
C VAL F 56 10.65 15.78 -34.25
N ARG F 57 10.68 14.82 -35.17
CA ARG F 57 11.80 13.89 -35.36
C ARG F 57 13.10 14.60 -35.67
N GLY F 58 13.08 15.65 -36.49
CA GLY F 58 14.25 16.48 -36.75
C GLY F 58 14.71 17.22 -35.51
N LEU F 59 13.82 17.87 -34.77
CA LEU F 59 14.13 18.54 -33.51
C LEU F 59 14.64 17.58 -32.44
N ASN F 60 14.19 16.34 -32.40
CA ASN F 60 14.74 15.35 -31.48
C ASN F 60 16.17 14.97 -31.84
N LYS F 61 16.48 14.69 -33.11
CA LYS F 61 17.88 14.48 -33.52
C LYS F 61 18.74 15.73 -33.41
N ALA F 62 18.23 16.89 -33.73
CA ALA F 62 18.89 18.16 -33.48
C ALA F 62 19.23 18.34 -32.00
N SER F 63 18.32 17.97 -31.10
CA SER F 63 18.53 18.07 -29.66
C SER F 63 19.56 17.08 -29.19
N ASP F 64 19.47 15.85 -29.68
CA ASP F 64 20.38 14.78 -29.39
C ASP F 64 21.78 15.05 -29.96
N ASN F 65 21.89 15.76 -31.08
CA ASN F 65 23.15 16.22 -31.67
C ASN F 65 23.75 17.44 -30.98
N ALA F 66 22.96 18.41 -30.55
CA ALA F 66 23.42 19.51 -29.74
C ALA F 66 23.99 19.01 -28.42
N GLN F 67 23.34 18.03 -27.81
CA GLN F 67 23.80 17.41 -26.60
C GLN F 67 25.03 16.55 -26.79
N ASP F 68 25.08 15.77 -27.85
CA ASP F 68 26.29 15.11 -28.28
C ASP F 68 27.45 16.08 -28.64
N GLY F 69 27.18 17.30 -29.08
CA GLY F 69 28.12 18.40 -29.11
C GLY F 69 28.57 18.88 -27.74
N VAL F 70 27.68 18.99 -26.75
CA VAL F 70 28.07 19.26 -25.35
C VAL F 70 28.96 18.15 -24.81
N SER F 71 28.68 16.90 -25.11
CA SER F 71 29.54 15.80 -24.68
C SER F 71 30.92 15.87 -25.30
N LEU F 72 31.05 16.23 -26.58
CA LEU F 72 32.35 16.52 -27.16
C LEU F 72 33.07 17.63 -26.42
N ILE F 73 32.44 18.80 -26.29
CA ILE F 73 33.01 19.99 -25.68
C ILE F 73 33.48 19.72 -24.27
N GLN F 74 32.77 18.91 -23.48
CA GLN F 74 33.28 18.50 -22.19
C GLN F 74 34.56 17.67 -22.28
N VAL F 75 34.68 16.68 -23.17
CA VAL F 75 35.96 15.97 -23.38
C VAL F 75 37.08 16.95 -23.76
N ALA F 76 36.84 17.89 -24.65
CA ALA F 76 37.84 18.86 -25.06
C ALA F 76 38.23 19.79 -23.92
N GLU F 77 37.28 20.43 -23.25
CA GLU F 77 37.60 21.48 -22.27
C GLU F 77 38.06 20.89 -20.94
N GLY F 78 37.60 19.69 -20.61
CA GLY F 78 38.17 18.86 -19.55
C GLY F 78 39.55 18.28 -19.84
N ALA F 79 40.05 18.29 -21.08
CA ALA F 79 41.46 18.00 -21.38
C ALA F 79 42.35 19.20 -21.13
N LEU F 80 41.89 20.39 -21.48
CA LEU F 80 42.60 21.64 -21.25
C LEU F 80 42.72 22.03 -19.79
N SER F 81 41.99 21.36 -18.91
CA SER F 81 42.11 21.50 -17.47
C SER F 81 43.41 20.88 -16.95
N GLU F 82 43.84 19.75 -17.49
CA GLU F 82 45.20 19.28 -17.26
C GLU F 82 46.23 20.07 -18.03
N THR F 83 45.95 20.61 -19.21
CA THR F 83 46.89 21.60 -19.76
C THR F 83 47.08 22.79 -18.82
N HIS F 84 46.06 23.38 -18.21
CA HIS F 84 46.30 24.36 -17.15
C HIS F 84 47.09 23.81 -15.97
N SER F 85 46.72 22.68 -15.40
CA SER F 85 47.41 22.15 -14.23
C SER F 85 48.85 21.74 -14.50
N ILE F 86 49.20 21.40 -15.74
CA ILE F 86 50.60 21.30 -16.16
C ILE F 86 51.24 22.68 -16.33
N LEU F 87 50.59 23.66 -16.97
CA LEU F 87 51.15 24.99 -17.15
C LEU F 87 51.31 25.81 -15.88
N GLN F 88 50.45 25.64 -14.91
CA GLN F 88 50.58 26.27 -13.59
C GLN F 88 51.81 25.72 -12.88
N ARG F 89 52.07 24.41 -12.99
CA ARG F 89 53.31 23.76 -12.55
C ARG F 89 54.53 24.18 -13.37
N MET F 90 54.40 24.49 -14.65
CA MET F 90 55.55 25.01 -15.42
C MET F 90 55.85 26.47 -15.10
N ASN F 91 54.84 27.30 -14.85
CA ASN F 91 55.09 28.65 -14.38
C ASN F 91 55.78 28.66 -13.00
N GLU F 92 55.36 27.79 -12.10
CA GLU F 92 55.98 27.58 -10.80
C GLU F 92 57.40 27.07 -10.92
N LEU F 93 57.65 26.02 -11.69
CA LEU F 93 59.01 25.55 -11.94
C LEU F 93 59.88 26.59 -12.64
N ALA F 94 59.38 27.35 -13.59
CA ALA F 94 60.18 28.39 -14.23
C ALA F 94 60.53 29.48 -13.23
N THR F 95 59.56 29.95 -12.43
CA THR F 95 59.75 30.97 -11.38
C THR F 95 60.73 30.55 -10.32
N GLN F 96 60.83 29.27 -10.05
CA GLN F 96 61.78 28.72 -9.11
C GLN F 96 63.16 28.58 -9.75
N ALA F 97 63.27 28.11 -10.99
CA ALA F 97 64.54 28.01 -11.70
C ALA F 97 65.16 29.35 -12.10
N ALA F 98 64.35 30.40 -12.23
CA ALA F 98 64.79 31.73 -12.55
C ALA F 98 65.64 32.36 -11.46
N ASN F 99 65.52 31.96 -10.21
CA ASN F 99 66.31 32.48 -9.12
C ASN F 99 67.78 32.13 -9.30
N ASP F 100 68.70 33.09 -9.37
CA ASP F 100 70.10 32.84 -9.73
C ASP F 100 70.97 32.37 -8.55
N THR F 101 70.39 32.02 -7.39
CA THR F 101 71.09 31.22 -6.38
C THR F 101 71.12 29.74 -6.70
N ASN F 102 70.31 29.25 -7.64
CA ASN F 102 70.38 27.86 -8.11
C ASN F 102 71.72 27.62 -8.79
N THR F 103 72.37 26.51 -8.46
CA THR F 103 73.56 26.08 -9.19
C THR F 103 73.16 25.44 -10.54
N THR F 104 74.09 24.91 -11.33
CA THR F 104 73.73 24.35 -12.64
C THR F 104 72.88 23.10 -12.49
N SER F 105 73.34 22.14 -11.71
CA SER F 105 72.70 20.82 -11.49
C SER F 105 71.26 20.95 -11.02
N ASP F 106 70.98 21.96 -10.22
CA ASP F 106 69.65 22.28 -9.70
C ASP F 106 68.75 23.05 -10.69
N ARG F 107 69.20 23.31 -11.92
CA ARG F 107 68.35 23.79 -13.03
C ARG F 107 68.19 22.77 -14.11
N THR F 108 69.17 21.90 -14.35
CA THR F 108 68.92 20.69 -15.15
C THR F 108 67.96 19.78 -14.41
N ALA F 109 68.03 19.66 -13.08
CA ALA F 109 67.01 18.93 -12.32
C ALA F 109 65.62 19.61 -12.39
N VAL F 110 65.52 20.87 -12.79
CA VAL F 110 64.24 21.46 -13.22
C VAL F 110 63.94 21.10 -14.65
N GLN F 111 64.87 21.25 -15.59
CA GLN F 111 64.66 20.83 -16.97
C GLN F 111 64.19 19.39 -17.07
N GLN F 112 64.62 18.47 -16.22
CA GLN F 112 64.08 17.12 -16.19
C GLN F 112 62.57 17.12 -16.07
N GLU F 113 61.99 17.95 -15.21
CA GLU F 113 60.54 18.08 -15.09
C GLU F 113 59.95 18.98 -16.15
N ILE F 114 60.54 20.12 -16.48
CA ILE F 114 59.98 21.01 -17.50
C ILE F 114 59.98 20.39 -18.89
N ASN F 115 60.94 19.56 -19.25
CA ASN F 115 60.92 18.86 -20.52
C ASN F 115 59.86 17.77 -20.48
N GLN F 116 59.74 17.00 -19.40
CA GLN F 116 58.72 15.97 -19.29
C GLN F 116 57.31 16.54 -19.23
N LEU F 117 57.08 17.71 -18.63
CA LEU F 117 55.77 18.37 -18.66
C LEU F 117 55.43 18.95 -20.01
N ALA F 118 56.39 19.44 -20.79
CA ALA F 118 56.15 19.83 -22.17
C ALA F 118 55.81 18.61 -23.05
N SER F 119 56.54 17.50 -22.95
CA SER F 119 56.13 16.25 -23.61
C SER F 119 54.74 15.80 -23.19
N GLU F 120 54.30 16.11 -21.97
CA GLU F 120 52.99 15.74 -21.46
C GLU F 120 51.87 16.60 -21.99
N ILE F 121 52.04 17.91 -22.08
CA ILE F 121 51.10 18.80 -22.78
C ILE F 121 50.85 18.36 -24.22
N THR F 122 51.87 17.96 -24.97
CA THR F 122 51.67 17.40 -26.30
C THR F 122 50.99 16.04 -26.27
N ARG F 123 51.27 15.16 -25.30
CA ARG F 123 50.53 13.90 -25.15
C ARG F 123 49.04 14.16 -24.91
N ILE F 124 48.62 15.15 -24.12
CA ILE F 124 47.21 15.54 -24.05
C ILE F 124 46.70 15.93 -25.43
N ALA F 125 47.48 16.69 -26.19
CA ALA F 125 47.02 17.25 -27.45
C ALA F 125 46.75 16.22 -28.54
N SER F 126 47.60 15.21 -28.70
CA SER F 126 47.32 14.11 -29.64
C SER F 126 46.46 13.01 -29.05
N THR F 127 46.50 12.74 -27.75
CA THR F 127 45.76 11.59 -27.19
C THR F 127 44.28 11.85 -26.94
N THR F 128 43.85 13.07 -26.62
CA THR F 128 42.43 13.31 -26.37
C THR F 128 41.61 13.14 -27.63
N GLN F 129 40.57 12.33 -27.58
CA GLN F 129 39.71 12.03 -28.72
C GLN F 129 38.28 11.86 -28.23
N PHE F 130 37.31 12.25 -29.03
CA PHE F 130 35.90 11.89 -28.85
C PHE F 130 35.49 11.12 -30.09
N ASN F 131 34.95 9.90 -29.98
CA ASN F 131 34.51 9.12 -31.14
C ASN F 131 35.69 8.83 -32.11
N THR F 132 36.89 8.70 -31.57
CA THR F 132 38.18 8.53 -32.28
C THR F 132 38.51 9.61 -33.33
N MET F 133 38.43 10.89 -32.96
CA MET F 133 38.99 12.03 -33.70
C MET F 133 39.81 12.92 -32.76
N ASN F 134 41.00 13.40 -33.10
CA ASN F 134 41.71 14.37 -32.25
C ASN F 134 40.90 15.65 -32.11
N LEU F 135 40.81 16.18 -30.89
CA LEU F 135 40.08 17.42 -30.63
C LEU F 135 40.98 18.64 -30.53
N ILE F 136 42.01 18.59 -29.70
CA ILE F 136 42.80 19.77 -29.33
C ILE F 136 44.16 19.83 -30.03
N ASP F 137 44.42 19.08 -31.09
CA ASP F 137 45.65 19.25 -31.90
C ASP F 137 45.53 20.40 -32.92
N GLY F 138 44.34 20.94 -33.13
CA GLY F 138 44.08 21.96 -34.12
C GLY F 138 43.42 21.45 -35.40
N ASN F 139 43.19 20.15 -35.55
CA ASN F 139 42.45 19.58 -36.68
C ASN F 139 40.94 19.50 -36.45
N PHE F 140 40.44 19.99 -35.31
CA PHE F 140 39.03 20.20 -35.05
C PHE F 140 38.65 21.64 -35.40
N THR F 141 38.84 22.02 -36.67
CA THR F 141 38.38 23.30 -37.22
C THR F 141 37.34 23.06 -38.29
N SER F 142 36.42 24.02 -38.46
CA SER F 142 35.34 23.99 -39.46
C SER F 142 34.37 22.83 -39.29
N LYS F 143 34.25 22.29 -38.07
CA LYS F 143 33.36 21.14 -37.77
C LYS F 143 32.00 21.70 -37.37
N LYS F 144 30.92 21.31 -38.02
CA LYS F 144 29.57 21.80 -37.76
C LYS F 144 28.74 20.78 -36.97
N LEU F 145 28.05 21.20 -35.91
CA LEU F 145 26.90 20.48 -35.40
C LEU F 145 25.69 20.79 -36.27
N GLN F 146 24.83 19.82 -36.59
CA GLN F 146 23.48 20.08 -37.10
C GLN F 146 22.51 20.23 -35.94
N VAL F 147 22.06 21.47 -35.73
CA VAL F 147 21.37 21.99 -34.54
C VAL F 147 19.94 22.39 -34.88
N GLY F 148 19.28 21.67 -35.78
CA GLY F 148 17.89 21.94 -36.09
C GLY F 148 17.30 21.03 -37.15
N SER F 149 16.01 21.16 -37.41
CA SER F 149 15.25 20.29 -38.30
C SER F 149 15.55 20.46 -39.80
N LEU F 150 16.20 21.55 -40.22
CA LEU F 150 16.39 21.91 -41.63
C LEU F 150 17.87 21.94 -42.02
N CYS F 151 18.14 21.59 -43.26
CA CYS F 151 19.46 21.55 -43.86
C CYS F 151 20.21 22.88 -43.72
N GLY F 152 21.30 22.88 -42.93
CA GLY F 152 22.16 24.04 -42.74
C GLY F 152 21.96 24.82 -41.45
N GLN F 153 21.07 24.43 -40.53
CA GLN F 153 20.95 24.99 -39.18
C GLN F 153 22.04 24.45 -38.25
N ALA F 154 23.02 25.26 -37.86
CA ALA F 154 24.30 24.78 -37.35
C ALA F 154 24.92 25.62 -36.23
N ILE F 155 25.91 25.05 -35.56
CA ILE F 155 26.86 25.73 -34.68
C ILE F 155 28.24 25.18 -35.05
N THR F 156 29.30 25.99 -35.06
CA THR F 156 30.62 25.52 -35.46
C THR F 156 31.52 25.33 -34.24
N ILE F 157 32.24 24.21 -34.18
CA ILE F 157 33.26 23.92 -33.20
C ILE F 157 34.64 24.16 -33.83
N ASP F 158 35.37 25.18 -33.38
CA ASP F 158 36.76 25.45 -33.77
C ASP F 158 37.64 25.41 -32.53
N ILE F 159 38.68 24.58 -32.52
CA ILE F 159 39.63 24.48 -31.42
C ILE F 159 41.04 24.73 -31.97
N SER F 160 41.80 25.69 -31.43
CA SER F 160 43.18 25.93 -31.87
C SER F 160 44.08 24.77 -31.46
N ASP F 161 45.29 24.69 -32.00
CA ASP F 161 46.27 23.71 -31.53
C ASP F 161 46.65 23.95 -30.07
N MET F 162 46.56 22.95 -29.22
CA MET F 162 46.86 23.01 -27.78
C MET F 162 48.08 22.15 -27.40
N SER F 163 48.93 21.81 -28.35
CA SER F 163 50.19 21.11 -28.14
C SER F 163 51.24 21.99 -27.48
N ALA F 164 52.38 21.44 -27.07
CA ALA F 164 53.47 22.28 -26.57
C ALA F 164 54.01 23.25 -27.64
N THR F 165 54.03 22.89 -28.92
CA THR F 165 54.30 23.86 -30.00
C THR F 165 53.14 24.82 -30.20
N GLY F 166 51.89 24.37 -30.13
CA GLY F 166 50.70 25.22 -30.32
C GLY F 166 50.59 26.38 -29.34
N LEU F 167 51.18 26.23 -28.15
CA LEU F 167 51.18 27.21 -27.07
C LEU F 167 52.55 27.90 -26.87
N GLY F 168 53.62 27.41 -27.50
CA GLY F 168 54.98 27.95 -27.36
C GLY F 168 55.76 27.44 -26.15
N VAL F 169 55.28 26.39 -25.48
CA VAL F 169 55.94 25.74 -24.34
C VAL F 169 56.75 24.50 -24.71
N SER F 170 56.94 24.22 -26.01
CA SER F 170 58.05 23.41 -26.47
C SER F 170 59.33 24.19 -26.19
N GLY F 171 60.33 23.57 -25.57
CA GLY F 171 61.62 24.22 -25.40
C GLY F 171 61.55 25.43 -24.49
N LEU F 172 60.93 25.28 -23.32
CA LEU F 172 61.12 26.17 -22.19
C LEU F 172 62.49 25.88 -21.58
N VAL F 173 63.45 26.81 -21.69
CA VAL F 173 64.83 26.59 -21.23
C VAL F 173 65.03 27.34 -19.95
N VAL F 174 65.39 26.69 -18.84
CA VAL F 174 65.48 27.34 -17.51
C VAL F 174 66.88 27.36 -16.91
N SER F 175 67.90 27.31 -17.74
CA SER F 175 69.30 27.16 -17.35
C SER F 175 69.98 28.44 -16.82
N SER F 176 69.29 29.57 -16.78
CA SER F 176 69.79 30.86 -16.31
C SER F 176 68.63 31.81 -16.03
N PHE F 177 68.85 32.91 -15.30
CA PHE F 177 67.79 33.90 -15.05
C PHE F 177 67.18 34.42 -16.34
N SER F 178 68.00 34.75 -17.34
CA SER F 178 67.59 35.16 -18.70
C SER F 178 66.56 34.20 -19.30
N ALA F 179 66.88 32.92 -19.46
CA ALA F 179 66.00 31.99 -20.15
C ALA F 179 64.86 31.48 -19.24
N ALA F 180 65.06 31.39 -17.93
CA ALA F 180 63.99 31.01 -17.03
C ALA F 180 62.94 32.12 -16.85
N GLY F 181 63.31 33.39 -16.89
CA GLY F 181 62.34 34.47 -17.10
C GLY F 181 61.66 34.44 -18.48
N LYS F 182 62.36 34.00 -19.53
CA LYS F 182 61.72 33.79 -20.83
C LYS F 182 60.75 32.60 -20.82
N ALA F 183 60.99 31.59 -20.00
CA ALA F 183 60.07 30.48 -19.76
C ALA F 183 58.88 30.86 -18.89
N MET F 184 59.05 31.72 -17.88
CA MET F 184 57.93 32.28 -17.11
C MET F 184 56.98 33.01 -18.03
N SER F 185 57.50 33.87 -18.90
CA SER F 185 56.69 34.64 -19.87
C SER F 185 55.95 33.72 -20.84
N ALA F 186 56.60 32.70 -21.38
CA ALA F 186 55.96 31.72 -22.25
C ALA F 186 54.85 30.94 -21.57
N ALA F 187 55.07 30.45 -20.34
CA ALA F 187 54.09 29.66 -19.61
C ALA F 187 52.88 30.47 -19.16
N GLN F 188 53.03 31.75 -18.86
CA GLN F 188 51.91 32.65 -18.58
C GLN F 188 51.12 33.04 -19.82
N ASP F 189 51.76 33.32 -20.96
CA ASP F 189 51.07 33.35 -22.25
C ASP F 189 50.32 32.03 -22.51
N ALA F 190 50.92 30.86 -22.36
CA ALA F 190 50.21 29.59 -22.53
C ALA F 190 49.02 29.44 -21.58
N ILE F 191 49.11 29.86 -20.32
CA ILE F 191 47.94 29.92 -19.43
C ILE F 191 46.88 30.84 -20.03
N SER F 192 47.25 31.95 -20.65
CA SER F 192 46.33 32.89 -21.31
C SER F 192 45.71 32.29 -22.58
N TYR F 193 46.45 31.55 -23.40
CA TYR F 193 45.91 30.83 -24.56
C TYR F 193 45.00 29.68 -24.18
N VAL F 194 45.30 28.96 -23.11
CA VAL F 194 44.39 27.91 -22.64
C VAL F 194 43.18 28.53 -21.96
N SER F 195 43.29 29.64 -21.25
CA SER F 195 42.14 30.39 -20.76
C SER F 195 41.23 30.86 -21.89
N SER F 196 41.77 31.44 -22.97
CA SER F 196 40.94 31.94 -24.08
C SER F 196 40.32 30.81 -24.87
N MET F 197 40.98 29.67 -25.04
CA MET F 197 40.35 28.47 -25.62
C MET F 197 39.30 27.82 -24.74
N ARG F 198 39.54 27.64 -23.44
CA ARG F 198 38.51 27.18 -22.49
C ARG F 198 37.39 28.19 -22.32
N SER F 199 37.62 29.46 -22.64
CA SER F 199 36.54 30.45 -22.70
C SER F 199 35.70 30.32 -23.94
N LYS F 200 36.27 30.07 -25.12
CA LYS F 200 35.48 29.83 -26.33
C LYS F 200 34.67 28.56 -26.19
N LEU F 201 35.25 27.48 -25.67
CA LEU F 201 34.52 26.25 -25.38
C LEU F 201 33.50 26.39 -24.24
N GLY F 202 33.70 27.26 -23.26
CA GLY F 202 32.68 27.54 -22.24
C GLY F 202 31.51 28.37 -22.76
N ALA F 203 31.80 29.41 -23.52
CA ALA F 203 30.82 30.21 -24.23
C ALA F 203 29.95 29.42 -25.19
N LEU F 204 30.57 28.47 -25.90
CA LEU F 204 29.94 27.54 -26.83
C LEU F 204 28.99 26.58 -26.11
N GLN F 205 29.39 26.01 -24.98
CA GLN F 205 28.54 25.09 -24.25
C GLN F 205 27.39 25.81 -23.56
N ASN F 206 27.58 27.07 -23.18
CA ASN F 206 26.46 27.93 -22.80
C ASN F 206 25.55 28.26 -23.99
N ARG F 207 25.93 28.15 -25.28
CA ARG F 207 24.92 28.15 -26.36
C ARG F 207 24.12 26.88 -26.36
N LEU F 208 24.77 25.75 -26.33
CA LEU F 208 24.09 24.47 -26.45
C LEU F 208 23.18 24.19 -25.25
N GLU F 209 23.45 24.67 -24.05
CA GLU F 209 22.46 24.55 -22.98
C GLU F 209 21.17 25.27 -23.35
N HIS F 210 21.23 26.44 -23.95
CA HIS F 210 20.06 27.16 -24.45
C HIS F 210 19.46 26.46 -25.66
N THR F 211 20.24 26.00 -26.63
CA THR F 211 19.72 25.22 -27.73
C THR F 211 18.97 23.97 -27.28
N ILE F 212 19.51 23.15 -26.39
CA ILE F 212 18.81 21.95 -25.92
C ILE F 212 17.54 22.38 -25.17
N SER F 213 17.59 23.45 -24.38
CA SER F 213 16.40 23.97 -23.71
C SER F 213 15.36 24.42 -24.70
N ASN F 214 15.77 25.04 -25.80
CA ASN F 214 14.92 25.53 -26.88
C ASN F 214 14.33 24.40 -27.71
N LEU F 215 15.13 23.49 -28.28
CA LEU F 215 14.62 22.45 -29.17
C LEU F 215 13.67 21.50 -28.44
N ASP F 216 13.95 21.16 -27.19
CA ASP F 216 13.09 20.27 -26.42
C ASP F 216 11.77 20.93 -26.00
N ASN F 217 11.73 22.26 -25.93
CA ASN F 217 10.52 23.06 -25.82
C ASN F 217 9.76 23.10 -27.14
N ILE F 218 10.40 23.40 -28.28
CA ILE F 218 9.75 23.38 -29.59
C ILE F 218 9.24 21.98 -29.92
N SER F 219 9.97 20.92 -29.63
CA SER F 219 9.54 19.56 -29.85
C SER F 219 8.32 19.19 -29.03
N GLU F 220 8.23 19.58 -27.77
CA GLU F 220 7.05 19.43 -26.93
C GLU F 220 5.86 20.18 -27.49
N ASN F 221 6.04 21.42 -27.94
CA ASN F 221 4.97 22.21 -28.53
C ASN F 221 4.51 21.70 -29.88
N THR F 222 5.41 21.35 -30.80
CA THR F 222 5.01 20.76 -32.07
C THR F 222 4.53 19.31 -31.93
N SER F 223 4.79 18.61 -30.83
CA SER F 223 4.09 17.36 -30.49
C SER F 223 2.68 17.61 -30.01
N SER F 224 2.45 18.65 -29.21
CA SER F 224 1.11 19.08 -28.84
C SER F 224 0.32 19.53 -30.06
N ALA F 225 0.97 20.23 -30.99
CA ALA F 225 0.38 20.61 -32.26
C ALA F 225 -0.04 19.41 -33.10
N GLU F 226 0.85 18.46 -33.33
CA GLU F 226 0.53 17.36 -34.21
C GLU F 226 -0.43 16.39 -33.55
N SER F 227 -0.34 16.20 -32.24
CA SER F 227 -1.35 15.48 -31.49
C SER F 227 -2.73 16.09 -31.72
N ARG F 228 -2.89 17.37 -31.61
CA ARG F 228 -4.18 18.02 -31.78
C ARG F 228 -4.74 17.87 -33.21
N ILE F 229 -3.91 17.74 -34.26
CA ILE F 229 -4.38 17.36 -35.58
C ILE F 229 -4.69 15.86 -35.60
N ARG F 230 -3.72 15.00 -35.27
CA ARG F 230 -3.79 13.60 -35.70
C ARG F 230 -4.21 12.56 -34.66
N ASP F 231 -4.04 12.75 -33.37
CA ASP F 231 -4.46 11.72 -32.40
C ASP F 231 -5.98 11.67 -32.23
N THR F 232 -6.55 10.47 -32.17
CA THR F 232 -7.95 10.30 -31.79
C THR F 232 -8.12 10.80 -30.37
N ASP F 233 -9.03 11.76 -30.19
CA ASP F 233 -9.58 12.06 -28.88
C ASP F 233 -10.50 10.89 -28.51
N MET F 234 -10.06 10.00 -27.63
CA MET F 234 -10.74 8.72 -27.40
C MET F 234 -12.13 8.91 -26.83
N ALA F 235 -12.36 10.00 -26.09
CA ALA F 235 -13.66 10.39 -25.58
C ALA F 235 -14.61 10.73 -26.73
N GLU F 236 -14.27 11.73 -27.54
CA GLU F 236 -15.11 12.19 -28.65
C GLU F 236 -15.38 11.11 -29.69
N GLU F 237 -14.41 10.27 -30.02
CA GLU F 237 -14.67 9.20 -30.97
C GLU F 237 -15.48 8.06 -30.37
N MET F 238 -15.54 7.88 -29.06
CA MET F 238 -16.40 6.87 -28.44
C MET F 238 -17.86 7.35 -28.30
N VAL F 239 -18.06 8.67 -28.26
CA VAL F 239 -19.37 9.32 -28.52
C VAL F 239 -19.82 9.03 -29.94
N GLU F 240 -18.97 9.27 -30.93
CA GLU F 240 -19.33 9.12 -32.33
C GLU F 240 -19.46 7.66 -32.75
N TYR F 241 -18.66 6.76 -32.18
CA TYR F 241 -18.70 5.32 -32.43
C TYR F 241 -19.98 4.73 -31.90
N SER F 242 -20.34 5.09 -30.69
CA SER F 242 -21.49 4.55 -30.00
C SER F 242 -22.84 5.06 -30.53
N LYS F 243 -22.91 6.18 -31.27
CA LYS F 243 -24.09 6.56 -32.07
C LYS F 243 -24.32 5.57 -33.18
N ASN F 244 -23.28 5.32 -33.98
CA ASN F 244 -23.34 4.45 -35.14
C ASN F 244 -23.63 3.01 -34.75
N ASN F 245 -23.07 2.56 -33.63
CA ASN F 245 -23.27 1.22 -33.10
C ASN F 245 -24.75 0.97 -32.78
N ILE F 246 -25.45 1.96 -32.21
CA ILE F 246 -26.89 1.89 -31.93
C ILE F 246 -27.74 2.08 -33.20
N LEU F 247 -27.40 3.01 -34.09
CA LEU F 247 -28.05 3.10 -35.40
C LEU F 247 -27.96 1.80 -36.22
N ALA F 248 -26.86 1.05 -36.13
CA ALA F 248 -26.72 -0.17 -36.88
C ALA F 248 -27.71 -1.20 -36.42
N GLN F 249 -27.90 -1.34 -35.11
CA GLN F 249 -28.90 -2.20 -34.52
C GLN F 249 -30.34 -1.73 -34.80
N ALA F 250 -30.60 -0.43 -34.73
CA ALA F 250 -31.86 0.15 -35.15
C ALA F 250 -32.15 -0.10 -36.63
N GLY F 251 -31.16 0.02 -37.52
CA GLY F 251 -31.28 -0.29 -38.93
C GLY F 251 -31.40 -1.79 -39.23
N GLN F 252 -30.70 -2.67 -38.52
CA GLN F 252 -30.87 -4.12 -38.61
C GLN F 252 -32.26 -4.52 -38.18
N SER F 253 -32.79 -3.92 -37.11
CA SER F 253 -34.17 -4.10 -36.65
C SER F 253 -35.18 -3.65 -37.68
N MET F 254 -34.91 -2.51 -38.30
CA MET F 254 -35.83 -1.91 -39.23
C MET F 254 -35.84 -2.64 -40.56
N LEU F 255 -34.69 -3.11 -41.01
CA LEU F 255 -34.57 -4.02 -42.13
C LEU F 255 -35.16 -5.40 -41.85
N ALA F 256 -34.95 -5.98 -40.67
CA ALA F 256 -35.60 -7.22 -40.29
C ALA F 256 -37.13 -7.11 -40.37
N GLN F 257 -37.72 -6.00 -39.92
CA GLN F 257 -39.16 -5.77 -40.05
C GLN F 257 -39.61 -5.47 -41.47
N ALA F 258 -38.77 -4.82 -42.26
CA ALA F 258 -39.04 -4.53 -43.66
C ALA F 258 -39.11 -5.80 -44.52
N ASN F 259 -38.36 -6.85 -44.19
CA ASN F 259 -38.49 -8.13 -44.89
C ASN F 259 -39.76 -8.90 -44.50
N GLN F 260 -40.24 -8.72 -43.26
CA GLN F 260 -41.57 -9.18 -42.87
C GLN F 260 -42.69 -8.34 -43.50
N SER F 261 -42.44 -7.07 -43.84
CA SER F 261 -43.44 -6.08 -44.23
C SER F 261 -44.45 -6.56 -45.25
N THR F 262 -43.99 -7.17 -46.35
CA THR F 262 -44.88 -7.62 -47.43
C THR F 262 -45.48 -9.02 -47.24
N GLN F 263 -45.29 -9.66 -46.10
CA GLN F 263 -46.00 -10.92 -45.78
C GLN F 263 -47.51 -10.71 -45.80
N GLY F 264 -47.95 -9.47 -45.63
CA GLY F 264 -49.35 -9.06 -45.67
C GLY F 264 -50.04 -9.27 -47.01
N VAL F 265 -49.31 -9.56 -48.08
CA VAL F 265 -49.88 -9.86 -49.40
C VAL F 265 -50.64 -11.16 -49.38
N LEU F 266 -50.15 -12.13 -48.64
CA LEU F 266 -50.37 -13.55 -48.90
C LEU F 266 -51.78 -14.09 -48.59
N SER F 267 -52.72 -13.23 -48.18
CA SER F 267 -54.09 -13.58 -47.78
C SER F 267 -55.18 -13.07 -48.75
N LEU F 268 -54.85 -12.32 -49.82
CA LEU F 268 -55.84 -11.52 -50.54
C LEU F 268 -56.87 -12.29 -51.43
N LEU F 269 -56.53 -13.52 -51.82
CA LEU F 269 -57.44 -14.65 -52.12
C LEU F 269 -56.57 -15.92 -52.20
N GLN F 270 -55.82 -16.14 -51.12
CA GLN F 270 -54.57 -16.90 -51.11
C GLN F 270 -54.34 -17.64 -49.79
N MET G 1 -24.44 -6.56 -43.46
CA MET G 1 -22.99 -6.80 -43.43
C MET G 1 -22.61 -8.02 -44.26
N VAL G 2 -21.39 -8.05 -44.78
CA VAL G 2 -20.76 -9.34 -45.12
C VAL G 2 -20.47 -10.14 -43.86
N VAL G 3 -20.89 -11.40 -43.86
CA VAL G 3 -20.74 -12.31 -42.73
C VAL G 3 -19.41 -13.05 -42.76
N GLN G 4 -18.84 -13.19 -43.95
CA GLN G 4 -17.67 -14.02 -44.21
C GLN G 4 -16.34 -13.33 -43.90
N HIS G 5 -16.29 -12.02 -43.83
CA HIS G 5 -15.06 -11.25 -43.62
C HIS G 5 -15.38 -10.07 -42.74
N ASN G 6 -15.23 -10.26 -41.45
CA ASN G 6 -15.33 -9.18 -40.50
C ASN G 6 -14.07 -8.33 -40.59
N LEU G 7 -14.07 -7.33 -41.47
CA LEU G 7 -12.90 -6.48 -41.69
C LEU G 7 -12.75 -5.40 -40.63
N THR G 8 -13.82 -5.03 -39.95
CA THR G 8 -13.72 -4.26 -38.71
C THR G 8 -12.83 -4.98 -37.71
N ALA G 9 -13.00 -6.29 -37.55
CA ALA G 9 -12.15 -7.13 -36.73
C ALA G 9 -10.76 -7.36 -37.30
N MET G 10 -10.59 -7.66 -38.59
CA MET G 10 -9.27 -7.86 -39.21
C MET G 10 -8.40 -6.60 -39.22
N ASN G 11 -8.98 -5.41 -39.32
CA ASN G 11 -8.25 -4.18 -39.06
C ASN G 11 -7.86 -4.03 -37.60
N ALA G 12 -8.76 -4.34 -36.66
CA ALA G 12 -8.47 -4.18 -35.25
C ALA G 12 -7.39 -5.15 -34.80
N ASN G 13 -7.42 -6.38 -35.29
CA ASN G 13 -6.33 -7.35 -35.21
C ASN G 13 -5.01 -6.78 -35.78
N ARG G 14 -4.97 -6.28 -37.00
CA ARG G 14 -3.74 -5.68 -37.57
C ARG G 14 -3.20 -4.53 -36.74
N GLN G 15 -4.06 -3.62 -36.29
CA GLN G 15 -3.65 -2.46 -35.46
C GLN G 15 -3.27 -2.82 -34.04
N LEU G 16 -3.79 -3.91 -33.50
CA LEU G 16 -3.30 -4.45 -32.25
C LEU G 16 -1.88 -4.97 -32.39
N GLY G 17 -1.53 -5.61 -33.51
CA GLY G 17 -0.16 -5.98 -33.82
C GLY G 17 0.86 -4.84 -33.72
N ILE G 18 0.60 -3.66 -34.27
CA ILE G 18 1.52 -2.51 -34.17
C ILE G 18 1.71 -2.05 -32.73
N THR G 19 0.63 -2.09 -31.97
CA THR G 19 0.59 -1.66 -30.59
C THR G 19 1.34 -2.62 -29.69
N THR G 20 1.14 -3.92 -29.84
CA THR G 20 1.80 -4.96 -29.04
C THR G 20 3.19 -5.32 -29.53
N GLY G 21 3.54 -4.94 -30.76
CA GLY G 21 4.91 -4.84 -31.20
C GLY G 21 5.65 -3.72 -30.50
N ALA G 22 5.16 -2.48 -30.58
CA ALA G 22 5.80 -1.35 -29.90
C ALA G 22 5.88 -1.57 -28.38
N GLN G 23 4.88 -2.21 -27.76
CA GLN G 23 5.00 -2.54 -26.35
C GLN G 23 6.16 -3.50 -26.01
N ALA G 24 6.42 -4.55 -26.78
CA ALA G 24 7.61 -5.37 -26.57
C ALA G 24 8.92 -4.64 -26.89
N LYS G 25 9.01 -3.83 -27.94
CA LYS G 25 10.22 -3.04 -28.25
C LYS G 25 10.50 -1.93 -27.24
N SER G 26 9.50 -1.43 -26.53
CA SER G 26 9.68 -0.55 -25.36
C SER G 26 10.08 -1.32 -24.12
N SER G 27 9.37 -2.39 -23.78
CA SER G 27 9.61 -3.20 -22.58
C SER G 27 11.04 -3.75 -22.51
N GLU G 28 11.61 -4.10 -23.65
CA GLU G 28 12.99 -4.53 -23.84
C GLU G 28 13.98 -3.48 -23.33
N LYS G 29 13.73 -2.20 -23.58
CA LYS G 29 14.60 -1.08 -23.20
C LYS G 29 14.50 -0.78 -21.73
N LEU G 30 13.31 -0.91 -21.15
CA LEU G 30 13.10 -0.76 -19.72
C LEU G 30 13.80 -1.86 -18.95
N SER G 31 13.57 -3.10 -19.31
CA SER G 31 14.13 -4.21 -18.56
C SER G 31 15.65 -4.33 -18.69
N SER G 32 16.25 -4.08 -19.86
CA SER G 32 17.70 -4.07 -20.03
C SER G 32 18.37 -2.79 -19.56
N GLY G 33 17.67 -1.67 -19.54
CA GLY G 33 18.23 -0.38 -19.19
C GLY G 33 18.98 0.26 -20.34
N TYR G 34 18.88 -0.29 -21.55
CA TYR G 34 19.56 0.20 -22.74
C TYR G 34 18.59 0.58 -23.86
N LYS G 35 18.83 1.74 -24.45
CA LYS G 35 18.09 2.34 -25.56
C LYS G 35 18.35 1.64 -26.89
N ILE G 36 19.62 1.44 -27.23
CA ILE G 36 20.09 0.53 -28.29
C ILE G 36 20.39 -0.82 -27.65
N ASN G 37 19.52 -1.80 -27.82
CA ASN G 37 19.81 -3.21 -27.48
C ASN G 37 20.42 -3.95 -28.68
N ARG G 38 20.04 -3.49 -29.86
CA ARG G 38 20.32 -4.13 -31.13
C ARG G 38 20.54 -3.09 -32.20
N ALA G 39 21.23 -3.43 -33.25
CA ALA G 39 21.63 -2.46 -34.26
C ALA G 39 20.44 -1.97 -35.09
N ALA G 40 19.35 -2.73 -35.12
CA ALA G 40 18.09 -2.30 -35.71
C ALA G 40 17.52 -1.05 -35.02
N ASP G 41 17.81 -0.85 -33.73
CA ASP G 41 17.38 0.34 -33.00
C ASP G 41 18.04 1.61 -33.54
N ASP G 42 19.36 1.58 -33.76
CA ASP G 42 20.16 2.72 -34.22
C ASP G 42 21.56 2.28 -34.65
N ALA G 43 21.82 2.20 -35.95
CA ALA G 43 23.11 1.75 -36.44
C ALA G 43 24.25 2.70 -36.06
N ALA G 44 24.05 4.01 -36.10
CA ALA G 44 25.07 4.96 -35.61
C ALA G 44 25.21 4.93 -34.09
N GLY G 45 24.12 4.68 -33.38
CA GLY G 45 24.11 4.60 -31.92
C GLY G 45 24.90 3.42 -31.44
N LEU G 46 24.68 2.24 -32.01
CA LEU G 46 25.47 1.06 -31.79
C LEU G 46 26.94 1.26 -32.15
N THR G 47 27.23 1.70 -33.38
CA THR G 47 28.60 1.91 -33.84
C THR G 47 29.36 2.88 -32.96
N ILE G 48 28.83 4.08 -32.70
CA ILE G 48 29.51 5.06 -31.87
C ILE G 48 29.68 4.51 -30.46
N SER G 49 28.63 3.93 -29.89
CA SER G 49 28.69 3.44 -28.51
C SER G 49 29.76 2.41 -28.32
N GLU G 50 29.97 1.47 -29.25
CA GLU G 50 31.05 0.51 -29.13
C GLU G 50 32.42 1.17 -29.21
N LYS G 51 32.61 2.27 -29.93
CA LYS G 51 33.84 3.08 -29.86
C LYS G 51 33.99 3.87 -28.57
N MET G 52 32.91 4.29 -27.95
CA MET G 52 32.96 4.89 -26.62
C MET G 52 33.19 3.85 -25.52
N ARG G 53 32.58 2.67 -25.60
CA ARG G 53 32.83 1.52 -24.71
C ARG G 53 34.28 1.13 -24.80
N SER G 54 34.80 1.04 -26.01
CA SER G 54 36.20 0.72 -26.32
C SER G 54 37.16 1.77 -25.76
N GLN G 55 36.81 3.04 -25.86
CA GLN G 55 37.57 4.12 -25.25
C GLN G 55 37.50 4.09 -23.73
N VAL G 56 36.34 3.96 -23.10
CA VAL G 56 36.22 3.95 -21.65
C VAL G 56 37.04 2.83 -21.04
N ARG G 57 36.95 1.60 -21.56
CA ARG G 57 37.76 0.47 -21.09
C ARG G 57 39.24 0.66 -21.36
N GLY G 58 39.64 1.16 -22.52
CA GLY G 58 41.05 1.43 -22.77
C GLY G 58 41.62 2.55 -21.91
N LEU G 59 40.81 3.55 -21.56
CA LEU G 59 41.21 4.58 -20.62
C LEU G 59 41.29 4.06 -19.20
N ASN G 60 40.38 3.20 -18.77
CA ASN G 60 40.43 2.62 -17.43
C ASN G 60 41.60 1.63 -17.26
N LYS G 61 42.02 0.91 -18.30
CA LYS G 61 43.29 0.16 -18.26
C LYS G 61 44.51 1.05 -18.40
N ALA G 62 44.49 2.06 -19.26
CA ALA G 62 45.55 3.06 -19.29
C ALA G 62 45.71 3.76 -17.95
N SER G 63 44.63 3.99 -17.22
CA SER G 63 44.67 4.60 -15.90
C SER G 63 45.28 3.65 -14.88
N ASP G 64 44.91 2.37 -14.89
CA ASP G 64 45.60 1.34 -14.12
C ASP G 64 47.07 1.14 -14.53
N ASN G 65 47.44 1.32 -15.79
CA ASN G 65 48.82 1.20 -16.26
C ASN G 65 49.66 2.42 -15.90
N ALA G 66 49.09 3.61 -15.88
CA ALA G 66 49.74 4.77 -15.31
C ALA G 66 49.84 4.68 -13.79
N GLN G 67 48.84 4.12 -13.10
CA GLN G 67 48.91 3.87 -11.67
C GLN G 67 49.97 2.83 -11.38
N ASP G 68 49.98 1.71 -12.09
CA ASP G 68 50.97 0.66 -11.94
C ASP G 68 52.37 1.13 -12.29
N GLY G 69 52.53 2.04 -13.25
CA GLY G 69 53.75 2.79 -13.51
C GLY G 69 54.18 3.74 -12.39
N VAL G 70 53.28 4.51 -11.79
CA VAL G 70 53.59 5.25 -10.55
C VAL G 70 53.95 4.31 -9.39
N SER G 71 53.28 3.18 -9.22
CA SER G 71 53.65 2.22 -8.18
C SER G 71 55.03 1.63 -8.40
N LEU G 72 55.42 1.30 -9.63
CA LEU G 72 56.81 0.97 -9.94
C LEU G 72 57.77 2.10 -9.59
N ILE G 73 57.56 3.29 -10.15
CA ILE G 73 58.47 4.44 -9.97
C ILE G 73 58.74 4.70 -8.51
N GLN G 74 57.71 4.62 -7.66
CA GLN G 74 57.87 4.85 -6.24
C GLN G 74 58.77 3.82 -5.58
N VAL G 75 58.75 2.55 -5.97
CA VAL G 75 59.73 1.57 -5.49
C VAL G 75 61.14 1.99 -5.91
N ALA G 76 61.34 2.32 -7.19
CA ALA G 76 62.66 2.60 -7.70
C ALA G 76 63.28 3.84 -7.08
N GLU G 77 62.54 4.93 -6.93
CA GLU G 77 63.09 6.15 -6.35
C GLU G 77 63.06 6.15 -4.81
N GLY G 78 62.14 5.43 -4.20
CA GLY G 78 62.23 5.05 -2.79
C GLY G 78 63.39 4.11 -2.44
N ALA G 79 64.00 3.42 -3.41
CA ALA G 79 65.24 2.67 -3.20
C ALA G 79 66.47 3.56 -3.31
N LEU G 80 66.45 4.53 -4.22
CA LEU G 80 67.50 5.51 -4.37
C LEU G 80 67.56 6.51 -3.22
N SER G 81 66.52 6.57 -2.38
CA SER G 81 66.57 7.24 -1.10
C SER G 81 67.55 6.62 -0.13
N GLU G 82 67.61 5.29 -0.01
CA GLU G 82 68.64 4.67 0.82
C GLU G 82 69.98 4.53 0.09
N THR G 83 70.04 4.59 -1.24
CA THR G 83 71.30 4.92 -1.89
C THR G 83 71.80 6.29 -1.46
N HIS G 84 70.98 7.34 -1.42
CA HIS G 84 71.41 8.60 -0.83
C HIS G 84 71.82 8.48 0.62
N SER G 85 71.06 7.86 1.52
CA SER G 85 71.47 7.73 2.92
C SER G 85 72.84 7.09 3.04
N ILE G 86 73.13 6.06 2.24
CA ILE G 86 74.48 5.48 2.21
C ILE G 86 75.49 6.49 1.66
N LEU G 87 75.29 7.11 0.51
CA LEU G 87 76.25 8.08 -0.03
C LEU G 87 76.48 9.32 0.85
N GLN G 88 75.48 9.81 1.59
CA GLN G 88 75.67 10.86 2.59
C GLN G 88 76.61 10.36 3.70
N ARG G 89 76.46 9.12 4.16
CA ARG G 89 77.35 8.46 5.13
C ARG G 89 78.73 8.13 4.56
N MET G 90 78.86 7.73 3.30
CA MET G 90 80.16 7.49 2.67
C MET G 90 80.93 8.79 2.47
N ASN G 91 80.29 9.87 2.08
CA ASN G 91 80.94 11.18 2.02
C ASN G 91 81.43 11.64 3.39
N GLU G 92 80.62 11.47 4.42
CA GLU G 92 80.92 11.79 5.81
C GLU G 92 82.05 10.95 6.36
N LEU G 93 82.12 9.65 6.06
CA LEU G 93 83.28 8.81 6.36
C LEU G 93 84.51 9.16 5.55
N ALA G 94 84.40 9.36 4.25
CA ALA G 94 85.52 9.74 3.41
C ALA G 94 86.15 11.06 3.85
N THR G 95 85.36 12.02 4.33
CA THR G 95 85.83 13.30 4.90
C THR G 95 86.57 13.13 6.22
N GLN G 96 86.31 12.05 6.93
CA GLN G 96 86.97 11.77 8.19
C GLN G 96 88.30 11.07 7.96
N ALA G 97 88.33 10.05 7.09
CA ALA G 97 89.58 9.39 6.70
C ALA G 97 90.52 10.25 5.83
N ALA G 98 90.02 11.34 5.26
CA ALA G 98 90.81 12.33 4.58
C ALA G 98 91.73 13.10 5.50
N ASN G 99 91.37 13.24 6.77
CA ASN G 99 92.20 13.95 7.72
C ASN G 99 93.47 13.15 8.02
N ASP G 100 94.61 13.81 8.21
CA ASP G 100 95.91 13.17 8.45
C ASP G 100 96.38 13.21 9.91
N THR G 101 95.45 13.30 10.87
CA THR G 101 95.73 12.91 12.26
C THR G 101 95.26 11.48 12.58
N ASN G 102 95.01 10.65 11.56
CA ASN G 102 94.56 9.27 11.66
C ASN G 102 95.74 8.30 11.44
N THR G 103 95.92 7.32 12.32
CA THR G 103 96.84 6.21 12.06
C THR G 103 96.21 5.23 11.09
N THR G 104 96.97 4.28 10.57
CA THR G 104 96.45 3.32 9.59
C THR G 104 95.32 2.46 10.16
N SER G 105 95.35 2.11 11.46
CA SER G 105 94.25 1.41 12.16
C SER G 105 92.92 2.13 11.99
N ASP G 106 92.95 3.45 12.05
CA ASP G 106 91.78 4.32 12.10
C ASP G 106 91.19 4.47 10.71
N ARG G 107 92.03 4.56 9.67
CA ARG G 107 91.56 4.53 8.28
C ARG G 107 91.11 3.17 7.82
N THR G 108 91.66 2.07 8.32
CA THR G 108 91.06 0.76 8.01
C THR G 108 89.76 0.54 8.77
N ALA G 109 89.55 1.10 9.97
CA ALA G 109 88.22 1.13 10.57
C ALA G 109 87.23 1.92 9.70
N VAL G 110 87.64 3.01 9.07
CA VAL G 110 86.79 3.69 8.08
C VAL G 110 86.63 2.86 6.81
N GLN G 111 87.69 2.25 6.29
CA GLN G 111 87.65 1.43 5.10
C GLN G 111 86.73 0.22 5.26
N GLN G 112 86.66 -0.44 6.41
CA GLN G 112 85.74 -1.56 6.63
C GLN G 112 84.29 -1.14 6.45
N GLU G 113 83.90 0.06 6.89
CA GLU G 113 82.57 0.57 6.66
C GLU G 113 82.37 1.01 5.22
N ILE G 114 83.35 1.62 4.56
CA ILE G 114 83.23 1.96 3.14
C ILE G 114 83.14 0.73 2.25
N ASN G 115 83.83 -0.36 2.55
CA ASN G 115 83.67 -1.63 1.83
C ASN G 115 82.29 -2.25 2.08
N GLN G 116 81.80 -2.27 3.32
CA GLN G 116 80.44 -2.74 3.61
C GLN G 116 79.35 -1.84 3.01
N LEU G 117 79.48 -0.51 2.99
CA LEU G 117 78.48 0.38 2.43
C LEU G 117 78.47 0.41 0.92
N ALA G 118 79.62 0.20 0.25
CA ALA G 118 79.65 0.01 -1.18
C ALA G 118 79.02 -1.32 -1.62
N SER G 119 79.24 -2.41 -0.89
CA SER G 119 78.50 -3.65 -1.10
C SER G 119 77.01 -3.42 -0.92
N GLU G 120 76.62 -2.59 0.04
CA GLU G 120 75.21 -2.28 0.25
C GLU G 120 74.58 -1.52 -0.89
N ILE G 121 75.21 -0.50 -1.45
CA ILE G 121 74.73 0.19 -2.65
C ILE G 121 74.45 -0.77 -3.82
N THR G 122 75.30 -1.77 -4.05
CA THR G 122 75.01 -2.81 -5.03
C THR G 122 73.93 -3.79 -4.56
N ARG G 123 73.83 -4.15 -3.27
CA ARG G 123 72.69 -4.93 -2.79
C ARG G 123 71.37 -4.19 -3.05
N ILE G 124 71.24 -2.89 -2.75
CA ILE G 124 70.04 -2.10 -3.11
C ILE G 124 69.75 -2.23 -4.60
N ALA G 125 70.76 -2.04 -5.45
CA ALA G 125 70.62 -2.02 -6.90
C ALA G 125 70.21 -3.35 -7.54
N SER G 126 70.82 -4.47 -7.17
CA SER G 126 70.45 -5.77 -7.75
C SER G 126 69.27 -6.44 -7.05
N THR G 127 68.85 -5.96 -5.89
CA THR G 127 67.76 -6.56 -5.10
C THR G 127 66.43 -5.83 -5.22
N THR G 128 66.39 -4.52 -5.44
CA THR G 128 65.10 -3.85 -5.62
C THR G 128 64.48 -4.26 -6.93
N GLN G 129 63.32 -4.88 -6.84
CA GLN G 129 62.55 -5.44 -7.94
C GLN G 129 61.10 -5.01 -7.83
N PHE G 130 60.43 -4.84 -8.95
CA PHE G 130 58.97 -4.70 -9.01
C PHE G 130 58.45 -5.84 -9.83
N ASN G 131 57.48 -6.60 -9.33
CA ASN G 131 56.89 -7.70 -10.09
C ASN G 131 57.95 -8.69 -10.62
N THR G 132 58.99 -8.96 -9.84
CA THR G 132 60.18 -9.74 -10.22
C THR G 132 61.15 -9.16 -11.26
N MET G 133 61.08 -7.89 -11.64
CA MET G 133 62.05 -7.24 -12.55
C MET G 133 62.99 -6.30 -11.80
N ASN G 134 64.31 -6.38 -12.00
CA ASN G 134 65.28 -5.45 -11.43
C ASN G 134 65.01 -4.03 -11.91
N LEU G 135 65.02 -3.05 -11.02
CA LEU G 135 64.68 -1.67 -11.37
C LEU G 135 65.88 -0.74 -11.55
N ILE G 136 67.00 -0.98 -10.88
CA ILE G 136 68.14 -0.05 -10.86
C ILE G 136 69.51 -0.72 -11.03
N ASP G 137 69.58 -1.89 -11.68
CA ASP G 137 70.85 -2.43 -12.14
C ASP G 137 71.27 -1.85 -13.51
N GLY G 138 70.38 -1.11 -14.15
CA GLY G 138 70.59 -0.55 -15.48
C GLY G 138 69.80 -1.24 -16.58
N ASN G 139 69.25 -2.43 -16.36
CA ASN G 139 68.59 -3.22 -17.41
C ASN G 139 67.09 -2.90 -17.58
N PHE G 140 66.59 -1.89 -16.88
CA PHE G 140 65.30 -1.26 -17.10
C PHE G 140 65.43 -0.16 -18.17
N THR G 141 65.77 -0.53 -19.41
CA THR G 141 65.90 0.35 -20.58
C THR G 141 64.63 0.30 -21.42
N SER G 142 64.16 1.45 -21.91
CA SER G 142 63.12 1.62 -22.93
C SER G 142 61.75 1.06 -22.58
N LYS G 143 61.50 0.69 -21.34
CA LYS G 143 60.26 0.06 -20.93
C LYS G 143 59.11 1.04 -21.13
N LYS G 144 58.05 0.67 -21.85
CA LYS G 144 56.94 1.56 -22.20
C LYS G 144 55.70 1.29 -21.32
N LEU G 145 55.20 2.32 -20.68
CA LEU G 145 53.85 2.35 -20.13
C LEU G 145 52.88 2.60 -21.28
N GLN G 146 51.80 1.83 -21.40
CA GLN G 146 50.74 2.05 -22.37
C GLN G 146 49.65 2.90 -21.73
N VAL G 147 49.65 4.21 -21.98
CA VAL G 147 48.82 5.18 -21.27
C VAL G 147 47.80 5.84 -22.16
N GLY G 148 47.11 5.05 -22.97
CA GLY G 148 45.87 5.48 -23.62
C GLY G 148 45.20 4.34 -24.36
N SER G 149 44.03 4.60 -24.92
CA SER G 149 43.20 3.60 -25.58
C SER G 149 43.75 3.00 -26.87
N LEU G 150 44.80 3.55 -27.48
CA LEU G 150 45.26 3.17 -28.82
C LEU G 150 46.66 2.57 -28.83
N CYS G 151 46.95 1.69 -29.80
CA CYS G 151 48.27 1.14 -30.11
C CYS G 151 49.35 2.22 -30.04
N GLY G 152 50.30 2.12 -29.11
CA GLY G 152 51.48 2.97 -29.10
C GLY G 152 51.34 4.35 -28.46
N GLN G 153 50.34 4.60 -27.59
CA GLN G 153 50.27 5.78 -26.72
C GLN G 153 51.20 5.67 -25.49
N ALA G 154 52.50 5.63 -25.72
CA ALA G 154 53.52 5.37 -24.71
C ALA G 154 53.82 6.52 -23.73
N ILE G 155 54.47 6.15 -22.63
CA ILE G 155 55.36 6.93 -21.77
C ILE G 155 56.51 5.97 -21.46
N THR G 156 57.76 6.40 -21.26
CA THR G 156 58.92 5.48 -21.26
C THR G 156 59.78 5.62 -20.02
N ILE G 157 60.18 4.48 -19.44
CA ILE G 157 60.93 4.38 -18.20
C ILE G 157 62.37 3.89 -18.48
N ASP G 158 63.32 4.81 -18.49
CA ASP G 158 64.77 4.53 -18.55
C ASP G 158 65.39 4.78 -17.19
N ILE G 159 66.14 3.84 -16.65
CA ILE G 159 66.81 4.02 -15.36
C ILE G 159 68.28 3.59 -15.47
N SER G 160 69.22 4.53 -15.41
CA SER G 160 70.66 4.22 -15.46
C SER G 160 71.05 3.30 -14.29
N ASP G 161 72.13 2.55 -14.40
CA ASP G 161 72.62 1.71 -13.30
C ASP G 161 72.90 2.53 -12.03
N MET G 162 72.38 2.09 -10.88
CA MET G 162 72.61 2.73 -9.58
C MET G 162 73.33 1.80 -8.60
N SER G 163 74.02 0.78 -9.10
CA SER G 163 74.99 -0.05 -8.38
C SER G 163 76.29 0.71 -8.09
N ALA G 164 77.18 0.17 -7.27
CA ALA G 164 78.43 0.84 -6.94
C ALA G 164 79.35 1.10 -8.15
N THR G 165 79.29 0.29 -9.20
CA THR G 165 80.05 0.55 -10.44
C THR G 165 79.35 1.57 -11.35
N GLY G 166 78.01 1.63 -11.34
CA GLY G 166 77.26 2.63 -12.09
C GLY G 166 77.40 4.06 -11.53
N LEU G 167 77.81 4.18 -10.27
CA LEU G 167 78.02 5.44 -9.58
C LEU G 167 79.50 5.78 -9.38
N GLY G 168 80.39 4.79 -9.41
CA GLY G 168 81.83 4.98 -9.23
C GLY G 168 82.28 4.89 -7.77
N VAL G 169 81.41 4.42 -6.88
CA VAL G 169 81.75 4.16 -5.48
C VAL G 169 82.26 2.74 -5.23
N SER G 170 82.38 1.88 -6.25
CA SER G 170 83.32 0.76 -6.20
C SER G 170 84.72 1.33 -6.13
N GLY G 171 85.58 0.83 -5.25
CA GLY G 171 86.94 1.37 -5.12
C GLY G 171 86.94 2.80 -4.56
N LEU G 172 86.20 3.04 -3.47
CA LEU G 172 86.51 4.17 -2.60
C LEU G 172 87.66 3.75 -1.68
N VAL G 173 88.86 4.26 -1.92
CA VAL G 173 90.03 3.94 -1.11
C VAL G 173 90.36 5.14 -0.22
N VAL G 174 90.41 4.95 1.09
CA VAL G 174 90.57 6.05 2.07
C VAL G 174 91.78 5.88 2.98
N SER G 175 92.72 5.01 2.61
CA SER G 175 93.92 4.69 3.39
C SER G 175 94.93 5.85 3.48
N SER G 176 94.71 6.96 2.78
CA SER G 176 95.56 8.15 2.77
C SER G 176 94.74 9.39 2.36
N PHE G 177 95.25 10.60 2.64
CA PHE G 177 94.56 11.86 2.32
C PHE G 177 94.17 11.99 0.86
N SER G 178 95.08 11.67 -0.06
CA SER G 178 94.88 11.86 -1.50
C SER G 178 93.74 10.99 -2.01
N ALA G 179 93.72 9.73 -1.59
CA ALA G 179 92.70 8.80 -2.00
C ALA G 179 91.37 9.10 -1.31
N ALA G 180 91.41 9.46 -0.04
CA ALA G 180 90.21 9.86 0.68
C ALA G 180 89.58 11.14 0.13
N GLY G 181 90.37 12.15 -0.26
CA GLY G 181 89.85 13.30 -1.01
C GLY G 181 89.26 12.89 -2.36
N LYS G 182 89.84 11.90 -3.05
CA LYS G 182 89.23 11.33 -4.25
C LYS G 182 87.94 10.57 -3.94
N ALA G 183 87.82 9.90 -2.80
CA ALA G 183 86.58 9.27 -2.34
C ALA G 183 85.50 10.29 -1.94
N MET G 184 85.86 11.46 -1.41
CA MET G 184 84.93 12.58 -1.28
C MET G 184 84.41 13.01 -2.66
N SER G 185 85.30 13.26 -3.62
CA SER G 185 84.94 13.61 -5.01
C SER G 185 84.03 12.57 -5.66
N ALA G 186 84.34 11.28 -5.52
CA ALA G 186 83.49 10.21 -6.02
C ALA G 186 82.13 10.15 -5.32
N ALA G 187 82.05 10.16 -3.99
CA ALA G 187 80.76 10.08 -3.30
C ALA G 187 79.89 11.32 -3.53
N GLN G 188 80.48 12.50 -3.66
CA GLN G 188 79.73 13.71 -3.99
C GLN G 188 79.23 13.73 -5.43
N ASP G 189 79.99 13.20 -6.38
CA ASP G 189 79.48 12.93 -7.72
C ASP G 189 78.37 11.90 -7.70
N ALA G 190 78.51 10.80 -6.97
CA ALA G 190 77.47 9.80 -6.82
C ALA G 190 76.19 10.39 -6.21
N ILE G 191 76.25 11.29 -5.24
CA ILE G 191 75.06 12.02 -4.77
C ILE G 191 74.49 12.87 -5.90
N SER G 192 75.32 13.49 -6.74
CA SER G 192 74.90 14.19 -7.95
C SER G 192 74.22 13.25 -8.97
N TYR G 193 74.74 12.04 -9.20
CA TYR G 193 74.09 11.05 -10.07
C TYR G 193 72.79 10.52 -9.53
N VAL G 194 72.73 10.17 -8.26
CA VAL G 194 71.48 9.72 -7.66
C VAL G 194 70.46 10.86 -7.62
N SER G 195 70.87 12.11 -7.41
CA SER G 195 69.95 13.24 -7.49
C SER G 195 69.35 13.40 -8.88
N SER G 196 70.12 13.24 -9.96
CA SER G 196 69.58 13.36 -11.30
C SER G 196 68.70 12.16 -11.67
N MET G 197 69.01 10.96 -11.20
CA MET G 197 68.12 9.82 -11.41
C MET G 197 66.82 9.88 -10.60
N ARG G 198 66.85 10.38 -9.37
CA ARG G 198 65.63 10.68 -8.61
C ARG G 198 64.87 11.88 -9.15
N SER G 199 65.51 12.79 -9.86
CA SER G 199 64.83 13.85 -10.61
C SER G 199 64.16 13.34 -11.89
N LYS G 200 64.68 12.34 -12.59
CA LYS G 200 63.96 11.69 -13.69
C LYS G 200 62.76 10.91 -13.18
N LEU G 201 62.93 10.10 -12.16
CA LEU G 201 61.82 9.37 -11.55
C LEU G 201 60.78 10.30 -10.90
N GLY G 202 61.10 11.52 -10.48
CA GLY G 202 60.12 12.48 -9.99
C GLY G 202 59.35 13.16 -11.11
N ALA G 203 60.06 13.76 -12.07
CA ALA G 203 59.49 14.36 -13.26
C ALA G 203 58.53 13.44 -14.03
N LEU G 204 58.87 12.16 -14.12
CA LEU G 204 58.06 11.11 -14.71
C LEU G 204 56.82 10.81 -13.88
N GLN G 205 56.94 10.75 -12.56
CA GLN G 205 55.77 10.57 -11.71
C GLN G 205 54.83 11.76 -11.76
N ASN G 206 55.35 12.94 -12.09
CA ASN G 206 54.55 14.11 -12.37
C ASN G 206 53.94 14.08 -13.77
N ARG G 207 54.54 13.50 -14.83
CA ARG G 207 53.75 13.18 -16.04
C ARG G 207 52.58 12.28 -15.73
N LEU G 208 52.76 11.32 -14.84
CA LEU G 208 51.74 10.30 -14.61
C LEU G 208 50.65 10.80 -13.68
N GLU G 209 50.93 11.63 -12.69
CA GLU G 209 49.84 12.17 -11.90
C GLU G 209 48.94 13.08 -12.73
N HIS G 210 49.50 13.76 -13.73
CA HIS G 210 48.74 14.48 -14.75
C HIS G 210 48.02 13.53 -15.71
N THR G 211 48.68 12.51 -16.26
CA THR G 211 48.02 11.47 -17.04
C THR G 211 46.88 10.78 -16.32
N ILE G 212 47.00 10.37 -15.06
CA ILE G 212 45.91 9.71 -14.33
C ILE G 212 44.76 10.68 -14.10
N SER G 213 45.04 11.92 -13.71
CA SER G 213 44.01 12.97 -13.66
C SER G 213 43.33 13.15 -15.00
N ASN G 214 44.06 13.10 -16.11
CA ASN G 214 43.54 13.35 -17.44
C ASN G 214 42.71 12.18 -17.99
N LEU G 215 43.19 10.95 -17.93
CA LEU G 215 42.46 9.77 -18.40
C LEU G 215 41.18 9.54 -17.59
N ASP G 216 41.19 9.78 -16.29
CA ASP G 216 40.00 9.59 -15.46
C ASP G 216 38.90 10.60 -15.79
N ASN G 217 39.27 11.78 -16.26
CA ASN G 217 38.38 12.83 -16.73
C ASN G 217 37.87 12.53 -18.14
N ILE G 218 38.76 12.22 -19.09
CA ILE G 218 38.37 11.78 -20.44
C ILE G 218 37.46 10.57 -20.34
N SER G 219 37.71 9.63 -19.43
CA SER G 219 36.88 8.48 -19.18
C SER G 219 35.50 8.85 -18.63
N GLU G 220 35.37 9.73 -17.64
CA GLU G 220 34.10 10.19 -17.09
C GLU G 220 33.25 10.98 -18.10
N ASN G 221 33.88 11.77 -18.95
CA ASN G 221 33.21 12.47 -20.03
C ASN G 221 32.83 11.55 -21.18
N THR G 222 33.68 10.60 -21.58
CA THR G 222 33.30 9.62 -22.62
C THR G 222 32.40 8.51 -22.08
N SER G 223 32.30 8.31 -20.78
CA SER G 223 31.21 7.57 -20.13
C SER G 223 29.91 8.34 -20.16
N SER G 224 29.94 9.63 -19.85
CA SER G 224 28.79 10.51 -19.95
C SER G 224 28.28 10.60 -21.38
N ALA G 225 29.16 10.61 -22.38
CA ALA G 225 28.79 10.46 -23.77
C ALA G 225 28.18 9.09 -24.09
N GLU G 226 28.81 7.97 -23.75
CA GLU G 226 28.26 6.64 -24.04
C GLU G 226 26.89 6.45 -23.40
N SER G 227 26.76 6.85 -22.14
CA SER G 227 25.50 6.78 -21.40
C SER G 227 24.43 7.74 -21.92
N ARG G 228 24.80 8.77 -22.69
CA ARG G 228 23.84 9.58 -23.43
C ARG G 228 23.35 8.83 -24.67
N ILE G 229 24.26 8.18 -25.41
CA ILE G 229 23.85 7.46 -26.62
C ILE G 229 23.03 6.24 -26.23
N ARG G 230 23.44 5.47 -25.23
CA ARG G 230 22.98 4.07 -25.13
C ARG G 230 22.16 3.66 -23.93
N ASP G 231 22.31 4.20 -22.73
CA ASP G 231 21.37 3.85 -21.64
C ASP G 231 19.98 4.40 -21.91
N THR G 232 18.94 3.65 -21.54
CA THR G 232 17.55 4.13 -21.53
C THR G 232 17.46 5.32 -20.60
N ASP G 233 16.68 6.33 -20.96
CA ASP G 233 16.14 7.25 -19.96
C ASP G 233 14.86 6.62 -19.41
N MET G 234 14.89 6.03 -18.22
CA MET G 234 13.74 5.29 -17.70
C MET G 234 12.54 6.20 -17.45
N ALA G 235 12.77 7.50 -17.33
CA ALA G 235 11.76 8.51 -17.15
C ALA G 235 10.91 8.64 -18.41
N GLU G 236 11.54 8.96 -19.54
CA GLU G 236 10.97 9.03 -20.87
C GLU G 236 10.41 7.68 -21.32
N GLU G 237 11.16 6.60 -21.20
CA GLU G 237 10.71 5.31 -21.67
C GLU G 237 9.50 4.78 -20.90
N MET G 238 9.29 5.14 -19.63
CA MET G 238 8.07 4.74 -18.91
C MET G 238 6.85 5.58 -19.31
N VAL G 239 7.04 6.75 -19.96
CA VAL G 239 6.00 7.43 -20.75
C VAL G 239 5.67 6.60 -21.98
N GLU G 240 6.68 6.34 -22.82
CA GLU G 240 6.49 5.72 -24.14
C GLU G 240 6.00 4.28 -24.06
N TYR G 241 6.36 3.58 -23.00
CA TYR G 241 5.86 2.26 -22.64
C TYR G 241 4.41 2.30 -22.17
N SER G 242 4.06 3.30 -21.38
CA SER G 242 2.74 3.37 -20.78
C SER G 242 1.66 3.82 -21.77
N LYS G 243 1.97 4.67 -22.76
CA LYS G 243 1.10 4.91 -23.94
C LYS G 243 0.65 3.60 -24.53
N ASN G 244 1.58 2.65 -24.67
CA ASN G 244 1.39 1.37 -25.32
C ASN G 244 0.63 0.35 -24.47
N ASN G 245 0.78 0.33 -23.15
CA ASN G 245 -0.11 -0.51 -22.35
C ASN G 245 -1.56 -0.02 -22.45
N ILE G 246 -1.79 1.30 -22.43
CA ILE G 246 -3.12 1.88 -22.62
C ILE G 246 -3.64 1.62 -24.04
N LEU G 247 -2.85 1.84 -25.08
CA LEU G 247 -3.30 1.55 -26.44
C LEU G 247 -3.60 0.07 -26.63
N ALA G 248 -2.84 -0.84 -26.04
CA ALA G 248 -3.08 -2.26 -26.18
C ALA G 248 -4.36 -2.67 -25.46
N GLN G 249 -4.62 -2.11 -24.28
CA GLN G 249 -5.90 -2.25 -23.58
C GLN G 249 -7.07 -1.71 -24.40
N ALA G 250 -6.93 -0.54 -25.02
CA ALA G 250 -7.93 0.04 -25.89
C ALA G 250 -8.12 -0.75 -27.19
N GLY G 251 -7.04 -1.26 -27.77
CA GLY G 251 -7.06 -2.04 -28.99
C GLY G 251 -7.66 -3.42 -28.81
N GLN G 252 -7.34 -4.13 -27.73
CA GLN G 252 -8.00 -5.38 -27.35
C GLN G 252 -9.49 -5.16 -27.14
N SER G 253 -9.89 -4.02 -26.59
CA SER G 253 -11.29 -3.68 -26.36
C SER G 253 -12.05 -3.41 -27.65
N MET G 254 -11.39 -2.78 -28.63
CA MET G 254 -11.99 -2.57 -29.94
C MET G 254 -12.01 -3.80 -30.79
N LEU G 255 -11.08 -4.72 -30.62
CA LEU G 255 -11.13 -6.04 -31.24
C LEU G 255 -12.18 -6.93 -30.58
N ALA G 256 -12.30 -6.92 -29.27
CA ALA G 256 -13.35 -7.63 -28.56
C ALA G 256 -14.75 -7.13 -28.97
N GLN G 257 -14.94 -5.81 -29.15
CA GLN G 257 -16.17 -5.27 -29.73
C GLN G 257 -16.33 -5.64 -31.19
N ALA G 258 -15.30 -5.47 -32.02
CA ALA G 258 -15.37 -5.73 -33.45
C ALA G 258 -15.68 -7.19 -33.80
N ASN G 259 -15.38 -8.16 -32.95
CA ASN G 259 -15.84 -9.54 -33.13
C ASN G 259 -17.32 -9.77 -32.83
N GLN G 260 -17.99 -8.90 -32.06
CA GLN G 260 -19.45 -8.90 -31.87
C GLN G 260 -20.16 -8.15 -33.02
N SER G 261 -19.44 -7.45 -33.89
CA SER G 261 -20.05 -6.54 -34.86
C SER G 261 -21.08 -7.23 -35.75
N THR G 262 -20.72 -8.39 -36.30
CA THR G 262 -21.59 -9.11 -37.23
C THR G 262 -22.64 -10.00 -36.55
N GLN G 263 -22.79 -9.94 -35.22
CA GLN G 263 -23.95 -10.54 -34.53
C GLN G 263 -25.28 -9.96 -35.02
N GLY G 264 -25.22 -8.76 -35.62
CA GLY G 264 -26.36 -8.07 -36.20
C GLY G 264 -27.00 -8.79 -37.39
N VAL G 265 -26.31 -9.76 -38.00
CA VAL G 265 -26.83 -10.49 -39.17
C VAL G 265 -27.93 -11.48 -38.79
N LEU G 266 -28.00 -11.94 -37.54
CA LEU G 266 -28.69 -13.19 -37.23
C LEU G 266 -30.19 -13.00 -37.00
N SER G 267 -30.60 -11.81 -36.56
CA SER G 267 -32.01 -11.45 -36.43
C SER G 267 -32.72 -11.31 -37.80
N LEU G 268 -31.94 -11.20 -38.87
CA LEU G 268 -32.30 -10.64 -40.16
C LEU G 268 -33.18 -11.59 -40.99
N LEU G 269 -34.42 -11.80 -40.55
CA LEU G 269 -35.45 -12.73 -41.06
C LEU G 269 -35.12 -14.24 -40.86
N GLN G 270 -33.92 -14.54 -40.35
CA GLN G 270 -33.32 -15.88 -40.30
C GLN G 270 -33.87 -16.77 -39.17
N MET H 1 -1.89 -11.26 -29.43
CA MET H 1 -0.87 -11.91 -28.57
C MET H 1 -0.92 -13.40 -28.76
N VAL H 2 0.24 -14.04 -28.82
CA VAL H 2 0.32 -15.46 -28.49
C VAL H 2 0.17 -15.61 -26.98
N VAL H 3 -0.66 -16.57 -26.57
CA VAL H 3 -0.94 -16.90 -25.18
C VAL H 3 0.07 -17.91 -24.63
N GLN H 4 0.68 -18.69 -25.53
CA GLN H 4 1.57 -19.80 -25.21
C GLN H 4 2.99 -19.40 -24.83
N HIS H 5 3.49 -18.28 -25.32
CA HIS H 5 4.86 -17.82 -25.13
C HIS H 5 4.81 -16.33 -24.85
N ASN H 6 4.84 -15.99 -23.57
CA ASN H 6 4.93 -14.63 -23.14
C ASN H 6 6.38 -14.19 -23.29
N LEU H 7 6.78 -13.81 -24.50
CA LEU H 7 8.18 -13.53 -24.79
C LEU H 7 8.66 -12.22 -24.19
N THR H 8 7.76 -11.27 -23.96
CA THR H 8 8.10 -10.09 -23.16
C THR H 8 8.58 -10.49 -21.78
N ALA H 9 7.94 -11.47 -21.14
CA ALA H 9 8.36 -12.02 -19.86
C ALA H 9 9.62 -12.85 -19.93
N MET H 10 9.88 -13.59 -21.00
CA MET H 10 11.13 -14.35 -21.15
C MET H 10 12.34 -13.46 -21.39
N ASN H 11 12.18 -12.31 -22.05
CA ASN H 11 13.22 -11.28 -22.09
C ASN H 11 13.41 -10.63 -20.73
N ALA H 12 12.31 -10.21 -20.09
CA ALA H 12 12.36 -9.55 -18.80
C ALA H 12 12.96 -10.46 -17.74
N ASN H 13 12.69 -11.76 -17.80
CA ASN H 13 13.39 -12.82 -17.08
C ASN H 13 14.88 -12.87 -17.41
N ARG H 14 15.27 -13.05 -18.67
CA ARG H 14 16.66 -13.23 -19.07
C ARG H 14 17.53 -12.03 -18.72
N GLN H 15 16.96 -10.84 -18.75
CA GLN H 15 17.61 -9.60 -18.34
C GLN H 15 17.69 -9.42 -16.83
N LEU H 16 16.69 -9.88 -16.09
CA LEU H 16 16.78 -9.93 -14.66
C LEU H 16 17.97 -10.76 -14.23
N GLY H 17 18.16 -11.92 -14.84
CA GLY H 17 19.37 -12.75 -14.76
C GLY H 17 20.70 -11.99 -14.88
N ILE H 18 20.97 -11.26 -15.96
CA ILE H 18 22.24 -10.49 -16.09
C ILE H 18 22.46 -9.57 -14.89
N THR H 19 21.41 -8.89 -14.46
CA THR H 19 21.45 -7.92 -13.38
C THR H 19 21.66 -8.58 -12.03
N THR H 20 20.97 -9.68 -11.71
CA THR H 20 21.21 -10.46 -10.49
C THR H 20 22.53 -11.22 -10.48
N GLY H 21 23.08 -11.55 -11.65
CA GLY H 21 24.45 -12.04 -11.78
C GLY H 21 25.45 -10.98 -11.38
N ALA H 22 25.44 -9.82 -12.03
CA ALA H 22 26.35 -8.73 -11.70
C ALA H 22 26.15 -8.20 -10.26
N GLN H 23 24.97 -8.29 -9.68
CA GLN H 23 24.77 -8.02 -8.26
C GLN H 23 25.47 -9.04 -7.32
N ALA H 24 25.43 -10.34 -7.57
CA ALA H 24 26.22 -11.30 -6.76
C ALA H 24 27.73 -11.08 -6.91
N LYS H 25 28.23 -10.72 -8.10
CA LYS H 25 29.64 -10.39 -8.33
C LYS H 25 30.08 -9.04 -7.78
N SER H 26 29.17 -8.10 -7.51
CA SER H 26 29.47 -6.86 -6.79
C SER H 26 29.38 -7.03 -5.29
N SER H 27 28.36 -7.74 -4.80
CA SER H 27 28.20 -8.08 -3.39
C SER H 27 29.43 -8.82 -2.85
N GLU H 28 30.04 -9.69 -3.67
CA GLU H 28 31.25 -10.44 -3.36
C GLU H 28 32.45 -9.52 -3.11
N LYS H 29 32.67 -8.48 -3.93
CA LYS H 29 33.78 -7.53 -3.79
C LYS H 29 33.65 -6.64 -2.56
N LEU H 30 32.44 -6.35 -2.14
CA LEU H 30 32.14 -5.55 -0.95
C LEU H 30 32.24 -6.36 0.32
N SER H 31 31.68 -7.56 0.34
CA SER H 31 31.78 -8.43 1.50
C SER H 31 33.21 -8.87 1.77
N SER H 32 34.01 -9.17 0.74
CA SER H 32 35.43 -9.52 0.91
C SER H 32 36.38 -8.36 0.99
N GLY H 33 36.09 -7.23 0.35
CA GLY H 33 37.02 -6.12 0.24
C GLY H 33 38.16 -6.37 -0.73
N TYR H 34 38.05 -7.38 -1.59
CA TYR H 34 38.96 -7.62 -2.71
C TYR H 34 38.23 -7.56 -4.05
N LYS H 35 38.90 -6.94 -5.01
CA LYS H 35 38.46 -6.78 -6.39
C LYS H 35 38.65 -8.04 -7.22
N ILE H 36 39.75 -8.77 -7.02
CA ILE H 36 40.01 -10.12 -7.55
C ILE H 36 39.82 -11.13 -6.44
N ASN H 37 38.65 -11.76 -6.37
CA ASN H 37 38.42 -12.89 -5.48
C ASN H 37 38.81 -14.21 -6.16
N ARG H 38 38.56 -14.25 -7.45
CA ARG H 38 38.72 -15.41 -8.31
C ARG H 38 39.48 -15.03 -9.56
N ALA H 39 40.15 -15.95 -10.23
CA ALA H 39 41.01 -15.62 -11.37
C ALA H 39 40.22 -15.14 -12.59
N ALA H 40 38.94 -15.47 -12.65
CA ALA H 40 38.04 -14.97 -13.67
C ALA H 40 37.81 -13.45 -13.61
N ASP H 41 37.99 -12.81 -12.44
CA ASP H 41 37.94 -11.34 -12.33
C ASP H 41 39.03 -10.63 -13.16
N ASP H 42 40.29 -11.05 -13.04
CA ASP H 42 41.45 -10.47 -13.73
C ASP H 42 42.66 -11.40 -13.58
N ALA H 43 42.98 -12.18 -14.61
CA ALA H 43 43.99 -13.24 -14.51
C ALA H 43 45.40 -12.71 -14.26
N ALA H 44 45.78 -11.60 -14.90
CA ALA H 44 47.05 -10.97 -14.61
C ALA H 44 47.02 -10.23 -13.28
N GLY H 45 45.90 -9.62 -12.93
CA GLY H 45 45.70 -9.02 -11.61
C GLY H 45 45.92 -10.01 -10.50
N LEU H 46 45.40 -11.23 -10.65
CA LEU H 46 45.67 -12.33 -9.75
C LEU H 46 47.16 -12.67 -9.71
N THR H 47 47.73 -13.08 -10.84
CA THR H 47 49.13 -13.49 -10.99
C THR H 47 50.13 -12.46 -10.48
N ILE H 48 49.98 -11.18 -10.83
CA ILE H 48 50.85 -10.13 -10.33
C ILE H 48 50.66 -10.00 -8.84
N SER H 49 49.43 -9.96 -8.34
CA SER H 49 49.17 -9.80 -6.91
C SER H 49 49.72 -10.94 -6.10
N GLU H 50 49.71 -12.18 -6.59
CA GLU H 50 50.38 -13.27 -5.90
C GLU H 50 51.87 -13.04 -5.79
N LYS H 51 52.54 -12.49 -6.81
CA LYS H 51 53.94 -12.10 -6.67
C LYS H 51 54.10 -10.98 -5.66
N MET H 52 53.28 -9.97 -5.67
CA MET H 52 53.43 -8.90 -4.70
C MET H 52 53.09 -9.32 -3.27
N ARG H 53 52.15 -10.25 -3.06
CA ARG H 53 51.94 -10.93 -1.77
C ARG H 53 53.20 -11.69 -1.37
N SER H 54 53.77 -12.45 -2.30
CA SER H 54 55.02 -13.19 -2.14
C SER H 54 56.20 -12.29 -1.84
N GLN H 55 56.28 -11.11 -2.44
CA GLN H 55 57.32 -10.13 -2.19
C GLN H 55 57.11 -9.42 -0.88
N VAL H 56 55.90 -9.01 -0.53
CA VAL H 56 55.62 -8.34 0.74
C VAL H 56 55.91 -9.28 1.89
N ARG H 57 55.32 -10.47 1.92
CA ARG H 57 55.54 -11.46 2.98
C ARG H 57 56.98 -11.92 3.05
N GLY H 58 57.67 -12.00 1.92
CA GLY H 58 59.10 -12.25 1.86
C GLY H 58 59.87 -11.11 2.48
N LEU H 59 59.75 -9.89 1.99
CA LEU H 59 60.41 -8.70 2.55
C LEU H 59 60.11 -8.49 4.03
N ASN H 60 58.92 -8.78 4.53
CA ASN H 60 58.63 -8.73 5.95
C ASN H 60 59.43 -9.77 6.76
N LYS H 61 59.69 -10.97 6.26
CA LYS H 61 60.69 -11.86 6.87
C LYS H 61 62.14 -11.43 6.62
N ALA H 62 62.49 -10.85 5.48
CA ALA H 62 63.80 -10.27 5.30
C ALA H 62 64.07 -9.14 6.29
N SER H 63 63.06 -8.37 6.67
CA SER H 63 63.12 -7.32 7.68
C SER H 63 63.20 -7.93 9.07
N ASP H 64 62.46 -9.00 9.39
CA ASP H 64 62.60 -9.80 10.62
C ASP H 64 64.02 -10.34 10.76
N ASN H 65 64.66 -10.76 9.67
CA ASN H 65 65.97 -11.39 9.70
C ASN H 65 67.12 -10.39 9.67
N ALA H 66 66.99 -9.26 8.99
CA ALA H 66 67.91 -8.16 9.15
C ALA H 66 67.84 -7.59 10.56
N GLN H 67 66.66 -7.45 11.15
CA GLN H 67 66.46 -7.05 12.53
C GLN H 67 67.07 -8.06 13.50
N ASP H 68 66.75 -9.34 13.34
CA ASP H 68 67.31 -10.43 14.12
C ASP H 68 68.83 -10.58 13.93
N GLY H 69 69.37 -10.21 12.77
CA GLY H 69 70.81 -10.01 12.55
C GLY H 69 71.40 -8.86 13.35
N VAL H 70 70.72 -7.72 13.43
CA VAL H 70 71.15 -6.59 14.27
C VAL H 70 71.11 -6.96 15.75
N SER H 71 70.09 -7.67 16.22
CA SER H 71 70.09 -8.18 17.59
C SER H 71 71.29 -9.07 17.88
N LEU H 72 71.60 -10.04 17.00
CA LEU H 72 72.81 -10.83 17.14
C LEU H 72 74.07 -9.98 17.18
N ILE H 73 74.25 -9.04 16.25
CA ILE H 73 75.43 -8.18 16.21
C ILE H 73 75.57 -7.34 17.47
N GLN H 74 74.48 -6.83 18.04
CA GLN H 74 74.54 -6.13 19.31
C GLN H 74 74.91 -7.02 20.49
N VAL H 75 74.61 -8.32 20.48
CA VAL H 75 75.19 -9.21 21.49
C VAL H 75 76.70 -9.37 21.29
N ALA H 76 77.19 -9.57 20.08
CA ALA H 76 78.60 -9.75 19.84
C ALA H 76 79.41 -8.50 20.17
N GLU H 77 78.96 -7.31 19.75
CA GLU H 77 79.56 -6.04 20.19
C GLU H 77 79.53 -5.90 21.70
N GLY H 78 78.37 -6.09 22.31
CA GLY H 78 78.17 -5.89 23.74
C GLY H 78 78.98 -6.84 24.61
N ALA H 79 79.49 -7.95 24.07
CA ALA H 79 80.43 -8.83 24.74
C ALA H 79 81.88 -8.36 24.58
N LEU H 80 82.25 -7.90 23.38
CA LEU H 80 83.60 -7.39 23.12
C LEU H 80 83.87 -6.07 23.79
N SER H 81 82.82 -5.34 24.15
CA SER H 81 82.93 -4.12 24.94
C SER H 81 83.61 -4.39 26.27
N GLU H 82 83.20 -5.42 27.00
CA GLU H 82 83.90 -5.78 28.22
C GLU H 82 85.23 -6.47 27.93
N THR H 83 85.44 -7.09 26.77
CA THR H 83 86.79 -7.52 26.38
C THR H 83 87.75 -6.34 26.28
N HIS H 84 87.32 -5.18 25.76
CA HIS H 84 88.14 -3.98 25.92
C HIS H 84 88.26 -3.52 27.36
N SER H 85 87.17 -3.46 28.12
CA SER H 85 87.20 -2.98 29.50
C SER H 85 88.20 -3.79 30.34
N ILE H 86 88.34 -5.09 30.02
CA ILE H 86 89.41 -5.94 30.51
C ILE H 86 90.76 -5.53 29.91
N LEU H 87 90.95 -5.53 28.60
CA LEU H 87 92.26 -5.28 28.01
C LEU H 87 92.86 -3.90 28.34
N GLN H 88 92.04 -2.88 28.54
CA GLN H 88 92.52 -1.60 29.06
C GLN H 88 93.11 -1.79 30.46
N ARG H 89 92.44 -2.53 31.34
CA ARG H 89 92.96 -2.91 32.67
C ARG H 89 94.19 -3.79 32.55
N MET H 90 94.27 -4.73 31.61
CA MET H 90 95.47 -5.55 31.43
C MET H 90 96.67 -4.73 30.97
N ASN H 91 96.51 -3.80 30.02
CA ASN H 91 97.58 -2.89 29.63
C ASN H 91 98.01 -1.95 30.78
N GLU H 92 97.07 -1.47 31.59
CA GLU H 92 97.32 -0.63 32.75
C GLU H 92 98.02 -1.35 33.89
N LEU H 93 97.68 -2.63 34.12
CA LEU H 93 98.38 -3.52 35.04
C LEU H 93 99.77 -3.88 34.52
N ALA H 94 99.89 -4.25 33.24
CA ALA H 94 101.17 -4.64 32.66
C ALA H 94 102.16 -3.48 32.62
N THR H 95 101.69 -2.25 32.43
CA THR H 95 102.54 -1.06 32.53
C THR H 95 103.01 -0.84 33.95
N GLN H 96 102.15 -1.05 34.95
CA GLN H 96 102.56 -1.02 36.34
C GLN H 96 103.61 -2.09 36.66
N ALA H 97 103.47 -3.33 36.19
CA ALA H 97 104.37 -4.43 36.49
C ALA H 97 105.76 -4.31 35.84
N ALA H 98 105.90 -3.47 34.83
CA ALA H 98 107.20 -3.15 34.28
C ALA H 98 108.03 -2.34 35.26
N ASN H 99 107.45 -1.34 35.94
CA ASN H 99 108.15 -0.37 36.78
C ASN H 99 109.05 -1.11 37.77
N ASP H 100 110.37 -0.99 37.63
CA ASP H 100 111.28 -2.02 38.13
C ASP H 100 111.62 -1.86 39.62
N THR H 101 110.94 -0.96 40.32
CA THR H 101 110.89 -0.87 41.78
C THR H 101 110.00 -1.93 42.41
N ASN H 102 109.14 -2.60 41.62
CA ASN H 102 108.37 -3.76 42.04
C ASN H 102 109.32 -4.90 42.49
N THR H 103 109.01 -5.58 43.58
CA THR H 103 109.66 -6.86 43.90
C THR H 103 108.81 -8.03 43.44
N THR H 104 109.30 -9.27 43.52
CA THR H 104 108.58 -10.46 43.07
C THR H 104 107.21 -10.62 43.78
N SER H 105 107.11 -10.38 45.08
CA SER H 105 105.85 -10.35 45.83
C SER H 105 104.80 -9.38 45.27
N ASP H 106 105.26 -8.29 44.66
CA ASP H 106 104.45 -7.20 44.09
C ASP H 106 104.10 -7.49 42.62
N ARG H 107 105.01 -8.14 41.88
CA ARG H 107 104.80 -8.54 40.49
C ARG H 107 103.95 -9.78 40.34
N THR H 108 104.04 -10.74 41.25
CA THR H 108 103.11 -11.86 41.31
C THR H 108 101.70 -11.37 41.65
N ALA H 109 101.55 -10.36 42.50
CA ALA H 109 100.25 -9.77 42.82
C ALA H 109 99.63 -9.04 41.62
N VAL H 110 100.41 -8.66 40.61
CA VAL H 110 99.87 -8.24 39.31
C VAL H 110 99.53 -9.46 38.47
N GLN H 111 100.43 -10.44 38.39
CA GLN H 111 100.22 -11.68 37.68
C GLN H 111 98.93 -12.39 38.12
N GLN H 112 98.53 -12.36 39.39
CA GLN H 112 97.26 -12.92 39.85
C GLN H 112 96.04 -12.28 39.20
N GLU H 113 96.06 -10.97 38.95
CA GLU H 113 94.98 -10.30 38.27
C GLU H 113 95.10 -10.51 36.77
N ILE H 114 96.30 -10.53 36.19
CA ILE H 114 96.48 -10.78 34.75
C ILE H 114 96.09 -12.21 34.38
N ASN H 115 96.34 -13.21 35.23
CA ASN H 115 95.86 -14.57 35.05
C ASN H 115 94.33 -14.65 35.18
N GLN H 116 93.72 -13.95 36.14
CA GLN H 116 92.27 -13.91 36.31
C GLN H 116 91.54 -13.16 35.20
N LEU H 117 92.14 -12.12 34.62
CA LEU H 117 91.58 -11.38 33.50
C LEU H 117 91.71 -12.16 32.20
N ALA H 118 92.80 -12.88 31.98
CA ALA H 118 92.91 -13.73 30.80
C ALA H 118 91.91 -14.90 30.84
N SER H 119 91.66 -15.53 31.99
CA SER H 119 90.55 -16.48 32.13
C SER H 119 89.20 -15.82 31.88
N GLU H 120 89.02 -14.53 32.17
CA GLU H 120 87.76 -13.82 31.93
C GLU H 120 87.53 -13.58 30.45
N ILE H 121 88.53 -13.26 29.66
CA ILE H 121 88.36 -13.10 28.21
C ILE H 121 87.98 -14.43 27.55
N THR H 122 88.55 -15.56 27.97
CA THR H 122 88.11 -16.86 27.50
C THR H 122 86.73 -17.24 28.01
N ARG H 123 86.35 -16.94 29.26
CA ARG H 123 84.97 -17.08 29.72
C ARG H 123 83.99 -16.24 28.90
N ILE H 124 84.23 -14.95 28.70
CA ILE H 124 83.37 -14.10 27.87
C ILE H 124 83.26 -14.65 26.46
N ALA H 125 84.35 -15.15 25.86
CA ALA H 125 84.32 -15.70 24.51
C ALA H 125 83.58 -17.03 24.36
N SER H 126 83.78 -17.99 25.27
CA SER H 126 83.06 -19.26 25.22
C SER H 126 81.62 -19.14 25.69
N THR H 127 81.30 -18.18 26.54
CA THR H 127 79.96 -18.04 27.14
C THR H 127 79.01 -17.16 26.36
N THR H 128 79.48 -16.09 25.69
CA THR H 128 78.58 -15.15 25.01
C THR H 128 77.90 -15.81 23.83
N GLN H 129 76.59 -15.98 23.94
CA GLN H 129 75.78 -16.72 23.02
C GLN H 129 74.52 -15.94 22.62
N PHE H 130 73.98 -16.29 21.48
CA PHE H 130 72.65 -15.88 21.04
C PHE H 130 71.95 -17.14 20.59
N ASN H 131 70.70 -17.39 21.00
CA ASN H 131 69.91 -18.53 20.54
C ASN H 131 70.69 -19.86 20.57
N THR H 132 71.36 -20.19 21.68
CA THR H 132 72.27 -21.35 21.89
C THR H 132 73.63 -21.35 21.15
N MET H 133 73.95 -20.44 20.24
CA MET H 133 75.20 -20.48 19.46
C MET H 133 76.27 -19.57 20.03
N ASN H 134 77.53 -19.98 20.11
CA ASN H 134 78.63 -19.09 20.51
C ASN H 134 78.84 -18.03 19.43
N LEU H 135 78.97 -16.76 19.81
CA LEU H 135 79.18 -15.70 18.82
C LEU H 135 80.66 -15.37 18.56
N ILE H 136 81.54 -15.49 19.55
CA ILE H 136 82.91 -14.97 19.44
C ILE H 136 84.00 -16.03 19.75
N ASP H 137 83.67 -17.31 19.66
CA ASP H 137 84.64 -18.39 19.82
C ASP H 137 85.50 -18.62 18.56
N GLY H 138 85.20 -17.96 17.45
CA GLY H 138 85.89 -18.11 16.18
C GLY H 138 85.16 -19.01 15.18
N ASN H 139 84.06 -19.65 15.59
CA ASN H 139 83.28 -20.60 14.78
C ASN H 139 81.93 -20.06 14.32
N PHE H 140 81.61 -18.82 14.65
CA PHE H 140 80.58 -18.05 13.95
C PHE H 140 81.18 -17.54 12.64
N THR H 141 81.10 -18.35 11.59
CA THR H 141 81.65 -18.03 10.27
C THR H 141 80.76 -18.58 9.16
N SER H 142 80.68 -17.87 8.02
CA SER H 142 79.78 -18.15 6.91
C SER H 142 78.29 -18.04 7.27
N LYS H 143 77.93 -17.41 8.40
CA LYS H 143 76.59 -17.50 8.99
C LYS H 143 75.66 -16.52 8.33
N LYS H 144 75.29 -16.79 7.08
CA LYS H 144 74.49 -15.94 6.20
C LYS H 144 73.15 -15.52 6.82
N LEU H 145 72.94 -14.23 7.00
CA LEU H 145 71.62 -13.66 7.04
C LEU H 145 70.99 -13.76 5.66
N GLN H 146 69.71 -14.08 5.58
CA GLN H 146 68.88 -13.95 4.40
C GLN H 146 68.13 -12.63 4.47
N VAL H 147 68.42 -11.67 3.58
CA VAL H 147 67.94 -10.29 3.65
C VAL H 147 67.20 -9.86 2.39
N GLY H 148 66.44 -10.76 1.79
CA GLY H 148 65.57 -10.44 0.66
C GLY H 148 64.51 -11.51 0.42
N SER H 149 63.65 -11.31 -0.58
CA SER H 149 62.53 -12.20 -0.91
C SER H 149 62.92 -13.41 -1.74
N LEU H 150 64.14 -13.50 -2.26
CA LEU H 150 64.57 -14.52 -3.21
C LEU H 150 65.63 -15.43 -2.60
N CYS H 151 65.74 -16.66 -3.12
CA CYS H 151 66.85 -17.57 -2.86
C CYS H 151 68.19 -16.83 -2.97
N GLY H 152 68.99 -16.81 -1.92
CA GLY H 152 70.33 -16.26 -1.97
C GLY H 152 70.43 -14.74 -2.22
N GLN H 153 69.74 -13.93 -1.42
CA GLN H 153 70.06 -12.52 -1.21
C GLN H 153 70.53 -12.36 0.22
N ALA H 154 71.80 -12.10 0.47
CA ALA H 154 72.43 -12.43 1.74
C ALA H 154 73.42 -11.40 2.26
N ILE H 155 73.69 -11.48 3.55
CA ILE H 155 74.74 -10.76 4.27
C ILE H 155 75.44 -11.79 5.13
N THR H 156 76.75 -11.75 5.28
CA THR H 156 77.48 -12.79 6.01
C THR H 156 78.03 -12.22 7.31
N ILE H 157 77.82 -12.91 8.43
CA ILE H 157 78.46 -12.61 9.71
C ILE H 157 79.65 -13.56 9.92
N ASP H 158 80.89 -13.08 9.81
CA ASP H 158 82.10 -13.79 10.26
C ASP H 158 82.67 -13.09 11.48
N ILE H 159 82.93 -13.80 12.58
CA ILE H 159 83.56 -13.22 13.76
C ILE H 159 84.81 -14.01 14.12
N SER H 160 85.98 -13.37 14.16
CA SER H 160 87.23 -14.07 14.53
C SER H 160 87.21 -14.49 16.00
N ASP H 161 88.06 -15.44 16.38
CA ASP H 161 88.17 -15.89 17.77
C ASP H 161 88.59 -14.75 18.72
N MET H 162 87.74 -14.38 19.66
CA MET H 162 87.99 -13.33 20.66
C MET H 162 88.28 -13.90 22.05
N SER H 163 88.76 -15.13 22.15
CA SER H 163 89.30 -15.74 23.37
C SER H 163 90.68 -15.18 23.77
N ALA H 164 91.25 -15.60 24.90
CA ALA H 164 92.63 -15.23 25.24
C ALA H 164 93.67 -15.79 24.25
N THR H 165 93.44 -16.95 23.63
CA THR H 165 94.32 -17.42 22.55
C THR H 165 94.15 -16.57 21.30
N GLY H 166 92.91 -16.34 20.87
CA GLY H 166 92.61 -15.64 19.62
C GLY H 166 93.07 -14.20 19.57
N LEU H 167 93.14 -13.54 20.73
CA LEU H 167 93.70 -12.20 20.88
C LEU H 167 95.19 -12.18 21.23
N GLY H 168 95.80 -13.33 21.52
CA GLY H 168 97.24 -13.44 21.76
C GLY H 168 97.68 -13.11 23.19
N VAL H 169 96.76 -13.14 24.14
CA VAL H 169 97.02 -12.93 25.57
C VAL H 169 97.03 -14.25 26.37
N SER H 170 97.02 -15.40 25.71
CA SER H 170 97.24 -16.70 26.34
C SER H 170 98.58 -16.68 27.05
N GLY H 171 98.58 -16.62 28.37
CA GLY H 171 99.81 -16.52 29.15
C GLY H 171 100.60 -15.23 28.91
N LEU H 172 100.05 -14.09 29.34
CA LEU H 172 100.88 -12.90 29.59
C LEU H 172 101.77 -13.15 30.82
N VAL H 173 103.06 -12.86 30.71
CA VAL H 173 104.06 -13.09 31.77
C VAL H 173 104.62 -11.75 32.21
N VAL H 174 104.45 -11.33 33.48
CA VAL H 174 104.89 -10.01 33.96
C VAL H 174 105.89 -10.08 35.11
N SER H 175 106.55 -11.21 35.26
CA SER H 175 107.56 -11.53 36.27
C SER H 175 108.87 -10.71 36.17
N SER H 176 109.03 -9.85 35.18
CA SER H 176 110.21 -9.00 34.95
C SER H 176 109.88 -7.86 33.98
N PHE H 177 110.76 -6.88 33.79
CA PHE H 177 110.58 -5.88 32.73
C PHE H 177 110.62 -6.53 31.31
N SER H 178 111.54 -7.46 31.07
CA SER H 178 111.64 -8.23 29.81
C SER H 178 110.30 -8.83 29.39
N ALA H 179 109.55 -9.40 30.34
CA ALA H 179 108.26 -10.02 30.10
C ALA H 179 107.08 -9.04 30.21
N ALA H 180 107.12 -8.09 31.15
CA ALA H 180 106.12 -7.04 31.27
C ALA H 180 106.07 -6.07 30.08
N GLY H 181 107.15 -5.90 29.33
CA GLY H 181 107.13 -5.18 28.06
C GLY H 181 106.46 -5.98 26.93
N LYS H 182 106.69 -7.29 26.86
CA LYS H 182 105.97 -8.19 25.95
C LYS H 182 104.48 -8.22 26.29
N ALA H 183 104.11 -8.22 27.57
CA ALA H 183 102.74 -8.09 28.02
C ALA H 183 102.09 -6.78 27.58
N MET H 184 102.73 -5.62 27.75
CA MET H 184 102.22 -4.32 27.28
C MET H 184 101.92 -4.37 25.77
N SER H 185 102.86 -4.90 24.98
CA SER H 185 102.71 -5.07 23.53
C SER H 185 101.52 -5.96 23.18
N ALA H 186 101.46 -7.17 23.73
CA ALA H 186 100.42 -8.14 23.40
C ALA H 186 99.02 -7.68 23.82
N ALA H 187 98.89 -6.91 24.89
CA ALA H 187 97.63 -6.27 25.29
C ALA H 187 97.22 -5.15 24.33
N GLN H 188 98.14 -4.32 23.86
CA GLN H 188 97.84 -3.29 22.87
C GLN H 188 97.48 -3.88 21.52
N ASP H 189 98.12 -4.96 21.09
CA ASP H 189 97.67 -5.74 19.94
C ASP H 189 96.25 -6.28 20.14
N ALA H 190 95.96 -6.92 21.27
CA ALA H 190 94.60 -7.35 21.58
C ALA H 190 93.59 -6.20 21.57
N ILE H 191 93.91 -5.00 22.07
CA ILE H 191 93.05 -3.83 21.88
C ILE H 191 92.88 -3.52 20.39
N SER H 192 93.92 -3.59 19.57
CA SER H 192 93.84 -3.36 18.13
C SER H 192 92.99 -4.43 17.41
N TYR H 193 93.11 -5.71 17.76
CA TYR H 193 92.29 -6.79 17.22
C TYR H 193 90.84 -6.73 17.65
N VAL H 194 90.55 -6.34 18.88
CA VAL H 194 89.16 -6.19 19.31
C VAL H 194 88.57 -4.92 18.75
N SER H 195 89.34 -3.85 18.53
CA SER H 195 88.88 -2.67 17.81
C SER H 195 88.42 -3.00 16.42
N SER H 196 89.19 -3.79 15.66
CA SER H 196 88.83 -4.10 14.28
C SER H 196 87.69 -5.10 14.20
N MET H 197 87.57 -6.05 15.13
CA MET H 197 86.39 -6.91 15.17
C MET H 197 85.12 -6.15 15.53
N ARG H 198 85.19 -5.20 16.47
CA ARG H 198 84.09 -4.28 16.73
C ARG H 198 83.80 -3.36 15.56
N SER H 199 84.80 -2.97 14.78
CA SER H 199 84.58 -2.20 13.55
C SER H 199 83.92 -3.03 12.44
N LYS H 200 84.27 -4.29 12.24
CA LYS H 200 83.56 -5.14 11.28
C LYS H 200 82.11 -5.35 11.68
N LEU H 201 81.84 -5.56 12.96
CA LEU H 201 80.49 -5.69 13.50
C LEU H 201 79.69 -4.38 13.49
N GLY H 202 80.32 -3.23 13.71
CA GLY H 202 79.65 -1.94 13.58
C GLY H 202 79.31 -1.57 12.14
N ALA H 203 80.23 -1.73 11.20
CA ALA H 203 79.95 -1.52 9.78
C ALA H 203 78.84 -2.42 9.24
N LEU H 204 78.77 -3.66 9.70
CA LEU H 204 77.72 -4.60 9.38
C LEU H 204 76.36 -4.16 9.92
N GLN H 205 76.31 -3.58 11.11
CA GLN H 205 75.07 -3.01 11.61
C GLN H 205 74.66 -1.77 10.82
N ASN H 206 75.59 -1.05 10.20
CA ASN H 206 75.24 0.05 9.33
C ASN H 206 74.70 -0.44 7.99
N ARG H 207 75.20 -1.55 7.42
CA ARG H 207 74.50 -2.23 6.30
C ARG H 207 73.11 -2.65 6.66
N LEU H 208 72.91 -3.18 7.86
CA LEU H 208 71.59 -3.69 8.21
C LEU H 208 70.65 -2.56 8.56
N GLU H 209 71.08 -1.46 9.16
CA GLU H 209 70.15 -0.38 9.44
C GLU H 209 69.71 0.30 8.15
N HIS H 210 70.59 0.37 7.14
CA HIS H 210 70.18 0.70 5.76
C HIS H 210 69.27 -0.36 5.16
N THR H 211 69.59 -1.63 5.22
CA THR H 211 68.70 -2.71 4.78
C THR H 211 67.32 -2.65 5.43
N ILE H 212 67.17 -2.47 6.74
CA ILE H 212 65.84 -2.43 7.35
C ILE H 212 65.10 -1.18 6.87
N SER H 213 65.76 -0.01 6.79
CA SER H 213 65.19 1.16 6.12
C SER H 213 64.76 0.87 4.69
N ASN H 214 65.49 0.04 3.95
CA ASN H 214 65.24 -0.29 2.55
C ASN H 214 64.08 -1.27 2.37
N LEU H 215 64.05 -2.35 3.13
CA LEU H 215 63.03 -3.40 3.00
C LEU H 215 61.69 -2.95 3.55
N ASP H 216 61.66 -2.12 4.59
CA ASP H 216 60.41 -1.59 5.12
C ASP H 216 59.77 -0.58 4.17
N ASN H 217 60.59 0.18 3.45
CA ASN H 217 60.18 1.03 2.35
C ASN H 217 59.74 0.23 1.13
N ILE H 218 60.51 -0.75 0.65
CA ILE H 218 60.10 -1.58 -0.50
C ILE H 218 58.84 -2.36 -0.16
N SER H 219 58.66 -2.88 1.06
CA SER H 219 57.44 -3.51 1.50
C SER H 219 56.25 -2.56 1.50
N GLU H 220 56.40 -1.32 1.97
CA GLU H 220 55.33 -0.30 1.94
C GLU H 220 54.93 0.08 0.52
N ASN H 221 55.88 0.20 -0.39
CA ASN H 221 55.61 0.41 -1.79
C ASN H 221 55.00 -0.81 -2.47
N THR H 222 55.54 -2.02 -2.36
CA THR H 222 54.91 -3.20 -2.95
C THR H 222 53.59 -3.55 -2.25
N SER H 223 53.32 -3.15 -1.02
CA SER H 223 51.97 -3.25 -0.44
C SER H 223 51.03 -2.26 -1.10
N SER H 224 51.48 -1.03 -1.32
CA SER H 224 50.72 -0.01 -2.02
C SER H 224 50.42 -0.44 -3.44
N ALA H 225 51.38 -1.07 -4.12
CA ALA H 225 51.23 -1.62 -5.44
C ALA H 225 50.26 -2.80 -5.49
N GLU H 226 50.39 -3.77 -4.60
CA GLU H 226 49.50 -4.92 -4.52
C GLU H 226 48.07 -4.50 -4.21
N SER H 227 47.89 -3.58 -3.28
CA SER H 227 46.60 -3.02 -2.93
C SER H 227 45.94 -2.33 -4.11
N ARG H 228 46.70 -1.56 -4.90
CA ARG H 228 46.23 -0.92 -6.13
C ARG H 228 45.58 -1.93 -7.08
N ILE H 229 46.14 -3.13 -7.18
CA ILE H 229 45.60 -4.19 -8.01
C ILE H 229 44.42 -4.87 -7.35
N ARG H 230 44.60 -5.36 -6.12
CA ARG H 230 43.66 -6.36 -5.58
C ARG H 230 42.61 -5.86 -4.60
N ASP H 231 42.85 -4.87 -3.76
CA ASP H 231 41.83 -4.42 -2.83
C ASP H 231 40.63 -3.78 -3.55
N THR H 232 39.44 -3.92 -2.99
CA THR H 232 38.28 -3.17 -3.48
C THR H 232 38.48 -1.72 -3.11
N ASP H 233 38.35 -0.80 -4.07
CA ASP H 233 38.03 0.59 -3.76
C ASP H 233 36.54 0.67 -3.43
N MET H 234 36.19 0.79 -2.14
CA MET H 234 34.81 0.63 -1.68
C MET H 234 33.89 1.76 -2.11
N ALA H 235 34.42 2.96 -2.33
CA ALA H 235 33.65 4.10 -2.81
C ALA H 235 33.10 3.81 -4.19
N GLU H 236 34.00 3.43 -5.09
CA GLU H 236 33.73 3.00 -6.45
C GLU H 236 32.80 1.80 -6.50
N GLU H 237 33.10 0.72 -5.78
CA GLU H 237 32.31 -0.50 -5.86
C GLU H 237 30.89 -0.33 -5.36
N MET H 238 30.63 0.61 -4.45
CA MET H 238 29.28 0.93 -4.03
C MET H 238 28.49 1.77 -5.05
N VAL H 239 29.16 2.48 -5.97
CA VAL H 239 28.53 3.01 -7.18
C VAL H 239 28.05 1.88 -8.07
N GLU H 240 28.91 0.88 -8.30
CA GLU H 240 28.61 -0.24 -9.19
C GLU H 240 27.65 -1.26 -8.58
N TYR H 241 27.65 -1.46 -7.27
CA TYR H 241 26.69 -2.28 -6.55
C TYR H 241 25.30 -1.67 -6.59
N SER H 242 25.22 -0.37 -6.32
CA SER H 242 23.94 0.29 -6.17
C SER H 242 23.20 0.50 -7.49
N LYS H 243 23.92 0.58 -8.64
CA LYS H 243 23.34 0.46 -9.99
C LYS H 243 22.58 -0.84 -10.13
N ASN H 244 23.24 -1.96 -9.90
CA ASN H 244 22.71 -3.30 -10.09
C ASN H 244 21.54 -3.55 -9.15
N ASN H 245 21.57 -3.00 -7.94
CA ASN H 245 20.44 -3.02 -7.04
C ASN H 245 19.21 -2.32 -7.63
N ILE H 246 19.29 -1.07 -8.10
CA ILE H 246 18.13 -0.43 -8.74
C ILE H 246 17.72 -1.15 -10.03
N LEU H 247 18.66 -1.51 -10.89
CA LEU H 247 18.33 -2.27 -12.10
C LEU H 247 17.61 -3.57 -11.79
N ALA H 248 17.95 -4.28 -10.71
CA ALA H 248 17.29 -5.52 -10.38
C ALA H 248 15.85 -5.28 -9.97
N GLN H 249 15.60 -4.25 -9.16
CA GLN H 249 14.24 -3.81 -8.80
C GLN H 249 13.41 -3.42 -10.03
N ALA H 250 13.97 -2.63 -10.94
CA ALA H 250 13.33 -2.30 -12.22
C ALA H 250 13.11 -3.55 -13.10
N GLY H 251 14.05 -4.48 -13.19
CA GLY H 251 13.88 -5.77 -13.87
C GLY H 251 12.81 -6.66 -13.25
N GLN H 252 12.69 -6.73 -11.92
CA GLN H 252 11.59 -7.41 -11.21
C GLN H 252 10.26 -6.73 -11.45
N SER H 253 10.22 -5.40 -11.55
CA SER H 253 9.02 -4.63 -11.90
C SER H 253 8.55 -4.93 -13.30
N MET H 254 9.48 -5.02 -14.25
CA MET H 254 9.13 -5.33 -15.64
C MET H 254 8.73 -6.78 -15.81
N LEU H 255 9.42 -7.72 -15.16
CA LEU H 255 9.01 -9.11 -15.16
C LEU H 255 7.64 -9.30 -14.50
N ALA H 256 7.39 -8.73 -13.33
CA ALA H 256 6.06 -8.78 -12.72
C ALA H 256 4.96 -8.15 -13.59
N GLN H 257 5.22 -7.05 -14.32
CA GLN H 257 4.24 -6.49 -15.27
C GLN H 257 4.06 -7.34 -16.52
N ALA H 258 5.14 -7.88 -17.06
CA ALA H 258 5.11 -8.77 -18.22
C ALA H 258 4.28 -10.02 -17.97
N ASN H 259 4.34 -10.60 -16.78
CA ASN H 259 3.52 -11.75 -16.40
C ASN H 259 2.04 -11.41 -16.32
N GLN H 260 1.71 -10.17 -15.95
CA GLN H 260 0.36 -9.64 -15.98
C GLN H 260 -0.12 -9.35 -17.40
N SER H 261 0.73 -8.81 -18.27
CA SER H 261 0.32 -8.16 -19.52
C SER H 261 -0.51 -9.01 -20.47
N THR H 262 -0.21 -10.30 -20.62
CA THR H 262 -1.04 -11.16 -21.47
C THR H 262 -2.43 -11.47 -20.93
N GLN H 263 -2.81 -10.98 -19.74
CA GLN H 263 -4.22 -11.00 -19.24
C GLN H 263 -5.19 -10.31 -20.21
N GLY H 264 -4.67 -9.52 -21.15
CA GLY H 264 -5.40 -8.97 -22.29
C GLY H 264 -6.02 -10.01 -23.23
N VAL H 265 -5.58 -11.28 -23.20
CA VAL H 265 -6.18 -12.35 -24.01
C VAL H 265 -7.62 -12.61 -23.64
N LEU H 266 -8.01 -12.45 -22.39
CA LEU H 266 -9.22 -13.09 -21.87
C LEU H 266 -10.53 -12.32 -22.09
N SER H 267 -10.49 -10.99 -22.22
CA SER H 267 -11.67 -10.19 -22.62
C SER H 267 -12.19 -10.53 -24.02
N LEU H 268 -11.33 -11.17 -24.80
CA LEU H 268 -11.33 -11.24 -26.24
C LEU H 268 -12.35 -12.23 -26.80
N LEU H 269 -13.63 -11.92 -26.60
CA LEU H 269 -14.84 -12.64 -27.06
C LEU H 269 -15.02 -14.05 -26.43
N GLN H 270 -14.00 -14.46 -25.68
CA GLN H 270 -14.02 -15.50 -24.68
C GLN H 270 -14.94 -15.19 -23.47
N MET I 1 -41.78 -27.99 -58.97
CA MET I 1 -40.84 -28.17 -57.86
C MET I 1 -40.96 -29.59 -57.28
N VAL I 2 -39.84 -30.29 -57.10
CA VAL I 2 -39.83 -31.71 -56.73
C VAL I 2 -39.98 -31.86 -55.23
N VAL I 3 -40.71 -32.87 -54.79
CA VAL I 3 -40.86 -33.27 -53.39
C VAL I 3 -39.94 -34.44 -53.02
N GLN I 4 -39.63 -35.31 -53.99
CA GLN I 4 -38.89 -36.57 -53.85
C GLN I 4 -37.37 -36.41 -53.73
N HIS I 5 -36.90 -35.18 -53.59
CA HIS I 5 -35.54 -34.68 -53.29
C HIS I 5 -35.72 -33.26 -52.80
N ASN I 6 -34.73 -32.64 -52.18
CA ASN I 6 -34.85 -31.24 -51.76
C ASN I 6 -33.50 -30.60 -51.84
N LEU I 7 -33.16 -30.07 -52.99
CA LEU I 7 -31.80 -29.75 -53.36
C LEU I 7 -31.33 -28.41 -52.80
N THR I 8 -32.25 -27.50 -52.53
CA THR I 8 -31.95 -26.27 -51.76
C THR I 8 -31.47 -26.63 -50.36
N ALA I 9 -32.09 -27.62 -49.72
CA ALA I 9 -31.72 -28.07 -48.39
C ALA I 9 -30.45 -28.91 -48.37
N MET I 10 -30.22 -29.82 -49.33
CA MET I 10 -28.96 -30.56 -49.46
C MET I 10 -27.74 -29.66 -49.71
N ASN I 11 -27.90 -28.53 -50.40
CA ASN I 11 -26.83 -27.54 -50.48
C ASN I 11 -26.66 -26.81 -49.15
N ALA I 12 -27.73 -26.37 -48.50
CA ALA I 12 -27.64 -25.72 -47.19
C ALA I 12 -27.00 -26.63 -46.15
N ASN I 13 -27.31 -27.93 -46.15
CA ASN I 13 -26.64 -28.95 -45.38
C ASN I 13 -25.15 -29.07 -45.70
N ARG I 14 -24.79 -29.22 -46.98
CA ARG I 14 -23.39 -29.39 -47.37
C ARG I 14 -22.53 -28.16 -47.14
N GLN I 15 -23.10 -26.96 -47.15
CA GLN I 15 -22.44 -25.74 -46.70
C GLN I 15 -22.38 -25.61 -45.17
N LEU I 16 -23.38 -26.09 -44.45
CA LEU I 16 -23.29 -26.17 -43.02
C LEU I 16 -22.14 -27.08 -42.61
N GLY I 17 -21.98 -28.26 -43.21
CA GLY I 17 -20.80 -29.09 -42.99
C GLY I 17 -19.46 -28.40 -43.24
N ILE I 18 -19.24 -27.79 -44.40
CA ILE I 18 -17.99 -27.05 -44.71
C ILE I 18 -17.71 -25.89 -43.74
N THR I 19 -18.73 -25.39 -43.05
CA THR I 19 -18.66 -24.32 -42.04
C THR I 19 -18.40 -24.85 -40.65
N THR I 20 -19.05 -25.94 -40.23
CA THR I 20 -18.76 -26.60 -38.95
C THR I 20 -17.40 -27.31 -38.96
N GLY I 21 -16.88 -27.66 -40.13
CA GLY I 21 -15.53 -28.20 -40.24
C GLY I 21 -14.48 -27.17 -39.89
N ALA I 22 -14.51 -26.01 -40.57
CA ALA I 22 -13.66 -24.89 -40.21
C ALA I 22 -13.82 -24.46 -38.74
N GLN I 23 -15.01 -24.48 -38.17
CA GLN I 23 -15.22 -24.18 -36.76
C GLN I 23 -14.50 -25.13 -35.79
N ALA I 24 -14.46 -26.45 -36.04
CA ALA I 24 -13.66 -27.35 -35.22
C ALA I 24 -12.15 -27.08 -35.36
N LYS I 25 -11.64 -26.78 -36.55
CA LYS I 25 -10.24 -26.43 -36.78
C LYS I 25 -9.83 -25.14 -36.10
N SER I 26 -10.74 -24.18 -35.96
CA SER I 26 -10.52 -22.99 -35.16
C SER I 26 -10.52 -23.29 -33.67
N SER I 27 -11.55 -23.94 -33.15
CA SER I 27 -11.66 -24.25 -31.72
C SER I 27 -10.47 -25.06 -31.21
N GLU I 28 -9.96 -25.98 -32.03
CA GLU I 28 -8.75 -26.76 -31.78
C GLU I 28 -7.54 -25.88 -31.46
N LYS I 29 -7.32 -24.81 -32.25
CA LYS I 29 -6.20 -23.89 -32.12
C LYS I 29 -6.35 -22.95 -30.93
N LEU I 30 -7.57 -22.57 -30.59
CA LEU I 30 -7.83 -21.72 -29.43
C LEU I 30 -7.69 -22.51 -28.12
N SER I 31 -8.25 -23.70 -28.04
CA SER I 31 -8.13 -24.51 -26.84
C SER I 31 -6.70 -25.01 -26.58
N SER I 32 -5.95 -25.46 -27.59
CA SER I 32 -4.54 -25.84 -27.43
C SER I 32 -3.58 -24.67 -27.31
N GLY I 33 -3.91 -23.53 -27.91
CA GLY I 33 -3.04 -22.39 -28.00
C GLY I 33 -1.92 -22.58 -29.02
N TYR I 34 -1.95 -23.65 -29.82
CA TYR I 34 -1.04 -23.92 -30.92
C TYR I 34 -1.78 -23.89 -32.26
N LYS I 35 -1.16 -23.25 -33.24
CA LYS I 35 -1.65 -23.02 -34.60
C LYS I 35 -1.56 -24.27 -35.45
N ILE I 36 -0.42 -24.93 -35.39
CA ILE I 36 -0.13 -26.21 -36.05
C ILE I 36 -0.26 -27.32 -35.03
N ASN I 37 -1.36 -28.05 -35.06
CA ASN I 37 -1.62 -29.16 -34.12
C ASN I 37 -1.26 -30.52 -34.74
N ARG I 38 -1.15 -30.55 -36.07
CA ARG I 38 -0.95 -31.74 -36.88
C ARG I 38 -0.21 -31.35 -38.14
N ALA I 39 0.48 -32.26 -38.82
CA ALA I 39 1.30 -31.91 -39.99
C ALA I 39 0.47 -31.30 -41.14
N ALA I 40 -0.85 -31.58 -41.16
CA ALA I 40 -1.80 -31.08 -42.15
C ALA I 40 -2.03 -29.57 -42.13
N ASP I 41 -1.53 -28.84 -41.13
CA ASP I 41 -1.70 -27.39 -40.99
C ASP I 41 -0.57 -26.58 -41.63
N ASP I 42 0.68 -27.08 -41.58
CA ASP I 42 1.85 -26.59 -42.29
C ASP I 42 2.92 -27.68 -42.21
N ALA I 43 3.20 -28.39 -43.29
CA ALA I 43 4.23 -29.42 -43.26
C ALA I 43 5.61 -28.80 -43.02
N ALA I 44 5.89 -27.66 -43.65
CA ALA I 44 7.11 -26.88 -43.39
C ALA I 44 7.15 -26.39 -41.95
N GLY I 45 6.04 -25.86 -41.45
CA GLY I 45 5.95 -25.26 -40.13
C GLY I 45 6.02 -26.26 -39.00
N LEU I 46 5.43 -27.46 -39.12
CA LEU I 46 5.64 -28.54 -38.16
C LEU I 46 7.10 -28.96 -38.13
N THR I 47 7.69 -29.22 -39.30
CA THR I 47 9.10 -29.59 -39.45
C THR I 47 10.05 -28.56 -38.86
N ILE I 48 9.91 -27.28 -39.21
CA ILE I 48 10.75 -26.22 -38.71
C ILE I 48 10.54 -26.06 -37.22
N SER I 49 9.30 -26.11 -36.75
CA SER I 49 9.04 -26.00 -35.33
C SER I 49 9.65 -27.10 -34.53
N GLU I 50 9.65 -28.34 -34.98
CA GLU I 50 10.38 -29.42 -34.29
C GLU I 50 11.89 -29.20 -34.28
N LYS I 51 12.50 -28.70 -35.36
CA LYS I 51 13.91 -28.31 -35.35
C LYS I 51 14.19 -27.19 -34.36
N MET I 52 13.32 -26.20 -34.26
CA MET I 52 13.44 -25.13 -33.28
C MET I 52 13.13 -25.57 -31.85
N ARG I 53 12.14 -26.42 -31.59
CA ARG I 53 11.88 -27.02 -30.28
C ARG I 53 13.08 -27.80 -29.81
N SER I 54 13.63 -28.63 -30.69
CA SER I 54 14.86 -29.39 -30.47
C SER I 54 16.06 -28.49 -30.18
N GLN I 55 16.19 -27.35 -30.86
CA GLN I 55 17.22 -26.35 -30.58
C GLN I 55 17.00 -25.58 -29.29
N VAL I 56 15.78 -25.13 -28.97
CA VAL I 56 15.50 -24.43 -27.72
C VAL I 56 15.79 -25.34 -26.55
N ARG I 57 15.25 -26.56 -26.53
CA ARG I 57 15.57 -27.58 -25.51
C ARG I 57 17.06 -27.88 -25.42
N GLY I 58 17.73 -28.08 -26.55
CA GLY I 58 19.16 -28.35 -26.58
C GLY I 58 19.99 -27.18 -26.10
N LEU I 59 19.66 -25.95 -26.46
CA LEU I 59 20.32 -24.75 -25.94
C LEU I 59 20.10 -24.55 -24.45
N ASN I 60 18.98 -24.97 -23.88
CA ASN I 60 18.77 -24.91 -22.43
C ASN I 60 19.67 -25.91 -21.72
N LYS I 61 19.76 -27.16 -22.17
CA LYS I 61 20.72 -28.11 -21.59
C LYS I 61 22.18 -27.69 -21.83
N ALA I 62 22.52 -27.15 -22.99
CA ALA I 62 23.82 -26.54 -23.24
C ALA I 62 24.13 -25.41 -22.28
N SER I 63 23.16 -24.56 -21.97
CA SER I 63 23.33 -23.45 -21.05
C SER I 63 23.49 -23.95 -19.62
N ASP I 64 22.69 -24.93 -19.25
CA ASP I 64 22.71 -25.56 -17.95
C ASP I 64 23.99 -26.34 -17.71
N ASN I 65 24.54 -26.98 -18.74
CA ASN I 65 25.84 -27.66 -18.72
C ASN I 65 27.01 -26.69 -18.67
N ALA I 66 26.95 -25.56 -19.37
CA ALA I 66 27.97 -24.54 -19.29
C ALA I 66 27.97 -23.87 -17.92
N GLN I 67 26.82 -23.68 -17.29
CA GLN I 67 26.72 -23.12 -15.97
C GLN I 67 27.12 -24.12 -14.90
N ASP I 68 26.74 -25.38 -15.06
CA ASP I 68 27.33 -26.48 -14.30
C ASP I 68 28.87 -26.60 -14.47
N GLY I 69 29.42 -26.31 -15.65
CA GLY I 69 30.84 -26.16 -15.88
C GLY I 69 31.47 -24.98 -15.15
N VAL I 70 30.87 -23.79 -15.17
CA VAL I 70 31.28 -22.66 -14.31
C VAL I 70 31.27 -23.08 -12.85
N SER I 71 30.25 -23.81 -12.43
CA SER I 71 30.19 -24.28 -11.06
C SER I 71 31.24 -25.32 -10.70
N LEU I 72 31.66 -26.18 -11.60
CA LEU I 72 32.83 -27.02 -11.38
C LEU I 72 34.08 -26.18 -11.23
N ILE I 73 34.34 -25.30 -12.18
CA ILE I 73 35.54 -24.44 -12.21
C ILE I 73 35.67 -23.64 -10.94
N GLN I 74 34.58 -23.18 -10.33
CA GLN I 74 34.66 -22.44 -9.09
C GLN I 74 35.12 -23.29 -7.91
N VAL I 75 34.78 -24.57 -7.83
CA VAL I 75 35.33 -25.46 -6.80
C VAL I 75 36.84 -25.62 -6.99
N ALA I 76 37.34 -25.83 -8.20
CA ALA I 76 38.75 -25.93 -8.46
C ALA I 76 39.49 -24.60 -8.25
N GLU I 77 38.93 -23.48 -8.71
CA GLU I 77 39.47 -22.14 -8.47
C GLU I 77 39.59 -21.89 -6.98
N GLY I 78 38.52 -22.16 -6.24
CA GLY I 78 38.45 -21.97 -4.81
C GLY I 78 39.46 -22.84 -4.06
N ALA I 79 39.63 -24.11 -4.44
CA ALA I 79 40.61 -24.99 -3.82
C ALA I 79 42.04 -24.49 -4.00
N LEU I 80 42.38 -24.01 -5.18
CA LEU I 80 43.71 -23.46 -5.46
C LEU I 80 43.97 -22.13 -4.76
N SER I 81 42.94 -21.47 -4.26
CA SER I 81 43.09 -20.30 -3.43
C SER I 81 43.70 -20.67 -2.09
N GLU I 82 43.26 -21.73 -1.43
CA GLU I 82 43.99 -22.24 -0.27
C GLU I 82 45.32 -22.88 -0.66
N THR I 83 45.52 -23.46 -1.83
CA THR I 83 46.89 -23.78 -2.24
C THR I 83 47.79 -22.55 -2.27
N HIS I 84 47.40 -21.40 -2.84
CA HIS I 84 48.21 -20.21 -2.62
C HIS I 84 48.35 -19.86 -1.15
N SER I 85 47.31 -19.80 -0.35
CA SER I 85 47.45 -19.37 1.04
C SER I 85 48.31 -20.33 1.87
N ILE I 86 48.44 -21.60 1.50
CA ILE I 86 49.47 -22.50 2.00
C ILE I 86 50.84 -22.17 1.40
N LEU I 87 51.00 -21.97 0.10
CA LEU I 87 52.29 -21.66 -0.51
C LEU I 87 52.86 -20.29 -0.13
N GLN I 88 52.03 -19.29 0.09
CA GLN I 88 52.44 -17.97 0.55
C GLN I 88 52.99 -18.09 1.98
N ARG I 89 52.42 -18.96 2.80
CA ARG I 89 52.93 -19.34 4.12
C ARG I 89 54.18 -20.18 4.06
N MET I 90 54.32 -21.12 3.13
CA MET I 90 55.57 -21.89 2.95
C MET I 90 56.71 -21.04 2.44
N ASN I 91 56.46 -20.10 1.53
CA ASN I 91 57.51 -19.19 1.09
C ASN I 91 58.02 -18.31 2.24
N GLU I 92 57.13 -17.81 3.08
CA GLU I 92 57.45 -17.01 4.25
C GLU I 92 58.18 -17.81 5.31
N LEU I 93 57.69 -19.01 5.65
CA LEU I 93 58.37 -19.93 6.55
C LEU I 93 59.75 -20.33 6.03
N ALA I 94 59.93 -20.53 4.74
CA ALA I 94 61.24 -20.84 4.20
C ALA I 94 62.14 -19.62 4.21
N THR I 95 61.63 -18.42 3.92
CA THR I 95 62.36 -17.15 3.99
C THR I 95 62.84 -16.83 5.37
N GLN I 96 62.09 -17.25 6.40
CA GLN I 96 62.53 -17.22 7.78
C GLN I 96 63.62 -18.26 8.07
N ALA I 97 63.41 -19.53 7.77
CA ALA I 97 64.36 -20.60 8.14
C ALA I 97 65.71 -20.53 7.42
N ALA I 98 65.79 -19.82 6.29
CA ALA I 98 67.01 -19.58 5.57
C ALA I 98 68.01 -18.74 6.33
N ASN I 99 67.62 -17.94 7.28
CA ASN I 99 68.53 -17.06 8.01
C ASN I 99 69.38 -17.83 9.02
N ASP I 100 70.70 -17.93 8.80
CA ASP I 100 71.63 -18.69 9.66
C ASP I 100 71.87 -18.10 11.05
N THR I 101 71.11 -17.11 11.53
CA THR I 101 70.96 -16.96 12.99
C THR I 101 70.21 -18.15 13.61
N ASN I 102 69.38 -18.87 12.86
CA ASN I 102 68.54 -19.94 13.40
C ASN I 102 69.39 -21.11 13.85
N THR I 103 69.30 -21.49 15.12
CA THR I 103 69.87 -22.76 15.57
C THR I 103 69.11 -23.93 14.94
N THR I 104 69.69 -25.13 14.93
CA THR I 104 69.04 -26.33 14.40
C THR I 104 67.65 -26.52 14.97
N SER I 105 67.51 -26.46 16.29
CA SER I 105 66.27 -26.72 17.03
C SER I 105 65.11 -25.83 16.59
N ASP I 106 65.41 -24.65 16.06
CA ASP I 106 64.43 -23.68 15.58
C ASP I 106 64.13 -23.82 14.08
N ARG I 107 64.95 -24.52 13.30
CA ARG I 107 64.61 -24.89 11.92
C ARG I 107 63.80 -26.15 11.83
N THR I 108 63.98 -27.12 12.73
CA THR I 108 63.02 -28.21 12.86
C THR I 108 61.67 -27.70 13.34
N ALA I 109 61.60 -26.70 14.22
CA ALA I 109 60.33 -26.06 14.57
C ALA I 109 59.67 -25.33 13.39
N VAL I 110 60.43 -24.87 12.40
CA VAL I 110 59.86 -24.44 11.11
C VAL I 110 59.44 -25.63 10.28
N GLN I 111 60.29 -26.64 10.17
CA GLN I 111 60.04 -27.81 9.36
C GLN I 111 58.79 -28.55 9.80
N GLN I 112 58.43 -28.56 11.08
CA GLN I 112 57.15 -29.09 11.54
C GLN I 112 55.98 -28.46 10.80
N GLU I 113 55.96 -27.15 10.59
CA GLU I 113 54.93 -26.50 9.81
C GLU I 113 55.15 -26.69 8.32
N ILE I 114 56.37 -26.63 7.78
CA ILE I 114 56.57 -26.87 6.34
C ILE I 114 56.25 -28.30 5.91
N ASN I 115 56.38 -29.31 6.77
CA ASN I 115 55.89 -30.65 6.48
C ASN I 115 54.37 -30.70 6.60
N GLN I 116 53.76 -30.18 7.67
CA GLN I 116 52.31 -30.20 7.82
C GLN I 116 51.61 -29.43 6.69
N LEU I 117 52.16 -28.33 6.19
CA LEU I 117 51.62 -27.57 5.07
C LEU I 117 51.78 -28.27 3.72
N ALA I 118 52.85 -29.02 3.50
CA ALA I 118 52.99 -29.85 2.32
C ALA I 118 51.98 -31.01 2.32
N SER I 119 51.81 -31.73 3.43
CA SER I 119 50.71 -32.69 3.57
C SER I 119 49.35 -32.03 3.31
N GLU I 120 49.16 -30.77 3.66
CA GLU I 120 47.90 -30.07 3.46
C GLU I 120 47.65 -29.74 2.01
N ILE I 121 48.63 -29.27 1.24
CA ILE I 121 48.46 -29.06 -0.21
C ILE I 121 48.02 -30.35 -0.92
N THR I 122 48.57 -31.50 -0.53
CA THR I 122 48.13 -32.79 -1.05
C THR I 122 46.73 -33.15 -0.59
N ARG I 123 46.33 -32.83 0.64
CA ARG I 123 44.96 -33.01 1.09
C ARG I 123 43.99 -32.14 0.32
N ILE I 124 44.32 -30.90 -0.06
CA ILE I 124 43.49 -30.15 -1.00
C ILE I 124 43.40 -30.90 -2.32
N ALA I 125 44.52 -31.35 -2.88
CA ALA I 125 44.59 -32.00 -4.18
C ALA I 125 43.76 -33.28 -4.32
N SER I 126 43.77 -34.18 -3.33
CA SER I 126 42.94 -35.38 -3.38
C SER I 126 41.55 -35.21 -2.77
N THR I 127 41.32 -34.29 -1.84
CA THR I 127 39.99 -34.15 -1.21
C THR I 127 39.00 -33.30 -2.00
N THR I 128 39.42 -32.25 -2.72
CA THR I 128 38.46 -31.46 -3.48
C THR I 128 37.84 -32.24 -4.62
N GLN I 129 36.53 -32.19 -4.73
CA GLN I 129 35.73 -32.95 -5.66
C GLN I 129 34.56 -32.13 -6.12
N PHE I 130 33.96 -32.49 -7.24
CA PHE I 130 32.65 -31.99 -7.65
C PHE I 130 31.90 -33.16 -8.23
N ASN I 131 30.71 -33.46 -7.73
CA ASN I 131 29.94 -34.63 -8.11
C ASN I 131 30.73 -35.95 -7.94
N THR I 132 31.54 -36.03 -6.88
CA THR I 132 32.42 -37.16 -6.54
C THR I 132 33.57 -37.49 -7.51
N MET I 133 33.99 -36.54 -8.35
CA MET I 133 35.19 -36.63 -9.17
C MET I 133 36.30 -35.71 -8.64
N ASN I 134 37.53 -36.16 -8.43
CA ASN I 134 38.65 -35.30 -8.04
C ASN I 134 38.95 -34.25 -9.12
N LEU I 135 39.27 -33.02 -8.73
CA LEU I 135 39.45 -31.89 -9.66
C LEU I 135 40.89 -31.41 -9.84
N ILE I 136 41.77 -31.62 -8.87
CA ILE I 136 43.14 -31.08 -8.91
C ILE I 136 44.22 -32.07 -8.49
N ASP I 137 44.01 -33.36 -8.71
CA ASP I 137 45.06 -34.38 -8.65
C ASP I 137 45.71 -34.66 -10.02
N GLY I 138 45.18 -34.10 -11.09
CA GLY I 138 45.63 -34.34 -12.45
C GLY I 138 44.78 -35.32 -13.24
N ASN I 139 43.76 -35.93 -12.62
CA ASN I 139 42.85 -36.84 -13.30
C ASN I 139 41.61 -36.14 -13.89
N PHE I 140 41.60 -34.82 -13.92
CA PHE I 140 40.63 -34.00 -14.65
C PHE I 140 41.30 -33.46 -15.91
N THR I 141 41.83 -34.37 -16.74
CA THR I 141 42.23 -34.06 -18.13
C THR I 141 41.27 -34.73 -19.08
N SER I 142 41.18 -34.22 -20.30
CA SER I 142 40.39 -34.80 -21.39
C SER I 142 38.88 -34.77 -21.15
N LYS I 143 38.40 -33.96 -20.21
CA LYS I 143 36.98 -33.80 -19.87
C LYS I 143 36.35 -32.77 -20.78
N LYS I 144 35.10 -32.95 -21.20
CA LYS I 144 34.37 -32.02 -22.05
C LYS I 144 33.09 -31.54 -21.37
N LEU I 145 32.68 -30.33 -21.72
CA LEU I 145 31.34 -29.83 -21.54
C LEU I 145 30.67 -29.84 -22.91
N GLN I 146 29.50 -30.40 -23.04
CA GLN I 146 28.65 -30.27 -24.22
C GLN I 146 27.94 -28.91 -24.19
N VAL I 147 28.40 -27.98 -25.02
CA VAL I 147 28.16 -26.54 -24.96
C VAL I 147 27.37 -26.04 -26.17
N GLY I 148 26.47 -26.86 -26.69
CA GLY I 148 25.53 -26.43 -27.72
C GLY I 148 24.50 -27.50 -28.09
N SER I 149 23.72 -27.26 -29.12
CA SER I 149 22.56 -28.08 -29.45
C SER I 149 22.87 -29.40 -30.15
N LEU I 150 24.08 -29.58 -30.67
CA LEU I 150 24.46 -30.65 -31.60
C LEU I 150 25.56 -31.54 -31.07
N CYS I 151 25.69 -32.73 -31.65
CA CYS I 151 26.78 -33.67 -31.40
C CYS I 151 28.13 -32.96 -31.30
N GLY I 152 28.81 -33.06 -30.16
CA GLY I 152 30.21 -32.67 -30.01
C GLY I 152 30.53 -31.18 -30.16
N GLN I 153 29.68 -30.25 -29.72
CA GLN I 153 29.98 -28.82 -29.60
C GLN I 153 30.67 -28.49 -28.26
N ALA I 154 31.87 -29.01 -28.05
CA ALA I 154 32.53 -29.05 -26.76
C ALA I 154 33.20 -27.75 -26.28
N ILE I 155 33.54 -27.73 -25.00
CA ILE I 155 34.64 -26.96 -24.40
C ILE I 155 35.42 -27.95 -23.54
N THR I 156 36.74 -27.89 -23.49
CA THR I 156 37.54 -28.89 -22.76
C THR I 156 38.01 -28.33 -21.42
N ILE I 157 37.92 -29.10 -20.35
CA ILE I 157 38.42 -28.76 -19.03
C ILE I 157 39.65 -29.63 -18.71
N ASP I 158 40.84 -29.04 -18.66
CA ASP I 158 42.09 -29.71 -18.29
C ASP I 158 42.72 -29.02 -17.10
N ILE I 159 42.93 -29.75 -16.00
CA ILE I 159 43.50 -29.22 -14.78
C ILE I 159 44.70 -30.09 -14.38
N SER I 160 45.93 -29.56 -14.48
CA SER I 160 47.16 -30.28 -14.09
C SER I 160 47.13 -30.65 -12.61
N ASP I 161 47.97 -31.58 -12.19
CA ASP I 161 48.11 -32.01 -10.80
C ASP I 161 48.57 -30.86 -9.91
N MET I 162 47.91 -30.64 -8.77
CA MET I 162 48.21 -29.57 -7.82
C MET I 162 48.57 -30.11 -6.42
N SER I 163 49.04 -31.35 -6.35
CA SER I 163 49.58 -31.98 -5.13
C SER I 163 50.90 -31.35 -4.68
N ALA I 164 51.39 -31.66 -3.49
CA ALA I 164 52.75 -31.26 -3.12
C ALA I 164 53.81 -31.87 -4.06
N THR I 165 53.61 -33.09 -4.55
CA THR I 165 54.43 -33.66 -5.62
C THR I 165 54.20 -32.92 -6.94
N GLY I 166 52.94 -32.69 -7.34
CA GLY I 166 52.63 -32.08 -8.63
C GLY I 166 53.23 -30.69 -8.84
N LEU I 167 53.42 -29.94 -7.75
CA LEU I 167 54.01 -28.59 -7.73
C LEU I 167 55.49 -28.56 -7.34
N GLY I 168 56.05 -29.68 -6.90
CA GLY I 168 57.45 -29.78 -6.48
C GLY I 168 57.76 -29.31 -5.07
N VAL I 169 56.74 -29.04 -4.26
CA VAL I 169 56.87 -28.73 -2.83
C VAL I 169 56.75 -29.96 -1.93
N SER I 170 56.85 -31.17 -2.47
CA SER I 170 57.03 -32.38 -1.67
C SER I 170 58.43 -32.35 -1.10
N GLY I 171 58.58 -32.32 0.22
CA GLY I 171 59.90 -32.33 0.84
C GLY I 171 60.68 -31.07 0.56
N LEU I 172 60.14 -29.93 1.00
CA LEU I 172 60.88 -28.68 1.14
C LEU I 172 61.74 -28.78 2.39
N VAL I 173 63.07 -28.79 2.26
CA VAL I 173 64.00 -29.03 3.38
C VAL I 173 64.59 -27.71 3.82
N VAL I 174 64.43 -27.30 5.08
CA VAL I 174 64.83 -25.95 5.54
C VAL I 174 65.87 -25.93 6.66
N SER I 175 66.67 -26.97 6.74
CA SER I 175 67.64 -27.22 7.81
C SER I 175 68.92 -26.37 7.74
N SER I 176 69.10 -25.58 6.69
CA SER I 176 70.27 -24.72 6.43
C SER I 176 69.92 -23.63 5.44
N PHE I 177 70.77 -22.60 5.29
CA PHE I 177 70.59 -21.54 4.30
C PHE I 177 70.50 -22.09 2.87
N SER I 178 71.35 -23.04 2.52
CA SER I 178 71.40 -23.75 1.25
C SER I 178 70.04 -24.35 0.89
N ALA I 179 69.50 -25.25 1.70
CA ALA I 179 68.26 -25.93 1.39
C ALA I 179 67.03 -25.04 1.63
N ALA I 180 67.06 -24.13 2.58
CA ALA I 180 65.97 -23.18 2.78
C ALA I 180 65.86 -22.16 1.65
N GLY I 181 66.94 -21.72 1.02
CA GLY I 181 66.87 -21.04 -0.27
C GLY I 181 66.33 -21.92 -1.40
N LYS I 182 66.64 -23.23 -1.44
CA LYS I 182 66.03 -24.14 -2.40
C LYS I 182 64.52 -24.30 -2.18
N ALA I 183 64.07 -24.31 -0.94
CA ALA I 183 62.66 -24.28 -0.58
C ALA I 183 61.95 -22.97 -0.88
N MET I 184 62.62 -21.81 -0.75
CA MET I 184 62.09 -20.55 -1.26
C MET I 184 61.90 -20.64 -2.77
N SER I 185 62.92 -21.06 -3.52
CA SER I 185 62.83 -21.22 -4.96
C SER I 185 61.71 -22.16 -5.39
N ALA I 186 61.56 -23.31 -4.73
CA ALA I 186 60.46 -24.23 -4.99
C ALA I 186 59.09 -23.64 -4.71
N ALA I 187 58.88 -23.00 -3.56
CA ALA I 187 57.59 -22.43 -3.19
C ALA I 187 57.20 -21.25 -4.06
N GLN I 188 58.14 -20.44 -4.54
CA GLN I 188 57.87 -19.38 -5.50
C GLN I 188 57.57 -19.90 -6.90
N ASP I 189 58.29 -20.91 -7.41
CA ASP I 189 57.85 -21.67 -8.57
C ASP I 189 56.44 -22.24 -8.38
N ALA I 190 56.13 -22.95 -7.30
CA ALA I 190 54.78 -23.44 -7.05
C ALA I 190 53.73 -22.33 -6.96
N ILE I 191 54.01 -21.14 -6.44
CA ILE I 191 53.10 -20.00 -6.57
C ILE I 191 52.91 -19.64 -8.03
N SER I 192 53.96 -19.66 -8.86
CA SER I 192 53.88 -19.42 -10.31
C SER I 192 53.04 -20.48 -11.01
N TYR I 193 53.15 -21.76 -10.63
CA TYR I 193 52.31 -22.83 -11.15
C TYR I 193 50.87 -22.70 -10.75
N VAL I 194 50.55 -22.46 -9.49
CA VAL I 194 49.16 -22.27 -9.09
C VAL I 194 48.58 -20.99 -9.72
N SER I 195 49.36 -19.94 -9.92
CA SER I 195 48.92 -18.76 -10.65
C SER I 195 48.60 -19.06 -12.11
N SER I 196 49.39 -19.91 -12.79
CA SER I 196 49.15 -20.24 -14.19
C SER I 196 48.03 -21.25 -14.36
N MET I 197 47.78 -22.14 -13.42
CA MET I 197 46.58 -22.97 -13.42
C MET I 197 45.31 -22.17 -13.12
N ARG I 198 45.32 -21.30 -12.10
CA ARG I 198 44.21 -20.39 -11.84
C ARG I 198 44.02 -19.43 -12.99
N SER I 199 45.07 -19.06 -13.73
CA SER I 199 44.89 -18.29 -14.97
C SER I 199 44.16 -19.08 -16.04
N LYS I 200 44.49 -20.35 -16.28
CA LYS I 200 43.74 -21.17 -17.23
C LYS I 200 42.28 -21.29 -16.81
N LEU I 201 41.99 -21.58 -15.56
CA LEU I 201 40.62 -21.70 -15.06
C LEU I 201 39.84 -20.38 -15.05
N GLY I 202 40.48 -19.24 -14.86
CA GLY I 202 39.82 -17.93 -14.95
C GLY I 202 39.53 -17.52 -16.39
N ALA I 203 40.49 -17.72 -17.28
CA ALA I 203 40.30 -17.56 -18.72
C ALA I 203 39.18 -18.43 -19.27
N LEU I 204 39.08 -19.66 -18.79
CA LEU I 204 38.08 -20.66 -19.13
C LEU I 204 36.71 -20.25 -18.63
N GLN I 205 36.59 -19.75 -17.42
CA GLN I 205 35.31 -19.29 -16.89
C GLN I 205 34.83 -18.01 -17.57
N ASN I 206 35.76 -17.24 -18.13
CA ASN I 206 35.41 -16.17 -19.03
C ASN I 206 34.96 -16.67 -20.41
N ARG I 207 35.32 -17.86 -20.89
CA ARG I 207 34.59 -18.44 -22.05
C ARG I 207 33.16 -18.69 -21.66
N LEU I 208 32.95 -19.43 -20.58
CA LEU I 208 31.63 -19.86 -20.22
C LEU I 208 30.70 -18.71 -19.82
N GLU I 209 31.18 -17.61 -19.26
CA GLU I 209 30.28 -16.49 -19.01
C GLU I 209 29.75 -15.94 -20.32
N HIS I 210 30.59 -15.84 -21.35
CA HIS I 210 30.17 -15.43 -22.69
C HIS I 210 29.31 -16.50 -23.36
N THR I 211 29.64 -17.78 -23.24
CA THR I 211 28.80 -18.86 -23.75
C THR I 211 27.41 -18.84 -23.14
N ILE I 212 27.26 -18.77 -21.83
CA ILE I 212 25.94 -18.73 -21.21
C ILE I 212 25.18 -17.50 -21.67
N SER I 213 25.87 -16.36 -21.78
CA SER I 213 25.27 -15.14 -22.32
C SER I 213 24.80 -15.29 -23.75
N ASN I 214 25.57 -15.97 -24.60
CA ASN I 214 25.26 -16.29 -25.98
C ASN I 214 24.10 -17.29 -26.10
N LEU I 215 24.14 -18.44 -25.42
CA LEU I 215 23.13 -19.48 -25.55
C LEU I 215 21.78 -18.99 -25.07
N ASP I 216 21.71 -18.22 -23.99
CA ASP I 216 20.45 -17.75 -23.43
C ASP I 216 19.82 -16.64 -24.26
N ASN I 217 20.62 -15.88 -25.00
CA ASN I 217 20.18 -14.99 -26.06
C ASN I 217 19.67 -15.79 -27.26
N ILE I 218 20.42 -16.75 -27.79
CA ILE I 218 19.96 -17.59 -28.91
C ILE I 218 18.68 -18.35 -28.54
N SER I 219 18.55 -18.92 -27.35
CA SER I 219 17.37 -19.65 -26.95
C SER I 219 16.13 -18.76 -26.91
N GLU I 220 16.26 -17.50 -26.50
CA GLU I 220 15.20 -16.50 -26.55
C GLU I 220 14.80 -16.14 -27.98
N ASN I 221 15.76 -15.96 -28.88
CA ASN I 221 15.47 -15.71 -30.26
C ASN I 221 14.85 -16.92 -30.96
N THR I 222 15.40 -18.13 -30.82
CA THR I 222 14.75 -19.31 -31.39
C THR I 222 13.45 -19.69 -30.67
N SER I 223 13.16 -19.22 -29.46
CA SER I 223 11.81 -19.34 -28.88
C SER I 223 10.84 -18.38 -29.53
N SER I 224 11.27 -17.16 -29.82
CA SER I 224 10.44 -16.21 -30.56
C SER I 224 10.22 -16.66 -32.00
N ALA I 225 11.22 -17.27 -32.63
CA ALA I 225 11.08 -17.94 -33.90
C ALA I 225 10.05 -19.07 -33.85
N GLU I 226 10.17 -19.99 -32.91
CA GLU I 226 9.26 -21.13 -32.89
C GLU I 226 7.86 -20.71 -32.54
N SER I 227 7.73 -19.83 -31.55
CA SER I 227 6.48 -19.23 -31.15
C SER I 227 5.74 -18.65 -32.32
N ARG I 228 6.38 -17.81 -33.13
CA ARG I 228 5.75 -17.19 -34.28
C ARG I 228 5.31 -18.23 -35.32
N ILE I 229 6.05 -19.30 -35.52
CA ILE I 229 5.58 -20.38 -36.39
C ILE I 229 4.37 -21.06 -35.79
N ARG I 230 4.46 -21.47 -34.52
CA ARG I 230 3.54 -22.47 -33.96
C ARG I 230 2.48 -21.98 -33.01
N ASP I 231 2.59 -20.89 -32.28
CA ASP I 231 1.57 -20.55 -31.29
C ASP I 231 0.37 -19.83 -31.91
N THR I 232 -0.82 -20.11 -31.42
CA THR I 232 -2.01 -19.37 -31.84
C THR I 232 -1.91 -17.93 -31.40
N ASP I 233 -1.94 -16.98 -32.33
CA ASP I 233 -2.18 -15.58 -32.00
C ASP I 233 -3.67 -15.43 -31.68
N MET I 234 -4.04 -15.37 -30.41
CA MET I 234 -5.43 -15.50 -30.00
C MET I 234 -6.30 -14.36 -30.51
N ALA I 235 -5.69 -13.22 -30.77
CA ALA I 235 -6.33 -12.07 -31.36
C ALA I 235 -6.64 -12.26 -32.84
N GLU I 236 -5.88 -13.09 -33.56
CA GLU I 236 -6.18 -13.41 -34.96
C GLU I 236 -7.15 -14.58 -35.07
N GLU I 237 -6.97 -15.62 -34.27
CA GLU I 237 -7.80 -16.81 -34.32
C GLU I 237 -9.20 -16.61 -33.75
N MET I 238 -9.46 -15.69 -32.80
CA MET I 238 -10.83 -15.39 -32.33
C MET I 238 -11.66 -14.59 -33.36
N VAL I 239 -10.98 -13.92 -34.30
CA VAL I 239 -11.60 -13.35 -35.51
C VAL I 239 -12.10 -14.49 -36.37
N GLU I 240 -11.22 -15.43 -36.69
CA GLU I 240 -11.55 -16.54 -37.57
C GLU I 240 -12.50 -17.54 -36.93
N TYR I 241 -12.52 -17.67 -35.61
CA TYR I 241 -13.49 -18.48 -34.86
C TYR I 241 -14.85 -17.83 -34.87
N SER I 242 -14.93 -16.53 -34.60
CA SER I 242 -16.20 -15.82 -34.55
C SER I 242 -16.88 -15.63 -35.91
N LYS I 243 -16.13 -15.51 -37.01
CA LYS I 243 -16.70 -15.66 -38.38
C LYS I 243 -17.43 -16.98 -38.51
N ASN I 244 -16.76 -18.10 -38.23
CA ASN I 244 -17.31 -19.44 -38.40
C ASN I 244 -18.50 -19.68 -37.48
N ASN I 245 -18.43 -19.19 -36.24
CA ASN I 245 -19.51 -19.31 -35.27
C ASN I 245 -20.79 -18.67 -35.80
N ILE I 246 -20.68 -17.47 -36.37
CA ILE I 246 -21.81 -16.75 -36.97
C ILE I 246 -22.26 -17.38 -38.28
N LEU I 247 -21.34 -17.76 -39.17
CA LEU I 247 -21.71 -18.52 -40.37
C LEU I 247 -22.43 -19.82 -40.03
N ALA I 248 -22.07 -20.53 -38.96
CA ALA I 248 -22.72 -21.76 -38.61
C ALA I 248 -24.13 -21.48 -38.16
N GLN I 249 -24.37 -20.46 -37.34
CA GLN I 249 -25.71 -20.04 -36.94
C GLN I 249 -26.56 -19.55 -38.11
N ALA I 250 -25.98 -18.76 -39.00
CA ALA I 250 -26.59 -18.35 -40.25
C ALA I 250 -26.90 -19.55 -41.14
N GLY I 251 -25.98 -20.49 -41.32
CA GLY I 251 -26.20 -21.72 -42.07
C GLY I 251 -27.19 -22.70 -41.46
N GLN I 252 -27.31 -22.78 -40.13
CA GLN I 252 -28.35 -23.53 -39.43
C GLN I 252 -29.70 -22.88 -39.63
N SER I 253 -29.77 -21.56 -39.58
CA SER I 253 -30.97 -20.77 -39.88
C SER I 253 -31.40 -20.94 -41.31
N MET I 254 -30.43 -21.05 -42.22
CA MET I 254 -30.69 -21.21 -43.63
C MET I 254 -31.13 -22.60 -43.99
N LEU I 255 -30.55 -23.62 -43.37
CA LEU I 255 -31.01 -25.00 -43.48
C LEU I 255 -32.35 -25.24 -42.77
N ALA I 256 -32.62 -24.61 -41.64
CA ALA I 256 -33.93 -24.61 -41.03
C ALA I 256 -35.02 -24.13 -42.00
N GLN I 257 -34.80 -23.03 -42.71
CA GLN I 257 -35.79 -22.48 -43.65
C GLN I 257 -35.88 -23.28 -44.93
N ALA I 258 -34.77 -23.82 -45.42
CA ALA I 258 -34.73 -24.76 -46.54
C ALA I 258 -35.51 -26.08 -46.32
N ASN I 259 -35.70 -26.51 -45.08
CA ASN I 259 -36.56 -27.67 -44.82
C ASN I 259 -38.06 -27.36 -44.83
N GLN I 260 -38.43 -26.10 -44.64
CA GLN I 260 -39.81 -25.64 -44.88
C GLN I 260 -40.06 -25.34 -46.37
N SER I 261 -39.02 -25.14 -47.18
CA SER I 261 -39.04 -24.81 -48.61
C SER I 261 -40.15 -25.46 -49.42
N THR I 262 -40.30 -26.77 -49.29
CA THR I 262 -41.24 -27.54 -50.13
C THR I 262 -42.60 -27.78 -49.50
N GLN I 263 -42.90 -27.16 -48.35
CA GLN I 263 -44.25 -27.17 -47.77
C GLN I 263 -45.28 -26.58 -48.71
N GLY I 264 -44.84 -25.72 -49.62
CA GLY I 264 -45.64 -25.13 -50.68
C GLY I 264 -46.24 -26.14 -51.64
N VAL I 265 -45.82 -27.40 -51.61
CA VAL I 265 -46.44 -28.48 -52.38
C VAL I 265 -47.86 -28.72 -51.89
N LEU I 266 -48.11 -28.63 -50.60
CA LEU I 266 -49.34 -29.16 -50.00
C LEU I 266 -50.59 -28.29 -50.19
N SER I 267 -50.45 -27.01 -50.56
CA SER I 267 -51.61 -26.21 -50.99
C SER I 267 -52.08 -26.52 -52.40
N LEU I 268 -51.34 -27.37 -53.14
CA LEU I 268 -51.28 -27.32 -54.59
C LEU I 268 -51.52 -28.66 -55.26
N LEU I 269 -52.31 -28.67 -56.34
CA LEU I 269 -52.61 -29.86 -57.17
C LEU I 269 -53.20 -31.05 -56.38
N GLN I 270 -53.75 -30.72 -55.20
CA GLN I 270 -54.19 -31.57 -54.09
C GLN I 270 -55.36 -30.90 -53.38
N MET J 1 -24.95 -30.77 -37.13
CA MET J 1 -23.90 -31.81 -37.00
C MET J 1 -24.39 -32.92 -36.08
N VAL J 2 -23.48 -33.76 -35.57
CA VAL J 2 -23.82 -34.81 -34.61
C VAL J 2 -24.16 -34.25 -33.24
N VAL J 3 -25.30 -34.67 -32.73
CA VAL J 3 -25.78 -34.33 -31.39
C VAL J 3 -25.26 -35.29 -30.32
N GLN J 4 -24.98 -36.53 -30.70
CA GLN J 4 -24.72 -37.67 -29.82
C GLN J 4 -23.27 -37.78 -29.32
N HIS J 5 -22.34 -37.03 -29.92
CA HIS J 5 -20.97 -36.81 -29.43
C HIS J 5 -20.48 -35.45 -29.88
N ASN J 6 -20.42 -34.52 -28.94
CA ASN J 6 -19.89 -33.18 -29.17
C ASN J 6 -18.37 -33.24 -29.09
N LEU J 7 -17.69 -33.42 -30.21
CA LEU J 7 -16.24 -33.67 -30.21
C LEU J 7 -15.41 -32.40 -30.10
N THR J 8 -15.95 -31.26 -30.51
CA THR J 8 -15.32 -29.98 -30.20
C THR J 8 -15.16 -29.83 -28.69
N ALA J 9 -16.15 -30.21 -27.90
CA ALA J 9 -16.06 -30.21 -26.45
C ALA J 9 -15.10 -31.26 -25.90
N MET J 10 -15.03 -32.46 -26.46
CA MET J 10 -14.08 -33.48 -26.02
C MET J 10 -12.63 -33.16 -26.35
N ASN J 11 -12.33 -32.44 -27.42
CA ASN J 11 -11.01 -31.87 -27.64
C ASN J 11 -10.70 -30.79 -26.61
N ALA J 12 -11.65 -29.90 -26.35
CA ALA J 12 -11.42 -28.79 -25.45
C ALA J 12 -11.25 -29.27 -24.02
N ASN J 13 -11.98 -30.30 -23.62
CA ASN J 13 -11.78 -31.06 -22.39
C ASN J 13 -10.38 -31.66 -22.32
N ARG J 14 -9.93 -32.40 -23.32
CA ARG J 14 -8.60 -33.00 -23.33
C ARG J 14 -7.46 -31.98 -23.31
N GLN J 15 -7.57 -30.86 -24.01
CA GLN J 15 -6.60 -29.75 -23.96
C GLN J 15 -6.63 -28.95 -22.66
N LEU J 16 -7.78 -28.84 -22.02
CA LEU J 16 -7.85 -28.33 -20.67
C LEU J 16 -7.14 -29.25 -19.68
N GLY J 17 -7.32 -30.56 -19.79
CA GLY J 17 -6.54 -31.54 -19.03
C GLY J 17 -5.03 -31.34 -19.08
N ILE J 18 -4.41 -31.30 -20.26
CA ILE J 18 -2.96 -31.05 -20.40
C ILE J 18 -2.53 -29.74 -19.73
N THR J 19 -3.37 -28.71 -19.81
CA THR J 19 -3.09 -27.39 -19.27
C THR J 19 -3.20 -27.34 -17.76
N THR J 20 -4.26 -27.87 -17.14
CA THR J 20 -4.38 -27.89 -15.67
C THR J 20 -3.48 -28.94 -15.01
N GLY J 21 -3.04 -29.94 -15.74
CA GLY J 21 -1.95 -30.79 -15.30
C GLY J 21 -0.60 -30.06 -15.28
N ALA J 22 -0.24 -29.36 -16.36
CA ALA J 22 0.99 -28.58 -16.40
C ALA J 22 1.00 -27.53 -15.30
N GLN J 23 -0.12 -26.87 -15.06
CA GLN J 23 -0.27 -25.89 -13.99
C GLN J 23 0.00 -26.48 -12.59
N ALA J 24 -0.50 -27.66 -12.23
CA ALA J 24 -0.12 -28.30 -10.97
C ALA J 24 1.38 -28.68 -10.89
N LYS J 25 2.03 -29.08 -11.98
CA LYS J 25 3.49 -29.31 -12.02
C LYS J 25 4.30 -28.03 -11.89
N SER J 26 3.76 -26.89 -12.27
CA SER J 26 4.38 -25.56 -12.08
C SER J 26 4.19 -25.06 -10.67
N SER J 27 2.95 -25.01 -10.19
CA SER J 27 2.58 -24.51 -8.86
C SER J 27 3.29 -25.22 -7.71
N GLU J 28 3.59 -26.50 -7.86
CA GLU J 28 4.33 -27.32 -6.94
C GLU J 28 5.74 -26.78 -6.71
N LYS J 29 6.43 -26.33 -7.77
CA LYS J 29 7.78 -25.75 -7.73
C LYS J 29 7.81 -24.39 -7.09
N LEU J 30 6.73 -23.61 -7.19
CA LEU J 30 6.57 -22.34 -6.48
C LEU J 30 6.21 -22.53 -5.01
N SER J 31 5.30 -23.44 -4.68
CA SER J 31 4.96 -23.74 -3.29
C SER J 31 6.13 -24.34 -2.51
N SER J 32 6.87 -25.28 -3.11
CA SER J 32 8.01 -25.93 -2.46
C SER J 32 9.30 -25.14 -2.53
N GLY J 33 9.48 -24.34 -3.59
CA GLY J 33 10.71 -23.61 -3.85
C GLY J 33 11.75 -24.44 -4.54
N TYR J 34 11.47 -25.71 -4.89
CA TYR J 34 12.39 -26.61 -5.56
C TYR J 34 11.90 -27.00 -6.95
N LYS J 35 12.80 -26.88 -7.93
CA LYS J 35 12.63 -27.22 -9.33
C LYS J 35 12.37 -28.70 -9.55
N ILE J 36 13.08 -29.54 -8.82
CA ILE J 36 13.01 -31.00 -8.83
C ILE J 36 12.44 -31.46 -7.49
N ASN J 37 11.14 -31.72 -7.43
CA ASN J 37 10.48 -32.24 -6.22
C ASN J 37 10.52 -33.77 -6.17
N ARG J 38 10.71 -34.38 -7.34
CA ARG J 38 10.60 -35.80 -7.60
C ARG J 38 11.47 -36.16 -8.79
N ALA J 39 11.81 -37.42 -8.97
CA ALA J 39 12.71 -37.82 -10.04
C ALA J 39 12.07 -37.69 -11.43
N ALA J 40 10.75 -37.78 -11.53
CA ALA J 40 10.04 -37.58 -12.78
C ALA J 40 10.27 -36.20 -13.41
N ASP J 41 10.74 -35.21 -12.65
CA ASP J 41 11.12 -33.88 -13.16
C ASP J 41 12.45 -33.92 -13.93
N ASP J 42 13.45 -34.54 -13.33
CA ASP J 42 14.83 -34.65 -13.83
C ASP J 42 15.59 -35.68 -12.97
N ALA J 43 15.69 -36.92 -13.43
CA ALA J 43 16.30 -37.97 -12.66
C ALA J 43 17.81 -37.79 -12.50
N ALA J 44 18.51 -37.26 -13.51
CA ALA J 44 19.94 -36.94 -13.35
C ALA J 44 20.17 -35.81 -12.35
N GLY J 45 19.27 -34.84 -12.31
CA GLY J 45 19.34 -33.68 -11.42
C GLY J 45 19.01 -34.01 -9.99
N LEU J 46 18.05 -34.89 -9.74
CA LEU J 46 17.80 -35.46 -8.42
C LEU J 46 19.01 -36.24 -7.93
N THR J 47 19.55 -37.12 -8.76
CA THR J 47 20.76 -37.87 -8.44
C THR J 47 21.93 -36.98 -8.12
N ILE J 48 22.32 -36.06 -9.00
CA ILE J 48 23.44 -35.17 -8.71
C ILE J 48 23.15 -34.34 -7.48
N SER J 49 21.95 -33.80 -7.32
CA SER J 49 21.63 -32.95 -6.18
C SER J 49 21.72 -33.66 -4.86
N GLU J 50 21.37 -34.94 -4.77
CA GLU J 50 21.51 -35.70 -3.53
C GLU J 50 22.98 -35.98 -3.22
N LYS J 51 23.86 -36.17 -4.20
CA LYS J 51 25.31 -36.17 -3.99
C LYS J 51 25.83 -34.80 -3.57
N MET J 52 25.30 -33.71 -4.08
CA MET J 52 25.70 -32.38 -3.63
C MET J 52 25.16 -32.04 -2.24
N ARG J 53 23.93 -32.40 -1.91
CA ARG J 53 23.39 -32.31 -0.56
C ARG J 53 24.26 -33.10 0.40
N SER J 54 24.61 -34.33 0.03
CA SER J 54 25.42 -35.24 0.83
C SER J 54 26.83 -34.71 1.05
N GLN J 55 27.40 -34.04 0.05
CA GLN J 55 28.66 -33.34 0.16
C GLN J 55 28.56 -32.10 1.02
N VAL J 56 27.62 -31.18 0.79
CA VAL J 56 27.45 -29.98 1.59
C VAL J 56 27.25 -30.33 3.05
N ARG J 57 26.34 -31.25 3.38
CA ARG J 57 26.09 -31.68 4.77
C ARG J 57 27.30 -32.38 5.38
N GLY J 58 28.10 -33.08 4.61
CA GLY J 58 29.34 -33.69 5.09
C GLY J 58 30.52 -32.74 5.18
N LEU J 59 30.60 -31.69 4.40
CA LEU J 59 31.61 -30.65 4.54
C LEU J 59 31.29 -29.73 5.71
N ASN J 60 30.02 -29.40 5.94
CA ASN J 60 29.61 -28.60 7.08
C ASN J 60 29.85 -29.33 8.40
N LYS J 61 29.77 -30.66 8.44
CA LYS J 61 30.28 -31.43 9.57
C LYS J 61 31.79 -31.51 9.60
N ALA J 62 32.49 -31.75 8.51
CA ALA J 62 33.94 -31.68 8.49
C ALA J 62 34.49 -30.34 8.95
N SER J 63 33.78 -29.24 8.69
CA SER J 63 34.14 -27.90 9.11
C SER J 63 33.93 -27.72 10.61
N ASP J 64 32.79 -28.16 11.16
CA ASP J 64 32.55 -28.33 12.60
C ASP J 64 33.64 -29.18 13.26
N ASN J 65 34.06 -30.27 12.64
CA ASN J 65 35.02 -31.19 13.18
C ASN J 65 36.47 -30.70 13.15
N ALA J 66 36.87 -29.96 12.12
CA ALA J 66 38.12 -29.26 12.14
C ALA J 66 38.11 -28.11 13.15
N GLN J 67 36.98 -27.44 13.37
CA GLN J 67 36.86 -26.43 14.40
C GLN J 67 36.88 -27.04 15.79
N ASP J 68 36.17 -28.13 16.04
CA ASP J 68 36.30 -28.90 17.26
C ASP J 68 37.75 -29.36 17.49
N GLY J 69 38.46 -29.81 16.45
CA GLY J 69 39.89 -30.07 16.50
C GLY J 69 40.78 -28.88 16.83
N VAL J 70 40.54 -27.69 16.26
CA VAL J 70 41.22 -26.45 16.69
C VAL J 70 40.89 -26.10 18.13
N SER J 71 39.64 -26.15 18.56
CA SER J 71 39.28 -25.90 19.94
C SER J 71 39.84 -26.92 20.90
N LEU J 72 40.10 -28.16 20.51
CA LEU J 72 40.89 -29.09 21.29
C LEU J 72 42.36 -28.68 21.35
N ILE J 73 43.00 -28.47 20.20
CA ILE J 73 44.43 -28.12 20.12
C ILE J 73 44.73 -26.89 20.97
N GLN J 74 43.88 -25.87 20.93
CA GLN J 74 44.08 -24.66 21.73
C GLN J 74 44.12 -24.94 23.22
N VAL J 75 43.34 -25.89 23.74
CA VAL J 75 43.43 -26.27 25.14
C VAL J 75 44.82 -26.84 25.44
N ALA J 76 45.35 -27.75 24.63
CA ALA J 76 46.65 -28.33 24.85
C ALA J 76 47.80 -27.35 24.60
N GLU J 77 47.74 -26.49 23.58
CA GLU J 77 48.66 -25.35 23.43
C GLU J 77 48.70 -24.48 24.68
N GLY J 78 47.53 -24.15 25.22
CA GLY J 78 47.38 -23.30 26.39
C GLY J 78 47.80 -23.96 27.69
N ALA J 79 47.78 -25.29 27.77
CA ALA J 79 48.33 -26.03 28.89
C ALA J 79 49.86 -26.05 28.85
N LEU J 80 50.43 -26.16 27.66
CA LEU J 80 51.87 -26.18 27.49
C LEU J 80 52.52 -24.81 27.61
N SER J 81 51.75 -23.74 27.57
CA SER J 81 52.17 -22.45 28.08
C SER J 81 52.51 -22.48 29.56
N GLU J 82 51.72 -23.11 30.40
CA GLU J 82 52.03 -23.17 31.82
C GLU J 82 53.00 -24.32 32.14
N THR J 83 53.18 -25.31 31.28
CA THR J 83 54.40 -26.10 31.34
C THR J 83 55.62 -25.25 31.02
N HIS J 84 55.63 -24.41 29.98
CA HIS J 84 56.75 -23.50 29.77
C HIS J 84 56.97 -22.61 30.97
N SER J 85 55.96 -21.94 31.48
CA SER J 85 56.14 -20.97 32.56
C SER J 85 56.58 -21.60 33.86
N ILE J 86 56.20 -22.84 34.15
CA ILE J 86 56.84 -23.61 35.21
C ILE J 86 58.28 -23.97 34.84
N LEU J 87 58.60 -24.46 33.65
CA LEU J 87 59.98 -24.77 33.29
C LEU J 87 60.91 -23.57 33.21
N GLN J 88 60.45 -22.38 32.82
CA GLN J 88 61.23 -21.16 32.93
C GLN J 88 61.55 -20.89 34.40
N ARG J 89 60.57 -21.00 35.30
CA ARG J 89 60.77 -20.85 36.75
C ARG J 89 61.64 -21.94 37.34
N MET J 90 61.54 -23.19 36.91
CA MET J 90 62.43 -24.28 37.36
C MET J 90 63.85 -24.09 36.84
N ASN J 91 64.05 -23.65 35.62
CA ASN J 91 65.39 -23.35 35.12
C ASN J 91 66.05 -22.22 35.91
N GLU J 92 65.30 -21.15 36.17
CA GLU J 92 65.72 -19.97 36.90
C GLU J 92 66.07 -20.31 38.33
N LEU J 93 65.32 -21.18 38.99
CA LEU J 93 65.64 -21.73 40.31
C LEU J 93 66.82 -22.68 40.29
N ALA J 94 66.90 -23.60 39.34
CA ALA J 94 68.05 -24.47 39.20
C ALA J 94 69.35 -23.69 38.96
N THR J 95 69.30 -22.58 38.21
CA THR J 95 70.44 -21.68 37.97
C THR J 95 70.86 -20.91 39.20
N GLN J 96 69.94 -20.72 40.16
CA GLN J 96 70.21 -20.08 41.43
C GLN J 96 70.81 -21.06 42.42
N ALA J 97 70.20 -22.23 42.63
CA ALA J 97 70.71 -23.26 43.52
C ALA J 97 72.05 -23.87 43.09
N ALA J 98 72.47 -23.66 41.85
CA ALA J 98 73.79 -24.02 41.36
C ALA J 98 74.91 -23.18 41.95
N ASN J 99 74.64 -22.01 42.49
CA ASN J 99 75.67 -21.16 43.04
C ASN J 99 76.14 -21.73 44.38
N ASP J 100 77.42 -22.04 44.54
CA ASP J 100 77.98 -22.58 45.78
C ASP J 100 78.31 -21.53 46.85
N THR J 101 77.75 -20.32 46.80
CA THR J 101 77.55 -19.55 48.05
C THR J 101 76.30 -19.96 48.83
N ASN J 102 75.44 -20.85 48.31
CA ASN J 102 74.27 -21.34 49.02
C ASN J 102 74.62 -22.39 50.08
N THR J 103 74.11 -22.21 51.30
CA THR J 103 74.11 -23.24 52.33
C THR J 103 72.97 -24.21 52.09
N THR J 104 73.02 -25.40 52.68
CA THR J 104 72.03 -26.45 52.46
C THR J 104 70.66 -26.11 53.02
N SER J 105 70.55 -25.22 54.02
CA SER J 105 69.27 -24.60 54.43
C SER J 105 68.56 -23.91 53.28
N ASP J 106 69.35 -23.24 52.44
CA ASP J 106 68.92 -22.37 51.35
C ASP J 106 68.89 -23.11 50.00
N ARG J 107 69.47 -24.31 49.88
CA ARG J 107 69.16 -25.26 48.80
C ARG J 107 67.97 -26.15 49.05
N THR J 108 67.65 -26.51 50.30
CA THR J 108 66.33 -27.13 50.54
C THR J 108 65.22 -26.14 50.29
N ALA J 109 65.38 -24.85 50.56
CA ALA J 109 64.39 -23.84 50.18
C ALA J 109 64.14 -23.77 48.67
N VAL J 110 65.16 -23.90 47.83
CA VAL J 110 64.93 -24.03 46.37
C VAL J 110 64.32 -25.38 46.05
N GLN J 111 64.83 -26.46 46.63
CA GLN J 111 64.29 -27.79 46.41
C GLN J 111 62.80 -27.90 46.75
N GLN J 112 62.30 -27.30 47.84
CA GLN J 112 60.88 -27.33 48.17
C GLN J 112 59.99 -26.75 47.08
N GLU J 113 60.47 -25.74 46.35
CA GLU J 113 59.76 -25.20 45.20
C GLU J 113 59.98 -26.04 43.95
N ILE J 114 61.15 -26.64 43.72
CA ILE J 114 61.34 -27.57 42.59
C ILE J 114 60.54 -28.87 42.75
N ASN J 115 60.34 -29.38 43.96
CA ASN J 115 59.42 -30.49 44.19
C ASN J 115 57.96 -30.07 43.96
N GLN J 116 57.53 -28.90 44.45
CA GLN J 116 56.17 -28.43 44.23
C GLN J 116 55.89 -28.09 42.76
N LEU J 117 56.86 -27.56 42.01
CA LEU J 117 56.67 -27.22 40.60
C LEU J 117 56.73 -28.43 39.69
N ALA J 118 57.54 -29.45 40.01
CA ALA J 118 57.49 -30.72 39.29
C ALA J 118 56.15 -31.44 39.49
N SER J 119 55.61 -31.45 40.71
CA SER J 119 54.24 -31.90 40.93
C SER J 119 53.23 -31.10 40.11
N GLU J 120 53.42 -29.79 39.93
CA GLU J 120 52.50 -28.99 39.14
C GLU J 120 52.51 -29.34 37.68
N ILE J 121 53.65 -29.63 37.08
CA ILE J 121 53.75 -30.16 35.72
C ILE J 121 52.97 -31.48 35.52
N THR J 122 53.07 -32.43 36.45
CA THR J 122 52.26 -33.64 36.36
C THR J 122 50.78 -33.40 36.65
N ARG J 123 50.43 -32.42 37.49
CA ARG J 123 49.04 -31.99 37.62
C ARG J 123 48.52 -31.37 36.33
N ILE J 124 49.21 -30.48 35.63
CA ILE J 124 48.71 -30.03 34.32
C ILE J 124 48.54 -31.22 33.37
N ALA J 125 49.51 -32.14 33.29
CA ALA J 125 49.47 -33.24 32.37
C ALA J 125 48.32 -34.23 32.59
N SER J 126 48.04 -34.63 33.84
CA SER J 126 46.91 -35.52 34.13
C SER J 126 45.57 -34.80 34.26
N THR J 127 45.52 -33.47 34.24
CA THR J 127 44.29 -32.70 34.47
C THR J 127 43.77 -31.95 33.25
N THR J 128 44.61 -31.50 32.31
CA THR J 128 44.08 -30.87 31.10
C THR J 128 43.38 -31.92 30.26
N GLN J 129 42.07 -31.71 30.08
CA GLN J 129 41.17 -32.59 29.38
C GLN J 129 40.37 -31.79 28.35
N PHE J 130 39.92 -32.45 27.30
CA PHE J 130 38.91 -31.91 26.41
C PHE J 130 37.84 -32.96 26.31
N ASN J 131 36.57 -32.62 26.55
CA ASN J 131 35.49 -33.61 26.45
C ASN J 131 35.78 -34.85 27.32
N THR J 132 36.33 -34.66 28.52
CA THR J 132 36.83 -35.70 29.46
C THR J 132 38.02 -36.57 29.02
N MET J 133 38.54 -36.47 27.81
CA MET J 133 39.79 -37.17 27.43
C MET J 133 41.02 -36.43 27.95
N ASN J 134 42.03 -37.10 28.48
CA ASN J 134 43.32 -36.47 28.79
C ASN J 134 44.02 -36.02 27.52
N LEU J 135 44.65 -34.85 27.50
CA LEU J 135 45.34 -34.36 26.30
C LEU J 135 46.84 -34.55 26.30
N ILE J 136 47.51 -34.57 27.46
CA ILE J 136 48.98 -34.56 27.55
C ILE J 136 49.59 -35.50 28.61
N ASP J 137 48.92 -36.58 28.97
CA ASP J 137 49.58 -37.71 29.64
C ASP J 137 50.35 -38.60 28.62
N GLY J 138 50.16 -38.37 27.33
CA GLY J 138 50.80 -39.15 26.28
C GLY J 138 49.94 -40.26 25.73
N ASN J 139 48.69 -40.40 26.19
CA ASN J 139 47.76 -41.39 25.69
C ASN J 139 46.88 -40.86 24.55
N PHE J 140 46.88 -39.55 24.31
CA PHE J 140 46.26 -38.92 23.14
C PHE J 140 47.15 -39.12 21.89
N THR J 141 47.19 -40.34 21.38
CA THR J 141 47.93 -40.70 20.15
C THR J 141 47.02 -41.38 19.13
N SER J 142 47.38 -41.24 17.86
CA SER J 142 46.66 -41.76 16.69
C SER J 142 45.21 -41.28 16.59
N LYS J 143 44.89 -40.16 17.23
CA LYS J 143 43.53 -39.66 17.34
C LYS J 143 43.18 -38.92 16.05
N LYS J 144 42.37 -39.48 15.16
CA LYS J 144 41.96 -38.85 13.91
C LYS J 144 40.82 -37.82 14.07
N LEU J 145 41.02 -36.62 13.54
CA LEU J 145 39.95 -35.77 13.05
C LEU J 145 39.44 -36.32 11.74
N GLN J 146 38.17 -36.15 11.43
CA GLN J 146 37.55 -36.53 10.16
C GLN J 146 37.22 -35.27 9.35
N VAL J 147 38.12 -34.86 8.47
CA VAL J 147 38.14 -33.50 7.92
C VAL J 147 37.70 -33.40 6.48
N GLY J 148 36.92 -34.34 5.96
CA GLY J 148 36.18 -34.12 4.73
C GLY J 148 34.94 -35.00 4.62
N SER J 149 34.25 -34.93 3.49
CA SER J 149 32.93 -35.55 3.30
C SER J 149 32.94 -37.07 3.13
N LEU J 150 34.08 -37.72 2.92
CA LEU J 150 34.18 -39.14 2.60
C LEU J 150 34.83 -39.94 3.74
N CYS J 151 34.54 -41.24 3.80
CA CYS J 151 35.18 -42.21 4.68
C CYS J 151 36.70 -41.98 4.71
N GLY J 152 37.30 -41.78 5.87
CA GLY J 152 38.76 -41.81 6.00
C GLY J 152 39.54 -40.60 5.49
N GLN J 153 38.93 -39.41 5.30
CA GLN J 153 39.64 -38.15 5.00
C GLN J 153 40.25 -37.49 6.24
N ALA J 154 41.07 -38.22 6.98
CA ALA J 154 41.59 -37.83 8.29
C ALA J 154 42.60 -36.67 8.33
N ILE J 155 42.84 -36.19 9.55
CA ILE J 155 44.08 -35.55 10.02
C ILE J 155 44.38 -36.17 11.38
N THR J 156 45.61 -36.53 11.71
CA THR J 156 45.90 -37.24 12.95
C THR J 156 46.46 -36.30 14.01
N ILE J 157 45.97 -36.39 15.24
CA ILE J 157 46.43 -35.65 16.40
C ILE J 157 47.21 -36.60 17.31
N ASP J 158 48.48 -36.28 17.57
CA ASP J 158 49.39 -37.07 18.41
C ASP J 158 50.11 -36.14 19.36
N ILE J 159 50.17 -36.51 20.64
CA ILE J 159 50.85 -35.68 21.63
C ILE J 159 51.68 -36.57 22.55
N SER J 160 52.97 -36.28 22.71
CA SER J 160 53.83 -37.02 23.62
C SER J 160 53.45 -36.73 25.07
N ASP J 161 53.85 -37.56 26.03
CA ASP J 161 53.66 -37.28 27.45
C ASP J 161 54.32 -35.95 27.84
N MET J 162 53.61 -35.07 28.55
CA MET J 162 54.13 -33.79 29.05
C MET J 162 54.08 -33.69 30.57
N SER J 163 53.91 -34.81 31.26
CA SER J 163 54.09 -34.94 32.70
C SER J 163 55.55 -34.75 33.09
N ALA J 164 55.87 -34.60 34.37
CA ALA J 164 57.26 -34.44 34.78
C ALA J 164 58.17 -35.62 34.41
N THR J 165 57.64 -36.83 34.21
CA THR J 165 58.42 -38.00 33.76
C THR J 165 58.57 -38.06 32.25
N GLY J 166 57.61 -37.51 31.49
CA GLY J 166 57.70 -37.38 30.03
C GLY J 166 58.71 -36.32 29.58
N LEU J 167 59.04 -35.38 30.46
CA LEU J 167 59.99 -34.30 30.19
C LEU J 167 61.35 -34.46 30.87
N GLY J 168 61.45 -35.29 31.91
CA GLY J 168 62.66 -35.46 32.70
C GLY J 168 62.82 -34.42 33.82
N VAL J 169 61.74 -33.81 34.27
CA VAL J 169 61.73 -32.91 35.42
C VAL J 169 61.15 -33.53 36.68
N SER J 170 60.82 -34.82 36.68
CA SER J 170 60.86 -35.62 37.91
C SER J 170 62.29 -35.69 38.38
N GLY J 171 62.53 -35.79 39.69
CA GLY J 171 63.89 -36.00 40.19
C GLY J 171 64.90 -34.93 39.78
N LEU J 172 64.51 -33.65 39.73
CA LEU J 172 65.48 -32.56 39.67
C LEU J 172 66.07 -32.33 41.07
N VAL J 173 67.36 -32.63 41.24
CA VAL J 173 68.06 -32.48 42.52
C VAL J 173 68.97 -31.26 42.45
N VAL J 174 68.81 -30.30 43.36
CA VAL J 174 69.62 -29.05 43.38
C VAL J 174 70.42 -28.86 44.66
N SER J 175 70.65 -29.92 45.42
CA SER J 175 71.32 -29.85 46.71
C SER J 175 72.83 -29.59 46.63
N SER J 176 73.41 -29.45 45.44
CA SER J 176 74.80 -29.09 45.18
C SER J 176 74.98 -28.57 43.73
N PHE J 177 76.09 -27.92 43.39
CA PHE J 177 76.35 -27.49 42.00
C PHE J 177 76.31 -28.63 40.99
N SER J 178 76.90 -29.77 41.31
CA SER J 178 76.94 -30.92 40.40
C SER J 178 75.53 -31.28 39.92
N ALA J 179 74.57 -31.31 40.83
CA ALA J 179 73.21 -31.72 40.54
C ALA J 179 72.39 -30.55 39.99
N ALA J 180 72.57 -29.35 40.52
CA ALA J 180 71.92 -28.17 39.98
C ALA J 180 72.34 -27.87 38.54
N GLY J 181 73.56 -28.18 38.11
CA GLY J 181 73.92 -28.19 36.70
C GLY J 181 73.07 -29.16 35.88
N LYS J 182 72.79 -30.37 36.37
CA LYS J 182 71.86 -31.28 35.71
C LYS J 182 70.42 -30.79 35.76
N ALA J 183 69.98 -30.13 36.81
CA ALA J 183 68.64 -29.52 36.85
C ALA J 183 68.52 -28.33 35.87
N MET J 184 69.56 -27.55 35.64
CA MET J 184 69.60 -26.61 34.51
C MET J 184 69.52 -27.35 33.18
N SER J 185 70.37 -28.35 32.93
CA SER J 185 70.40 -29.15 31.70
C SER J 185 69.08 -29.84 31.39
N ALA J 186 68.47 -30.46 32.39
CA ALA J 186 67.17 -31.07 32.29
C ALA J 186 66.08 -30.06 32.02
N ALA J 187 65.95 -28.95 32.78
CA ALA J 187 64.88 -27.98 32.54
C ALA J 187 65.03 -27.28 31.18
N GLN J 188 66.24 -27.01 30.72
CA GLN J 188 66.46 -26.45 29.39
C GLN J 188 66.11 -27.43 28.28
N ASP J 189 66.37 -28.72 28.44
CA ASP J 189 65.87 -29.73 27.51
C ASP J 189 64.37 -29.86 27.57
N ALA J 190 63.76 -29.89 28.76
CA ALA J 190 62.32 -29.90 28.90
C ALA J 190 61.67 -28.68 28.25
N ILE J 191 62.29 -27.49 28.22
CA ILE J 191 61.79 -26.37 27.42
C ILE J 191 61.95 -26.65 25.94
N SER J 192 63.02 -27.29 25.50
CA SER J 192 63.20 -27.76 24.13
C SER J 192 62.12 -28.81 23.75
N TYR J 193 61.70 -29.69 24.66
CA TYR J 193 60.63 -30.65 24.40
C TYR J 193 59.26 -30.02 24.34
N VAL J 194 58.96 -29.10 25.24
CA VAL J 194 57.67 -28.42 25.19
C VAL J 194 57.64 -27.49 24.00
N SER J 195 58.75 -26.88 23.59
CA SER J 195 58.83 -26.12 22.34
C SER J 195 58.57 -26.97 21.12
N SER J 196 59.08 -28.20 21.01
CA SER J 196 58.76 -29.08 19.88
C SER J 196 57.32 -29.57 19.94
N MET J 197 56.77 -29.83 21.12
CA MET J 197 55.36 -30.22 21.21
C MET J 197 54.37 -29.10 20.92
N ARG J 198 54.64 -27.88 21.36
CA ARG J 198 53.87 -26.70 20.93
C ARG J 198 54.12 -26.34 19.47
N SER J 199 55.27 -26.65 18.90
CA SER J 199 55.49 -26.50 17.46
C SER J 199 54.65 -27.47 16.63
N LYS J 200 54.42 -28.70 17.08
CA LYS J 200 53.52 -29.63 16.39
C LYS J 200 52.08 -29.18 16.48
N LEU J 201 51.60 -28.86 17.66
CA LEU J 201 50.25 -28.32 17.85
C LEU J 201 50.01 -26.98 17.14
N GLY J 202 51.04 -26.18 16.88
CA GLY J 202 50.92 -24.96 16.09
C GLY J 202 50.79 -25.24 14.60
N ALA J 203 51.76 -25.96 14.04
CA ALA J 203 51.75 -26.40 12.66
C ALA J 203 50.46 -27.10 12.26
N LEU J 204 49.89 -27.88 13.16
CA LEU J 204 48.62 -28.56 13.03
C LEU J 204 47.44 -27.62 13.06
N GLN J 205 47.40 -26.62 13.95
CA GLN J 205 46.34 -25.64 13.92
C GLN J 205 46.37 -24.81 12.65
N ASN J 206 47.55 -24.63 12.07
CA ASN J 206 47.70 -24.01 10.78
C ASN J 206 47.26 -24.92 9.63
N ARG J 207 47.38 -26.26 9.68
CA ARG J 207 46.62 -27.09 8.74
C ARG J 207 45.13 -26.92 8.88
N LEU J 208 44.62 -26.77 10.08
CA LEU J 208 43.19 -26.74 10.29
C LEU J 208 42.61 -25.39 9.91
N GLU J 209 43.26 -24.27 10.17
CA GLU J 209 42.71 -23.02 9.68
C GLU J 209 42.67 -23.01 8.15
N HIS J 210 43.66 -23.60 7.46
CA HIS J 210 43.63 -23.81 6.01
C HIS J 210 42.56 -24.82 5.57
N THR J 211 42.45 -25.98 6.18
CA THR J 211 41.33 -26.91 5.96
C THR J 211 39.97 -26.27 6.19
N ILE J 212 39.73 -25.52 7.26
CA ILE J 212 38.43 -24.88 7.52
C ILE J 212 38.15 -23.82 6.46
N SER J 213 39.13 -22.99 6.14
CA SER J 213 39.02 -22.03 5.04
C SER J 213 38.59 -22.72 3.76
N ASN J 214 39.20 -23.85 3.45
CA ASN J 214 38.94 -24.62 2.25
C ASN J 214 37.58 -25.32 2.26
N LEU J 215 37.17 -25.99 3.34
CA LEU J 215 35.86 -26.64 3.43
C LEU J 215 34.70 -25.65 3.36
N ASP J 216 34.84 -24.47 3.97
CA ASP J 216 33.83 -23.43 3.90
C ASP J 216 33.68 -22.89 2.47
N ASN J 217 34.78 -22.83 1.73
CA ASN J 217 34.83 -22.47 0.33
C ASN J 217 34.21 -23.57 -0.54
N ILE J 218 34.59 -24.83 -0.38
CA ILE J 218 34.04 -25.95 -1.15
C ILE J 218 32.56 -26.12 -0.83
N SER J 219 32.12 -25.93 0.41
CA SER J 219 30.73 -25.97 0.80
C SER J 219 29.91 -24.87 0.11
N GLU J 220 30.39 -23.63 0.07
CA GLU J 220 29.73 -22.51 -0.58
C GLU J 220 29.62 -22.70 -2.09
N ASN J 221 30.67 -23.19 -2.73
CA ASN J 221 30.61 -23.50 -4.13
C ASN J 221 29.73 -24.72 -4.41
N THR J 222 29.80 -25.82 -3.67
CA THR J 222 28.87 -26.94 -3.88
C THR J 222 27.46 -26.67 -3.39
N SER J 223 27.21 -25.67 -2.56
CA SER J 223 25.87 -25.15 -2.29
C SER J 223 25.35 -24.36 -3.46
N SER J 224 26.19 -23.50 -4.05
CA SER J 224 25.87 -22.75 -5.25
C SER J 224 25.63 -23.70 -6.42
N ALA J 225 26.42 -24.76 -6.53
CA ALA J 225 26.24 -25.81 -7.49
C ALA J 225 24.93 -26.56 -7.32
N GLU J 226 24.55 -26.95 -6.11
CA GLU J 226 23.29 -27.66 -5.90
C GLU J 226 22.10 -26.73 -6.07
N SER J 227 22.15 -25.50 -5.56
CA SER J 227 21.07 -24.52 -5.64
C SER J 227 20.75 -24.09 -7.06
N ARG J 228 21.65 -24.34 -8.00
CA ARG J 228 21.36 -24.22 -9.43
C ARG J 228 20.63 -25.45 -9.99
N ILE J 229 20.93 -26.66 -9.52
CA ILE J 229 20.24 -27.87 -9.99
C ILE J 229 18.85 -27.94 -9.36
N ARG J 230 18.75 -27.76 -8.06
CA ARG J 230 17.58 -28.18 -7.30
C ARG J 230 16.59 -27.07 -7.04
N ASP J 231 16.98 -25.90 -6.55
CA ASP J 231 16.00 -24.84 -6.22
C ASP J 231 15.31 -24.28 -7.46
N THR J 232 14.04 -23.90 -7.34
CA THR J 232 13.31 -23.20 -8.39
C THR J 232 14.04 -21.91 -8.72
N ASP J 233 13.92 -21.41 -9.94
CA ASP J 233 14.07 -19.97 -10.12
C ASP J 233 12.68 -19.33 -10.06
N MET J 234 12.35 -18.60 -8.99
CA MET J 234 11.00 -18.09 -8.81
C MET J 234 10.65 -17.04 -9.87
N ALA J 235 11.64 -16.40 -10.46
CA ALA J 235 11.48 -15.49 -11.59
C ALA J 235 11.02 -16.25 -12.85
N GLU J 236 11.80 -17.23 -13.31
CA GLU J 236 11.49 -18.08 -14.48
C GLU J 236 10.18 -18.84 -14.30
N GLU J 237 10.00 -19.55 -13.19
CA GLU J 237 8.82 -20.36 -12.95
C GLU J 237 7.54 -19.54 -12.82
N MET J 238 7.59 -18.27 -12.43
CA MET J 238 6.39 -17.42 -12.39
C MET J 238 5.99 -16.93 -13.79
N VAL J 239 6.93 -16.94 -14.76
CA VAL J 239 6.56 -16.86 -16.19
C VAL J 239 5.76 -18.08 -16.60
N GLU J 240 6.29 -19.28 -16.35
CA GLU J 240 5.68 -20.54 -16.75
C GLU J 240 4.34 -20.78 -16.09
N TYR J 241 4.17 -20.33 -14.85
CA TYR J 241 2.92 -20.33 -14.13
C TYR J 241 1.89 -19.39 -14.74
N SER J 242 2.24 -18.13 -15.05
CA SER J 242 1.25 -17.21 -15.57
C SER J 242 0.80 -17.59 -16.98
N LYS J 243 1.68 -18.15 -17.85
CA LYS J 243 1.26 -18.76 -19.13
C LYS J 243 0.10 -19.71 -18.92
N ASN J 244 0.25 -20.60 -17.94
CA ASN J 244 -0.66 -21.69 -17.64
C ASN J 244 -1.93 -21.28 -16.91
N ASN J 245 -1.90 -20.25 -16.06
CA ASN J 245 -3.13 -19.70 -15.54
C ASN J 245 -3.95 -19.10 -16.69
N ILE J 246 -3.32 -18.39 -17.63
CA ILE J 246 -4.02 -17.74 -18.74
C ILE J 246 -4.47 -18.76 -19.79
N LEU J 247 -3.70 -19.81 -20.06
CA LEU J 247 -4.17 -20.93 -20.86
C LEU J 247 -5.34 -21.66 -20.20
N ALA J 248 -5.33 -21.92 -18.90
CA ALA J 248 -6.39 -22.66 -18.25
C ALA J 248 -7.71 -21.91 -18.33
N GLN J 249 -7.66 -20.60 -18.17
CA GLN J 249 -8.80 -19.71 -18.38
C GLN J 249 -9.28 -19.65 -19.82
N ALA J 250 -8.42 -19.44 -20.81
CA ALA J 250 -8.81 -19.54 -22.22
C ALA J 250 -9.31 -20.94 -22.60
N GLY J 251 -8.78 -22.01 -22.01
CA GLY J 251 -9.28 -23.38 -22.18
C GLY J 251 -10.66 -23.62 -21.58
N GLN J 252 -10.93 -23.13 -20.36
CA GLN J 252 -12.27 -23.16 -19.78
C GLN J 252 -13.24 -22.33 -20.61
N SER J 253 -12.79 -21.24 -21.21
CA SER J 253 -13.60 -20.38 -22.08
C SER J 253 -13.98 -21.08 -23.38
N MET J 254 -13.04 -21.79 -24.00
CA MET J 254 -13.33 -22.54 -25.23
C MET J 254 -14.13 -23.80 -24.98
N LEU J 255 -14.02 -24.41 -23.80
CA LEU J 255 -14.88 -25.49 -23.38
C LEU J 255 -16.29 -25.01 -22.98
N ALA J 256 -16.42 -23.90 -22.26
CA ALA J 256 -17.71 -23.28 -21.98
C ALA J 256 -18.47 -22.90 -23.26
N GLN J 257 -17.78 -22.41 -24.29
CA GLN J 257 -18.38 -22.25 -25.63
C GLN J 257 -18.67 -23.59 -26.29
N ALA J 258 -17.73 -24.53 -26.31
CA ALA J 258 -17.92 -25.82 -26.96
C ALA J 258 -19.11 -26.62 -26.44
N ASN J 259 -19.54 -26.46 -25.19
CA ASN J 259 -20.76 -27.12 -24.71
C ASN J 259 -22.06 -26.44 -25.16
N GLN J 260 -22.01 -25.16 -25.51
CA GLN J 260 -23.12 -24.42 -26.16
C GLN J 260 -23.17 -24.66 -27.67
N SER J 261 -22.05 -25.08 -28.27
CA SER J 261 -21.85 -25.32 -29.70
C SER J 261 -23.02 -26.00 -30.37
N THR J 262 -23.46 -27.14 -29.82
CA THR J 262 -24.47 -27.97 -30.47
C THR J 262 -25.92 -27.58 -30.16
N GLN J 263 -26.14 -26.45 -29.49
CA GLN J 263 -27.47 -25.83 -29.34
C GLN J 263 -28.09 -25.52 -30.68
N GLY J 264 -27.25 -25.23 -31.68
CA GLY J 264 -27.65 -24.96 -33.05
C GLY J 264 -28.47 -26.07 -33.70
N VAL J 265 -28.44 -27.30 -33.20
CA VAL J 265 -29.23 -28.40 -33.75
C VAL J 265 -30.72 -28.15 -33.57
N LEU J 266 -31.14 -27.54 -32.47
CA LEU J 266 -32.53 -27.53 -32.04
C LEU J 266 -33.44 -26.68 -32.93
N SER J 267 -32.89 -25.78 -33.74
CA SER J 267 -33.70 -24.98 -34.66
C SER J 267 -34.11 -25.74 -35.91
N LEU J 268 -33.49 -26.89 -36.21
CA LEU J 268 -33.70 -27.63 -37.45
C LEU J 268 -35.05 -28.32 -37.46
N LEU J 269 -36.10 -27.62 -37.89
CA LEU J 269 -37.47 -28.09 -38.18
C LEU J 269 -38.25 -28.70 -36.98
N GLN J 270 -37.55 -28.86 -35.85
CA GLN J 270 -37.87 -29.59 -34.63
C GLN J 270 -38.85 -28.88 -33.71
N MET K 1 -11.31 -29.43 -14.04
CA MET K 1 -10.79 -29.72 -12.69
C MET K 1 -11.84 -30.43 -11.86
N VAL K 2 -11.38 -31.22 -10.90
CA VAL K 2 -12.23 -31.72 -9.82
C VAL K 2 -12.55 -30.57 -8.88
N VAL K 3 -13.83 -30.33 -8.67
CA VAL K 3 -14.35 -29.32 -7.73
C VAL K 3 -14.22 -29.77 -6.28
N GLN K 4 -14.14 -31.08 -6.06
CA GLN K 4 -14.31 -31.74 -4.77
C GLN K 4 -12.99 -31.99 -4.02
N HIS K 5 -11.84 -31.70 -4.62
CA HIS K 5 -10.49 -31.81 -4.04
C HIS K 5 -9.54 -30.87 -4.76
N ASN K 6 -9.24 -29.72 -4.15
CA ASN K 6 -8.29 -28.80 -4.71
C ASN K 6 -6.89 -29.25 -4.33
N LEU K 7 -6.34 -30.20 -5.05
CA LEU K 7 -5.06 -30.80 -4.69
C LEU K 7 -3.88 -29.89 -4.92
N THR K 8 -3.97 -28.90 -5.79
CA THR K 8 -2.94 -27.85 -5.86
C THR K 8 -2.88 -27.09 -4.55
N ALA K 9 -4.03 -26.75 -3.96
CA ALA K 9 -4.10 -26.13 -2.64
C ALA K 9 -3.62 -27.03 -1.51
N MET K 10 -3.91 -28.33 -1.54
CA MET K 10 -3.50 -29.24 -0.46
C MET K 10 -2.01 -29.47 -0.43
N ASN K 11 -1.35 -29.60 -1.59
CA ASN K 11 0.11 -29.59 -1.68
C ASN K 11 0.68 -28.25 -1.23
N ALA K 12 0.08 -27.13 -1.64
CA ALA K 12 0.53 -25.80 -1.28
C ALA K 12 0.41 -25.55 0.22
N ASN K 13 -0.65 -26.05 0.85
CA ASN K 13 -0.80 -26.14 2.29
C ASN K 13 0.27 -27.01 2.96
N ARG K 14 0.48 -28.24 2.50
CA ARG K 14 1.45 -29.15 3.10
C ARG K 14 2.84 -28.57 3.09
N GLN K 15 3.24 -27.93 2.00
CA GLN K 15 4.50 -27.21 1.84
C GLN K 15 4.60 -25.93 2.67
N LEU K 16 3.49 -25.20 2.83
CA LEU K 16 3.47 -24.05 3.67
C LEU K 16 3.78 -24.45 5.10
N GLY K 17 3.20 -25.54 5.60
CA GLY K 17 3.56 -26.14 6.87
C GLY K 17 5.05 -26.38 7.05
N ILE K 18 5.72 -27.12 6.15
CA ILE K 18 7.18 -27.36 6.20
C ILE K 18 7.98 -26.06 6.37
N THR K 19 7.60 -25.02 5.64
CA THR K 19 8.25 -23.72 5.65
C THR K 19 8.01 -22.96 6.95
N THR K 20 6.79 -22.99 7.51
CA THR K 20 6.49 -22.42 8.83
C THR K 20 7.00 -23.25 10.00
N GLY K 21 7.28 -24.54 9.81
CA GLY K 21 8.03 -25.34 10.76
C GLY K 21 9.46 -24.87 10.88
N ALA K 22 10.19 -24.79 9.76
CA ALA K 22 11.55 -24.24 9.75
C ALA K 22 11.61 -22.77 10.17
N GLN K 23 10.55 -21.98 9.98
CA GLN K 23 10.46 -20.65 10.58
C GLN K 23 10.35 -20.66 12.12
N ALA K 24 9.49 -21.48 12.74
CA ALA K 24 9.44 -21.61 14.20
C ALA K 24 10.73 -22.21 14.80
N LYS K 25 11.42 -23.11 14.11
CA LYS K 25 12.68 -23.70 14.56
C LYS K 25 13.91 -22.83 14.29
N SER K 26 13.84 -21.82 13.43
CA SER K 26 14.85 -20.75 13.34
C SER K 26 14.60 -19.64 14.33
N SER K 27 13.37 -19.14 14.43
CA SER K 27 13.01 -18.09 15.38
C SER K 27 13.38 -18.46 16.82
N GLU K 28 13.30 -19.73 17.18
CA GLU K 28 13.73 -20.28 18.46
C GLU K 28 15.22 -20.04 18.72
N LYS K 29 16.11 -20.21 17.74
CA LYS K 29 17.57 -20.03 17.88
C LYS K 29 17.96 -18.57 18.01
N LEU K 30 17.28 -17.69 17.30
CA LEU K 30 17.49 -16.24 17.37
C LEU K 30 16.93 -15.66 18.65
N SER K 31 15.74 -16.10 19.05
CA SER K 31 15.13 -15.68 20.30
C SER K 31 15.90 -16.19 21.52
N SER K 32 16.35 -17.46 21.55
CA SER K 32 17.10 -18.01 22.69
C SER K 32 18.58 -17.70 22.71
N GLY K 33 19.19 -17.45 21.55
CA GLY K 33 20.63 -17.25 21.42
C GLY K 33 21.45 -18.54 21.33
N TYR K 34 20.81 -19.71 21.33
CA TYR K 34 21.44 -21.04 21.29
C TYR K 34 21.03 -21.83 20.06
N LYS K 35 21.99 -22.53 19.47
CA LYS K 35 21.82 -23.37 18.29
C LYS K 35 21.14 -24.70 18.62
N ILE K 36 21.43 -25.24 19.80
CA ILE K 36 20.88 -26.48 20.35
C ILE K 36 20.05 -26.13 21.58
N ASN K 37 18.76 -25.88 21.39
CA ASN K 37 17.84 -25.63 22.50
C ASN K 37 17.36 -26.93 23.11
N ARG K 38 17.06 -27.86 22.21
CA ARG K 38 16.41 -29.12 22.48
C ARG K 38 17.26 -30.24 21.91
N ALA K 39 17.30 -31.39 22.55
CA ALA K 39 18.25 -32.45 22.22
C ALA K 39 18.05 -33.07 20.82
N ALA K 40 16.88 -32.85 20.24
CA ALA K 40 16.56 -33.18 18.87
C ALA K 40 17.37 -32.38 17.84
N ASP K 41 17.94 -31.23 18.21
CA ASP K 41 18.76 -30.41 17.31
C ASP K 41 20.11 -31.06 16.97
N ASP K 42 20.80 -31.62 17.96
CA ASP K 42 22.08 -32.32 17.84
C ASP K 42 22.38 -33.06 19.16
N ALA K 43 22.05 -34.34 19.26
CA ALA K 43 22.16 -35.07 20.51
C ALA K 43 23.59 -35.14 21.04
N ALA K 44 24.58 -35.23 20.16
CA ALA K 44 25.98 -35.20 20.55
C ALA K 44 26.43 -33.78 20.90
N GLY K 45 26.00 -32.78 20.14
CA GLY K 45 26.26 -31.38 20.45
C GLY K 45 25.69 -30.96 21.80
N LEU K 46 24.49 -31.41 22.13
CA LEU K 46 23.93 -31.33 23.48
C LEU K 46 24.86 -32.02 24.49
N THR K 47 25.04 -33.33 24.40
CA THR K 47 25.85 -34.12 25.33
C THR K 47 27.24 -33.54 25.57
N ILE K 48 27.99 -33.23 24.52
CA ILE K 48 29.31 -32.61 24.63
C ILE K 48 29.18 -31.25 25.30
N SER K 49 28.23 -30.40 24.90
CA SER K 49 28.03 -29.11 25.54
C SER K 49 27.70 -29.21 27.01
N GLU K 50 26.98 -30.23 27.48
CA GLU K 50 26.75 -30.39 28.92
C GLU K 50 28.03 -30.71 29.67
N LYS K 51 28.94 -31.51 29.11
CA LYS K 51 30.27 -31.70 29.68
C LYS K 51 31.08 -30.43 29.66
N MET K 52 31.01 -29.64 28.61
CA MET K 52 31.75 -28.39 28.60
C MET K 52 31.13 -27.35 29.52
N ARG K 53 29.81 -27.23 29.64
CA ARG K 53 29.16 -26.40 30.66
C ARG K 53 29.62 -26.83 32.05
N SER K 54 29.62 -28.12 32.30
CA SER K 54 30.09 -28.78 33.51
C SER K 54 31.56 -28.53 33.82
N GLN K 55 32.43 -28.64 32.82
CA GLN K 55 33.84 -28.37 32.95
C GLN K 55 34.11 -26.89 33.14
N VAL K 56 33.45 -25.99 32.42
CA VAL K 56 33.69 -24.56 32.57
C VAL K 56 33.31 -24.14 33.97
N ARG K 57 32.10 -24.47 34.42
CA ARG K 57 31.62 -24.18 35.77
C ARG K 57 32.49 -24.81 36.84
N GLY K 58 32.92 -26.04 36.66
CA GLY K 58 33.82 -26.72 37.58
C GLY K 58 35.19 -26.08 37.63
N LEU K 59 35.78 -25.72 36.49
CA LEU K 59 37.06 -25.00 36.42
C LEU K 59 36.96 -23.60 37.00
N ASN K 60 35.87 -22.87 36.78
CA ASN K 60 35.62 -21.59 37.44
C ASN K 60 35.56 -21.75 38.97
N LYS K 61 34.97 -22.82 39.52
CA LYS K 61 35.13 -23.13 40.95
C LYS K 61 36.52 -23.61 41.35
N ALA K 62 37.25 -24.35 40.52
CA ALA K 62 38.64 -24.65 40.79
C ALA K 62 39.50 -23.38 40.87
N SER K 63 39.23 -22.37 40.04
CA SER K 63 39.86 -21.06 40.07
C SER K 63 39.48 -20.27 41.33
N ASP K 64 38.21 -20.30 41.75
CA ASP K 64 37.73 -19.80 43.06
C ASP K 64 38.45 -20.49 44.22
N ASN K 65 38.62 -21.80 44.19
CA ASN K 65 39.27 -22.53 45.27
C ASN K 65 40.78 -22.43 45.28
N ALA K 66 41.42 -22.29 44.12
CA ALA K 66 42.84 -21.97 44.07
C ALA K 66 43.10 -20.55 44.53
N GLN K 67 42.22 -19.59 44.21
CA GLN K 67 42.25 -18.24 44.75
C GLN K 67 42.02 -18.23 46.25
N ASP K 68 41.04 -18.97 46.75
CA ASP K 68 40.77 -19.13 48.18
C ASP K 68 41.90 -19.85 48.92
N GLY K 69 42.60 -20.76 48.25
CA GLY K 69 43.87 -21.30 48.69
C GLY K 69 44.96 -20.25 48.79
N VAL K 70 45.20 -19.45 47.75
CA VAL K 70 46.18 -18.35 47.79
C VAL K 70 45.87 -17.31 48.85
N SER K 71 44.59 -16.99 49.03
CA SER K 71 44.13 -16.10 50.08
C SER K 71 44.44 -16.65 51.47
N LEU K 72 44.11 -17.91 51.76
CA LEU K 72 44.52 -18.58 52.99
C LEU K 72 46.05 -18.61 53.17
N ILE K 73 46.82 -18.95 52.14
CA ILE K 73 48.28 -19.03 52.29
C ILE K 73 48.90 -17.66 52.57
N GLN K 74 48.47 -16.59 51.90
CA GLN K 74 48.90 -15.24 52.25
C GLN K 74 48.61 -14.89 53.70
N VAL K 75 47.52 -15.35 54.28
CA VAL K 75 47.28 -15.12 55.71
C VAL K 75 48.23 -15.93 56.58
N ALA K 76 48.51 -17.19 56.25
CA ALA K 76 49.38 -18.01 57.06
C ALA K 76 50.81 -17.50 57.02
N GLU K 77 51.40 -17.26 55.84
CA GLU K 77 52.77 -16.72 55.79
C GLU K 77 52.84 -15.28 56.27
N GLY K 78 51.79 -14.49 56.06
CA GLY K 78 51.68 -13.15 56.61
C GLY K 78 51.62 -13.10 58.14
N ALA K 79 51.24 -14.17 58.83
CA ALA K 79 51.37 -14.29 60.29
C ALA K 79 52.78 -14.65 60.70
N LEU K 80 53.47 -15.49 59.92
CA LEU K 80 54.86 -15.90 60.20
C LEU K 80 55.88 -14.81 59.93
N SER K 81 55.56 -13.80 59.13
CA SER K 81 56.38 -12.59 59.01
C SER K 81 56.57 -11.90 60.36
N GLU K 82 55.52 -11.79 61.18
CA GLU K 82 55.61 -11.30 62.55
C GLU K 82 56.39 -12.27 63.42
N THR K 83 56.22 -13.58 63.27
CA THR K 83 57.04 -14.57 63.98
C THR K 83 58.52 -14.43 63.68
N HIS K 84 58.94 -14.15 62.44
CA HIS K 84 60.34 -13.82 62.20
C HIS K 84 60.76 -12.51 62.83
N SER K 85 59.94 -11.48 62.76
CA SER K 85 60.35 -10.17 63.25
C SER K 85 60.47 -10.17 64.77
N ILE K 86 59.67 -11.00 65.45
CA ILE K 86 59.90 -11.42 66.83
C ILE K 86 61.20 -12.23 66.96
N LEU K 87 61.40 -13.31 66.22
CA LEU K 87 62.57 -14.16 66.46
C LEU K 87 63.89 -13.45 66.19
N GLN K 88 63.95 -12.57 65.19
CA GLN K 88 65.11 -11.73 64.94
C GLN K 88 65.43 -10.89 66.18
N ARG K 89 64.42 -10.28 66.79
CA ARG K 89 64.50 -9.58 68.08
C ARG K 89 64.88 -10.49 69.22
N MET K 90 64.40 -11.72 69.31
CA MET K 90 64.82 -12.66 70.35
C MET K 90 66.28 -13.06 70.20
N ASN K 91 66.77 -13.31 68.98
CA ASN K 91 68.19 -13.60 68.75
C ASN K 91 69.08 -12.39 69.08
N GLU K 92 68.64 -11.20 68.68
CA GLU K 92 69.28 -9.92 68.97
C GLU K 92 69.37 -9.66 70.45
N LEU K 93 68.29 -9.95 71.21
CA LEU K 93 68.26 -9.82 72.67
C LEU K 93 69.10 -10.90 73.35
N ALA K 94 69.00 -12.17 72.95
CA ALA K 94 69.75 -13.23 73.59
C ALA K 94 71.26 -13.01 73.45
N THR K 95 71.72 -12.49 72.30
CA THR K 95 73.12 -12.13 72.08
C THR K 95 73.56 -10.97 72.98
N GLN K 96 72.64 -10.12 73.43
CA GLN K 96 72.93 -9.07 74.40
C GLN K 96 73.13 -9.67 75.80
N ALA K 97 72.23 -10.54 76.23
CA ALA K 97 72.26 -11.18 77.54
C ALA K 97 73.37 -12.22 77.71
N ALA K 98 73.96 -12.71 76.62
CA ALA K 98 75.14 -13.53 76.68
C ALA K 98 76.29 -12.76 77.29
N ASN K 99 76.63 -11.59 76.74
CA ASN K 99 77.76 -10.78 77.16
C ASN K 99 77.82 -10.63 78.68
N ASP K 100 78.89 -11.17 79.28
CA ASP K 100 78.95 -11.43 80.71
C ASP K 100 79.36 -10.22 81.56
N THR K 101 79.33 -9.00 81.00
CA THR K 101 79.37 -7.75 81.77
C THR K 101 77.97 -7.30 82.22
N ASN K 102 76.92 -8.00 81.76
CA ASN K 102 75.57 -7.91 82.32
C ASN K 102 75.53 -8.43 83.76
N THR K 103 74.51 -8.03 84.52
CA THR K 103 74.27 -8.48 85.89
C THR K 103 72.80 -8.85 86.08
N THR K 104 72.44 -9.61 87.10
CA THR K 104 71.11 -10.19 87.28
C THR K 104 69.96 -9.17 87.21
N SER K 105 70.15 -7.95 87.73
CA SER K 105 69.21 -6.84 87.60
C SER K 105 68.87 -6.45 86.15
N ASP K 106 69.86 -6.59 85.25
CA ASP K 106 69.83 -6.16 83.86
C ASP K 106 69.74 -7.36 82.88
N ARG K 107 69.97 -8.58 83.36
CA ARG K 107 69.72 -9.83 82.62
C ARG K 107 68.31 -10.36 82.82
N THR K 108 67.69 -10.14 83.98
CA THR K 108 66.24 -10.33 84.13
C THR K 108 65.47 -9.32 83.29
N ALA K 109 65.99 -8.11 83.08
CA ALA K 109 65.37 -7.12 82.21
C ALA K 109 65.39 -7.50 80.73
N VAL K 110 66.27 -8.41 80.31
CA VAL K 110 66.17 -9.07 79.01
C VAL K 110 65.17 -10.21 79.09
N GLN K 111 65.26 -11.06 80.13
CA GLN K 111 64.37 -12.19 80.33
C GLN K 111 62.90 -11.78 80.30
N GLN K 112 62.51 -10.64 80.88
CA GLN K 112 61.12 -10.17 80.84
C GLN K 112 60.60 -9.95 79.43
N GLU K 113 61.42 -9.42 78.52
CA GLU K 113 61.06 -9.30 77.12
C GLU K 113 61.10 -10.64 76.40
N ILE K 114 62.06 -11.50 76.71
CA ILE K 114 62.13 -12.83 76.12
C ILE K 114 60.96 -13.73 76.56
N ASN K 115 60.40 -13.56 77.76
CA ASN K 115 59.18 -14.26 78.17
C ASN K 115 57.95 -13.69 77.48
N GLN K 116 57.89 -12.39 77.21
CA GLN K 116 56.74 -11.76 76.53
C GLN K 116 56.73 -11.99 75.03
N LEU K 117 57.89 -12.04 74.37
CA LEU K 117 57.98 -12.33 72.96
C LEU K 117 57.68 -13.79 72.66
N ALA K 118 58.06 -14.71 73.55
CA ALA K 118 57.67 -16.10 73.45
C ALA K 118 56.16 -16.30 73.67
N SER K 119 55.52 -15.59 74.61
CA SER K 119 54.05 -15.52 74.67
C SER K 119 53.45 -14.95 73.39
N GLU K 120 54.05 -13.96 72.75
CA GLU K 120 53.56 -13.42 71.48
C GLU K 120 53.65 -14.42 70.34
N ILE K 121 54.71 -15.20 70.22
CA ILE K 121 54.79 -16.25 69.19
C ILE K 121 53.66 -17.27 69.37
N THR K 122 53.35 -17.67 70.60
CA THR K 122 52.23 -18.56 70.87
C THR K 122 50.88 -17.89 70.65
N ARG K 123 50.71 -16.62 71.01
CA ARG K 123 49.50 -15.86 70.65
C ARG K 123 49.33 -15.74 69.13
N ILE K 124 50.35 -15.39 68.35
CA ILE K 124 50.28 -15.35 66.90
C ILE K 124 49.93 -16.73 66.32
N ALA K 125 50.45 -17.83 66.88
CA ALA K 125 50.11 -19.17 66.43
C ALA K 125 48.70 -19.64 66.80
N SER K 126 48.25 -19.46 68.04
CA SER K 126 46.92 -19.89 68.46
C SER K 126 45.81 -19.00 67.94
N THR K 127 46.07 -17.71 67.75
CA THR K 127 45.04 -16.73 67.39
C THR K 127 44.75 -16.68 65.90
N THR K 128 45.76 -16.72 65.04
CA THR K 128 45.60 -16.44 63.61
C THR K 128 44.75 -17.48 62.91
N GLN K 129 43.76 -17.03 62.17
CA GLN K 129 42.71 -17.85 61.60
C GLN K 129 42.33 -17.42 60.20
N PHE K 130 41.68 -18.31 59.46
CA PHE K 130 40.98 -18.00 58.22
C PHE K 130 39.64 -18.70 58.25
N ASN K 131 38.53 -18.03 57.96
CA ASN K 131 37.19 -18.61 58.04
C ASN K 131 36.97 -19.37 59.37
N THR K 132 37.51 -18.84 60.47
CA THR K 132 37.53 -19.38 61.84
C THR K 132 38.33 -20.66 62.10
N MET K 133 39.07 -21.21 61.13
CA MET K 133 40.02 -22.29 61.37
C MET K 133 41.40 -21.73 61.77
N ASN K 134 42.13 -22.30 62.72
CA ASN K 134 43.53 -21.90 62.98
C ASN K 134 44.44 -22.37 61.84
N LEU K 135 45.42 -21.56 61.44
CA LEU K 135 46.32 -21.91 60.34
C LEU K 135 47.68 -22.48 60.78
N ILE K 136 48.27 -22.00 61.87
CA ILE K 136 49.69 -22.26 62.21
C ILE K 136 49.86 -22.76 63.65
N ASP K 137 48.87 -23.44 64.20
CA ASP K 137 48.96 -24.20 65.45
C ASP K 137 49.39 -25.66 65.25
N GLY K 138 49.58 -26.09 64.01
CA GLY K 138 49.99 -27.45 63.67
C GLY K 138 48.84 -28.42 63.45
N ASN K 139 47.60 -27.95 63.50
CA ASN K 139 46.40 -28.74 63.28
C ASN K 139 45.79 -28.55 61.88
N PHE K 140 46.32 -27.60 61.11
CA PHE K 140 46.04 -27.44 59.69
C PHE K 140 46.89 -28.45 58.90
N THR K 141 46.49 -29.71 58.88
CA THR K 141 47.20 -30.81 58.21
C THR K 141 46.25 -31.64 57.37
N SER K 142 46.70 -32.11 56.20
CA SER K 142 45.89 -32.83 55.21
C SER K 142 44.72 -32.03 54.63
N LYS K 143 44.78 -30.70 54.68
CA LYS K 143 43.63 -29.83 54.39
C LYS K 143 43.55 -29.54 52.90
N LYS K 144 43.15 -30.54 52.11
CA LYS K 144 43.09 -30.53 50.65
C LYS K 144 42.30 -29.36 50.04
N LEU K 145 42.94 -28.55 49.20
CA LEU K 145 42.24 -27.78 48.20
C LEU K 145 41.72 -28.70 47.12
N GLN K 146 40.52 -28.46 46.61
CA GLN K 146 40.03 -29.06 45.39
C GLN K 146 40.33 -28.13 44.22
N VAL K 147 41.10 -28.60 43.23
CA VAL K 147 41.84 -27.77 42.26
C VAL K 147 41.51 -28.14 40.81
N GLY K 148 40.38 -28.76 40.54
CA GLY K 148 39.93 -29.04 39.18
C GLY K 148 38.47 -29.49 39.09
N SER K 149 38.02 -29.90 37.92
CA SER K 149 36.62 -30.24 37.65
C SER K 149 36.19 -31.64 38.12
N LEU K 150 37.10 -32.53 38.52
CA LEU K 150 36.80 -33.93 38.84
C LEU K 150 36.95 -34.24 40.32
N CYS K 151 36.25 -35.27 40.80
CA CYS K 151 36.43 -35.82 42.14
C CYS K 151 37.94 -36.05 42.41
N GLY K 152 38.50 -35.44 43.44
CA GLY K 152 39.88 -35.73 43.86
C GLY K 152 40.99 -35.27 42.92
N GLN K 153 40.95 -34.02 42.47
CA GLN K 153 42.09 -33.29 41.90
C GLN K 153 42.68 -32.34 42.95
N ALA K 154 43.32 -32.88 43.98
CA ALA K 154 43.72 -32.10 45.14
C ALA K 154 45.00 -31.28 44.95
N ILE K 155 45.19 -30.33 45.85
CA ILE K 155 46.47 -29.79 46.31
C ILE K 155 46.41 -29.83 47.84
N THR K 156 47.47 -30.12 48.55
CA THR K 156 47.39 -30.27 50.00
C THR K 156 48.14 -29.14 50.68
N ILE K 157 47.49 -28.45 51.63
CA ILE K 157 48.12 -27.53 52.57
C ILE K 157 48.42 -28.29 53.88
N ASP K 158 49.69 -28.54 54.19
CA ASP K 158 50.13 -28.99 55.52
C ASP K 158 50.93 -27.87 56.18
N ILE K 159 50.62 -27.53 57.42
CA ILE K 159 51.39 -26.53 58.17
C ILE K 159 51.88 -27.12 59.49
N SER K 160 53.16 -27.03 59.80
CA SER K 160 53.69 -27.47 61.10
C SER K 160 53.31 -26.48 62.20
N ASP K 161 53.38 -26.88 63.46
CA ASP K 161 53.10 -25.98 64.59
C ASP K 161 54.11 -24.82 64.64
N MET K 162 53.65 -23.57 64.57
CA MET K 162 54.50 -22.38 64.67
C MET K 162 54.37 -21.64 66.01
N SER K 163 53.90 -22.31 67.06
CA SER K 163 53.90 -21.83 68.45
C SER K 163 55.31 -21.75 69.07
N ALA K 164 55.44 -21.21 70.28
CA ALA K 164 56.72 -21.28 70.99
C ALA K 164 57.12 -22.71 71.38
N THR K 165 56.20 -23.64 71.60
CA THR K 165 56.54 -25.06 71.71
C THR K 165 56.97 -25.61 70.36
N GLY K 166 56.23 -25.31 69.29
CA GLY K 166 56.47 -25.85 67.95
C GLY K 166 57.82 -25.44 67.36
N LEU K 167 58.30 -24.24 67.70
CA LEU K 167 59.60 -23.72 67.29
C LEU K 167 60.68 -23.90 68.34
N GLY K 168 60.39 -24.48 69.50
CA GLY K 168 61.39 -24.75 70.53
C GLY K 168 61.88 -23.53 71.33
N VAL K 169 61.23 -22.39 71.19
CA VAL K 169 61.47 -21.20 72.02
C VAL K 169 60.60 -21.17 73.28
N SER K 170 59.96 -22.29 73.62
CA SER K 170 59.21 -22.43 74.86
C SER K 170 60.16 -22.28 76.03
N GLY K 171 60.05 -21.19 76.77
CA GLY K 171 60.93 -20.92 77.91
C GLY K 171 62.40 -20.83 77.53
N LEU K 172 62.78 -19.76 76.81
CA LEU K 172 64.19 -19.39 76.72
C LEU K 172 64.67 -18.85 78.07
N VAL K 173 65.88 -19.23 78.47
CA VAL K 173 66.49 -18.83 79.75
C VAL K 173 67.78 -18.09 79.44
N VAL K 174 67.88 -16.80 79.77
CA VAL K 174 69.07 -15.98 79.46
C VAL K 174 69.80 -15.49 80.70
N SER K 175 69.61 -16.16 81.82
CA SER K 175 70.09 -15.76 83.15
C SER K 175 71.61 -15.89 83.36
N SER K 176 72.34 -16.45 82.41
CA SER K 176 73.80 -16.65 82.41
C SER K 176 74.31 -16.86 80.99
N PHE K 177 75.61 -16.80 80.72
CA PHE K 177 76.14 -17.05 79.37
C PHE K 177 75.80 -18.48 78.92
N SER K 178 75.97 -19.47 79.80
CA SER K 178 75.64 -20.88 79.53
C SER K 178 74.23 -21.07 78.95
N ALA K 179 73.24 -20.37 79.49
CA ALA K 179 71.86 -20.41 79.04
C ALA K 179 71.57 -19.43 77.89
N ALA K 180 72.18 -18.24 77.90
CA ALA K 180 72.05 -17.26 76.85
C ALA K 180 72.64 -17.68 75.50
N GLY K 181 73.67 -18.52 75.49
CA GLY K 181 74.15 -19.14 74.26
C GLY K 181 73.18 -20.19 73.76
N LYS K 182 72.62 -21.01 74.65
CA LYS K 182 71.60 -22.01 74.29
C LYS K 182 70.29 -21.35 73.83
N ALA K 183 69.96 -20.16 74.33
CA ALA K 183 68.90 -19.32 73.80
C ALA K 183 69.22 -18.77 72.39
N MET K 184 70.43 -18.26 72.13
CA MET K 184 70.87 -17.85 70.78
C MET K 184 70.69 -18.99 69.78
N SER K 185 71.10 -20.21 70.15
CA SER K 185 70.92 -21.42 69.34
C SER K 185 69.44 -21.69 69.08
N ALA K 186 68.62 -21.80 70.12
CA ALA K 186 67.21 -22.11 70.00
C ALA K 186 66.42 -21.09 69.16
N ALA K 187 66.75 -19.80 69.24
CA ALA K 187 66.16 -18.77 68.37
C ALA K 187 66.65 -18.83 66.92
N GLN K 188 67.90 -19.17 66.66
CA GLN K 188 68.38 -19.36 65.28
C GLN K 188 67.84 -20.62 64.62
N ASP K 189 67.66 -21.71 65.36
CA ASP K 189 66.88 -22.85 64.90
C ASP K 189 65.44 -22.45 64.61
N ALA K 190 64.78 -21.73 65.50
CA ALA K 190 63.43 -21.24 65.28
C ALA K 190 63.33 -20.36 64.04
N ILE K 191 64.28 -19.46 63.76
CA ILE K 191 64.34 -18.75 62.50
C ILE K 191 64.46 -19.73 61.32
N SER K 192 65.26 -20.78 61.41
CA SER K 192 65.34 -21.79 60.35
C SER K 192 64.01 -22.56 60.17
N TYR K 193 63.33 -22.96 61.25
CA TYR K 193 62.03 -23.62 61.17
C TYR K 193 60.97 -22.75 60.51
N VAL K 194 60.97 -21.45 60.77
CA VAL K 194 60.01 -20.54 60.13
C VAL K 194 60.43 -20.21 58.70
N SER K 195 61.72 -20.13 58.39
CA SER K 195 62.20 -20.01 57.01
C SER K 195 61.74 -21.16 56.13
N SER K 196 61.77 -22.39 56.62
CA SER K 196 61.31 -23.56 55.85
C SER K 196 59.79 -23.63 55.78
N MET K 197 59.06 -23.21 56.79
CA MET K 197 57.60 -23.15 56.69
C MET K 197 57.11 -22.07 55.73
N ARG K 198 57.73 -20.90 55.73
CA ARG K 198 57.49 -19.87 54.72
C ARG K 198 58.01 -20.26 53.35
N SER K 199 59.01 -21.15 53.27
CA SER K 199 59.42 -21.72 51.98
C SER K 199 58.38 -22.71 51.44
N LYS K 200 57.82 -23.61 52.25
CA LYS K 200 56.75 -24.51 51.81
C LYS K 200 55.49 -23.76 51.42
N LEU K 201 55.12 -22.70 52.15
CA LEU K 201 53.96 -21.87 51.79
C LEU K 201 54.21 -21.00 50.57
N GLY K 202 55.42 -20.46 50.38
CA GLY K 202 55.75 -19.70 49.18
C GLY K 202 55.84 -20.56 47.93
N ALA K 203 56.42 -21.75 48.02
CA ALA K 203 56.43 -22.71 46.92
C ALA K 203 55.02 -23.11 46.47
N LEU K 204 54.16 -23.34 47.44
CA LEU K 204 52.76 -23.68 47.27
C LEU K 204 51.96 -22.52 46.66
N GLN K 205 52.23 -21.27 47.02
CA GLN K 205 51.62 -20.14 46.34
C GLN K 205 52.04 -20.06 44.89
N ASN K 206 53.27 -20.40 44.58
CA ASN K 206 53.69 -20.49 43.19
C ASN K 206 52.98 -21.63 42.44
N ARG K 207 52.74 -22.81 43.03
CA ARG K 207 51.83 -23.80 42.41
C ARG K 207 50.45 -23.28 42.13
N LEU K 208 49.91 -22.45 43.00
CA LEU K 208 48.55 -21.95 42.82
C LEU K 208 48.52 -20.79 41.85
N GLU K 209 49.54 -19.95 41.76
CA GLU K 209 49.55 -18.91 40.76
C GLU K 209 49.68 -19.50 39.35
N HIS K 210 50.39 -20.63 39.21
CA HIS K 210 50.35 -21.44 37.99
C HIS K 210 49.01 -22.12 37.76
N THR K 211 48.46 -22.83 38.74
CA THR K 211 47.11 -23.38 38.68
C THR K 211 46.05 -22.35 38.25
N ILE K 212 45.98 -21.17 38.84
CA ILE K 212 44.97 -20.18 38.43
C ILE K 212 45.22 -19.71 36.99
N SER K 213 46.46 -19.42 36.60
CA SER K 213 46.81 -19.15 35.20
C SER K 213 46.42 -20.28 34.26
N ASN K 214 46.44 -21.53 34.71
CA ASN K 214 46.13 -22.71 33.92
C ASN K 214 44.61 -22.94 33.81
N LEU K 215 43.86 -22.84 34.90
CA LEU K 215 42.42 -23.09 34.93
C LEU K 215 41.63 -21.97 34.29
N ASP K 216 42.06 -20.72 34.44
CA ASP K 216 41.41 -19.59 33.79
C ASP K 216 41.59 -19.62 32.27
N ASN K 217 42.72 -20.15 31.80
CA ASN K 217 43.03 -20.43 30.42
C ASN K 217 42.26 -21.64 29.88
N ILE K 218 42.27 -22.79 30.56
CA ILE K 218 41.45 -23.94 30.13
C ILE K 218 39.96 -23.60 30.16
N SER K 219 39.49 -22.81 31.12
CA SER K 219 38.13 -22.28 31.11
C SER K 219 37.85 -21.36 29.92
N GLU K 220 38.75 -20.46 29.52
CA GLU K 220 38.60 -19.63 28.32
C GLU K 220 38.53 -20.48 27.05
N ASN K 221 39.37 -21.48 26.91
CA ASN K 221 39.31 -22.39 25.79
C ASN K 221 38.09 -23.30 25.81
N THR K 222 37.72 -23.98 26.90
CA THR K 222 36.49 -24.77 26.91
C THR K 222 35.22 -23.91 26.92
N SER K 223 35.25 -22.64 27.31
CA SER K 223 34.11 -21.73 27.06
C SER K 223 33.99 -21.46 25.58
N SER K 224 35.11 -21.22 24.91
CA SER K 224 35.19 -21.04 23.47
C SER K 224 34.69 -22.30 22.75
N ALA K 225 35.14 -23.48 23.17
CA ALA K 225 34.75 -24.75 22.58
C ALA K 225 33.26 -25.08 22.77
N GLU K 226 32.69 -24.84 23.95
CA GLU K 226 31.25 -25.00 24.13
C GLU K 226 30.47 -24.01 23.27
N SER K 227 30.87 -22.75 23.26
CA SER K 227 30.24 -21.70 22.46
C SER K 227 30.25 -22.05 20.98
N ARG K 228 31.35 -22.60 20.47
CA ARG K 228 31.47 -23.15 19.11
C ARG K 228 30.39 -24.18 18.81
N ILE K 229 30.09 -25.05 19.75
CA ILE K 229 29.08 -26.10 19.61
C ILE K 229 27.69 -25.53 19.75
N ARG K 230 27.41 -24.82 20.84
CA ARG K 230 26.02 -24.53 21.24
C ARG K 230 25.50 -23.14 20.98
N ASP K 231 26.29 -22.08 20.99
CA ASP K 231 25.70 -20.74 20.81
C ASP K 231 25.21 -20.55 19.39
N THR K 232 24.18 -19.75 19.17
CA THR K 232 23.80 -19.35 17.81
C THR K 232 24.90 -18.45 17.29
N ASP K 233 25.36 -18.67 16.07
CA ASP K 233 25.98 -17.59 15.29
C ASP K 233 24.84 -16.77 14.66
N MET K 234 24.57 -15.58 15.19
CA MET K 234 23.39 -14.81 14.80
C MET K 234 23.46 -14.30 13.37
N ALA K 235 24.69 -14.10 12.88
CA ALA K 235 24.98 -13.77 11.50
C ALA K 235 24.45 -14.84 10.54
N GLU K 236 24.90 -16.07 10.74
CA GLU K 236 24.53 -17.24 9.97
C GLU K 236 23.05 -17.56 10.08
N GLU K 237 22.52 -17.61 11.30
CA GLU K 237 21.14 -17.98 11.53
C GLU K 237 20.15 -17.02 10.89
N MET K 238 20.47 -15.73 10.77
CA MET K 238 19.60 -14.78 10.09
C MET K 238 19.57 -14.93 8.57
N VAL K 239 20.63 -15.50 7.96
CA VAL K 239 20.60 -15.99 6.58
C VAL K 239 19.55 -17.09 6.46
N GLU K 240 19.59 -18.06 7.35
CA GLU K 240 18.67 -19.19 7.35
C GLU K 240 17.28 -18.88 7.87
N TYR K 241 17.08 -17.80 8.62
CA TYR K 241 15.77 -17.30 9.05
C TYR K 241 15.06 -16.56 7.94
N SER K 242 15.75 -15.66 7.23
CA SER K 242 15.09 -14.80 6.28
C SER K 242 14.76 -15.50 4.97
N LYS K 243 15.41 -16.65 4.66
CA LYS K 243 14.96 -17.61 3.64
C LYS K 243 13.55 -18.07 3.91
N ASN K 244 13.33 -18.59 5.13
CA ASN K 244 12.08 -19.19 5.56
C ASN K 244 10.98 -18.15 5.70
N ASN K 245 11.33 -16.93 6.09
CA ASN K 245 10.42 -15.81 6.04
C ASN K 245 9.92 -15.54 4.61
N ILE K 246 10.80 -15.35 3.62
CA ILE K 246 10.35 -15.13 2.22
C ILE K 246 9.61 -16.35 1.67
N LEU K 247 10.12 -17.57 1.87
CA LEU K 247 9.42 -18.76 1.43
C LEU K 247 8.03 -18.86 2.04
N ALA K 248 7.86 -18.56 3.33
CA ALA K 248 6.56 -18.69 3.96
C ALA K 248 5.57 -17.74 3.33
N GLN K 249 5.99 -16.52 3.04
CA GLN K 249 5.19 -15.54 2.31
C GLN K 249 4.85 -16.01 0.90
N ALA K 250 5.82 -16.47 0.11
CA ALA K 250 5.55 -17.05 -1.19
C ALA K 250 4.65 -18.30 -1.11
N GLY K 251 4.71 -19.11 -0.05
CA GLY K 251 3.79 -20.22 0.19
C GLY K 251 2.38 -19.75 0.55
N GLN K 252 2.22 -18.70 1.34
CA GLN K 252 0.92 -18.07 1.57
C GLN K 252 0.37 -17.46 0.30
N SER K 253 1.24 -16.94 -0.57
CA SER K 253 0.87 -16.43 -1.89
C SER K 253 0.35 -17.53 -2.78
N MET K 254 1.03 -18.68 -2.82
CA MET K 254 0.60 -19.80 -3.62
C MET K 254 -0.65 -20.45 -3.08
N LEU K 255 -0.75 -20.67 -1.77
CA LEU K 255 -1.98 -21.15 -1.18
C LEU K 255 -3.15 -20.17 -1.37
N ALA K 256 -2.96 -18.86 -1.21
CA ALA K 256 -3.99 -17.88 -1.55
C ALA K 256 -4.41 -17.90 -3.03
N GLN K 257 -3.50 -18.15 -3.98
CA GLN K 257 -3.83 -18.27 -5.41
C GLN K 257 -4.48 -19.60 -5.75
N ALA K 258 -4.08 -20.68 -5.09
CA ALA K 258 -4.61 -22.03 -5.32
C ALA K 258 -6.07 -22.15 -4.90
N ASN K 259 -6.45 -21.55 -3.78
CA ASN K 259 -7.84 -21.52 -3.30
C ASN K 259 -8.77 -20.77 -4.25
N GLN K 260 -8.22 -19.84 -5.01
CA GLN K 260 -8.92 -19.10 -6.04
C GLN K 260 -8.97 -19.86 -7.36
N SER K 261 -7.92 -20.61 -7.73
CA SER K 261 -7.78 -21.20 -9.08
C SER K 261 -8.96 -22.06 -9.51
N THR K 262 -9.56 -22.86 -8.62
CA THR K 262 -10.75 -23.65 -9.03
C THR K 262 -12.04 -22.85 -9.20
N GLN K 263 -12.01 -21.52 -9.09
CA GLN K 263 -13.11 -20.63 -9.56
C GLN K 263 -13.41 -20.84 -11.05
N GLY K 264 -12.45 -21.40 -11.79
CA GLY K 264 -12.59 -21.75 -13.20
C GLY K 264 -13.73 -22.71 -13.52
N VAL K 265 -14.24 -23.45 -12.53
CA VAL K 265 -15.36 -24.37 -12.73
C VAL K 265 -16.65 -23.66 -13.14
N LEU K 266 -16.88 -22.43 -12.72
CA LEU K 266 -18.24 -21.91 -12.61
C LEU K 266 -18.80 -21.29 -13.89
N SER K 267 -17.94 -20.76 -14.78
CA SER K 267 -18.30 -20.37 -16.15
C SER K 267 -18.82 -21.53 -17.00
N LEU K 268 -18.36 -22.74 -16.66
CA LEU K 268 -18.42 -23.96 -17.44
C LEU K 268 -19.85 -24.52 -17.52
N LEU K 269 -20.68 -23.89 -18.33
CA LEU K 269 -22.09 -24.18 -18.68
C LEU K 269 -23.10 -24.15 -17.51
N GLN K 270 -22.60 -23.96 -16.30
CA GLN K 270 -23.35 -23.67 -15.09
C GLN K 270 -23.82 -22.20 -15.00
N MET L 1 -41.05 -37.45 -19.11
CA MET L 1 -40.81 -37.24 -17.66
C MET L 1 -42.09 -37.41 -16.88
N VAL L 2 -41.95 -37.86 -15.64
CA VAL L 2 -42.93 -37.55 -14.61
C VAL L 2 -42.90 -36.07 -14.33
N VAL L 3 -44.05 -35.43 -14.48
CA VAL L 3 -44.22 -33.99 -14.20
C VAL L 3 -44.49 -33.73 -12.72
N GLN L 4 -45.02 -34.73 -12.02
CA GLN L 4 -45.57 -34.61 -10.68
C GLN L 4 -44.52 -34.68 -9.57
N HIS L 5 -43.32 -35.18 -9.83
CA HIS L 5 -42.17 -35.16 -8.93
C HIS L 5 -40.89 -35.07 -9.72
N ASN L 6 -40.17 -33.96 -9.58
CA ASN L 6 -38.95 -33.70 -10.31
C ASN L 6 -37.75 -34.25 -9.53
N LEU L 7 -37.37 -35.50 -9.76
CA LEU L 7 -36.41 -36.16 -8.86
C LEU L 7 -34.97 -35.73 -9.07
N THR L 8 -34.64 -35.23 -10.26
CA THR L 8 -33.34 -34.60 -10.45
C THR L 8 -33.20 -33.37 -9.56
N ALA L 9 -34.25 -32.57 -9.41
CA ALA L 9 -34.26 -31.42 -8.53
C ALA L 9 -34.30 -31.81 -7.06
N MET L 10 -35.05 -32.82 -6.65
CA MET L 10 -35.06 -33.31 -5.27
C MET L 10 -33.71 -33.87 -4.84
N ASN L 11 -32.95 -34.52 -5.71
CA ASN L 11 -31.57 -34.91 -5.40
C ASN L 11 -30.61 -33.73 -5.41
N ALA L 12 -30.73 -32.80 -6.34
CA ALA L 12 -29.88 -31.62 -6.36
C ALA L 12 -30.11 -30.75 -5.13
N ASN L 13 -31.35 -30.64 -4.66
CA ASN L 13 -31.68 -30.09 -3.36
C ASN L 13 -31.01 -30.85 -2.22
N ARG L 14 -31.11 -32.17 -2.16
CA ARG L 14 -30.50 -32.96 -1.09
C ARG L 14 -28.99 -32.80 -1.04
N GLN L 15 -28.30 -32.80 -2.18
CA GLN L 15 -26.86 -32.49 -2.27
C GLN L 15 -26.50 -31.03 -2.03
N LEU L 16 -27.39 -30.09 -2.31
CA LEU L 16 -27.16 -28.72 -1.90
C LEU L 16 -27.17 -28.59 -0.39
N GLY L 17 -28.10 -29.27 0.29
CA GLY L 17 -28.12 -29.38 1.75
C GLY L 17 -26.82 -29.90 2.35
N ILE L 18 -26.31 -31.05 1.91
CA ILE L 18 -25.06 -31.61 2.45
C ILE L 18 -23.88 -30.66 2.25
N THR L 19 -23.87 -29.90 1.17
CA THR L 19 -22.84 -28.93 0.87
C THR L 19 -22.94 -27.69 1.72
N THR L 20 -24.11 -27.06 1.85
CA THR L 20 -24.30 -25.83 2.63
C THR L 20 -24.27 -26.06 4.13
N GLY L 21 -24.55 -27.27 4.59
CA GLY L 21 -24.23 -27.67 5.94
C GLY L 21 -22.73 -27.76 6.18
N ALA L 22 -21.98 -28.47 5.35
CA ALA L 22 -20.52 -28.56 5.49
C ALA L 22 -19.86 -27.17 5.43
N GLN L 23 -20.29 -26.31 4.52
CA GLN L 23 -19.79 -24.96 4.41
C GLN L 23 -19.96 -24.15 5.71
N ALA L 24 -21.11 -24.24 6.37
CA ALA L 24 -21.36 -23.58 7.66
C ALA L 24 -20.53 -24.15 8.82
N LYS L 25 -20.15 -25.44 8.78
CA LYS L 25 -19.21 -26.05 9.74
C LYS L 25 -17.77 -25.65 9.51
N SER L 26 -17.40 -25.24 8.30
CA SER L 26 -16.07 -24.69 7.98
C SER L 26 -15.98 -23.24 8.39
N SER L 27 -16.96 -22.42 8.03
CA SER L 27 -17.04 -21.02 8.39
C SER L 27 -16.97 -20.76 9.90
N GLU L 28 -17.58 -21.63 10.72
CA GLU L 28 -17.58 -21.52 12.16
C GLU L 28 -16.18 -21.58 12.74
N LYS L 29 -15.31 -22.43 12.19
CA LYS L 29 -13.91 -22.60 12.61
C LYS L 29 -13.02 -21.46 12.16
N LEU L 30 -13.28 -20.87 11.01
CA LEU L 30 -12.55 -19.70 10.52
C LEU L 30 -12.94 -18.46 11.28
N SER L 31 -14.22 -18.26 11.54
CA SER L 31 -14.67 -17.12 12.29
C SER L 31 -14.27 -17.18 13.77
N SER L 32 -14.39 -18.35 14.44
CA SER L 32 -13.99 -18.52 15.84
C SER L 32 -12.52 -18.74 16.07
N GLY L 33 -11.80 -19.27 15.09
CA GLY L 33 -10.39 -19.59 15.16
C GLY L 33 -10.11 -20.92 15.84
N TYR L 34 -11.12 -21.71 16.22
CA TYR L 34 -10.95 -23.04 16.81
C TYR L 34 -11.49 -24.17 15.93
N LYS L 35 -10.69 -25.23 15.83
CA LYS L 35 -10.96 -26.48 15.13
C LYS L 35 -12.07 -27.28 15.78
N ILE L 36 -11.99 -27.50 17.09
CA ILE L 36 -13.06 -28.00 17.96
C ILE L 36 -13.79 -26.82 18.57
N ASN L 37 -14.97 -26.49 18.05
CA ASN L 37 -15.89 -25.54 18.68
C ASN L 37 -16.81 -26.26 19.67
N ARG L 38 -17.15 -27.49 19.33
CA ARG L 38 -18.16 -28.30 20.01
C ARG L 38 -17.74 -29.75 20.07
N ALA L 39 -18.29 -30.54 20.97
CA ALA L 39 -17.81 -31.90 21.19
C ALA L 39 -18.11 -32.87 20.05
N ALA L 40 -19.08 -32.58 19.19
CA ALA L 40 -19.27 -33.31 17.95
C ALA L 40 -18.06 -33.26 17.00
N ASP L 41 -17.12 -32.32 17.15
CA ASP L 41 -15.96 -32.18 16.25
C ASP L 41 -14.91 -33.26 16.48
N ASP L 42 -14.39 -33.33 17.72
CA ASP L 42 -13.58 -34.42 18.29
C ASP L 42 -13.95 -34.48 19.77
N ALA L 43 -14.61 -35.54 20.23
CA ALA L 43 -14.84 -35.68 21.65
C ALA L 43 -13.52 -35.85 22.42
N ALA L 44 -12.59 -36.67 21.94
CA ALA L 44 -11.27 -36.79 22.56
C ALA L 44 -10.48 -35.48 22.52
N GLY L 45 -10.58 -34.72 21.42
CA GLY L 45 -9.92 -33.43 21.25
C GLY L 45 -10.46 -32.37 22.18
N LEU L 46 -11.77 -32.29 22.37
CA LEU L 46 -12.39 -31.43 23.38
C LEU L 46 -11.96 -31.82 24.79
N THR L 47 -12.04 -33.10 25.13
CA THR L 47 -11.61 -33.61 26.43
C THR L 47 -10.17 -33.25 26.72
N ILE L 48 -9.22 -33.62 25.87
CA ILE L 48 -7.81 -33.36 26.13
C ILE L 48 -7.57 -31.86 26.16
N SER L 49 -8.13 -31.09 25.25
CA SER L 49 -7.99 -29.63 25.27
C SER L 49 -8.46 -28.97 26.54
N GLU L 50 -9.50 -29.47 27.20
CA GLU L 50 -9.90 -28.93 28.50
C GLU L 50 -8.91 -29.33 29.59
N LYS L 51 -8.35 -30.54 29.59
CA LYS L 51 -7.21 -30.88 30.46
C LYS L 51 -5.94 -30.10 30.15
N MET L 52 -5.71 -29.65 28.93
CA MET L 52 -4.59 -28.79 28.60
C MET L 52 -4.86 -27.32 28.93
N ARG L 53 -6.03 -26.75 28.61
CA ARG L 53 -6.43 -25.44 29.09
C ARG L 53 -6.33 -25.40 30.60
N SER L 54 -6.78 -26.45 31.28
CA SER L 54 -6.71 -26.59 32.74
C SER L 54 -5.28 -26.66 33.26
N GLN L 55 -4.41 -27.43 32.61
CA GLN L 55 -3.00 -27.49 32.96
C GLN L 55 -2.32 -26.15 32.72
N VAL L 56 -2.46 -25.53 31.55
CA VAL L 56 -1.84 -24.24 31.24
C VAL L 56 -2.30 -23.18 32.20
N ARG L 57 -3.61 -22.96 32.38
CA ARG L 57 -4.14 -21.96 33.32
C ARG L 57 -3.70 -22.20 34.75
N GLY L 58 -3.54 -23.45 35.19
CA GLY L 58 -2.95 -23.78 36.49
C GLY L 58 -1.43 -23.65 36.56
N LEU L 59 -0.67 -23.91 35.51
CA LEU L 59 0.76 -23.62 35.45
C LEU L 59 1.06 -22.12 35.44
N ASN L 60 0.25 -21.30 34.78
CA ASN L 60 0.43 -19.85 34.74
C ASN L 60 0.12 -19.20 36.09
N LYS L 61 -0.84 -19.74 36.85
CA LYS L 61 -1.02 -19.42 38.26
C LYS L 61 0.11 -19.93 39.12
N ALA L 62 0.54 -21.17 38.95
CA ALA L 62 1.67 -21.72 39.68
C ALA L 62 2.95 -20.93 39.45
N SER L 63 3.20 -20.45 38.24
CA SER L 63 4.36 -19.61 37.89
C SER L 63 4.27 -18.26 38.57
N ASP L 64 3.09 -17.64 38.58
CA ASP L 64 2.77 -16.47 39.40
C ASP L 64 3.04 -16.74 40.88
N ASN L 65 2.54 -17.83 41.43
CA ASN L 65 2.66 -18.15 42.84
C ASN L 65 4.07 -18.48 43.28
N ALA L 66 4.87 -19.14 42.45
CA ALA L 66 6.29 -19.35 42.68
C ALA L 66 7.05 -18.04 42.68
N GLN L 67 6.64 -17.10 41.84
CA GLN L 67 7.28 -15.82 41.67
C GLN L 67 6.90 -14.87 42.78
N ASP L 68 5.64 -14.90 43.20
CA ASP L 68 5.17 -14.20 44.38
C ASP L 68 5.85 -14.73 45.65
N GLY L 69 6.08 -16.05 45.75
CA GLY L 69 6.99 -16.64 46.72
C GLY L 69 8.45 -16.18 46.63
N VAL L 70 9.03 -15.98 45.44
CA VAL L 70 10.34 -15.31 45.31
C VAL L 70 10.26 -13.90 45.86
N SER L 71 9.26 -13.11 45.49
CA SER L 71 9.15 -11.75 45.99
C SER L 71 8.99 -11.68 47.50
N LEU L 72 8.30 -12.61 48.14
CA LEU L 72 8.28 -12.71 49.60
C LEU L 72 9.67 -12.99 50.17
N ILE L 73 10.39 -13.96 49.62
CA ILE L 73 11.73 -14.32 50.06
C ILE L 73 12.69 -13.16 49.93
N GLN L 74 12.66 -12.40 48.84
CA GLN L 74 13.51 -11.23 48.67
C GLN L 74 13.27 -10.17 49.73
N VAL L 75 12.04 -9.95 50.18
CA VAL L 75 11.78 -9.08 51.33
C VAL L 75 12.44 -9.62 52.60
N ALA L 76 12.30 -10.91 52.92
CA ALA L 76 12.89 -11.48 54.14
C ALA L 76 14.42 -11.55 54.07
N GLU L 77 15.02 -11.91 52.94
CA GLU L 77 16.46 -11.81 52.72
C GLU L 77 16.95 -10.40 53.03
N GLY L 78 16.32 -9.41 52.40
CA GLY L 78 16.67 -8.01 52.50
C GLY L 78 16.54 -7.43 53.90
N ALA L 79 15.74 -8.02 54.78
CA ALA L 79 15.63 -7.64 56.17
C ALA L 79 16.81 -8.19 56.95
N LEU L 80 17.16 -9.44 56.71
CA LEU L 80 18.30 -10.09 57.34
C LEU L 80 19.63 -9.57 56.84
N SER L 81 19.61 -8.92 55.69
CA SER L 81 20.71 -8.15 55.13
C SER L 81 21.06 -6.93 55.98
N GLU L 82 20.14 -6.41 56.78
CA GLU L 82 20.43 -5.35 57.75
C GLU L 82 20.38 -5.82 59.20
N THR L 83 19.81 -7.00 59.50
CA THR L 83 20.22 -7.73 60.68
C THR L 83 21.72 -8.04 60.66
N HIS L 84 22.32 -8.45 59.55
CA HIS L 84 23.77 -8.52 59.49
C HIS L 84 24.46 -7.18 59.72
N SER L 85 24.05 -6.09 59.08
CA SER L 85 24.70 -4.79 59.30
C SER L 85 24.64 -4.38 60.77
N ILE L 86 23.55 -4.65 61.47
CA ILE L 86 23.47 -4.40 62.90
C ILE L 86 24.35 -5.38 63.70
N LEU L 87 24.34 -6.67 63.42
CA LEU L 87 25.17 -7.63 64.16
C LEU L 87 26.66 -7.50 63.94
N GLN L 88 27.08 -7.05 62.76
CA GLN L 88 28.47 -6.68 62.50
C GLN L 88 28.86 -5.47 63.34
N ARG L 89 28.01 -4.43 63.40
CA ARG L 89 28.21 -3.28 64.29
C ARG L 89 28.17 -3.67 65.76
N MET L 90 27.36 -4.64 66.20
CA MET L 90 27.40 -5.14 67.58
C MET L 90 28.67 -5.94 67.88
N ASN L 91 29.12 -6.81 67.00
CA ASN L 91 30.37 -7.55 67.23
C ASN L 91 31.58 -6.62 67.37
N GLU L 92 31.64 -5.59 66.55
CA GLU L 92 32.66 -4.56 66.54
C GLU L 92 32.63 -3.73 67.81
N LEU L 93 31.45 -3.29 68.25
CA LEU L 93 31.27 -2.60 69.53
C LEU L 93 31.57 -3.48 70.75
N ALA L 94 31.13 -4.72 70.78
CA ALA L 94 31.53 -5.65 71.80
C ALA L 94 33.06 -5.79 71.88
N THR L 95 33.75 -5.99 70.76
CA THR L 95 35.22 -6.08 70.68
C THR L 95 35.93 -4.81 71.14
N GLN L 96 35.26 -3.66 71.05
CA GLN L 96 35.76 -2.41 71.58
C GLN L 96 35.55 -2.31 73.08
N ALA L 97 34.35 -2.56 73.59
CA ALA L 97 34.06 -2.48 75.02
C ALA L 97 34.69 -3.59 75.86
N ALA L 98 35.14 -4.69 75.25
CA ALA L 98 35.90 -5.71 75.94
C ALA L 98 37.20 -5.14 76.49
N ASN L 99 37.99 -4.45 75.67
CA ASN L 99 39.28 -3.89 76.05
C ASN L 99 39.23 -3.14 77.38
N ASP L 100 40.16 -3.42 78.29
CA ASP L 100 40.15 -2.91 79.67
C ASP L 100 40.84 -1.55 79.86
N THR L 101 41.06 -0.76 78.81
CA THR L 101 41.29 0.69 78.97
C THR L 101 40.00 1.51 79.02
N ASN L 102 38.85 0.91 78.70
CA ASN L 102 37.54 1.58 78.74
C ASN L 102 37.06 1.81 80.18
N THR L 103 37.06 3.06 80.63
CA THR L 103 36.40 3.45 81.88
C THR L 103 34.88 3.27 81.78
N THR L 104 34.15 3.29 82.89
CA THR L 104 32.75 2.86 82.91
C THR L 104 31.80 3.87 82.25
N SER L 105 32.16 5.16 82.19
CA SER L 105 31.52 6.14 81.29
C SER L 105 31.53 5.67 79.84
N ASP L 106 32.65 5.09 79.42
CA ASP L 106 32.94 4.75 78.04
C ASP L 106 32.58 3.29 77.69
N ARG L 107 32.22 2.45 78.68
CA ARG L 107 31.43 1.22 78.43
C ARG L 107 29.93 1.40 78.53
N THR L 108 29.42 2.29 79.38
CA THR L 108 27.99 2.64 79.29
C THR L 108 27.68 3.38 78.00
N ALA L 109 28.60 4.16 77.44
CA ALA L 109 28.44 4.73 76.11
C ALA L 109 28.33 3.64 75.03
N VAL L 110 29.12 2.57 75.08
CA VAL L 110 28.93 1.44 74.16
C VAL L 110 27.62 0.74 74.45
N GLN L 111 27.27 0.51 75.71
CA GLN L 111 26.00 -0.06 76.09
C GLN L 111 24.81 0.72 75.52
N GLN L 112 24.79 2.05 75.52
CA GLN L 112 23.71 2.83 74.92
C GLN L 112 23.48 2.46 73.46
N GLU L 113 24.53 2.28 72.67
CA GLU L 113 24.38 1.84 71.28
C GLU L 113 24.03 0.38 71.17
N ILE L 114 24.60 -0.51 71.97
CA ILE L 114 24.26 -1.94 71.97
C ILE L 114 22.83 -2.22 72.42
N ASN L 115 22.24 -1.43 73.31
CA ASN L 115 20.81 -1.53 73.61
C ASN L 115 19.97 -1.01 72.44
N GLN L 116 20.28 0.14 71.88
CA GLN L 116 19.53 0.72 70.76
C GLN L 116 19.59 -0.17 69.50
N LEU L 117 20.70 -0.83 69.21
CA LEU L 117 20.82 -1.75 68.10
C LEU L 117 20.11 -3.07 68.33
N ALA L 118 20.05 -3.57 69.55
CA ALA L 118 19.23 -4.73 69.84
C ALA L 118 17.72 -4.43 69.75
N SER L 119 17.27 -3.25 70.17
CA SER L 119 15.92 -2.78 69.83
C SER L 119 15.70 -2.71 68.32
N GLU L 120 16.71 -2.41 67.52
CA GLU L 120 16.56 -2.32 66.07
C GLU L 120 16.46 -3.67 65.41
N ILE L 121 17.18 -4.68 65.86
CA ILE L 121 16.99 -6.07 65.42
C ILE L 121 15.56 -6.55 65.68
N THR L 122 14.98 -6.28 66.84
CA THR L 122 13.59 -6.63 67.10
C THR L 122 12.60 -5.75 66.34
N ARG L 123 12.91 -4.48 66.08
CA ARG L 123 12.10 -3.70 65.14
C ARG L 123 12.17 -4.26 63.73
N ILE L 124 13.30 -4.69 63.18
CA ILE L 124 13.28 -5.35 61.86
C ILE L 124 12.41 -6.59 61.93
N ALA L 125 12.53 -7.41 62.98
CA ALA L 125 11.81 -8.66 63.11
C ALA L 125 10.29 -8.51 63.18
N SER L 126 9.76 -7.68 64.07
CA SER L 126 8.30 -7.52 64.19
C SER L 126 7.69 -6.66 63.10
N THR L 127 8.48 -5.88 62.36
CA THR L 127 7.96 -4.94 61.37
C THR L 127 7.92 -5.46 59.95
N THR L 128 8.88 -6.25 59.49
CA THR L 128 8.92 -6.64 58.08
C THR L 128 7.81 -7.60 57.73
N GLN L 129 6.95 -7.17 56.80
CA GLN L 129 5.72 -7.84 56.41
C GLN L 129 5.58 -7.93 54.90
N PHE L 130 5.07 -9.06 54.40
CA PHE L 130 4.62 -9.18 53.03
C PHE L 130 3.12 -9.37 53.05
N ASN L 131 2.36 -8.56 52.33
CA ASN L 131 0.90 -8.68 52.31
C ASN L 131 0.30 -8.62 53.73
N THR L 132 0.91 -7.86 54.63
CA THR L 132 0.65 -7.73 56.09
C THR L 132 1.01 -8.90 57.00
N MET L 133 1.45 -10.07 56.53
CA MET L 133 1.97 -11.11 57.44
C MET L 133 3.38 -10.77 57.90
N ASN L 134 3.73 -10.91 59.18
CA ASN L 134 5.12 -10.84 59.66
C ASN L 134 5.94 -11.95 59.02
N LEU L 135 7.12 -11.64 58.50
CA LEU L 135 7.97 -12.68 57.90
C LEU L 135 8.96 -13.33 58.86
N ILE L 136 9.60 -12.57 59.75
CA ILE L 136 10.79 -13.02 60.50
C ILE L 136 10.67 -12.79 62.01
N ASP L 137 9.48 -12.90 62.59
CA ASP L 137 9.30 -13.16 64.02
C ASP L 137 9.24 -14.67 64.36
N GLY L 138 9.23 -15.52 63.34
CA GLY L 138 9.11 -16.95 63.49
C GLY L 138 7.70 -17.48 63.50
N ASN L 139 6.68 -16.65 63.30
CA ASN L 139 5.30 -17.09 63.07
C ASN L 139 5.05 -17.50 61.61
N PHE L 140 6.01 -17.27 60.71
CA PHE L 140 6.02 -17.74 59.32
C PHE L 140 6.60 -19.16 59.21
N THR L 141 5.87 -20.16 59.70
CA THR L 141 6.24 -21.58 59.57
C THR L 141 5.17 -22.37 58.85
N SER L 142 5.59 -23.41 58.12
CA SER L 142 4.75 -24.33 57.35
C SER L 142 3.83 -23.64 56.34
N LYS L 143 4.19 -22.43 55.92
CA LYS L 143 3.41 -21.64 54.97
C LYS L 143 3.75 -22.17 53.59
N LYS L 144 2.85 -22.89 52.93
CA LYS L 144 3.12 -23.50 51.62
C LYS L 144 2.99 -22.53 50.42
N LEU L 145 3.71 -22.79 49.36
CA LEU L 145 3.48 -22.25 48.03
C LEU L 145 2.82 -23.33 47.19
N GLN L 146 1.83 -22.99 46.39
CA GLN L 146 1.23 -23.91 45.43
C GLN L 146 1.97 -23.81 44.09
N VAL L 147 2.98 -24.66 43.93
CA VAL L 147 4.02 -24.60 42.89
C VAL L 147 3.67 -25.41 41.65
N GLY L 148 2.43 -25.82 41.46
CA GLY L 148 2.00 -26.56 40.28
C GLY L 148 0.49 -26.64 40.15
N SER L 149 0.00 -27.40 39.17
CA SER L 149 -1.39 -27.40 38.73
C SER L 149 -2.35 -28.33 39.46
N LEU L 150 -1.91 -29.15 40.43
CA LEU L 150 -2.72 -30.19 41.08
C LEU L 150 -2.77 -29.98 42.60
N CYS L 151 -3.78 -30.55 43.27
CA CYS L 151 -3.91 -30.52 44.72
C CYS L 151 -2.57 -30.87 45.40
N GLY L 152 -1.97 -29.90 46.10
CA GLY L 152 -0.87 -30.20 47.00
C GLY L 152 0.50 -30.38 46.38
N GLN L 153 0.79 -29.73 45.24
CA GLN L 153 2.13 -29.64 44.66
C GLN L 153 2.98 -28.55 45.34
N ALA L 154 3.23 -28.73 46.62
CA ALA L 154 3.77 -27.69 47.48
C ALA L 154 5.26 -27.36 47.29
N ILE L 155 5.65 -26.24 47.86
CA ILE L 155 6.98 -25.92 48.39
C ILE L 155 6.72 -25.27 49.74
N THR L 156 7.51 -25.52 50.76
CA THR L 156 7.22 -25.02 52.12
C THR L 156 8.18 -23.90 52.50
N ILE L 157 7.66 -22.82 53.06
CA ILE L 157 8.44 -21.67 53.53
C ILE L 157 8.43 -21.67 55.06
N ASP L 158 9.62 -21.74 55.66
CA ASP L 158 9.84 -21.77 57.09
C ASP L 158 10.93 -20.79 57.46
N ILE L 159 10.70 -19.99 58.48
CA ILE L 159 11.66 -19.00 58.95
C ILE L 159 11.69 -19.01 60.48
N SER L 160 12.87 -18.94 61.08
CA SER L 160 13.00 -18.91 62.54
C SER L 160 12.76 -17.49 63.08
N ASP L 161 12.53 -17.32 64.38
CA ASP L 161 12.50 -15.98 64.97
C ASP L 161 13.83 -15.26 64.75
N MET L 162 13.80 -14.04 64.21
CA MET L 162 14.96 -13.19 63.99
C MET L 162 14.94 -11.93 64.85
N SER L 163 14.02 -11.85 65.82
CA SER L 163 14.05 -10.90 66.92
C SER L 163 15.34 -11.04 67.73
N ALA L 164 15.72 -10.03 68.48
CA ALA L 164 16.91 -10.09 69.32
C ALA L 164 16.88 -11.25 70.34
N THR L 165 15.71 -11.73 70.73
CA THR L 165 15.54 -12.90 71.60
C THR L 165 15.66 -14.23 70.86
N GLY L 166 15.35 -14.28 69.56
CA GLY L 166 15.54 -15.45 68.71
C GLY L 166 16.99 -15.68 68.28
N LEU L 167 17.83 -14.66 68.45
CA LEU L 167 19.26 -14.69 68.13
C LEU L 167 20.17 -14.63 69.37
N GLY L 168 19.63 -14.29 70.54
CA GLY L 168 20.40 -14.15 71.78
C GLY L 168 21.12 -12.82 71.94
N VAL L 169 20.83 -11.85 71.07
CA VAL L 169 21.35 -10.48 71.17
C VAL L 169 20.43 -9.52 71.96
N SER L 170 19.31 -9.99 72.51
CA SER L 170 18.76 -9.38 73.73
C SER L 170 19.78 -9.58 74.84
N GLY L 171 19.91 -8.63 75.76
CA GLY L 171 20.77 -8.83 76.92
C GLY L 171 22.24 -9.07 76.59
N LEU L 172 22.79 -8.29 75.64
CA LEU L 172 24.24 -8.18 75.49
C LEU L 172 24.74 -7.14 76.48
N VAL L 173 25.49 -7.56 77.49
CA VAL L 173 26.02 -6.66 78.53
C VAL L 173 27.50 -6.48 78.27
N VAL L 174 27.99 -5.24 78.13
CA VAL L 174 29.42 -4.97 77.86
C VAL L 174 30.13 -4.15 78.93
N SER L 175 29.55 -4.06 80.12
CA SER L 175 30.05 -3.19 81.18
C SER L 175 31.35 -3.65 81.84
N SER L 176 31.92 -4.77 81.40
CA SER L 176 33.23 -5.30 81.82
C SER L 176 33.75 -6.33 80.79
N PHE L 177 35.04 -6.69 80.80
CA PHE L 177 35.60 -7.59 79.78
C PHE L 177 34.88 -8.93 79.70
N SER L 178 34.63 -9.58 80.84
CA SER L 178 33.93 -10.86 80.92
C SER L 178 32.60 -10.83 80.16
N ALA L 179 31.79 -9.80 80.38
CA ALA L 179 30.49 -9.68 79.76
C ALA L 179 30.59 -9.27 78.28
N ALA L 180 31.52 -8.38 77.94
CA ALA L 180 31.85 -8.08 76.57
C ALA L 180 32.40 -9.27 75.78
N GLY L 181 33.03 -10.25 76.41
CA GLY L 181 33.37 -11.52 75.79
C GLY L 181 32.13 -12.37 75.47
N LYS L 182 31.09 -12.34 76.30
CA LYS L 182 29.81 -12.95 75.94
C LYS L 182 29.09 -12.16 74.85
N ALA L 183 29.16 -10.83 74.83
CA ALA L 183 28.64 -10.04 73.73
C ALA L 183 29.36 -10.30 72.39
N MET L 184 30.69 -10.43 72.36
CA MET L 184 31.42 -10.92 71.19
C MET L 184 30.89 -12.28 70.76
N SER L 185 30.86 -13.27 71.65
CA SER L 185 30.46 -14.65 71.33
C SER L 185 29.01 -14.77 70.90
N ALA L 186 28.10 -14.10 71.59
CA ALA L 186 26.71 -14.02 71.21
C ALA L 186 26.50 -13.36 69.86
N ALA L 187 27.09 -12.20 69.57
CA ALA L 187 26.93 -11.53 68.26
C ALA L 187 27.58 -12.32 67.12
N GLN L 188 28.68 -13.02 67.35
CA GLN L 188 29.26 -13.89 66.32
C GLN L 188 28.41 -15.12 66.04
N ASP L 189 27.79 -15.71 67.06
CA ASP L 189 26.77 -16.76 66.87
C ASP L 189 25.54 -16.21 66.18
N ALA L 190 25.03 -15.04 66.56
CA ALA L 190 23.91 -14.43 65.87
C ALA L 190 24.22 -14.14 64.41
N ILE L 191 25.45 -13.76 64.04
CA ILE L 191 25.85 -13.67 62.62
C ILE L 191 25.76 -15.05 61.99
N SER L 192 26.19 -16.10 62.67
CA SER L 192 26.07 -17.48 62.22
C SER L 192 24.61 -17.92 62.05
N TYR L 193 23.70 -17.60 62.99
CA TYR L 193 22.28 -17.92 62.87
C TYR L 193 21.62 -17.19 61.74
N VAL L 194 21.94 -15.92 61.53
CA VAL L 194 21.39 -15.15 60.44
C VAL L 194 21.98 -15.61 59.11
N SER L 195 23.22 -16.07 59.08
CA SER L 195 23.80 -16.67 57.88
C SER L 195 23.10 -17.96 57.49
N SER L 196 22.80 -18.86 58.42
CA SER L 196 22.05 -20.08 58.10
C SER L 196 20.60 -19.77 57.72
N MET L 197 19.98 -18.77 58.33
CA MET L 197 18.65 -18.35 57.90
C MET L 197 18.61 -17.67 56.55
N ARG L 198 19.57 -16.81 56.21
CA ARG L 198 19.71 -16.26 54.86
C ARG L 198 20.17 -17.29 53.84
N SER L 199 20.83 -18.36 54.25
CA SER L 199 21.18 -19.48 53.36
C SER L 199 19.97 -20.33 53.00
N LYS L 200 19.04 -20.59 53.91
CA LYS L 200 17.81 -21.33 53.58
C LYS L 200 16.94 -20.53 52.64
N LEU L 201 16.79 -19.24 52.88
CA LEU L 201 16.11 -18.32 51.97
C LEU L 201 16.82 -18.16 50.62
N GLY L 202 18.13 -18.30 50.55
CA GLY L 202 18.85 -18.30 49.29
C GLY L 202 18.64 -19.58 48.48
N ALA L 203 18.81 -20.73 49.12
CA ALA L 203 18.57 -22.03 48.53
C ALA L 203 17.15 -22.17 47.96
N LEU L 204 16.16 -21.71 48.70
CA LEU L 204 14.77 -21.68 48.32
C LEU L 204 14.53 -20.76 47.13
N GLN L 205 15.17 -19.60 47.05
CA GLN L 205 15.01 -18.75 45.89
C GLN L 205 15.63 -19.36 44.64
N ASN L 206 16.63 -20.19 44.81
CA ASN L 206 17.16 -20.98 43.72
C ASN L 206 16.24 -22.14 43.34
N ARG L 207 15.55 -22.83 44.25
CA ARG L 207 14.47 -23.74 43.82
C ARG L 207 13.37 -23.01 43.07
N LEU L 208 12.99 -21.83 43.51
CA LEU L 208 11.93 -21.11 42.85
C LEU L 208 12.38 -20.55 41.51
N GLU L 209 13.61 -20.09 41.33
CA GLU L 209 13.99 -19.66 39.99
C GLU L 209 14.00 -20.86 39.04
N HIS L 210 14.48 -22.02 39.47
CA HIS L 210 14.34 -23.26 38.72
C HIS L 210 12.88 -23.64 38.45
N THR L 211 11.98 -23.73 39.44
CA THR L 211 10.58 -24.03 39.16
C THR L 211 9.85 -22.96 38.34
N ILE L 212 10.16 -21.67 38.42
CA ILE L 212 9.61 -20.68 37.48
C ILE L 212 10.12 -20.96 36.06
N SER L 213 11.41 -21.27 35.89
CA SER L 213 11.97 -21.67 34.61
C SER L 213 11.29 -22.91 34.05
N ASN L 214 10.98 -23.87 34.92
CA ASN L 214 10.29 -25.12 34.62
C ASN L 214 8.84 -24.92 34.19
N LEU L 215 8.03 -24.24 34.99
CA LEU L 215 6.61 -24.03 34.72
C LEU L 215 6.38 -23.19 33.47
N ASP L 216 7.24 -22.21 33.19
CA ASP L 216 7.14 -21.41 31.99
C ASP L 216 7.38 -22.23 30.74
N ASN L 217 8.33 -23.16 30.79
CA ASN L 217 8.62 -24.16 29.78
C ASN L 217 7.48 -25.17 29.62
N ILE L 218 6.96 -25.76 30.70
CA ILE L 218 5.86 -26.74 30.63
C ILE L 218 4.58 -26.06 30.13
N SER L 219 4.28 -24.84 30.56
CA SER L 219 3.19 -24.02 30.04
C SER L 219 3.30 -23.75 28.55
N GLU L 220 4.48 -23.39 28.04
CA GLU L 220 4.72 -23.15 26.63
C GLU L 220 4.57 -24.42 25.80
N ASN L 221 5.12 -25.54 26.25
CA ASN L 221 4.96 -26.79 25.56
C ASN L 221 3.52 -27.32 25.61
N THR L 222 2.76 -27.14 26.69
CA THR L 222 1.34 -27.48 26.70
C THR L 222 0.41 -26.41 26.09
N SER L 223 0.85 -25.18 25.88
CA SER L 223 0.18 -24.26 24.97
C SER L 223 0.36 -24.72 23.55
N SER L 224 1.57 -25.12 23.19
CA SER L 224 1.89 -25.75 21.90
C SER L 224 1.07 -27.01 21.69
N ALA L 225 0.96 -27.87 22.70
CA ALA L 225 0.15 -29.07 22.67
C ALA L 225 -1.33 -28.79 22.47
N GLU L 226 -1.92 -27.88 23.24
CA GLU L 226 -3.34 -27.53 23.12
C GLU L 226 -3.64 -26.85 21.80
N SER L 227 -2.79 -25.93 21.35
CA SER L 227 -2.95 -25.26 20.07
C SER L 227 -2.84 -26.23 18.90
N ARG L 228 -2.03 -27.27 18.97
CA ARG L 228 -2.01 -28.27 17.93
C ARG L 228 -3.32 -29.06 17.90
N ILE L 229 -3.94 -29.36 19.05
CA ILE L 229 -5.24 -30.07 19.10
C ILE L 229 -6.36 -29.16 18.63
N ARG L 230 -6.44 -27.95 19.15
CA ARG L 230 -7.71 -27.19 19.15
C ARG L 230 -7.79 -25.90 18.35
N ASP L 231 -6.75 -25.10 18.17
CA ASP L 231 -6.85 -23.96 17.25
C ASP L 231 -7.01 -24.41 15.80
N THR L 232 -7.82 -23.69 15.04
CA THR L 232 -7.94 -23.88 13.59
C THR L 232 -6.56 -23.71 13.00
N ASP L 233 -6.20 -24.52 12.01
CA ASP L 233 -5.15 -24.11 11.09
C ASP L 233 -5.79 -23.27 9.98
N MET L 234 -5.57 -21.96 9.97
CA MET L 234 -6.32 -21.09 9.07
C MET L 234 -5.99 -21.31 7.61
N ALA L 235 -4.80 -21.82 7.30
CA ALA L 235 -4.39 -22.25 5.98
C ALA L 235 -5.10 -23.54 5.58
N GLU L 236 -4.98 -24.63 6.35
CA GLU L 236 -5.65 -25.91 6.08
C GLU L 236 -7.18 -25.82 6.02
N GLU L 237 -7.81 -24.97 6.82
CA GLU L 237 -9.26 -24.76 6.81
C GLU L 237 -9.73 -23.82 5.70
N MET L 238 -8.93 -22.88 5.21
CA MET L 238 -9.35 -21.99 4.11
C MET L 238 -9.36 -22.69 2.76
N VAL L 239 -8.63 -23.81 2.64
CA VAL L 239 -8.84 -24.79 1.58
C VAL L 239 -10.22 -25.43 1.68
N GLU L 240 -10.55 -25.99 2.84
CA GLU L 240 -11.80 -26.73 3.02
C GLU L 240 -13.01 -25.84 2.93
N TYR L 241 -12.91 -24.58 3.35
CA TYR L 241 -13.92 -23.57 3.15
C TYR L 241 -14.17 -23.32 1.67
N SER L 242 -13.11 -23.10 0.89
CA SER L 242 -13.27 -22.76 -0.51
C SER L 242 -13.78 -23.92 -1.36
N LYS L 243 -13.39 -25.19 -1.10
CA LYS L 243 -13.98 -26.36 -1.78
C LYS L 243 -15.48 -26.28 -1.68
N ASN L 244 -16.00 -26.18 -0.46
CA ASN L 244 -17.43 -26.15 -0.14
C ASN L 244 -18.11 -24.89 -0.66
N ASN L 245 -17.45 -23.75 -0.68
CA ASN L 245 -18.00 -22.54 -1.26
C ASN L 245 -18.25 -22.68 -2.76
N ILE L 246 -17.28 -23.19 -3.50
CA ILE L 246 -17.43 -23.47 -4.91
C ILE L 246 -18.41 -24.62 -5.18
N LEU L 247 -18.38 -25.71 -4.41
CA LEU L 247 -19.45 -26.71 -4.45
C LEU L 247 -20.85 -26.11 -4.23
N ALA L 248 -21.04 -25.17 -3.32
CA ALA L 248 -22.34 -24.61 -3.05
C ALA L 248 -22.86 -23.85 -4.25
N GLN L 249 -22.00 -23.08 -4.90
CA GLN L 249 -22.29 -22.38 -6.14
C GLN L 249 -22.58 -23.35 -7.28
N ALA L 250 -21.70 -24.34 -7.53
CA ALA L 250 -21.94 -25.40 -8.51
C ALA L 250 -23.19 -26.24 -8.22
N GLY L 251 -23.57 -26.43 -6.96
CA GLY L 251 -24.77 -27.13 -6.56
C GLY L 251 -26.03 -26.31 -6.79
N GLN L 252 -26.04 -25.03 -6.42
CA GLN L 252 -27.11 -24.08 -6.76
C GLN L 252 -27.29 -24.01 -8.28
N SER L 253 -26.20 -24.14 -9.03
CA SER L 253 -26.23 -24.10 -10.48
C SER L 253 -26.88 -25.34 -11.07
N MET L 254 -26.67 -26.53 -10.49
CA MET L 254 -27.41 -27.72 -10.90
C MET L 254 -28.84 -27.78 -10.40
N LEU L 255 -29.19 -27.09 -9.34
CA LEU L 255 -30.57 -26.94 -8.94
C LEU L 255 -31.32 -25.92 -9.81
N ALA L 256 -30.74 -24.76 -10.10
CA ALA L 256 -31.29 -23.80 -11.03
C ALA L 256 -31.55 -24.42 -12.42
N GLN L 257 -30.66 -25.30 -12.87
CA GLN L 257 -30.86 -26.18 -14.03
C GLN L 257 -31.99 -27.17 -13.84
N ALA L 258 -31.99 -27.96 -12.77
CA ALA L 258 -32.96 -29.02 -12.54
C ALA L 258 -34.42 -28.55 -12.44
N ASN L 259 -34.68 -27.32 -12.00
CA ASN L 259 -36.06 -26.80 -12.02
C ASN L 259 -36.52 -26.41 -13.43
N GLN L 260 -35.61 -26.09 -14.34
CA GLN L 260 -35.89 -25.81 -15.75
C GLN L 260 -36.05 -27.08 -16.59
N SER L 261 -35.40 -28.20 -16.20
CA SER L 261 -35.31 -29.39 -17.05
C SER L 261 -36.64 -30.01 -17.41
N THR L 262 -37.63 -30.02 -16.52
CA THR L 262 -38.98 -30.54 -16.83
C THR L 262 -39.85 -29.59 -17.63
N GLN L 263 -39.38 -28.41 -18.03
CA GLN L 263 -40.14 -27.61 -19.00
C GLN L 263 -40.23 -28.29 -20.35
N GLY L 264 -39.40 -29.31 -20.61
CA GLY L 264 -39.50 -30.15 -21.80
C GLY L 264 -40.85 -30.85 -21.97
N VAL L 265 -41.62 -31.03 -20.89
CA VAL L 265 -42.91 -31.74 -20.92
C VAL L 265 -43.97 -30.98 -21.72
N LEU L 266 -43.87 -29.67 -21.82
CA LEU L 266 -44.99 -28.82 -22.20
C LEU L 266 -45.30 -28.80 -23.70
N SER L 267 -44.45 -29.35 -24.56
CA SER L 267 -44.66 -29.35 -26.00
C SER L 267 -45.41 -30.58 -26.53
N LEU L 268 -45.66 -31.61 -25.70
CA LEU L 268 -45.78 -33.01 -26.14
C LEU L 268 -46.96 -33.40 -27.05
N LEU L 269 -48.09 -32.74 -26.92
CA LEU L 269 -49.06 -32.51 -28.03
C LEU L 269 -49.96 -31.31 -27.66
N GLN L 270 -49.38 -30.42 -26.86
CA GLN L 270 -50.02 -29.52 -25.91
C GLN L 270 -49.83 -28.05 -26.32
N MET M 1 -30.37 -22.39 0.83
CA MET M 1 -30.34 -21.84 2.19
C MET M 1 -31.70 -21.27 2.54
N VAL M 2 -32.00 -21.16 3.83
CA VAL M 2 -33.01 -20.21 4.26
C VAL M 2 -32.59 -18.80 3.89
N VAL M 3 -33.54 -17.99 3.45
CA VAL M 3 -33.29 -16.60 3.08
C VAL M 3 -33.55 -15.63 4.23
N GLN M 4 -34.38 -16.04 5.21
CA GLN M 4 -34.80 -15.22 6.35
C GLN M 4 -33.78 -15.11 7.49
N HIS M 5 -32.77 -15.98 7.56
CA HIS M 5 -31.83 -16.02 8.68
C HIS M 5 -30.49 -16.56 8.21
N ASN M 6 -29.55 -15.68 7.91
CA ASN M 6 -28.19 -16.08 7.60
C ASN M 6 -27.48 -16.41 8.91
N LEU M 7 -27.62 -17.63 9.37
CA LEU M 7 -27.04 -18.02 10.66
C LEU M 7 -25.53 -18.20 10.60
N THR M 8 -24.95 -18.39 9.43
CA THR M 8 -23.50 -18.27 9.26
C THR M 8 -23.03 -16.87 9.58
N ALA M 9 -23.71 -15.84 9.07
CA ALA M 9 -23.44 -14.46 9.42
C ALA M 9 -23.72 -14.16 10.88
N MET M 10 -24.78 -14.68 11.49
CA MET M 10 -25.08 -14.43 12.90
C MET M 10 -24.06 -15.03 13.85
N ASN M 11 -23.59 -16.25 13.57
CA ASN M 11 -22.45 -16.85 14.25
C ASN M 11 -21.20 -16.01 14.08
N ALA M 12 -20.91 -15.54 12.86
CA ALA M 12 -19.73 -14.76 12.56
C ALA M 12 -19.75 -13.40 13.25
N ASN M 13 -20.89 -12.72 13.29
CA ASN M 13 -21.15 -11.57 14.14
C ASN M 13 -20.90 -11.89 15.61
N ARG M 14 -21.49 -12.96 16.17
CA ARG M 14 -21.34 -13.28 17.59
C ARG M 14 -19.90 -13.52 17.97
N GLN M 15 -19.15 -14.23 17.15
CA GLN M 15 -17.70 -14.44 17.31
C GLN M 15 -16.85 -13.20 17.10
N LEU M 16 -17.25 -12.30 16.21
CA LEU M 16 -16.53 -11.07 16.00
C LEU M 16 -16.60 -10.20 17.25
N GLY M 17 -17.77 -10.09 17.88
CA GLY M 17 -17.92 -9.48 19.19
C GLY M 17 -17.02 -10.07 20.27
N ILE M 18 -16.98 -11.39 20.44
CA ILE M 18 -16.08 -12.07 21.40
C ILE M 18 -14.62 -11.61 21.27
N THR M 19 -14.19 -11.38 20.03
CA THR M 19 -12.85 -10.97 19.62
C THR M 19 -12.62 -9.48 19.77
N THR M 20 -13.57 -8.60 19.42
CA THR M 20 -13.47 -7.15 19.70
C THR M 20 -13.58 -6.84 21.19
N GLY M 21 -14.17 -7.71 21.99
CA GLY M 21 -14.09 -7.67 23.43
C GLY M 21 -12.67 -7.92 23.91
N ALA M 22 -12.09 -9.07 23.61
CA ALA M 22 -10.73 -9.39 24.03
C ALA M 22 -9.70 -8.38 23.52
N GLN M 23 -9.97 -7.75 22.38
CA GLN M 23 -9.23 -6.61 21.85
C GLN M 23 -9.33 -5.34 22.72
N ALA M 24 -10.52 -4.87 23.08
CA ALA M 24 -10.70 -3.73 23.98
C ALA M 24 -10.15 -3.97 25.38
N LYS M 25 -10.24 -5.20 25.92
CA LYS M 25 -9.70 -5.54 27.23
C LYS M 25 -8.20 -5.78 27.25
N SER M 26 -7.57 -5.96 26.09
CA SER M 26 -6.09 -5.91 25.93
C SER M 26 -5.59 -4.50 25.68
N SER M 27 -6.20 -3.75 24.76
CA SER M 27 -5.84 -2.37 24.43
C SER M 27 -5.86 -1.45 25.67
N GLU M 28 -6.73 -1.73 26.62
CA GLU M 28 -6.76 -1.07 27.93
C GLU M 28 -5.45 -1.23 28.68
N LYS M 29 -4.86 -2.43 28.71
CA LYS M 29 -3.63 -2.73 29.45
C LYS M 29 -2.39 -2.12 28.82
N LEU M 30 -2.37 -1.98 27.51
CA LEU M 30 -1.30 -1.31 26.79
C LEU M 30 -1.40 0.22 26.88
N SER M 31 -2.60 0.78 26.76
CA SER M 31 -2.78 2.20 26.97
C SER M 31 -2.42 2.62 28.40
N SER M 32 -2.86 1.87 29.42
CA SER M 32 -2.63 2.18 30.84
C SER M 32 -1.36 1.65 31.45
N GLY M 33 -0.73 0.63 30.88
CA GLY M 33 0.46 0.01 31.45
C GLY M 33 0.21 -0.76 32.73
N TYR M 34 -1.05 -1.04 33.09
CA TYR M 34 -1.43 -1.93 34.19
C TYR M 34 -2.25 -3.13 33.74
N LYS M 35 -1.99 -4.26 34.39
CA LYS M 35 -2.56 -5.58 34.13
C LYS M 35 -3.94 -5.77 34.78
N ILE M 36 -4.12 -5.30 36.01
CA ILE M 36 -5.39 -5.15 36.70
C ILE M 36 -5.76 -3.67 36.66
N ASN M 37 -6.71 -3.27 35.83
CA ASN M 37 -7.26 -1.91 35.82
C ASN M 37 -8.56 -1.85 36.62
N ARG M 38 -9.40 -2.85 36.37
CA ARG M 38 -10.72 -3.01 36.95
C ARG M 38 -10.74 -4.28 37.78
N ALA M 39 -11.42 -4.29 38.91
CA ALA M 39 -11.35 -5.38 39.88
C ALA M 39 -11.88 -6.72 39.35
N ALA M 40 -12.63 -6.67 38.25
CA ALA M 40 -13.03 -7.80 37.45
C ALA M 40 -11.87 -8.55 36.77
N ASP M 41 -10.70 -7.93 36.63
CA ASP M 41 -9.51 -8.56 36.05
C ASP M 41 -8.90 -9.63 36.96
N ASP M 42 -8.75 -9.34 38.26
CA ASP M 42 -8.16 -10.26 39.26
C ASP M 42 -8.38 -9.72 40.68
N ALA M 43 -9.41 -10.18 41.39
CA ALA M 43 -9.81 -9.60 42.66
C ALA M 43 -8.75 -9.71 43.77
N ALA M 44 -8.00 -10.81 43.80
CA ALA M 44 -6.85 -10.94 44.68
C ALA M 44 -5.70 -10.06 44.20
N GLY M 45 -5.47 -9.98 42.90
CA GLY M 45 -4.47 -9.11 42.30
C GLY M 45 -4.68 -7.65 42.67
N LEU M 46 -5.92 -7.17 42.58
CA LEU M 46 -6.35 -5.90 43.13
C LEU M 46 -6.08 -5.79 44.63
N THR M 47 -6.72 -6.63 45.45
CA THR M 47 -6.63 -6.57 46.92
C THR M 47 -5.19 -6.59 47.42
N ILE M 48 -4.38 -7.54 46.98
CA ILE M 48 -2.99 -7.68 47.39
C ILE M 48 -2.24 -6.43 46.97
N SER M 49 -2.39 -6.00 45.70
CA SER M 49 -1.70 -4.81 45.20
C SER M 49 -2.06 -3.56 45.94
N GLU M 50 -3.30 -3.34 46.36
CA GLU M 50 -3.64 -2.16 47.16
C GLU M 50 -3.00 -2.18 48.54
N LYS M 51 -2.80 -3.35 49.15
CA LYS M 51 -2.02 -3.44 50.39
C LYS M 51 -0.55 -3.19 50.16
N MET M 52 -0.01 -3.60 49.03
CA MET M 52 1.36 -3.27 48.68
C MET M 52 1.52 -1.81 48.27
N ARG M 53 0.58 -1.19 47.58
CA ARG M 53 0.57 0.25 47.31
C ARG M 53 0.51 1.05 48.61
N SER M 54 -0.30 0.64 49.59
CA SER M 54 -0.29 1.31 50.89
C SER M 54 0.98 1.04 51.68
N GLN M 55 1.60 -0.12 51.55
CA GLN M 55 2.89 -0.40 52.16
C GLN M 55 4.03 0.38 51.51
N VAL M 56 4.13 0.45 50.19
CA VAL M 56 5.24 1.14 49.52
C VAL M 56 5.22 2.62 49.88
N ARG M 57 4.07 3.28 49.79
CA ARG M 57 3.87 4.64 50.27
C ARG M 57 4.18 4.82 51.74
N GLY M 58 3.64 3.98 52.61
CA GLY M 58 3.87 4.09 54.04
C GLY M 58 5.32 3.90 54.38
N LEU M 59 6.01 2.96 53.75
CA LEU M 59 7.45 2.80 53.87
C LEU M 59 8.20 4.01 53.35
N ASN M 60 7.79 4.63 52.25
CA ASN M 60 8.41 5.85 51.76
C ASN M 60 8.20 7.03 52.73
N LYS M 61 7.02 7.25 53.32
CA LYS M 61 6.87 8.24 54.40
C LYS M 61 7.58 7.83 55.70
N ALA M 62 7.70 6.55 56.01
CA ALA M 62 8.51 6.10 57.12
C ALA M 62 9.98 6.40 56.89
N SER M 63 10.52 6.19 55.69
CA SER M 63 11.88 6.53 55.33
C SER M 63 12.08 8.05 55.32
N ASP M 64 11.09 8.83 54.92
CA ASP M 64 11.06 10.28 55.08
C ASP M 64 11.06 10.71 56.54
N ASN M 65 10.37 10.00 57.43
CA ASN M 65 10.31 10.35 58.84
C ASN M 65 11.52 9.85 59.63
N ALA M 66 12.13 8.76 59.22
CA ALA M 66 13.44 8.37 59.68
C ALA M 66 14.53 9.32 59.18
N GLN M 67 14.46 9.81 57.94
CA GLN M 67 15.35 10.85 57.43
C GLN M 67 15.14 12.16 58.18
N ASP M 68 13.90 12.58 58.38
CA ASP M 68 13.57 13.78 59.14
C ASP M 68 13.89 13.64 60.62
N GLY M 69 13.92 12.43 61.17
CA GLY M 69 14.47 12.13 62.49
C GLY M 69 15.99 12.26 62.53
N VAL M 70 16.72 11.62 61.62
CA VAL M 70 18.18 11.80 61.48
C VAL M 70 18.55 13.26 61.26
N SER M 71 17.78 13.98 60.46
CA SER M 71 17.97 15.40 60.25
C SER M 71 17.84 16.21 61.54
N LEU M 72 16.74 16.07 62.30
CA LEU M 72 16.60 16.65 63.63
C LEU M 72 17.74 16.27 64.58
N ILE M 73 18.07 14.98 64.71
CA ILE M 73 19.12 14.52 65.64
C ILE M 73 20.46 15.21 65.40
N GLN M 74 20.88 15.42 64.14
CA GLN M 74 22.10 16.14 63.86
C GLN M 74 22.08 17.58 64.37
N VAL M 75 20.93 18.24 64.45
CA VAL M 75 20.87 19.59 64.99
C VAL M 75 21.09 19.56 66.50
N ALA M 76 20.48 18.62 67.22
CA ALA M 76 20.69 18.48 68.66
C ALA M 76 22.11 18.06 69.00
N GLU M 77 22.76 17.24 68.18
CA GLU M 77 24.20 17.00 68.31
C GLU M 77 25.05 18.22 68.01
N GLY M 78 24.76 18.91 66.91
CA GLY M 78 25.51 20.10 66.49
C GLY M 78 25.48 21.20 67.52
N ALA M 79 24.39 21.34 68.27
CA ALA M 79 24.30 22.23 69.43
C ALA M 79 25.16 21.74 70.59
N LEU M 80 25.12 20.45 70.90
CA LEU M 80 25.85 19.92 72.04
C LEU M 80 27.35 19.82 71.83
N SER M 81 27.80 19.90 70.58
CA SER M 81 29.19 20.10 70.21
C SER M 81 29.71 21.46 70.66
N GLU M 82 28.88 22.50 70.58
CA GLU M 82 29.21 23.81 71.14
C GLU M 82 29.11 23.77 72.65
N THR M 83 28.12 23.09 73.24
CA THR M 83 28.09 22.88 74.69
C THR M 83 29.36 22.20 75.18
N HIS M 84 29.87 21.18 74.49
CA HIS M 84 31.13 20.57 74.84
C HIS M 84 32.30 21.51 74.70
N SER M 85 32.40 22.24 73.60
CA SER M 85 33.55 23.10 73.32
C SER M 85 33.57 24.29 74.24
N ILE M 86 32.41 24.73 74.74
CA ILE M 86 32.31 25.63 75.88
C ILE M 86 32.79 24.92 77.14
N LEU M 87 32.30 23.75 77.49
CA LEU M 87 32.70 23.10 78.74
C LEU M 87 34.18 22.74 78.81
N GLN M 88 34.82 22.40 77.69
CA GLN M 88 36.26 22.22 77.65
C GLN M 88 36.97 23.50 78.09
N ARG M 89 36.53 24.65 77.56
CA ARG M 89 37.00 26.00 77.92
C ARG M 89 36.64 26.37 79.35
N MET M 90 35.48 26.00 79.87
CA MET M 90 35.11 26.28 81.26
C MET M 90 35.99 25.51 82.23
N ASN M 91 36.30 24.26 81.96
CA ASN M 91 37.24 23.47 82.76
C ASN M 91 38.67 24.03 82.70
N GLU M 92 39.11 24.45 81.53
CA GLU M 92 40.41 25.06 81.25
C GLU M 92 40.56 26.38 81.99
N LEU M 93 39.53 27.24 81.97
CA LEU M 93 39.46 28.44 82.79
C LEU M 93 39.39 28.12 84.28
N ALA M 94 38.55 27.19 84.72
CA ALA M 94 38.42 26.88 86.14
C ALA M 94 39.75 26.39 86.74
N THR M 95 40.53 25.62 85.99
CA THR M 95 41.85 25.15 86.44
C THR M 95 42.90 26.27 86.47
N GLN M 96 42.68 27.36 85.76
CA GLN M 96 43.50 28.55 85.89
C GLN M 96 43.21 29.27 87.20
N ALA M 97 41.94 29.47 87.54
CA ALA M 97 41.54 30.13 88.77
C ALA M 97 41.73 29.30 90.04
N ALA M 98 41.91 27.99 89.91
CA ALA M 98 42.28 27.13 91.00
C ALA M 98 43.64 27.53 91.55
N ASN M 99 44.64 27.73 90.70
CA ASN M 99 45.97 28.13 91.13
C ASN M 99 45.91 29.40 92.01
N ASP M 100 46.58 29.36 93.16
CA ASP M 100 46.53 30.41 94.17
C ASP M 100 47.53 31.55 93.99
N THR M 101 48.37 31.58 92.96
CA THR M 101 49.13 32.80 92.62
C THR M 101 48.24 33.92 92.07
N ASN M 102 46.98 33.62 91.72
CA ASN M 102 46.00 34.58 91.22
C ASN M 102 45.36 35.39 92.35
N THR M 103 45.49 36.71 92.30
CA THR M 103 44.75 37.58 93.23
C THR M 103 43.29 37.70 92.82
N THR M 104 42.46 38.33 93.64
CA THR M 104 41.01 38.47 93.38
C THR M 104 40.72 39.15 92.04
N SER M 105 41.44 40.23 91.71
CA SER M 105 41.34 40.92 90.41
C SER M 105 41.62 40.03 89.22
N ASP M 106 42.44 38.99 89.41
CA ASP M 106 42.87 38.06 88.38
C ASP M 106 41.97 36.81 88.33
N ARG M 107 41.24 36.48 89.40
CA ARG M 107 40.16 35.46 89.38
C ARG M 107 38.82 36.01 88.92
N THR M 108 38.54 37.29 89.11
CA THR M 108 37.35 37.88 88.47
C THR M 108 37.51 37.94 86.96
N ALA M 109 38.70 38.16 86.41
CA ALA M 109 38.92 38.07 84.98
C ALA M 109 38.60 36.66 84.44
N VAL M 110 38.63 35.63 85.28
CA VAL M 110 38.17 34.28 84.95
C VAL M 110 36.66 34.18 85.16
N GLN M 111 36.15 34.66 86.29
CA GLN M 111 34.72 34.69 86.60
C GLN M 111 33.90 35.37 85.50
N GLN M 112 34.35 36.49 84.95
CA GLN M 112 33.67 37.20 83.86
C GLN M 112 33.45 36.32 82.64
N GLU M 113 34.43 35.48 82.28
CA GLU M 113 34.30 34.55 81.17
C GLU M 113 33.47 33.34 81.58
N ILE M 114 33.62 32.82 82.80
CA ILE M 114 32.82 31.70 83.28
C ILE M 114 31.34 32.03 83.38
N ASN M 115 30.95 33.24 83.75
CA ASN M 115 29.56 33.69 83.70
C ASN M 115 29.06 33.84 82.27
N GLN M 116 29.84 34.40 81.33
CA GLN M 116 29.42 34.55 79.93
C GLN M 116 29.31 33.20 79.21
N LEU M 117 30.19 32.24 79.48
CA LEU M 117 30.11 30.90 78.93
C LEU M 117 28.95 30.10 79.51
N ALA M 118 28.65 30.23 80.80
CA ALA M 118 27.48 29.56 81.37
C ALA M 118 26.16 30.11 80.80
N SER M 119 26.06 31.43 80.55
CA SER M 119 24.94 31.98 79.79
C SER M 119 24.92 31.46 78.36
N GLU M 120 26.03 31.17 77.71
CA GLU M 120 26.03 30.56 76.36
C GLU M 120 25.52 29.14 76.37
N ILE M 121 25.85 28.31 77.36
CA ILE M 121 25.28 26.98 77.48
C ILE M 121 23.76 27.02 77.57
N THR M 122 23.19 27.99 78.28
CA THR M 122 21.75 28.21 78.34
C THR M 122 21.20 28.85 77.07
N ARG M 123 21.85 29.82 76.44
CA ARG M 123 21.43 30.30 75.12
C ARG M 123 21.44 29.20 74.07
N ILE M 124 22.48 28.38 73.96
CA ILE M 124 22.51 27.21 73.08
C ILE M 124 21.35 26.27 73.38
N ALA M 125 21.02 26.03 74.66
CA ALA M 125 19.91 25.16 75.05
C ALA M 125 18.51 25.71 74.78
N SER M 126 18.20 26.95 75.15
CA SER M 126 16.87 27.51 74.94
C SER M 126 16.62 27.94 73.51
N THR M 127 17.67 28.24 72.73
CA THR M 127 17.53 28.84 71.40
C THR M 127 17.50 27.83 70.27
N THR M 128 18.26 26.74 70.35
CA THR M 128 18.36 25.76 69.27
C THR M 128 17.06 24.98 69.09
N GLN M 129 16.59 24.92 67.85
CA GLN M 129 15.27 24.41 67.49
C GLN M 129 15.31 23.64 66.19
N PHE M 130 14.31 22.81 65.96
CA PHE M 130 14.00 22.24 64.65
C PHE M 130 12.53 22.47 64.38
N ASN M 131 12.14 22.96 63.20
CA ASN M 131 10.74 23.26 62.89
C ASN M 131 10.05 24.06 64.01
N THR M 132 10.73 25.05 64.58
CA THR M 132 10.27 25.88 65.73
C THR M 132 10.03 25.15 67.07
N MET M 133 10.57 23.96 67.29
CA MET M 133 10.52 23.23 68.57
C MET M 133 11.88 23.19 69.26
N ASN M 134 12.01 23.59 70.53
CA ASN M 134 13.29 23.49 71.26
C ASN M 134 13.72 22.03 71.38
N LEU M 135 14.99 21.73 71.08
CA LEU M 135 15.51 20.37 71.10
C LEU M 135 16.19 19.98 72.41
N ILE M 136 16.99 20.87 72.99
CA ILE M 136 17.87 20.55 74.12
C ILE M 136 17.60 21.44 75.35
N ASP M 137 16.34 21.79 75.58
CA ASP M 137 15.88 22.44 76.81
C ASP M 137 15.33 21.44 77.83
N GLY M 138 15.23 20.16 77.47
CA GLY M 138 14.69 19.11 78.33
C GLY M 138 13.19 18.85 78.13
N ASN M 139 12.52 19.59 77.25
CA ASN M 139 11.11 19.39 76.93
C ASN M 139 10.90 18.68 75.57
N PHE M 140 11.96 18.15 74.97
CA PHE M 140 11.86 17.21 73.85
C PHE M 140 11.91 15.79 74.39
N THR M 141 10.81 15.34 74.98
CA THR M 141 10.69 14.02 75.62
C THR M 141 9.44 13.29 75.19
N SER M 142 9.52 11.97 75.03
CA SER M 142 8.46 11.11 74.47
C SER M 142 8.05 11.41 73.03
N LYS M 143 8.93 12.03 72.22
CA LYS M 143 8.56 12.61 70.93
C LYS M 143 8.65 11.59 69.79
N LYS M 144 7.87 10.51 69.84
CA LYS M 144 7.86 9.40 68.89
C LYS M 144 8.04 9.77 67.40
N LEU M 145 9.11 9.30 66.77
CA LEU M 145 9.20 9.19 65.32
C LEU M 145 8.31 8.04 64.87
N GLN M 146 7.55 8.17 63.81
CA GLN M 146 6.78 7.08 63.21
C GLN M 146 7.55 6.46 62.07
N VAL M 147 8.16 5.30 62.27
CA VAL M 147 9.11 4.70 61.33
C VAL M 147 8.63 3.39 60.74
N GLY M 148 7.38 3.35 60.30
CA GLY M 148 6.87 2.21 59.54
C GLY M 148 5.50 2.46 58.95
N SER M 149 4.97 1.49 58.23
CA SER M 149 3.72 1.62 57.47
C SER M 149 2.46 1.46 58.31
N LEU M 150 2.54 0.98 59.55
CA LEU M 150 1.39 0.70 60.41
C LEU M 150 1.29 1.66 61.59
N CYS M 151 0.09 1.81 62.14
CA CYS M 151 -0.16 2.50 63.41
C CYS M 151 0.84 2.02 64.48
N GLY M 152 1.59 2.92 65.11
CA GLY M 152 2.36 2.60 66.30
C GLY M 152 3.61 1.75 66.08
N GLN M 153 4.28 1.90 64.94
CA GLN M 153 5.65 1.43 64.68
C GLN M 153 6.70 2.50 64.97
N ALA M 154 6.71 3.05 66.18
CA ALA M 154 7.53 4.19 66.52
C ALA M 154 8.99 3.85 66.81
N ILE M 155 9.80 4.90 67.00
CA ILE M 155 11.00 4.91 67.83
C ILE M 155 10.99 6.22 68.57
N THR M 156 11.46 6.28 69.80
CA THR M 156 11.23 7.42 70.68
C THR M 156 12.52 8.20 70.88
N ILE M 157 12.42 9.51 70.81
CA ILE M 157 13.50 10.45 71.03
C ILE M 157 13.22 11.33 72.26
N ASP M 158 14.15 11.24 73.21
CA ASP M 158 14.14 11.91 74.52
C ASP M 158 15.46 12.60 74.73
N ILE M 159 15.44 13.88 75.04
CA ILE M 159 16.64 14.65 75.27
C ILE M 159 16.55 15.31 76.65
N SER M 160 17.51 15.05 77.55
CA SER M 160 17.52 15.70 78.87
C SER M 160 17.81 17.19 78.71
N ASP M 161 17.53 18.00 79.73
CA ASP M 161 17.86 19.42 79.72
C ASP M 161 19.37 19.63 79.58
N MET M 162 19.81 20.38 78.57
CA MET M 162 21.23 20.72 78.34
C MET M 162 21.54 22.19 78.62
N SER M 163 20.67 22.91 79.32
CA SER M 163 20.95 24.23 79.88
C SER M 163 22.04 24.18 80.96
N ALA M 164 22.54 25.33 81.42
CA ALA M 164 23.46 25.37 82.54
C ALA M 164 22.87 24.74 83.84
N THR M 165 21.57 24.84 84.08
CA THR M 165 20.94 24.22 85.25
C THR M 165 20.83 22.70 85.06
N GLY M 166 20.54 22.23 83.84
CA GLY M 166 20.46 20.80 83.54
C GLY M 166 21.81 20.09 83.64
N LEU M 167 22.88 20.80 83.36
CA LEU M 167 24.25 20.33 83.44
C LEU M 167 24.93 20.63 84.78
N GLY M 168 24.31 21.41 85.65
CA GLY M 168 24.84 21.74 86.97
C GLY M 168 25.91 22.82 86.98
N VAL M 169 26.25 23.39 85.83
CA VAL M 169 27.14 24.55 85.71
C VAL M 169 26.43 25.88 85.98
N SER M 170 25.24 25.84 86.59
CA SER M 170 24.49 26.99 87.05
C SER M 170 25.30 27.74 88.08
N GLY M 171 25.91 28.84 87.68
CA GLY M 171 26.68 29.69 88.59
C GLY M 171 27.91 28.98 89.16
N LEU M 172 28.92 28.75 88.32
CA LEU M 172 30.23 28.33 88.81
C LEU M 172 30.92 29.50 89.54
N VAL M 173 31.61 29.21 90.65
CA VAL M 173 32.31 30.21 91.48
C VAL M 173 33.79 29.88 91.51
N VAL M 174 34.67 30.81 91.14
CA VAL M 174 36.12 30.54 91.02
C VAL M 174 36.99 31.53 91.77
N SER M 175 36.41 32.25 92.73
CA SER M 175 37.07 33.31 93.50
C SER M 175 38.01 32.81 94.60
N SER M 176 38.19 31.50 94.73
CA SER M 176 39.12 30.82 95.64
C SER M 176 39.44 29.42 95.13
N PHE M 177 40.49 28.77 95.64
CA PHE M 177 40.80 27.38 95.28
C PHE M 177 39.64 26.44 95.61
N SER M 178 39.09 26.54 96.81
CA SER M 178 37.99 25.69 97.29
C SER M 178 36.80 25.68 96.33
N ALA M 179 36.44 26.84 95.79
CA ALA M 179 35.36 26.98 94.82
C ALA M 179 35.80 26.59 93.40
N ALA M 180 36.98 27.00 92.96
CA ALA M 180 37.53 26.60 91.67
C ALA M 180 37.71 25.08 91.51
N GLY M 181 37.98 24.33 92.58
CA GLY M 181 37.96 22.87 92.54
C GLY M 181 36.57 22.30 92.36
N LYS M 182 35.53 22.91 92.94
CA LYS M 182 34.14 22.51 92.69
C LYS M 182 33.68 22.92 91.29
N ALA M 183 34.16 24.04 90.75
CA ALA M 183 33.95 24.38 89.35
C ALA M 183 34.61 23.38 88.39
N MET M 184 35.85 22.95 88.63
CA MET M 184 36.51 21.88 87.86
C MET M 184 35.67 20.62 87.88
N SER M 185 35.21 20.16 89.06
CA SER M 185 34.34 19.01 89.23
C SER M 185 33.04 19.17 88.43
N ALA M 186 32.30 20.25 88.63
CA ALA M 186 31.03 20.50 87.97
C ALA M 186 31.15 20.59 86.45
N ALA M 187 32.22 21.18 85.90
CA ALA M 187 32.46 21.22 84.46
C ALA M 187 32.86 19.85 83.88
N GLN M 188 33.65 19.03 84.58
CA GLN M 188 33.93 17.66 84.17
C GLN M 188 32.74 16.70 84.30
N ASP M 189 31.87 16.89 85.29
CA ASP M 189 30.57 16.22 85.32
C ASP M 189 29.72 16.64 84.14
N ALA M 190 29.62 17.94 83.86
CA ALA M 190 28.89 18.44 82.72
C ALA M 190 29.44 17.88 81.40
N ILE M 191 30.75 17.78 81.22
CA ILE M 191 31.35 17.08 80.08
C ILE M 191 30.83 15.64 80.02
N SER M 192 30.73 14.94 81.13
CA SER M 192 30.19 13.58 81.17
C SER M 192 28.69 13.54 80.83
N TYR M 193 27.86 14.46 81.36
CA TYR M 193 26.45 14.59 80.99
C TYR M 193 26.24 14.88 79.51
N VAL M 194 27.06 15.73 78.90
CA VAL M 194 26.94 16.03 77.47
C VAL M 194 27.48 14.89 76.64
N SER M 195 28.52 14.20 77.07
CA SER M 195 28.98 12.97 76.42
C SER M 195 27.92 11.90 76.42
N SER M 196 27.20 11.66 77.52
CA SER M 196 26.15 10.63 77.56
C SER M 196 24.93 11.03 76.74
N MET M 197 24.60 12.32 76.66
CA MET M 197 23.50 12.75 75.80
C MET M 197 23.85 12.72 74.32
N ARG M 198 25.06 13.11 73.93
CA ARG M 198 25.58 12.86 72.58
C ARG M 198 25.79 11.38 72.29
N SER M 199 25.94 10.53 73.30
CA SER M 199 25.93 9.08 73.11
C SER M 199 24.53 8.51 72.89
N LYS M 200 23.49 8.91 73.64
CA LYS M 200 22.11 8.50 73.34
C LYS M 200 21.68 8.97 71.97
N LEU M 201 22.06 10.18 71.53
CA LEU M 201 21.75 10.70 70.19
C LEU M 201 22.59 10.07 69.07
N GLY M 202 23.84 9.70 69.30
CA GLY M 202 24.64 8.99 68.31
C GLY M 202 24.21 7.53 68.15
N ALA M 203 23.85 6.87 69.24
CA ALA M 203 23.28 5.53 69.20
C ALA M 203 21.98 5.47 68.41
N LEU M 204 21.11 6.46 68.64
CA LEU M 204 19.83 6.63 67.98
C LEU M 204 20.00 6.90 66.49
N GLN M 205 20.91 7.76 66.11
CA GLN M 205 21.14 8.00 64.70
C GLN M 205 21.73 6.78 64.01
N ASN M 206 22.50 5.96 64.73
CA ASN M 206 22.94 4.68 64.20
C ASN M 206 21.81 3.67 64.10
N ARG M 207 20.72 3.72 64.88
CA ARG M 207 19.51 2.97 64.53
C ARG M 207 18.90 3.43 63.25
N LEU M 208 18.67 4.72 63.12
CA LEU M 208 17.93 5.25 61.99
C LEU M 208 18.66 5.06 60.68
N GLU M 209 19.98 5.03 60.65
CA GLU M 209 20.65 4.72 59.40
C GLU M 209 20.42 3.26 59.00
N HIS M 210 20.29 2.34 59.95
CA HIS M 210 19.79 1.00 59.67
C HIS M 210 18.32 1.00 59.28
N THR M 211 17.45 1.69 59.99
CA THR M 211 16.04 1.83 59.62
C THR M 211 15.84 2.39 58.21
N ILE M 212 16.55 3.42 57.79
CA ILE M 212 16.42 3.92 56.42
C ILE M 212 16.93 2.86 55.43
N SER M 213 18.07 2.23 55.67
CA SER M 213 18.54 1.11 54.85
C SER M 213 17.52 -0.02 54.78
N ASN M 214 16.79 -0.30 55.85
CA ASN M 214 15.81 -1.37 55.96
C ASN M 214 14.50 -1.03 55.24
N LEU M 215 13.95 0.17 55.45
CA LEU M 215 12.72 0.61 54.79
C LEU M 215 12.92 0.83 53.30
N ASP M 216 14.05 1.40 52.88
CA ASP M 216 14.30 1.67 51.46
C ASP M 216 14.43 0.38 50.66
N ASN M 217 14.97 -0.67 51.28
CA ASN M 217 15.08 -2.02 50.76
C ASN M 217 13.75 -2.77 50.80
N ILE M 218 12.99 -2.73 51.90
CA ILE M 218 11.64 -3.32 51.93
C ILE M 218 10.71 -2.61 50.95
N SER M 219 10.80 -1.30 50.79
CA SER M 219 10.09 -0.55 49.75
C SER M 219 10.47 -0.99 48.34
N GLU M 220 11.75 -1.18 48.02
CA GLU M 220 12.22 -1.67 46.73
C GLU M 220 11.75 -3.09 46.40
N ASN M 221 11.71 -3.97 47.39
CA ASN M 221 11.17 -5.31 47.23
C ASN M 221 9.65 -5.32 47.14
N THR M 222 8.90 -4.63 48.00
CA THR M 222 7.45 -4.57 47.85
C THR M 222 7.00 -3.72 46.67
N SER M 223 7.79 -2.80 46.16
CA SER M 223 7.54 -2.17 44.86
C SER M 223 7.69 -3.17 43.74
N SER M 224 8.74 -3.98 43.79
CA SER M 224 9.01 -5.06 42.85
C SER M 224 7.92 -6.11 42.88
N ALA M 225 7.49 -6.54 44.06
CA ALA M 225 6.38 -7.46 44.25
C ALA M 225 5.08 -6.91 43.66
N GLU M 226 4.69 -5.69 43.98
CA GLU M 226 3.45 -5.10 43.46
C GLU M 226 3.51 -4.89 41.95
N SER M 227 4.61 -4.37 41.42
CA SER M 227 4.83 -4.28 39.99
C SER M 227 4.71 -5.62 39.29
N ARG M 228 5.14 -6.72 39.91
CA ARG M 228 4.93 -8.08 39.41
C ARG M 228 3.44 -8.41 39.32
N ILE M 229 2.65 -8.10 40.34
CA ILE M 229 1.22 -8.38 40.36
C ILE M 229 0.49 -7.49 39.36
N ARG M 230 0.81 -6.20 39.27
CA ARG M 230 -0.09 -5.23 38.63
C ARG M 230 0.40 -4.46 37.42
N ASP M 231 1.67 -4.18 37.21
CA ASP M 231 2.09 -3.49 35.98
C ASP M 231 1.99 -4.44 34.79
N THR M 232 1.58 -3.97 33.62
CA THR M 232 1.56 -4.79 32.41
C THR M 232 2.97 -5.21 32.09
N ASP M 233 3.19 -6.46 31.70
CA ASP M 233 4.36 -6.82 30.89
C ASP M 233 4.05 -6.49 29.42
N MET M 234 4.65 -5.44 28.86
CA MET M 234 4.23 -4.94 27.55
C MET M 234 4.63 -5.87 26.42
N ALA M 235 5.71 -6.61 26.60
CA ALA M 235 6.20 -7.63 25.70
C ALA M 235 5.14 -8.70 25.47
N GLU M 236 4.72 -9.33 26.56
CA GLU M 236 3.66 -10.33 26.63
C GLU M 236 2.32 -9.81 26.12
N GLU M 237 1.89 -8.65 26.59
CA GLU M 237 0.58 -8.13 26.25
C GLU M 237 0.47 -7.77 24.77
N MET M 238 1.55 -7.36 24.09
CA MET M 238 1.48 -7.11 22.65
C MET M 238 1.36 -8.40 21.81
N VAL M 239 1.71 -9.56 22.37
CA VAL M 239 1.35 -10.87 21.80
C VAL M 239 -0.16 -11.05 21.79
N GLU M 240 -0.79 -10.80 22.92
CA GLU M 240 -2.21 -11.03 23.13
C GLU M 240 -3.04 -9.94 22.47
N TYR M 241 -2.55 -8.71 22.39
CA TYR M 241 -3.14 -7.65 21.58
C TYR M 241 -3.17 -8.06 20.14
N SER M 242 -2.05 -8.54 19.62
CA SER M 242 -1.92 -8.80 18.20
C SER M 242 -2.60 -10.07 17.72
N LYS M 243 -2.73 -11.12 18.56
CA LYS M 243 -3.63 -12.26 18.26
C LYS M 243 -5.02 -11.77 17.97
N ASN M 244 -5.55 -10.92 18.86
CA ASN M 244 -6.90 -10.39 18.76
C ASN M 244 -7.03 -9.40 17.61
N ASN M 245 -5.99 -8.64 17.26
CA ASN M 245 -5.98 -7.82 16.07
C ASN M 245 -6.09 -8.64 14.78
N ILE M 246 -5.32 -9.73 14.63
CA ILE M 246 -5.48 -10.63 13.47
C ILE M 246 -6.84 -11.34 13.51
N LEU M 247 -7.25 -11.87 14.65
CA LEU M 247 -8.56 -12.51 14.76
C LEU M 247 -9.69 -11.56 14.43
N ALA M 248 -9.61 -10.29 14.80
CA ALA M 248 -10.64 -9.32 14.49
C ALA M 248 -10.76 -9.09 13.01
N GLN M 249 -9.63 -8.94 12.31
CA GLN M 249 -9.57 -8.85 10.85
C GLN M 249 -10.11 -10.12 10.18
N ALA M 250 -9.70 -11.31 10.60
CA ALA M 250 -10.22 -12.57 10.10
C ALA M 250 -11.72 -12.76 10.41
N GLY M 251 -12.21 -12.30 11.57
CA GLY M 251 -13.63 -12.25 11.89
C GLY M 251 -14.42 -11.31 10.98
N GLN M 252 -13.93 -10.09 10.76
CA GLN M 252 -14.55 -9.12 9.83
C GLN M 252 -14.53 -9.63 8.41
N SER M 253 -13.48 -10.36 8.01
CA SER M 253 -13.38 -11.05 6.73
C SER M 253 -14.46 -12.08 6.57
N MET M 254 -14.65 -12.91 7.60
CA MET M 254 -15.63 -13.99 7.56
C MET M 254 -17.04 -13.47 7.62
N LEU M 255 -17.32 -12.46 8.42
CA LEU M 255 -18.60 -11.79 8.39
C LEU M 255 -18.87 -11.12 7.04
N ALA M 256 -17.93 -10.37 6.47
CA ALA M 256 -18.08 -9.81 5.12
C ALA M 256 -18.29 -10.86 4.03
N GLN M 257 -17.65 -12.04 4.10
CA GLN M 257 -17.91 -13.17 3.21
C GLN M 257 -19.25 -13.81 3.45
N ALA M 258 -19.67 -13.96 4.71
CA ALA M 258 -20.92 -14.58 5.12
C ALA M 258 -22.15 -13.80 4.66
N ASN M 259 -22.09 -12.47 4.66
CA ASN M 259 -23.17 -11.63 4.16
C ASN M 259 -23.35 -11.70 2.64
N GLN M 260 -22.28 -11.97 1.91
CA GLN M 260 -22.33 -12.29 0.49
C GLN M 260 -22.82 -13.73 0.25
N SER M 261 -22.57 -14.64 1.19
CA SER M 261 -22.74 -16.10 1.08
C SER M 261 -24.18 -16.57 0.87
N THR M 262 -25.20 -15.72 1.01
CA THR M 262 -26.58 -16.06 0.61
C THR M 262 -27.07 -15.40 -0.66
N GLN M 263 -26.20 -14.77 -1.45
CA GLN M 263 -26.54 -14.37 -2.83
C GLN M 263 -26.74 -15.57 -3.75
N GLY M 264 -26.48 -16.78 -3.25
CA GLY M 264 -26.77 -18.04 -3.92
C GLY M 264 -28.25 -18.33 -4.16
N VAL M 265 -29.16 -17.66 -3.46
CA VAL M 265 -30.59 -17.94 -3.58
C VAL M 265 -31.16 -17.53 -4.92
N LEU M 266 -30.57 -16.56 -5.59
CA LEU M 266 -31.30 -15.72 -6.54
C LEU M 266 -31.40 -16.29 -7.95
N SER M 267 -30.52 -17.20 -8.34
CA SER M 267 -30.60 -17.95 -9.60
C SER M 267 -31.68 -19.04 -9.64
N LEU M 268 -32.23 -19.50 -8.51
CA LEU M 268 -32.86 -20.82 -8.37
C LEU M 268 -34.09 -21.17 -9.24
N LEU M 269 -34.98 -20.22 -9.51
CA LEU M 269 -35.82 -20.21 -10.73
C LEU M 269 -36.36 -18.78 -10.99
N GLN M 270 -35.64 -17.80 -10.42
CA GLN M 270 -36.11 -16.46 -10.12
C GLN M 270 -35.54 -15.41 -11.09
N MET N 1 -98.45 -36.96 -40.77
CA MET N 1 -97.92 -35.62 -40.41
C MET N 1 -99.01 -34.56 -40.54
N VAL N 2 -99.02 -33.56 -39.67
CA VAL N 2 -99.79 -32.34 -39.89
C VAL N 2 -98.94 -31.32 -40.62
N VAL N 3 -99.42 -30.81 -41.75
CA VAL N 3 -98.72 -29.77 -42.52
C VAL N 3 -98.80 -28.41 -41.84
N GLN N 4 -99.86 -28.21 -41.06
CA GLN N 4 -100.28 -26.90 -40.55
C GLN N 4 -99.53 -26.40 -39.30
N HIS N 5 -98.82 -27.25 -38.55
CA HIS N 5 -98.00 -26.84 -37.41
C HIS N 5 -96.82 -27.78 -37.28
N ASN N 6 -95.60 -27.31 -37.49
CA ASN N 6 -94.44 -28.17 -37.34
C ASN N 6 -94.01 -28.27 -35.88
N LEU N 7 -94.70 -29.10 -35.10
CA LEU N 7 -94.43 -29.25 -33.68
C LEU N 7 -93.12 -29.96 -33.36
N THR N 8 -92.57 -30.73 -34.30
CA THR N 8 -91.18 -31.19 -34.22
C THR N 8 -90.20 -30.02 -34.18
N ALA N 9 -90.46 -28.95 -34.93
CA ALA N 9 -89.59 -27.79 -35.01
C ALA N 9 -89.81 -26.83 -33.88
N MET N 10 -91.05 -26.58 -33.44
CA MET N 10 -91.31 -25.59 -32.38
C MET N 10 -90.67 -26.00 -31.06
N ASN N 11 -90.52 -27.29 -30.77
CA ASN N 11 -89.72 -27.78 -29.67
C ASN N 11 -88.21 -27.62 -29.90
N ALA N 12 -87.68 -27.90 -31.08
CA ALA N 12 -86.28 -27.61 -31.40
C ALA N 12 -85.99 -26.13 -31.22
N ASN N 13 -86.89 -25.26 -31.69
CA ASN N 13 -86.85 -23.83 -31.46
C ASN N 13 -86.89 -23.48 -29.98
N ARG N 14 -87.88 -23.92 -29.19
CA ARG N 14 -87.91 -23.60 -27.76
C ARG N 14 -86.67 -24.05 -27.03
N GLN N 15 -86.16 -25.24 -27.30
CA GLN N 15 -84.87 -25.69 -26.78
C GLN N 15 -83.68 -24.89 -27.27
N LEU N 16 -83.72 -24.36 -28.48
CA LEU N 16 -82.68 -23.47 -28.98
C LEU N 16 -82.71 -22.17 -28.21
N GLY N 17 -83.87 -21.59 -27.95
CA GLY N 17 -84.03 -20.44 -27.08
C GLY N 17 -83.46 -20.63 -25.67
N ILE N 18 -83.77 -21.72 -24.98
CA ILE N 18 -83.15 -22.03 -23.67
C ILE N 18 -81.62 -22.10 -23.78
N THR N 19 -81.07 -22.65 -24.86
CA THR N 19 -79.61 -22.77 -25.04
C THR N 19 -78.95 -21.43 -25.36
N THR N 20 -79.53 -20.60 -26.23
CA THR N 20 -79.00 -19.26 -26.52
C THR N 20 -79.22 -18.27 -25.38
N GLY N 21 -80.15 -18.54 -24.47
CA GLY N 21 -80.21 -17.88 -23.18
C GLY N 21 -79.03 -18.24 -22.30
N ALA N 22 -78.80 -19.53 -22.03
CA ALA N 22 -77.67 -19.95 -21.21
C ALA N 22 -76.32 -19.52 -21.80
N GLN N 23 -76.18 -19.44 -23.12
CA GLN N 23 -74.98 -18.93 -23.77
C GLN N 23 -74.72 -17.44 -23.51
N ALA N 24 -75.72 -16.56 -23.60
CA ALA N 24 -75.53 -15.13 -23.32
C ALA N 24 -75.31 -14.84 -21.83
N LYS N 25 -75.86 -15.65 -20.93
CA LYS N 25 -75.52 -15.66 -19.50
C LYS N 25 -74.05 -16.01 -19.25
N SER N 26 -73.51 -17.05 -19.89
CA SER N 26 -72.10 -17.44 -19.78
C SER N 26 -71.16 -16.40 -20.37
N SER N 27 -71.40 -15.97 -21.60
CA SER N 27 -70.53 -15.06 -22.35
C SER N 27 -70.28 -13.75 -21.62
N GLU N 28 -71.28 -13.23 -20.90
CA GLU N 28 -71.21 -12.04 -20.08
C GLU N 28 -70.23 -12.17 -18.92
N LYS N 29 -70.21 -13.32 -18.24
CA LYS N 29 -69.29 -13.64 -17.14
C LYS N 29 -67.86 -13.71 -17.62
N LEU N 30 -67.64 -14.16 -18.84
CA LEU N 30 -66.31 -14.22 -19.45
C LEU N 30 -65.84 -12.85 -19.93
N SER N 31 -66.70 -12.07 -20.59
CA SER N 31 -66.30 -10.76 -21.06
C SER N 31 -66.08 -9.74 -19.94
N SER N 32 -66.90 -9.77 -18.87
CA SER N 32 -66.70 -8.95 -17.68
C SER N 32 -65.72 -9.53 -16.67
N GLY N 33 -65.60 -10.85 -16.57
CA GLY N 33 -64.77 -11.50 -15.56
C GLY N 33 -65.38 -11.50 -14.18
N TYR N 34 -66.65 -11.09 -14.01
CA TYR N 34 -67.45 -11.26 -12.79
C TYR N 34 -68.52 -12.34 -12.99
N LYS N 35 -68.56 -13.29 -12.06
CA LYS N 35 -69.54 -14.36 -11.94
C LYS N 35 -70.94 -13.86 -11.62
N ILE N 36 -71.03 -12.69 -10.97
CA ILE N 36 -72.25 -12.02 -10.54
C ILE N 36 -72.26 -10.63 -11.15
N ASN N 37 -73.04 -10.40 -12.21
CA ASN N 37 -73.20 -9.10 -12.84
C ASN N 37 -74.51 -8.42 -12.40
N ARG N 38 -75.45 -9.20 -11.88
CA ARG N 38 -76.80 -8.77 -11.50
C ARG N 38 -77.32 -9.61 -10.34
N ALA N 39 -78.26 -9.12 -9.54
CA ALA N 39 -78.79 -9.90 -8.42
C ALA N 39 -79.41 -11.25 -8.83
N ALA N 40 -79.90 -11.36 -10.07
CA ALA N 40 -80.48 -12.58 -10.61
C ALA N 40 -79.47 -13.73 -10.81
N ASP N 41 -78.16 -13.45 -10.72
CA ASP N 41 -77.12 -14.47 -10.68
C ASP N 41 -77.00 -15.11 -9.29
N ASP N 42 -76.93 -14.29 -8.23
CA ASP N 42 -76.70 -14.72 -6.84
C ASP N 42 -77.01 -13.57 -5.85
N ALA N 43 -78.26 -13.42 -5.43
CA ALA N 43 -78.69 -12.27 -4.61
C ALA N 43 -77.96 -12.16 -3.26
N ALA N 44 -77.80 -13.27 -2.54
CA ALA N 44 -76.97 -13.27 -1.34
C ALA N 44 -75.50 -12.94 -1.63
N GLY N 45 -74.97 -13.36 -2.78
CA GLY N 45 -73.60 -13.10 -3.20
C GLY N 45 -73.36 -11.68 -3.69
N LEU N 46 -74.30 -11.05 -4.38
CA LEU N 46 -74.24 -9.63 -4.71
C LEU N 46 -74.22 -8.78 -3.45
N THR N 47 -75.20 -8.99 -2.57
CA THR N 47 -75.29 -8.40 -1.24
C THR N 47 -74.04 -8.62 -0.41
N ILE N 48 -73.56 -9.86 -0.24
CA ILE N 48 -72.37 -10.16 0.56
C ILE N 48 -71.14 -9.51 -0.06
N SER N 49 -71.01 -9.53 -1.37
CA SER N 49 -69.91 -8.88 -2.06
C SER N 49 -69.90 -7.40 -1.83
N GLU N 50 -71.01 -6.66 -1.95
CA GLU N 50 -70.99 -5.21 -1.67
C GLU N 50 -70.54 -4.90 -0.25
N LYS N 51 -70.92 -5.69 0.75
CA LYS N 51 -70.39 -5.55 2.11
C LYS N 51 -68.88 -5.72 2.12
N MET N 52 -68.36 -6.72 1.40
CA MET N 52 -66.92 -6.99 1.36
C MET N 52 -66.13 -6.00 0.51
N ARG N 53 -66.62 -5.58 -0.65
CA ARG N 53 -66.08 -4.49 -1.46
C ARG N 53 -65.99 -3.23 -0.64
N SER N 54 -67.06 -2.88 0.06
CA SER N 54 -67.13 -1.74 0.96
C SER N 54 -66.11 -1.85 2.08
N GLN N 55 -65.98 -3.01 2.70
CA GLN N 55 -64.93 -3.30 3.68
C GLN N 55 -63.53 -3.15 3.12
N VAL N 56 -63.21 -3.70 1.95
CA VAL N 56 -61.89 -3.58 1.31
C VAL N 56 -61.59 -2.14 0.97
N ARG N 57 -62.46 -1.44 0.21
CA ARG N 57 -62.27 -0.01 -0.09
C ARG N 57 -62.07 0.79 1.18
N GLY N 58 -62.85 0.53 2.22
CA GLY N 58 -62.74 1.22 3.49
C GLY N 58 -61.43 0.94 4.19
N LEU N 59 -61.06 -0.33 4.37
CA LEU N 59 -59.77 -0.79 4.92
C LEU N 59 -58.56 -0.25 4.17
N ASN N 60 -58.65 0.04 2.88
CA ASN N 60 -57.55 0.64 2.14
C ASN N 60 -57.42 2.14 2.40
N LYS N 61 -58.51 2.86 2.60
CA LYS N 61 -58.43 4.23 3.12
C LYS N 61 -57.98 4.23 4.57
N ALA N 62 -58.41 3.27 5.39
CA ALA N 62 -57.92 3.08 6.74
C ALA N 62 -56.42 2.81 6.81
N SER N 63 -55.89 2.01 5.90
CA SER N 63 -54.46 1.72 5.80
C SER N 63 -53.70 2.96 5.41
N ASP N 64 -54.18 3.73 4.43
CA ASP N 64 -53.61 5.00 4.02
C ASP N 64 -53.72 6.08 5.10
N ASN N 65 -54.81 6.15 5.85
CA ASN N 65 -54.96 7.06 6.98
C ASN N 65 -54.02 6.72 8.14
N ALA N 66 -53.73 5.46 8.39
CA ALA N 66 -52.72 5.07 9.37
C ALA N 66 -51.31 5.41 8.89
N GLN N 67 -51.06 5.50 7.58
CA GLN N 67 -49.81 5.99 7.04
C GLN N 67 -49.74 7.53 7.01
N ASP N 68 -50.80 8.24 6.67
CA ASP N 68 -50.94 9.69 6.93
C ASP N 68 -50.76 10.00 8.44
N GLY N 69 -51.23 9.14 9.34
CA GLY N 69 -50.94 9.17 10.75
C GLY N 69 -49.48 8.93 11.15
N VAL N 70 -48.83 7.89 10.64
CA VAL N 70 -47.39 7.64 10.85
C VAL N 70 -46.57 8.77 10.29
N SER N 71 -46.87 9.22 9.08
CA SER N 71 -46.18 10.30 8.44
C SER N 71 -46.26 11.60 9.21
N LEU N 72 -47.44 11.97 9.73
CA LEU N 72 -47.56 13.12 10.60
C LEU N 72 -46.70 12.95 11.85
N ILE N 73 -46.75 11.80 12.53
CA ILE N 73 -45.96 11.57 13.74
C ILE N 73 -44.50 11.76 13.47
N GLN N 74 -43.96 11.25 12.37
CA GLN N 74 -42.56 11.38 12.07
C GLN N 74 -42.09 12.81 11.89
N VAL N 75 -42.94 13.73 11.43
CA VAL N 75 -42.60 15.14 11.43
C VAL N 75 -42.42 15.66 12.86
N ALA N 76 -43.34 15.36 13.78
CA ALA N 76 -43.25 15.83 15.16
C ALA N 76 -42.09 15.17 15.91
N GLU N 77 -41.98 13.86 15.82
CA GLU N 77 -40.90 13.07 16.39
C GLU N 77 -39.53 13.45 15.82
N GLY N 78 -39.50 13.97 14.60
CA GLY N 78 -38.32 14.57 13.99
C GLY N 78 -38.02 15.97 14.50
N ALA N 79 -39.01 16.84 14.63
CA ALA N 79 -38.84 18.19 15.16
C ALA N 79 -38.34 18.19 16.60
N LEU N 80 -38.88 17.31 17.43
CA LEU N 80 -38.45 17.14 18.82
C LEU N 80 -37.08 16.50 18.93
N SER N 81 -36.56 15.92 17.85
CA SER N 81 -35.20 15.41 17.79
C SER N 81 -34.18 16.52 17.77
N GLU N 82 -34.54 17.72 17.32
CA GLU N 82 -33.69 18.90 17.45
C GLU N 82 -34.00 19.66 18.70
N THR N 83 -35.21 19.61 19.26
CA THR N 83 -35.41 20.12 20.61
C THR N 83 -34.49 19.41 21.60
N HIS N 84 -34.26 18.11 21.48
CA HIS N 84 -33.17 17.50 22.22
C HIS N 84 -31.81 18.10 21.93
N SER N 85 -31.35 18.22 20.69
CA SER N 85 -30.08 18.87 20.38
C SER N 85 -29.96 20.27 21.00
N ILE N 86 -31.03 21.05 21.00
CA ILE N 86 -31.07 22.37 21.65
C ILE N 86 -31.04 22.26 23.17
N LEU N 87 -31.81 21.40 23.82
CA LEU N 87 -31.80 21.26 25.27
C LEU N 87 -30.54 20.60 25.82
N GLN N 88 -29.94 19.65 25.11
CA GLN N 88 -28.65 19.05 25.45
C GLN N 88 -27.56 20.13 25.44
N ARG N 89 -27.65 21.07 24.51
CA ARG N 89 -26.81 22.27 24.43
C ARG N 89 -27.14 23.25 25.54
N MET N 90 -28.40 23.53 25.84
CA MET N 90 -28.74 24.48 26.93
C MET N 90 -28.34 23.94 28.29
N ASN N 91 -28.44 22.65 28.56
CA ASN N 91 -27.95 22.05 29.79
C ASN N 91 -26.43 22.23 30.00
N GLU N 92 -25.66 21.95 28.96
CA GLU N 92 -24.22 22.02 28.90
C GLU N 92 -23.73 23.45 28.99
N LEU N 93 -24.41 24.38 28.36
CA LEU N 93 -24.12 25.80 28.52
C LEU N 93 -24.40 26.24 29.94
N ALA N 94 -25.56 25.91 30.49
CA ALA N 94 -25.88 26.27 31.86
C ALA N 94 -24.89 25.64 32.86
N THR N 95 -24.43 24.41 32.64
CA THR N 95 -23.37 23.78 33.43
C THR N 95 -22.07 24.55 33.38
N GLN N 96 -21.68 25.07 32.23
CA GLN N 96 -20.51 25.94 32.09
C GLN N 96 -20.69 27.27 32.82
N ALA N 97 -21.83 27.92 32.66
CA ALA N 97 -22.12 29.20 33.31
C ALA N 97 -22.32 29.09 34.83
N ALA N 98 -22.58 27.92 35.39
CA ALA N 98 -22.65 27.79 36.82
C ALA N 98 -21.29 27.99 37.48
N ASN N 99 -20.17 27.76 36.82
CA ASN N 99 -18.87 27.83 37.45
C ASN N 99 -18.50 29.24 37.88
N ASP N 100 -18.32 29.54 39.18
CA ASP N 100 -17.79 30.83 39.66
C ASP N 100 -16.28 31.01 39.39
N THR N 101 -15.89 30.84 38.13
CA THR N 101 -14.74 31.51 37.53
C THR N 101 -15.19 32.48 36.43
N ASN N 102 -16.34 32.26 35.80
CA ASN N 102 -16.93 33.18 34.82
C ASN N 102 -17.22 34.53 35.46
N THR N 103 -16.66 35.63 34.96
CA THR N 103 -17.13 36.95 35.42
C THR N 103 -18.37 37.32 34.63
N THR N 104 -18.94 38.49 34.89
CA THR N 104 -20.21 38.91 34.31
C THR N 104 -20.17 38.85 32.78
N SER N 105 -19.14 39.40 32.15
CA SER N 105 -19.02 39.41 30.68
C SER N 105 -19.00 38.03 30.01
N ASP N 106 -18.65 36.98 30.74
CA ASP N 106 -18.64 35.59 30.25
C ASP N 106 -19.97 34.91 30.41
N ARG N 107 -20.74 35.25 31.46
CA ARG N 107 -22.11 34.75 31.61
C ARG N 107 -23.10 35.48 30.75
N THR N 108 -22.89 36.74 30.38
CA THR N 108 -23.67 37.32 29.27
C THR N 108 -23.27 36.70 27.94
N ALA N 109 -22.00 36.38 27.70
CA ALA N 109 -21.63 35.58 26.54
C ALA N 109 -22.27 34.17 26.50
N VAL N 110 -22.47 33.49 27.63
CA VAL N 110 -23.32 32.28 27.67
C VAL N 110 -24.78 32.62 27.42
N GLN N 111 -25.29 33.63 28.10
CA GLN N 111 -26.69 34.02 28.02
C GLN N 111 -27.11 34.36 26.60
N GLN N 112 -26.27 34.97 25.77
CA GLN N 112 -26.62 35.22 24.36
C GLN N 112 -27.07 33.94 23.68
N GLU N 113 -26.41 32.81 23.90
CA GLU N 113 -26.80 31.53 23.32
C GLU N 113 -27.99 30.92 24.04
N ILE N 114 -28.10 31.01 25.36
CA ILE N 114 -29.25 30.47 26.08
C ILE N 114 -30.55 31.24 25.77
N ASN N 115 -30.50 32.53 25.44
CA ASN N 115 -31.62 33.24 24.84
C ASN N 115 -31.86 32.83 23.37
N GLN N 116 -30.85 32.87 22.50
CA GLN N 116 -31.00 32.52 21.09
C GLN N 116 -31.54 31.11 20.88
N LEU N 117 -31.08 30.13 21.66
CA LEU N 117 -31.56 28.75 21.63
C LEU N 117 -32.96 28.59 22.18
N ALA N 118 -33.39 29.34 23.18
CA ALA N 118 -34.77 29.29 23.64
C ALA N 118 -35.74 29.92 22.62
N SER N 119 -35.36 31.01 21.95
CA SER N 119 -36.09 31.46 20.74
C SER N 119 -36.15 30.35 19.70
N GLU N 120 -35.14 29.48 19.62
CA GLU N 120 -35.15 28.38 18.68
C GLU N 120 -36.13 27.30 19.05
N ILE N 121 -36.21 26.87 20.31
CA ILE N 121 -37.24 25.93 20.77
C ILE N 121 -38.66 26.44 20.50
N THR N 122 -38.95 27.71 20.75
CA THR N 122 -40.21 28.31 20.31
C THR N 122 -40.34 28.32 18.79
N ARG N 123 -39.30 28.62 18.00
CA ARG N 123 -39.38 28.57 16.55
C ARG N 123 -39.67 27.18 16.03
N ILE N 124 -39.03 26.12 16.53
CA ILE N 124 -39.37 24.73 16.19
C ILE N 124 -40.84 24.49 16.51
N ALA N 125 -41.33 24.85 17.69
CA ALA N 125 -42.71 24.58 18.09
C ALA N 125 -43.78 25.33 17.27
N SER N 126 -43.64 26.64 17.06
CA SER N 126 -44.62 27.40 16.30
C SER N 126 -44.50 27.20 14.79
N THR N 127 -43.42 26.62 14.31
CA THR N 127 -43.18 26.42 12.87
C THR N 127 -43.41 24.99 12.38
N THR N 128 -43.09 23.93 13.13
CA THR N 128 -43.26 22.59 12.57
C THR N 128 -44.72 22.26 12.36
N GLN N 129 -45.07 22.05 11.10
CA GLN N 129 -46.41 21.79 10.65
C GLN N 129 -46.40 20.57 9.74
N PHE N 130 -47.56 19.97 9.56
CA PHE N 130 -47.82 18.98 8.54
C PHE N 130 -49.14 19.37 7.94
N ASN N 131 -49.23 19.50 6.62
CA ASN N 131 -50.48 19.82 5.94
C ASN N 131 -51.13 21.14 6.45
N THR N 132 -50.34 22.17 6.74
CA THR N 132 -50.74 23.46 7.38
C THR N 132 -51.26 23.42 8.82
N MET N 133 -51.17 22.30 9.53
CA MET N 133 -51.55 22.21 10.96
C MET N 133 -50.30 22.26 11.83
N ASN N 134 -50.23 23.07 12.89
CA ASN N 134 -49.11 22.98 13.83
C ASN N 134 -49.16 21.66 14.62
N LEU N 135 -48.03 21.00 14.80
CA LEU N 135 -48.00 19.68 15.45
C LEU N 135 -47.63 19.70 16.94
N ILE N 136 -46.71 20.55 17.37
CA ILE N 136 -46.12 20.53 18.72
C ILE N 136 -46.17 21.91 19.39
N ASP N 137 -47.13 22.76 19.03
CA ASP N 137 -47.44 23.97 19.77
C ASP N 137 -48.45 23.73 20.91
N GLY N 138 -48.94 22.50 21.07
CA GLY N 138 -49.97 22.15 22.03
C GLY N 138 -51.39 22.30 21.52
N ASN N 139 -51.59 22.57 20.23
CA ASN N 139 -52.91 22.55 19.59
C ASN N 139 -53.24 21.23 18.90
N PHE N 140 -52.31 20.30 18.77
CA PHE N 140 -52.58 18.97 18.23
C PHE N 140 -53.13 18.06 19.33
N THR N 141 -54.18 18.52 20.00
CA THR N 141 -54.89 17.79 21.06
C THR N 141 -56.14 17.18 20.51
N SER N 142 -56.49 15.97 20.93
CA SER N 142 -57.74 15.29 20.58
C SER N 142 -58.01 15.16 19.08
N LYS N 143 -56.99 14.86 18.25
CA LYS N 143 -57.16 14.69 16.80
C LYS N 143 -57.28 13.21 16.48
N LYS N 144 -58.37 12.73 15.88
CA LYS N 144 -58.61 11.29 15.70
C LYS N 144 -58.31 10.84 14.27
N LEU N 145 -57.42 9.86 14.11
CA LEU N 145 -57.27 9.08 12.88
C LEU N 145 -58.40 8.05 12.79
N GLN N 146 -59.03 7.88 11.63
CA GLN N 146 -59.99 6.81 11.35
C GLN N 146 -59.26 5.58 10.79
N VAL N 147 -58.96 4.58 11.62
CA VAL N 147 -58.14 3.42 11.23
C VAL N 147 -58.95 2.13 11.08
N GLY N 148 -60.15 2.23 10.55
CA GLY N 148 -60.91 1.09 10.06
C GLY N 148 -62.02 1.47 9.10
N SER N 149 -62.77 0.48 8.66
CA SER N 149 -63.85 0.65 7.70
C SER N 149 -65.14 1.28 8.25
N LEU N 150 -65.39 1.24 9.55
CA LEU N 150 -66.65 1.61 10.18
C LEU N 150 -66.57 2.92 10.93
N CYS N 151 -67.71 3.57 11.19
CA CYS N 151 -67.82 4.81 11.94
C CYS N 151 -66.98 4.75 13.24
N GLY N 152 -66.05 5.68 13.40
CA GLY N 152 -65.38 5.91 14.69
C GLY N 152 -64.53 4.76 15.21
N GLN N 153 -63.80 4.04 14.35
CA GLN N 153 -62.74 3.11 14.74
C GLN N 153 -61.40 3.85 14.86
N ALA N 154 -61.32 4.74 15.84
CA ALA N 154 -60.30 5.76 15.95
C ALA N 154 -58.94 5.29 16.50
N ILE N 155 -57.92 6.12 16.32
CA ILE N 155 -56.73 6.23 17.18
C ILE N 155 -56.57 7.73 17.49
N THR N 156 -56.17 8.14 18.68
CA THR N 156 -56.14 9.56 19.05
C THR N 156 -54.71 10.08 19.09
N ILE N 157 -54.45 11.19 18.42
CA ILE N 157 -53.17 11.90 18.45
C ILE N 157 -53.32 13.13 19.33
N ASP N 158 -52.41 13.26 20.29
CA ASP N 158 -52.54 14.19 21.40
C ASP N 158 -51.12 14.56 21.84
N ILE N 159 -50.67 15.79 21.58
CA ILE N 159 -49.27 16.19 21.69
C ILE N 159 -49.13 17.42 22.59
N SER N 160 -48.46 17.34 23.74
CA SER N 160 -48.32 18.49 24.66
C SER N 160 -47.51 19.62 24.03
N ASP N 161 -47.63 20.85 24.55
CA ASP N 161 -46.88 22.01 24.07
C ASP N 161 -45.37 21.85 24.27
N MET N 162 -44.58 22.00 23.21
CA MET N 162 -43.14 21.85 23.20
C MET N 162 -42.40 23.17 22.97
N SER N 163 -43.06 24.31 23.10
CA SER N 163 -42.46 25.64 23.09
C SER N 163 -41.50 25.86 24.27
N ALA N 164 -40.67 26.90 24.27
CA ALA N 164 -39.82 27.17 25.43
C ALA N 164 -40.63 27.47 26.70
N THR N 165 -41.81 28.06 26.56
CA THR N 165 -42.79 28.19 27.64
C THR N 165 -43.32 26.83 28.08
N GLY N 166 -43.75 25.97 27.15
CA GLY N 166 -44.35 24.67 27.47
C GLY N 166 -43.41 23.74 28.23
N LEU N 167 -42.11 23.89 28.01
CA LEU N 167 -41.05 23.09 28.62
C LEU N 167 -40.38 23.79 29.80
N GLY N 168 -40.77 25.01 30.13
CA GLY N 168 -40.24 25.76 31.28
C GLY N 168 -38.86 26.37 31.07
N VAL N 169 -38.35 26.38 29.84
CA VAL N 169 -37.06 26.96 29.46
C VAL N 169 -37.18 28.37 28.87
N SER N 170 -38.35 28.99 28.90
CA SER N 170 -38.50 30.43 28.70
C SER N 170 -37.75 31.15 29.79
N GLY N 171 -36.82 32.03 29.43
CA GLY N 171 -36.09 32.82 30.40
C GLY N 171 -35.28 32.04 31.42
N LEU N 172 -34.43 31.10 30.98
CA LEU N 172 -33.36 30.54 31.78
C LEU N 172 -32.31 31.61 32.06
N VAL N 173 -31.99 31.92 33.31
CA VAL N 173 -31.04 32.97 33.70
C VAL N 173 -29.79 32.33 34.24
N VAL N 174 -28.60 32.60 33.67
CA VAL N 174 -27.36 31.88 34.04
C VAL N 174 -26.26 32.76 34.61
N SER N 175 -26.63 33.92 35.15
CA SER N 175 -25.71 34.98 35.55
C SER N 175 -25.06 34.81 36.92
N SER N 176 -25.37 33.73 37.65
CA SER N 176 -24.76 33.36 38.94
C SER N 176 -24.86 31.85 39.16
N PHE N 177 -24.11 31.26 40.09
CA PHE N 177 -24.17 29.81 40.35
C PHE N 177 -25.59 29.33 40.67
N SER N 178 -26.31 30.05 41.52
CA SER N 178 -27.66 29.67 41.92
C SER N 178 -28.66 29.66 40.76
N ALA N 179 -28.79 30.75 40.00
CA ALA N 179 -29.69 30.77 38.86
C ALA N 179 -29.22 29.85 37.72
N ALA N 180 -27.91 29.73 37.48
CA ALA N 180 -27.37 28.78 36.53
C ALA N 180 -27.60 27.31 36.91
N GLY N 181 -27.65 26.94 38.18
CA GLY N 181 -28.14 25.64 38.60
C GLY N 181 -29.66 25.47 38.46
N LYS N 182 -30.45 26.53 38.65
CA LYS N 182 -31.89 26.52 38.34
C LYS N 182 -32.15 26.37 36.85
N ALA N 183 -31.30 26.92 35.99
CA ALA N 183 -31.29 26.69 34.56
C ALA N 183 -30.90 25.27 34.19
N MET N 184 -29.92 24.65 34.86
CA MET N 184 -29.57 23.24 34.66
C MET N 184 -30.73 22.32 35.00
N SER N 185 -31.39 22.54 36.14
CA SER N 185 -32.60 21.83 36.57
C SER N 185 -33.70 21.96 35.52
N ALA N 186 -34.05 23.16 35.06
CA ALA N 186 -35.02 23.31 33.97
C ALA N 186 -34.61 22.62 32.67
N ALA N 187 -33.37 22.73 32.21
CA ALA N 187 -32.94 22.11 30.95
C ALA N 187 -32.94 20.57 31.02
N GLN N 188 -32.64 19.99 32.17
CA GLN N 188 -32.75 18.55 32.40
C GLN N 188 -34.19 18.07 32.53
N ASP N 189 -35.05 18.80 33.25
CA ASP N 189 -36.48 18.55 33.25
C ASP N 189 -37.07 18.64 31.85
N ALA N 190 -36.73 19.64 31.04
CA ALA N 190 -37.16 19.72 29.66
C ALA N 190 -36.67 18.55 28.82
N ILE N 191 -35.43 18.08 28.97
CA ILE N 191 -34.99 16.83 28.33
C ILE N 191 -35.89 15.68 28.75
N SER N 192 -36.30 15.61 30.02
CA SER N 192 -37.22 14.60 30.54
C SER N 192 -38.65 14.77 30.00
N TYR N 193 -39.15 15.98 29.80
CA TYR N 193 -40.44 16.25 29.15
C TYR N 193 -40.42 15.88 27.67
N VAL N 194 -39.38 16.23 26.93
CA VAL N 194 -39.31 15.89 25.51
C VAL N 194 -39.07 14.39 25.34
N SER N 195 -38.29 13.74 26.19
CA SER N 195 -38.19 12.28 26.23
C SER N 195 -39.53 11.60 26.45
N SER N 196 -40.37 12.08 27.36
CA SER N 196 -41.69 11.47 27.60
C SER N 196 -42.67 11.75 26.47
N MET N 197 -42.60 12.91 25.82
CA MET N 197 -43.40 13.19 24.64
C MET N 197 -43.02 12.32 23.44
N ARG N 198 -41.72 12.17 23.19
CA ARG N 198 -41.21 11.27 22.18
C ARG N 198 -41.44 9.81 22.56
N SER N 199 -41.53 9.47 23.83
CA SER N 199 -42.01 8.15 24.22
C SER N 199 -43.45 7.92 23.78
N LYS N 200 -44.38 8.87 23.99
CA LYS N 200 -45.75 8.76 23.50
C LYS N 200 -45.80 8.63 21.98
N LEU N 201 -45.14 9.50 21.23
CA LEU N 201 -45.07 9.38 19.77
C LEU N 201 -44.36 8.12 19.28
N GLY N 202 -43.47 7.53 20.06
CA GLY N 202 -42.82 6.27 19.73
C GLY N 202 -43.78 5.10 19.87
N ALA N 203 -44.34 4.92 21.07
CA ALA N 203 -45.34 3.90 21.33
C ALA N 203 -46.57 3.99 20.43
N LEU N 204 -46.98 5.20 20.05
CA LEU N 204 -48.05 5.46 19.09
C LEU N 204 -47.69 5.01 17.69
N GLN N 205 -46.48 5.21 17.23
CA GLN N 205 -46.06 4.71 15.92
C GLN N 205 -45.85 3.20 15.93
N ASN N 206 -45.51 2.60 17.07
CA ASN N 206 -45.62 1.17 17.24
C ASN N 206 -47.07 0.71 17.03
N ARG N 207 -48.11 1.34 17.61
CA ARG N 207 -49.49 0.96 17.30
C ARG N 207 -49.78 1.00 15.82
N LEU N 208 -49.40 2.06 15.11
CA LEU N 208 -49.73 2.21 13.71
C LEU N 208 -48.94 1.29 12.79
N GLU N 209 -47.68 0.96 13.04
CA GLU N 209 -47.02 -0.05 12.21
C GLU N 209 -47.71 -1.42 12.36
N HIS N 210 -48.21 -1.73 13.55
CA HIS N 210 -49.03 -2.92 13.79
C HIS N 210 -50.41 -2.83 13.15
N THR N 211 -51.11 -1.71 13.25
CA THR N 211 -52.37 -1.47 12.57
C THR N 211 -52.24 -1.55 11.06
N ILE N 212 -51.20 -0.99 10.44
CA ILE N 212 -51.00 -1.13 8.98
C ILE N 212 -50.72 -2.60 8.64
N SER N 213 -49.89 -3.31 9.40
CA SER N 213 -49.66 -4.75 9.20
C SER N 213 -50.93 -5.60 9.32
N ASN N 214 -51.87 -5.17 10.14
CA ASN N 214 -53.17 -5.79 10.35
C ASN N 214 -54.17 -5.44 9.25
N LEU N 215 -54.40 -4.17 8.93
CA LEU N 215 -55.41 -3.77 7.94
C LEU N 215 -55.03 -4.29 6.57
N ASP N 216 -53.75 -4.28 6.21
CA ASP N 216 -53.27 -4.76 4.92
C ASP N 216 -53.49 -6.25 4.73
N ASN N 217 -53.37 -7.03 5.79
CA ASN N 217 -53.69 -8.44 5.83
C ASN N 217 -55.20 -8.65 5.79
N ILE N 218 -56.03 -7.97 6.59
CA ILE N 218 -57.49 -8.07 6.49
C ILE N 218 -57.99 -7.62 5.11
N SER N 219 -57.42 -6.58 4.53
CA SER N 219 -57.74 -6.13 3.18
C SER N 219 -57.41 -7.20 2.14
N GLU N 220 -56.26 -7.88 2.22
CA GLU N 220 -55.94 -9.02 1.37
C GLU N 220 -56.92 -10.17 1.57
N ASN N 221 -57.24 -10.52 2.81
CA ASN N 221 -58.09 -11.65 3.11
C ASN N 221 -59.56 -11.43 2.80
N THR N 222 -60.10 -10.23 2.99
CA THR N 222 -61.43 -9.89 2.49
C THR N 222 -61.45 -9.58 1.01
N SER N 223 -60.35 -9.21 0.37
CA SER N 223 -60.28 -9.19 -1.10
C SER N 223 -60.36 -10.59 -1.64
N SER N 224 -59.60 -11.50 -1.06
CA SER N 224 -59.57 -12.92 -1.35
C SER N 224 -60.94 -13.56 -1.19
N ALA N 225 -61.61 -13.32 -0.06
CA ALA N 225 -62.98 -13.75 0.13
C ALA N 225 -63.92 -13.18 -0.92
N GLU N 226 -64.00 -11.87 -1.13
CA GLU N 226 -64.94 -11.30 -2.09
C GLU N 226 -64.72 -11.75 -3.52
N SER N 227 -63.47 -11.84 -3.96
CA SER N 227 -63.09 -12.41 -5.25
C SER N 227 -63.61 -13.83 -5.44
N ARG N 228 -63.74 -14.62 -4.36
CA ARG N 228 -64.33 -15.96 -4.41
C ARG N 228 -65.82 -15.91 -4.70
N ILE N 229 -66.52 -14.96 -4.09
CA ILE N 229 -67.95 -14.78 -4.29
C ILE N 229 -68.16 -14.23 -5.70
N ARG N 230 -67.51 -13.12 -6.08
CA ARG N 230 -67.89 -12.40 -7.30
C ARG N 230 -67.11 -12.69 -8.56
N ASP N 231 -65.83 -13.00 -8.59
CA ASP N 231 -65.10 -13.10 -9.87
C ASP N 231 -65.37 -14.39 -10.65
N THR N 232 -65.41 -14.32 -11.97
CA THR N 232 -65.52 -15.50 -12.83
C THR N 232 -64.26 -16.32 -12.70
N ASP N 233 -64.39 -17.60 -12.35
CA ASP N 233 -63.29 -18.54 -12.54
C ASP N 233 -63.26 -18.92 -14.01
N MET N 234 -62.30 -18.40 -14.75
CA MET N 234 -62.36 -18.42 -16.21
C MET N 234 -62.25 -19.81 -16.80
N ALA N 235 -61.66 -20.73 -16.06
CA ALA N 235 -61.55 -22.14 -16.38
C ALA N 235 -62.90 -22.84 -16.26
N GLU N 236 -63.56 -22.75 -15.12
CA GLU N 236 -64.90 -23.30 -14.90
C GLU N 236 -65.93 -22.68 -15.84
N GLU N 237 -65.90 -21.38 -16.07
CA GLU N 237 -66.85 -20.75 -16.97
C GLU N 237 -66.60 -21.03 -18.44
N MET N 238 -65.37 -21.31 -18.85
CA MET N 238 -65.10 -21.75 -20.22
C MET N 238 -65.47 -23.20 -20.48
N VAL N 239 -65.45 -24.05 -19.44
CA VAL N 239 -66.13 -25.35 -19.44
C VAL N 239 -67.63 -25.21 -19.69
N GLU N 240 -68.31 -24.24 -19.08
CA GLU N 240 -69.75 -24.06 -19.28
C GLU N 240 -70.07 -23.39 -20.61
N TYR N 241 -69.29 -22.41 -21.03
CA TYR N 241 -69.54 -21.68 -22.27
C TYR N 241 -69.41 -22.55 -23.50
N SER N 242 -68.42 -23.44 -23.51
CA SER N 242 -68.25 -24.35 -24.62
C SER N 242 -69.37 -25.38 -24.74
N LYS N 243 -69.91 -25.89 -23.62
CA LYS N 243 -71.11 -26.74 -23.64
C LYS N 243 -72.25 -26.05 -24.37
N ASN N 244 -72.56 -24.81 -24.01
CA ASN N 244 -73.71 -24.09 -24.55
C ASN N 244 -73.49 -23.70 -25.98
N ASN N 245 -72.28 -23.31 -26.36
CA ASN N 245 -71.94 -23.08 -27.74
C ASN N 245 -72.19 -24.34 -28.58
N ILE N 246 -71.66 -25.50 -28.19
CA ILE N 246 -71.89 -26.75 -28.93
C ILE N 246 -73.37 -27.19 -28.89
N LEU N 247 -74.11 -26.98 -27.80
CA LEU N 247 -75.55 -27.18 -27.80
C LEU N 247 -76.29 -26.21 -28.73
N ALA N 248 -75.85 -24.98 -28.89
CA ALA N 248 -76.51 -24.07 -29.80
C ALA N 248 -76.33 -24.55 -31.22
N GLN N 249 -75.12 -25.00 -31.58
CA GLN N 249 -74.82 -25.56 -32.89
C GLN N 249 -75.56 -26.86 -33.17
N ALA N 250 -75.68 -27.75 -32.18
CA ALA N 250 -76.49 -28.93 -32.28
C ALA N 250 -77.98 -28.58 -32.42
N GLY N 251 -78.53 -27.68 -31.60
CA GLY N 251 -79.93 -27.29 -31.66
C GLY N 251 -80.31 -26.50 -32.90
N GLN N 252 -79.39 -25.71 -33.47
CA GLN N 252 -79.53 -25.12 -34.81
C GLN N 252 -79.62 -26.20 -35.85
N SER N 253 -78.68 -27.14 -35.88
CA SER N 253 -78.66 -28.25 -36.83
C SER N 253 -79.91 -29.09 -36.75
N MET N 254 -80.42 -29.25 -35.53
CA MET N 254 -81.63 -30.00 -35.24
C MET N 254 -82.92 -29.26 -35.55
N LEU N 255 -82.91 -27.93 -35.52
CA LEU N 255 -83.98 -27.11 -36.04
C LEU N 255 -83.95 -27.03 -37.57
N ALA N 256 -82.78 -26.89 -38.20
CA ALA N 256 -82.64 -26.91 -39.64
C ALA N 256 -83.16 -28.21 -40.24
N GLN N 257 -82.88 -29.36 -39.62
CA GLN N 257 -83.51 -30.64 -39.92
C GLN N 257 -84.99 -30.70 -39.57
N ALA N 258 -85.42 -30.20 -38.42
CA ALA N 258 -86.84 -30.22 -38.04
C ALA N 258 -87.74 -29.36 -38.95
N ASN N 259 -87.23 -28.33 -39.60
CA ASN N 259 -87.98 -27.65 -40.65
C ASN N 259 -88.14 -28.49 -41.93
N GLN N 260 -87.25 -29.45 -42.21
CA GLN N 260 -87.46 -30.42 -43.27
C GLN N 260 -88.45 -31.54 -42.90
N SER N 261 -88.78 -31.72 -41.62
CA SER N 261 -89.62 -32.82 -41.12
C SER N 261 -90.96 -32.90 -41.86
N THR N 262 -91.58 -31.75 -42.17
CA THR N 262 -92.83 -31.66 -42.94
C THR N 262 -92.72 -31.84 -44.46
N GLN N 263 -91.53 -31.94 -45.05
CA GLN N 263 -91.37 -32.05 -46.51
C GLN N 263 -92.08 -33.28 -47.07
N GLY N 264 -92.19 -34.34 -46.27
CA GLY N 264 -92.70 -35.63 -46.70
C GLY N 264 -94.14 -35.58 -47.20
N VAL N 265 -94.87 -34.51 -46.90
CA VAL N 265 -96.27 -34.39 -47.34
C VAL N 265 -96.37 -34.13 -48.83
N LEU N 266 -95.40 -33.46 -49.48
CA LEU N 266 -95.51 -33.09 -50.89
C LEU N 266 -95.73 -34.28 -51.83
N SER N 267 -94.97 -35.35 -51.62
CA SER N 267 -95.01 -36.56 -52.44
C SER N 267 -96.24 -37.45 -52.19
N LEU N 268 -97.00 -37.15 -51.14
CA LEU N 268 -98.08 -37.98 -50.62
C LEU N 268 -99.37 -37.90 -51.47
N LEU N 269 -99.31 -38.42 -52.69
CA LEU N 269 -100.44 -38.51 -53.64
C LEU N 269 -100.98 -37.13 -54.10
N GLN N 270 -100.25 -36.07 -53.75
CA GLN N 270 -100.49 -34.68 -54.15
C GLN N 270 -99.80 -34.36 -55.49
N MET O 1 -101.41 -17.44 -57.50
CA MET O 1 -100.42 -16.32 -57.43
C MET O 1 -100.30 -15.56 -58.75
N VAL O 2 -99.91 -14.28 -58.70
CA VAL O 2 -99.64 -13.46 -59.89
C VAL O 2 -98.31 -13.85 -60.51
N VAL O 3 -98.25 -13.95 -61.84
CA VAL O 3 -97.03 -14.38 -62.54
C VAL O 3 -96.18 -13.23 -63.03
N GLN O 4 -96.80 -12.09 -63.37
CA GLN O 4 -96.16 -11.00 -64.11
C GLN O 4 -95.29 -10.06 -63.26
N HIS O 5 -95.34 -10.13 -61.93
CA HIS O 5 -94.48 -9.39 -61.01
C HIS O 5 -94.24 -10.23 -59.77
N ASN O 6 -93.01 -10.52 -59.39
CA ASN O 6 -92.75 -11.25 -58.17
C ASN O 6 -92.57 -10.30 -57.00
N LEU O 7 -93.67 -9.82 -56.41
CA LEU O 7 -93.61 -8.81 -55.36
C LEU O 7 -93.08 -9.31 -54.02
N THR O 8 -93.05 -10.62 -53.81
CA THR O 8 -92.27 -11.23 -52.72
C THR O 8 -90.78 -10.97 -52.91
N ALA O 9 -90.27 -11.08 -54.12
CA ALA O 9 -88.86 -10.95 -54.43
C ALA O 9 -88.40 -9.52 -54.48
N MET O 10 -89.20 -8.62 -55.05
CA MET O 10 -88.85 -7.21 -55.16
C MET O 10 -88.70 -6.54 -53.78
N ASN O 11 -89.37 -7.01 -52.72
CA ASN O 11 -89.05 -6.63 -51.35
C ASN O 11 -87.74 -7.25 -50.85
N ALA O 12 -87.49 -8.54 -51.07
CA ALA O 12 -86.22 -9.16 -50.72
C ALA O 12 -85.04 -8.46 -51.40
N ASN O 13 -85.21 -8.00 -52.64
CA ASN O 13 -84.30 -7.12 -53.35
C ASN O 13 -84.15 -5.75 -52.68
N ARG O 14 -85.23 -5.01 -52.41
CA ARG O 14 -85.14 -3.73 -51.70
C ARG O 14 -84.42 -3.86 -50.37
N GLN O 15 -84.77 -4.85 -49.57
CA GLN O 15 -84.11 -5.15 -48.30
C GLN O 15 -82.67 -5.59 -48.45
N LEU O 16 -82.33 -6.34 -49.50
CA LEU O 16 -80.96 -6.69 -49.76
C LEU O 16 -80.16 -5.44 -50.08
N GLY O 17 -80.72 -4.51 -50.85
CA GLY O 17 -80.16 -3.18 -51.09
C GLY O 17 -79.83 -2.39 -49.82
N ILE O 18 -80.75 -2.25 -48.85
CA ILE O 18 -80.46 -1.59 -47.56
C ILE O 18 -79.29 -2.26 -46.82
N THR O 19 -79.13 -3.58 -46.94
CA THR O 19 -78.07 -4.27 -46.25
C THR O 19 -76.74 -4.18 -46.97
N THR O 20 -76.69 -4.37 -48.28
CA THR O 20 -75.47 -4.18 -49.09
C THR O 20 -75.06 -2.72 -49.19
N GLY O 21 -75.95 -1.78 -48.90
CA GLY O 21 -75.64 -0.38 -48.66
C GLY O 21 -74.95 -0.19 -47.33
N ALA O 22 -75.62 -0.52 -46.23
CA ALA O 22 -75.08 -0.35 -44.87
C ALA O 22 -73.76 -1.10 -44.66
N GLN O 23 -73.56 -2.25 -45.28
CA GLN O 23 -72.29 -2.97 -45.26
C GLN O 23 -71.12 -2.19 -45.89
N ALA O 24 -71.31 -1.48 -47.01
CA ALA O 24 -70.24 -0.66 -47.59
C ALA O 24 -69.96 0.61 -46.76
N LYS O 25 -70.97 1.18 -46.11
CA LYS O 25 -70.78 2.30 -45.16
C LYS O 25 -70.05 1.89 -43.90
N SER O 26 -70.21 0.65 -43.42
CA SER O 26 -69.38 0.04 -42.36
C SER O 26 -67.98 -0.30 -42.82
N SER O 27 -67.80 -1.02 -43.93
CA SER O 27 -66.48 -1.48 -44.39
C SER O 27 -65.52 -0.32 -44.63
N GLU O 28 -66.03 0.83 -45.08
CA GLU O 28 -65.27 2.06 -45.25
C GLU O 28 -64.64 2.53 -43.94
N LYS O 29 -65.34 2.42 -42.80
CA LYS O 29 -64.86 2.81 -41.47
C LYS O 29 -63.79 1.87 -40.96
N LEU O 30 -63.87 0.59 -41.27
CA LEU O 30 -62.85 -0.38 -40.92
C LEU O 30 -61.60 -0.24 -41.78
N SER O 31 -61.76 -0.03 -43.10
CA SER O 31 -60.59 0.05 -43.96
C SER O 31 -59.81 1.35 -43.81
N SER O 32 -60.49 2.50 -43.63
CA SER O 32 -59.82 3.77 -43.34
C SER O 32 -59.47 3.95 -41.88
N GLY O 33 -60.19 3.34 -40.96
CA GLY O 33 -60.01 3.54 -39.53
C GLY O 33 -60.59 4.84 -39.05
N TYR O 34 -61.41 5.54 -39.84
CA TYR O 34 -62.19 6.73 -39.45
C TYR O 34 -63.70 6.48 -39.43
N LYS O 35 -64.34 6.89 -38.34
CA LYS O 35 -65.78 6.88 -38.10
C LYS O 35 -66.52 7.92 -38.95
N ILE O 36 -65.84 8.99 -39.34
CA ILE O 36 -66.34 10.07 -40.18
C ILE O 36 -65.42 10.20 -41.38
N ASN O 37 -65.85 9.75 -42.55
CA ASN O 37 -65.11 9.92 -43.79
C ASN O 37 -65.69 11.06 -44.64
N ARG O 38 -66.94 11.46 -44.36
CA ARG O 38 -67.72 12.41 -45.13
C ARG O 38 -68.69 13.16 -44.23
N ALA O 39 -69.16 14.34 -44.62
CA ALA O 39 -70.09 15.11 -43.77
C ALA O 39 -71.40 14.34 -43.45
N ALA O 40 -71.81 13.43 -44.34
CA ALA O 40 -72.98 12.59 -44.18
C ALA O 40 -72.91 11.58 -43.01
N ASP O 41 -71.75 11.40 -42.37
CA ASP O 41 -71.59 10.57 -41.18
C ASP O 41 -71.96 11.33 -39.90
N ASP O 42 -71.39 12.54 -39.71
CA ASP O 42 -71.72 13.48 -38.64
C ASP O 42 -71.22 14.89 -38.98
N ALA O 43 -72.12 15.84 -39.28
CA ALA O 43 -71.73 17.18 -39.69
C ALA O 43 -71.10 18.01 -38.56
N ALA O 44 -71.68 17.95 -37.35
CA ALA O 44 -71.03 18.53 -36.17
C ALA O 44 -69.67 17.86 -35.88
N GLY O 45 -69.51 16.59 -36.23
CA GLY O 45 -68.32 15.80 -35.97
C GLY O 45 -67.21 16.07 -36.95
N LEU O 46 -67.48 16.09 -38.26
CA LEU O 46 -66.53 16.56 -39.26
C LEU O 46 -66.08 17.99 -38.98
N THR O 47 -67.01 18.92 -38.72
CA THR O 47 -66.69 20.32 -38.39
C THR O 47 -65.87 20.44 -37.11
N ILE O 48 -66.25 19.81 -35.99
CA ILE O 48 -65.49 19.87 -34.74
C ILE O 48 -64.13 19.23 -34.93
N SER O 49 -64.05 18.10 -35.62
CA SER O 49 -62.78 17.45 -35.90
C SER O 49 -61.85 18.35 -36.67
N GLU O 50 -62.26 19.02 -37.75
CA GLU O 50 -61.34 19.92 -38.45
C GLU O 50 -60.82 21.05 -37.58
N LYS O 51 -61.64 21.65 -36.71
CA LYS O 51 -61.14 22.61 -35.71
C LYS O 51 -60.16 21.97 -34.75
N MET O 52 -60.38 20.73 -34.32
CA MET O 52 -59.48 20.07 -33.39
C MET O 52 -58.19 19.57 -34.05
N ARG O 53 -58.23 19.07 -35.28
CA ARG O 53 -57.07 18.81 -36.12
C ARG O 53 -56.28 20.08 -36.32
N SER O 54 -56.91 21.17 -36.73
CA SER O 54 -56.30 22.50 -36.84
C SER O 54 -55.63 22.90 -35.52
N GLN O 55 -56.27 22.69 -34.38
CA GLN O 55 -55.68 22.97 -33.08
C GLN O 55 -54.50 22.07 -32.74
N VAL O 56 -54.59 20.75 -32.92
CA VAL O 56 -53.48 19.84 -32.68
C VAL O 56 -52.30 20.16 -33.57
N ARG O 57 -52.48 20.24 -34.89
CA ARG O 57 -51.39 20.61 -35.83
C ARG O 57 -50.78 21.96 -35.50
N GLY O 58 -51.59 22.93 -35.12
CA GLY O 58 -51.11 24.24 -34.72
C GLY O 58 -50.34 24.17 -33.43
N LEU O 59 -50.85 23.53 -32.37
CA LEU O 59 -50.17 23.32 -31.10
C LEU O 59 -48.86 22.56 -31.21
N ASN O 60 -48.69 21.69 -32.21
CA ASN O 60 -47.43 21.01 -32.45
C ASN O 60 -46.42 21.96 -33.10
N LYS O 61 -46.78 22.74 -34.11
CA LYS O 61 -45.90 23.82 -34.59
C LYS O 61 -45.61 24.85 -33.50
N ALA O 62 -46.58 25.19 -32.65
CA ALA O 62 -46.41 26.06 -31.51
C ALA O 62 -45.40 25.54 -30.50
N SER O 63 -45.35 24.22 -30.31
CA SER O 63 -44.45 23.59 -29.35
C SER O 63 -43.05 23.50 -29.91
N ASP O 64 -42.95 23.17 -31.19
CA ASP O 64 -41.72 23.17 -31.97
C ASP O 64 -41.14 24.59 -32.10
N ASN O 65 -41.97 25.63 -32.18
CA ASN O 65 -41.55 27.02 -32.12
C ASN O 65 -41.08 27.46 -30.73
N ALA O 66 -41.68 26.99 -29.66
CA ALA O 66 -41.19 27.24 -28.31
C ALA O 66 -39.86 26.54 -28.07
N GLN O 67 -39.59 25.40 -28.70
CA GLN O 67 -38.29 24.76 -28.66
C GLN O 67 -37.26 25.45 -29.55
N ASP O 68 -37.59 25.90 -30.75
CA ASP O 68 -36.77 26.84 -31.52
C ASP O 68 -36.47 28.13 -30.69
N GLY O 69 -37.42 28.63 -29.91
CA GLY O 69 -37.17 29.67 -28.92
C GLY O 69 -36.23 29.27 -27.79
N VAL O 70 -36.40 28.11 -27.14
CA VAL O 70 -35.48 27.64 -26.10
C VAL O 70 -34.09 27.40 -26.66
N SER O 71 -33.96 26.72 -27.78
CA SER O 71 -32.68 26.47 -28.43
C SER O 71 -31.97 27.75 -28.85
N LEU O 72 -32.70 28.74 -29.38
CA LEU O 72 -32.13 30.06 -29.60
C LEU O 72 -31.61 30.67 -28.32
N ILE O 73 -32.43 30.75 -27.26
CA ILE O 73 -32.03 31.32 -25.98
C ILE O 73 -30.78 30.65 -25.46
N GLN O 74 -30.67 29.32 -25.49
CA GLN O 74 -29.49 28.64 -25.02
C GLN O 74 -28.22 29.04 -25.74
N VAL O 75 -28.26 29.43 -27.01
CA VAL O 75 -27.10 30.00 -27.69
C VAL O 75 -26.74 31.36 -27.09
N ALA O 76 -27.68 32.27 -26.89
CA ALA O 76 -27.38 33.57 -26.28
C ALA O 76 -26.92 33.43 -24.82
N GLU O 77 -27.62 32.62 -24.04
CA GLU O 77 -27.34 32.32 -22.66
C GLU O 77 -25.99 31.64 -22.48
N GLY O 78 -25.56 30.85 -23.45
CA GLY O 78 -24.22 30.27 -23.52
C GLY O 78 -23.14 31.22 -24.03
N ALA O 79 -23.45 32.14 -24.94
CA ALA O 79 -22.49 33.12 -25.42
C ALA O 79 -22.15 34.14 -24.34
N LEU O 80 -23.12 34.56 -23.56
CA LEU O 80 -22.88 35.43 -22.41
C LEU O 80 -22.20 34.73 -21.26
N SER O 81 -22.13 33.40 -21.29
CA SER O 81 -21.43 32.63 -20.29
C SER O 81 -19.93 32.86 -20.34
N GLU O 82 -19.39 33.17 -21.52
CA GLU O 82 -17.99 33.60 -21.67
C GLU O 82 -17.83 35.10 -21.65
N THR O 83 -18.82 35.92 -21.96
CA THR O 83 -18.77 37.32 -21.53
C THR O 83 -18.56 37.42 -20.02
N HIS O 84 -19.21 36.63 -19.17
CA HIS O 84 -18.80 36.58 -17.77
C HIS O 84 -17.34 36.15 -17.58
N SER O 85 -16.86 35.05 -18.12
CA SER O 85 -15.45 34.68 -17.98
C SER O 85 -14.47 35.76 -18.44
N ILE O 86 -14.80 36.52 -19.48
CA ILE O 86 -14.00 37.64 -19.92
C ILE O 86 -14.10 38.82 -18.95
N LEU O 87 -15.28 39.18 -18.45
CA LEU O 87 -15.42 40.28 -17.49
C LEU O 87 -14.90 39.97 -16.09
N GLN O 88 -14.98 38.72 -15.66
CA GLN O 88 -14.39 38.26 -14.40
C GLN O 88 -12.87 38.36 -14.46
N ARG O 89 -12.28 38.06 -15.63
CA ARG O 89 -10.88 38.27 -15.95
C ARG O 89 -10.53 39.74 -16.09
N MET O 90 -11.34 40.57 -16.71
CA MET O 90 -11.04 42.01 -16.81
C MET O 90 -11.14 42.70 -15.46
N ASN O 91 -12.01 42.30 -14.56
CA ASN O 91 -12.04 42.82 -13.20
C ASN O 91 -10.77 42.48 -12.41
N GLU O 92 -10.35 41.22 -12.46
CA GLU O 92 -9.15 40.69 -11.85
C GLU O 92 -7.89 41.33 -12.40
N LEU O 93 -7.83 41.60 -13.70
CA LEU O 93 -6.73 42.35 -14.29
C LEU O 93 -6.75 43.80 -13.84
N ALA O 94 -7.88 44.48 -13.90
CA ALA O 94 -8.00 45.85 -13.46
C ALA O 94 -7.68 46.02 -11.97
N THR O 95 -8.04 45.04 -11.14
CA THR O 95 -7.67 44.99 -9.72
C THR O 95 -6.18 44.85 -9.53
N GLN O 96 -5.50 44.01 -10.32
CA GLN O 96 -4.04 43.91 -10.30
C GLN O 96 -3.38 45.22 -10.75
N ALA O 97 -3.88 45.88 -11.79
CA ALA O 97 -3.30 47.12 -12.29
C ALA O 97 -3.52 48.33 -11.37
N ALA O 98 -4.55 48.33 -10.54
CA ALA O 98 -4.81 49.39 -9.60
C ALA O 98 -3.80 49.45 -8.45
N ASN O 99 -2.69 48.72 -8.48
CA ASN O 99 -1.74 48.70 -7.39
C ASN O 99 -0.53 49.54 -7.78
N ASP O 100 -0.24 50.63 -7.08
CA ASP O 100 0.98 51.45 -7.28
C ASP O 100 2.23 50.79 -6.69
N THR O 101 2.45 49.54 -7.06
CA THR O 101 3.75 48.90 -7.16
C THR O 101 4.07 48.62 -8.62
N ASN O 102 3.06 48.42 -9.49
CA ASN O 102 3.25 48.26 -10.93
C ASN O 102 3.93 49.51 -11.51
N THR O 103 5.00 49.39 -12.27
CA THR O 103 5.49 50.54 -13.04
C THR O 103 4.84 50.54 -14.42
N THR O 104 5.14 51.51 -15.28
CA THR O 104 4.46 51.70 -16.56
C THR O 104 4.54 50.46 -17.44
N SER O 105 5.71 49.83 -17.60
CA SER O 105 5.85 48.61 -18.41
C SER O 105 4.96 47.45 -17.98
N ASP O 106 4.53 47.39 -16.72
CA ASP O 106 3.64 46.36 -16.19
C ASP O 106 2.18 46.69 -16.45
N ARG O 107 1.76 47.95 -16.39
CA ARG O 107 0.38 48.33 -16.71
C ARG O 107 0.10 48.37 -18.18
N THR O 108 1.08 48.66 -19.04
CA THR O 108 0.93 48.34 -20.47
C THR O 108 0.95 46.83 -20.73
N ALA O 109 1.64 46.01 -19.94
CA ALA O 109 1.47 44.55 -20.02
C ALA O 109 0.10 44.05 -19.53
N VAL O 110 -0.52 44.66 -18.51
CA VAL O 110 -1.94 44.42 -18.18
C VAL O 110 -2.84 44.90 -19.31
N GLN O 111 -2.58 46.09 -19.83
CA GLN O 111 -3.39 46.71 -20.85
C GLN O 111 -3.46 45.87 -22.12
N GLN O 112 -2.37 45.19 -22.55
CA GLN O 112 -2.45 44.30 -23.72
C GLN O 112 -3.57 43.29 -23.56
N GLU O 113 -3.74 42.69 -22.39
CA GLU O 113 -4.82 41.75 -22.14
C GLU O 113 -6.17 42.43 -22.01
N ILE O 114 -6.28 43.57 -21.35
CA ILE O 114 -7.55 44.28 -21.23
C ILE O 114 -8.06 44.79 -22.58
N ASN O 115 -7.20 45.17 -23.51
CA ASN O 115 -7.59 45.46 -24.89
C ASN O 115 -7.96 44.19 -25.67
N GLN O 116 -7.14 43.14 -25.63
CA GLN O 116 -7.44 41.87 -26.31
C GLN O 116 -8.75 41.26 -25.85
N LEU O 117 -9.06 41.29 -24.55
CA LEU O 117 -10.32 40.82 -24.00
C LEU O 117 -11.49 41.72 -24.32
N ALA O 118 -11.36 43.05 -24.34
CA ALA O 118 -12.45 43.90 -24.80
C ALA O 118 -12.78 43.72 -26.29
N SER O 119 -11.78 43.53 -27.16
CA SER O 119 -12.02 43.03 -28.53
C SER O 119 -12.77 41.70 -28.51
N GLU O 120 -12.54 40.83 -27.54
CA GLU O 120 -13.18 39.52 -27.49
C GLU O 120 -14.64 39.60 -27.12
N ILE O 121 -15.03 40.44 -26.19
CA ILE O 121 -16.44 40.72 -25.90
C ILE O 121 -17.18 41.21 -27.15
N THR O 122 -16.60 42.12 -27.93
CA THR O 122 -17.16 42.52 -29.22
C THR O 122 -17.16 41.37 -30.23
N ARG O 123 -16.16 40.50 -30.26
CA ARG O 123 -16.19 39.31 -31.12
C ARG O 123 -17.23 38.29 -30.69
N ILE O 124 -17.50 38.05 -29.41
CA ILE O 124 -18.68 37.27 -28.99
C ILE O 124 -19.94 37.97 -29.48
N ALA O 125 -20.12 39.27 -29.21
CA ALA O 125 -21.36 39.98 -29.54
C ALA O 125 -21.71 40.00 -31.03
N SER O 126 -20.79 40.36 -31.91
CA SER O 126 -21.10 40.48 -33.33
C SER O 126 -21.08 39.15 -34.06
N THR O 127 -20.60 38.08 -33.43
CA THR O 127 -20.46 36.76 -34.06
C THR O 127 -21.49 35.74 -33.61
N THR O 128 -21.96 35.72 -32.36
CA THR O 128 -22.92 34.69 -31.96
C THR O 128 -24.24 34.86 -32.69
N GLN O 129 -24.59 33.84 -33.47
CA GLN O 129 -25.78 33.79 -34.30
C GLN O 129 -26.54 32.49 -34.03
N PHE O 130 -27.83 32.44 -34.35
CA PHE O 130 -28.62 31.21 -34.20
C PHE O 130 -28.85 30.57 -35.55
N ASN O 131 -29.66 31.22 -36.37
CA ASN O 131 -29.98 30.77 -37.72
C ASN O 131 -28.99 31.43 -38.70
N THR O 132 -29.17 32.72 -38.95
CA THR O 132 -28.22 33.68 -39.59
C THR O 132 -28.31 35.07 -38.96
N MET O 133 -28.93 35.17 -37.80
CA MET O 133 -29.25 36.42 -37.09
C MET O 133 -28.32 36.59 -35.91
N ASN O 134 -27.72 37.76 -35.69
CA ASN O 134 -26.96 38.02 -34.46
C ASN O 134 -27.91 38.04 -33.25
N LEU O 135 -27.50 37.45 -32.12
CA LEU O 135 -28.38 37.37 -30.95
C LEU O 135 -28.14 38.45 -29.89
N ILE O 136 -26.92 38.97 -29.73
CA ILE O 136 -26.52 39.85 -28.63
C ILE O 136 -25.70 41.07 -29.09
N ASP O 137 -25.91 41.57 -30.30
CA ASP O 137 -25.41 42.86 -30.74
C ASP O 137 -26.42 44.00 -30.50
N GLY O 138 -27.55 43.69 -29.87
CA GLY O 138 -28.64 44.62 -29.63
C GLY O 138 -29.69 44.67 -30.74
N ASN O 139 -29.54 43.89 -31.81
CA ASN O 139 -30.53 43.84 -32.89
C ASN O 139 -31.66 42.83 -32.68
N PHE O 140 -31.54 41.93 -31.71
CA PHE O 140 -32.57 40.96 -31.38
C PHE O 140 -33.62 41.61 -30.47
N THR O 141 -34.30 42.63 -30.98
CA THR O 141 -35.34 43.39 -30.29
C THR O 141 -36.67 43.22 -30.99
N SER O 142 -37.76 43.15 -30.24
CA SER O 142 -39.12 42.97 -30.74
C SER O 142 -39.26 41.75 -31.66
N LYS O 143 -38.61 40.63 -31.35
CA LYS O 143 -38.68 39.38 -32.15
C LYS O 143 -39.66 38.44 -31.46
N LYS O 144 -40.78 38.05 -32.08
CA LYS O 144 -41.85 37.30 -31.40
C LYS O 144 -41.80 35.82 -31.76
N LEU O 145 -41.89 34.94 -30.77
CA LEU O 145 -42.21 33.54 -30.96
C LEU O 145 -43.72 33.35 -31.07
N GLN O 146 -44.22 32.58 -32.04
CA GLN O 146 -45.62 32.19 -32.19
C GLN O 146 -45.91 30.93 -31.36
N VAL O 147 -46.38 31.13 -30.14
CA VAL O 147 -46.46 30.15 -29.06
C VAL O 147 -47.87 29.56 -28.89
N GLY O 148 -48.69 29.55 -29.93
CA GLY O 148 -50.01 28.95 -29.90
C GLY O 148 -50.58 28.69 -31.28
N SER O 149 -51.78 28.16 -31.36
CA SER O 149 -52.45 27.84 -32.62
C SER O 149 -53.06 29.04 -33.36
N LEU O 150 -53.32 30.16 -32.69
CA LEU O 150 -54.06 31.31 -33.24
C LEU O 150 -53.15 32.47 -33.62
N CYS O 151 -53.65 33.41 -34.44
CA CYS O 151 -52.99 34.67 -34.75
C CYS O 151 -52.56 35.38 -33.45
N GLY O 152 -51.25 35.54 -33.24
CA GLY O 152 -50.72 36.43 -32.21
C GLY O 152 -50.73 35.92 -30.77
N GLN O 153 -50.59 34.62 -30.53
CA GLN O 153 -50.32 34.06 -29.19
C GLN O 153 -48.80 34.09 -28.89
N ALA O 154 -48.23 35.27 -28.83
CA ALA O 154 -46.79 35.51 -28.80
C ALA O 154 -46.07 35.25 -27.47
N ILE O 155 -44.74 35.14 -27.54
CA ILE O 155 -43.81 35.48 -26.44
C ILE O 155 -42.77 36.41 -27.04
N THR O 156 -42.57 37.62 -26.54
CA THR O 156 -41.61 38.56 -27.15
C THR O 156 -40.19 38.26 -26.66
N ILE O 157 -39.20 38.39 -27.53
CA ILE O 157 -37.78 38.33 -27.24
C ILE O 157 -37.14 39.71 -27.47
N ASP O 158 -36.44 40.22 -26.47
CA ASP O 158 -35.58 41.39 -26.53
C ASP O 158 -34.26 41.03 -25.86
N ILE O 159 -33.13 41.38 -26.45
CA ILE O 159 -31.80 41.13 -25.89
C ILE O 159 -30.93 42.38 -26.05
N SER O 160 -30.56 43.05 -24.96
CA SER O 160 -29.77 44.30 -25.04
C SER O 160 -28.39 44.02 -25.63
N ASP O 161 -27.74 45.05 -26.16
CA ASP O 161 -26.39 44.96 -26.73
C ASP O 161 -25.35 44.51 -25.70
N MET O 162 -24.60 43.45 -25.98
CA MET O 162 -23.59 42.88 -25.10
C MET O 162 -22.17 43.02 -25.67
N SER O 163 -21.96 43.95 -26.59
CA SER O 163 -20.65 44.36 -27.07
C SER O 163 -19.86 45.10 -25.98
N ALA O 164 -18.55 45.29 -26.16
CA ALA O 164 -17.76 46.07 -25.19
C ALA O 164 -18.25 47.52 -25.06
N THR O 165 -18.79 48.09 -26.14
CA THR O 165 -19.48 49.37 -26.13
C THR O 165 -20.78 49.30 -25.34
N GLY O 166 -21.65 48.32 -25.59
CA GLY O 166 -22.95 48.22 -24.92
C GLY O 166 -22.85 47.98 -23.41
N LEU O 167 -21.74 47.41 -22.96
CA LEU O 167 -21.40 47.14 -21.58
C LEU O 167 -20.49 48.19 -20.95
N GLY O 168 -19.99 49.15 -21.70
CA GLY O 168 -19.16 50.24 -21.18
C GLY O 168 -17.71 49.85 -20.87
N VAL O 169 -17.25 48.72 -21.38
CA VAL O 169 -15.88 48.20 -21.23
C VAL O 169 -15.03 48.37 -22.50
N SER O 170 -15.51 49.08 -23.52
CA SER O 170 -14.64 49.68 -24.53
C SER O 170 -13.80 50.75 -23.88
N GLY O 171 -12.49 50.73 -24.05
CA GLY O 171 -11.62 51.73 -23.45
C GLY O 171 -11.54 51.67 -21.94
N LEU O 172 -11.37 50.48 -21.36
CA LEU O 172 -10.90 50.34 -19.98
C LEU O 172 -9.41 50.70 -19.92
N VAL O 173 -9.05 51.83 -19.32
CA VAL O 173 -7.66 52.32 -19.22
C VAL O 173 -7.14 52.02 -17.84
N VAL O 174 -6.02 51.31 -17.68
CA VAL O 174 -5.55 50.83 -16.36
C VAL O 174 -4.18 51.33 -15.94
N SER O 175 -3.68 52.38 -16.57
CA SER O 175 -2.30 52.86 -16.43
C SER O 175 -2.00 53.65 -15.14
N SER O 176 -2.99 53.93 -14.30
CA SER O 176 -2.82 54.56 -13.00
C SER O 176 -3.84 54.04 -11.98
N PHE O 177 -3.67 54.24 -10.67
CA PHE O 177 -4.67 53.80 -9.68
C PHE O 177 -6.08 54.36 -9.95
N SER O 178 -6.21 55.64 -10.29
CA SER O 178 -7.52 56.25 -10.55
C SER O 178 -8.22 55.69 -11.79
N ALA O 179 -7.53 55.54 -12.92
CA ALA O 179 -8.12 54.92 -14.10
C ALA O 179 -8.32 53.40 -13.93
N ALA O 180 -7.37 52.69 -13.33
CA ALA O 180 -7.50 51.29 -13.01
C ALA O 180 -8.65 50.97 -12.05
N GLY O 181 -8.93 51.81 -11.07
CA GLY O 181 -10.13 51.68 -10.26
C GLY O 181 -11.41 52.00 -11.04
N LYS O 182 -11.44 53.05 -11.85
CA LYS O 182 -12.57 53.37 -12.73
C LYS O 182 -12.85 52.21 -13.72
N ALA O 183 -11.82 51.48 -14.15
CA ALA O 183 -11.94 50.26 -14.92
C ALA O 183 -12.49 49.08 -14.12
N MET O 184 -12.15 48.93 -12.83
CA MET O 184 -12.77 47.94 -11.94
C MET O 184 -14.26 48.19 -11.81
N SER O 185 -14.68 49.45 -11.59
CA SER O 185 -16.08 49.88 -11.58
C SER O 185 -16.79 49.51 -12.88
N ALA O 186 -16.25 49.85 -14.05
CA ALA O 186 -16.84 49.44 -15.32
C ALA O 186 -16.94 47.93 -15.50
N ALA O 187 -15.93 47.14 -15.16
CA ALA O 187 -15.99 45.68 -15.29
C ALA O 187 -17.00 45.02 -14.35
N GLN O 188 -17.18 45.55 -13.14
CA GLN O 188 -18.19 45.08 -12.19
C GLN O 188 -19.60 45.52 -12.54
N ASP O 189 -19.78 46.72 -13.08
CA ASP O 189 -21.04 47.13 -13.70
C ASP O 189 -21.38 46.23 -14.88
N ALA O 190 -20.45 45.90 -15.76
CA ALA O 190 -20.69 44.97 -16.85
C ALA O 190 -21.03 43.57 -16.35
N ILE O 191 -20.38 43.04 -15.33
CA ILE O 191 -20.83 41.80 -14.70
C ILE O 191 -22.26 41.94 -14.19
N SER O 192 -22.64 43.08 -13.63
CA SER O 192 -24.00 43.37 -13.18
C SER O 192 -24.99 43.44 -14.36
N TYR O 193 -24.64 44.08 -15.48
CA TYR O 193 -25.45 44.10 -16.70
C TYR O 193 -25.61 42.73 -17.31
N VAL O 194 -24.53 41.98 -17.50
CA VAL O 194 -24.61 40.65 -18.11
C VAL O 194 -25.37 39.70 -17.19
N SER O 195 -25.23 39.81 -15.86
CA SER O 195 -26.06 39.03 -14.93
C SER O 195 -27.54 39.31 -15.10
N SER O 196 -27.96 40.56 -15.24
CA SER O 196 -29.36 40.90 -15.46
C SER O 196 -29.85 40.47 -16.84
N MET O 197 -29.07 40.63 -17.90
CA MET O 197 -29.48 40.14 -19.22
C MET O 197 -29.59 38.61 -19.25
N ARG O 198 -28.66 37.88 -18.64
CA ARG O 198 -28.80 36.45 -18.42
C ARG O 198 -29.95 36.12 -17.48
N SER O 199 -30.30 36.96 -16.52
CA SER O 199 -31.49 36.74 -15.71
C SER O 199 -32.77 36.80 -16.54
N LYS O 200 -32.89 37.71 -17.50
CA LYS O 200 -34.02 37.70 -18.45
C LYS O 200 -34.03 36.43 -19.28
N LEU O 201 -32.94 36.06 -19.91
CA LEU O 201 -32.85 34.82 -20.68
C LEU O 201 -33.02 33.53 -19.87
N GLY O 202 -32.85 33.57 -18.55
CA GLY O 202 -33.21 32.48 -17.66
C GLY O 202 -34.69 32.44 -17.41
N ALA O 203 -35.26 33.48 -16.83
CA ALA O 203 -36.67 33.60 -16.53
C ALA O 203 -37.59 33.41 -17.74
N LEU O 204 -37.15 33.84 -18.93
CA LEU O 204 -37.78 33.60 -20.22
C LEU O 204 -37.76 32.13 -20.61
N GLN O 205 -36.74 31.37 -20.26
CA GLN O 205 -36.65 29.95 -20.57
C GLN O 205 -37.37 29.11 -19.53
N ASN O 206 -37.62 29.64 -18.33
CA ASN O 206 -38.62 29.09 -17.44
C ASN O 206 -40.00 29.21 -18.09
N ARG O 207 -40.38 30.35 -18.68
CA ARG O 207 -41.66 30.44 -19.38
C ARG O 207 -41.80 29.36 -20.42
N LEU O 208 -40.80 29.19 -21.27
CA LEU O 208 -40.91 28.27 -22.39
C LEU O 208 -40.89 26.80 -21.96
N GLU O 209 -40.10 26.38 -20.99
CA GLU O 209 -40.17 24.99 -20.56
C GLU O 209 -41.52 24.68 -19.90
N HIS O 210 -42.16 25.67 -19.29
CA HIS O 210 -43.55 25.59 -18.84
C HIS O 210 -44.56 25.61 -19.99
N THR O 211 -44.39 26.46 -20.98
CA THR O 211 -45.19 26.44 -22.20
C THR O 211 -45.10 25.13 -22.96
N ILE O 212 -43.92 24.57 -23.19
CA ILE O 212 -43.80 23.31 -23.92
C ILE O 212 -44.50 22.19 -23.14
N SER O 213 -44.36 22.15 -21.82
CA SER O 213 -45.12 21.26 -20.94
C SER O 213 -46.63 21.48 -20.99
N ASN O 214 -47.09 22.68 -21.31
CA ASN O 214 -48.51 23.00 -21.45
C ASN O 214 -49.03 22.61 -22.84
N LEU O 215 -48.37 23.01 -23.92
CA LEU O 215 -48.85 22.74 -25.27
C LEU O 215 -48.81 21.25 -25.56
N ASP O 216 -47.80 20.53 -25.08
CA ASP O 216 -47.70 19.09 -25.30
C ASP O 216 -48.77 18.31 -24.53
N ASN O 217 -49.25 18.84 -23.40
CA ASN O 217 -50.42 18.37 -22.68
C ASN O 217 -51.71 18.73 -23.40
N ILE O 218 -51.93 19.97 -23.84
CA ILE O 218 -53.11 20.33 -24.61
C ILE O 218 -53.16 19.56 -25.93
N SER O 219 -52.07 19.43 -26.66
CA SER O 219 -52.01 18.67 -27.90
C SER O 219 -52.38 17.21 -27.68
N GLU O 220 -51.94 16.57 -26.60
CA GLU O 220 -52.41 15.25 -26.21
C GLU O 220 -53.90 15.22 -25.89
N ASN O 221 -54.41 16.14 -25.08
CA ASN O 221 -55.80 16.14 -24.69
C ASN O 221 -56.76 16.49 -25.83
N THR O 222 -56.40 17.38 -26.74
CA THR O 222 -57.19 17.61 -27.95
C THR O 222 -56.97 16.54 -29.01
N SER O 223 -55.84 15.82 -29.06
CA SER O 223 -55.72 14.62 -29.89
C SER O 223 -56.63 13.53 -29.42
N SER O 224 -56.63 13.28 -28.12
CA SER O 224 -57.56 12.41 -27.42
C SER O 224 -59.01 12.75 -27.70
N ALA O 225 -59.40 14.02 -27.57
CA ALA O 225 -60.77 14.44 -27.85
C ALA O 225 -61.14 14.20 -29.31
N GLU O 226 -60.35 14.65 -30.27
CA GLU O 226 -60.68 14.46 -31.69
C GLU O 226 -60.70 13.00 -32.11
N SER O 227 -59.79 12.19 -31.58
CA SER O 227 -59.79 10.74 -31.77
C SER O 227 -61.09 10.08 -31.31
N ARG O 228 -61.78 10.65 -30.33
CA ARG O 228 -63.11 10.21 -29.91
C ARG O 228 -64.17 10.53 -30.95
N ILE O 229 -64.13 11.73 -31.52
CA ILE O 229 -65.10 12.16 -32.52
C ILE O 229 -64.88 11.37 -33.79
N ARG O 230 -63.64 11.24 -34.29
CA ARG O 230 -63.38 10.82 -35.66
C ARG O 230 -62.84 9.42 -35.89
N ASP O 231 -62.05 8.80 -35.03
CA ASP O 231 -61.47 7.48 -35.34
C ASP O 231 -62.49 6.34 -35.18
N THR O 232 -62.42 5.32 -36.02
CA THR O 232 -63.25 4.12 -35.90
C THR O 232 -62.80 3.38 -34.66
N ASP O 233 -63.75 3.09 -33.77
CA ASP O 233 -63.54 2.12 -32.71
C ASP O 233 -63.69 0.72 -33.31
N MET O 234 -62.60 -0.02 -33.48
CA MET O 234 -62.61 -1.21 -34.32
C MET O 234 -63.41 -2.34 -33.73
N ALA O 235 -63.52 -2.38 -32.40
CA ALA O 235 -64.35 -3.33 -31.67
C ALA O 235 -65.84 -3.11 -31.94
N GLU O 236 -66.35 -1.89 -31.72
CA GLU O 236 -67.73 -1.52 -32.04
C GLU O 236 -68.07 -1.69 -33.52
N GLU O 237 -67.22 -1.21 -34.43
CA GLU O 237 -67.53 -1.31 -35.86
C GLU O 237 -67.49 -2.73 -36.39
N MET O 238 -66.68 -3.61 -35.81
CA MET O 238 -66.70 -5.01 -36.18
C MET O 238 -67.92 -5.76 -35.68
N VAL O 239 -68.64 -5.24 -34.67
CA VAL O 239 -70.00 -5.69 -34.36
C VAL O 239 -70.98 -5.29 -35.46
N GLU O 240 -71.00 -4.03 -35.88
CA GLU O 240 -71.95 -3.56 -36.89
C GLU O 240 -71.67 -4.18 -38.25
N TYR O 241 -70.41 -4.35 -38.61
CA TYR O 241 -70.00 -4.97 -39.86
C TYR O 241 -70.38 -6.44 -39.92
N SER O 242 -70.30 -7.16 -38.81
CA SER O 242 -70.80 -8.52 -38.73
C SER O 242 -72.32 -8.62 -38.81
N LYS O 243 -73.10 -7.74 -38.16
CA LYS O 243 -74.57 -7.74 -38.29
C LYS O 243 -74.94 -7.75 -39.75
N ASN O 244 -74.35 -6.83 -40.51
CA ASN O 244 -74.67 -6.56 -41.90
C ASN O 244 -74.13 -7.63 -42.82
N ASN O 245 -72.93 -8.14 -42.59
CA ASN O 245 -72.37 -9.22 -43.39
C ASN O 245 -73.28 -10.44 -43.33
N ILE O 246 -73.77 -10.83 -42.14
CA ILE O 246 -74.71 -11.94 -41.99
C ILE O 246 -76.11 -11.59 -42.51
N LEU O 247 -76.64 -10.40 -42.28
CA LEU O 247 -77.91 -9.99 -42.91
C LEU O 247 -77.86 -10.01 -44.44
N ALA O 248 -76.72 -9.71 -45.05
CA ALA O 248 -76.61 -9.74 -46.49
C ALA O 248 -76.72 -11.18 -46.97
N GLN O 249 -76.09 -12.13 -46.30
CA GLN O 249 -76.19 -13.56 -46.62
C GLN O 249 -77.59 -14.10 -46.41
N ALA O 250 -78.24 -13.74 -45.31
CA ALA O 250 -79.64 -14.03 -45.10
C ALA O 250 -80.54 -13.42 -46.20
N GLY O 251 -80.33 -12.16 -46.58
CA GLY O 251 -81.12 -11.49 -47.63
C GLY O 251 -80.85 -11.99 -49.05
N GLN O 252 -79.63 -12.42 -49.37
CA GLN O 252 -79.31 -13.13 -50.60
C GLN O 252 -80.08 -14.43 -50.65
N SER O 253 -79.98 -15.23 -49.58
CA SER O 253 -80.59 -16.55 -49.50
C SER O 253 -82.10 -16.47 -49.57
N MET O 254 -82.66 -15.43 -48.95
CA MET O 254 -84.08 -15.18 -48.95
C MET O 254 -84.60 -14.61 -50.25
N LEU O 255 -83.79 -13.89 -51.00
CA LEU O 255 -84.07 -13.53 -52.39
C LEU O 255 -83.97 -14.73 -53.33
N ALA O 256 -82.95 -15.60 -53.21
CA ALA O 256 -82.91 -16.85 -53.95
C ALA O 256 -84.16 -17.71 -53.73
N GLN O 257 -84.65 -17.85 -52.50
CA GLN O 257 -85.93 -18.54 -52.24
C GLN O 257 -87.13 -17.77 -52.74
N ALA O 258 -87.16 -16.44 -52.61
CA ALA O 258 -88.24 -15.60 -53.14
C ALA O 258 -88.30 -15.60 -54.67
N ASN O 259 -87.20 -15.86 -55.37
CA ASN O 259 -87.24 -16.05 -56.82
C ASN O 259 -87.86 -17.39 -57.21
N GLN O 260 -87.76 -18.43 -56.39
CA GLN O 260 -88.52 -19.66 -56.60
C GLN O 260 -90.01 -19.56 -56.19
N SER O 261 -90.43 -18.52 -55.47
CA SER O 261 -91.82 -18.31 -55.03
C SER O 261 -92.83 -18.39 -56.20
N THR O 262 -92.42 -17.93 -57.38
CA THR O 262 -93.22 -17.97 -58.61
C THR O 262 -93.31 -19.34 -59.29
N GLN O 263 -92.53 -20.35 -58.90
CA GLN O 263 -92.49 -21.64 -59.60
C GLN O 263 -93.81 -22.40 -59.52
N GLY O 264 -94.62 -22.18 -58.49
CA GLY O 264 -95.82 -22.97 -58.22
C GLY O 264 -96.84 -22.93 -59.35
N VAL O 265 -96.78 -21.93 -60.22
CA VAL O 265 -97.73 -21.80 -61.33
C VAL O 265 -97.54 -22.91 -62.37
N LEU O 266 -96.33 -23.43 -62.56
CA LEU O 266 -96.02 -24.34 -63.66
C LEU O 266 -96.84 -25.65 -63.61
N SER O 267 -97.09 -26.16 -62.42
CA SER O 267 -97.84 -27.40 -62.18
C SER O 267 -99.35 -27.22 -62.18
N LEU O 268 -99.85 -25.98 -62.26
CA LEU O 268 -101.24 -25.61 -62.10
C LEU O 268 -102.16 -25.99 -63.28
N LEU O 269 -102.27 -27.27 -63.57
CA LEU O 269 -103.09 -27.83 -64.66
C LEU O 269 -102.67 -27.28 -66.04
N GLN O 270 -101.39 -26.92 -66.16
CA GLN O 270 -100.77 -26.38 -67.36
C GLN O 270 -100.01 -27.49 -68.10
N MET P 1 -76.80 -7.25 -56.11
CA MET P 1 -75.56 -6.45 -56.04
C MET P 1 -74.83 -6.43 -57.37
N VAL P 2 -74.00 -5.42 -57.63
CA VAL P 2 -73.18 -5.37 -58.85
C VAL P 2 -72.05 -6.37 -58.80
N VAL P 3 -71.94 -7.18 -59.84
CA VAL P 3 -70.89 -8.20 -60.00
C VAL P 3 -69.67 -7.66 -60.75
N GLN P 4 -69.87 -6.65 -61.59
CA GLN P 4 -68.90 -6.07 -62.52
C GLN P 4 -67.96 -5.02 -61.90
N HIS P 5 -68.17 -4.57 -60.67
CA HIS P 5 -67.32 -3.60 -59.99
C HIS P 5 -67.40 -3.84 -58.49
N ASN P 6 -66.34 -4.30 -57.86
CA ASN P 6 -66.35 -4.48 -56.43
C ASN P 6 -65.95 -3.18 -55.76
N LEU P 7 -66.88 -2.25 -55.63
CA LEU P 7 -66.57 -0.92 -55.15
C LEU P 7 -66.21 -0.87 -53.67
N THR P 8 -66.64 -1.86 -52.91
CA THR P 8 -66.18 -2.06 -51.54
C THR P 8 -64.70 -2.35 -51.56
N ALA P 9 -64.25 -3.32 -52.35
CA ALA P 9 -62.85 -3.64 -52.52
C ALA P 9 -62.04 -2.49 -53.10
N MET P 10 -62.52 -1.77 -54.08
CA MET P 10 -61.80 -0.62 -54.63
C MET P 10 -61.58 0.50 -53.61
N ASN P 11 -62.51 0.75 -52.69
CA ASN P 11 -62.29 1.70 -51.59
C ASN P 11 -61.38 1.15 -50.50
N ALA P 12 -61.51 -0.14 -50.19
CA ALA P 12 -60.59 -0.78 -49.26
C ALA P 12 -59.18 -0.77 -49.80
N ASN P 13 -58.99 -1.11 -51.07
CA ASN P 13 -57.76 -1.00 -51.83
C ASN P 13 -57.18 0.39 -51.78
N ARG P 14 -57.90 1.42 -52.24
CA ARG P 14 -57.37 2.78 -52.20
C ARG P 14 -57.01 3.25 -50.81
N GLN P 15 -57.72 2.84 -49.76
CA GLN P 15 -57.34 3.12 -48.38
C GLN P 15 -56.11 2.35 -47.90
N LEU P 16 -55.89 1.14 -48.39
CA LEU P 16 -54.69 0.39 -48.10
C LEU P 16 -53.48 1.09 -48.68
N GLY P 17 -53.55 1.65 -49.88
CA GLY P 17 -52.52 2.51 -50.44
C GLY P 17 -52.11 3.68 -49.53
N ILE P 18 -53.03 4.50 -49.05
CA ILE P 18 -52.73 5.58 -48.08
C ILE P 18 -51.96 5.07 -46.85
N THR P 19 -52.27 3.87 -46.40
CA THR P 19 -51.75 3.25 -45.18
C THR P 19 -50.37 2.62 -45.37
N THR P 20 -50.14 1.89 -46.46
CA THR P 20 -48.81 1.38 -46.84
C THR P 20 -47.90 2.50 -47.37
N GLY P 21 -48.47 3.62 -47.79
CA GLY P 21 -47.73 4.83 -48.11
C GLY P 21 -47.17 5.47 -46.87
N ALA P 22 -48.02 5.86 -45.92
CA ALA P 22 -47.60 6.42 -44.65
C ALA P 22 -46.52 5.57 -43.96
N GLN P 23 -46.68 4.24 -43.95
CA GLN P 23 -45.73 3.29 -43.38
C GLN P 23 -44.33 3.29 -44.02
N ALA P 24 -44.23 3.50 -45.33
CA ALA P 24 -42.95 3.58 -46.03
C ALA P 24 -42.17 4.85 -45.69
N LYS P 25 -42.86 5.94 -45.34
CA LYS P 25 -42.26 7.19 -44.84
C LYS P 25 -41.91 7.12 -43.36
N SER P 26 -42.62 6.37 -42.54
CA SER P 26 -42.19 6.07 -41.17
C SER P 26 -40.97 5.19 -41.14
N SER P 27 -40.98 4.08 -41.87
CA SER P 27 -39.86 3.13 -41.96
C SER P 27 -38.55 3.83 -42.33
N GLU P 28 -38.62 4.78 -43.26
CA GLU P 28 -37.53 5.64 -43.69
C GLU P 28 -36.96 6.51 -42.59
N LYS P 29 -37.79 7.18 -41.80
CA LYS P 29 -37.38 7.98 -40.63
C LYS P 29 -36.77 7.14 -39.51
N LEU P 30 -37.19 5.89 -39.32
CA LEU P 30 -36.58 4.96 -38.38
C LEU P 30 -35.26 4.38 -38.89
N SER P 31 -35.17 4.03 -40.17
CA SER P 31 -33.93 3.45 -40.68
C SER P 31 -32.83 4.49 -40.89
N SER P 32 -33.15 5.69 -41.37
CA SER P 32 -32.17 6.76 -41.58
C SER P 32 -31.77 7.45 -40.30
N GLY P 33 -32.67 7.54 -39.32
CA GLY P 33 -32.49 8.27 -38.09
C GLY P 33 -32.81 9.75 -38.21
N TYR P 34 -33.27 10.22 -39.37
CA TYR P 34 -33.64 11.61 -39.64
C TYR P 34 -35.13 11.75 -39.93
N LYS P 35 -35.74 12.73 -39.27
CA LYS P 35 -37.12 13.18 -39.41
C LYS P 35 -37.37 13.86 -40.75
N ILE P 36 -36.34 14.45 -41.37
CA ILE P 36 -36.38 15.19 -42.62
C ILE P 36 -35.33 14.61 -43.56
N ASN P 37 -35.74 13.73 -44.47
CA ASN P 37 -34.84 13.10 -45.44
C ASN P 37 -34.80 13.88 -46.75
N ARG P 38 -35.91 14.53 -47.06
CA ARG P 38 -36.24 15.15 -48.34
C ARG P 38 -36.92 16.46 -48.09
N ALA P 39 -36.72 17.48 -48.91
CA ALA P 39 -37.33 18.79 -48.69
C ALA P 39 -38.85 18.71 -48.57
N ALA P 40 -39.46 17.72 -49.21
CA ALA P 40 -40.89 17.43 -49.18
C ALA P 40 -41.46 17.11 -47.80
N ASP P 41 -40.63 16.69 -46.83
CA ASP P 41 -41.03 16.47 -45.43
C ASP P 41 -41.31 17.78 -44.68
N ASP P 42 -40.43 18.77 -44.81
CA ASP P 42 -40.48 20.07 -44.12
C ASP P 42 -39.46 21.02 -44.73
N ALA P 43 -39.86 21.90 -45.64
CA ALA P 43 -38.91 22.70 -46.40
C ALA P 43 -38.19 23.74 -45.53
N ALA P 44 -38.87 24.39 -44.60
CA ALA P 44 -38.20 25.27 -43.64
C ALA P 44 -37.30 24.47 -42.71
N GLY P 45 -37.66 23.25 -42.37
CA GLY P 45 -36.84 22.35 -41.56
C GLY P 45 -35.58 21.91 -42.28
N LEU P 46 -35.64 21.49 -43.54
CA LEU P 46 -34.46 21.18 -44.34
C LEU P 46 -33.58 22.41 -44.54
N THR P 47 -34.15 23.57 -44.90
CA THR P 47 -33.43 24.83 -45.08
C THR P 47 -32.73 25.29 -43.82
N ILE P 48 -33.41 25.30 -42.66
CA ILE P 48 -32.84 25.78 -41.41
C ILE P 48 -31.81 24.78 -40.91
N SER P 49 -32.09 23.49 -41.04
CA SER P 49 -31.15 22.47 -40.65
C SER P 49 -29.88 22.59 -41.46
N GLU P 50 -29.91 22.76 -42.77
CA GLU P 50 -28.69 22.96 -43.56
C GLU P 50 -27.91 24.21 -43.14
N LYS P 51 -28.55 25.32 -42.80
CA LYS P 51 -27.84 26.45 -42.17
C LYS P 51 -27.21 26.08 -40.85
N MET P 52 -27.86 25.34 -39.98
CA MET P 52 -27.31 24.97 -38.67
C MET P 52 -26.19 23.95 -38.79
N ARG P 53 -26.29 23.04 -39.76
CA ARG P 53 -25.33 22.02 -40.17
C ARG P 53 -24.09 22.69 -40.77
N SER P 54 -24.25 23.70 -41.61
CA SER P 54 -23.24 24.58 -42.19
C SER P 54 -22.53 25.39 -41.11
N GLN P 55 -23.27 25.91 -40.15
CA GLN P 55 -22.71 26.55 -38.97
C GLN P 55 -21.96 25.60 -38.05
N VAL P 56 -22.48 24.42 -37.73
CA VAL P 56 -21.84 23.48 -36.81
C VAL P 56 -20.54 22.95 -37.38
N ARG P 57 -20.53 22.49 -38.63
CA ARG P 57 -19.29 22.06 -39.29
C ARG P 57 -18.26 23.17 -39.32
N GLY P 58 -18.64 24.37 -39.74
CA GLY P 58 -17.79 25.54 -39.73
C GLY P 58 -17.31 25.92 -38.33
N LEU P 59 -18.15 26.01 -37.30
CA LEU P 59 -17.73 26.28 -35.92
C LEU P 59 -16.76 25.23 -35.38
N ASN P 60 -16.86 23.96 -35.78
CA ASN P 60 -15.86 22.97 -35.41
C ASN P 60 -14.52 23.23 -36.09
N LYS P 61 -14.47 23.62 -37.38
CA LYS P 61 -13.23 24.14 -38.00
C LYS P 61 -12.75 25.45 -37.37
N ALA P 62 -13.62 26.37 -36.96
CA ALA P 62 -13.24 27.56 -36.23
C ALA P 62 -12.64 27.27 -34.86
N SER P 63 -13.13 26.26 -34.14
CA SER P 63 -12.54 25.78 -32.88
C SER P 63 -11.20 25.14 -33.15
N ASP P 64 -11.09 24.28 -34.16
CA ASP P 64 -9.85 23.66 -34.62
C ASP P 64 -8.81 24.66 -35.10
N ASN P 65 -9.21 25.75 -35.75
CA ASN P 65 -8.30 26.83 -36.17
C ASN P 65 -7.89 27.72 -35.01
N ALA P 66 -8.71 27.85 -33.96
CA ALA P 66 -8.35 28.55 -32.75
C ALA P 66 -7.44 27.71 -31.84
N GLN P 67 -7.64 26.40 -31.77
CA GLN P 67 -6.69 25.46 -31.17
C GLN P 67 -5.37 25.50 -31.95
N ASP P 68 -5.42 25.48 -33.28
CA ASP P 68 -4.25 25.62 -34.12
C ASP P 68 -3.54 26.97 -33.97
N GLY P 69 -4.25 28.05 -33.69
CA GLY P 69 -3.70 29.34 -33.32
C GLY P 69 -3.02 29.31 -31.96
N VAL P 70 -3.67 28.80 -30.91
CA VAL P 70 -3.05 28.61 -29.58
C VAL P 70 -1.79 27.78 -29.69
N SER P 71 -1.86 26.71 -30.47
CA SER P 71 -0.75 25.82 -30.68
C SER P 71 0.45 26.49 -31.32
N LEU P 72 0.25 27.27 -32.38
CA LEU P 72 1.29 28.11 -32.97
C LEU P 72 1.83 29.09 -31.94
N ILE P 73 0.97 29.87 -31.29
CA ILE P 73 1.38 30.88 -30.31
C ILE P 73 2.31 30.29 -29.28
N GLN P 74 1.96 29.16 -28.70
CA GLN P 74 2.81 28.48 -27.72
C GLN P 74 4.21 28.17 -28.22
N VAL P 75 4.40 27.85 -29.50
CA VAL P 75 5.75 27.66 -30.06
C VAL P 75 6.54 28.95 -30.00
N ALA P 76 5.93 30.08 -30.36
CA ALA P 76 6.61 31.35 -30.39
C ALA P 76 6.92 31.83 -28.98
N GLU P 77 5.95 31.72 -28.10
CA GLU P 77 6.06 32.11 -26.70
C GLU P 77 7.11 31.29 -25.96
N GLY P 78 7.15 29.98 -26.21
CA GLY P 78 8.18 29.08 -25.74
C GLY P 78 9.55 29.23 -26.40
N ALA P 79 9.71 30.08 -27.41
CA ALA P 79 11.02 30.43 -27.97
C ALA P 79 11.56 31.67 -27.30
N LEU P 80 10.74 32.70 -27.17
CA LEU P 80 11.05 33.91 -26.43
C LEU P 80 11.31 33.67 -24.93
N SER P 81 10.95 32.49 -24.43
CA SER P 81 11.32 32.02 -23.09
C SER P 81 12.81 31.71 -22.96
N GLU P 82 13.44 31.12 -23.97
CA GLU P 82 14.90 31.11 -24.01
C GLU P 82 15.47 32.44 -24.48
N THR P 83 14.80 33.27 -25.26
CA THR P 83 15.35 34.61 -25.46
C THR P 83 15.46 35.38 -24.15
N HIS P 84 14.49 35.31 -23.24
CA HIS P 84 14.71 35.86 -21.91
C HIS P 84 15.89 35.22 -21.25
N SER P 85 16.02 33.90 -21.29
CA SER P 85 17.03 33.20 -20.54
C SER P 85 18.43 33.46 -21.07
N ILE P 86 18.57 33.73 -22.35
CA ILE P 86 19.80 34.27 -22.93
C ILE P 86 20.01 35.72 -22.51
N LEU P 87 19.00 36.58 -22.56
CA LEU P 87 19.15 37.99 -22.18
C LEU P 87 19.40 38.22 -20.69
N GLN P 88 18.87 37.36 -19.83
CA GLN P 88 19.18 37.32 -18.40
C GLN P 88 20.66 37.03 -18.17
N ARG P 89 21.25 36.11 -18.95
CA ARG P 89 22.68 35.81 -18.95
C ARG P 89 23.51 36.90 -19.61
N MET P 90 23.04 37.60 -20.63
CA MET P 90 23.78 38.75 -21.18
C MET P 90 23.78 39.92 -20.21
N ASN P 91 22.70 40.19 -19.49
CA ASN P 91 22.70 41.24 -18.47
C ASN P 91 23.67 40.93 -17.32
N GLU P 92 23.65 39.69 -16.83
CA GLU P 92 24.52 39.19 -15.79
C GLU P 92 25.98 39.20 -16.22
N LEU P 93 26.29 38.81 -17.46
CA LEU P 93 27.62 38.97 -18.04
C LEU P 93 28.01 40.43 -18.23
N ALA P 94 27.14 41.29 -18.72
CA ALA P 94 27.48 42.69 -18.93
C ALA P 94 27.76 43.39 -17.60
N THR P 95 26.96 43.14 -16.57
CA THR P 95 27.18 43.67 -15.22
C THR P 95 28.52 43.23 -14.64
N GLN P 96 28.96 42.00 -14.90
CA GLN P 96 30.26 41.51 -14.45
C GLN P 96 31.41 42.13 -15.24
N ALA P 97 31.31 42.24 -16.55
CA ALA P 97 32.33 42.85 -17.38
C ALA P 97 32.45 44.36 -17.16
N ALA P 98 31.38 45.01 -16.73
CA ALA P 98 31.31 46.42 -16.43
C ALA P 98 32.06 46.84 -15.18
N ASN P 99 32.88 46.02 -14.57
CA ASN P 99 33.62 46.37 -13.36
C ASN P 99 35.09 46.53 -13.69
N ASP P 100 35.71 47.68 -13.41
CA ASP P 100 37.12 47.94 -13.68
C ASP P 100 38.11 47.19 -12.79
N THR P 101 37.71 46.25 -11.94
CA THR P 101 38.65 45.21 -11.49
C THR P 101 38.95 44.19 -12.59
N ASN P 102 38.19 44.10 -13.68
CA ASN P 102 38.52 43.27 -14.84
C ASN P 102 39.73 43.82 -15.62
N THR P 103 40.68 42.95 -15.97
CA THR P 103 41.69 43.29 -16.99
C THR P 103 41.17 42.96 -18.40
N THR P 104 41.91 43.30 -19.45
CA THR P 104 41.51 43.17 -20.85
C THR P 104 41.22 41.72 -21.23
N SER P 105 42.07 40.77 -20.86
CA SER P 105 41.93 39.34 -21.16
C SER P 105 40.59 38.79 -20.70
N ASP P 106 40.14 39.29 -19.57
CA ASP P 106 39.04 38.78 -18.79
C ASP P 106 37.73 39.52 -19.10
N ARG P 107 37.77 40.61 -19.88
CA ARG P 107 36.61 41.13 -20.61
C ARG P 107 36.43 40.53 -21.99
N THR P 108 37.50 40.19 -22.70
CA THR P 108 37.36 39.38 -23.93
C THR P 108 36.91 37.96 -23.61
N ALA P 109 37.26 37.41 -22.46
CA ALA P 109 36.65 36.16 -21.98
C ALA P 109 35.14 36.27 -21.71
N VAL P 110 34.62 37.42 -21.28
CA VAL P 110 33.18 37.67 -21.28
C VAL P 110 32.66 37.83 -22.69
N GLN P 111 33.35 38.59 -23.52
CA GLN P 111 32.87 38.89 -24.85
C GLN P 111 32.70 37.63 -25.70
N GLN P 112 33.52 36.60 -25.56
CA GLN P 112 33.30 35.32 -26.25
C GLN P 112 31.95 34.72 -25.92
N GLU P 113 31.48 34.84 -24.67
CA GLU P 113 30.14 34.39 -24.27
C GLU P 113 29.06 35.33 -24.75
N ILE P 114 29.24 36.64 -24.69
CA ILE P 114 28.24 37.58 -25.19
C ILE P 114 28.06 37.47 -26.70
N ASN P 115 29.13 37.38 -27.49
CA ASN P 115 29.02 37.18 -28.93
C ASN P 115 28.42 35.83 -29.32
N GLN P 116 28.76 34.73 -28.64
CA GLN P 116 28.09 33.45 -28.88
C GLN P 116 26.61 33.48 -28.47
N LEU P 117 26.24 34.11 -27.35
CA LEU P 117 24.86 34.18 -26.92
C LEU P 117 24.02 35.08 -27.80
N ALA P 118 24.57 36.15 -28.36
CA ALA P 118 23.87 36.96 -29.35
C ALA P 118 23.57 36.17 -30.63
N SER P 119 24.53 35.40 -31.13
CA SER P 119 24.27 34.46 -32.21
C SER P 119 23.20 33.44 -31.85
N GLU P 120 23.11 32.97 -30.60
CA GLU P 120 22.01 32.11 -30.19
C GLU P 120 20.68 32.83 -30.20
N ILE P 121 20.57 34.09 -29.77
CA ILE P 121 19.32 34.85 -29.96
C ILE P 121 18.91 34.95 -31.43
N THR P 122 19.83 35.18 -32.35
CA THR P 122 19.52 35.13 -33.79
C THR P 122 19.19 33.73 -34.30
N ARG P 123 19.81 32.67 -33.80
CA ARG P 123 19.43 31.31 -34.16
C ARG P 123 18.08 30.91 -33.59
N ILE P 124 17.68 31.30 -32.39
CA ILE P 124 16.32 31.09 -31.96
C ILE P 124 15.33 31.85 -32.85
N ALA P 125 15.65 33.06 -33.29
CA ALA P 125 14.76 33.86 -34.13
C ALA P 125 14.53 33.27 -35.52
N SER P 126 15.59 33.02 -36.28
CA SER P 126 15.45 32.59 -37.67
C SER P 126 15.06 31.12 -37.78
N THR P 127 15.45 30.28 -36.83
CA THR P 127 15.16 28.84 -36.89
C THR P 127 13.77 28.47 -36.39
N THR P 128 13.23 29.09 -35.34
CA THR P 128 11.96 28.66 -34.76
C THR P 128 10.81 28.80 -35.75
N GLN P 129 10.21 27.69 -36.11
CA GLN P 129 9.13 27.59 -37.08
C GLN P 129 7.96 26.80 -36.51
N PHE P 130 6.77 27.08 -36.98
CA PHE P 130 5.61 26.23 -36.83
C PHE P 130 5.14 25.91 -38.23
N ASN P 131 5.02 24.63 -38.59
CA ASN P 131 4.56 24.24 -39.91
C ASN P 131 5.36 24.95 -41.05
N THR P 132 6.68 24.99 -40.95
CA THR P 132 7.61 25.65 -41.90
C THR P 132 7.54 27.18 -42.04
N MET P 133 6.76 27.90 -41.25
CA MET P 133 6.74 29.36 -41.25
C MET P 133 7.57 29.90 -40.08
N ASN P 134 8.50 30.82 -40.28
CA ASN P 134 9.24 31.47 -39.19
C ASN P 134 8.30 32.33 -38.36
N LEU P 135 8.39 32.30 -37.03
CA LEU P 135 7.40 32.96 -36.17
C LEU P 135 7.87 34.25 -35.53
N ILE P 136 9.14 34.33 -35.14
CA ILE P 136 9.69 35.47 -34.41
C ILE P 136 10.92 36.06 -35.13
N ASP P 137 10.93 36.04 -36.45
CA ASP P 137 11.95 36.69 -37.28
C ASP P 137 11.53 38.07 -37.80
N GLY P 138 10.32 38.52 -37.47
CA GLY P 138 9.75 39.78 -37.90
C GLY P 138 8.71 39.65 -39.00
N ASN P 139 8.67 38.52 -39.70
CA ASN P 139 7.87 38.32 -40.90
C ASN P 139 6.53 37.60 -40.66
N PHE P 140 6.16 37.36 -39.42
CA PHE P 140 4.84 36.81 -39.05
C PHE P 140 3.91 37.98 -38.73
N THR P 141 3.48 38.70 -39.76
CA THR P 141 2.63 39.91 -39.66
C THR P 141 1.42 39.79 -40.55
N SER P 142 0.29 40.39 -40.16
CA SER P 142 -0.99 40.32 -40.87
C SER P 142 -1.55 38.90 -41.03
N LYS P 143 -0.98 37.91 -40.34
CA LYS P 143 -1.39 36.51 -40.39
C LYS P 143 -2.68 36.39 -39.59
N LYS P 144 -3.67 35.67 -40.09
CA LYS P 144 -5.04 35.68 -39.57
C LYS P 144 -5.50 34.27 -39.21
N LEU P 145 -6.33 34.17 -38.19
CA LEU P 145 -7.03 32.96 -37.82
C LEU P 145 -8.48 33.11 -38.25
N GLN P 146 -9.05 32.18 -39.02
CA GLN P 146 -10.47 32.16 -39.33
C GLN P 146 -11.24 31.56 -38.15
N VAL P 147 -11.77 32.44 -37.29
CA VAL P 147 -12.25 32.14 -35.94
C VAL P 147 -13.78 32.15 -35.85
N GLY P 148 -14.44 31.75 -36.92
CA GLY P 148 -15.88 31.60 -36.93
C GLY P 148 -16.41 30.97 -38.20
N SER P 149 -17.71 30.83 -38.33
CA SER P 149 -18.34 30.13 -39.44
C SER P 149 -18.39 30.93 -40.75
N LEU P 150 -18.26 32.26 -40.71
CA LEU P 150 -18.47 33.16 -41.83
C LEU P 150 -17.18 33.76 -42.37
N CYS P 151 -17.19 34.23 -43.61
CA CYS P 151 -16.08 34.94 -44.23
C CYS P 151 -15.46 35.97 -43.26
N GLY P 152 -14.15 35.92 -43.05
CA GLY P 152 -13.41 36.98 -42.37
C GLY P 152 -13.78 37.25 -40.92
N GLN P 153 -14.13 36.24 -40.12
CA GLN P 153 -14.29 36.38 -38.67
C GLN P 153 -12.96 36.20 -37.95
N ALA P 154 -12.00 37.06 -38.27
CA ALA P 154 -10.60 36.90 -37.95
C ALA P 154 -10.20 37.12 -36.49
N ILE P 155 -8.97 36.72 -36.17
CA ILE P 155 -8.11 37.29 -35.12
C ILE P 155 -6.74 37.43 -35.77
N THR P 156 -6.04 38.53 -35.58
CA THR P 156 -4.77 38.74 -36.25
C THR P 156 -3.62 38.34 -35.33
N ILE P 157 -2.57 37.76 -35.88
CA ILE P 157 -1.33 37.36 -35.22
C ILE P 157 -0.17 38.17 -35.82
N ASP P 158 0.36 39.10 -35.05
CA ASP P 158 1.52 39.90 -35.42
C ASP P 158 2.59 39.69 -34.35
N ILE P 159 3.83 39.54 -34.79
CA ILE P 159 4.94 39.21 -33.91
C ILE P 159 6.14 40.04 -34.34
N SER P 160 6.47 41.11 -33.60
CA SER P 160 7.64 41.95 -33.89
C SER P 160 8.91 41.10 -33.94
N ASP P 161 9.91 41.54 -34.67
CA ASP P 161 11.18 40.81 -34.82
C ASP P 161 11.88 40.62 -33.46
N MET P 162 12.39 39.42 -33.21
CA MET P 162 13.04 39.03 -31.96
C MET P 162 14.45 38.49 -32.20
N SER P 163 15.06 38.83 -33.33
CA SER P 163 16.48 38.59 -33.64
C SER P 163 17.41 39.40 -32.74
N ALA P 164 18.71 39.12 -32.73
CA ALA P 164 19.64 39.99 -32.00
C ALA P 164 19.70 41.41 -32.58
N THR P 165 19.49 41.61 -33.89
CA THR P 165 19.30 42.96 -34.46
C THR P 165 17.97 43.58 -34.03
N GLY P 166 16.86 42.83 -34.04
CA GLY P 166 15.53 43.33 -33.70
C GLY P 166 15.40 43.82 -32.26
N LEU P 167 16.26 43.34 -31.36
CA LEU P 167 16.32 43.71 -29.95
C LEU P 167 17.47 44.66 -29.62
N GLY P 168 18.33 44.96 -30.59
CA GLY P 168 19.49 45.86 -30.42
C GLY P 168 20.65 45.25 -29.63
N VAL P 169 20.62 43.95 -29.35
CA VAL P 169 21.73 43.24 -28.69
C VAL P 169 22.78 42.75 -29.69
N SER P 170 22.64 43.10 -30.98
CA SER P 170 23.68 42.86 -31.98
C SER P 170 24.94 43.62 -31.58
N GLY P 171 26.03 42.91 -31.35
CA GLY P 171 27.28 43.54 -30.98
C GLY P 171 27.20 44.37 -29.70
N LEU P 172 26.83 43.75 -28.58
CA LEU P 172 27.09 44.34 -27.27
C LEU P 172 28.61 44.42 -27.05
N VAL P 173 29.16 45.59 -26.71
CA VAL P 173 30.61 45.76 -26.51
C VAL P 173 30.88 45.88 -25.02
N VAL P 174 31.67 45.00 -24.41
CA VAL P 174 31.82 44.94 -22.95
C VAL P 174 33.24 45.11 -22.45
N SER P 175 34.06 45.77 -23.24
CA SER P 175 35.50 45.96 -23.00
C SER P 175 35.88 47.21 -22.20
N SER P 176 34.91 47.96 -21.69
CA SER P 176 35.15 49.05 -20.75
C SER P 176 33.91 49.27 -19.87
N PHE P 177 34.01 50.02 -18.78
CA PHE P 177 32.85 50.40 -17.97
C PHE P 177 31.78 51.13 -18.79
N SER P 178 32.19 52.13 -19.58
CA SER P 178 31.34 52.87 -20.51
C SER P 178 30.55 51.95 -21.45
N ALA P 179 31.22 51.05 -22.16
CA ALA P 179 30.56 50.16 -23.10
C ALA P 179 29.79 49.01 -22.43
N ALA P 180 30.32 48.41 -21.37
CA ALA P 180 29.64 47.34 -20.67
C ALA P 180 28.42 47.81 -19.89
N GLY P 181 28.35 49.06 -19.44
CA GLY P 181 27.09 49.67 -19.01
C GLY P 181 26.12 49.91 -20.17
N LYS P 182 26.59 50.38 -21.34
CA LYS P 182 25.76 50.48 -22.55
C LYS P 182 25.17 49.12 -22.94
N ALA P 183 25.91 48.03 -22.71
CA ALA P 183 25.45 46.67 -22.91
C ALA P 183 24.44 46.17 -21.88
N MET P 184 24.55 46.56 -20.62
CA MET P 184 23.49 46.39 -19.64
C MET P 184 22.21 47.11 -20.06
N SER P 185 22.29 48.36 -20.48
CA SER P 185 21.13 49.12 -20.95
C SER P 185 20.46 48.41 -22.14
N ALA P 186 21.22 47.99 -23.14
CA ALA P 186 20.69 47.26 -24.27
C ALA P 186 19.99 45.95 -23.89
N ALA P 187 20.60 45.12 -23.04
CA ALA P 187 20.04 43.84 -22.62
C ALA P 187 18.84 43.97 -21.69
N GLN P 188 18.73 45.02 -20.88
CA GLN P 188 17.54 45.31 -20.10
C GLN P 188 16.40 45.89 -20.94
N ASP P 189 16.67 46.74 -21.93
CA ASP P 189 15.68 47.08 -22.95
C ASP P 189 15.22 45.84 -23.71
N ALA P 190 16.11 44.94 -24.12
CA ALA P 190 15.75 43.70 -24.77
C ALA P 190 14.91 42.77 -23.88
N ILE P 191 15.17 42.66 -22.58
CA ILE P 191 14.24 41.98 -21.67
C ILE P 191 12.90 42.70 -21.63
N SER P 192 12.87 44.02 -21.62
CA SER P 192 11.63 44.81 -21.70
C SER P 192 10.88 44.54 -23.02
N TYR P 193 11.55 44.39 -24.16
CA TYR P 193 10.93 44.06 -25.44
C TYR P 193 10.43 42.63 -25.50
N VAL P 194 11.21 41.67 -25.03
CA VAL P 194 10.80 40.26 -25.06
C VAL P 194 9.67 40.03 -24.06
N SER P 195 9.63 40.74 -22.94
CA SER P 195 8.46 40.79 -22.08
C SER P 195 7.25 41.39 -22.78
N SER P 196 7.40 42.49 -23.53
CA SER P 196 6.28 43.14 -24.21
C SER P 196 5.71 42.28 -25.32
N MET P 197 6.53 41.58 -26.10
CA MET P 197 6.04 40.64 -27.10
C MET P 197 5.46 39.38 -26.50
N ARG P 198 6.05 38.82 -25.44
CA ARG P 198 5.40 37.73 -24.71
C ARG P 198 4.12 38.18 -24.01
N SER P 199 3.97 39.44 -23.65
CA SER P 199 2.70 39.96 -23.14
C SER P 199 1.63 40.06 -24.22
N LYS P 200 1.98 40.30 -25.48
CA LYS P 200 1.04 40.28 -26.60
C LYS P 200 0.65 38.85 -26.93
N LEU P 201 1.62 37.95 -27.12
CA LEU P 201 1.36 36.53 -27.33
C LEU P 201 0.65 35.84 -26.17
N GLY P 202 0.77 36.32 -24.95
CA GLY P 202 0.06 35.77 -23.80
C GLY P 202 -1.39 36.20 -23.77
N ALA P 203 -1.65 37.50 -23.86
CA ALA P 203 -3.00 38.05 -23.93
C ALA P 203 -3.83 37.53 -25.10
N LEU P 204 -3.17 37.22 -26.21
CA LEU P 204 -3.74 36.64 -27.42
C LEU P 204 -4.14 35.21 -27.18
N GLN P 205 -3.32 34.41 -26.51
CA GLN P 205 -3.68 33.05 -26.19
C GLN P 205 -4.84 33.00 -25.19
N ASN P 206 -4.95 33.98 -24.32
CA ASN P 206 -6.15 34.14 -23.50
C ASN P 206 -7.38 34.55 -24.29
N ARG P 207 -7.33 35.27 -25.40
CA ARG P 207 -8.51 35.37 -26.27
C ARG P 207 -8.91 34.02 -26.78
N LEU P 208 -7.98 33.27 -27.33
CA LEU P 208 -8.32 32.02 -27.97
C LEU P 208 -8.77 30.94 -26.99
N GLU P 209 -8.35 30.96 -25.73
CA GLU P 209 -8.93 30.04 -24.78
C GLU P 209 -10.40 30.41 -24.47
N HIS P 210 -10.75 31.70 -24.47
CA HIS P 210 -12.15 32.13 -24.41
C HIS P 210 -12.90 31.83 -25.71
N THR P 211 -12.33 32.11 -26.87
CA THR P 211 -12.87 31.74 -28.17
C THR P 211 -13.14 30.25 -28.29
N ILE P 212 -12.26 29.34 -27.86
CA ILE P 212 -12.57 27.91 -27.96
C ILE P 212 -13.71 27.56 -26.98
N SER P 213 -13.65 28.05 -25.75
CA SER P 213 -14.75 27.90 -24.79
C SER P 213 -16.08 28.43 -25.29
N ASN P 214 -16.06 29.45 -26.16
CA ASN P 214 -17.24 30.01 -26.80
C ASN P 214 -17.68 29.16 -27.99
N LEU P 215 -16.84 28.87 -28.96
CA LEU P 215 -17.23 28.13 -30.18
C LEU P 215 -17.67 26.69 -29.88
N ASP P 216 -17.07 26.02 -28.90
CA ASP P 216 -17.49 24.69 -28.45
C ASP P 216 -18.87 24.68 -27.84
N ASN P 217 -19.21 25.75 -27.11
CA ASN P 217 -20.51 25.97 -26.54
C ASN P 217 -21.53 26.34 -27.62
N ILE P 218 -21.26 27.30 -28.52
CA ILE P 218 -22.17 27.62 -29.63
C ILE P 218 -22.38 26.40 -30.52
N SER P 219 -21.34 25.64 -30.84
CA SER P 219 -21.44 24.43 -31.64
C SER P 219 -22.29 23.36 -30.98
N GLU P 220 -22.21 23.19 -29.66
CA GLU P 220 -23.06 22.26 -28.92
C GLU P 220 -24.52 22.71 -28.92
N ASN P 221 -24.76 24.00 -28.75
CA ASN P 221 -26.11 24.52 -28.80
C ASN P 221 -26.73 24.54 -30.19
N THR P 222 -25.96 24.77 -31.26
CA THR P 222 -26.47 24.63 -32.63
C THR P 222 -26.40 23.21 -33.17
N SER P 223 -25.67 22.27 -32.55
CA SER P 223 -25.94 20.83 -32.73
C SER P 223 -27.25 20.43 -32.07
N SER P 224 -27.55 20.97 -30.90
CA SER P 224 -28.80 20.71 -30.22
C SER P 224 -29.97 21.25 -31.03
N ALA P 225 -29.91 22.51 -31.45
CA ALA P 225 -30.91 23.12 -32.28
C ALA P 225 -31.16 22.36 -33.60
N GLU P 226 -30.14 21.89 -34.30
CA GLU P 226 -30.38 21.11 -35.50
C GLU P 226 -30.93 19.72 -35.21
N SER P 227 -30.37 19.00 -34.24
CA SER P 227 -30.93 17.73 -33.80
C SER P 227 -32.41 17.84 -33.43
N ARG P 228 -32.85 18.97 -32.87
CA ARG P 228 -34.26 19.26 -32.57
C ARG P 228 -35.13 19.18 -33.81
N ILE P 229 -34.60 19.59 -34.96
CA ILE P 229 -35.35 19.77 -36.21
C ILE P 229 -35.23 18.53 -37.08
N ARG P 230 -34.02 18.02 -37.28
CA ARG P 230 -33.71 17.05 -38.31
C ARG P 230 -33.77 15.61 -37.81
N ASP P 231 -33.48 15.30 -36.56
CA ASP P 231 -33.37 13.90 -36.13
C ASP P 231 -34.71 13.27 -35.78
N THR P 232 -34.85 11.98 -36.02
CA THR P 232 -36.02 11.22 -35.60
C THR P 232 -35.96 11.04 -34.10
N ASP P 233 -36.96 11.50 -33.35
CA ASP P 233 -37.14 10.99 -31.99
C ASP P 233 -37.71 9.59 -32.10
N MET P 234 -36.90 8.55 -31.84
CA MET P 234 -37.23 7.17 -32.19
C MET P 234 -38.40 6.63 -31.42
N ALA P 235 -38.64 7.17 -30.23
CA ALA P 235 -39.83 6.91 -29.45
C ALA P 235 -41.07 7.36 -30.22
N GLU P 236 -41.17 8.66 -30.55
CA GLU P 236 -42.31 9.26 -31.25
C GLU P 236 -42.54 8.64 -32.63
N GLU P 237 -41.50 8.30 -33.37
CA GLU P 237 -41.65 7.68 -34.67
C GLU P 237 -42.05 6.22 -34.58
N MET P 238 -41.64 5.47 -33.56
CA MET P 238 -42.14 4.12 -33.36
C MET P 238 -43.58 4.06 -32.83
N VAL P 239 -44.06 5.13 -32.17
CA VAL P 239 -45.50 5.40 -31.97
C VAL P 239 -46.21 5.54 -33.31
N GLU P 240 -45.68 6.32 -34.24
CA GLU P 240 -46.32 6.55 -35.54
C GLU P 240 -46.18 5.40 -36.51
N TYR P 241 -45.18 4.54 -36.35
CA TYR P 241 -44.92 3.40 -37.20
C TYR P 241 -45.82 2.22 -36.85
N SER P 242 -46.01 1.92 -35.56
CA SER P 242 -46.93 0.88 -35.11
C SER P 242 -48.37 1.11 -35.53
N LYS P 243 -48.89 2.36 -35.45
CA LYS P 243 -50.25 2.72 -35.91
C LYS P 243 -50.47 2.25 -37.33
N ASN P 244 -49.53 2.55 -38.21
CA ASN P 244 -49.60 2.24 -39.64
C ASN P 244 -49.36 0.77 -39.93
N ASN P 245 -48.45 0.12 -39.22
CA ASN P 245 -48.20 -1.31 -39.35
C ASN P 245 -49.47 -2.09 -39.00
N ILE P 246 -50.17 -1.73 -37.91
CA ILE P 246 -51.47 -2.30 -37.54
C ILE P 246 -52.58 -1.91 -38.53
N LEU P 247 -52.70 -0.65 -38.93
CA LEU P 247 -53.65 -0.26 -39.99
C LEU P 247 -53.45 -1.00 -41.30
N ALA P 248 -52.22 -1.29 -41.71
CA ALA P 248 -51.98 -2.04 -42.93
C ALA P 248 -52.50 -3.45 -42.79
N GLN P 249 -52.21 -4.13 -41.67
CA GLN P 249 -52.76 -5.47 -41.43
C GLN P 249 -54.28 -5.46 -41.35
N ALA P 250 -54.88 -4.51 -40.65
CA ALA P 250 -56.32 -4.32 -40.60
C ALA P 250 -56.95 -4.02 -41.97
N GLY P 251 -56.36 -3.12 -42.77
CA GLY P 251 -56.78 -2.81 -44.14
C GLY P 251 -56.60 -3.96 -45.13
N GLN P 252 -55.52 -4.74 -45.04
CA GLN P 252 -55.35 -5.98 -45.82
C GLN P 252 -56.42 -6.98 -45.48
N SER P 253 -56.74 -7.14 -44.20
CA SER P 253 -57.81 -8.01 -43.73
C SER P 253 -59.16 -7.56 -44.23
N MET P 254 -59.39 -6.25 -44.27
CA MET P 254 -60.61 -5.68 -44.85
C MET P 254 -60.71 -5.86 -46.35
N LEU P 255 -59.59 -5.80 -47.06
CA LEU P 255 -59.55 -6.11 -48.48
C LEU P 255 -59.75 -7.59 -48.76
N ALA P 256 -59.10 -8.50 -48.06
CA ALA P 256 -59.43 -9.93 -48.14
C ALA P 256 -60.92 -10.19 -47.88
N GLN P 257 -61.53 -9.54 -46.88
CA GLN P 257 -62.96 -9.69 -46.63
C GLN P 257 -63.84 -9.08 -47.73
N ALA P 258 -63.48 -7.91 -48.26
CA ALA P 258 -64.21 -7.20 -49.29
C ALA P 258 -64.13 -7.87 -50.66
N ASN P 259 -63.02 -8.50 -51.01
CA ASN P 259 -62.92 -9.35 -52.20
C ASN P 259 -63.92 -10.51 -52.15
N GLN P 260 -64.17 -11.05 -50.96
CA GLN P 260 -65.18 -12.09 -50.75
C GLN P 260 -66.62 -11.56 -50.66
N SER P 261 -66.86 -10.26 -50.84
CA SER P 261 -68.18 -9.64 -50.75
C SER P 261 -69.16 -10.20 -51.79
N THR P 262 -68.79 -10.14 -53.06
CA THR P 262 -69.71 -10.49 -54.15
C THR P 262 -69.78 -11.99 -54.45
N GLN P 263 -69.13 -12.83 -53.63
CA GLN P 263 -69.38 -14.28 -53.57
C GLN P 263 -70.84 -14.60 -53.31
N GLY P 264 -71.56 -13.67 -52.68
CA GLY P 264 -73.00 -13.74 -52.46
C GLY P 264 -73.86 -13.66 -53.72
N VAL P 265 -73.28 -13.43 -54.91
CA VAL P 265 -74.03 -13.42 -56.17
C VAL P 265 -74.45 -14.83 -56.56
N LEU P 266 -73.65 -15.83 -56.22
CA LEU P 266 -73.60 -17.06 -57.02
C LEU P 266 -74.83 -17.96 -56.87
N SER P 267 -75.61 -17.77 -55.82
CA SER P 267 -76.81 -18.53 -55.50
C SER P 267 -78.10 -17.87 -55.99
N LEU P 268 -78.01 -16.67 -56.57
CA LEU P 268 -79.12 -15.74 -56.71
C LEU P 268 -80.00 -15.95 -57.95
N LEU P 269 -80.81 -17.02 -57.97
CA LEU P 269 -81.52 -17.54 -59.14
C LEU P 269 -80.59 -17.63 -60.36
N GLN P 270 -79.45 -18.28 -60.11
CA GLN P 270 -78.48 -18.68 -61.12
C GLN P 270 -78.50 -20.21 -61.20
N MET Q 1 -90.33 -20.41 -80.25
CA MET Q 1 -88.92 -19.98 -80.41
C MET Q 1 -88.28 -20.58 -81.67
N VAL Q 2 -87.14 -20.05 -82.11
CA VAL Q 2 -86.36 -20.65 -83.22
C VAL Q 2 -85.72 -21.95 -82.74
N VAL Q 3 -85.72 -22.96 -83.59
CA VAL Q 3 -85.33 -24.31 -83.13
C VAL Q 3 -83.82 -24.44 -82.96
N GLN Q 4 -83.01 -23.86 -83.85
CA GLN Q 4 -81.61 -24.28 -83.96
C GLN Q 4 -80.50 -23.24 -83.84
N HIS Q 5 -80.66 -22.00 -84.30
CA HIS Q 5 -79.77 -20.95 -83.78
C HIS Q 5 -80.22 -20.59 -82.37
N ASN Q 6 -79.44 -20.91 -81.35
CA ASN Q 6 -79.73 -20.44 -80.01
C ASN Q 6 -79.00 -19.11 -79.77
N LEU Q 7 -79.58 -18.00 -80.18
CA LEU Q 7 -78.90 -16.71 -80.09
C LEU Q 7 -78.82 -16.15 -78.66
N THR Q 8 -79.60 -16.67 -77.71
CA THR Q 8 -79.33 -16.42 -76.30
C THR Q 8 -78.02 -17.04 -75.90
N ALA Q 9 -77.85 -18.34 -76.09
CA ALA Q 9 -76.66 -19.08 -75.67
C ALA Q 9 -75.41 -18.60 -76.38
N MET Q 10 -75.47 -18.29 -77.67
CA MET Q 10 -74.30 -17.80 -78.40
C MET Q 10 -73.82 -16.44 -77.91
N ASN Q 11 -74.68 -15.57 -77.37
CA ASN Q 11 -74.26 -14.36 -76.66
C ASN Q 11 -73.67 -14.70 -75.29
N ALA Q 12 -74.30 -15.59 -74.53
CA ALA Q 12 -73.79 -16.01 -73.22
C ALA Q 12 -72.41 -16.66 -73.33
N ASN Q 13 -72.17 -17.45 -74.37
CA ASN Q 13 -70.86 -17.94 -74.78
C ASN Q 13 -69.91 -16.79 -75.08
N ARG Q 14 -70.23 -15.92 -76.03
CA ARG Q 14 -69.29 -14.89 -76.45
C ARG Q 14 -68.95 -13.92 -75.33
N GLN Q 15 -69.87 -13.63 -74.40
CA GLN Q 15 -69.59 -12.92 -73.15
C GLN Q 15 -68.75 -13.72 -72.15
N LEU Q 16 -68.93 -15.04 -72.06
CA LEU Q 16 -68.08 -15.86 -71.21
C LEU Q 16 -66.66 -15.89 -71.73
N GLY Q 17 -66.45 -15.92 -73.03
CA GLY Q 17 -65.15 -15.73 -73.66
C GLY Q 17 -64.42 -14.45 -73.26
N ILE Q 18 -65.08 -13.28 -73.24
CA ILE Q 18 -64.44 -12.06 -72.73
C ILE Q 18 -64.04 -12.22 -71.26
N THR Q 19 -64.86 -12.88 -70.46
CA THR Q 19 -64.56 -13.02 -69.04
C THR Q 19 -63.44 -14.00 -68.78
N THR Q 20 -63.38 -15.14 -69.46
CA THR Q 20 -62.25 -16.08 -69.36
C THR Q 20 -60.98 -15.58 -70.03
N GLY Q 21 -61.07 -14.70 -71.01
CA GLY Q 21 -59.94 -13.95 -71.53
C GLY Q 21 -59.38 -12.96 -70.53
N ALA Q 22 -60.22 -12.08 -70.00
CA ALA Q 22 -59.80 -11.08 -69.02
C ALA Q 22 -59.30 -11.69 -67.70
N GLN Q 23 -59.76 -12.88 -67.33
CA GLN Q 23 -59.23 -13.63 -66.21
C GLN Q 23 -57.80 -14.14 -66.45
N ALA Q 24 -57.47 -14.67 -67.63
CA ALA Q 24 -56.12 -15.16 -67.91
C ALA Q 24 -55.08 -14.04 -67.97
N LYS Q 25 -55.44 -12.87 -68.53
CA LYS Q 25 -54.65 -11.63 -68.50
C LYS Q 25 -54.30 -11.20 -67.08
N SER Q 26 -55.29 -11.18 -66.19
CA SER Q 26 -55.10 -10.92 -64.76
C SER Q 26 -54.22 -11.95 -64.08
N SER Q 27 -54.52 -13.23 -64.20
CA SER Q 27 -53.79 -14.28 -63.52
C SER Q 27 -52.29 -14.25 -63.82
N GLU Q 28 -51.91 -13.93 -65.07
CA GLU Q 28 -50.52 -13.78 -65.47
C GLU Q 28 -49.80 -12.72 -64.64
N LYS Q 29 -50.42 -11.57 -64.38
CA LYS Q 29 -49.90 -10.47 -63.56
C LYS Q 29 -49.72 -10.86 -62.10
N LEU Q 30 -50.62 -11.67 -61.55
CA LEU Q 30 -50.45 -12.20 -60.20
C LEU Q 30 -49.35 -13.25 -60.12
N SER Q 31 -49.32 -14.19 -61.06
CA SER Q 31 -48.36 -15.28 -60.99
C SER Q 31 -46.92 -14.87 -61.29
N SER Q 32 -46.69 -13.92 -62.21
CA SER Q 32 -45.37 -13.33 -62.45
C SER Q 32 -45.05 -12.19 -61.50
N GLY Q 33 -46.03 -11.43 -61.04
CA GLY Q 33 -45.82 -10.28 -60.18
C GLY Q 33 -45.51 -9.02 -60.97
N TYR Q 34 -45.66 -9.03 -62.30
CA TYR Q 34 -45.51 -7.89 -63.18
C TYR Q 34 -46.80 -7.48 -63.86
N LYS Q 35 -47.02 -6.17 -63.92
CA LYS Q 35 -48.13 -5.48 -64.58
C LYS Q 35 -47.97 -5.39 -66.10
N ILE Q 36 -46.74 -5.50 -66.62
CA ILE Q 36 -46.40 -5.53 -68.05
C ILE Q 36 -45.59 -6.79 -68.33
N ASN Q 37 -46.21 -7.83 -68.86
CA ASN Q 37 -45.54 -9.05 -69.26
C ASN Q 37 -45.16 -9.03 -70.75
N ARG Q 38 -45.87 -8.21 -71.52
CA ARG Q 38 -45.77 -8.09 -72.96
C ARG Q 38 -46.09 -6.66 -73.38
N ALA Q 39 -45.63 -6.20 -74.54
CA ALA Q 39 -45.79 -4.81 -74.95
C ALA Q 39 -47.25 -4.33 -75.00
N ALA Q 40 -48.19 -5.25 -75.26
CA ALA Q 40 -49.62 -5.01 -75.37
C ALA Q 40 -50.30 -4.56 -74.05
N ASP Q 41 -49.59 -4.56 -72.92
CA ASP Q 41 -50.08 -4.13 -71.61
C ASP Q 41 -49.94 -2.60 -71.41
N ASP Q 42 -48.73 -2.07 -71.52
CA ASP Q 42 -48.37 -0.65 -71.64
C ASP Q 42 -47.19 -0.54 -72.61
N ALA Q 43 -47.39 -0.05 -73.84
CA ALA Q 43 -46.30 0.05 -74.79
C ALA Q 43 -45.27 1.13 -74.38
N ALA Q 44 -45.72 2.24 -73.82
CA ALA Q 44 -44.83 3.18 -73.14
C ALA Q 44 -44.22 2.58 -71.87
N GLY Q 45 -44.95 1.76 -71.12
CA GLY Q 45 -44.49 1.22 -69.84
C GLY Q 45 -43.44 0.14 -70.00
N LEU Q 46 -43.54 -0.74 -70.99
CA LEU Q 46 -42.45 -1.63 -71.39
C LEU Q 46 -41.22 -0.83 -71.82
N THR Q 47 -41.36 0.07 -72.79
CA THR Q 47 -40.26 0.91 -73.31
C THR Q 47 -39.59 1.74 -72.23
N ILE Q 48 -40.33 2.41 -71.34
CA ILE Q 48 -39.76 3.24 -70.26
C ILE Q 48 -39.11 2.36 -69.22
N SER Q 49 -39.75 1.26 -68.85
CA SER Q 49 -39.17 0.35 -67.87
C SER Q 49 -37.89 -0.28 -68.35
N GLU Q 50 -37.70 -0.57 -69.64
CA GLU Q 50 -36.42 -1.06 -70.12
C GLU Q 50 -35.31 -0.02 -70.02
N LYS Q 51 -35.59 1.26 -70.23
CA LYS Q 51 -34.64 2.33 -69.95
C LYS Q 51 -34.33 2.44 -68.47
N MET Q 52 -35.31 2.20 -67.61
CA MET Q 52 -35.11 2.29 -66.16
C MET Q 52 -34.42 1.06 -65.59
N ARG Q 53 -34.73 -0.16 -66.04
CA ARG Q 53 -34.02 -1.39 -65.70
C ARG Q 53 -32.59 -1.32 -66.16
N SER Q 54 -32.37 -0.85 -67.38
CA SER Q 54 -31.06 -0.58 -67.94
C SER Q 54 -30.28 0.38 -67.05
N GLN Q 55 -30.91 1.46 -66.60
CA GLN Q 55 -30.30 2.42 -65.71
C GLN Q 55 -30.02 1.87 -64.32
N VAL Q 56 -30.94 1.14 -63.67
CA VAL Q 56 -30.70 0.53 -62.36
C VAL Q 56 -29.54 -0.45 -62.43
N ARG Q 57 -29.54 -1.41 -63.35
CA ARG Q 57 -28.41 -2.32 -63.59
C ARG Q 57 -27.13 -1.57 -63.90
N GLY Q 58 -27.19 -0.54 -64.73
CA GLY Q 58 -26.02 0.27 -65.04
C GLY Q 58 -25.47 0.97 -63.83
N LEU Q 59 -26.29 1.64 -63.05
CA LEU Q 59 -25.92 2.32 -61.81
C LEU Q 59 -25.39 1.39 -60.74
N ASN Q 60 -25.80 0.12 -60.72
CA ASN Q 60 -25.30 -0.85 -59.76
C ASN Q 60 -23.94 -1.41 -60.15
N LYS Q 61 -23.66 -1.63 -61.43
CA LYS Q 61 -22.29 -1.89 -61.91
C LYS Q 61 -21.42 -0.63 -61.83
N ALA Q 62 -21.98 0.56 -61.99
CA ALA Q 62 -21.29 1.81 -61.71
C ALA Q 62 -20.92 1.95 -60.24
N SER Q 63 -21.80 1.62 -59.31
CA SER Q 63 -21.52 1.76 -57.89
C SER Q 63 -20.47 0.75 -57.44
N ASP Q 64 -20.49 -0.45 -58.01
CA ASP Q 64 -19.43 -1.44 -57.82
C ASP Q 64 -18.10 -0.99 -58.43
N ASN Q 65 -18.08 -0.35 -59.60
CA ASN Q 65 -16.86 0.21 -60.16
C ASN Q 65 -16.29 1.35 -59.33
N ALA Q 66 -17.13 2.17 -58.72
CA ALA Q 66 -16.67 3.23 -57.82
C ALA Q 66 -16.09 2.66 -56.55
N GLN Q 67 -16.59 1.54 -56.05
CA GLN Q 67 -16.00 0.82 -54.94
C GLN Q 67 -14.74 0.04 -55.32
N ASP Q 68 -14.59 -0.47 -56.54
CA ASP Q 68 -13.28 -0.87 -57.03
C ASP Q 68 -12.31 0.31 -57.13
N GLY Q 69 -12.77 1.49 -57.50
CA GLY Q 69 -11.99 2.70 -57.35
C GLY Q 69 -11.57 2.97 -55.90
N VAL Q 70 -12.49 2.99 -54.93
CA VAL Q 70 -12.14 3.22 -53.53
C VAL Q 70 -11.23 2.12 -52.98
N SER Q 71 -11.47 0.86 -53.28
CA SER Q 71 -10.56 -0.21 -52.84
C SER Q 71 -9.19 -0.12 -53.48
N LEU Q 72 -9.10 0.18 -54.77
CA LEU Q 72 -7.82 0.42 -55.41
C LEU Q 72 -7.08 1.55 -54.74
N ILE Q 73 -7.72 2.70 -54.55
CA ILE Q 73 -7.11 3.87 -53.91
C ILE Q 73 -6.64 3.52 -52.51
N GLN Q 74 -7.39 2.77 -51.72
CA GLN Q 74 -6.95 2.41 -50.38
C GLN Q 74 -5.72 1.51 -50.37
N VAL Q 75 -5.46 0.73 -51.42
CA VAL Q 75 -4.15 0.06 -51.55
C VAL Q 75 -3.06 1.10 -51.77
N ALA Q 76 -3.23 2.06 -52.67
CA ALA Q 76 -2.22 3.07 -52.96
C ALA Q 76 -1.98 4.02 -51.77
N GLU Q 77 -3.01 4.45 -51.08
CA GLU Q 77 -2.92 5.21 -49.84
C GLU Q 77 -2.21 4.44 -48.75
N GLY Q 78 -2.42 3.12 -48.67
CA GLY Q 78 -1.77 2.25 -47.70
C GLY Q 78 -0.32 1.99 -48.03
N ALA Q 79 0.05 1.83 -49.29
CA ALA Q 79 1.44 1.71 -49.68
C ALA Q 79 2.22 2.99 -49.38
N LEU Q 80 1.68 4.14 -49.74
CA LEU Q 80 2.34 5.42 -49.50
C LEU Q 80 2.40 5.80 -48.04
N SER Q 81 1.59 5.13 -47.20
CA SER Q 81 1.64 5.27 -45.76
C SER Q 81 2.95 4.77 -45.18
N GLU Q 82 3.54 3.72 -45.74
CA GLU Q 82 4.88 3.30 -45.32
C GLU Q 82 5.97 4.00 -46.07
N THR Q 83 5.78 4.49 -47.29
CA THR Q 83 6.72 5.46 -47.86
C THR Q 83 6.89 6.65 -46.92
N HIS Q 84 5.85 7.20 -46.31
CA HIS Q 84 6.07 8.18 -45.25
C HIS Q 84 6.85 7.65 -44.05
N SER Q 85 6.55 6.48 -43.48
CA SER Q 85 7.35 5.94 -42.37
C SER Q 85 8.82 5.81 -42.74
N ILE Q 86 9.12 5.36 -43.95
CA ILE Q 86 10.48 5.30 -44.47
C ILE Q 86 11.08 6.70 -44.65
N LEU Q 87 10.41 7.66 -45.27
CA LEU Q 87 10.95 9.01 -45.42
C LEU Q 87 11.08 9.79 -44.10
N GLN Q 88 10.22 9.56 -43.12
CA GLN Q 88 10.36 10.15 -41.79
C GLN Q 88 11.60 9.59 -41.09
N ARG Q 89 11.90 8.31 -41.27
CA ARG Q 89 13.14 7.66 -40.84
C ARG Q 89 14.35 8.13 -41.63
N MET Q 90 14.25 8.37 -42.93
CA MET Q 90 15.39 8.89 -43.71
C MET Q 90 15.67 10.34 -43.38
N ASN Q 91 14.70 11.19 -43.11
CA ASN Q 91 14.98 12.54 -42.65
C ASN Q 91 15.72 12.55 -41.30
N GLU Q 92 15.24 11.73 -40.38
CA GLU Q 92 15.79 11.55 -39.06
C GLU Q 92 17.19 10.97 -39.09
N LEU Q 93 17.48 10.01 -39.96
CA LEU Q 93 18.84 9.50 -40.13
C LEU Q 93 19.74 10.53 -40.80
N ALA Q 94 19.29 11.23 -41.82
CA ALA Q 94 20.09 12.28 -42.43
C ALA Q 94 20.37 13.42 -41.45
N THR Q 95 19.42 13.80 -40.60
CA THR Q 95 19.60 14.79 -39.52
C THR Q 95 20.59 14.34 -38.47
N GLN Q 96 20.69 13.04 -38.21
CA GLN Q 96 21.72 12.45 -37.36
C GLN Q 96 23.10 12.44 -38.01
N ALA Q 97 23.23 12.08 -39.28
CA ALA Q 97 24.52 12.06 -39.98
C ALA Q 97 25.07 13.45 -40.32
N ALA Q 98 24.24 14.47 -40.33
CA ALA Q 98 24.65 15.84 -40.59
C ALA Q 98 25.46 16.46 -39.45
N ASN Q 99 25.95 15.71 -38.47
CA ASN Q 99 26.57 16.25 -37.28
C ASN Q 99 28.06 15.92 -37.27
N ASP Q 100 28.95 16.89 -37.42
CA ASP Q 100 30.42 16.71 -37.43
C ASP Q 100 30.98 16.52 -36.01
N THR Q 101 30.37 15.59 -35.31
CA THR Q 101 30.98 14.79 -34.26
C THR Q 101 31.03 13.33 -34.70
N ASN Q 102 30.18 12.89 -35.64
CA ASN Q 102 30.33 11.61 -36.33
C ASN Q 102 31.72 11.57 -36.98
N THR Q 103 32.40 10.41 -36.96
CA THR Q 103 33.51 10.18 -37.88
C THR Q 103 33.06 9.31 -39.04
N THR Q 104 33.92 9.00 -39.97
CA THR Q 104 33.58 8.33 -41.24
C THR Q 104 32.86 7.01 -40.99
N SER Q 105 33.35 6.15 -40.09
CA SER Q 105 32.75 4.83 -39.87
C SER Q 105 31.32 4.86 -39.31
N ASP Q 106 30.89 5.96 -38.70
CA ASP Q 106 29.52 6.21 -38.23
C ASP Q 106 28.60 6.66 -39.35
N ARG Q 107 29.12 7.36 -40.36
CA ARG Q 107 28.32 7.79 -41.50
C ARG Q 107 28.16 6.73 -42.55
N THR Q 108 29.06 5.77 -42.64
CA THR Q 108 28.75 4.49 -43.33
C THR Q 108 27.81 3.63 -42.50
N ALA Q 109 27.84 3.65 -41.17
CA ALA Q 109 26.77 3.01 -40.39
C ALA Q 109 25.38 3.66 -40.59
N VAL Q 110 25.28 4.98 -40.78
CA VAL Q 110 24.03 5.61 -41.25
C VAL Q 110 23.74 5.23 -42.69
N GLN Q 111 24.72 5.34 -43.58
CA GLN Q 111 24.54 5.12 -44.99
C GLN Q 111 24.03 3.70 -45.27
N GLN Q 112 24.47 2.67 -44.54
CA GLN Q 112 23.93 1.30 -44.70
C GLN Q 112 22.42 1.31 -44.66
N GLU Q 113 21.83 2.02 -43.69
CA GLU Q 113 20.39 2.11 -43.52
C GLU Q 113 19.74 3.03 -44.53
N ILE Q 114 20.37 4.12 -44.93
CA ILE Q 114 19.79 5.02 -45.92
C ILE Q 114 19.77 4.37 -47.30
N ASN Q 115 20.75 3.54 -47.65
CA ASN Q 115 20.69 2.72 -48.85
C ASN Q 115 19.65 1.60 -48.76
N GLN Q 116 19.58 0.86 -47.66
CA GLN Q 116 18.56 -0.16 -47.46
C GLN Q 116 17.14 0.43 -47.50
N LEU Q 117 16.89 1.57 -46.86
CA LEU Q 117 15.59 2.23 -46.91
C LEU Q 117 15.24 2.82 -48.25
N ALA Q 118 16.18 3.39 -49.01
CA ALA Q 118 15.89 3.83 -50.37
C ALA Q 118 15.53 2.67 -51.31
N SER Q 119 16.18 1.51 -51.21
CA SER Q 119 15.68 0.29 -51.87
C SER Q 119 14.27 -0.07 -51.43
N GLU Q 120 13.86 0.19 -50.20
CA GLU Q 120 12.54 -0.20 -49.72
C GLU Q 120 11.47 0.64 -50.36
N ILE Q 121 11.66 1.95 -50.50
CA ILE Q 121 10.77 2.83 -51.28
C ILE Q 121 10.58 2.32 -52.71
N THR Q 122 11.64 1.87 -53.39
CA THR Q 122 11.49 1.24 -54.70
C THR Q 122 10.83 -0.14 -54.65
N ARG Q 123 11.01 -0.92 -53.59
CA ARG Q 123 10.27 -2.18 -53.40
C ARG Q 123 8.79 -1.96 -53.11
N ILE Q 124 8.38 -0.97 -52.34
CA ILE Q 124 6.98 -0.59 -52.29
C ILE Q 124 6.52 -0.11 -53.67
N ALA Q 125 7.24 0.77 -54.36
CA ALA Q 125 6.80 1.29 -55.65
C ALA Q 125 6.57 0.25 -56.73
N SER Q 126 7.54 -0.63 -57.00
CA SER Q 126 7.40 -1.60 -58.07
C SER Q 126 6.57 -2.82 -57.65
N THR Q 127 6.33 -3.04 -56.36
CA THR Q 127 5.56 -4.20 -55.88
C THR Q 127 4.09 -3.92 -55.54
N THR Q 128 3.68 -2.75 -55.05
CA THR Q 128 2.27 -2.53 -54.71
C THR Q 128 1.36 -2.60 -55.92
N GLN Q 129 0.51 -3.62 -55.97
CA GLN Q 129 -0.41 -3.90 -57.06
C GLN Q 129 -1.82 -4.15 -56.52
N PHE Q 130 -2.85 -3.61 -57.16
CA PHE Q 130 -4.24 -3.82 -56.72
C PHE Q 130 -4.83 -5.13 -57.23
N ASN Q 131 -4.57 -5.44 -58.49
CA ASN Q 131 -5.14 -6.59 -59.19
C ASN Q 131 -3.99 -7.42 -59.77
N THR Q 132 -3.33 -6.91 -60.80
CA THR Q 132 -1.93 -7.18 -61.19
C THR Q 132 -1.20 -5.94 -61.70
N MET Q 133 -1.89 -4.82 -61.91
CA MET Q 133 -1.31 -3.56 -62.31
C MET Q 133 -0.51 -2.94 -61.17
N ASN Q 134 0.65 -2.34 -61.44
CA ASN Q 134 1.33 -1.53 -60.44
C ASN Q 134 0.55 -0.25 -60.18
N LEU Q 135 0.45 0.18 -58.94
CA LEU Q 135 -0.25 1.42 -58.64
C LEU Q 135 0.64 2.66 -58.66
N ILE Q 136 1.90 2.55 -58.22
CA ILE Q 136 2.70 3.75 -57.89
C ILE Q 136 4.11 3.71 -58.48
N ASP Q 137 4.38 2.88 -59.47
CA ASP Q 137 5.58 2.98 -60.29
C ASP Q 137 5.51 4.17 -61.28
N GLY Q 138 4.36 4.81 -61.42
CA GLY Q 138 4.14 5.93 -62.34
C GLY Q 138 3.50 5.54 -63.65
N ASN Q 139 3.15 4.27 -63.85
CA ASN Q 139 2.42 3.80 -65.02
C ASN Q 139 0.90 3.77 -64.86
N PHE Q 140 0.36 4.02 -63.66
CA PHE Q 140 -1.07 4.15 -63.43
C PHE Q 140 -1.55 5.55 -63.79
N THR Q 141 -1.47 5.91 -65.08
CA THR Q 141 -1.84 7.22 -65.60
C THR Q 141 -2.88 7.12 -66.69
N SER Q 142 -3.75 8.11 -66.83
CA SER Q 142 -4.89 8.13 -67.75
C SER Q 142 -5.81 6.91 -67.63
N LYS Q 143 -5.87 6.28 -66.45
CA LYS Q 143 -6.77 5.15 -66.17
C LYS Q 143 -8.15 5.71 -65.88
N LYS Q 144 -9.22 4.95 -66.07
CA LYS Q 144 -10.60 5.42 -65.82
C LYS Q 144 -11.34 4.52 -64.83
N LEU Q 145 -12.27 5.12 -64.13
CA LEU Q 145 -13.43 4.46 -63.56
C LEU Q 145 -14.67 4.86 -64.37
N GLN Q 146 -15.47 3.91 -64.83
CA GLN Q 146 -16.78 4.14 -65.41
C GLN Q 146 -17.83 4.29 -64.29
N VAL Q 147 -18.21 5.52 -64.00
CA VAL Q 147 -18.90 6.00 -62.80
C VAL Q 147 -20.36 6.40 -63.07
N GLY Q 148 -20.97 5.83 -64.10
CA GLY Q 148 -22.40 5.95 -64.36
C GLY Q 148 -22.88 4.97 -65.40
N SER Q 149 -24.16 5.01 -65.74
CA SER Q 149 -24.77 4.07 -66.69
C SER Q 149 -24.40 4.28 -68.16
N LEU Q 150 -24.03 5.49 -68.58
CA LEU Q 150 -23.82 5.84 -69.99
C LEU Q 150 -22.35 5.77 -70.40
N CYS Q 151 -22.08 5.61 -71.69
CA CYS Q 151 -20.74 5.67 -72.26
C CYS Q 151 -19.98 6.90 -71.74
N GLY Q 152 -18.85 6.70 -71.07
CA GLY Q 152 -17.94 7.79 -70.73
C GLY Q 152 -18.34 8.71 -69.57
N GLN Q 153 -19.07 8.23 -68.57
CA GLN Q 153 -19.30 8.95 -67.31
C GLN Q 153 -18.15 8.70 -66.31
N ALA Q 154 -16.95 9.15 -66.64
CA ALA Q 154 -15.70 8.77 -66.02
C ALA Q 154 -15.35 9.43 -64.68
N ILE Q 155 -14.40 8.85 -63.97
CA ILE Q 155 -13.50 9.55 -63.03
C ILE Q 155 -12.08 9.09 -63.40
N THR Q 156 -11.19 9.98 -63.77
CA THR Q 156 -9.84 9.61 -64.21
C THR Q 156 -8.94 9.35 -63.00
N ILE Q 157 -8.06 8.37 -63.05
CA ILE Q 157 -7.02 8.13 -62.04
C ILE Q 157 -5.63 8.27 -62.66
N ASP Q 158 -4.78 9.01 -61.94
CA ASP Q 158 -3.37 9.16 -62.21
C ASP Q 158 -2.60 9.06 -60.90
N ILE Q 159 -1.49 8.34 -60.85
CA ILE Q 159 -0.61 8.34 -59.69
C ILE Q 159 0.84 8.55 -60.13
N SER Q 160 1.54 9.54 -59.61
CA SER Q 160 2.93 9.82 -60.04
C SER Q 160 3.89 8.69 -59.63
N ASP Q 161 5.07 8.63 -60.22
CA ASP Q 161 6.10 7.68 -59.80
C ASP Q 161 6.53 7.97 -58.37
N MET Q 162 6.35 6.99 -57.48
CA MET Q 162 6.72 7.05 -56.07
C MET Q 162 7.89 6.11 -55.73
N SER Q 163 8.68 5.72 -56.72
CA SER Q 163 9.97 5.05 -56.52
C SER Q 163 11.00 5.99 -55.89
N ALA Q 164 12.13 5.47 -55.39
CA ALA Q 164 13.17 6.32 -54.84
C ALA Q 164 13.74 7.32 -55.85
N THR Q 165 13.76 6.96 -57.14
CA THR Q 165 14.09 7.85 -58.24
C THR Q 165 13.01 8.89 -58.51
N GLY Q 166 11.73 8.56 -58.43
CA GLY Q 166 10.63 9.50 -58.70
C GLY Q 166 10.52 10.62 -57.66
N LEU Q 167 11.02 10.33 -56.46
CA LEU Q 167 11.06 11.20 -55.30
C LEU Q 167 12.42 11.87 -55.07
N GLY Q 168 13.48 11.38 -55.71
CA GLY Q 168 14.83 11.93 -55.62
C GLY Q 168 15.65 11.44 -54.43
N VAL Q 169 15.13 10.47 -53.69
CA VAL Q 169 15.84 9.78 -52.59
C VAL Q 169 16.67 8.58 -53.07
N SER Q 170 16.76 8.34 -54.39
CA SER Q 170 17.86 7.58 -54.97
C SER Q 170 19.17 8.28 -54.67
N GLY Q 171 20.17 7.58 -54.18
CA GLY Q 171 21.48 8.16 -53.91
C GLY Q 171 21.48 9.32 -52.93
N LEU Q 172 20.88 9.17 -51.74
CA LEU Q 172 21.10 10.09 -50.63
C LEU Q 172 22.48 9.82 -50.01
N VAL Q 173 23.43 10.75 -50.15
CA VAL Q 173 24.81 10.56 -49.67
C VAL Q 173 25.01 11.35 -48.39
N VAL Q 174 25.37 10.71 -47.28
CA VAL Q 174 25.34 11.37 -45.95
C VAL Q 174 26.67 11.42 -45.24
N SER Q 175 27.76 11.30 -45.98
CA SER Q 175 29.11 11.16 -45.45
C SER Q 175 29.77 12.45 -44.96
N SER Q 176 29.18 13.61 -45.20
CA SER Q 176 29.67 14.92 -44.75
C SER Q 176 28.50 15.84 -44.36
N PHE Q 177 28.73 16.96 -43.67
CA PHE Q 177 27.68 17.93 -43.34
C PHE Q 177 26.96 18.46 -44.58
N SER Q 178 27.68 18.82 -45.63
CA SER Q 178 27.11 19.33 -46.88
C SER Q 178 26.20 18.28 -47.55
N ALA Q 179 26.67 17.06 -47.73
CA ALA Q 179 25.86 16.02 -48.36
C ALA Q 179 24.73 15.51 -47.46
N ALA Q 180 24.93 15.45 -46.15
CA ALA Q 180 23.89 15.10 -45.21
C ALA Q 180 22.80 16.18 -45.10
N GLY Q 181 23.11 17.46 -45.18
CA GLY Q 181 22.10 18.49 -45.36
C GLY Q 181 21.38 18.37 -46.70
N LYS Q 182 22.10 18.19 -47.81
CA LYS Q 182 21.47 17.98 -49.12
C LYS Q 182 20.60 16.70 -49.15
N ALA Q 183 20.90 15.69 -48.33
CA ALA Q 183 20.06 14.53 -48.11
C ALA Q 183 18.83 14.81 -47.26
N MET Q 184 18.94 15.65 -46.22
CA MET Q 184 17.79 16.10 -45.42
C MET Q 184 16.79 16.84 -46.30
N SER Q 185 17.28 17.73 -47.19
CA SER Q 185 16.48 18.48 -48.15
C SER Q 185 15.72 17.55 -49.08
N ALA Q 186 16.35 16.54 -49.66
CA ALA Q 186 15.65 15.56 -50.48
C ALA Q 186 14.62 14.76 -49.69
N ALA Q 187 14.91 14.32 -48.48
CA ALA Q 187 13.94 13.57 -47.67
C ALA Q 187 12.72 14.41 -47.29
N GLN Q 188 12.87 15.70 -46.98
CA GLN Q 188 11.76 16.60 -46.68
C GLN Q 188 10.95 16.96 -47.92
N ASP Q 189 11.58 17.16 -49.08
CA ASP Q 189 10.89 17.28 -50.36
C ASP Q 189 10.13 16.01 -50.70
N ALA Q 190 10.71 14.82 -50.58
CA ALA Q 190 9.99 13.59 -50.82
C ALA Q 190 8.82 13.43 -49.85
N ILE Q 191 8.94 13.76 -48.56
CA ILE Q 191 7.79 13.82 -47.66
C ILE Q 191 6.73 14.77 -48.20
N SER Q 192 7.11 15.94 -48.71
CA SER Q 192 6.22 16.93 -49.32
C SER Q 192 5.53 16.37 -50.57
N TYR Q 193 6.21 15.62 -51.42
CA TYR Q 193 5.63 14.95 -52.58
C TYR Q 193 4.74 13.78 -52.23
N VAL Q 194 5.10 12.94 -51.27
CA VAL Q 194 4.23 11.85 -50.86
C VAL Q 194 3.00 12.40 -50.15
N SER Q 195 3.11 13.50 -49.42
CA SER Q 195 1.95 14.26 -48.91
C SER Q 195 1.05 14.79 -50.01
N SER Q 196 1.58 15.44 -51.05
CA SER Q 196 0.75 15.96 -52.14
C SER Q 196 0.13 14.84 -52.97
N MET Q 197 0.83 13.74 -53.22
CA MET Q 197 0.26 12.59 -53.90
C MET Q 197 -0.83 11.92 -53.07
N ARG Q 198 -0.62 11.69 -51.78
CA ARG Q 198 -1.66 11.22 -50.86
C ARG Q 198 -2.80 12.23 -50.75
N SER Q 199 -2.54 13.53 -50.82
CA SER Q 199 -3.62 14.53 -50.88
C SER Q 199 -4.56 14.32 -52.05
N LYS Q 200 -4.07 13.95 -53.23
CA LYS Q 200 -4.92 13.63 -54.38
C LYS Q 200 -5.75 12.38 -54.17
N LEU Q 201 -5.16 11.30 -53.67
CA LEU Q 201 -5.88 10.08 -53.35
C LEU Q 201 -6.87 10.25 -52.16
N GLY Q 202 -6.73 11.28 -51.35
CA GLY Q 202 -7.76 11.68 -50.39
C GLY Q 202 -8.92 12.38 -51.07
N ALA Q 203 -8.65 13.49 -51.75
CA ALA Q 203 -9.64 14.25 -52.51
C ALA Q 203 -10.46 13.41 -53.49
N LEU Q 204 -9.83 12.41 -54.11
CA LEU Q 204 -10.42 11.44 -55.01
C LEU Q 204 -11.30 10.43 -54.30
N GLN Q 205 -10.92 9.95 -53.14
CA GLN Q 205 -11.75 9.02 -52.40
C GLN Q 205 -12.91 9.72 -51.74
N ASN Q 206 -12.77 11.02 -51.44
CA ASN Q 206 -13.91 11.86 -51.16
C ASN Q 206 -14.86 11.89 -52.35
N ARG Q 207 -14.41 12.16 -53.58
CA ARG Q 207 -15.31 12.12 -54.74
C ARG Q 207 -16.08 10.83 -54.81
N LEU Q 208 -15.40 9.70 -54.65
CA LEU Q 208 -16.03 8.40 -54.83
C LEU Q 208 -16.98 8.05 -53.69
N GLU Q 209 -16.72 8.36 -52.43
CA GLU Q 209 -17.73 8.11 -51.42
C GLU Q 209 -18.96 8.99 -51.59
N HIS Q 210 -18.85 10.15 -52.24
CA HIS Q 210 -20.00 10.92 -52.71
C HIS Q 210 -20.67 10.29 -53.92
N THR Q 211 -19.94 9.86 -54.93
CA THR Q 211 -20.50 9.08 -56.05
C THR Q 211 -21.21 7.82 -55.59
N ILE Q 212 -20.63 6.99 -54.71
CA ILE Q 212 -21.29 5.78 -54.23
C ILE Q 212 -22.55 6.17 -53.45
N SER Q 213 -22.51 7.20 -52.60
CA SER Q 213 -23.72 7.70 -51.94
C SER Q 213 -24.78 8.20 -52.91
N ASN Q 214 -24.39 8.78 -54.04
CA ASN Q 214 -25.29 9.35 -55.02
C ASN Q 214 -25.88 8.29 -55.93
N LEU Q 215 -25.09 7.33 -56.41
CA LEU Q 215 -25.55 6.27 -57.29
C LEU Q 215 -26.47 5.34 -56.53
N ASP Q 216 -26.16 5.01 -55.28
CA ASP Q 216 -26.98 4.13 -54.48
C ASP Q 216 -28.36 4.74 -54.20
N ASN Q 217 -28.42 6.06 -54.05
CA ASN Q 217 -29.63 6.85 -53.97
C ASN Q 217 -30.35 6.88 -55.33
N ILE Q 218 -29.72 7.28 -56.42
CA ILE Q 218 -30.34 7.30 -57.76
C ILE Q 218 -30.83 5.93 -58.17
N SER Q 219 -30.10 4.86 -57.88
CA SER Q 219 -30.51 3.49 -58.13
C SER Q 219 -31.73 3.08 -57.32
N GLU Q 220 -31.83 3.45 -56.04
CA GLU Q 220 -33.03 3.25 -55.23
C GLU Q 220 -34.21 4.01 -55.79
N ASN Q 221 -34.04 5.28 -56.16
CA ASN Q 221 -35.14 6.08 -56.68
C ASN Q 221 -35.60 5.61 -58.05
N THR Q 222 -34.72 5.22 -58.95
CA THR Q 222 -35.14 4.65 -60.24
C THR Q 222 -35.60 3.20 -60.11
N SER Q 223 -35.23 2.44 -59.09
CA SER Q 223 -35.86 1.14 -58.80
C SER Q 223 -37.27 1.33 -58.32
N SER Q 224 -37.49 2.32 -57.44
CA SER Q 224 -38.80 2.75 -57.00
C SER Q 224 -39.67 3.20 -58.15
N ALA Q 225 -39.15 4.03 -59.06
CA ALA Q 225 -39.88 4.48 -60.23
C ALA Q 225 -40.26 3.31 -61.14
N GLU Q 226 -39.32 2.45 -61.52
CA GLU Q 226 -39.62 1.37 -62.46
C GLU Q 226 -40.57 0.35 -61.87
N SER Q 227 -40.38 0.00 -60.60
CA SER Q 227 -41.26 -0.89 -59.86
C SER Q 227 -42.71 -0.45 -59.90
N ARG Q 228 -42.96 0.85 -59.89
CA ARG Q 228 -44.31 1.41 -60.00
C ARG Q 228 -44.87 1.31 -61.42
N ILE Q 229 -44.06 1.52 -62.48
CA ILE Q 229 -44.52 1.25 -63.83
C ILE Q 229 -44.83 -0.22 -63.96
N ARG Q 230 -43.90 -1.11 -63.58
CA ARG Q 230 -43.91 -2.49 -64.05
C ARG Q 230 -44.38 -3.56 -63.09
N ASP Q 231 -44.34 -3.41 -61.78
CA ASP Q 231 -44.71 -4.51 -60.88
C ASP Q 231 -46.21 -4.55 -60.59
N THR Q 232 -46.78 -5.74 -60.45
CA THR Q 232 -48.17 -5.89 -60.03
C THR Q 232 -48.29 -5.40 -58.61
N ASP Q 233 -49.15 -4.43 -58.37
CA ASP Q 233 -49.67 -4.16 -57.04
C ASP Q 233 -50.65 -5.27 -56.75
N MET Q 234 -50.30 -6.21 -55.86
CA MET Q 234 -51.04 -7.44 -55.71
C MET Q 234 -52.40 -7.23 -55.10
N ALA Q 235 -52.57 -6.18 -54.30
CA ALA Q 235 -53.83 -5.76 -53.73
C ALA Q 235 -54.83 -5.25 -54.78
N GLU Q 236 -54.39 -4.40 -55.71
CA GLU Q 236 -55.21 -3.93 -56.83
C GLU Q 236 -55.59 -5.09 -57.76
N GLU Q 237 -54.61 -5.88 -58.18
CA GLU Q 237 -54.84 -6.97 -59.12
C GLU Q 237 -55.66 -8.10 -58.54
N MET Q 238 -55.64 -8.32 -57.24
CA MET Q 238 -56.55 -9.27 -56.62
C MET Q 238 -58.01 -8.80 -56.54
N VAL Q 239 -58.29 -7.49 -56.59
CA VAL Q 239 -59.64 -6.97 -56.89
C VAL Q 239 -60.06 -7.35 -58.30
N GLU Q 240 -59.19 -7.10 -59.28
CA GLU Q 240 -59.54 -7.28 -60.69
C GLU Q 240 -59.64 -8.74 -61.05
N TYR Q 241 -58.81 -9.58 -60.45
CA TYR Q 241 -58.85 -11.03 -60.62
C TYR Q 241 -60.12 -11.64 -60.06
N SER Q 242 -60.49 -11.23 -58.85
CA SER Q 242 -61.62 -11.75 -58.14
C SER Q 242 -62.97 -11.37 -58.74
N LYS Q 243 -63.08 -10.17 -59.31
CA LYS Q 243 -64.22 -9.73 -60.11
C LYS Q 243 -64.43 -10.65 -61.29
N ASN Q 244 -63.37 -10.89 -62.06
CA ASN Q 244 -63.40 -11.73 -63.25
C ASN Q 244 -63.72 -13.15 -62.91
N ASN Q 245 -63.17 -13.68 -61.82
CA ASN Q 245 -63.41 -15.04 -61.38
C ASN Q 245 -64.89 -15.27 -61.09
N ILE Q 246 -65.51 -14.42 -60.30
CA ILE Q 246 -66.96 -14.46 -60.04
C ILE Q 246 -67.78 -14.24 -61.32
N LEU Q 247 -67.45 -13.27 -62.17
CA LEU Q 247 -68.16 -13.11 -63.45
C LEU Q 247 -68.11 -14.36 -64.30
N ALA Q 248 -67.00 -15.09 -64.32
CA ALA Q 248 -66.89 -16.29 -65.13
C ALA Q 248 -67.82 -17.35 -64.62
N GLN Q 249 -67.92 -17.51 -63.30
CA GLN Q 249 -68.86 -18.44 -62.66
C GLN Q 249 -70.31 -18.05 -62.96
N ALA Q 250 -70.64 -16.78 -62.85
CA ALA Q 250 -71.94 -16.26 -63.28
C ALA Q 250 -72.20 -16.47 -64.79
N GLY Q 251 -71.21 -16.32 -65.67
CA GLY Q 251 -71.35 -16.52 -67.12
C GLY Q 251 -71.43 -17.98 -67.54
N GLN Q 252 -70.72 -18.89 -66.87
CA GLN Q 252 -70.89 -20.33 -66.99
C GLN Q 252 -72.31 -20.71 -66.58
N SER Q 253 -72.76 -20.24 -65.43
CA SER Q 253 -74.11 -20.51 -64.91
C SER Q 253 -75.18 -19.99 -65.85
N MET Q 254 -74.95 -18.83 -66.45
CA MET Q 254 -75.86 -18.21 -67.39
C MET Q 254 -75.83 -18.83 -68.77
N LEU Q 255 -74.75 -19.51 -69.13
CA LEU Q 255 -74.65 -20.35 -70.32
C LEU Q 255 -75.30 -21.72 -70.11
N ALA Q 256 -75.05 -22.36 -68.97
CA ALA Q 256 -75.77 -23.57 -68.56
C ALA Q 256 -77.29 -23.38 -68.59
N GLN Q 257 -77.77 -22.24 -68.10
CA GLN Q 257 -79.15 -21.74 -68.24
C GLN Q 257 -79.59 -21.60 -69.70
N ALA Q 258 -78.82 -20.87 -70.51
CA ALA Q 258 -79.13 -20.55 -71.89
C ALA Q 258 -79.19 -21.76 -72.85
N ASN Q 259 -78.46 -22.83 -72.56
CA ASN Q 259 -78.61 -24.09 -73.29
C ASN Q 259 -79.95 -24.75 -72.99
N GLN Q 260 -80.47 -24.63 -71.77
CA GLN Q 260 -81.75 -25.20 -71.39
C GLN Q 260 -82.97 -24.36 -71.82
N SER Q 261 -82.81 -23.17 -72.38
CA SER Q 261 -83.98 -22.36 -72.74
C SER Q 261 -84.76 -22.92 -73.94
N THR Q 262 -84.06 -23.45 -74.94
CA THR Q 262 -84.68 -24.11 -76.10
C THR Q 262 -85.45 -25.40 -75.77
N GLN Q 263 -85.40 -25.91 -74.55
CA GLN Q 263 -86.16 -27.09 -74.14
C GLN Q 263 -87.67 -26.90 -74.31
N GLY Q 264 -88.14 -25.65 -74.28
CA GLY Q 264 -89.57 -25.35 -74.33
C GLY Q 264 -90.26 -25.83 -75.61
N VAL Q 265 -89.50 -26.03 -76.69
CA VAL Q 265 -90.05 -26.54 -77.95
C VAL Q 265 -90.70 -27.91 -77.76
N LEU Q 266 -90.17 -28.77 -76.89
CA LEU Q 266 -90.53 -30.19 -76.91
C LEU Q 266 -91.97 -30.48 -76.48
N SER Q 267 -92.58 -29.62 -75.65
CA SER Q 267 -93.99 -29.74 -75.25
C SER Q 267 -94.96 -29.14 -76.27
N LEU Q 268 -94.47 -28.37 -77.25
CA LEU Q 268 -95.22 -27.41 -78.05
C LEU Q 268 -96.05 -28.04 -79.17
N LEU Q 269 -97.14 -28.72 -78.81
CA LEU Q 269 -97.98 -29.48 -79.74
C LEU Q 269 -97.15 -30.50 -80.55
N GLN Q 270 -96.13 -31.06 -79.89
CA GLN Q 270 -95.25 -32.11 -80.41
C GLN Q 270 -95.52 -33.42 -79.66
N MET R 1 -64.27 -22.51 -71.48
CA MET R 1 -63.07 -22.52 -72.33
C MET R 1 -62.62 -23.95 -72.55
N VAL R 2 -61.40 -24.17 -73.07
CA VAL R 2 -60.87 -25.50 -73.34
C VAL R 2 -60.65 -26.29 -72.06
N VAL R 3 -61.09 -27.55 -72.05
CA VAL R 3 -60.88 -28.50 -70.93
C VAL R 3 -59.57 -29.27 -71.05
N GLN R 4 -59.02 -29.34 -72.26
CA GLN R 4 -57.87 -30.16 -72.65
C GLN R 4 -56.49 -29.51 -72.46
N HIS R 5 -56.39 -28.21 -72.24
CA HIS R 5 -55.13 -27.52 -71.97
C HIS R 5 -55.41 -26.39 -70.98
N ASN R 6 -55.03 -26.54 -69.73
CA ASN R 6 -55.27 -25.50 -68.75
C ASN R 6 -54.16 -24.45 -68.82
N LEU R 7 -54.21 -23.57 -69.81
CA LEU R 7 -53.09 -22.69 -70.12
C LEU R 7 -52.88 -21.59 -69.08
N THR R 8 -53.90 -21.24 -68.32
CA THR R 8 -53.75 -20.43 -67.11
C THR R 8 -52.83 -21.13 -66.12
N ALA R 9 -53.07 -22.40 -65.80
CA ALA R 9 -52.20 -23.18 -64.94
C ALA R 9 -50.80 -23.36 -65.51
N MET R 10 -50.65 -23.60 -66.79
CA MET R 10 -49.34 -23.83 -67.39
C MET R 10 -48.46 -22.58 -67.41
N ASN R 11 -49.04 -21.39 -67.56
CA ASN R 11 -48.32 -20.13 -67.37
C ASN R 11 -48.01 -19.85 -65.92
N ALA R 12 -48.92 -20.17 -64.99
CA ALA R 12 -48.65 -20.08 -63.56
C ALA R 12 -47.51 -21.01 -63.16
N ASN R 13 -47.48 -22.23 -63.69
CA ASN R 13 -46.43 -23.21 -63.54
C ASN R 13 -45.11 -22.71 -64.10
N ARG R 14 -45.04 -22.25 -65.35
CA ARG R 14 -43.78 -21.74 -65.89
C ARG R 14 -43.26 -20.55 -65.10
N GLN R 15 -44.11 -19.69 -64.57
CA GLN R 15 -43.73 -18.61 -63.67
C GLN R 15 -43.28 -19.05 -62.28
N LEU R 16 -43.86 -20.09 -61.73
CA LEU R 16 -43.38 -20.69 -60.50
C LEU R 16 -41.98 -21.28 -60.69
N GLY R 17 -41.68 -21.86 -61.85
CA GLY R 17 -40.32 -22.22 -62.25
C GLY R 17 -39.31 -21.10 -62.12
N ILE R 18 -39.53 -19.93 -62.72
CA ILE R 18 -38.64 -18.75 -62.59
C ILE R 18 -38.39 -18.38 -61.11
N THR R 19 -39.42 -18.49 -60.29
CA THR R 19 -39.43 -18.01 -58.92
C THR R 19 -38.76 -18.98 -57.96
N THR R 20 -38.99 -20.29 -58.08
CA THR R 20 -38.28 -21.30 -57.29
C THR R 20 -36.84 -21.49 -57.76
N GLY R 21 -36.53 -21.14 -59.00
CA GLY R 21 -35.15 -21.01 -59.47
C GLY R 21 -34.42 -19.85 -58.81
N ALA R 22 -34.92 -18.62 -58.95
CA ALA R 22 -34.33 -17.46 -58.30
C ALA R 22 -34.08 -17.65 -56.80
N GLN R 23 -35.00 -18.32 -56.09
CA GLN R 23 -34.88 -18.65 -54.68
C GLN R 23 -33.75 -19.65 -54.36
N ALA R 24 -33.57 -20.68 -55.18
CA ALA R 24 -32.49 -21.65 -55.00
C ALA R 24 -31.11 -21.04 -55.24
N LYS R 25 -31.00 -20.03 -56.09
CA LYS R 25 -29.77 -19.26 -56.32
C LYS R 25 -29.52 -18.19 -55.26
N SER R 26 -30.53 -17.76 -54.52
CA SER R 26 -30.38 -16.89 -53.37
C SER R 26 -29.92 -17.65 -52.15
N SER R 27 -30.65 -18.70 -51.79
CA SER R 27 -30.36 -19.55 -50.64
C SER R 27 -28.93 -20.07 -50.64
N GLU R 28 -28.37 -20.40 -51.81
CA GLU R 28 -26.97 -20.70 -52.06
C GLU R 28 -26.00 -19.64 -51.53
N LYS R 29 -26.25 -18.36 -51.80
CA LYS R 29 -25.44 -17.22 -51.36
C LYS R 29 -25.60 -16.94 -49.88
N LEU R 30 -26.75 -17.21 -49.28
CA LEU R 30 -26.93 -17.07 -47.85
C LEU R 30 -26.27 -18.20 -47.07
N SER R 31 -26.44 -19.44 -47.49
CA SER R 31 -25.86 -20.57 -46.79
C SER R 31 -24.34 -20.68 -46.96
N SER R 32 -23.79 -20.39 -48.14
CA SER R 32 -22.34 -20.36 -48.36
C SER R 32 -21.68 -19.10 -47.85
N GLY R 33 -22.40 -17.98 -47.86
CA GLY R 33 -21.89 -16.66 -47.53
C GLY R 33 -21.10 -16.01 -48.65
N TYR R 34 -21.05 -16.58 -49.85
CA TYR R 34 -20.43 -15.99 -51.04
C TYR R 34 -21.44 -15.61 -52.12
N LYS R 35 -21.26 -14.42 -52.69
CA LYS R 35 -22.03 -13.82 -53.77
C LYS R 35 -21.81 -14.54 -55.09
N ILE R 36 -20.57 -14.93 -55.37
CA ILE R 36 -20.16 -15.75 -56.51
C ILE R 36 -19.80 -17.15 -56.00
N ASN R 37 -20.61 -18.15 -56.29
CA ASN R 37 -20.31 -19.55 -55.98
C ASN R 37 -19.74 -20.28 -57.21
N ARG R 38 -20.08 -19.77 -58.38
CA ARG R 38 -19.83 -20.35 -59.70
C ARG R 38 -19.54 -19.25 -60.69
N ALA R 39 -18.73 -19.49 -61.72
CA ALA R 39 -18.41 -18.47 -62.70
C ALA R 39 -19.66 -17.85 -63.35
N ALA R 40 -20.74 -18.63 -63.46
CA ALA R 40 -22.00 -18.22 -64.05
C ALA R 40 -22.72 -17.09 -63.31
N ASP R 41 -22.36 -16.80 -62.06
CA ASP R 41 -22.89 -15.69 -61.27
C ASP R 41 -22.33 -14.32 -61.72
N ASP R 42 -21.01 -14.23 -61.88
CA ASP R 42 -20.25 -13.05 -62.34
C ASP R 42 -18.84 -13.50 -62.69
N ALA R 43 -18.56 -13.73 -63.97
CA ALA R 43 -17.33 -14.38 -64.39
C ALA R 43 -16.10 -13.49 -64.18
N ALA R 44 -16.19 -12.18 -64.39
CA ALA R 44 -15.11 -11.27 -64.00
C ALA R 44 -14.96 -11.23 -62.48
N GLY R 45 -16.03 -11.37 -61.71
CA GLY R 45 -16.00 -11.49 -60.26
C GLY R 45 -15.29 -12.73 -59.78
N LEU R 46 -15.55 -13.90 -60.36
CA LEU R 46 -14.80 -15.11 -60.06
C LEU R 46 -13.32 -14.94 -60.41
N THR R 47 -13.01 -14.56 -61.65
CA THR R 47 -11.66 -14.28 -62.14
C THR R 47 -10.90 -13.31 -61.26
N ILE R 48 -11.42 -12.12 -60.99
CA ILE R 48 -10.70 -11.09 -60.23
C ILE R 48 -10.58 -11.51 -58.78
N SER R 49 -11.59 -12.14 -58.21
CA SER R 49 -11.48 -12.63 -56.85
C SER R 49 -10.43 -13.69 -56.71
N GLU R 50 -10.24 -14.61 -57.66
CA GLU R 50 -9.12 -15.54 -57.60
C GLU R 50 -7.77 -14.84 -57.67
N LYS R 51 -7.60 -13.78 -58.48
CA LYS R 51 -6.37 -12.97 -58.47
C LYS R 51 -6.15 -12.29 -57.11
N MET R 52 -7.21 -11.86 -56.46
CA MET R 52 -7.12 -11.24 -55.14
C MET R 52 -6.90 -12.27 -54.02
N ARG R 53 -7.58 -13.40 -54.01
CA ARG R 53 -7.32 -14.53 -53.11
C ARG R 53 -5.88 -14.96 -53.20
N SER R 54 -5.39 -15.13 -54.42
CA SER R 54 -4.01 -15.49 -54.75
C SER R 54 -3.02 -14.49 -54.16
N GLN R 55 -3.28 -13.21 -54.31
CA GLN R 55 -2.52 -12.14 -53.68
C GLN R 55 -2.64 -12.08 -52.16
N VAL R 56 -3.81 -12.24 -51.58
CA VAL R 56 -3.99 -12.18 -50.12
C VAL R 56 -3.28 -13.33 -49.45
N ARG R 57 -3.48 -14.58 -49.89
CA ARG R 57 -2.70 -15.74 -49.45
C ARG R 57 -1.21 -15.53 -49.64
N GLY R 58 -0.76 -15.13 -50.83
CA GLY R 58 0.64 -14.92 -51.12
C GLY R 58 1.27 -13.81 -50.28
N LEU R 59 0.64 -12.66 -50.13
CA LEU R 59 1.07 -11.60 -49.22
C LEU R 59 1.17 -12.05 -47.78
N ASN R 60 0.29 -12.91 -47.29
CA ASN R 60 0.39 -13.46 -45.94
C ASN R 60 1.61 -14.36 -45.78
N LYS R 61 1.93 -15.23 -46.75
CA LYS R 61 3.21 -15.94 -46.73
C LYS R 61 4.40 -14.98 -46.86
N ALA R 62 4.31 -13.91 -47.64
CA ALA R 62 5.33 -12.89 -47.71
C ALA R 62 5.51 -12.08 -46.42
N SER R 63 4.48 -11.92 -45.60
CA SER R 63 4.55 -11.33 -44.27
C SER R 63 5.16 -12.33 -43.30
N ASP R 64 4.76 -13.59 -43.35
CA ASP R 64 5.35 -14.69 -42.59
C ASP R 64 6.82 -14.91 -42.94
N ASN R 65 7.23 -14.82 -44.19
CA ASN R 65 8.62 -14.97 -44.61
C ASN R 65 9.47 -13.77 -44.21
N ALA R 66 8.92 -12.56 -44.17
CA ALA R 66 9.62 -11.39 -43.69
C ALA R 66 9.80 -11.40 -42.18
N GLN R 67 8.90 -12.02 -41.44
CA GLN R 67 9.08 -12.25 -40.02
C GLN R 67 10.03 -13.41 -39.78
N ASP R 68 9.95 -14.48 -40.55
CA ASP R 68 10.98 -15.51 -40.55
C ASP R 68 12.37 -14.98 -40.99
N GLY R 69 12.44 -13.89 -41.74
CA GLY R 69 13.65 -13.13 -42.01
C GLY R 69 14.10 -12.28 -40.84
N VAL R 70 13.23 -11.49 -40.21
CA VAL R 70 13.55 -10.71 -39.00
C VAL R 70 14.04 -11.63 -37.89
N SER R 71 13.39 -12.75 -37.68
CA SER R 71 13.75 -13.69 -36.63
C SER R 71 15.16 -14.22 -36.77
N LEU R 72 15.56 -14.64 -37.97
CA LEU R 72 16.93 -15.04 -38.27
C LEU R 72 17.91 -13.90 -38.02
N ILE R 73 17.62 -12.69 -38.47
CA ILE R 73 18.48 -11.53 -38.24
C ILE R 73 18.61 -11.23 -36.75
N GLN R 74 17.57 -11.43 -35.95
CA GLN R 74 17.69 -11.27 -34.51
C GLN R 74 18.60 -12.31 -33.88
N VAL R 75 18.60 -13.55 -34.34
CA VAL R 75 19.58 -14.56 -33.90
C VAL R 75 20.99 -14.10 -34.21
N ALA R 76 21.23 -13.59 -35.41
CA ALA R 76 22.55 -13.18 -35.84
C ALA R 76 23.04 -11.93 -35.12
N GLU R 77 22.21 -10.90 -34.98
CA GLU R 77 22.52 -9.73 -34.17
C GLU R 77 22.89 -10.13 -32.75
N GLY R 78 22.09 -11.00 -32.14
CA GLY R 78 22.29 -11.50 -30.80
C GLY R 78 23.62 -12.21 -30.63
N ALA R 79 24.13 -12.90 -31.65
CA ALA R 79 25.42 -13.56 -31.60
C ALA R 79 26.55 -12.55 -31.69
N LEU R 80 26.52 -11.65 -32.66
CA LEU R 80 27.51 -10.60 -32.80
C LEU R 80 27.55 -9.61 -31.62
N SER R 81 26.52 -9.63 -30.77
CA SER R 81 26.51 -8.95 -29.47
C SER R 81 27.46 -9.58 -28.47
N GLU R 82 27.73 -10.87 -28.55
CA GLU R 82 28.79 -11.50 -27.78
C GLU R 82 30.11 -11.37 -28.48
N THR R 83 30.19 -11.35 -29.80
CA THR R 83 31.45 -11.01 -30.41
C THR R 83 31.89 -9.63 -29.95
N HIS R 84 31.02 -8.64 -29.84
CA HIS R 84 31.43 -7.39 -29.23
C HIS R 84 31.87 -7.55 -27.81
N SER R 85 31.07 -8.19 -26.97
CA SER R 85 31.39 -8.34 -25.56
C SER R 85 32.68 -9.10 -25.32
N ILE R 86 33.02 -10.05 -26.18
CA ILE R 86 34.34 -10.71 -26.18
C ILE R 86 35.43 -9.76 -26.68
N LEU R 87 35.24 -9.05 -27.78
CA LEU R 87 36.24 -8.12 -28.32
C LEU R 87 36.49 -6.88 -27.45
N GLN R 88 35.50 -6.44 -26.69
CA GLN R 88 35.65 -5.39 -25.67
C GLN R 88 36.59 -5.84 -24.57
N ARG R 89 36.48 -7.11 -24.15
CA ARG R 89 37.37 -7.77 -23.20
C ARG R 89 38.74 -8.07 -23.79
N MET R 90 38.88 -8.33 -25.08
CA MET R 90 40.20 -8.46 -25.71
C MET R 90 40.91 -7.13 -25.89
N ASN R 91 40.23 -6.06 -26.27
CA ASN R 91 40.88 -4.76 -26.34
C ASN R 91 41.41 -4.30 -24.98
N GLU R 92 40.60 -4.47 -23.95
CA GLU R 92 40.91 -4.22 -22.57
C GLU R 92 42.05 -5.10 -22.06
N LEU R 93 42.03 -6.40 -22.35
CA LEU R 93 43.15 -7.29 -21.99
C LEU R 93 44.41 -6.97 -22.75
N ALA R 94 44.37 -6.67 -24.04
CA ALA R 94 45.56 -6.30 -24.77
C ALA R 94 46.11 -4.96 -24.30
N THR R 95 45.26 -3.95 -24.06
CA THR R 95 45.68 -2.68 -23.45
C THR R 95 46.37 -2.88 -22.12
N GLN R 96 45.96 -3.87 -21.33
CA GLN R 96 46.65 -4.21 -20.09
C GLN R 96 47.97 -4.93 -20.34
N ALA R 97 48.01 -5.97 -21.16
CA ALA R 97 49.22 -6.74 -21.41
C ALA R 97 50.32 -5.97 -22.15
N ALA R 98 49.99 -4.84 -22.77
CA ALA R 98 50.92 -3.97 -23.45
C ALA R 98 51.93 -3.31 -22.54
N ASN R 99 51.58 -3.00 -21.32
CA ASN R 99 52.41 -2.23 -20.41
C ASN R 99 53.65 -2.98 -19.95
N ASP R 100 54.85 -2.45 -20.21
CA ASP R 100 56.13 -3.01 -19.76
C ASP R 100 56.40 -2.89 -18.25
N THR R 101 55.39 -2.74 -17.40
CA THR R 101 55.47 -3.22 -16.01
C THR R 101 55.20 -4.73 -15.93
N ASN R 102 54.55 -5.38 -16.89
CA ASN R 102 54.29 -6.82 -16.89
C ASN R 102 55.60 -7.62 -17.12
N THR R 103 55.96 -8.55 -16.23
CA THR R 103 56.96 -9.56 -16.60
C THR R 103 56.33 -10.67 -17.45
N THR R 104 57.11 -11.61 -17.93
CA THR R 104 56.70 -12.60 -18.92
C THR R 104 55.46 -13.35 -18.47
N SER R 105 55.47 -13.92 -17.26
CA SER R 105 54.40 -14.76 -16.72
C SER R 105 53.05 -14.06 -16.62
N ASP R 106 53.04 -12.75 -16.51
CA ASP R 106 51.84 -11.94 -16.42
C ASP R 106 51.24 -11.65 -17.77
N ARG R 107 52.06 -11.61 -18.83
CA ARG R 107 51.57 -11.53 -20.20
C ARG R 107 51.06 -12.87 -20.68
N THR R 108 51.60 -13.99 -20.22
CA THR R 108 50.98 -15.30 -20.49
C THR R 108 49.75 -15.53 -19.63
N ALA R 109 49.65 -15.02 -18.41
CA ALA R 109 48.37 -14.98 -17.69
C ALA R 109 47.29 -14.21 -18.46
N VAL R 110 47.63 -13.16 -19.24
CA VAL R 110 46.68 -12.59 -20.20
C VAL R 110 46.51 -13.50 -21.40
N GLN R 111 47.58 -13.98 -22.00
CA GLN R 111 47.50 -14.77 -23.21
C GLN R 111 46.61 -16.00 -23.04
N GLN R 112 46.54 -16.65 -21.88
CA GLN R 112 45.60 -17.74 -21.65
C GLN R 112 44.16 -17.31 -21.91
N GLU R 113 43.78 -16.10 -21.48
CA GLU R 113 42.45 -15.54 -21.74
C GLU R 113 42.31 -15.05 -23.15
N ILE R 114 43.32 -14.44 -23.76
CA ILE R 114 43.19 -13.98 -25.14
C ILE R 114 43.10 -15.15 -26.10
N ASN R 115 43.83 -16.24 -25.92
CA ASN R 115 43.65 -17.46 -26.69
C ASN R 115 42.30 -18.12 -26.44
N GLN R 116 41.79 -18.19 -25.22
CA GLN R 116 40.46 -18.79 -24.98
C GLN R 116 39.29 -17.91 -25.45
N LEU R 117 39.40 -16.59 -25.41
CA LEU R 117 38.38 -15.69 -25.94
C LEU R 117 38.35 -15.71 -27.45
N ALA R 118 39.48 -15.92 -28.12
CA ALA R 118 39.51 -16.12 -29.57
C ALA R 118 38.82 -17.42 -29.97
N SER R 119 39.07 -18.52 -29.27
CA SER R 119 38.32 -19.77 -29.50
C SER R 119 36.85 -19.59 -29.25
N GLU R 120 36.46 -18.74 -28.30
CA GLU R 120 35.06 -18.45 -28.06
C GLU R 120 34.44 -17.63 -29.17
N ILE R 121 35.13 -16.64 -29.77
CA ILE R 121 34.66 -15.97 -30.98
C ILE R 121 34.41 -16.96 -32.12
N THR R 122 35.32 -17.88 -32.39
CA THR R 122 35.12 -18.94 -33.38
C THR R 122 34.02 -19.94 -33.02
N ARG R 123 33.80 -20.22 -31.74
CA ARG R 123 32.66 -21.04 -31.32
C ARG R 123 31.34 -20.30 -31.48
N ILE R 124 31.24 -18.99 -31.22
CA ILE R 124 30.04 -18.24 -31.58
C ILE R 124 29.77 -18.38 -33.07
N ALA R 125 30.79 -18.24 -33.91
CA ALA R 125 30.64 -18.28 -35.36
C ALA R 125 30.16 -19.62 -35.91
N SER R 126 30.83 -20.72 -35.58
CA SER R 126 30.51 -22.02 -36.17
C SER R 126 29.30 -22.67 -35.52
N THR R 127 28.93 -22.27 -34.31
CA THR R 127 27.80 -22.86 -33.58
C THR R 127 26.48 -22.14 -33.83
N THR R 128 26.45 -20.81 -33.90
CA THR R 128 25.17 -20.11 -34.04
C THR R 128 24.48 -20.45 -35.34
N GLN R 129 23.29 -21.01 -35.20
CA GLN R 129 22.46 -21.51 -36.28
C GLN R 129 21.04 -21.01 -36.12
N PHE R 130 20.28 -21.08 -37.19
CA PHE R 130 18.85 -20.89 -37.18
C PHE R 130 18.29 -21.95 -38.10
N ASN R 131 17.36 -22.78 -37.64
CA ASN R 131 16.80 -23.83 -38.47
C ASN R 131 17.90 -24.69 -39.14
N THR R 132 18.93 -25.07 -38.39
CA THR R 132 20.13 -25.82 -38.84
C THR R 132 21.04 -25.18 -39.90
N MET R 133 20.88 -23.91 -40.25
CA MET R 133 21.80 -23.18 -41.12
C MET R 133 22.74 -22.31 -40.28
N ASN R 134 24.06 -22.33 -40.51
CA ASN R 134 24.99 -21.42 -39.84
C ASN R 134 24.79 -19.99 -40.33
N LEU R 135 24.81 -19.01 -39.44
CA LEU R 135 24.46 -17.62 -39.81
C LEU R 135 25.63 -16.67 -39.99
N ILE R 136 26.70 -16.84 -39.22
CA ILE R 136 27.85 -15.92 -39.20
C ILE R 136 29.19 -16.68 -39.36
N ASP R 137 29.17 -17.86 -39.97
CA ASP R 137 30.38 -18.61 -40.32
C ASP R 137 31.00 -18.16 -41.65
N GLY R 138 30.37 -17.21 -42.35
CA GLY R 138 30.79 -16.70 -43.65
C GLY R 138 30.01 -17.25 -44.82
N ASN R 139 29.15 -18.25 -44.61
CA ASN R 139 28.47 -19.00 -45.67
C ASN R 139 27.00 -18.65 -45.83
N PHE R 140 26.47 -17.71 -45.05
CA PHE R 140 25.15 -17.12 -45.28
C PHE R 140 25.31 -16.00 -46.32
N THR R 141 25.60 -16.39 -47.56
CA THR R 141 25.72 -15.46 -48.70
C THR R 141 24.68 -15.83 -49.74
N SER R 142 24.19 -14.82 -50.47
CA SER R 142 23.19 -14.94 -51.53
C SER R 142 21.85 -15.53 -51.09
N LYS R 143 21.60 -15.65 -49.79
CA LYS R 143 20.34 -16.17 -49.24
C LYS R 143 19.26 -15.11 -49.44
N LYS R 144 18.02 -15.52 -49.64
CA LYS R 144 16.92 -14.68 -50.12
C LYS R 144 15.66 -14.92 -49.31
N LEU R 145 14.92 -13.85 -49.08
CA LEU R 145 13.57 -13.88 -48.55
C LEU R 145 12.61 -13.65 -49.71
N GLN R 146 11.54 -14.42 -49.85
CA GLN R 146 10.45 -14.12 -50.76
C GLN R 146 9.46 -13.15 -50.10
N VAL R 147 9.55 -11.87 -50.45
CA VAL R 147 8.95 -10.73 -49.75
C VAL R 147 7.79 -10.14 -50.57
N GLY R 148 7.03 -11.00 -51.22
CA GLY R 148 5.86 -10.61 -51.99
C GLY R 148 5.16 -11.79 -52.63
N SER R 149 4.04 -11.53 -53.30
CA SER R 149 3.17 -12.56 -53.84
C SER R 149 3.61 -13.16 -55.19
N LEU R 150 4.61 -12.59 -55.85
CA LEU R 150 5.04 -12.94 -57.22
C LEU R 150 6.45 -13.49 -57.25
N CYS R 151 6.82 -14.20 -58.32
CA CYS R 151 8.14 -14.77 -58.51
C CYS R 151 9.24 -13.76 -58.17
N GLY R 152 10.18 -14.14 -57.30
CA GLY R 152 11.41 -13.40 -57.05
C GLY R 152 11.21 -11.94 -56.62
N GLN R 153 10.35 -11.66 -55.64
CA GLN R 153 10.25 -10.35 -55.00
C GLN R 153 11.13 -10.31 -53.77
N ALA R 154 12.42 -10.48 -53.99
CA ALA R 154 13.41 -10.81 -52.98
C ALA R 154 13.77 -9.67 -52.01
N ILE R 155 14.39 -10.06 -50.91
CA ILE R 155 15.33 -9.28 -50.11
C ILE R 155 16.49 -10.24 -49.86
N THR R 156 17.73 -9.78 -49.86
CA THR R 156 18.90 -10.63 -49.82
C THR R 156 19.56 -10.53 -48.44
N ILE R 157 19.92 -11.66 -47.85
CA ILE R 157 20.63 -11.77 -46.58
C ILE R 157 22.06 -12.25 -46.84
N ASP R 158 23.03 -11.40 -46.56
CA ASP R 158 24.46 -11.68 -46.71
C ASP R 158 25.16 -11.30 -45.42
N ILE R 159 26.04 -12.16 -44.94
CA ILE R 159 26.67 -11.98 -43.65
C ILE R 159 28.13 -12.37 -43.80
N SER R 160 29.05 -11.40 -43.80
CA SER R 160 30.50 -11.70 -43.86
C SER R 160 30.91 -12.56 -42.67
N ASP R 161 32.00 -13.31 -42.80
CA ASP R 161 32.48 -14.23 -41.76
C ASP R 161 32.81 -13.49 -40.46
N MET R 162 32.39 -14.01 -39.31
CA MET R 162 32.60 -13.40 -37.99
C MET R 162 33.34 -14.33 -37.03
N SER R 163 34.12 -15.27 -37.56
CA SER R 163 35.07 -16.13 -36.83
C SER R 163 36.29 -15.34 -36.32
N ALA R 164 37.14 -15.93 -35.49
CA ALA R 164 38.38 -15.25 -35.09
C ALA R 164 39.31 -15.01 -36.28
N THR R 165 39.35 -15.91 -37.27
CA THR R 165 40.05 -15.68 -38.53
C THR R 165 39.41 -14.54 -39.32
N GLY R 166 38.08 -14.52 -39.46
CA GLY R 166 37.36 -13.58 -40.32
C GLY R 166 37.55 -12.11 -39.93
N LEU R 167 37.88 -11.88 -38.66
CA LEU R 167 38.07 -10.58 -38.03
C LEU R 167 39.54 -10.28 -37.73
N GLY R 168 40.45 -11.21 -38.03
CA GLY R 168 41.88 -11.09 -37.85
C GLY R 168 42.38 -11.25 -36.42
N VAL R 169 41.51 -11.64 -35.49
CA VAL R 169 41.86 -11.86 -34.08
C VAL R 169 42.32 -13.28 -33.81
N SER R 170 42.53 -14.08 -34.87
CA SER R 170 43.23 -15.35 -34.80
C SER R 170 44.64 -15.12 -34.28
N GLY R 171 44.97 -15.68 -33.13
CA GLY R 171 46.30 -15.51 -32.55
C GLY R 171 46.69 -14.03 -32.38
N LEU R 172 46.03 -13.32 -31.47
CA LEU R 172 46.57 -12.06 -30.95
C LEU R 172 47.78 -12.37 -30.07
N VAL R 173 48.93 -11.75 -30.32
CA VAL R 173 50.16 -12.03 -29.56
C VAL R 173 50.40 -10.86 -28.61
N VAL R 174 50.36 -11.05 -27.29
CA VAL R 174 50.40 -9.93 -26.32
C VAL R 174 51.59 -9.98 -25.38
N SER R 175 52.68 -10.59 -25.83
CA SER R 175 53.85 -10.89 -25.01
C SER R 175 54.95 -9.83 -25.02
N SER R 176 54.70 -8.66 -25.60
CA SER R 176 55.56 -7.47 -25.55
C SER R 176 54.74 -6.22 -25.89
N PHE R 177 55.23 -5.01 -25.64
CA PHE R 177 54.50 -3.77 -25.95
C PHE R 177 54.15 -3.66 -27.43
N SER R 178 55.08 -4.00 -28.32
CA SER R 178 54.86 -3.98 -29.76
C SER R 178 53.74 -4.93 -30.20
N ALA R 179 53.85 -6.22 -29.89
CA ALA R 179 52.84 -7.19 -30.29
C ALA R 179 51.49 -6.94 -29.57
N ALA R 180 51.49 -6.52 -28.31
CA ALA R 180 50.27 -6.19 -27.60
C ALA R 180 49.60 -4.88 -28.06
N GLY R 181 50.33 -3.91 -28.61
CA GLY R 181 49.71 -2.82 -29.35
C GLY R 181 49.17 -3.29 -30.71
N LYS R 182 49.86 -4.18 -31.41
CA LYS R 182 49.34 -4.77 -32.64
C LYS R 182 48.10 -5.62 -32.39
N ALA R 183 47.98 -6.24 -31.21
CA ALA R 183 46.79 -6.90 -30.75
C ALA R 183 45.64 -5.94 -30.48
N MET R 184 45.89 -4.79 -29.83
CA MET R 184 44.89 -3.73 -29.67
C MET R 184 44.38 -3.24 -31.01
N SER R 185 45.25 -2.97 -31.98
CA SER R 185 44.87 -2.61 -33.34
C SER R 185 43.90 -3.62 -33.94
N ALA R 186 44.22 -4.91 -33.96
CA ALA R 186 43.32 -5.93 -34.45
C ALA R 186 41.96 -5.98 -33.73
N ALA R 187 41.94 -5.96 -32.40
CA ALA R 187 40.71 -6.04 -31.62
C ALA R 187 39.81 -4.81 -31.79
N GLN R 188 40.37 -3.64 -32.06
CA GLN R 188 39.63 -2.44 -32.43
C GLN R 188 39.11 -2.47 -33.87
N ASP R 189 39.89 -2.94 -34.84
CA ASP R 189 39.35 -3.25 -36.17
C ASP R 189 38.24 -4.29 -36.10
N ALA R 190 38.39 -5.39 -35.37
CA ALA R 190 37.33 -6.36 -35.16
C ALA R 190 36.10 -5.76 -34.48
N ILE R 191 36.21 -4.85 -33.52
CA ILE R 191 35.05 -4.07 -33.06
C ILE R 191 34.45 -3.26 -34.21
N SER R 192 35.27 -2.64 -35.07
CA SER R 192 34.81 -1.87 -36.23
C SER R 192 34.09 -2.77 -37.25
N TYR R 193 34.59 -3.98 -37.55
CA TYR R 193 33.94 -4.96 -38.41
C TYR R 193 32.67 -5.54 -37.81
N VAL R 194 32.63 -5.86 -36.53
CA VAL R 194 31.40 -6.38 -35.92
C VAL R 194 30.37 -5.27 -35.80
N SER R 195 30.76 -4.02 -35.61
CA SER R 195 29.83 -2.89 -35.71
C SER R 195 29.30 -2.72 -37.12
N SER R 196 30.12 -2.88 -38.16
CA SER R 196 29.70 -2.68 -39.54
C SER R 196 28.80 -3.80 -40.02
N MET R 197 29.02 -5.03 -39.58
CA MET R 197 28.12 -6.14 -39.87
C MET R 197 26.81 -6.03 -39.09
N ARG R 198 26.85 -5.61 -37.84
CA ARG R 198 25.61 -5.31 -37.12
C ARG R 198 24.89 -4.10 -37.69
N SER R 199 25.58 -3.14 -38.28
CA SER R 199 24.91 -2.06 -39.02
C SER R 199 24.21 -2.55 -40.28
N LYS R 200 24.76 -3.54 -40.99
CA LYS R 200 24.12 -4.15 -42.16
C LYS R 200 22.91 -4.95 -41.75
N LEU R 201 22.98 -5.73 -40.68
CA LEU R 201 21.87 -6.51 -40.13
C LEU R 201 20.79 -5.66 -39.47
N GLY R 202 21.11 -4.54 -38.86
CA GLY R 202 20.13 -3.64 -38.27
C GLY R 202 19.31 -2.90 -39.32
N ALA R 203 19.96 -2.35 -40.34
CA ALA R 203 19.28 -1.68 -41.44
C ALA R 203 18.28 -2.56 -42.17
N LEU R 204 18.58 -3.86 -42.23
CA LEU R 204 17.82 -4.89 -42.89
C LEU R 204 16.63 -5.29 -42.05
N GLN R 205 16.77 -5.37 -40.75
CA GLN R 205 15.63 -5.55 -39.88
C GLN R 205 14.69 -4.35 -39.96
N ASN R 206 15.21 -3.15 -40.19
CA ASN R 206 14.39 -2.01 -40.52
C ASN R 206 13.74 -2.08 -41.91
N ARG R 207 14.35 -2.61 -42.97
CA ARG R 207 13.58 -2.94 -44.18
C ARG R 207 12.45 -3.89 -43.90
N LEU R 208 12.70 -4.95 -43.16
CA LEU R 208 11.68 -5.95 -42.93
C LEU R 208 10.57 -5.45 -42.00
N GLU R 209 10.83 -4.63 -41.00
CA GLU R 209 9.71 -4.08 -40.23
C GLU R 209 8.85 -3.14 -41.07
N HIS R 210 9.43 -2.45 -42.06
CA HIS R 210 8.68 -1.66 -43.04
C HIS R 210 7.96 -2.53 -44.07
N THR R 211 8.61 -3.53 -44.65
CA THR R 211 7.99 -4.56 -45.45
C THR R 211 6.80 -5.19 -44.74
N ILE R 212 6.91 -5.61 -43.49
CA ILE R 212 5.79 -6.26 -42.77
C ILE R 212 4.66 -5.25 -42.54
N SER R 213 4.95 -4.03 -42.07
CA SER R 213 3.93 -3.00 -41.94
C SER R 213 3.23 -2.67 -43.26
N ASN R 214 3.92 -2.83 -44.38
CA ASN R 214 3.35 -2.65 -45.71
C ASN R 214 2.51 -3.86 -46.12
N LEU R 215 3.04 -5.08 -46.13
CA LEU R 215 2.31 -6.27 -46.63
C LEU R 215 1.06 -6.56 -45.81
N ASP R 216 1.10 -6.33 -44.50
CA ASP R 216 -0.06 -6.51 -43.63
C ASP R 216 -1.20 -5.55 -43.95
N ASN R 217 -0.86 -4.35 -44.40
CA ASN R 217 -1.77 -3.32 -44.85
C ASN R 217 -2.29 -3.62 -46.26
N ILE R 218 -1.44 -3.99 -47.21
CA ILE R 218 -1.89 -4.41 -48.54
C ILE R 218 -2.75 -5.67 -48.44
N SER R 219 -2.40 -6.65 -47.61
CA SER R 219 -3.18 -7.86 -47.41
C SER R 219 -4.56 -7.56 -46.82
N GLU R 220 -4.66 -6.66 -45.84
CA GLU R 220 -5.95 -6.17 -45.35
C GLU R 220 -6.76 -5.46 -46.43
N ASN R 221 -6.16 -4.56 -47.18
CA ASN R 221 -6.84 -3.86 -48.25
C ASN R 221 -7.27 -4.74 -49.43
N THR R 222 -6.49 -5.74 -49.85
CA THR R 222 -6.94 -6.71 -50.85
C THR R 222 -7.83 -7.81 -50.25
N SER R 223 -7.81 -8.09 -48.94
CA SER R 223 -8.93 -8.82 -48.31
C SER R 223 -10.21 -8.02 -48.39
N SER R 224 -10.15 -6.71 -48.17
CA SER R 224 -11.31 -5.85 -48.24
C SER R 224 -11.84 -5.77 -49.66
N ALA R 225 -10.96 -5.51 -50.63
CA ALA R 225 -11.30 -5.51 -52.02
C ALA R 225 -11.97 -6.81 -52.47
N GLU R 226 -11.39 -7.96 -52.18
CA GLU R 226 -11.98 -9.23 -52.60
C GLU R 226 -13.30 -9.50 -51.92
N SER R 227 -13.39 -9.32 -50.61
CA SER R 227 -14.61 -9.44 -49.86
C SER R 227 -15.77 -8.67 -50.49
N ARG R 228 -15.57 -7.46 -51.04
CA ARG R 228 -16.65 -6.79 -51.77
C ARG R 228 -17.03 -7.47 -53.07
N ILE R 229 -16.07 -7.99 -53.84
CA ILE R 229 -16.43 -8.70 -55.06
C ILE R 229 -17.17 -9.96 -54.65
N ARG R 230 -16.63 -10.77 -53.73
CA ARG R 230 -17.11 -12.13 -53.56
C ARG R 230 -18.03 -12.42 -52.38
N ASP R 231 -18.05 -11.70 -51.27
CA ASP R 231 -18.90 -12.11 -50.14
C ASP R 231 -20.36 -11.67 -50.29
N THR R 232 -21.28 -12.49 -49.81
CA THR R 232 -22.69 -12.08 -49.71
C THR R 232 -22.81 -10.98 -48.67
N ASP R 233 -23.30 -9.80 -49.04
CA ASP R 233 -23.84 -8.88 -48.05
C ASP R 233 -25.16 -9.47 -47.60
N MET R 234 -25.21 -10.03 -46.39
CA MET R 234 -26.33 -10.84 -45.94
C MET R 234 -27.60 -10.02 -45.74
N ALA R 235 -27.45 -8.71 -45.56
CA ALA R 235 -28.56 -7.78 -45.52
C ALA R 235 -29.18 -7.69 -46.90
N GLU R 236 -28.42 -7.32 -47.93
CA GLU R 236 -28.90 -7.20 -49.30
C GLU R 236 -29.46 -8.51 -49.83
N GLU R 237 -28.84 -9.65 -49.52
CA GLU R 237 -29.34 -10.95 -49.96
C GLU R 237 -30.55 -11.43 -49.18
N MET R 238 -30.75 -11.10 -47.91
CA MET R 238 -32.02 -11.43 -47.25
C MET R 238 -33.20 -10.56 -47.70
N VAL R 239 -32.92 -9.36 -48.24
CA VAL R 239 -33.89 -8.60 -49.04
C VAL R 239 -34.26 -9.33 -50.31
N GLU R 240 -33.26 -9.76 -51.09
CA GLU R 240 -33.52 -10.40 -52.38
C GLU R 240 -33.99 -11.85 -52.27
N TYR R 241 -33.76 -12.51 -51.14
CA TYR R 241 -34.26 -13.84 -50.82
C TYR R 241 -35.72 -13.81 -50.44
N SER R 242 -36.09 -12.89 -49.54
CA SER R 242 -37.43 -12.80 -49.00
C SER R 242 -38.48 -12.42 -50.04
N LYS R 243 -38.14 -11.55 -51.01
CA LYS R 243 -38.96 -11.27 -52.19
C LYS R 243 -39.39 -12.56 -52.88
N ASN R 244 -38.43 -13.45 -53.12
CA ASN R 244 -38.63 -14.69 -53.85
C ASN R 244 -39.39 -15.70 -53.02
N ASN R 245 -39.08 -15.81 -51.74
CA ASN R 245 -39.78 -16.66 -50.81
C ASN R 245 -41.27 -16.29 -50.77
N ILE R 246 -41.61 -15.00 -50.80
CA ILE R 246 -43.00 -14.53 -50.90
C ILE R 246 -43.60 -14.71 -52.29
N LEU R 247 -42.90 -14.35 -53.37
CA LEU R 247 -43.36 -14.68 -54.72
C LEU R 247 -43.63 -16.16 -54.91
N ALA R 248 -42.86 -17.05 -54.33
CA ALA R 248 -43.04 -18.47 -54.51
C ALA R 248 -44.34 -18.93 -53.90
N GLN R 249 -44.68 -18.45 -52.71
CA GLN R 249 -45.99 -18.69 -52.08
C GLN R 249 -47.13 -18.05 -52.84
N ALA R 250 -46.95 -16.84 -53.35
CA ALA R 250 -47.93 -16.18 -54.19
C ALA R 250 -48.15 -16.91 -55.51
N GLY R 251 -47.10 -17.46 -56.12
CA GLY R 251 -47.18 -18.28 -57.33
C GLY R 251 -47.76 -19.66 -57.09
N GLN R 252 -47.43 -20.30 -55.97
CA GLN R 252 -48.12 -21.51 -55.53
C GLN R 252 -49.60 -21.26 -55.34
N SER R 253 -49.97 -20.13 -54.77
CA SER R 253 -51.37 -19.75 -54.60
C SER R 253 -52.08 -19.52 -55.92
N MET R 254 -51.40 -18.94 -56.91
CA MET R 254 -52.00 -18.77 -58.23
C MET R 254 -52.08 -20.04 -59.03
N LEU R 255 -51.14 -20.97 -58.87
CA LEU R 255 -51.23 -22.29 -59.46
C LEU R 255 -52.26 -23.18 -58.76
N ALA R 256 -52.30 -23.20 -57.44
CA ALA R 256 -53.33 -23.89 -56.67
C ALA R 256 -54.75 -23.46 -57.05
N GLN R 257 -54.91 -22.22 -57.51
CA GLN R 257 -56.18 -21.62 -57.88
C GLN R 257 -56.47 -21.72 -59.37
N ALA R 258 -55.47 -21.64 -60.24
CA ALA R 258 -55.60 -21.88 -61.68
C ALA R 258 -55.85 -23.33 -62.06
N ASN R 259 -55.46 -24.30 -61.22
CA ASN R 259 -55.91 -25.69 -61.38
C ASN R 259 -57.40 -25.87 -61.10
N GLN R 260 -58.02 -24.98 -60.34
CA GLN R 260 -59.47 -24.93 -60.22
C GLN R 260 -60.16 -24.17 -61.36
N SER R 261 -59.42 -23.64 -62.34
CA SER R 261 -59.98 -22.78 -63.38
C SER R 261 -61.02 -23.50 -64.20
N THR R 262 -60.68 -24.69 -64.70
CA THR R 262 -61.55 -25.42 -65.62
C THR R 262 -62.68 -26.18 -64.91
N GLN R 263 -62.83 -26.03 -63.60
CA GLN R 263 -63.96 -26.60 -62.84
C GLN R 263 -65.31 -26.06 -63.30
N GLY R 264 -65.32 -24.90 -63.96
CA GLY R 264 -66.51 -24.32 -64.56
C GLY R 264 -67.13 -25.14 -65.68
N VAL R 265 -66.41 -26.11 -66.25
CA VAL R 265 -66.93 -26.93 -67.34
C VAL R 265 -68.03 -27.85 -66.86
N LEU R 266 -68.00 -28.31 -65.61
CA LEU R 266 -68.77 -29.49 -65.24
C LEU R 266 -70.28 -29.28 -65.21
N SER R 267 -70.73 -28.05 -64.96
CA SER R 267 -72.14 -27.65 -64.95
C SER R 267 -72.71 -27.38 -66.34
N LEU R 268 -71.85 -27.27 -67.35
CA LEU R 268 -72.14 -26.62 -68.61
C LEU R 268 -72.89 -27.53 -69.60
N LEU R 269 -74.17 -27.80 -69.35
CA LEU R 269 -74.99 -28.81 -70.05
C LEU R 269 -74.37 -30.21 -69.96
N GLN R 270 -73.96 -30.59 -68.75
CA GLN R 270 -73.34 -31.88 -68.42
C GLN R 270 -73.82 -32.44 -67.08
N MET S 1 -80.89 -53.95 -47.77
CA MET S 1 -80.56 -54.14 -46.33
C MET S 1 -81.72 -53.75 -45.43
N VAL S 2 -81.66 -54.09 -44.14
CA VAL S 2 -82.75 -53.80 -43.19
C VAL S 2 -82.80 -52.33 -42.80
N VAL S 3 -83.97 -51.71 -42.94
CA VAL S 3 -84.21 -50.30 -42.59
C VAL S 3 -84.44 -50.08 -41.09
N GLN S 4 -84.86 -51.13 -40.39
CA GLN S 4 -85.36 -51.11 -39.01
C GLN S 4 -84.30 -51.37 -37.91
N HIS S 5 -83.02 -51.46 -38.27
CA HIS S 5 -81.92 -51.77 -37.35
C HIS S 5 -80.60 -51.45 -38.05
N ASN S 6 -80.03 -50.28 -37.82
CA ASN S 6 -78.81 -49.91 -38.53
C ASN S 6 -77.57 -50.51 -37.87
N LEU S 7 -77.32 -51.79 -38.07
CA LEU S 7 -76.32 -52.53 -37.28
C LEU S 7 -74.87 -52.20 -37.66
N THR S 8 -74.66 -51.65 -38.86
CA THR S 8 -73.42 -50.95 -39.24
C THR S 8 -73.08 -49.85 -38.24
N ALA S 9 -74.09 -49.06 -37.84
CA ALA S 9 -73.92 -47.94 -36.94
C ALA S 9 -73.87 -48.35 -35.49
N MET S 10 -74.66 -49.31 -35.04
CA MET S 10 -74.67 -49.70 -33.63
C MET S 10 -73.34 -50.29 -33.18
N ASN S 11 -72.63 -50.96 -34.08
CA ASN S 11 -71.25 -51.37 -33.89
C ASN S 11 -70.27 -50.20 -33.90
N ALA S 12 -70.41 -49.24 -34.81
CA ALA S 12 -69.58 -48.04 -34.80
C ALA S 12 -69.77 -47.26 -33.51
N ASN S 13 -71.01 -47.10 -33.06
CA ASN S 13 -71.37 -46.50 -31.79
C ASN S 13 -70.81 -47.25 -30.59
N ARG S 14 -70.92 -48.57 -30.51
CA ARG S 14 -70.25 -49.32 -29.44
C ARG S 14 -68.74 -49.10 -29.46
N GLN S 15 -68.07 -49.14 -30.60
CA GLN S 15 -66.64 -48.82 -30.69
C GLN S 15 -66.30 -47.36 -30.38
N LEU S 16 -67.18 -46.43 -30.70
CA LEU S 16 -67.02 -45.04 -30.30
C LEU S 16 -67.05 -44.92 -28.80
N GLY S 17 -67.98 -45.59 -28.13
CA GLY S 17 -68.01 -45.73 -26.68
C GLY S 17 -66.72 -46.25 -26.05
N ILE S 18 -66.22 -47.42 -26.43
CA ILE S 18 -64.91 -47.93 -25.97
C ILE S 18 -63.79 -46.90 -26.10
N THR S 19 -63.75 -46.14 -27.19
CA THR S 19 -62.71 -45.15 -27.46
C THR S 19 -62.87 -43.87 -26.65
N THR S 20 -64.08 -43.31 -26.54
CA THR S 20 -64.34 -42.10 -25.74
C THR S 20 -64.52 -42.37 -24.25
N GLY S 21 -64.39 -43.63 -23.83
CA GLY S 21 -64.10 -44.03 -22.47
C GLY S 21 -62.62 -44.09 -22.19
N ALA S 22 -61.86 -44.83 -23.02
CA ALA S 22 -60.41 -44.89 -22.94
C ALA S 22 -59.74 -43.52 -23.00
N GLN S 23 -60.24 -42.59 -23.82
CA GLN S 23 -59.76 -41.22 -23.83
C GLN S 23 -59.97 -40.46 -22.50
N ALA S 24 -61.13 -40.59 -21.84
CA ALA S 24 -61.37 -39.95 -20.55
C ALA S 24 -60.51 -40.52 -19.42
N LYS S 25 -60.18 -41.81 -19.45
CA LYS S 25 -59.21 -42.44 -18.54
C LYS S 25 -57.78 -41.98 -18.79
N SER S 26 -57.38 -41.66 -20.01
CA SER S 26 -56.10 -41.02 -20.33
C SER S 26 -56.05 -39.58 -19.89
N SER S 27 -57.02 -38.76 -20.26
CA SER S 27 -57.05 -37.33 -19.95
C SER S 27 -56.99 -37.05 -18.44
N GLU S 28 -57.58 -37.92 -17.61
CA GLU S 28 -57.51 -37.85 -16.16
C GLU S 28 -56.07 -37.98 -15.64
N LYS S 29 -55.24 -38.83 -16.25
CA LYS S 29 -53.84 -39.03 -15.90
C LYS S 29 -52.97 -37.85 -16.30
N LEU S 30 -53.29 -37.17 -17.39
CA LEU S 30 -52.57 -35.97 -17.82
C LEU S 30 -52.98 -34.73 -17.01
N SER S 31 -54.27 -34.55 -16.76
CA SER S 31 -54.70 -33.40 -15.99
C SER S 31 -54.25 -33.47 -14.53
N SER S 32 -54.30 -34.66 -13.89
CA SER S 32 -53.82 -34.85 -12.52
C SER S 32 -52.33 -35.10 -12.38
N GLY S 33 -51.66 -35.63 -13.41
CA GLY S 33 -50.27 -36.04 -13.33
C GLY S 33 -50.03 -37.34 -12.58
N TYR S 34 -51.08 -38.09 -12.16
CA TYR S 34 -50.96 -39.43 -11.61
C TYR S 34 -51.49 -40.54 -12.52
N LYS S 35 -50.70 -41.59 -12.67
CA LYS S 35 -50.94 -42.84 -13.40
C LYS S 35 -52.00 -43.72 -12.75
N ILE S 36 -52.21 -43.52 -11.45
CA ILE S 36 -53.16 -44.23 -10.59
C ILE S 36 -53.97 -43.19 -9.83
N ASN S 37 -55.19 -42.90 -10.26
CA ASN S 37 -56.09 -41.98 -9.55
C ASN S 37 -57.06 -42.73 -8.63
N ARG S 38 -57.29 -44.00 -8.93
CA ARG S 38 -58.32 -44.85 -8.32
C ARG S 38 -57.86 -46.30 -8.32
N ALA S 39 -58.31 -47.15 -7.42
CA ALA S 39 -57.88 -48.56 -7.40
C ALA S 39 -58.23 -49.30 -8.70
N ALA S 40 -59.25 -48.85 -9.42
CA ALA S 40 -59.63 -49.44 -10.68
C ALA S 40 -58.59 -49.26 -11.80
N ASP S 41 -57.67 -48.30 -11.67
CA ASP S 41 -56.49 -48.15 -12.54
C ASP S 41 -55.48 -49.27 -12.30
N ASP S 42 -55.12 -49.47 -11.02
CA ASP S 42 -54.18 -50.47 -10.54
C ASP S 42 -54.56 -50.85 -9.10
N ALA S 43 -54.86 -52.13 -8.86
CA ALA S 43 -55.47 -52.59 -7.61
C ALA S 43 -54.43 -52.76 -6.50
N ALA S 44 -53.31 -53.42 -6.77
CA ALA S 44 -52.05 -53.15 -6.08
C ALA S 44 -51.54 -51.76 -6.50
N GLY S 45 -50.36 -51.33 -6.09
CA GLY S 45 -49.78 -50.09 -6.61
C GLY S 45 -50.43 -48.80 -6.08
N LEU S 46 -51.76 -48.68 -6.03
CA LEU S 46 -52.42 -47.76 -5.09
C LEU S 46 -52.04 -48.13 -3.66
N THR S 47 -52.25 -49.40 -3.25
CA THR S 47 -51.78 -49.95 -1.97
C THR S 47 -50.31 -49.65 -1.72
N ILE S 48 -49.39 -50.00 -2.63
CA ILE S 48 -47.96 -49.81 -2.40
C ILE S 48 -47.60 -48.32 -2.35
N SER S 49 -48.16 -47.50 -3.22
CA SER S 49 -47.92 -46.07 -3.19
C SER S 49 -48.43 -45.45 -1.93
N GLU S 50 -49.60 -45.80 -1.39
CA GLU S 50 -50.05 -45.29 -0.10
C GLU S 50 -49.15 -45.71 1.06
N LYS S 51 -48.54 -46.89 0.96
CA LYS S 51 -47.50 -47.32 1.90
C LYS S 51 -46.23 -46.49 1.75
N MET S 52 -45.78 -46.22 0.54
CA MET S 52 -44.57 -45.42 0.29
C MET S 52 -44.76 -43.92 0.54
N ARG S 53 -45.93 -43.36 0.22
CA ARG S 53 -46.38 -42.04 0.66
C ARG S 53 -46.29 -41.95 2.16
N SER S 54 -46.89 -42.90 2.88
CA SER S 54 -46.86 -42.97 4.34
C SER S 54 -45.43 -43.03 4.86
N GLN S 55 -44.56 -43.84 4.28
CA GLN S 55 -43.14 -43.89 4.59
C GLN S 55 -42.38 -42.60 4.31
N VAL S 56 -42.54 -41.96 3.15
CA VAL S 56 -41.86 -40.70 2.81
C VAL S 56 -42.29 -39.59 3.75
N ARG S 57 -43.60 -39.36 3.93
CA ARG S 57 -44.10 -38.38 4.91
C ARG S 57 -43.57 -38.63 6.32
N GLY S 58 -43.54 -39.88 6.76
CA GLY S 58 -43.01 -40.25 8.07
C GLY S 58 -41.50 -40.09 8.18
N LEU S 59 -40.72 -40.47 7.18
CA LEU S 59 -39.26 -40.23 7.12
C LEU S 59 -38.92 -38.75 7.08
N ASN S 60 -39.76 -37.90 6.51
CA ASN S 60 -39.52 -36.47 6.53
C ASN S 60 -39.77 -35.85 7.91
N LYS S 61 -40.80 -36.27 8.63
CA LYS S 61 -40.94 -35.92 10.04
C LYS S 61 -39.81 -36.50 10.89
N ALA S 62 -39.31 -37.69 10.58
CA ALA S 62 -38.14 -38.26 11.22
C ALA S 62 -36.87 -37.45 10.97
N SER S 63 -36.67 -36.93 9.77
CA SER S 63 -35.55 -36.06 9.43
C SER S 63 -35.66 -34.73 10.17
N ASP S 64 -36.87 -34.16 10.26
CA ASP S 64 -37.21 -33.02 11.11
C ASP S 64 -36.88 -33.30 12.57
N ASN S 65 -37.35 -34.39 13.16
CA ASN S 65 -37.17 -34.64 14.58
C ASN S 65 -35.71 -34.90 14.92
N ALA S 66 -34.93 -35.51 14.03
CA ALA S 66 -33.50 -35.67 14.22
C ALA S 66 -32.78 -34.31 14.17
N GLN S 67 -33.18 -33.40 13.30
CA GLN S 67 -32.64 -32.05 13.27
C GLN S 67 -33.07 -31.23 14.48
N ASP S 68 -34.31 -31.36 14.89
CA ASP S 68 -34.81 -30.75 16.11
C ASP S 68 -34.09 -31.30 17.35
N GLY S 69 -33.75 -32.59 17.34
CA GLY S 69 -32.85 -33.21 18.31
C GLY S 69 -31.43 -32.68 18.26
N VAL S 70 -30.84 -32.45 17.08
CA VAL S 70 -29.54 -31.78 16.93
C VAL S 70 -29.61 -30.38 17.48
N SER S 71 -30.66 -29.63 17.16
CA SER S 71 -30.79 -28.27 17.64
C SER S 71 -30.89 -28.17 19.15
N LEU S 72 -31.66 -29.03 19.78
CA LEU S 72 -31.69 -29.16 21.24
C LEU S 72 -30.31 -29.48 21.80
N ILE S 73 -29.61 -30.49 21.27
CA ILE S 73 -28.27 -30.82 21.72
C ILE S 73 -27.32 -29.65 21.58
N GLN S 74 -27.37 -28.89 20.50
CA GLN S 74 -26.51 -27.71 20.35
C GLN S 74 -26.77 -26.62 21.36
N VAL S 75 -28.00 -26.46 21.87
CA VAL S 75 -28.26 -25.57 23.01
C VAL S 75 -27.53 -26.06 24.25
N ALA S 76 -27.58 -27.34 24.58
CA ALA S 76 -26.97 -27.86 25.80
C ALA S 76 -25.45 -27.95 25.70
N GLU S 77 -24.95 -28.50 24.61
CA GLU S 77 -23.53 -28.55 24.26
C GLU S 77 -22.91 -27.14 24.24
N GLY S 78 -23.69 -26.13 23.85
CA GLY S 78 -23.33 -24.72 23.98
C GLY S 78 -23.37 -24.18 25.41
N ALA S 79 -24.38 -24.52 26.22
CA ALA S 79 -24.47 -24.07 27.61
C ALA S 79 -23.32 -24.59 28.46
N LEU S 80 -22.96 -25.85 28.29
CA LEU S 80 -21.83 -26.46 28.99
C LEU S 80 -20.48 -25.91 28.50
N SER S 81 -20.46 -25.23 27.35
CA SER S 81 -19.28 -24.53 26.85
C SER S 81 -18.93 -23.32 27.68
N GLU S 82 -19.88 -22.77 28.44
CA GLU S 82 -19.59 -21.73 29.42
C GLU S 82 -19.43 -22.30 30.82
N THR S 83 -20.03 -23.44 31.16
CA THR S 83 -19.62 -24.15 32.36
C THR S 83 -18.14 -24.51 32.33
N HIS S 84 -17.56 -24.88 31.19
CA HIS S 84 -16.11 -24.92 31.11
C HIS S 84 -15.45 -23.57 31.39
N SER S 85 -15.79 -22.47 30.73
CA SER S 85 -15.22 -21.16 31.05
C SER S 85 -15.31 -20.81 32.53
N ILE S 86 -16.42 -21.14 33.19
CA ILE S 86 -16.57 -20.92 34.61
C ILE S 86 -15.69 -21.86 35.43
N LEU S 87 -15.68 -23.17 35.18
CA LEU S 87 -14.83 -24.10 35.92
C LEU S 87 -13.34 -23.94 35.67
N GLN S 88 -12.93 -23.51 34.48
CA GLN S 88 -11.55 -23.15 34.16
C GLN S 88 -11.13 -21.94 34.99
N ARG S 89 -12.01 -20.94 35.13
CA ARG S 89 -11.83 -19.77 35.99
C ARG S 89 -11.88 -20.14 37.46
N MET S 90 -12.67 -21.11 37.90
CA MET S 90 -12.63 -21.59 39.28
C MET S 90 -11.35 -22.35 39.56
N ASN S 91 -10.89 -23.24 38.69
CA ASN S 91 -9.64 -23.97 38.91
C ASN S 91 -8.40 -23.05 39.05
N GLU S 92 -8.31 -22.03 38.20
CA GLU S 92 -7.28 -21.01 38.19
C GLU S 92 -7.33 -20.16 39.44
N LEU S 93 -8.52 -19.72 39.87
CA LEU S 93 -8.70 -18.99 41.11
C LEU S 93 -8.41 -19.83 42.34
N ALA S 94 -8.84 -21.08 42.40
CA ALA S 94 -8.54 -21.97 43.49
C ALA S 94 -7.04 -22.18 43.60
N THR S 95 -6.33 -22.38 42.47
CA THR S 95 -4.88 -22.46 42.42
C THR S 95 -4.21 -21.21 42.97
N GLN S 96 -4.70 -20.03 42.63
CA GLN S 96 -4.21 -18.77 43.19
C GLN S 96 -4.40 -18.71 44.70
N ALA S 97 -5.60 -18.98 45.18
CA ALA S 97 -5.90 -18.92 46.61
C ALA S 97 -5.20 -20.00 47.45
N ALA S 98 -4.75 -21.10 46.86
CA ALA S 98 -3.99 -22.13 47.54
C ALA S 98 -2.62 -21.65 48.02
N ASN S 99 -2.08 -20.56 47.52
CA ASN S 99 -0.77 -20.07 47.93
C ASN S 99 -0.81 -19.50 49.35
N ASP S 100 -0.02 -19.96 50.31
CA ASP S 100 0.00 -19.35 51.67
C ASP S 100 0.78 -18.03 51.74
N THR S 101 1.12 -17.38 50.63
CA THR S 101 1.39 -15.93 50.68
C THR S 101 0.11 -15.09 50.81
N ASN S 102 -1.08 -15.59 50.47
CA ASN S 102 -2.34 -14.83 50.61
C ASN S 102 -2.76 -14.75 52.09
N THR S 103 -2.89 -13.55 52.68
CA THR S 103 -3.53 -13.48 53.99
C THR S 103 -5.05 -13.63 53.84
N THR S 104 -5.82 -13.48 54.91
CA THR S 104 -7.25 -13.76 54.87
C THR S 104 -7.96 -12.88 53.85
N SER S 105 -7.74 -11.57 53.84
CA SER S 105 -8.46 -10.63 52.98
C SER S 105 -8.34 -10.93 51.50
N ASP S 106 -7.20 -11.45 51.07
CA ASP S 106 -6.91 -11.83 49.71
C ASP S 106 -7.62 -13.12 49.33
N ARG S 107 -7.75 -14.10 50.25
CA ARG S 107 -8.54 -15.31 50.01
C ARG S 107 -10.04 -15.12 50.12
N THR S 108 -10.54 -14.15 50.88
CA THR S 108 -11.96 -13.77 50.76
C THR S 108 -12.21 -12.96 49.49
N ALA S 109 -11.29 -12.16 48.99
CA ALA S 109 -11.40 -11.62 47.64
C ALA S 109 -11.39 -12.68 46.52
N VAL S 110 -10.76 -13.85 46.70
CA VAL S 110 -11.00 -15.00 45.82
C VAL S 110 -12.34 -15.65 46.09
N GLN S 111 -12.67 -15.87 47.35
CA GLN S 111 -13.92 -16.51 47.72
C GLN S 111 -15.13 -15.76 47.18
N GLN S 112 -15.14 -14.43 47.10
CA GLN S 112 -16.24 -13.67 46.48
C GLN S 112 -16.50 -14.14 45.06
N GLU S 113 -15.47 -14.37 44.26
CA GLU S 113 -15.63 -14.85 42.89
C GLU S 113 -15.92 -16.33 42.83
N ILE S 114 -15.34 -17.15 43.69
CA ILE S 114 -15.64 -18.58 43.70
C ILE S 114 -17.06 -18.86 44.20
N ASN S 115 -17.66 -18.03 45.05
CA ASN S 115 -19.09 -18.11 45.33
C ASN S 115 -19.93 -17.55 44.18
N GLN S 116 -19.60 -16.41 43.58
CA GLN S 116 -20.38 -15.85 42.48
C GLN S 116 -20.39 -16.76 41.24
N LEU S 117 -19.29 -17.42 40.92
CA LEU S 117 -19.20 -18.34 39.80
C LEU S 117 -19.95 -19.63 40.06
N ALA S 118 -20.02 -20.14 41.27
CA ALA S 118 -20.89 -21.27 41.58
C ALA S 118 -22.37 -20.92 41.42
N SER S 119 -22.82 -19.75 41.85
CA SER S 119 -24.16 -19.26 41.52
C SER S 119 -24.36 -19.15 40.01
N GLU S 120 -23.31 -18.89 39.24
CA GLU S 120 -23.41 -18.78 37.80
C GLU S 120 -23.55 -20.13 37.14
N ILE S 121 -22.81 -21.15 37.56
CA ILE S 121 -23.01 -22.53 37.09
C ILE S 121 -24.42 -23.02 37.37
N THR S 122 -24.96 -22.77 38.57
CA THR S 122 -26.35 -23.09 38.87
C THR S 122 -27.32 -22.29 38.04
N ARG S 123 -27.05 -21.02 37.74
CA ARG S 123 -27.85 -20.26 36.78
C ARG S 123 -27.78 -20.84 35.36
N ILE S 124 -26.63 -21.25 34.81
CA ILE S 124 -26.59 -21.97 33.53
C ILE S 124 -27.47 -23.23 33.61
N ALA S 125 -27.39 -24.03 34.66
CA ALA S 125 -28.11 -25.30 34.75
C ALA S 125 -29.63 -25.14 34.82
N SER S 126 -30.14 -24.32 35.73
CA SER S 126 -31.58 -24.17 35.95
C SER S 126 -32.26 -23.24 34.96
N THR S 127 -31.49 -22.43 34.24
CA THR S 127 -32.04 -21.49 33.26
C THR S 127 -32.04 -22.02 31.84
N THR S 128 -31.01 -22.72 31.36
CA THR S 128 -30.96 -23.09 29.95
C THR S 128 -32.08 -24.04 29.58
N GLN S 129 -32.97 -23.57 28.73
CA GLN S 129 -34.12 -24.30 28.25
C GLN S 129 -34.08 -24.36 26.73
N PHE S 130 -34.73 -25.35 26.18
CA PHE S 130 -35.11 -25.36 24.77
C PHE S 130 -36.58 -25.67 24.75
N ASN S 131 -37.40 -24.89 24.05
CA ASN S 131 -38.84 -25.12 24.00
C ASN S 131 -39.51 -25.22 25.39
N THR S 132 -39.08 -24.43 26.37
CA THR S 132 -39.53 -24.43 27.78
C THR S 132 -39.22 -25.68 28.62
N MET S 133 -38.35 -26.58 28.18
CA MET S 133 -37.87 -27.72 28.99
C MET S 133 -36.44 -27.46 29.45
N ASN S 134 -36.10 -27.61 30.74
CA ASN S 134 -34.71 -27.48 31.17
C ASN S 134 -33.86 -28.61 30.60
N LEU S 135 -32.67 -28.29 30.10
CA LEU S 135 -31.81 -29.30 29.45
C LEU S 135 -30.75 -29.92 30.36
N ILE S 136 -30.18 -29.16 31.30
CA ILE S 136 -28.99 -29.56 32.05
C ILE S 136 -29.11 -29.29 33.55
N ASP S 137 -30.31 -29.38 34.12
CA ASP S 137 -30.56 -29.45 35.56
C ASP S 137 -30.72 -30.90 36.06
N GLY S 138 -30.58 -31.89 35.18
CA GLY S 138 -30.78 -33.31 35.48
C GLY S 138 -32.16 -33.84 35.13
N ASN S 139 -33.11 -32.99 34.77
CA ASN S 139 -34.48 -33.38 34.49
C ASN S 139 -34.76 -33.72 33.03
N PHE S 140 -33.72 -34.10 32.30
CA PHE S 140 -33.79 -34.52 30.91
C PHE S 140 -33.37 -35.99 30.79
N THR S 141 -33.76 -36.80 31.77
CA THR S 141 -33.61 -38.25 31.73
C THR S 141 -34.60 -38.84 30.75
N SER S 142 -34.18 -39.86 29.98
CA SER S 142 -35.08 -40.70 29.19
C SER S 142 -36.02 -39.97 28.22
N LYS S 143 -35.60 -38.86 27.60
CA LYS S 143 -36.42 -38.06 26.67
C LYS S 143 -36.13 -38.51 25.25
N LYS S 144 -37.09 -39.10 24.53
CA LYS S 144 -36.85 -39.74 23.22
C LYS S 144 -37.02 -38.82 22.00
N LEU S 145 -36.29 -39.12 20.94
CA LEU S 145 -36.53 -38.64 19.59
C LEU S 145 -37.14 -39.77 18.78
N GLN S 146 -38.21 -39.55 18.02
CA GLN S 146 -38.77 -40.52 17.07
C GLN S 146 -38.05 -40.38 15.71
N VAL S 147 -37.00 -41.19 15.52
CA VAL S 147 -35.98 -41.07 14.47
C VAL S 147 -36.31 -41.92 13.23
N GLY S 148 -37.56 -42.28 13.00
CA GLY S 148 -37.98 -43.05 11.84
C GLY S 148 -39.48 -43.04 11.63
N SER S 149 -39.97 -43.74 10.63
CA SER S 149 -41.36 -43.74 10.23
C SER S 149 -42.29 -44.67 11.04
N LEU S 150 -41.77 -45.63 11.81
CA LEU S 150 -42.54 -46.66 12.51
C LEU S 150 -42.57 -46.44 14.01
N CYS S 151 -43.52 -47.07 14.71
CA CYS S 151 -43.69 -46.94 16.15
C CYS S 151 -42.35 -47.12 16.88
N GLY S 152 -41.94 -46.11 17.63
CA GLY S 152 -40.83 -46.20 18.57
C GLY S 152 -39.48 -46.59 17.96
N GLN S 153 -39.08 -45.98 16.84
CA GLN S 153 -37.72 -46.09 16.30
C GLN S 153 -36.80 -45.04 16.93
N ALA S 154 -36.63 -45.11 18.23
CA ALA S 154 -36.14 -44.04 19.06
C ALA S 154 -34.62 -43.78 19.00
N ILE S 155 -34.23 -42.59 19.44
CA ILE S 155 -32.93 -42.32 20.05
C ILE S 155 -33.19 -41.66 21.40
N THR S 156 -32.41 -41.93 22.43
CA THR S 156 -32.67 -41.45 23.79
C THR S 156 -31.76 -40.29 24.13
N ILE S 157 -32.31 -39.22 24.69
CA ILE S 157 -31.56 -38.06 25.17
C ILE S 157 -31.62 -38.07 26.69
N ASP S 158 -30.44 -38.06 27.30
CA ASP S 158 -30.24 -38.41 28.69
C ASP S 158 -29.02 -37.63 29.17
N ILE S 159 -29.23 -36.56 29.93
CA ILE S 159 -28.21 -35.56 30.26
C ILE S 159 -28.06 -35.49 31.78
N SER S 160 -26.89 -35.78 32.36
CA SER S 160 -26.74 -35.71 33.82
C SER S 160 -26.83 -34.25 34.30
N ASP S 161 -27.11 -34.04 35.57
CA ASP S 161 -27.23 -32.70 36.17
C ASP S 161 -25.90 -31.94 36.13
N MET S 162 -25.89 -30.70 35.63
CA MET S 162 -24.69 -29.88 35.45
C MET S 162 -24.71 -28.62 36.30
N SER S 163 -25.43 -28.64 37.41
CA SER S 163 -25.50 -27.56 38.40
C SER S 163 -24.25 -27.49 39.30
N ALA S 164 -24.08 -26.46 40.14
CA ALA S 164 -22.94 -26.42 41.05
C ALA S 164 -23.01 -27.53 42.11
N THR S 165 -24.22 -27.87 42.56
CA THR S 165 -24.46 -29.09 43.34
C THR S 165 -24.11 -30.32 42.52
N GLY S 166 -24.63 -30.46 41.30
CA GLY S 166 -24.50 -31.67 40.49
C GLY S 166 -23.06 -32.08 40.18
N LEU S 167 -22.15 -31.11 40.11
CA LEU S 167 -20.74 -31.27 39.82
C LEU S 167 -19.84 -31.17 41.06
N GLY S 168 -20.42 -30.93 42.24
CA GLY S 168 -19.67 -30.89 43.50
C GLY S 168 -18.94 -29.59 43.78
N VAL S 169 -19.14 -28.56 42.94
CA VAL S 169 -18.57 -27.23 43.13
C VAL S 169 -19.47 -26.29 43.95
N SER S 170 -20.52 -26.81 44.58
CA SER S 170 -21.31 -26.11 45.58
C SER S 170 -20.42 -25.74 46.77
N GLY S 171 -20.19 -24.45 46.98
CA GLY S 171 -19.40 -23.96 48.09
C GLY S 171 -17.99 -24.56 48.15
N LEU S 172 -17.19 -24.25 47.13
CA LEU S 172 -15.76 -24.50 47.16
C LEU S 172 -15.13 -23.55 48.17
N VAL S 173 -14.39 -24.05 49.17
CA VAL S 173 -13.82 -23.25 50.25
C VAL S 173 -12.35 -23.04 49.97
N VAL S 174 -11.87 -21.80 49.83
CA VAL S 174 -10.48 -21.53 49.40
C VAL S 174 -9.63 -20.77 50.40
N SER S 175 -9.99 -20.83 51.68
CA SER S 175 -9.45 -19.98 52.72
C SER S 175 -8.17 -20.50 53.40
N SER S 176 -7.62 -21.62 52.94
CA SER S 176 -6.35 -22.19 53.39
C SER S 176 -5.77 -23.10 52.29
N PHE S 177 -4.49 -23.49 52.36
CA PHE S 177 -3.88 -24.39 51.37
C PHE S 177 -4.62 -25.72 51.25
N SER S 178 -5.02 -26.31 52.38
CA SER S 178 -5.78 -27.56 52.41
C SER S 178 -7.10 -27.45 51.66
N ALA S 179 -7.96 -26.51 52.03
CA ALA S 179 -9.28 -26.39 51.43
C ALA S 179 -9.21 -25.87 49.98
N ALA S 180 -8.27 -24.99 49.65
CA ALA S 180 -8.07 -24.53 48.29
C ALA S 180 -7.47 -25.62 47.38
N GLY S 181 -6.66 -26.54 47.87
CA GLY S 181 -6.33 -27.76 47.15
C GLY S 181 -7.51 -28.72 46.98
N LYS S 182 -8.42 -28.80 47.96
CA LYS S 182 -9.69 -29.54 47.82
C LYS S 182 -10.62 -28.89 46.80
N ALA S 183 -10.66 -27.57 46.73
CA ALA S 183 -11.32 -26.83 45.67
C ALA S 183 -10.72 -27.04 44.30
N MET S 184 -9.39 -27.15 44.18
CA MET S 184 -8.73 -27.50 42.91
C MET S 184 -9.12 -28.89 42.45
N SER S 185 -9.11 -29.88 43.35
CA SER S 185 -9.60 -31.24 43.07
C SER S 185 -11.05 -31.22 42.62
N ALA S 186 -11.96 -30.53 43.29
CA ALA S 186 -13.34 -30.40 42.83
C ALA S 186 -13.47 -29.74 41.46
N ALA S 187 -12.83 -28.60 41.20
CA ALA S 187 -12.98 -27.90 39.92
C ALA S 187 -12.36 -28.66 38.74
N GLN S 188 -11.33 -29.46 38.96
CA GLN S 188 -10.80 -30.38 37.95
C GLN S 188 -11.68 -31.60 37.72
N ASP S 189 -12.23 -32.21 38.76
CA ASP S 189 -13.26 -33.25 38.61
C ASP S 189 -14.47 -32.71 37.86
N ALA S 190 -15.00 -31.55 38.19
CA ALA S 190 -16.07 -30.92 37.46
C ALA S 190 -15.71 -30.62 35.99
N ILE S 191 -14.49 -30.21 35.67
CA ILE S 191 -14.04 -30.13 34.27
C ILE S 191 -14.08 -31.51 33.62
N SER S 192 -13.70 -32.57 34.33
CA SER S 192 -13.75 -33.93 33.84
C SER S 192 -15.19 -34.42 33.61
N TYR S 193 -16.13 -34.08 34.49
CA TYR S 193 -17.55 -34.39 34.37
C TYR S 193 -18.22 -33.62 33.26
N VAL S 194 -17.89 -32.36 33.06
CA VAL S 194 -18.46 -31.60 31.93
C VAL S 194 -17.85 -32.03 30.61
N SER S 195 -16.57 -32.39 30.55
CA SER S 195 -15.97 -33.01 29.36
C SER S 195 -16.63 -34.32 28.98
N SER S 196 -17.01 -35.15 29.95
CA SER S 196 -17.67 -36.43 29.68
C SER S 196 -19.10 -36.22 29.23
N MET S 197 -19.85 -35.28 29.80
CA MET S 197 -21.20 -34.95 29.37
C MET S 197 -21.23 -34.34 27.97
N ARG S 198 -20.31 -33.44 27.68
CA ARG S 198 -20.09 -32.94 26.32
C ARG S 198 -19.59 -34.03 25.38
N SER S 199 -18.87 -35.04 25.84
CA SER S 199 -18.59 -36.20 24.97
C SER S 199 -19.81 -37.06 24.68
N LYS S 200 -20.78 -37.18 25.58
CA LYS S 200 -22.06 -37.86 25.28
C LYS S 200 -22.88 -37.05 24.31
N LEU S 201 -23.06 -35.76 24.53
CA LEU S 201 -23.71 -34.87 23.57
C LEU S 201 -22.95 -34.69 22.24
N GLY S 202 -21.67 -35.04 22.17
CA GLY S 202 -20.89 -35.02 20.93
C GLY S 202 -21.14 -36.25 20.08
N ALA S 203 -20.93 -37.43 20.62
CA ALA S 203 -21.22 -38.69 19.96
C ALA S 203 -22.68 -38.80 19.53
N LEU S 204 -23.60 -38.25 20.31
CA LEU S 204 -25.02 -38.22 20.01
C LEU S 204 -25.34 -37.35 18.81
N GLN S 205 -24.70 -36.20 18.67
CA GLN S 205 -24.87 -35.36 17.50
C GLN S 205 -24.16 -35.93 16.26
N ASN S 206 -23.09 -36.71 16.43
CA ASN S 206 -22.61 -37.58 15.36
C ASN S 206 -23.69 -38.59 14.96
N ARG S 207 -24.37 -39.29 15.88
CA ARG S 207 -25.46 -40.20 15.48
C ARG S 207 -26.49 -39.48 14.64
N LEU S 208 -26.96 -38.33 15.09
CA LEU S 208 -28.02 -37.61 14.41
C LEU S 208 -27.61 -37.00 13.07
N GLU S 209 -26.39 -36.54 12.89
CA GLU S 209 -25.98 -36.11 11.56
C GLU S 209 -25.80 -37.27 10.58
N HIS S 210 -25.43 -38.45 11.06
CA HIS S 210 -25.49 -39.71 10.32
C HIS S 210 -26.92 -40.19 10.06
N THR S 211 -27.84 -40.18 11.02
CA THR S 211 -29.23 -40.53 10.73
C THR S 211 -29.92 -39.52 9.84
N ILE S 212 -29.65 -38.22 9.88
CA ILE S 212 -30.18 -37.28 8.87
C ILE S 212 -29.59 -37.57 7.47
N SER S 213 -28.29 -37.80 7.33
CA SER S 213 -27.69 -38.23 6.06
C SER S 213 -28.31 -39.51 5.50
N ASN S 214 -28.79 -40.39 6.39
CA ASN S 214 -29.47 -41.63 6.05
C ASN S 214 -30.92 -41.40 5.66
N LEU S 215 -31.74 -40.77 6.51
CA LEU S 215 -33.18 -40.64 6.31
C LEU S 215 -33.47 -39.84 5.05
N ASP S 216 -32.67 -38.82 4.74
CA ASP S 216 -32.83 -38.00 3.54
C ASP S 216 -32.61 -38.80 2.25
N ASN S 217 -31.63 -39.70 2.26
CA ASN S 217 -31.31 -40.61 1.17
C ASN S 217 -32.38 -41.72 1.06
N ILE S 218 -32.85 -42.32 2.15
CA ILE S 218 -33.99 -43.25 2.12
C ILE S 218 -35.26 -42.55 1.66
N SER S 219 -35.55 -41.35 2.14
CA SER S 219 -36.70 -40.55 1.71
C SER S 219 -36.65 -40.22 0.23
N GLU S 220 -35.51 -39.78 -0.30
CA GLU S 220 -35.25 -39.57 -1.73
C GLU S 220 -35.47 -40.84 -2.54
N ASN S 221 -34.94 -41.98 -2.10
CA ASN S 221 -35.11 -43.24 -2.80
C ASN S 221 -36.53 -43.80 -2.73
N THR S 222 -37.25 -43.72 -1.62
CA THR S 222 -38.67 -44.05 -1.61
C THR S 222 -39.55 -42.98 -2.25
N SER S 223 -39.12 -41.73 -2.42
CA SER S 223 -39.83 -40.78 -3.29
C SER S 223 -39.67 -41.19 -4.74
N SER S 224 -38.46 -41.55 -5.15
CA SER S 224 -38.17 -42.15 -6.46
C SER S 224 -39.02 -43.38 -6.70
N ALA S 225 -39.04 -44.33 -5.78
CA ALA S 225 -39.82 -45.54 -5.91
C ALA S 225 -41.32 -45.24 -6.01
N GLU S 226 -41.91 -44.39 -5.17
CA GLU S 226 -43.33 -44.11 -5.30
C GLU S 226 -43.68 -43.34 -6.57
N SER S 227 -42.91 -42.33 -6.95
CA SER S 227 -43.08 -41.64 -8.22
C SER S 227 -43.07 -42.58 -9.41
N ARG S 228 -42.27 -43.67 -9.34
CA ARG S 228 -42.23 -44.71 -10.36
C ARG S 228 -43.55 -45.46 -10.47
N ILE S 229 -44.16 -45.78 -9.35
CA ILE S 229 -45.41 -46.51 -9.31
C ILE S 229 -46.55 -45.58 -9.69
N ARG S 230 -46.62 -44.36 -9.14
CA ARG S 230 -47.81 -43.52 -9.25
C ARG S 230 -47.81 -42.37 -10.24
N ASP S 231 -46.73 -41.67 -10.56
CA ASP S 231 -46.84 -40.47 -11.40
C ASP S 231 -46.99 -40.75 -12.91
N THR S 232 -47.82 -39.99 -13.62
CA THR S 232 -47.96 -40.12 -15.07
C THR S 232 -46.63 -39.73 -15.72
N ASP S 233 -46.02 -40.62 -16.52
CA ASP S 233 -44.96 -40.17 -17.42
C ASP S 233 -45.65 -39.49 -18.57
N MET S 234 -45.55 -38.17 -18.61
CA MET S 234 -46.36 -37.35 -19.51
C MET S 234 -46.04 -37.59 -20.96
N ALA S 235 -44.86 -38.12 -21.26
CA ALA S 235 -44.43 -38.51 -22.59
C ALA S 235 -45.21 -39.75 -23.04
N GLU S 236 -45.11 -40.84 -22.28
CA GLU S 236 -45.82 -42.09 -22.51
C GLU S 236 -47.35 -41.90 -22.52
N GLU S 237 -47.91 -41.16 -21.58
CA GLU S 237 -49.34 -40.90 -21.60
C GLU S 237 -49.82 -40.01 -22.74
N MET S 238 -48.99 -39.12 -23.29
CA MET S 238 -49.35 -38.36 -24.50
C MET S 238 -49.27 -39.19 -25.79
N VAL S 239 -48.42 -40.21 -25.81
CA VAL S 239 -48.45 -41.28 -26.82
C VAL S 239 -49.77 -42.01 -26.79
N GLU S 240 -50.35 -42.29 -25.61
CA GLU S 240 -51.62 -43.01 -25.49
C GLU S 240 -52.83 -42.11 -25.65
N TYR S 241 -52.75 -40.84 -25.28
CA TYR S 241 -53.84 -39.89 -25.41
C TYR S 241 -54.05 -39.48 -26.86
N SER S 242 -52.99 -39.25 -27.64
CA SER S 242 -53.10 -38.96 -29.06
C SER S 242 -53.72 -40.10 -29.84
N LYS S 243 -53.32 -41.37 -29.60
CA LYS S 243 -53.98 -42.54 -30.20
C LYS S 243 -55.48 -42.45 -30.02
N ASN S 244 -55.94 -42.20 -28.81
CA ASN S 244 -57.36 -42.25 -28.49
C ASN S 244 -58.10 -41.06 -29.04
N ASN S 245 -57.50 -39.89 -29.05
CA ASN S 245 -58.08 -38.70 -29.64
C ASN S 245 -58.27 -38.86 -31.15
N ILE S 246 -57.34 -39.51 -31.84
CA ILE S 246 -57.46 -39.80 -33.28
C ILE S 246 -58.40 -40.98 -33.55
N LEU S 247 -58.41 -42.02 -32.74
CA LEU S 247 -59.46 -43.05 -32.81
C LEU S 247 -60.86 -42.49 -32.55
N ALA S 248 -61.01 -41.51 -31.66
CA ALA S 248 -62.31 -40.94 -31.37
C ALA S 248 -62.81 -40.17 -32.57
N GLN S 249 -61.93 -39.38 -33.22
CA GLN S 249 -62.22 -38.69 -34.48
C GLN S 249 -62.49 -39.63 -35.65
N ALA S 250 -61.71 -40.70 -35.80
CA ALA S 250 -61.96 -41.71 -36.82
C ALA S 250 -63.29 -42.46 -36.56
N GLY S 251 -63.59 -42.80 -35.31
CA GLY S 251 -64.83 -43.49 -34.94
C GLY S 251 -66.06 -42.63 -35.08
N GLN S 252 -65.97 -41.33 -34.75
CA GLN S 252 -66.99 -40.33 -35.10
C GLN S 252 -67.21 -40.31 -36.59
N SER S 253 -66.16 -40.17 -37.39
CA SER S 253 -66.26 -40.08 -38.85
C SER S 253 -66.86 -41.35 -39.46
N MET S 254 -66.55 -42.50 -38.87
CA MET S 254 -67.12 -43.79 -39.26
C MET S 254 -68.56 -44.00 -38.85
N LEU S 255 -69.01 -43.40 -37.75
CA LEU S 255 -70.41 -43.37 -37.33
C LEU S 255 -71.22 -42.34 -38.15
N ALA S 256 -70.64 -41.18 -38.42
CA ALA S 256 -71.21 -40.19 -39.34
C ALA S 256 -71.47 -40.79 -40.72
N GLN S 257 -70.57 -41.65 -41.22
CA GLN S 257 -70.80 -42.46 -42.41
C GLN S 257 -71.80 -43.58 -42.18
N ALA S 258 -71.71 -44.37 -41.11
CA ALA S 258 -72.60 -45.51 -40.86
C ALA S 258 -74.08 -45.15 -40.74
N ASN S 259 -74.42 -43.95 -40.29
CA ASN S 259 -75.79 -43.49 -40.31
C ASN S 259 -76.33 -43.20 -41.73
N GLN S 260 -75.45 -43.00 -42.70
CA GLN S 260 -75.79 -42.97 -44.12
C GLN S 260 -75.94 -44.37 -44.76
N SER S 261 -75.54 -45.44 -44.08
CA SER S 261 -75.54 -46.82 -44.60
C SER S 261 -76.88 -47.23 -45.18
N THR S 262 -77.97 -46.85 -44.50
CA THR S 262 -79.34 -47.17 -44.91
C THR S 262 -80.03 -46.12 -45.78
N GLN S 263 -79.34 -45.07 -46.22
CA GLN S 263 -79.89 -44.11 -47.19
C GLN S 263 -80.24 -44.80 -48.51
N GLY S 264 -79.52 -45.87 -48.86
CA GLY S 264 -79.69 -46.58 -50.12
C GLY S 264 -81.09 -47.13 -50.33
N VAL S 265 -81.87 -47.31 -49.26
CA VAL S 265 -83.20 -47.91 -49.37
C VAL S 265 -84.17 -47.00 -50.13
N LEU S 266 -83.93 -45.70 -50.20
CA LEU S 266 -84.90 -44.76 -50.76
C LEU S 266 -85.10 -44.89 -52.28
N SER S 267 -84.05 -45.11 -53.04
CA SER S 267 -84.12 -45.31 -54.50
C SER S 267 -84.80 -46.63 -54.88
N LEU S 268 -84.90 -47.56 -53.93
CA LEU S 268 -85.31 -48.94 -54.11
C LEU S 268 -86.82 -49.10 -54.33
N LEU S 269 -87.28 -48.72 -55.52
CA LEU S 269 -88.66 -48.82 -56.03
C LEU S 269 -89.69 -47.95 -55.29
N GLN S 270 -89.23 -47.12 -54.37
CA GLN S 270 -90.02 -46.11 -53.67
C GLN S 270 -89.94 -44.75 -54.37
N MET T 1 -64.63 -47.20 -66.25
CA MET T 1 -63.70 -47.53 -65.15
C MET T 1 -64.25 -48.70 -64.34
N VAL T 2 -63.41 -49.62 -63.87
CA VAL T 2 -63.85 -50.80 -63.11
C VAL T 2 -64.12 -50.47 -61.64
N VAL T 3 -65.32 -50.82 -61.17
CA VAL T 3 -65.83 -50.54 -59.81
C VAL T 3 -65.36 -51.55 -58.75
N GLN T 4 -64.95 -52.75 -59.19
CA GLN T 4 -64.55 -53.88 -58.35
C GLN T 4 -63.08 -53.88 -57.92
N HIS T 5 -62.26 -52.92 -58.33
CA HIS T 5 -60.83 -52.83 -58.03
C HIS T 5 -60.36 -51.40 -58.23
N ASN T 6 -60.23 -50.61 -57.18
CA ASN T 6 -59.75 -49.25 -57.31
C ASN T 6 -58.23 -49.21 -57.41
N LEU T 7 -57.66 -49.61 -58.54
CA LEU T 7 -56.21 -49.81 -58.70
C LEU T 7 -55.40 -48.51 -58.68
N THR T 8 -56.04 -47.40 -59.05
CA THR T 8 -55.52 -46.05 -58.84
C THR T 8 -55.22 -45.79 -57.37
N ALA T 9 -56.05 -46.31 -56.46
CA ALA T 9 -55.84 -46.25 -55.02
C ALA T 9 -54.84 -47.26 -54.54
N MET T 10 -54.84 -48.49 -55.03
CA MET T 10 -53.96 -49.53 -54.49
C MET T 10 -52.49 -49.26 -54.77
N ASN T 11 -52.15 -48.61 -55.89
CA ASN T 11 -50.82 -48.07 -56.15
C ASN T 11 -50.50 -46.90 -55.21
N ALA T 12 -51.43 -45.99 -54.98
CA ALA T 12 -51.25 -44.88 -54.03
C ALA T 12 -51.00 -45.40 -52.64
N ASN T 13 -51.76 -46.40 -52.19
CA ASN T 13 -51.61 -47.10 -50.93
C ASN T 13 -50.28 -47.83 -50.81
N ARG T 14 -49.82 -48.56 -51.84
CA ARG T 14 -48.49 -49.17 -51.79
C ARG T 14 -47.39 -48.13 -51.70
N GLN T 15 -47.49 -47.01 -52.39
CA GLN T 15 -46.56 -45.88 -52.28
C GLN T 15 -46.63 -45.13 -50.96
N LEU T 16 -47.80 -45.01 -50.37
CA LEU T 16 -47.95 -44.52 -49.01
C LEU T 16 -47.22 -45.42 -48.04
N GLY T 17 -47.31 -46.73 -48.21
CA GLY T 17 -46.54 -47.73 -47.45
C GLY T 17 -45.04 -47.50 -47.50
N ILE T 18 -44.41 -47.50 -48.67
CA ILE T 18 -42.98 -47.19 -48.85
C ILE T 18 -42.54 -45.89 -48.16
N THR T 19 -43.39 -44.88 -48.14
CA THR T 19 -43.10 -43.56 -47.56
C THR T 19 -43.27 -43.52 -46.05
N THR T 20 -44.33 -44.10 -45.49
CA THR T 20 -44.49 -44.24 -44.03
C THR T 20 -43.51 -45.25 -43.44
N GLY T 21 -42.92 -46.12 -44.27
CA GLY T 21 -41.79 -46.96 -43.91
C GLY T 21 -40.50 -46.19 -43.81
N ALA T 22 -40.10 -45.51 -44.88
CA ALA T 22 -38.93 -44.64 -44.87
C ALA T 22 -38.94 -43.62 -43.74
N GLN T 23 -40.10 -43.04 -43.41
CA GLN T 23 -40.21 -42.07 -42.34
C GLN T 23 -39.94 -42.64 -40.95
N ALA T 24 -40.35 -43.88 -40.66
CA ALA T 24 -40.05 -44.53 -39.38
C ALA T 24 -38.56 -44.86 -39.24
N LYS T 25 -37.90 -45.30 -40.31
CA LYS T 25 -36.44 -45.49 -40.35
C LYS T 25 -35.69 -44.19 -40.19
N SER T 26 -36.25 -43.06 -40.61
CA SER T 26 -35.68 -41.73 -40.39
C SER T 26 -35.83 -41.32 -38.95
N SER T 27 -37.06 -41.19 -38.46
CA SER T 27 -37.38 -40.70 -37.12
C SER T 27 -36.68 -41.46 -36.00
N GLU T 28 -36.42 -42.76 -36.18
CA GLU T 28 -35.61 -43.57 -35.27
C GLU T 28 -34.19 -43.02 -35.10
N LYS T 29 -33.55 -42.52 -36.16
CA LYS T 29 -32.22 -41.90 -36.14
C LYS T 29 -32.22 -40.51 -35.49
N LEU T 30 -33.33 -39.78 -35.49
CA LEU T 30 -33.44 -38.51 -34.81
C LEU T 30 -33.77 -38.66 -33.33
N SER T 31 -34.65 -39.59 -32.97
CA SER T 31 -34.96 -39.81 -31.56
C SER T 31 -33.83 -40.52 -30.80
N SER T 32 -33.10 -41.45 -31.44
CA SER T 32 -31.93 -42.09 -30.82
C SER T 32 -30.65 -41.29 -30.95
N GLY T 33 -30.51 -40.46 -31.99
CA GLY T 33 -29.29 -39.75 -32.30
C GLY T 33 -28.21 -40.63 -32.90
N TYR T 34 -28.50 -41.90 -33.24
CA TYR T 34 -27.60 -42.83 -33.93
C TYR T 34 -28.10 -43.21 -35.32
N LYS T 35 -27.21 -43.15 -36.31
CA LYS T 35 -27.40 -43.42 -37.73
C LYS T 35 -27.60 -44.90 -38.01
N ILE T 36 -26.88 -45.76 -37.30
CA ILE T 36 -27.03 -47.21 -37.27
C ILE T 36 -27.64 -47.61 -35.92
N ASN T 37 -28.87 -48.09 -35.92
CA ASN T 37 -29.51 -48.66 -34.72
C ASN T 37 -29.46 -50.20 -34.73
N ARG T 38 -29.45 -50.78 -35.92
CA ARG T 38 -29.52 -52.20 -36.17
C ARG T 38 -28.59 -52.57 -37.32
N ALA T 39 -28.10 -53.80 -37.39
CA ALA T 39 -27.15 -54.21 -38.44
C ALA T 39 -27.71 -54.02 -39.86
N ALA T 40 -29.04 -54.04 -39.99
CA ALA T 40 -29.74 -53.86 -41.24
C ALA T 40 -29.60 -52.46 -41.85
N ASP T 41 -29.08 -51.47 -41.10
CA ASP T 41 -28.79 -50.12 -41.60
C ASP T 41 -27.47 -50.05 -42.41
N ASP T 42 -26.36 -50.55 -41.82
CA ASP T 42 -25.01 -50.54 -42.38
C ASP T 42 -24.17 -51.53 -41.60
N ALA T 43 -24.11 -52.79 -42.04
CA ALA T 43 -23.56 -53.90 -41.26
C ALA T 43 -22.06 -53.74 -40.99
N ALA T 44 -21.26 -53.32 -41.98
CA ALA T 44 -19.87 -52.97 -41.74
C ALA T 44 -19.73 -51.82 -40.74
N GLY T 45 -20.66 -50.86 -40.72
CA GLY T 45 -20.71 -49.79 -39.76
C GLY T 45 -21.11 -50.22 -38.35
N LEU T 46 -22.06 -51.13 -38.18
CA LEU T 46 -22.33 -51.72 -36.86
C LEU T 46 -21.11 -52.47 -36.36
N THR T 47 -20.56 -53.36 -37.19
CA THR T 47 -19.36 -54.14 -36.93
C THR T 47 -18.16 -53.29 -36.55
N ILE T 48 -17.81 -52.29 -37.37
CA ILE T 48 -16.66 -51.42 -37.11
C ILE T 48 -16.93 -50.54 -35.91
N SER T 49 -18.13 -50.01 -35.75
CA SER T 49 -18.42 -49.16 -34.60
C SER T 49 -18.29 -49.92 -33.33
N GLU T 50 -18.71 -51.19 -33.23
CA GLU T 50 -18.47 -51.99 -32.03
C GLU T 50 -16.99 -52.24 -31.75
N LYS T 51 -16.13 -52.41 -32.75
CA LYS T 51 -14.68 -52.42 -32.53
C LYS T 51 -14.16 -51.10 -32.03
N MET T 52 -14.62 -49.98 -32.59
CA MET T 52 -14.20 -48.66 -32.15
C MET T 52 -14.74 -48.26 -30.78
N ARG T 53 -15.98 -48.61 -30.44
CA ARG T 53 -16.54 -48.54 -29.08
C ARG T 53 -15.70 -49.33 -28.13
N SER T 54 -15.42 -50.58 -28.46
CA SER T 54 -14.63 -51.51 -27.64
C SER T 54 -13.24 -50.97 -27.39
N GLN T 55 -12.62 -50.36 -28.39
CA GLN T 55 -11.36 -49.65 -28.31
C GLN T 55 -11.41 -48.36 -27.50
N VAL T 56 -12.42 -47.50 -27.68
CA VAL T 56 -12.52 -46.24 -26.94
C VAL T 56 -12.72 -46.51 -25.46
N ARG T 57 -13.65 -47.39 -25.08
CA ARG T 57 -13.79 -47.86 -23.70
C ARG T 57 -12.49 -48.46 -23.17
N GLY T 58 -11.86 -49.37 -23.91
CA GLY T 58 -10.62 -50.00 -23.48
C GLY T 58 -9.47 -49.03 -23.33
N LEU T 59 -9.25 -48.11 -24.26
CA LEU T 59 -8.30 -47.00 -24.15
C LEU T 59 -8.60 -46.10 -22.96
N ASN T 60 -9.87 -45.80 -22.66
CA ASN T 60 -10.21 -45.02 -21.47
C ASN T 60 -9.87 -45.76 -20.17
N LYS T 61 -10.08 -47.07 -20.07
CA LYS T 61 -9.54 -47.84 -18.94
C LYS T 61 -8.02 -47.90 -18.95
N ALA T 62 -7.37 -48.03 -20.11
CA ALA T 62 -5.92 -47.95 -20.21
C ALA T 62 -5.35 -46.59 -19.78
N SER T 63 -6.10 -45.50 -19.91
CA SER T 63 -5.72 -44.18 -19.43
C SER T 63 -5.89 -44.09 -17.93
N ASP T 64 -7.00 -44.62 -17.39
CA ASP T 64 -7.24 -44.81 -15.96
C ASP T 64 -6.14 -45.64 -15.31
N ASN T 65 -5.76 -46.78 -15.90
CA ASN T 65 -4.75 -47.66 -15.31
C ASN T 65 -3.36 -47.02 -15.36
N ALA T 66 -3.03 -46.24 -16.39
CA ALA T 66 -1.79 -45.49 -16.43
C ALA T 66 -1.76 -44.38 -15.38
N GLN T 67 -2.90 -43.84 -14.97
CA GLN T 67 -2.98 -42.90 -13.88
C GLN T 67 -3.00 -43.57 -12.51
N ASP T 68 -3.58 -44.75 -12.32
CA ASP T 68 -3.24 -45.57 -11.15
C ASP T 68 -1.74 -45.92 -11.11
N GLY T 69 -1.12 -46.18 -12.24
CA GLY T 69 0.32 -46.31 -12.35
C GLY T 69 1.08 -45.10 -11.83
N VAL T 70 0.82 -43.91 -12.37
CA VAL T 70 1.43 -42.66 -11.91
C VAL T 70 1.14 -42.41 -10.44
N SER T 71 -0.11 -42.52 -10.03
CA SER T 71 -0.52 -42.33 -8.65
C SER T 71 0.22 -43.23 -7.66
N LEU T 72 0.34 -44.52 -7.94
CA LEU T 72 1.13 -45.45 -7.14
C LEU T 72 2.60 -45.05 -7.13
N ILE T 73 3.21 -44.77 -8.29
CA ILE T 73 4.60 -44.33 -8.35
C ILE T 73 4.82 -43.11 -7.48
N GLN T 74 3.96 -42.11 -7.52
CA GLN T 74 4.09 -40.93 -6.68
C GLN T 74 4.08 -41.25 -5.19
N VAL T 75 3.32 -42.25 -4.73
CA VAL T 75 3.41 -42.69 -3.34
C VAL T 75 4.78 -43.28 -3.03
N ALA T 76 5.36 -44.09 -3.92
CA ALA T 76 6.68 -44.65 -3.70
C ALA T 76 7.78 -43.58 -3.77
N GLU T 77 7.80 -42.74 -4.81
CA GLU T 77 8.69 -41.59 -4.91
C GLU T 77 8.68 -40.76 -3.64
N GLY T 78 7.49 -40.50 -3.10
CA GLY T 78 7.27 -39.70 -1.92
C GLY T 78 7.81 -40.32 -0.65
N ALA T 79 7.80 -41.64 -0.53
CA ALA T 79 8.38 -42.37 0.59
C ALA T 79 9.90 -42.39 0.52
N LEU T 80 10.46 -42.70 -0.63
CA LEU T 80 11.91 -42.67 -0.83
C LEU T 80 12.50 -41.27 -0.73
N SER T 81 11.67 -40.24 -0.80
CA SER T 81 12.03 -38.87 -0.48
C SER T 81 12.33 -38.67 0.98
N GLU T 82 11.73 -39.44 1.87
CA GLU T 82 12.08 -39.42 3.27
C GLU T 82 13.21 -40.37 3.56
N THR T 83 13.34 -41.48 2.85
CA THR T 83 14.54 -42.28 2.98
C THR T 83 15.77 -41.47 2.64
N HIS T 84 15.78 -40.65 1.59
CA HIS T 84 16.87 -39.70 1.43
C HIS T 84 17.06 -38.80 2.62
N SER T 85 16.02 -38.14 3.08
CA SER T 85 16.09 -37.19 4.18
C SER T 85 16.58 -37.83 5.48
N ILE T 86 16.29 -39.11 5.69
CA ILE T 86 16.86 -39.89 6.78
C ILE T 86 18.32 -40.28 6.50
N LEU T 87 18.68 -40.75 5.31
CA LEU T 87 20.06 -41.12 4.98
C LEU T 87 21.02 -39.94 4.89
N GLN T 88 20.53 -38.75 4.55
CA GLN T 88 21.29 -37.52 4.59
C GLN T 88 21.65 -37.18 6.04
N ARG T 89 20.71 -37.37 6.96
CA ARG T 89 20.91 -37.22 8.40
C ARG T 89 21.80 -38.31 8.96
N MET T 90 21.73 -39.55 8.49
CA MET T 90 22.69 -40.58 8.91
C MET T 90 24.08 -40.29 8.40
N ASN T 91 24.27 -39.85 7.15
CA ASN T 91 25.61 -39.56 6.63
C ASN T 91 26.31 -38.46 7.43
N GLU T 92 25.57 -37.41 7.76
CA GLU T 92 25.98 -36.24 8.53
C GLU T 92 26.29 -36.60 9.97
N LEU T 93 25.45 -37.40 10.62
CA LEU T 93 25.71 -37.95 11.94
C LEU T 93 26.91 -38.89 11.95
N ALA T 94 27.07 -39.76 10.96
CA ALA T 94 28.22 -40.63 10.91
C ALA T 94 29.50 -39.83 10.75
N THR T 95 29.49 -38.79 9.91
CA THR T 95 30.59 -37.83 9.78
C THR T 95 30.89 -37.07 11.08
N GLN T 96 29.90 -36.65 11.87
CA GLN T 96 30.15 -36.15 13.23
C GLN T 96 30.88 -37.19 14.04
N ALA T 97 30.24 -38.33 14.23
CA ALA T 97 30.70 -39.37 15.16
C ALA T 97 32.08 -39.96 14.81
N ALA T 98 32.57 -39.74 13.60
CA ALA T 98 33.83 -40.21 13.10
C ALA T 98 35.03 -39.40 13.56
N ASN T 99 34.91 -38.35 14.36
CA ASN T 99 36.09 -37.78 15.02
C ASN T 99 36.38 -38.60 16.24
N ASP T 100 37.62 -38.92 16.56
CA ASP T 100 37.91 -39.44 17.89
C ASP T 100 38.32 -38.36 18.88
N THR T 101 38.02 -37.09 18.54
CA THR T 101 37.88 -36.01 19.52
C THR T 101 36.57 -36.07 20.31
N ASN T 102 35.70 -37.05 20.09
CA ASN T 102 34.53 -37.29 20.96
C ASN T 102 34.56 -38.66 21.66
N THR T 103 34.40 -38.64 22.99
CA THR T 103 34.54 -39.77 23.90
C THR T 103 33.34 -40.71 23.75
N THR T 104 33.32 -41.86 24.42
CA THR T 104 32.30 -42.89 24.23
C THR T 104 30.88 -42.35 24.39
N SER T 105 30.59 -41.59 25.44
CA SER T 105 29.23 -41.07 25.69
C SER T 105 28.67 -40.23 24.56
N ASP T 106 29.52 -39.56 23.79
CA ASP T 106 29.13 -38.72 22.68
C ASP T 106 28.91 -39.48 21.40
N ARG T 107 29.61 -40.59 21.19
CA ARG T 107 29.30 -41.49 20.08
C ARG T 107 28.08 -42.32 20.33
N THR T 108 27.81 -42.75 21.55
CA THR T 108 26.52 -43.39 21.84
C THR T 108 25.38 -42.39 21.79
N ALA T 109 25.57 -41.13 22.13
CA ALA T 109 24.57 -40.10 21.82
C ALA T 109 24.32 -39.91 20.31
N VAL T 110 25.30 -40.12 19.43
CA VAL T 110 25.01 -40.28 17.99
C VAL T 110 24.34 -41.60 17.69
N GLN T 111 24.86 -42.71 18.21
CA GLN T 111 24.33 -44.02 17.95
C GLN T 111 22.84 -44.10 18.27
N GLN T 112 22.31 -43.45 19.30
CA GLN T 112 20.87 -43.46 19.55
C GLN T 112 20.08 -42.93 18.35
N GLU T 113 20.53 -41.87 17.69
CA GLU T 113 19.87 -41.37 16.50
C GLU T 113 20.15 -42.23 15.28
N ILE T 114 21.31 -42.84 15.15
CA ILE T 114 21.57 -43.74 14.02
C ILE T 114 20.80 -45.04 14.13
N ASN T 115 20.55 -45.59 15.33
CA ASN T 115 19.61 -46.68 15.55
C ASN T 115 18.16 -46.28 15.30
N GLN T 116 17.71 -45.14 15.82
CA GLN T 116 16.33 -44.69 15.66
C GLN T 116 15.98 -44.36 14.20
N LEU T 117 16.90 -43.77 13.44
CA LEU T 117 16.71 -43.47 12.04
C LEU T 117 16.76 -44.70 11.16
N ALA T 118 17.51 -45.74 11.50
CA ALA T 118 17.44 -47.02 10.81
C ALA T 118 16.09 -47.70 11.00
N SER T 119 15.57 -47.77 12.23
CA SER T 119 14.20 -48.21 12.48
C SER T 119 13.19 -47.36 11.72
N GLU T 120 13.45 -46.06 11.52
CA GLU T 120 12.55 -45.20 10.75
C GLU T 120 12.58 -45.51 9.27
N ILE T 121 13.74 -45.75 8.66
CA ILE T 121 13.84 -46.27 7.29
C ILE T 121 13.04 -47.57 7.11
N THR T 122 13.18 -48.53 8.02
CA THR T 122 12.40 -49.78 7.96
C THR T 122 10.92 -49.58 8.20
N ARG T 123 10.50 -48.62 9.03
CA ARG T 123 9.11 -48.23 9.12
C ARG T 123 8.60 -47.57 7.83
N ILE T 124 9.36 -46.69 7.17
CA ILE T 124 8.95 -46.16 5.85
C ILE T 124 8.72 -47.33 4.90
N ALA T 125 9.63 -48.30 4.84
CA ALA T 125 9.55 -49.44 3.93
C ALA T 125 8.37 -50.38 4.19
N SER T 126 8.20 -50.89 5.40
CA SER T 126 7.17 -51.90 5.67
C SER T 126 5.78 -51.31 5.80
N THR T 127 5.67 -50.00 6.04
CA THR T 127 4.40 -49.28 6.20
C THR T 127 3.86 -48.65 4.92
N THR T 128 4.69 -48.13 4.01
CA THR T 128 4.18 -47.43 2.84
C THR T 128 3.47 -48.35 1.87
N GLN T 129 2.15 -48.19 1.79
CA GLN T 129 1.25 -48.93 0.94
C GLN T 129 0.49 -48.00 0.02
N PHE T 130 0.05 -48.52 -1.11
CA PHE T 130 -0.99 -47.93 -1.93
C PHE T 130 -2.04 -48.99 -2.10
N ASN T 131 -3.30 -48.70 -1.77
CA ASN T 131 -4.38 -49.68 -1.90
C ASN T 131 -4.08 -51.01 -1.19
N THR T 132 -3.68 -50.97 0.08
CA THR T 132 -3.30 -52.13 0.91
C THR T 132 -2.09 -52.99 0.47
N MET T 133 -1.33 -52.61 -0.55
CA MET T 133 -0.14 -53.35 -1.01
C MET T 133 1.15 -52.63 -0.65
N ASN T 134 2.15 -53.27 -0.03
CA ASN T 134 3.44 -52.61 0.26
C ASN T 134 4.18 -52.27 -1.03
N LEU T 135 4.78 -51.07 -1.12
CA LEU T 135 5.41 -50.62 -2.36
C LEU T 135 6.94 -50.69 -2.41
N ILE T 136 7.62 -50.53 -1.28
CA ILE T 136 9.09 -50.46 -1.21
C ILE T 136 9.66 -51.35 -0.11
N ASP T 137 9.00 -52.47 0.18
CA ASP T 137 9.56 -53.57 0.97
C ASP T 137 10.26 -54.63 0.11
N GLY T 138 10.20 -54.49 -1.21
CA GLY T 138 10.76 -55.42 -2.17
C GLY T 138 9.79 -56.45 -2.71
N ASN T 139 8.55 -56.48 -2.22
CA ASN T 139 7.52 -57.44 -2.63
C ASN T 139 6.59 -56.88 -3.71
N PHE T 140 7.08 -55.85 -4.39
CA PHE T 140 6.43 -55.18 -5.52
C PHE T 140 7.24 -55.43 -6.80
N THR T 141 7.69 -56.68 -6.96
CA THR T 141 8.34 -57.16 -8.18
C THR T 141 7.28 -57.60 -9.17
N SER T 142 7.57 -57.43 -10.46
CA SER T 142 6.79 -58.00 -11.57
C SER T 142 5.31 -57.65 -11.56
N LYS T 143 4.93 -56.52 -10.99
CA LYS T 143 3.55 -56.00 -11.04
C LYS T 143 3.34 -55.34 -12.39
N LYS T 144 2.14 -55.39 -12.95
CA LYS T 144 1.85 -54.91 -14.30
C LYS T 144 0.70 -53.92 -14.33
N LEU T 145 0.81 -52.98 -15.24
CA LEU T 145 -0.26 -52.09 -15.65
C LEU T 145 -0.81 -52.60 -16.98
N GLN T 146 -2.12 -52.64 -17.18
CA GLN T 146 -2.73 -52.83 -18.48
C GLN T 146 -2.83 -51.47 -19.20
N VAL T 147 -1.84 -51.16 -20.01
CA VAL T 147 -1.62 -49.84 -20.61
C VAL T 147 -2.26 -49.70 -22.00
N GLY T 148 -3.17 -50.59 -22.39
CA GLY T 148 -3.87 -50.49 -23.66
C GLY T 148 -5.11 -51.35 -23.75
N SER T 149 -5.79 -51.33 -24.88
CA SER T 149 -7.10 -51.93 -25.07
C SER T 149 -7.10 -53.45 -25.29
N LEU T 150 -5.97 -54.04 -25.70
CA LEU T 150 -5.83 -55.45 -26.01
C LEU T 150 -5.17 -56.23 -24.89
N CYS T 151 -5.26 -57.55 -24.94
CA CYS T 151 -4.66 -58.47 -23.97
C CYS T 151 -3.20 -58.12 -23.70
N GLY T 152 -2.82 -57.95 -22.45
CA GLY T 152 -1.42 -57.88 -22.03
C GLY T 152 -0.58 -56.83 -22.77
N GLN T 153 -1.09 -55.62 -22.98
CA GLN T 153 -0.31 -54.47 -23.44
C GLN T 153 0.35 -53.77 -22.25
N ALA T 154 1.25 -54.47 -21.58
CA ALA T 154 1.70 -54.15 -20.24
C ALA T 154 2.68 -52.97 -20.14
N ILE T 155 2.84 -52.48 -18.93
CA ILE T 155 4.06 -51.83 -18.42
C ILE T 155 4.38 -52.50 -17.10
N THR T 156 5.64 -52.72 -16.77
CA THR T 156 6.03 -53.45 -15.57
C THR T 156 6.53 -52.48 -14.51
N ILE T 157 6.03 -52.62 -13.29
CA ILE T 157 6.42 -51.87 -12.10
C ILE T 157 7.19 -52.81 -11.18
N ASP T 158 8.40 -52.41 -10.82
CA ASP T 158 9.41 -53.32 -10.30
C ASP T 158 10.32 -52.53 -9.37
N ILE T 159 10.06 -52.59 -8.07
CA ILE T 159 10.67 -51.71 -7.09
C ILE T 159 11.54 -52.55 -6.15
N SER T 160 12.83 -52.24 -6.05
CA SER T 160 13.73 -52.97 -5.14
C SER T 160 13.40 -52.69 -3.68
N ASP T 161 13.84 -53.56 -2.77
CA ASP T 161 13.66 -53.36 -1.33
C ASP T 161 14.41 -52.11 -0.85
N MET T 162 13.74 -51.22 -0.14
CA MET T 162 14.30 -49.97 0.36
C MET T 162 14.27 -49.88 1.89
N SER T 163 14.25 -51.02 2.57
CA SER T 163 14.41 -51.16 4.03
C SER T 163 15.85 -50.89 4.49
N ALA T 164 16.10 -50.76 5.79
CA ALA T 164 17.48 -50.62 6.28
C ALA T 164 18.35 -51.85 5.99
N THR T 165 17.78 -53.05 5.97
CA THR T 165 18.48 -54.23 5.46
C THR T 165 18.79 -54.09 3.98
N GLY T 166 17.79 -53.73 3.15
CA GLY T 166 17.93 -53.66 1.70
C GLY T 166 18.98 -52.67 1.22
N LEU T 167 19.19 -51.61 1.99
CA LEU T 167 20.13 -50.54 1.70
C LEU T 167 21.48 -50.72 2.38
N GLY T 168 21.68 -51.79 3.15
CA GLY T 168 22.91 -52.10 3.85
C GLY T 168 23.18 -51.21 5.07
N VAL T 169 22.16 -50.51 5.59
CA VAL T 169 22.28 -49.63 6.77
C VAL T 169 21.67 -50.24 8.03
N SER T 170 21.38 -51.54 8.03
CA SER T 170 20.97 -52.27 9.22
C SER T 170 22.11 -52.21 10.24
N GLY T 171 21.89 -51.56 11.37
CA GLY T 171 22.92 -51.42 12.40
C GLY T 171 24.23 -50.82 11.86
N LEU T 172 24.20 -49.53 11.48
CA LEU T 172 25.42 -48.77 11.28
C LEU T 172 26.08 -48.55 12.64
N VAL T 173 27.35 -48.91 12.79
CA VAL T 173 28.10 -48.80 14.06
C VAL T 173 29.02 -47.58 13.97
N VAL T 174 28.89 -46.61 14.88
CA VAL T 174 29.66 -45.34 14.80
C VAL T 174 30.55 -45.06 15.99
N SER T 175 30.99 -46.10 16.69
CA SER T 175 31.65 -45.99 17.98
C SER T 175 33.19 -45.86 17.92
N SER T 176 33.76 -45.65 16.74
CA SER T 176 35.17 -45.36 16.50
C SER T 176 35.36 -44.75 15.11
N PHE T 177 36.52 -44.17 14.78
CA PHE T 177 36.78 -43.62 13.44
C PHE T 177 36.61 -44.66 12.33
N SER T 178 37.15 -45.86 12.51
CA SER T 178 37.03 -46.98 11.57
C SER T 178 35.58 -47.38 11.30
N ALA T 179 34.77 -47.60 12.33
CA ALA T 179 33.39 -48.00 12.19
C ALA T 179 32.51 -46.84 11.67
N ALA T 180 32.70 -45.64 12.20
CA ALA T 180 31.98 -44.47 11.74
C ALA T 180 32.36 -44.02 10.32
N GLY T 181 33.56 -44.30 9.82
CA GLY T 181 33.84 -44.19 8.39
C GLY T 181 33.10 -45.26 7.58
N LYS T 182 33.05 -46.50 8.04
CA LYS T 182 32.28 -47.56 7.38
C LYS T 182 30.78 -47.25 7.35
N ALA T 183 30.26 -46.60 8.37
CA ALA T 183 28.92 -46.05 8.39
C ALA T 183 28.69 -44.94 7.37
N MET T 184 29.66 -44.02 7.17
CA MET T 184 29.59 -43.03 6.10
C MET T 184 29.58 -43.68 4.72
N SER T 185 30.44 -44.67 4.48
CA SER T 185 30.46 -45.46 3.25
C SER T 185 29.09 -46.08 2.99
N ALA T 186 28.51 -46.80 3.94
CA ALA T 186 27.17 -47.35 3.81
C ALA T 186 26.06 -46.32 3.56
N ALA T 187 26.04 -45.18 4.26
CA ALA T 187 25.00 -44.17 4.10
C ALA T 187 25.10 -43.41 2.77
N GLN T 188 26.29 -43.25 2.21
CA GLN T 188 26.51 -42.77 0.86
C GLN T 188 26.16 -43.78 -0.23
N ASP T 189 26.48 -45.06 -0.05
CA ASP T 189 25.96 -46.13 -0.91
C ASP T 189 24.43 -46.20 -0.87
N ALA T 190 23.80 -46.15 0.30
CA ALA T 190 22.35 -46.10 0.41
C ALA T 190 21.74 -44.86 -0.24
N ILE T 191 22.32 -43.66 -0.11
CA ILE T 191 21.88 -42.52 -0.92
C ILE T 191 22.02 -42.83 -2.41
N SER T 192 23.09 -43.50 -2.84
CA SER T 192 23.30 -43.88 -4.23
C SER T 192 22.23 -44.89 -4.70
N TYR T 193 21.84 -45.85 -3.87
CA TYR T 193 20.76 -46.80 -4.15
C TYR T 193 19.38 -46.18 -4.16
N VAL T 194 19.06 -45.27 -3.25
CA VAL T 194 17.75 -44.62 -3.25
C VAL T 194 17.65 -43.60 -4.39
N SER T 195 18.74 -42.91 -4.75
CA SER T 195 18.79 -42.10 -5.98
C SER T 195 18.56 -42.94 -7.23
N SER T 196 19.08 -44.17 -7.30
CA SER T 196 18.87 -45.03 -8.46
C SER T 196 17.46 -45.59 -8.50
N MET T 197 16.85 -45.95 -7.38
CA MET T 197 15.48 -46.43 -7.35
C MET T 197 14.48 -45.32 -7.63
N ARG T 198 14.72 -44.10 -7.15
CA ARG T 198 13.98 -42.93 -7.59
C ARG T 198 14.26 -42.57 -9.03
N SER T 199 15.44 -42.81 -9.58
CA SER T 199 15.64 -42.63 -11.02
C SER T 199 14.86 -43.64 -11.86
N LYS T 200 14.74 -44.90 -11.42
CA LYS T 200 13.91 -45.91 -12.08
C LYS T 200 12.44 -45.57 -11.97
N LEU T 201 11.96 -45.12 -10.82
CA LEU T 201 10.58 -44.64 -10.66
C LEU T 201 10.29 -43.32 -11.38
N GLY T 202 11.29 -42.47 -11.62
CA GLY T 202 11.12 -41.23 -12.36
C GLY T 202 10.96 -41.46 -13.85
N ALA T 203 11.87 -42.21 -14.47
CA ALA T 203 11.77 -42.55 -15.89
C ALA T 203 10.47 -43.28 -16.24
N LEU T 204 9.99 -44.11 -15.33
CA LEU T 204 8.74 -44.84 -15.43
C LEU T 204 7.55 -43.89 -15.42
N GLN T 205 7.59 -42.84 -14.61
CA GLN T 205 6.55 -41.82 -14.62
C GLN T 205 6.61 -40.93 -15.85
N ASN T 206 7.78 -40.66 -16.43
CA ASN T 206 7.85 -40.14 -17.80
C ASN T 206 7.15 -41.07 -18.78
N ARG T 207 7.39 -42.39 -18.79
CA ARG T 207 6.66 -43.29 -19.69
C ARG T 207 5.17 -43.15 -19.53
N LEU T 208 4.65 -43.20 -18.32
CA LEU T 208 3.22 -43.09 -18.11
C LEU T 208 2.65 -41.71 -18.41
N GLU T 209 3.35 -40.61 -18.22
CA GLU T 209 2.79 -39.32 -18.61
C GLU T 209 2.75 -39.18 -20.15
N HIS T 210 3.67 -39.80 -20.86
CA HIS T 210 3.63 -39.95 -22.32
C HIS T 210 2.57 -40.93 -22.79
N THR T 211 2.46 -42.11 -22.20
CA THR T 211 1.37 -43.06 -22.41
C THR T 211 0.01 -42.42 -22.18
N ILE T 212 -0.23 -41.66 -21.11
CA ILE T 212 -1.55 -41.02 -20.92
C ILE T 212 -1.82 -40.01 -22.05
N SER T 213 -0.88 -39.12 -22.35
CA SER T 213 -1.02 -38.13 -23.43
C SER T 213 -1.22 -38.75 -24.80
N ASN T 214 -0.75 -39.99 -25.00
CA ASN T 214 -0.99 -40.79 -26.18
C ASN T 214 -2.39 -41.43 -26.16
N LEU T 215 -2.75 -42.21 -25.15
CA LEU T 215 -4.04 -42.92 -25.11
C LEU T 215 -5.21 -41.95 -25.19
N ASP T 216 -5.15 -40.81 -24.50
CA ASP T 216 -6.19 -39.80 -24.52
C ASP T 216 -6.42 -39.21 -25.91
N ASN T 217 -5.36 -39.08 -26.70
CA ASN T 217 -5.37 -38.60 -28.06
C ASN T 217 -5.85 -39.69 -29.03
N ILE T 218 -5.41 -40.94 -28.91
CA ILE T 218 -5.97 -42.06 -29.69
C ILE T 218 -7.43 -42.26 -29.35
N SER T 219 -7.82 -42.18 -28.08
CA SER T 219 -9.20 -42.28 -27.64
C SER T 219 -10.07 -41.18 -28.23
N GLU T 220 -9.61 -39.93 -28.24
CA GLU T 220 -10.30 -38.82 -28.92
C GLU T 220 -10.46 -39.07 -30.41
N ASN T 221 -9.40 -39.50 -31.09
CA ASN T 221 -9.46 -39.81 -32.50
C ASN T 221 -10.31 -41.03 -32.87
N THR T 222 -10.33 -42.10 -32.08
CA THR T 222 -11.27 -43.19 -32.30
C THR T 222 -12.67 -42.91 -31.73
N SER T 223 -12.87 -41.92 -30.87
CA SER T 223 -14.21 -41.36 -30.61
C SER T 223 -14.71 -40.59 -31.83
N SER T 224 -13.84 -39.80 -32.45
CA SER T 224 -14.11 -39.11 -33.71
C SER T 224 -14.46 -40.09 -34.83
N ALA T 225 -13.61 -41.07 -35.09
CA ALA T 225 -13.88 -42.06 -36.12
C ALA T 225 -15.19 -42.81 -35.86
N GLU T 226 -15.46 -43.29 -34.65
CA GLU T 226 -16.72 -43.96 -34.38
C GLU T 226 -17.94 -43.06 -34.52
N SER T 227 -17.93 -41.86 -33.95
CA SER T 227 -19.00 -40.88 -34.13
C SER T 227 -19.30 -40.62 -35.61
N ARG T 228 -18.27 -40.60 -36.45
CA ARG T 228 -18.41 -40.44 -37.90
C ARG T 228 -19.21 -41.57 -38.53
N ILE T 229 -18.99 -42.80 -38.08
CA ILE T 229 -19.71 -43.96 -38.58
C ILE T 229 -21.11 -43.98 -37.97
N ARG T 230 -21.24 -43.95 -36.65
CA ARG T 230 -22.51 -44.27 -35.99
C ARG T 230 -23.43 -43.11 -35.66
N ASP T 231 -23.01 -41.90 -35.35
CA ASP T 231 -23.98 -40.90 -34.86
C ASP T 231 -24.81 -40.25 -35.99
N THR T 232 -26.06 -39.92 -35.73
CA THR T 232 -26.89 -39.21 -36.69
C THR T 232 -26.37 -37.79 -36.84
N ASP T 233 -26.05 -37.37 -38.06
CA ASP T 233 -25.90 -35.95 -38.33
C ASP T 233 -27.29 -35.36 -38.40
N MET T 234 -27.67 -34.56 -37.41
CA MET T 234 -29.05 -34.13 -37.25
C MET T 234 -29.46 -33.13 -38.32
N ALA T 235 -28.49 -32.48 -38.95
CA ALA T 235 -28.69 -31.58 -40.08
C ALA T 235 -29.10 -32.39 -41.30
N GLU T 236 -28.28 -33.36 -41.70
CA GLU T 236 -28.54 -34.25 -42.83
C GLU T 236 -29.80 -35.11 -42.62
N GLU T 237 -30.01 -35.68 -41.44
CA GLU T 237 -31.18 -36.50 -41.20
C GLU T 237 -32.48 -35.72 -41.08
N MET T 238 -32.46 -34.44 -40.73
CA MET T 238 -33.65 -33.59 -40.80
C MET T 238 -34.00 -33.15 -42.22
N VAL T 239 -33.00 -33.07 -43.11
CA VAL T 239 -33.22 -32.99 -44.57
C VAL T 239 -33.93 -34.22 -45.10
N GLU T 240 -33.58 -35.42 -44.64
CA GLU T 240 -34.25 -36.65 -45.09
C GLU T 240 -35.58 -36.89 -44.40
N TYR T 241 -35.75 -36.44 -43.16
CA TYR T 241 -37.01 -36.53 -42.46
C TYR T 241 -38.06 -35.60 -43.04
N SER T 242 -37.73 -34.34 -43.39
CA SER T 242 -38.72 -33.43 -43.97
C SER T 242 -39.23 -33.90 -45.33
N LYS T 243 -38.34 -34.42 -46.19
CA LYS T 243 -38.74 -35.02 -47.48
C LYS T 243 -39.84 -36.02 -47.29
N ASN T 244 -39.67 -36.93 -46.34
CA ASN T 244 -40.59 -38.03 -46.10
C ASN T 244 -41.85 -37.56 -45.39
N ASN T 245 -41.73 -36.62 -44.48
CA ASN T 245 -42.86 -36.01 -43.81
C ASN T 245 -43.80 -35.38 -44.83
N ILE T 246 -43.28 -34.70 -45.86
CA ILE T 246 -44.06 -34.08 -46.93
C ILE T 246 -44.49 -35.09 -48.00
N LEU T 247 -43.70 -36.12 -48.33
CA LEU T 247 -44.20 -37.22 -49.16
C LEU T 247 -45.33 -38.01 -48.50
N ALA T 248 -45.33 -38.16 -47.18
CA ALA T 248 -46.40 -38.88 -46.50
C ALA T 248 -47.68 -38.11 -46.60
N GLN T 249 -47.64 -36.78 -46.42
CA GLN T 249 -48.81 -35.91 -46.63
C GLN T 249 -49.26 -35.85 -48.09
N ALA T 250 -48.34 -35.77 -49.05
CA ALA T 250 -48.68 -35.79 -50.45
C ALA T 250 -49.23 -37.15 -50.92
N GLY T 251 -48.75 -38.25 -50.35
CA GLY T 251 -49.27 -39.60 -50.60
C GLY T 251 -50.63 -39.85 -49.96
N GLN T 252 -50.86 -39.38 -48.73
CA GLN T 252 -52.18 -39.39 -48.10
C GLN T 252 -53.20 -38.59 -48.91
N SER T 253 -52.82 -37.41 -49.35
CA SER T 253 -53.67 -36.57 -50.20
C SER T 253 -54.00 -37.22 -51.52
N MET T 254 -53.04 -37.90 -52.15
CA MET T 254 -53.27 -38.62 -53.40
C MET T 254 -54.12 -39.86 -53.24
N LEU T 255 -54.08 -40.52 -52.07
CA LEU T 255 -54.99 -41.60 -51.71
C LEU T 255 -56.39 -41.11 -51.34
N ALA T 256 -56.53 -40.00 -50.61
CA ALA T 256 -57.82 -39.38 -50.38
C ALA T 256 -58.52 -39.00 -51.69
N GLN T 257 -57.77 -38.58 -52.71
CA GLN T 257 -58.30 -38.37 -54.05
C GLN T 257 -58.58 -39.65 -54.81
N ALA T 258 -57.69 -40.64 -54.77
CA ALA T 258 -57.86 -41.91 -55.51
C ALA T 258 -59.01 -42.78 -54.99
N ASN T 259 -59.31 -42.74 -53.70
CA ASN T 259 -60.52 -43.39 -53.15
C ASN T 259 -61.82 -42.76 -53.69
N GLN T 260 -61.79 -41.52 -54.15
CA GLN T 260 -62.91 -40.87 -54.83
C GLN T 260 -62.93 -41.16 -56.35
N SER T 261 -61.93 -41.83 -56.91
CA SER T 261 -61.76 -41.91 -58.36
C SER T 261 -62.92 -42.64 -59.04
N THR T 262 -63.44 -43.69 -58.40
CA THR T 262 -64.56 -44.46 -58.92
C THR T 262 -65.95 -43.88 -58.61
N GLN T 263 -66.04 -42.70 -57.97
CA GLN T 263 -67.30 -41.98 -57.84
C GLN T 263 -67.89 -41.59 -59.20
N GLY T 264 -67.06 -41.56 -60.25
CA GLY T 264 -67.50 -41.34 -61.62
C GLY T 264 -68.45 -42.40 -62.14
N VAL T 265 -68.55 -43.56 -61.50
CA VAL T 265 -69.43 -44.65 -61.96
C VAL T 265 -70.90 -44.33 -61.69
N LEU T 266 -71.22 -43.57 -60.66
CA LEU T 266 -72.58 -43.56 -60.12
C LEU T 266 -73.61 -42.97 -61.09
N SER T 267 -73.22 -41.91 -61.81
CA SER T 267 -74.04 -41.24 -62.81
C SER T 267 -74.22 -42.04 -64.11
N LEU T 268 -73.44 -43.09 -64.32
CA LEU T 268 -73.12 -43.65 -65.61
C LEU T 268 -74.23 -44.52 -66.22
N LEU T 269 -75.29 -43.85 -66.70
CA LEU T 269 -76.49 -44.43 -67.29
C LEU T 269 -77.16 -45.46 -66.34
N GLN T 270 -77.01 -45.26 -65.02
CA GLN T 270 -77.52 -46.15 -63.97
C GLN T 270 -78.83 -45.64 -63.39
N MET U 1 -51.21 -47.28 -42.89
CA MET U 1 -50.92 -46.57 -41.62
C MET U 1 -51.92 -46.99 -40.56
N VAL U 2 -51.46 -47.68 -39.52
CA VAL U 2 -52.33 -48.06 -38.40
C VAL U 2 -52.64 -46.87 -37.51
N VAL U 3 -53.83 -46.81 -36.96
CA VAL U 3 -54.26 -45.78 -36.00
C VAL U 3 -54.25 -46.30 -34.56
N GLN U 4 -54.41 -47.61 -34.38
CA GLN U 4 -54.57 -48.26 -33.08
C GLN U 4 -53.26 -48.41 -32.28
N HIS U 5 -52.10 -48.08 -32.84
CA HIS U 5 -50.81 -48.04 -32.14
C HIS U 5 -49.81 -47.21 -32.93
N ASN U 6 -49.44 -46.05 -32.40
CA ASN U 6 -48.44 -45.18 -33.02
C ASN U 6 -47.05 -45.67 -32.65
N LEU U 7 -46.52 -46.62 -33.42
CA LEU U 7 -45.24 -47.27 -33.11
C LEU U 7 -44.03 -46.38 -33.31
N THR U 8 -44.14 -45.36 -34.15
CA THR U 8 -43.10 -44.33 -34.28
C THR U 8 -42.96 -43.57 -32.98
N ALA U 9 -44.06 -43.14 -32.38
CA ALA U 9 -44.09 -42.42 -31.12
C ALA U 9 -43.71 -43.30 -29.94
N MET U 10 -44.08 -44.57 -29.88
CA MET U 10 -43.65 -45.50 -28.83
C MET U 10 -42.14 -45.77 -28.85
N ASN U 11 -41.49 -45.75 -30.01
CA ASN U 11 -40.03 -45.83 -30.07
C ASN U 11 -39.37 -44.50 -29.69
N ALA U 12 -39.94 -43.37 -30.11
CA ALA U 12 -39.47 -42.07 -29.68
C ALA U 12 -39.62 -41.87 -28.18
N ASN U 13 -40.70 -42.36 -27.57
CA ASN U 13 -40.89 -42.42 -26.13
C ASN U 13 -39.80 -43.24 -25.45
N ARG U 14 -39.57 -44.47 -25.89
CA ARG U 14 -38.58 -45.34 -25.24
C ARG U 14 -37.16 -44.80 -25.39
N GLN U 15 -36.86 -44.11 -26.47
CA GLN U 15 -35.60 -43.37 -26.62
C GLN U 15 -35.54 -42.11 -25.74
N LEU U 16 -36.64 -41.40 -25.56
CA LEU U 16 -36.65 -40.30 -24.63
C LEU U 16 -36.36 -40.75 -23.21
N GLY U 17 -36.91 -41.86 -22.76
CA GLY U 17 -36.54 -42.46 -21.48
C GLY U 17 -35.06 -42.78 -21.34
N ILE U 18 -34.44 -43.54 -22.24
CA ILE U 18 -33.02 -43.92 -22.14
C ILE U 18 -32.04 -42.71 -22.21
N THR U 19 -32.53 -41.57 -22.69
CA THR U 19 -31.85 -40.27 -22.75
C THR U 19 -32.01 -39.46 -21.49
N THR U 20 -33.22 -39.38 -20.93
CA THR U 20 -33.46 -38.73 -19.62
C THR U 20 -32.97 -39.55 -18.43
N GLY U 21 -32.73 -40.85 -18.60
CA GLY U 21 -32.06 -41.66 -17.59
C GLY U 21 -30.58 -41.30 -17.49
N ALA U 22 -29.88 -41.29 -18.62
CA ALA U 22 -28.51 -40.79 -18.69
C ALA U 22 -28.38 -39.36 -18.15
N GLN U 23 -29.32 -38.47 -18.44
CA GLN U 23 -29.35 -37.11 -17.88
C GLN U 23 -29.47 -37.04 -16.35
N ALA U 24 -30.27 -37.89 -15.70
CA ALA U 24 -30.33 -37.94 -14.24
C ALA U 24 -29.02 -38.42 -13.59
N LYS U 25 -28.32 -39.38 -14.19
CA LYS U 25 -27.01 -39.85 -13.74
C LYS U 25 -25.91 -38.84 -13.91
N SER U 26 -26.01 -37.94 -14.88
CA SER U 26 -25.11 -36.80 -15.02
C SER U 26 -25.37 -35.74 -13.99
N SER U 27 -26.61 -35.30 -13.82
CA SER U 27 -26.94 -34.28 -12.84
C SER U 27 -26.61 -34.72 -11.40
N GLU U 28 -26.68 -36.02 -11.11
CA GLU U 28 -26.23 -36.62 -9.87
C GLU U 28 -24.74 -36.40 -9.61
N LYS U 29 -23.90 -36.62 -10.62
CA LYS U 29 -22.44 -36.44 -10.56
C LYS U 29 -22.02 -35.00 -10.48
N LEU U 30 -22.70 -34.08 -11.18
CA LEU U 30 -22.44 -32.65 -11.10
C LEU U 30 -22.89 -32.04 -9.78
N SER U 31 -24.04 -32.44 -9.24
CA SER U 31 -24.52 -31.88 -8.00
C SER U 31 -23.78 -32.37 -6.75
N SER U 32 -23.38 -33.65 -6.68
CA SER U 32 -22.56 -34.17 -5.57
C SER U 32 -21.07 -33.92 -5.74
N GLY U 33 -20.57 -33.72 -6.95
CA GLY U 33 -19.14 -33.57 -7.21
C GLY U 33 -18.38 -34.87 -7.16
N TYR U 34 -19.05 -36.01 -6.95
CA TYR U 34 -18.49 -37.36 -7.01
C TYR U 34 -19.01 -38.11 -8.23
N LYS U 35 -18.08 -38.77 -8.90
CA LYS U 35 -18.23 -39.63 -10.07
C LYS U 35 -18.89 -40.95 -9.73
N ILE U 36 -18.63 -41.51 -8.55
CA ILE U 36 -19.10 -42.81 -8.08
C ILE U 36 -19.98 -42.59 -6.85
N ASN U 37 -21.29 -42.69 -7.00
CA ASN U 37 -22.25 -42.41 -5.91
C ASN U 37 -22.88 -43.66 -5.31
N ARG U 38 -22.72 -44.77 -6.02
CA ARG U 38 -23.30 -46.08 -5.76
C ARG U 38 -22.36 -47.11 -6.35
N ALA U 39 -22.39 -48.35 -5.87
CA ALA U 39 -21.49 -49.38 -6.37
C ALA U 39 -21.70 -49.67 -7.87
N ALA U 40 -22.88 -49.33 -8.41
CA ALA U 40 -23.25 -49.47 -9.81
C ALA U 40 -22.46 -48.63 -10.80
N ASP U 41 -21.69 -47.64 -10.33
CA ASP U 41 -20.86 -46.78 -11.18
C ASP U 41 -19.47 -47.31 -11.45
N ASP U 42 -18.88 -48.04 -10.49
CA ASP U 42 -17.59 -48.75 -10.55
C ASP U 42 -17.46 -49.65 -9.33
N ALA U 43 -17.50 -50.98 -9.46
CA ALA U 43 -17.31 -51.84 -8.31
C ALA U 43 -15.88 -51.70 -7.76
N ALA U 44 -14.86 -51.85 -8.61
CA ALA U 44 -13.48 -51.63 -8.20
C ALA U 44 -13.23 -50.21 -7.68
N GLY U 45 -13.91 -49.21 -8.23
CA GLY U 45 -13.72 -47.81 -7.87
C GLY U 45 -14.35 -47.44 -6.56
N LEU U 46 -15.56 -47.88 -6.25
CA LEU U 46 -16.13 -47.72 -4.91
C LEU U 46 -15.30 -48.45 -3.86
N THR U 47 -14.97 -49.71 -4.09
CA THR U 47 -14.12 -50.53 -3.23
C THR U 47 -12.77 -49.89 -2.97
N ILE U 48 -12.05 -49.43 -4.00
CA ILE U 48 -10.74 -48.83 -3.80
C ILE U 48 -10.88 -47.48 -3.14
N SER U 49 -11.81 -46.64 -3.59
CA SER U 49 -11.98 -45.33 -3.00
C SER U 49 -12.33 -45.39 -1.55
N GLU U 50 -13.15 -46.33 -1.09
CA GLU U 50 -13.34 -46.54 0.35
C GLU U 50 -12.07 -47.00 1.06
N LYS U 51 -11.27 -47.92 0.52
CA LYS U 51 -9.95 -48.26 1.07
C LYS U 51 -9.03 -47.05 1.18
N MET U 52 -8.99 -46.20 0.17
CA MET U 52 -8.20 -44.98 0.17
C MET U 52 -8.77 -43.87 1.05
N ARG U 53 -10.09 -43.65 1.13
CA ARG U 53 -10.72 -42.78 2.11
C ARG U 53 -10.33 -43.24 3.51
N SER U 54 -10.39 -44.54 3.76
CA SER U 54 -9.99 -45.15 5.03
C SER U 54 -8.51 -44.98 5.33
N GLN U 55 -7.63 -45.07 4.33
CA GLN U 55 -6.22 -44.75 4.48
C GLN U 55 -5.97 -43.27 4.71
N VAL U 56 -6.62 -42.35 4.01
CA VAL U 56 -6.41 -40.93 4.20
C VAL U 56 -6.86 -40.51 5.57
N ARG U 57 -8.07 -40.89 6.00
CA ARG U 57 -8.53 -40.62 7.36
C ARG U 57 -7.59 -41.19 8.41
N GLY U 58 -7.22 -42.46 8.25
CA GLY U 58 -6.29 -43.13 9.16
C GLY U 58 -4.89 -42.54 9.18
N LEU U 59 -4.34 -42.11 8.04
CA LEU U 59 -3.06 -41.42 7.97
C LEU U 59 -3.09 -40.02 8.57
N ASN U 60 -4.22 -39.33 8.53
CA ASN U 60 -4.33 -38.02 9.18
C ASN U 60 -4.40 -38.16 10.69
N LYS U 61 -5.08 -39.17 11.23
CA LYS U 61 -4.95 -39.50 12.66
C LYS U 61 -3.56 -40.00 13.02
N ALA U 62 -2.92 -40.82 12.19
CA ALA U 62 -1.54 -41.22 12.38
C ALA U 62 -0.58 -40.03 12.44
N SER U 63 -0.75 -39.05 11.58
CA SER U 63 0.07 -37.83 11.57
C SER U 63 -0.20 -37.00 12.80
N ASP U 64 -1.47 -36.84 13.17
CA ASP U 64 -1.90 -36.09 14.34
C ASP U 64 -1.48 -36.74 15.65
N ASN U 65 -1.37 -38.07 15.71
CA ASN U 65 -0.80 -38.81 16.83
C ASN U 65 0.72 -38.76 16.86
N ALA U 66 1.43 -38.74 15.74
CA ALA U 66 2.86 -38.51 15.73
C ALA U 66 3.21 -37.09 16.19
N GLN U 67 2.31 -36.14 15.99
CA GLN U 67 2.42 -34.80 16.50
C GLN U 67 1.98 -34.69 17.97
N ASP U 68 0.98 -35.42 18.46
CA ASP U 68 0.85 -35.68 19.92
C ASP U 68 2.16 -36.25 20.48
N GLY U 69 2.81 -37.19 19.81
CA GLY U 69 4.06 -37.78 20.26
C GLY U 69 5.18 -36.77 20.40
N VAL U 70 5.45 -35.97 19.37
CA VAL U 70 6.40 -34.85 19.45
C VAL U 70 6.03 -33.89 20.57
N SER U 71 4.77 -33.52 20.67
CA SER U 71 4.34 -32.59 21.70
C SER U 71 4.46 -33.14 23.12
N LEU U 72 4.14 -34.40 23.37
CA LEU U 72 4.46 -35.09 24.61
C LEU U 72 5.95 -35.05 24.88
N ILE U 73 6.77 -35.45 23.91
CA ILE U 73 8.21 -35.48 24.05
C ILE U 73 8.73 -34.13 24.45
N GLN U 74 8.33 -33.03 23.83
CA GLN U 74 8.87 -31.74 24.19
C GLN U 74 8.59 -31.39 25.65
N VAL U 75 7.44 -31.74 26.22
CA VAL U 75 7.21 -31.53 27.65
C VAL U 75 8.24 -32.27 28.51
N ALA U 76 8.53 -33.54 28.21
CA ALA U 76 9.48 -34.33 28.95
C ALA U 76 10.91 -33.86 28.72
N GLU U 77 11.24 -33.57 27.47
CA GLU U 77 12.59 -33.26 27.03
C GLU U 77 13.00 -31.87 27.46
N GLY U 78 12.05 -30.94 27.51
CA GLY U 78 12.17 -29.62 28.11
C GLY U 78 12.10 -29.59 29.64
N ALA U 79 11.62 -30.64 30.32
CA ALA U 79 11.73 -30.75 31.77
C ALA U 79 13.15 -31.17 32.17
N LEU U 80 13.75 -32.08 31.41
CA LEU U 80 15.14 -32.47 31.62
C LEU U 80 16.13 -31.38 31.23
N SER U 81 15.73 -30.45 30.37
CA SER U 81 16.50 -29.25 30.01
C SER U 81 16.81 -28.38 31.19
N GLU U 82 16.09 -28.62 32.28
CA GLU U 82 16.14 -27.86 33.47
C GLU U 82 16.47 -28.75 34.68
N THR U 83 16.27 -30.07 34.65
CA THR U 83 17.07 -31.00 35.48
C THR U 83 18.56 -30.80 35.26
N HIS U 84 19.07 -30.69 34.03
CA HIS U 84 20.47 -30.27 33.86
C HIS U 84 20.77 -28.95 34.53
N SER U 85 19.94 -27.91 34.41
CA SER U 85 20.23 -26.64 35.06
C SER U 85 20.31 -26.76 36.57
N ILE U 86 19.58 -27.69 37.19
CA ILE U 86 19.82 -28.03 38.58
C ILE U 86 21.10 -28.85 38.75
N LEU U 87 21.36 -29.92 38.02
CA LEU U 87 22.59 -30.71 38.17
C LEU U 87 23.89 -29.97 37.88
N GLN U 88 23.89 -29.01 36.97
CA GLN U 88 25.01 -28.14 36.66
C GLN U 88 25.30 -27.23 37.86
N ARG U 89 24.26 -26.76 38.56
CA ARG U 89 24.37 -26.06 39.84
C ARG U 89 24.81 -26.98 40.96
N MET U 90 24.32 -28.21 41.06
CA MET U 90 24.77 -29.16 42.09
C MET U 90 26.21 -29.60 41.87
N ASN U 91 26.69 -29.72 40.65
CA ASN U 91 28.09 -30.04 40.39
C ASN U 91 29.05 -28.90 40.79
N GLU U 92 28.60 -27.66 40.62
CA GLU U 92 29.35 -26.47 40.94
C GLU U 92 29.38 -26.24 42.44
N LEU U 93 28.24 -26.43 43.10
CA LEU U 93 28.14 -26.44 44.56
C LEU U 93 28.96 -27.55 45.16
N ALA U 94 28.95 -28.75 44.60
CA ALA U 94 29.74 -29.85 45.09
C ALA U 94 31.23 -29.55 44.99
N THR U 95 31.68 -29.02 43.85
CA THR U 95 33.08 -28.61 43.65
C THR U 95 33.52 -27.55 44.63
N GLN U 96 32.67 -26.57 44.90
CA GLN U 96 32.99 -25.53 45.85
C GLN U 96 33.13 -26.10 47.25
N ALA U 97 32.23 -26.98 47.71
CA ALA U 97 32.28 -27.53 49.06
C ALA U 97 33.36 -28.59 49.27
N ALA U 98 33.89 -29.19 48.22
CA ALA U 98 34.98 -30.15 48.29
C ALA U 98 36.30 -29.53 48.71
N ASN U 99 36.47 -28.23 48.63
CA ASN U 99 37.70 -27.56 49.03
C ASN U 99 37.80 -27.39 50.56
N ASP U 100 38.74 -28.06 51.24
CA ASP U 100 38.93 -27.97 52.70
C ASP U 100 39.43 -26.61 53.24
N THR U 101 39.47 -25.52 52.47
CA THR U 101 39.40 -24.18 53.10
C THR U 101 38.01 -23.89 53.67
N ASN U 102 36.87 -24.46 53.26
CA ASN U 102 35.57 -23.98 53.82
C ASN U 102 35.12 -24.78 55.03
N THR U 103 34.83 -24.07 56.12
CA THR U 103 34.61 -24.71 57.43
C THR U 103 33.24 -25.40 57.53
N THR U 104 32.89 -25.98 58.67
CA THR U 104 31.64 -26.73 58.81
C THR U 104 30.41 -25.88 58.53
N SER U 105 30.26 -24.69 59.12
CA SER U 105 29.08 -23.85 58.91
C SER U 105 28.88 -23.46 57.46
N ASP U 106 29.97 -23.41 56.69
CA ASP U 106 30.03 -23.04 55.29
C ASP U 106 30.02 -24.25 54.35
N ARG U 107 29.81 -25.46 54.89
CA ARG U 107 29.46 -26.70 54.16
C ARG U 107 28.04 -27.14 54.41
N THR U 108 27.51 -26.93 55.61
CA THR U 108 26.05 -26.96 55.81
C THR U 108 25.38 -25.83 55.05
N ALA U 109 25.96 -24.64 54.93
CA ALA U 109 25.40 -23.61 54.04
C ALA U 109 25.39 -24.00 52.55
N VAL U 110 26.23 -24.95 52.13
CA VAL U 110 26.13 -25.56 50.80
C VAL U 110 25.12 -26.70 50.78
N GLN U 111 25.08 -27.55 51.81
CA GLN U 111 24.02 -28.54 51.95
C GLN U 111 22.64 -27.93 51.89
N GLN U 112 22.39 -26.77 52.49
CA GLN U 112 21.08 -26.15 52.45
C GLN U 112 20.61 -25.90 51.03
N GLU U 113 21.51 -25.65 50.08
CA GLU U 113 21.18 -25.58 48.66
C GLU U 113 21.21 -26.94 47.99
N ILE U 114 22.14 -27.85 48.27
CA ILE U 114 22.16 -29.17 47.63
C ILE U 114 20.96 -30.03 48.03
N ASN U 115 20.52 -30.01 49.28
CA ASN U 115 19.33 -30.72 49.71
C ASN U 115 18.09 -30.16 49.03
N GLN U 116 17.94 -28.83 48.97
CA GLN U 116 16.84 -28.18 48.27
C GLN U 116 16.87 -28.47 46.77
N LEU U 117 18.02 -28.41 46.10
CA LEU U 117 18.11 -28.68 44.67
C LEU U 117 17.85 -30.14 44.33
N ALA U 118 18.21 -31.06 45.20
CA ALA U 118 17.81 -32.45 45.06
C ALA U 118 16.31 -32.65 45.24
N SER U 119 15.66 -32.07 46.24
CA SER U 119 14.20 -32.05 46.32
C SER U 119 13.58 -31.51 45.04
N GLU U 120 14.20 -30.53 44.41
CA GLU U 120 13.70 -29.95 43.17
C GLU U 120 13.80 -30.91 42.00
N ILE U 121 14.87 -31.67 41.85
CA ILE U 121 14.93 -32.70 40.80
C ILE U 121 13.80 -33.73 40.94
N THR U 122 13.47 -34.14 42.16
CA THR U 122 12.31 -34.98 42.41
C THR U 122 11.00 -34.29 42.09
N ARG U 123 10.85 -33.00 42.44
CA ARG U 123 9.66 -32.24 42.06
C ARG U 123 9.50 -32.10 40.54
N ILE U 124 10.53 -31.87 39.73
CA ILE U 124 10.34 -31.93 38.29
C ILE U 124 9.89 -33.32 37.86
N ALA U 125 10.48 -34.36 38.43
CA ALA U 125 10.16 -35.74 38.05
C ALA U 125 8.71 -36.13 38.30
N SER U 126 8.17 -35.89 39.49
CA SER U 126 6.79 -36.25 39.79
C SER U 126 5.77 -35.22 39.31
N THR U 127 6.14 -33.96 39.13
CA THR U 127 5.20 -32.92 38.67
C THR U 127 4.99 -32.88 37.16
N THR U 128 6.01 -33.10 36.32
CA THR U 128 5.81 -32.91 34.88
C THR U 128 4.92 -33.99 34.30
N GLN U 129 3.86 -33.54 33.65
CA GLN U 129 2.80 -34.36 33.12
C GLN U 129 2.41 -33.88 31.74
N PHE U 130 2.00 -34.78 30.86
CA PHE U 130 1.30 -34.42 29.64
C PHE U 130 -0.01 -35.18 29.66
N ASN U 131 -1.13 -34.46 29.58
CA ASN U 131 -2.46 -35.04 29.62
C ASN U 131 -2.70 -35.92 30.88
N THR U 132 -2.27 -35.44 32.05
CA THR U 132 -2.38 -36.09 33.37
C THR U 132 -1.58 -37.40 33.58
N MET U 133 -0.61 -37.71 32.73
CA MET U 133 0.31 -38.82 32.89
C MET U 133 1.71 -38.31 33.24
N ASN U 134 2.36 -38.75 34.32
CA ASN U 134 3.75 -38.37 34.63
C ASN U 134 4.71 -38.86 33.54
N LEU U 135 5.72 -38.08 33.19
CA LEU U 135 6.57 -38.39 32.03
C LEU U 135 8.00 -38.80 32.37
N ILE U 136 8.54 -38.42 33.52
CA ILE U 136 9.94 -38.66 33.88
C ILE U 136 10.09 -39.09 35.34
N ASP U 137 9.15 -39.85 35.88
CA ASP U 137 9.27 -40.59 37.13
C ASP U 137 9.55 -42.08 36.90
N GLY U 138 9.68 -42.52 35.67
CA GLY U 138 9.95 -43.91 35.30
C GLY U 138 8.71 -44.69 34.90
N ASN U 139 7.52 -44.14 35.07
CA ASN U 139 6.25 -44.80 34.77
C ASN U 139 5.76 -44.58 33.32
N PHE U 140 6.53 -43.88 32.49
CA PHE U 140 6.30 -43.76 31.06
C PHE U 140 7.18 -44.77 30.33
N THR U 141 6.89 -46.06 30.50
CA THR U 141 7.55 -47.17 29.78
C THR U 141 6.52 -47.99 29.07
N SER U 142 6.92 -48.65 27.99
CA SER U 142 6.09 -49.57 27.21
C SER U 142 4.85 -48.89 26.62
N LYS U 143 4.91 -47.57 26.43
CA LYS U 143 3.86 -46.76 25.80
C LYS U 143 4.03 -46.83 24.29
N LYS U 144 2.94 -46.69 23.54
CA LYS U 144 2.96 -46.67 22.08
C LYS U 144 2.37 -45.36 21.54
N LEU U 145 2.83 -44.96 20.37
CA LEU U 145 2.12 -44.09 19.46
C LEU U 145 1.66 -44.93 18.29
N GLN U 146 0.40 -44.87 17.89
CA GLN U 146 -0.09 -45.49 16.67
C GLN U 146 0.23 -44.59 15.48
N VAL U 147 1.34 -44.82 14.77
CA VAL U 147 1.85 -43.93 13.73
C VAL U 147 1.61 -44.41 12.30
N GLY U 148 0.55 -45.16 12.05
CA GLY U 148 0.16 -45.50 10.69
C GLY U 148 -1.31 -45.86 10.56
N SER U 149 -1.73 -46.31 9.39
CA SER U 149 -3.14 -46.55 9.09
C SER U 149 -3.70 -47.87 9.62
N LEU U 150 -2.85 -48.83 9.99
CA LEU U 150 -3.20 -50.21 10.29
C LEU U 150 -2.95 -50.58 11.75
N CYS U 151 -3.61 -51.62 12.24
CA CYS U 151 -3.42 -52.19 13.56
C CYS U 151 -1.94 -52.24 13.95
N GLY U 152 -1.53 -51.55 15.01
CA GLY U 152 -0.22 -51.73 15.62
C GLY U 152 0.98 -51.28 14.78
N GLN U 153 0.87 -50.29 13.90
CA GLN U 153 2.00 -49.63 13.25
C GLN U 153 2.67 -48.60 14.15
N ALA U 154 3.22 -49.06 15.26
CA ALA U 154 3.61 -48.22 16.38
C ALA U 154 4.99 -47.57 16.32
N ILE U 155 5.23 -46.64 17.25
CA ILE U 155 6.54 -46.24 17.78
C ILE U 155 6.46 -46.35 19.30
N THR U 156 7.51 -46.72 19.99
CA THR U 156 7.48 -46.92 21.45
C THR U 156 8.13 -45.72 22.15
N ILE U 157 7.58 -45.27 23.26
CA ILE U 157 8.13 -44.22 24.10
C ILE U 157 8.51 -44.80 25.48
N ASP U 158 9.79 -44.81 25.81
CA ASP U 158 10.30 -45.22 27.12
C ASP U 158 11.18 -44.13 27.71
N ILE U 159 10.87 -43.70 28.93
CA ILE U 159 11.59 -42.62 29.59
C ILE U 159 11.97 -43.11 30.99
N SER U 160 13.27 -43.25 31.27
CA SER U 160 13.78 -43.70 32.57
C SER U 160 13.36 -42.74 33.69
N ASP U 161 13.47 -43.17 34.94
CA ASP U 161 13.18 -42.32 36.09
C ASP U 161 14.23 -41.20 36.16
N MET U 162 13.80 -39.95 36.37
CA MET U 162 14.67 -38.78 36.43
C MET U 162 14.53 -38.04 37.75
N SER U 163 14.00 -38.70 38.78
CA SER U 163 13.97 -38.24 40.18
C SER U 163 15.37 -38.17 40.76
N ALA U 164 15.54 -37.50 41.91
CA ALA U 164 16.85 -37.52 42.58
C ALA U 164 17.28 -38.94 42.97
N THR U 165 16.37 -39.85 43.32
CA THR U 165 16.70 -41.28 43.53
C THR U 165 17.05 -41.98 42.22
N GLY U 166 16.30 -41.77 41.14
CA GLY U 166 16.56 -42.42 39.85
C GLY U 166 17.90 -42.05 39.23
N LEU U 167 18.45 -40.88 39.55
CA LEU U 167 19.77 -40.40 39.09
C LEU U 167 20.90 -40.59 40.11
N GLY U 168 20.59 -40.97 41.35
CA GLY U 168 21.58 -41.16 42.41
C GLY U 168 22.07 -39.87 43.08
N VAL U 169 21.43 -38.74 42.80
CA VAL U 169 21.63 -37.48 43.55
C VAL U 169 20.70 -37.35 44.75
N SER U 170 20.03 -38.42 45.18
CA SER U 170 19.30 -38.46 46.44
C SER U 170 20.31 -38.46 47.56
N GLY U 171 20.40 -37.37 48.31
CA GLY U 171 21.34 -37.25 49.41
C GLY U 171 22.78 -37.22 48.91
N LEU U 172 23.14 -36.18 48.18
CA LEU U 172 24.54 -35.77 48.01
C LEU U 172 25.05 -35.18 49.32
N VAL U 173 26.25 -35.55 49.78
CA VAL U 173 26.76 -35.14 51.09
C VAL U 173 28.05 -34.36 50.93
N VAL U 174 28.08 -33.08 51.28
CA VAL U 174 29.22 -32.19 50.97
C VAL U 174 29.91 -31.64 52.21
N SER U 175 30.01 -32.45 53.24
CA SER U 175 30.60 -32.11 54.54
C SER U 175 32.12 -32.30 54.63
N SER U 176 32.78 -32.87 53.63
CA SER U 176 34.23 -33.06 53.59
C SER U 176 34.73 -33.23 52.16
N PHE U 177 36.04 -33.10 51.92
CA PHE U 177 36.63 -33.30 50.61
C PHE U 177 36.22 -34.64 49.99
N SER U 178 36.30 -35.71 50.77
CA SER U 178 35.93 -37.08 50.38
C SER U 178 34.48 -37.19 49.93
N ALA U 179 33.52 -36.81 50.77
CA ALA U 179 32.11 -36.94 50.44
C ALA U 179 31.64 -35.92 49.39
N ALA U 180 32.24 -34.73 49.37
CA ALA U 180 31.98 -33.76 48.34
C ALA U 180 32.57 -34.14 46.99
N GLY U 181 33.72 -34.83 46.93
CA GLY U 181 34.15 -35.51 45.72
C GLY U 181 33.15 -36.59 45.30
N LYS U 182 32.62 -37.42 46.20
CA LYS U 182 31.54 -38.35 45.91
C LYS U 182 30.34 -37.65 45.28
N ALA U 183 29.94 -36.48 45.78
CA ALA U 183 28.88 -35.67 45.23
C ALA U 183 29.19 -35.00 43.88
N MET U 184 30.45 -34.64 43.61
CA MET U 184 30.88 -34.30 42.25
C MET U 184 30.71 -35.49 41.32
N SER U 185 31.20 -36.68 41.69
CA SER U 185 31.10 -37.88 40.87
C SER U 185 29.65 -38.29 40.62
N ALA U 186 28.77 -38.15 41.62
CA ALA U 186 27.35 -38.41 41.47
C ALA U 186 26.67 -37.44 40.53
N ALA U 187 26.86 -36.13 40.70
CA ALA U 187 26.23 -35.12 39.85
C ALA U 187 26.78 -35.14 38.41
N GLN U 188 28.03 -35.49 38.19
CA GLN U 188 28.58 -35.67 36.84
C GLN U 188 28.07 -36.93 36.15
N ASP U 189 27.95 -38.05 36.84
CA ASP U 189 27.17 -39.20 36.35
C ASP U 189 25.73 -38.82 36.07
N ALA U 190 25.01 -38.15 36.97
CA ALA U 190 23.65 -37.72 36.71
C ALA U 190 23.53 -36.75 35.52
N ILE U 191 24.50 -35.87 35.27
CA ILE U 191 24.52 -35.10 34.02
C ILE U 191 24.66 -36.04 32.83
N SER U 192 25.46 -37.09 32.91
CA SER U 192 25.59 -38.11 31.85
C SER U 192 24.31 -38.92 31.66
N TYR U 193 23.56 -39.23 32.72
CA TYR U 193 22.26 -39.88 32.64
C TYR U 193 21.19 -38.98 32.04
N VAL U 194 21.12 -37.72 32.39
CA VAL U 194 20.16 -36.81 31.76
C VAL U 194 20.57 -36.48 30.33
N SER U 195 21.86 -36.43 30.03
CA SER U 195 22.33 -36.36 28.64
C SER U 195 21.90 -37.58 27.84
N SER U 196 22.04 -38.80 28.36
CA SER U 196 21.67 -40.02 27.64
C SER U 196 20.17 -40.16 27.47
N MET U 197 19.34 -39.72 28.42
CA MET U 197 17.90 -39.64 28.24
C MET U 197 17.46 -38.58 27.22
N ARG U 198 17.95 -37.35 27.31
CA ARG U 198 17.69 -36.34 26.28
C ARG U 198 18.25 -36.75 24.93
N SER U 199 19.31 -37.53 24.86
CA SER U 199 19.78 -38.12 23.59
C SER U 199 18.80 -39.13 23.01
N LYS U 200 18.05 -39.88 23.83
CA LYS U 200 16.98 -40.74 23.34
C LYS U 200 15.79 -39.91 22.90
N LEU U 201 15.23 -39.07 23.76
CA LEU U 201 14.11 -38.23 23.41
C LEU U 201 14.39 -37.30 22.22
N GLY U 202 15.63 -36.93 21.94
CA GLY U 202 16.03 -36.19 20.76
C GLY U 202 16.07 -37.05 19.50
N ALA U 203 16.77 -38.16 19.53
CA ALA U 203 16.75 -39.16 18.48
C ALA U 203 15.38 -39.67 18.10
N LEU U 204 14.46 -39.74 19.07
CA LEU U 204 13.07 -40.15 18.95
C LEU U 204 12.24 -39.08 18.29
N GLN U 205 12.41 -37.82 18.67
CA GLN U 205 11.69 -36.71 18.06
C GLN U 205 12.11 -36.49 16.61
N ASN U 206 13.32 -36.91 16.25
CA ASN U 206 13.73 -36.98 14.86
C ASN U 206 13.09 -38.13 14.11
N ARG U 207 12.73 -39.27 14.70
CA ARG U 207 11.86 -40.24 13.99
C ARG U 207 10.55 -39.61 13.65
N LEU U 208 9.91 -39.03 14.65
CA LEU U 208 8.56 -38.52 14.50
C LEU U 208 8.48 -37.35 13.53
N GLU U 209 9.49 -36.50 13.41
CA GLU U 209 9.44 -35.47 12.39
C GLU U 209 9.65 -36.02 10.99
N HIS U 210 10.48 -37.03 10.78
CA HIS U 210 10.49 -37.76 9.52
C HIS U 210 9.17 -38.48 9.26
N THR U 211 8.57 -39.14 10.25
CA THR U 211 7.24 -39.72 10.15
C THR U 211 6.20 -38.70 9.72
N ILE U 212 6.10 -37.54 10.35
CA ILE U 212 5.06 -36.58 9.97
C ILE U 212 5.30 -36.09 8.54
N SER U 213 6.55 -35.82 8.19
CA SER U 213 6.94 -35.46 6.83
C SER U 213 6.62 -36.56 5.82
N ASN U 214 6.62 -37.83 6.23
CA ASN U 214 6.28 -38.98 5.42
C ASN U 214 4.78 -39.20 5.34
N LEU U 215 4.05 -39.28 6.45
CA LEU U 215 2.62 -39.55 6.47
C LEU U 215 1.85 -38.47 5.74
N ASP U 216 2.27 -37.22 5.84
CA ASP U 216 1.62 -36.11 5.14
C ASP U 216 1.86 -36.14 3.64
N ASN U 217 3.02 -36.65 3.21
CA ASN U 217 3.34 -36.93 1.82
C ASN U 217 2.51 -38.10 1.31
N ILE U 218 2.40 -39.23 2.03
CA ILE U 218 1.56 -40.36 1.63
C ILE U 218 0.09 -39.97 1.61
N SER U 219 -0.39 -39.20 2.58
CA SER U 219 -1.77 -38.78 2.64
C SER U 219 -2.15 -37.86 1.48
N GLU U 220 -1.28 -36.94 1.09
CA GLU U 220 -1.47 -36.11 -0.10
C GLU U 220 -1.52 -36.96 -1.37
N ASN U 221 -0.63 -37.94 -1.50
CA ASN U 221 -0.62 -38.80 -2.67
C ASN U 221 -1.78 -39.78 -2.70
N THR U 222 -2.27 -40.32 -1.57
CA THR U 222 -3.49 -41.12 -1.55
C THR U 222 -4.77 -40.28 -1.56
N SER U 223 -4.72 -38.99 -1.30
CA SER U 223 -5.84 -38.07 -1.58
C SER U 223 -5.92 -37.75 -3.05
N SER U 224 -4.76 -37.58 -3.70
CA SER U 224 -4.63 -37.42 -5.13
C SER U 224 -5.07 -38.67 -5.87
N ALA U 225 -4.65 -39.85 -5.41
CA ALA U 225 -5.17 -41.12 -5.85
C ALA U 225 -6.68 -41.22 -5.73
N GLU U 226 -7.24 -41.07 -4.53
CA GLU U 226 -8.66 -41.31 -4.35
C GLU U 226 -9.51 -40.31 -5.10
N SER U 227 -9.10 -39.04 -5.13
CA SER U 227 -9.74 -37.98 -5.89
C SER U 227 -9.97 -38.36 -7.34
N ARG U 228 -8.94 -38.82 -8.04
CA ARG U 228 -9.08 -39.23 -9.44
C ARG U 228 -10.00 -40.43 -9.60
N ILE U 229 -10.07 -41.34 -8.64
CA ILE U 229 -11.04 -42.44 -8.72
C ILE U 229 -12.45 -41.91 -8.49
N ARG U 230 -12.68 -41.08 -7.45
CA ARG U 230 -14.02 -40.75 -6.97
C ARG U 230 -14.60 -39.43 -7.47
N ASP U 231 -13.85 -38.37 -7.65
CA ASP U 231 -14.41 -37.04 -7.90
C ASP U 231 -14.83 -36.82 -9.35
N THR U 232 -15.91 -36.10 -9.55
CA THR U 232 -16.34 -35.64 -10.87
C THR U 232 -15.35 -34.61 -11.36
N ASP U 233 -14.70 -34.82 -12.52
CA ASP U 233 -14.03 -33.73 -13.21
C ASP U 233 -15.11 -32.90 -13.89
N MET U 234 -15.42 -31.71 -13.39
CA MET U 234 -16.61 -30.98 -13.84
C MET U 234 -16.53 -30.61 -15.31
N ALA U 235 -15.32 -30.45 -15.81
CA ALA U 235 -15.03 -30.23 -17.22
C ALA U 235 -15.27 -31.45 -18.09
N GLU U 236 -15.25 -32.67 -17.57
CA GLU U 236 -15.58 -33.87 -18.34
C GLU U 236 -17.08 -34.20 -18.23
N GLU U 237 -17.69 -34.05 -17.07
CA GLU U 237 -19.10 -34.37 -16.85
C GLU U 237 -20.06 -33.32 -17.40
N MET U 238 -19.67 -32.05 -17.51
CA MET U 238 -20.56 -31.02 -18.08
C MET U 238 -20.63 -31.06 -19.61
N VAL U 239 -19.65 -31.72 -20.24
CA VAL U 239 -19.70 -32.22 -21.63
C VAL U 239 -20.80 -33.26 -21.77
N GLU U 240 -20.79 -34.29 -20.92
CA GLU U 240 -21.75 -35.39 -21.00
C GLU U 240 -23.14 -34.99 -20.57
N TYR U 241 -23.29 -34.03 -19.65
CA TYR U 241 -24.56 -33.47 -19.26
C TYR U 241 -25.20 -32.70 -20.40
N SER U 242 -24.44 -31.86 -21.11
CA SER U 242 -24.98 -31.05 -22.18
C SER U 242 -25.26 -31.81 -23.47
N LYS U 243 -24.53 -32.90 -23.77
CA LYS U 243 -24.95 -33.88 -24.80
C LYS U 243 -26.35 -34.37 -24.50
N ASN U 244 -26.59 -34.86 -23.28
CA ASN U 244 -27.86 -35.41 -22.84
C ASN U 244 -28.98 -34.38 -22.74
N ASN U 245 -28.69 -33.15 -22.33
CA ASN U 245 -29.68 -32.09 -22.28
C ASN U 245 -30.19 -31.78 -23.69
N ILE U 246 -29.31 -31.66 -24.67
CA ILE U 246 -29.67 -31.38 -26.05
C ILE U 246 -30.33 -32.59 -26.70
N LEU U 247 -29.83 -33.79 -26.44
CA LEU U 247 -30.53 -34.99 -26.86
C LEU U 247 -31.94 -35.08 -26.28
N ALA U 248 -32.15 -34.77 -25.01
CA ALA U 248 -33.48 -34.89 -24.43
C ALA U 248 -34.43 -33.91 -25.09
N GLN U 249 -33.99 -32.66 -25.32
CA GLN U 249 -34.76 -31.65 -26.03
C GLN U 249 -35.05 -32.01 -27.47
N ALA U 250 -34.08 -32.58 -28.19
CA ALA U 250 -34.27 -33.12 -29.53
C ALA U 250 -35.21 -34.31 -29.51
N GLY U 251 -35.11 -35.22 -28.55
CA GLY U 251 -36.03 -36.33 -28.36
C GLY U 251 -37.45 -35.93 -27.96
N GLN U 252 -37.65 -34.90 -27.14
CA GLN U 252 -38.96 -34.32 -26.85
C GLN U 252 -39.56 -33.70 -28.10
N SER U 253 -38.75 -32.95 -28.85
CA SER U 253 -39.12 -32.36 -30.14
C SER U 253 -39.49 -33.40 -31.17
N MET U 254 -38.81 -34.55 -31.12
CA MET U 254 -39.08 -35.67 -32.01
C MET U 254 -40.30 -36.46 -31.62
N LEU U 255 -40.53 -36.67 -30.34
CA LEU U 255 -41.74 -37.34 -29.86
C LEU U 255 -42.97 -36.47 -30.07
N ALA U 256 -42.90 -35.18 -29.78
CA ALA U 256 -43.94 -34.21 -30.09
C ALA U 256 -44.40 -34.30 -31.55
N GLN U 257 -43.48 -34.39 -32.51
CA GLN U 257 -43.82 -34.56 -33.92
C GLN U 257 -44.35 -35.94 -34.22
N ALA U 258 -43.78 -36.99 -33.64
CA ALA U 258 -44.26 -38.37 -33.77
C ALA U 258 -45.70 -38.58 -33.27
N ASN U 259 -46.18 -37.79 -32.32
CA ASN U 259 -47.59 -37.78 -31.94
C ASN U 259 -48.51 -37.13 -32.99
N GLN U 260 -48.00 -36.25 -33.85
CA GLN U 260 -48.73 -35.74 -35.02
C GLN U 260 -48.73 -36.70 -36.22
N SER U 261 -47.82 -37.67 -36.26
CA SER U 261 -47.69 -38.74 -37.28
C SER U 261 -49.00 -39.19 -37.92
N THR U 262 -49.99 -39.57 -37.11
CA THR U 262 -51.23 -40.18 -37.59
C THR U 262 -52.39 -39.21 -37.74
N GLN U 263 -52.18 -37.90 -37.62
CA GLN U 263 -53.19 -36.92 -38.05
C GLN U 263 -53.54 -37.12 -39.52
N GLY U 264 -52.59 -37.66 -40.29
CA GLY U 264 -52.76 -38.03 -41.69
C GLY U 264 -53.89 -39.01 -41.97
N VAL U 265 -54.34 -39.75 -40.96
CA VAL U 265 -55.50 -40.64 -41.07
C VAL U 265 -56.75 -39.85 -41.44
N LEU U 266 -56.93 -38.65 -40.92
CA LEU U 266 -58.27 -38.07 -40.79
C LEU U 266 -58.86 -37.52 -42.08
N SER U 267 -58.08 -37.38 -43.15
CA SER U 267 -58.56 -37.02 -44.50
C SER U 267 -58.90 -38.24 -45.36
N LEU U 268 -58.60 -39.46 -44.91
CA LEU U 268 -58.31 -40.60 -45.75
C LEU U 268 -59.54 -41.41 -46.17
N LEU U 269 -60.39 -40.86 -47.05
CA LEU U 269 -61.76 -41.30 -47.33
C LEU U 269 -62.51 -41.61 -46.04
N GLN U 270 -62.60 -40.58 -45.19
CA GLN U 270 -63.33 -40.61 -43.92
C GLN U 270 -64.41 -39.53 -43.94
N MET V 1 -71.29 -39.71 -27.46
CA MET V 1 -70.87 -38.92 -26.29
C MET V 1 -71.96 -37.94 -25.86
N VAL V 2 -72.07 -37.62 -24.57
CA VAL V 2 -72.98 -36.56 -24.10
C VAL V 2 -72.51 -35.20 -24.54
N VAL V 3 -73.43 -34.34 -24.97
CA VAL V 3 -73.15 -32.94 -25.29
C VAL V 3 -73.50 -32.01 -24.12
N GLN V 4 -74.43 -32.43 -23.26
CA GLN V 4 -75.00 -31.62 -22.18
C GLN V 4 -74.15 -31.56 -20.91
N HIS V 5 -73.05 -32.30 -20.79
CA HIS V 5 -72.08 -32.22 -19.69
C HIS V 5 -70.74 -32.74 -20.14
N ASN V 6 -69.74 -31.89 -20.22
CA ASN V 6 -68.40 -32.32 -20.59
C ASN V 6 -67.65 -32.77 -19.35
N LEU V 7 -67.86 -34.02 -18.95
CA LEU V 7 -67.34 -34.52 -17.67
C LEU V 7 -65.83 -34.71 -17.68
N THR V 8 -65.24 -34.88 -18.85
CA THR V 8 -63.78 -34.85 -19.03
C THR V 8 -63.24 -33.50 -18.60
N ALA V 9 -63.81 -32.43 -19.13
CA ALA V 9 -63.39 -31.06 -18.86
C ALA V 9 -63.70 -30.62 -17.45
N MET V 10 -64.83 -31.01 -16.86
CA MET V 10 -65.09 -30.81 -15.43
C MET V 10 -64.07 -31.50 -14.53
N ASN V 11 -63.56 -32.67 -14.88
CA ASN V 11 -62.49 -33.27 -14.10
C ASN V 11 -61.16 -32.55 -14.29
N ALA V 12 -60.85 -32.14 -15.51
CA ALA V 12 -59.68 -31.33 -15.77
C ALA V 12 -59.75 -29.99 -15.05
N ASN V 13 -60.90 -29.32 -15.05
CA ASN V 13 -61.16 -28.09 -14.29
C ASN V 13 -60.91 -28.30 -12.81
N ARG V 14 -61.52 -29.31 -12.21
CA ARG V 14 -61.34 -29.56 -10.79
C ARG V 14 -59.89 -29.91 -10.42
N GLN V 15 -59.16 -30.65 -11.25
CA GLN V 15 -57.71 -30.84 -11.08
C GLN V 15 -56.88 -29.56 -11.28
N LEU V 16 -57.29 -28.68 -12.18
CA LEU V 16 -56.59 -27.43 -12.35
C LEU V 16 -56.69 -26.58 -11.10
N GLY V 17 -57.85 -26.45 -10.48
CA GLY V 17 -57.98 -25.84 -9.16
C GLY V 17 -57.08 -26.46 -8.07
N ILE V 18 -57.02 -27.78 -7.93
CA ILE V 18 -56.13 -28.45 -6.95
C ILE V 18 -54.64 -28.08 -7.14
N THR V 19 -54.27 -27.69 -8.36
CA THR V 19 -52.93 -27.28 -8.75
C THR V 19 -52.69 -25.80 -8.62
N THR V 20 -53.61 -24.93 -9.06
CA THR V 20 -53.55 -23.49 -8.80
C THR V 20 -53.70 -23.14 -7.32
N GLY V 21 -54.22 -24.05 -6.51
CA GLY V 21 -54.22 -23.95 -5.06
C GLY V 21 -52.86 -24.22 -4.46
N ALA V 22 -52.27 -25.38 -4.73
CA ALA V 22 -50.92 -25.71 -4.26
C ALA V 22 -49.88 -24.67 -4.69
N GLN V 23 -49.99 -24.13 -5.92
CA GLN V 23 -49.16 -23.05 -6.42
C GLN V 23 -49.27 -21.75 -5.61
N ALA V 24 -50.47 -21.31 -5.24
CA ALA V 24 -50.66 -20.08 -4.47
C ALA V 24 -50.13 -20.17 -3.03
N LYS V 25 -49.96 -21.37 -2.48
CA LYS V 25 -49.32 -21.61 -1.18
C LYS V 25 -47.81 -21.75 -1.27
N SER V 26 -47.26 -22.31 -2.34
CA SER V 26 -45.82 -22.30 -2.60
C SER V 26 -45.31 -20.90 -2.84
N SER V 27 -46.02 -20.12 -3.64
CA SER V 27 -45.70 -18.72 -3.91
C SER V 27 -45.69 -17.87 -2.63
N GLU V 28 -46.59 -18.13 -1.70
CA GLU V 28 -46.69 -17.44 -0.42
C GLU V 28 -45.48 -17.67 0.45
N LYS V 29 -44.98 -18.91 0.50
CA LYS V 29 -43.77 -19.32 1.20
C LYS V 29 -42.51 -18.73 0.60
N LEU V 30 -42.45 -18.57 -0.72
CA LEU V 30 -41.33 -17.91 -1.40
C LEU V 30 -41.34 -16.40 -1.21
N SER V 31 -42.49 -15.75 -1.31
CA SER V 31 -42.55 -14.30 -1.20
C SER V 31 -42.37 -13.79 0.24
N SER V 32 -42.91 -14.48 1.25
CA SER V 32 -42.64 -14.16 2.66
C SER V 32 -41.31 -14.68 3.18
N GLY V 33 -40.81 -15.80 2.67
CA GLY V 33 -39.61 -16.45 3.17
C GLY V 33 -39.86 -17.32 4.40
N TYR V 34 -41.11 -17.45 4.84
CA TYR V 34 -41.55 -18.33 5.91
C TYR V 34 -42.34 -19.53 5.40
N LYS V 35 -41.99 -20.70 5.92
CA LYS V 35 -42.58 -22.02 5.70
C LYS V 35 -43.92 -22.17 6.42
N ILE V 36 -44.13 -21.49 7.54
CA ILE V 36 -45.39 -21.43 8.27
C ILE V 36 -45.89 -19.98 8.29
N ASN V 37 -46.90 -19.65 7.51
CA ASN V 37 -47.49 -18.31 7.46
C ASN V 37 -48.76 -18.19 8.32
N ARG V 38 -49.34 -19.34 8.63
CA ARG V 38 -50.65 -19.53 9.24
C ARG V 38 -50.59 -20.83 10.00
N ALA V 39 -51.39 -20.99 11.06
CA ALA V 39 -51.36 -22.23 11.82
C ALA V 39 -51.73 -23.45 10.96
N ALA V 40 -52.53 -23.26 9.90
CA ALA V 40 -52.93 -24.29 8.97
C ALA V 40 -51.79 -24.96 8.16
N ASP V 41 -50.60 -24.35 8.11
CA ASP V 41 -49.42 -24.92 7.46
C ASP V 41 -48.75 -26.01 8.31
N ASP V 42 -48.74 -25.83 9.63
CA ASP V 42 -48.09 -26.72 10.61
C ASP V 42 -48.60 -26.37 12.01
N ALA V 43 -49.77 -26.88 12.36
CA ALA V 43 -50.54 -26.41 13.51
C ALA V 43 -49.87 -26.69 14.87
N ALA V 44 -48.87 -27.58 14.92
CA ALA V 44 -47.97 -27.77 16.06
C ALA V 44 -46.65 -26.98 15.97
N GLY V 45 -46.29 -26.50 14.78
CA GLY V 45 -44.99 -25.87 14.49
C GLY V 45 -45.01 -24.35 14.52
N LEU V 46 -46.18 -23.74 14.30
CA LEU V 46 -46.43 -22.33 14.63
C LEU V 46 -46.26 -22.09 16.13
N THR V 47 -46.90 -22.88 16.97
CA THR V 47 -46.78 -22.91 18.43
C THR V 47 -45.34 -22.96 18.93
N ILE V 48 -44.51 -23.88 18.43
CA ILE V 48 -43.12 -23.99 18.87
C ILE V 48 -42.35 -22.77 18.40
N SER V 49 -42.52 -22.37 17.16
CA SER V 49 -41.85 -21.21 16.59
C SER V 49 -42.13 -19.97 17.38
N GLU V 50 -43.38 -19.72 17.78
CA GLU V 50 -43.73 -18.64 18.71
C GLU V 50 -43.08 -18.75 20.08
N LYS V 51 -42.98 -19.93 20.70
CA LYS V 51 -42.19 -20.09 21.93
C LYS V 51 -40.72 -19.77 21.73
N MET V 52 -40.14 -20.15 20.60
CA MET V 52 -38.74 -19.87 20.29
C MET V 52 -38.49 -18.42 19.90
N ARG V 53 -39.41 -17.76 19.21
CA ARG V 53 -39.38 -16.32 18.98
C ARG V 53 -39.49 -15.56 20.27
N SER V 54 -40.46 -15.91 21.10
CA SER V 54 -40.66 -15.37 22.44
C SER V 54 -39.40 -15.51 23.29
N GLN V 55 -38.70 -16.64 23.20
CA GLN V 55 -37.41 -16.85 23.83
C GLN V 55 -36.29 -16.03 23.24
N VAL V 56 -36.08 -16.04 21.93
CA VAL V 56 -34.98 -15.32 21.28
C VAL V 56 -35.07 -13.84 21.55
N ARG V 57 -36.24 -13.22 21.37
CA ARG V 57 -36.43 -11.80 21.68
C ARG V 57 -36.14 -11.50 23.14
N GLY V 58 -36.67 -12.32 24.05
CA GLY V 58 -36.44 -12.17 25.49
C GLY V 58 -35.01 -12.45 25.92
N LEU V 59 -34.27 -13.35 25.29
CA LEU V 59 -32.84 -13.55 25.53
C LEU V 59 -32.00 -12.36 25.06
N ASN V 60 -32.37 -11.69 23.98
CA ASN V 60 -31.64 -10.50 23.55
C ASN V 60 -31.87 -9.34 24.52
N LYS V 61 -33.05 -9.18 25.10
CA LYS V 61 -33.24 -8.27 26.22
C LYS V 61 -32.52 -8.72 27.49
N ALA V 62 -32.47 -10.00 27.82
CA ALA V 62 -31.62 -10.49 28.90
C ALA V 62 -30.14 -10.17 28.68
N SER V 63 -29.63 -10.30 27.47
CA SER V 63 -28.26 -9.95 27.10
C SER V 63 -28.04 -8.45 27.17
N ASP V 64 -28.98 -7.63 26.70
CA ASP V 64 -28.99 -6.17 26.87
C ASP V 64 -29.02 -5.76 28.33
N ASN V 65 -29.80 -6.40 29.19
CA ASN V 65 -29.84 -6.09 30.61
C ASN V 65 -28.55 -6.49 31.30
N ALA V 66 -27.94 -7.62 30.94
CA ALA V 66 -26.66 -8.03 31.49
C ALA V 66 -25.50 -7.15 30.99
N GLN V 67 -25.49 -6.73 29.72
CA GLN V 67 -24.57 -5.70 29.22
C GLN V 67 -24.77 -4.39 29.97
N ASP V 68 -26.01 -3.96 30.14
CA ASP V 68 -26.36 -2.76 30.86
C ASP V 68 -26.00 -2.85 32.35
N GLY V 69 -26.03 -4.03 32.95
CA GLY V 69 -25.54 -4.29 34.28
C GLY V 69 -24.03 -4.23 34.38
N VAL V 70 -23.29 -4.86 33.46
CA VAL V 70 -21.84 -4.66 33.33
C VAL V 70 -21.51 -3.19 33.20
N SER V 71 -22.19 -2.46 32.32
CA SER V 71 -21.96 -1.04 32.19
C SER V 71 -22.24 -0.25 33.47
N LEU V 72 -23.31 -0.56 34.20
CA LEU V 72 -23.58 0.09 35.47
C LEU V 72 -22.45 -0.15 36.46
N ILE V 73 -22.08 -1.39 36.71
CA ILE V 73 -21.10 -1.69 37.73
C ILE V 73 -19.70 -1.29 37.31
N GLN V 74 -19.39 -1.09 36.04
CA GLN V 74 -18.17 -0.41 35.67
C GLN V 74 -18.15 1.05 36.11
N VAL V 75 -19.26 1.78 36.09
CA VAL V 75 -19.32 3.11 36.68
C VAL V 75 -19.01 3.06 38.17
N ALA V 76 -19.66 2.17 38.92
CA ALA V 76 -19.48 2.09 40.37
C ALA V 76 -18.07 1.63 40.72
N GLU V 77 -17.60 0.58 40.08
CA GLU V 77 -16.35 -0.07 40.41
C GLU V 77 -15.17 0.77 39.97
N GLY V 78 -15.34 1.56 38.91
CA GLY V 78 -14.43 2.59 38.48
C GLY V 78 -14.49 3.87 39.31
N ALA V 79 -15.58 4.19 40.00
CA ALA V 79 -15.63 5.32 40.93
C ALA V 79 -14.80 5.03 42.18
N LEU V 80 -14.88 3.81 42.68
CA LEU V 80 -14.09 3.35 43.81
C LEU V 80 -12.61 3.24 43.51
N SER V 81 -12.24 3.20 42.23
CA SER V 81 -10.86 3.22 41.79
C SER V 81 -10.18 4.55 42.13
N GLU V 82 -10.95 5.62 42.28
CA GLU V 82 -10.46 6.88 42.83
C GLU V 82 -10.76 7.06 44.30
N THR V 83 -11.75 6.41 44.90
CA THR V 83 -11.76 6.29 46.36
C THR V 83 -10.48 5.62 46.86
N HIS V 84 -9.96 4.58 46.21
CA HIS V 84 -8.62 4.11 46.51
C HIS V 84 -7.57 5.20 46.36
N SER V 85 -7.49 5.89 45.22
CA SER V 85 -6.50 6.94 45.02
C SER V 85 -6.55 8.00 46.10
N ILE V 86 -7.73 8.33 46.61
CA ILE V 86 -7.88 9.25 47.74
C ILE V 86 -7.46 8.60 49.05
N LEU V 87 -7.88 7.38 49.38
CA LEU V 87 -7.45 6.72 50.61
C LEU V 87 -5.98 6.34 50.67
N GLN V 88 -5.34 6.03 49.55
CA GLN V 88 -3.90 5.83 49.45
C GLN V 88 -3.17 7.13 49.82
N ARG V 89 -3.67 8.28 49.36
CA ARG V 89 -3.20 9.61 49.76
C ARG V 89 -3.55 9.99 51.19
N MET V 90 -4.70 9.59 51.76
CA MET V 90 -5.00 9.81 53.18
C MET V 90 -4.17 8.91 54.10
N ASN V 91 -3.81 7.70 53.70
CA ASN V 91 -2.90 6.85 54.47
C ASN V 91 -1.47 7.40 54.52
N GLU V 92 -1.02 7.93 53.39
CA GLU V 92 0.29 8.53 53.22
C GLU V 92 0.39 9.87 53.94
N LEU V 93 -0.67 10.69 53.93
CA LEU V 93 -0.76 11.90 54.74
C LEU V 93 -0.83 11.59 56.22
N ALA V 94 -1.59 10.59 56.64
CA ALA V 94 -1.65 10.24 58.05
C ALA V 94 -0.29 9.74 58.55
N THR V 95 0.42 8.91 57.78
CA THR V 95 1.77 8.44 58.13
C THR V 95 2.78 9.57 58.32
N GLN V 96 2.63 10.69 57.62
CA GLN V 96 3.45 11.86 57.82
C GLN V 96 3.06 12.63 59.08
N ALA V 97 1.79 12.99 59.25
CA ALA V 97 1.35 13.72 60.44
C ALA V 97 1.55 12.95 61.75
N ALA V 98 1.64 11.63 61.67
CA ALA V 98 1.97 10.74 62.76
C ALA V 98 3.42 10.81 63.22
N ASN V 99 4.25 11.72 62.76
CA ASN V 99 5.64 11.81 63.21
C ASN V 99 5.83 13.01 64.14
N ASP V 100 6.28 12.83 65.37
CA ASP V 100 6.45 13.95 66.31
C ASP V 100 7.66 14.87 66.05
N THR V 101 8.34 14.80 64.90
CA THR V 101 9.09 16.00 64.42
C THR V 101 8.17 17.12 63.96
N ASN V 102 6.90 16.84 63.64
CA ASN V 102 5.95 17.84 63.16
C ASN V 102 5.52 18.78 64.30
N THR V 103 5.60 20.09 64.09
CA THR V 103 4.92 21.03 64.99
C THR V 103 3.44 21.15 64.66
N THR V 104 2.65 21.85 65.47
CA THR V 104 1.20 21.97 65.30
C THR V 104 0.85 22.66 63.99
N SER V 105 1.57 23.70 63.59
CA SER V 105 1.38 24.43 62.33
C SER V 105 1.33 23.51 61.13
N ASP V 106 2.13 22.46 61.18
CA ASP V 106 2.44 21.56 60.08
C ASP V 106 1.70 20.23 60.20
N ARG V 107 0.91 20.00 61.26
CA ARG V 107 -0.16 18.98 61.28
C ARG V 107 -1.50 19.52 60.89
N THR V 108 -1.80 20.79 61.17
CA THR V 108 -2.93 21.46 60.54
C THR V 108 -2.71 21.64 59.05
N ALA V 109 -1.49 21.83 58.55
CA ALA V 109 -1.23 21.78 57.10
C ALA V 109 -1.52 20.40 56.48
N VAL V 110 -1.31 19.30 57.20
CA VAL V 110 -1.77 17.98 56.75
C VAL V 110 -3.29 17.89 56.85
N GLN V 111 -3.84 18.33 57.97
CA GLN V 111 -5.26 18.23 58.21
C GLN V 111 -6.09 19.01 57.18
N GLN V 112 -5.66 20.18 56.72
CA GLN V 112 -6.33 20.90 55.63
C GLN V 112 -6.47 20.06 54.38
N GLU V 113 -5.55 19.13 54.13
CA GLU V 113 -5.63 18.19 53.03
C GLU V 113 -6.47 16.97 53.38
N ILE V 114 -6.32 16.38 54.56
CA ILE V 114 -7.15 15.23 54.98
C ILE V 114 -8.62 15.59 55.11
N ASN V 115 -9.00 16.75 55.64
CA ASN V 115 -10.38 17.20 55.66
C ASN V 115 -10.95 17.37 54.26
N GLN V 116 -10.20 17.96 53.31
CA GLN V 116 -10.64 18.11 51.93
C GLN V 116 -10.77 16.76 51.20
N LEU V 117 -9.86 15.81 51.44
CA LEU V 117 -9.92 14.50 50.80
C LEU V 117 -11.05 13.64 51.32
N ALA V 118 -11.40 13.74 52.60
CA ALA V 118 -12.61 13.10 53.12
C ALA V 118 -13.88 13.70 52.54
N SER V 119 -14.00 15.01 52.39
CA SER V 119 -15.09 15.60 51.61
C SER V 119 -15.14 15.05 50.19
N GLU V 120 -14.00 14.79 49.55
CA GLU V 120 -13.96 14.24 48.21
C GLU V 120 -14.44 12.79 48.17
N ILE V 121 -14.11 11.94 49.13
CA ILE V 121 -14.70 10.59 49.22
C ILE V 121 -16.24 10.65 49.32
N THR V 122 -16.80 11.56 50.09
CA THR V 122 -18.25 11.76 50.16
C THR V 122 -18.83 12.35 48.89
N ARG V 123 -18.14 13.25 48.22
CA ARG V 123 -18.54 13.72 46.90
C ARG V 123 -18.49 12.61 45.86
N ILE V 124 -17.52 11.70 45.82
CA ILE V 124 -17.62 10.54 44.92
C ILE V 124 -18.82 9.68 45.28
N ALA V 125 -19.11 9.47 46.56
CA ALA V 125 -20.21 8.61 47.00
C ALA V 125 -21.61 9.13 46.65
N SER V 126 -21.90 10.39 46.95
CA SER V 126 -23.23 10.96 46.63
C SER V 126 -23.37 11.37 45.17
N THR V 127 -22.28 11.67 44.47
CA THR V 127 -22.38 12.18 43.10
C THR V 127 -22.35 11.12 42.01
N THR V 128 -21.60 10.02 42.13
CA THR V 128 -21.59 9.04 41.05
C THR V 128 -22.96 8.41 40.89
N GLN V 129 -23.46 8.48 39.65
CA GLN V 129 -24.78 8.03 39.26
C GLN V 129 -24.71 7.29 37.93
N PHE V 130 -25.66 6.41 37.69
CA PHE V 130 -25.88 5.81 36.40
C PHE V 130 -27.36 5.87 36.13
N ASN V 131 -27.77 6.49 35.03
CA ASN V 131 -29.17 6.72 34.72
C ASN V 131 -29.93 7.44 35.86
N THR V 132 -29.27 8.39 36.52
CA THR V 132 -29.73 9.18 37.68
C THR V 132 -29.92 8.45 39.02
N MET V 133 -29.47 7.20 39.16
CA MET V 133 -29.49 6.48 40.44
C MET V 133 -28.11 6.55 41.09
N ASN V 134 -27.99 6.91 42.37
CA ASN V 134 -26.71 6.92 43.09
C ASN V 134 -26.23 5.49 43.30
N LEU V 135 -24.96 5.20 43.06
CA LEU V 135 -24.49 3.80 43.02
C LEU V 135 -23.69 3.35 44.23
N ILE V 136 -23.05 4.27 44.94
CA ILE V 136 -22.16 3.96 46.07
C ILE V 136 -22.40 4.88 47.26
N ASP V 137 -23.63 5.33 47.49
CA ASP V 137 -24.04 5.99 48.74
C ASP V 137 -24.77 5.04 49.71
N GLY V 138 -24.82 3.75 49.40
CA GLY V 138 -25.48 2.73 50.21
C GLY V 138 -26.91 2.45 49.79
N ASN V 139 -27.48 3.23 48.88
CA ASN V 139 -28.86 3.10 48.43
C ASN V 139 -29.04 2.20 47.20
N PHE V 140 -27.98 1.58 46.69
CA PHE V 140 -28.05 0.59 45.61
C PHE V 140 -28.04 -0.81 46.20
N THR V 141 -29.10 -1.16 46.93
CA THR V 141 -29.25 -2.49 47.53
C THR V 141 -30.52 -3.14 47.03
N SER V 142 -30.51 -4.46 46.90
CA SER V 142 -31.64 -5.26 46.44
C SER V 142 -32.10 -4.88 45.03
N LYS V 143 -31.20 -4.38 44.17
CA LYS V 143 -31.50 -3.95 42.80
C LYS V 143 -31.20 -5.10 41.86
N LYS V 144 -32.21 -5.72 41.27
CA LYS V 144 -32.06 -6.85 40.34
C LYS V 144 -31.64 -6.42 38.93
N LEU V 145 -31.05 -7.34 38.19
CA LEU V 145 -31.02 -7.39 36.74
C LEU V 145 -31.85 -8.57 36.26
N GLN V 146 -32.74 -8.40 35.29
CA GLN V 146 -33.45 -9.50 34.65
C GLN V 146 -32.56 -10.15 33.59
N VAL V 147 -32.04 -11.34 33.88
CA VAL V 147 -30.91 -11.99 33.20
C VAL V 147 -31.29 -13.26 32.43
N GLY V 148 -32.56 -13.47 32.14
CA GLY V 148 -33.01 -14.53 31.26
C GLY V 148 -34.39 -14.26 30.66
N SER V 149 -34.96 -15.22 29.95
CA SER V 149 -36.19 -15.05 29.20
C SER V 149 -37.47 -15.03 30.05
N LEU V 150 -37.43 -15.52 31.30
CA LEU V 150 -38.60 -15.81 32.12
C LEU V 150 -38.72 -14.89 33.32
N CYS V 151 -39.92 -14.79 33.89
CA CYS V 151 -40.20 -14.14 35.16
C CYS V 151 -39.09 -14.40 36.20
N GLY V 152 -38.38 -13.36 36.63
CA GLY V 152 -37.52 -13.40 37.80
C GLY V 152 -36.28 -14.30 37.70
N GLN V 153 -35.59 -14.31 36.55
CA GLN V 153 -34.28 -14.95 36.38
C GLN V 153 -33.13 -13.99 36.71
N ALA V 154 -33.11 -13.51 37.94
CA ALA V 154 -32.30 -12.39 38.38
C ALA V 154 -30.79 -12.62 38.48
N ILE V 155 -30.09 -11.50 38.65
CA ILE V 155 -28.78 -11.35 39.32
C ILE V 155 -28.96 -10.13 40.23
N THR V 156 -28.42 -10.10 41.43
CA THR V 156 -28.64 -8.97 42.35
C THR V 156 -27.40 -8.08 42.41
N ILE V 157 -27.59 -6.77 42.36
CA ILE V 157 -26.55 -5.79 42.60
C ILE V 157 -26.75 -5.16 43.99
N ASP V 158 -25.78 -5.33 44.87
CA ASP V 158 -25.75 -4.74 46.20
C ASP V 158 -24.42 -4.02 46.41
N ILE V 159 -24.46 -2.77 46.83
CA ILE V 159 -23.29 -1.93 46.91
C ILE V 159 -23.35 -1.14 48.22
N SER V 160 -22.56 -1.54 49.21
CA SER V 160 -22.48 -0.85 50.52
C SER V 160 -22.10 0.60 50.35
N ASP V 161 -22.40 1.41 51.36
CA ASP V 161 -22.09 2.84 51.37
C ASP V 161 -20.58 3.07 51.30
N MET V 162 -20.13 3.99 50.45
CA MET V 162 -18.72 4.30 50.24
C MET V 162 -18.42 5.77 50.51
N SER V 163 -19.30 6.46 51.24
CA SER V 163 -19.09 7.81 51.79
C SER V 163 -17.93 7.85 52.77
N ALA V 164 -17.44 9.02 53.14
CA ALA V 164 -16.50 9.12 54.26
C ALA V 164 -17.09 8.57 55.57
N THR V 165 -18.40 8.72 55.81
CA THR V 165 -19.06 8.10 56.98
C THR V 165 -19.17 6.59 56.83
N GLY V 166 -19.51 6.07 55.64
CA GLY V 166 -19.68 4.64 55.40
C GLY V 166 -18.38 3.84 55.47
N LEU V 167 -17.22 4.48 55.34
CA LEU V 167 -15.89 3.89 55.47
C LEU V 167 -15.15 4.29 56.76
N GLY V 168 -15.74 5.18 57.56
CA GLY V 168 -15.16 5.63 58.83
C GLY V 168 -14.01 6.63 58.71
N VAL V 169 -13.73 7.15 57.52
CA VAL V 169 -12.78 8.24 57.31
C VAL V 169 -13.41 9.63 57.49
N SER V 170 -14.69 9.72 57.89
CA SER V 170 -15.29 10.96 58.37
C SER V 170 -14.57 11.37 59.63
N GLY V 171 -13.82 12.46 59.59
CA GLY V 171 -13.07 12.95 60.73
C GLY V 171 -11.91 12.05 61.09
N LEU V 172 -10.88 12.05 60.24
CA LEU V 172 -9.55 11.59 60.61
C LEU V 172 -8.82 12.71 61.34
N VAL V 173 -8.29 12.47 62.54
CA VAL V 173 -7.66 13.51 63.37
C VAL V 173 -6.17 13.27 63.40
N VAL V 174 -5.36 14.22 62.91
CA VAL V 174 -3.91 14.00 62.76
C VAL V 174 -3.07 15.00 63.51
N SER V 175 -3.60 15.58 64.56
CA SER V 175 -2.95 16.57 65.43
C SER V 175 -1.89 16.00 66.38
N SER V 176 -1.71 14.69 66.48
CA SER V 176 -0.74 14.05 67.37
C SER V 176 -0.38 12.63 66.90
N PHE V 177 0.71 12.04 67.39
CA PHE V 177 1.08 10.67 67.05
C PHE V 177 -0.03 9.66 67.31
N SER V 178 -0.65 9.73 68.49
CA SER V 178 -1.77 8.88 68.92
C SER V 178 -2.95 8.93 67.95
N ALA V 179 -3.44 10.12 67.63
CA ALA V 179 -4.58 10.28 66.74
C ALA V 179 -4.23 10.05 65.26
N ALA V 180 -3.06 10.49 64.82
CA ALA V 180 -2.60 10.25 63.48
C ALA V 180 -2.33 8.78 63.19
N GLY V 181 -1.89 7.96 64.14
CA GLY V 181 -1.93 6.51 64.01
C GLY V 181 -3.35 5.93 63.96
N LYS V 182 -4.30 6.51 64.68
CA LYS V 182 -5.72 6.16 64.52
C LYS V 182 -6.22 6.45 63.10
N ALA V 183 -5.79 7.55 62.48
CA ALA V 183 -6.06 7.87 61.09
C ALA V 183 -5.32 6.98 60.07
N MET V 184 -4.12 6.49 60.36
CA MET V 184 -3.52 5.41 59.58
C MET V 184 -4.37 4.16 59.63
N SER V 185 -4.77 3.73 60.83
CA SER V 185 -5.61 2.54 61.01
C SER V 185 -6.95 2.68 60.30
N ALA V 186 -7.62 3.83 60.41
CA ALA V 186 -8.89 4.08 59.73
C ALA V 186 -8.79 4.03 58.22
N ALA V 187 -7.79 4.68 57.62
CA ALA V 187 -7.59 4.67 56.17
C ALA V 187 -7.14 3.32 55.62
N GLN V 188 -6.39 2.51 56.37
CA GLN V 188 -6.04 1.15 55.98
C GLN V 188 -7.21 0.17 56.10
N ASP V 189 -8.04 0.26 57.13
CA ASP V 189 -9.33 -0.41 57.16
C ASP V 189 -10.22 0.03 56.00
N ALA V 190 -10.35 1.32 55.70
CA ALA V 190 -11.10 1.80 54.56
C ALA V 190 -10.52 1.36 53.22
N ILE V 191 -9.21 1.23 53.04
CA ILE V 191 -8.64 0.57 51.84
C ILE V 191 -9.06 -0.89 51.82
N SER V 192 -9.12 -1.59 52.95
CA SER V 192 -9.63 -2.96 53.01
C SER V 192 -11.12 -3.04 52.65
N TYR V 193 -11.94 -2.08 53.08
CA TYR V 193 -13.35 -2.02 52.71
C TYR V 193 -13.56 -1.72 51.24
N VAL V 194 -12.86 -0.76 50.66
CA VAL V 194 -12.98 -0.49 49.22
C VAL V 194 -12.39 -1.61 48.39
N SER V 195 -11.35 -2.31 48.88
CA SER V 195 -10.91 -3.57 48.28
C SER V 195 -12.02 -4.61 48.29
N SER V 196 -12.71 -4.82 49.42
CA SER V 196 -13.74 -5.86 49.52
C SER V 196 -14.97 -5.52 48.69
N MET V 197 -15.36 -4.26 48.57
CA MET V 197 -16.42 -3.85 47.65
C MET V 197 -16.03 -3.98 46.18
N ARG V 198 -14.88 -3.47 45.75
CA ARG V 198 -14.43 -3.69 44.38
C ARG V 198 -14.20 -5.17 44.08
N SER V 199 -13.86 -6.00 45.06
CA SER V 199 -13.82 -7.45 44.90
C SER V 199 -15.19 -8.10 44.71
N LYS V 200 -16.28 -7.52 45.20
CA LYS V 200 -17.63 -7.98 44.90
C LYS V 200 -18.04 -7.50 43.52
N LEU V 201 -17.94 -6.21 43.22
CA LEU V 201 -18.29 -5.69 41.89
C LEU V 201 -17.44 -6.26 40.75
N GLY V 202 -16.27 -6.85 41.01
CA GLY V 202 -15.47 -7.56 40.03
C GLY V 202 -15.86 -9.02 39.87
N ALA V 203 -16.04 -9.75 40.95
CA ALA V 203 -16.65 -11.08 40.93
C ALA V 203 -18.01 -11.10 40.22
N LEU V 204 -18.77 -10.02 40.35
CA LEU V 204 -20.08 -9.80 39.75
C LEU V 204 -19.98 -9.52 38.26
N GLN V 205 -19.04 -8.69 37.83
CA GLN V 205 -18.81 -8.43 36.42
C GLN V 205 -18.31 -9.68 35.69
N ASN V 206 -17.70 -10.62 36.40
CA ASN V 206 -17.34 -11.91 35.85
C ASN V 206 -18.52 -12.87 35.75
N ARG V 207 -19.55 -12.77 36.58
CA ARG V 207 -20.80 -13.48 36.30
C ARG V 207 -21.42 -12.98 35.03
N LEU V 208 -21.53 -11.67 34.90
CA LEU V 208 -22.20 -11.08 33.77
C LEU V 208 -21.41 -11.25 32.48
N GLU V 209 -20.09 -11.30 32.48
CA GLU V 209 -19.39 -11.64 31.25
C GLU V 209 -19.73 -13.07 30.84
N HIS V 210 -19.76 -14.03 31.77
CA HIS V 210 -20.17 -15.40 31.46
C HIS V 210 -21.64 -15.50 31.08
N THR V 211 -22.55 -14.77 31.73
CA THR V 211 -23.95 -14.67 31.32
C THR V 211 -24.07 -14.18 29.90
N ILE V 212 -23.42 -13.09 29.50
CA ILE V 212 -23.58 -12.57 28.14
C ILE V 212 -22.95 -13.54 27.13
N SER V 213 -21.85 -14.18 27.48
CA SER V 213 -21.25 -15.26 26.70
C SER V 213 -22.20 -16.44 26.52
N ASN V 214 -23.00 -16.75 27.54
CA ASN V 214 -23.99 -17.81 27.55
C ASN V 214 -25.27 -17.44 26.80
N LEU V 215 -25.90 -16.30 27.07
CA LEU V 215 -27.16 -15.89 26.45
C LEU V 215 -27.00 -15.66 24.96
N ASP V 216 -25.87 -15.12 24.51
CA ASP V 216 -25.63 -14.86 23.10
C ASP V 216 -25.48 -16.14 22.30
N ASN V 217 -24.80 -17.13 22.88
CA ASN V 217 -24.71 -18.51 22.43
C ASN V 217 -26.09 -19.18 22.42
N ILE V 218 -26.86 -19.15 23.51
CA ILE V 218 -28.23 -19.73 23.52
C ILE V 218 -29.14 -19.04 22.51
N SER V 219 -29.11 -17.73 22.37
CA SER V 219 -29.93 -17.01 21.41
C SER V 219 -29.57 -17.38 19.97
N GLU V 220 -28.30 -17.59 19.63
CA GLU V 220 -27.91 -18.13 18.34
C GLU V 220 -28.44 -19.55 18.14
N ASN V 221 -28.36 -20.41 19.14
CA ASN V 221 -28.80 -21.78 19.00
C ASN V 221 -30.31 -21.93 18.93
N THR V 222 -31.08 -21.07 19.61
CA THR V 222 -32.53 -21.02 19.43
C THR V 222 -32.97 -20.17 18.24
N SER V 223 -32.16 -19.29 17.68
CA SER V 223 -32.43 -18.73 16.35
C SER V 223 -32.22 -19.78 15.28
N SER V 224 -31.19 -20.59 15.45
CA SER V 224 -30.92 -21.71 14.57
C SER V 224 -32.05 -22.71 14.62
N ALA V 225 -32.49 -23.07 15.83
CA ALA V 225 -33.68 -23.87 16.04
C ALA V 225 -34.89 -23.28 15.34
N GLU V 226 -35.31 -22.06 15.67
CA GLU V 226 -36.57 -21.54 15.15
C GLU V 226 -36.55 -21.37 13.65
N SER V 227 -35.44 -20.88 13.10
CA SER V 227 -35.20 -20.81 11.67
C SER V 227 -35.42 -22.15 10.98
N ARG V 228 -34.99 -23.26 11.56
CA ARG V 228 -35.29 -24.62 11.10
C ARG V 228 -36.78 -24.88 11.06
N ILE V 229 -37.52 -24.52 12.10
CA ILE V 229 -38.95 -24.79 12.14
C ILE V 229 -39.64 -23.89 11.12
N ARG V 230 -39.32 -22.59 11.05
CA ARG V 230 -40.17 -21.62 10.35
C ARG V 230 -39.69 -21.09 9.02
N ASP V 231 -38.41 -21.01 8.71
CA ASP V 231 -37.99 -20.36 7.46
C ASP V 231 -38.11 -21.28 6.25
N THR V 232 -38.53 -20.73 5.12
CA THR V 232 -38.51 -21.42 3.84
C THR V 232 -37.06 -21.65 3.44
N ASP V 233 -36.63 -22.91 3.28
CA ASP V 233 -35.40 -23.18 2.53
C ASP V 233 -35.68 -22.93 1.05
N MET V 234 -35.19 -21.83 0.48
CA MET V 234 -35.66 -21.38 -0.83
C MET V 234 -35.32 -22.35 -1.93
N ALA V 235 -34.23 -23.10 -1.74
CA ALA V 235 -33.84 -24.22 -2.57
C ALA V 235 -34.91 -25.29 -2.63
N GLU V 236 -35.49 -25.71 -1.50
CA GLU V 236 -36.50 -26.77 -1.44
C GLU V 236 -37.88 -26.31 -1.90
N GLU V 237 -38.29 -25.08 -1.63
CA GLU V 237 -39.59 -24.56 -2.05
C GLU V 237 -39.62 -24.16 -3.52
N MET V 238 -38.50 -23.79 -4.15
CA MET V 238 -38.47 -23.50 -5.59
C MET V 238 -38.52 -24.76 -6.47
N VAL V 239 -38.26 -25.94 -5.87
CA VAL V 239 -38.64 -27.24 -6.44
C VAL V 239 -40.16 -27.37 -6.53
N GLU V 240 -40.84 -27.13 -5.41
CA GLU V 240 -42.27 -27.38 -5.28
C GLU V 240 -43.09 -26.33 -5.98
N TYR V 241 -42.65 -25.08 -6.03
CA TYR V 241 -43.26 -24.04 -6.84
C TYR V 241 -43.19 -24.41 -8.30
N SER V 242 -42.03 -24.80 -8.79
CA SER V 242 -41.82 -25.18 -10.18
C SER V 242 -42.54 -26.46 -10.63
N LYS V 243 -42.69 -27.50 -9.78
CA LYS V 243 -43.61 -28.62 -10.07
C LYS V 243 -45.00 -28.12 -10.36
N ASN V 244 -45.55 -27.29 -9.46
CA ASN V 244 -46.93 -26.83 -9.52
C ASN V 244 -47.15 -25.85 -10.68
N ASN V 245 -46.16 -25.02 -10.98
CA ASN V 245 -46.18 -24.10 -12.11
C ASN V 245 -46.26 -24.87 -13.43
N ILE V 246 -45.44 -25.93 -13.59
CA ILE V 246 -45.51 -26.81 -14.78
C ILE V 246 -46.82 -27.59 -14.79
N LEU V 247 -47.25 -28.16 -13.67
CA LEU V 247 -48.55 -28.79 -13.60
C LEU V 247 -49.69 -27.84 -13.96
N ALA V 248 -49.65 -26.58 -13.57
CA ALA V 248 -50.71 -25.66 -13.91
C ALA V 248 -50.72 -25.37 -15.40
N GLN V 249 -49.55 -25.17 -16.03
CA GLN V 249 -49.47 -25.03 -17.48
C GLN V 249 -49.89 -26.27 -18.25
N ALA V 250 -49.51 -27.46 -17.78
CA ALA V 250 -49.96 -28.75 -18.30
C ALA V 250 -51.47 -28.93 -18.12
N GLY V 251 -52.03 -28.72 -16.93
CA GLY V 251 -53.46 -28.80 -16.68
C GLY V 251 -54.31 -27.74 -17.38
N GLN V 252 -53.82 -26.53 -17.59
CA GLN V 252 -54.46 -25.55 -18.47
C GLN V 252 -54.50 -26.06 -19.89
N SER V 253 -53.36 -26.52 -20.40
CA SER V 253 -53.24 -27.12 -21.74
C SER V 253 -54.13 -28.33 -21.91
N MET V 254 -54.32 -29.09 -20.84
CA MET V 254 -55.21 -30.24 -20.80
C MET V 254 -56.68 -29.88 -20.74
N LEU V 255 -57.04 -28.83 -20.01
CA LEU V 255 -58.40 -28.32 -19.97
C LEU V 255 -58.79 -27.66 -21.29
N ALA V 256 -57.90 -26.88 -21.91
CA ALA V 256 -58.08 -26.36 -23.25
C ALA V 256 -58.40 -27.45 -24.27
N GLN V 257 -57.69 -28.58 -24.25
CA GLN V 257 -57.98 -29.70 -25.15
C GLN V 257 -59.24 -30.45 -24.77
N ALA V 258 -59.48 -30.67 -23.48
CA ALA V 258 -60.72 -31.26 -22.97
C ALA V 258 -61.97 -30.44 -23.31
N ASN V 259 -61.88 -29.13 -23.50
CA ASN V 259 -62.98 -28.34 -24.06
C ASN V 259 -63.20 -28.55 -25.57
N GLN V 260 -62.18 -28.91 -26.33
CA GLN V 260 -62.34 -29.32 -27.73
C GLN V 260 -62.91 -30.75 -27.88
N SER V 261 -62.96 -31.55 -26.82
CA SER V 261 -63.51 -32.91 -26.72
C SER V 261 -64.78 -33.15 -27.53
N THR V 262 -65.86 -32.42 -27.25
CA THR V 262 -67.18 -32.72 -27.82
C THR V 262 -67.43 -31.99 -29.13
N GLN V 263 -66.41 -31.37 -29.74
CA GLN V 263 -66.53 -30.85 -31.10
C GLN V 263 -66.87 -31.96 -32.09
N GLY V 264 -66.55 -33.21 -31.74
CA GLY V 264 -66.90 -34.41 -32.47
C GLY V 264 -68.39 -34.65 -32.63
N VAL V 265 -69.22 -34.03 -31.80
CA VAL V 265 -70.67 -34.10 -31.88
C VAL V 265 -71.14 -33.58 -33.23
N LEU V 266 -70.52 -32.53 -33.74
CA LEU V 266 -71.15 -31.69 -34.75
C LEU V 266 -71.20 -32.31 -36.14
N SER V 267 -70.29 -33.23 -36.47
CA SER V 267 -70.31 -34.00 -37.72
C SER V 267 -71.26 -35.18 -37.69
N LEU V 268 -71.80 -35.50 -36.51
CA LEU V 268 -72.51 -36.73 -36.24
C LEU V 268 -73.99 -36.65 -36.63
N LEU V 269 -74.31 -37.10 -37.84
CA LEU V 269 -75.65 -37.05 -38.47
C LEU V 269 -76.36 -35.70 -38.23
N GLN V 270 -75.62 -34.63 -38.50
CA GLN V 270 -75.91 -33.21 -38.30
C GLN V 270 -75.24 -32.42 -39.42
#